data_3W9J
#
_entry.id   3W9J
#
_cell.length_a   126.204
_cell.length_b   137.034
_cell.length_c   152.275
_cell.angle_alpha   85.750
_cell.angle_beta   68.930
_cell.angle_gamma   87.390
#
_symmetry.space_group_name_H-M   'P 1'
#
loop_
_entity.id
_entity.type
_entity.pdbx_description
1 polymer 'Multidrug resistance protein MexB'
2 non-polymer DODECYL-BETA-D-MALTOSIDE
3 non-polymer [{2-[({[(3R)-1-{8-[(4-tert-butyl-1,3-thiazol-2-yl)carbamoyl]-4-oxo-3-[(E)-2-(1H-tetrazol-5-yl)ethenyl]-4H-pyrido[1,2-a]pyrimidin-2-yl}piperidin-3-yl]oxy}carbonyl)amino]ethyl}(dimethyl)ammonio]acetate
#
_entity_poly.entity_id   1
_entity_poly.type   'polypeptide(L)'
_entity_poly.pdbx_seq_one_letter_code
;MSKFFIDRPIFAWVIALVIMLAGGLSILSLPVNQYPAIAPPAIAVQVSYPGASAETVQDTVVQVIEQQMNGIDNLRYISS
ESNSDGSMTITVTFEQGTDPDIAQVQVQNKLQLATPLLPQEVQRQGIRVTKAVKNFLMVVGVVSTDGSMTKEDLSNYIVS
NIQDPLSRTKGVGDFQVFGSQYSMRIWLDPAKLNSYQLTPGDVSSAIQAQNVQISSGQLGGLPAVKGQQLNATIIGKTRL
QTAEQFENILLKVNPDGSQVRLKDVADVGLGGQDYSINAQFNGSPASGIAIKLATGANALDTAKAIRQTIANLEPFMPQG
MKVVYPYDTTPVVSASIHEVVKTLGEAILLVFLVMYLFLQNFRATLIPTIAVPVVLLGTFGVLAAFGFSINTLTMFGMVL
AIGLLVDDAIVVVENVERVMAEEGLSPREAARKSMGQIQGALVGIAMVLSAVFLPMAFFGGSTGVIYRQFSITIVSAMAL
SVIVALILTPALCATMLKPIEKGDHGEHKGGFFGWFNRMFLSTTHGYERGVASILKHRAPYLLIYVVIVAGMIWMFTRIP
TAFLPDEDQGVLFAQVQTPPGSSAERTQVVVDSMREYLLEKESSSVSSVFTVTGFNFAGRGQSSGMAFIMLKPWEERPGG
ENSVFELAKRAQMHFFSFKDAMVFAFAPPSVLELGNATGFDLFLQDQAGVGHEVLLQARNKFLMLAAQNPALQRVRPNGM
SDEPQYKLEIDDEKASALGVSLADINSTVSIAWGSSYVNDFIDRGRVKRVYLQGRPDARMNPDDLSKWYVRNDKGEMVPF
NAFATGKWEYGSPKLERYNGVPAMEILGEPAPGLSSGDAMAAVEEIVKQLPKGVGYSWTGLSYEERLSGSQAPALYALSL
LVVFLCLAALYESWSIPFSVMLVVPLGVIGALLATSMRGLSNDVFFQVGLLTTIGLSAKNAILIVEFAKELHEQGKGIVE
AAIEACRMRLRPIVMTSLAFILGVVPLAISTGAGSGSQHAIGTGVIGGMVTATVLAIFWVPLFYVAVSTLFKDEASKQQA
SVEKGQHHHHHH
;
_entity_poly.pdbx_strand_id   A,B,C,D,E,F
#
loop_
_chem_comp.id
_chem_comp.type
_chem_comp.name
_chem_comp.formula
LMT D-saccharide DODECYL-BETA-D-MALTOSIDE 'C24 H46 O11'
P9D non-polymer [{2-[({[(3R)-1-{8-[(4-tert-butyl-1,3-thiazol-2-yl)carbamoyl]-4-oxo-3-[(E)-2-(1H-tetrazol-5-yl)ethenyl]-4H-pyrido[1,2-a]pyrimidin-2-yl}piperidin-3-yl]oxy}carbonyl)amino]ethyl}(dimethyl)ammonio]acetate 'C31 H39 N11 O6 S'
#
# COMPACT_ATOMS: atom_id res chain seq x y z
N MET A 1 -16.46 -60.65 -50.90
CA MET A 1 -17.38 -60.32 -49.77
C MET A 1 -18.73 -59.77 -50.28
N SER A 2 -18.66 -58.66 -51.01
CA SER A 2 -19.75 -58.15 -51.81
C SER A 2 -19.72 -58.94 -53.08
N LYS A 3 -20.88 -59.47 -53.48
CA LYS A 3 -20.96 -60.50 -54.53
C LYS A 3 -21.41 -61.72 -53.80
N PHE A 4 -20.84 -61.91 -52.60
CA PHE A 4 -21.38 -62.85 -51.67
C PHE A 4 -22.73 -62.33 -51.26
N PHE A 5 -22.76 -61.07 -50.82
CA PHE A 5 -24.00 -60.47 -50.31
C PHE A 5 -24.92 -60.03 -51.44
N ILE A 6 -24.34 -59.70 -52.60
CA ILE A 6 -25.18 -59.42 -53.78
C ILE A 6 -26.15 -60.58 -53.99
N ASP A 7 -25.70 -61.78 -53.64
CA ASP A 7 -26.51 -62.98 -53.82
C ASP A 7 -27.34 -63.24 -52.59
N ARG A 8 -27.06 -62.50 -51.53
CA ARG A 8 -27.62 -62.80 -50.22
C ARG A 8 -28.13 -61.51 -49.61
N PRO A 9 -29.15 -60.96 -50.27
CA PRO A 9 -29.55 -59.61 -50.03
C PRO A 9 -30.23 -59.56 -48.67
N ILE A 10 -30.95 -60.60 -48.27
CA ILE A 10 -31.48 -60.63 -46.90
C ILE A 10 -30.37 -60.70 -45.84
N PHE A 11 -29.40 -61.60 -46.01
CA PHE A 11 -28.22 -61.62 -45.15
C PHE A 11 -27.73 -60.18 -45.00
N ALA A 12 -27.48 -59.50 -46.13
CA ALA A 12 -26.99 -58.11 -46.09
C ALA A 12 -27.80 -57.23 -45.14
N TRP A 13 -29.13 -57.37 -45.20
CA TRP A 13 -30.01 -56.56 -44.36
C TRP A 13 -29.79 -56.83 -42.89
N VAL A 14 -29.66 -58.12 -42.59
CA VAL A 14 -29.42 -58.63 -41.24
C VAL A 14 -28.19 -58.00 -40.64
N ILE A 15 -27.07 -57.93 -41.38
CA ILE A 15 -25.90 -57.23 -40.80
C ILE A 15 -26.32 -55.81 -40.47
N ALA A 16 -26.92 -55.16 -41.47
CA ALA A 16 -27.32 -53.77 -41.39
C ALA A 16 -28.21 -53.52 -40.17
N LEU A 17 -29.28 -54.30 -40.03
CA LEU A 17 -30.18 -54.20 -38.88
C LEU A 17 -29.53 -54.40 -37.52
N VAL A 18 -28.74 -55.46 -37.38
CA VAL A 18 -28.02 -55.71 -36.13
C VAL A 18 -27.17 -54.50 -35.79
N ILE A 19 -26.32 -54.06 -36.73
CA ILE A 19 -25.60 -52.80 -36.59
C ILE A 19 -26.48 -51.62 -36.12
N MET A 20 -27.70 -51.50 -36.65
CA MET A 20 -28.65 -50.44 -36.23
C MET A 20 -29.21 -50.68 -34.82
N LEU A 21 -29.72 -51.90 -34.61
CA LEU A 21 -30.06 -52.43 -33.29
C LEU A 21 -28.96 -52.20 -32.24
N ALA A 22 -27.70 -52.19 -32.70
CA ALA A 22 -26.57 -51.90 -31.83
C ALA A 22 -26.67 -50.43 -31.50
N GLY A 23 -26.45 -49.59 -32.49
CA GLY A 23 -26.59 -48.16 -32.31
C GLY A 23 -27.86 -47.74 -31.57
N GLY A 24 -28.99 -48.33 -31.93
CA GLY A 24 -30.26 -48.01 -31.29
C GLY A 24 -30.20 -48.14 -29.78
N LEU A 25 -30.00 -49.38 -29.33
CA LEU A 25 -29.68 -49.65 -27.92
C LEU A 25 -28.71 -48.63 -27.26
N SER A 26 -27.59 -48.32 -27.90
CA SER A 26 -26.67 -47.29 -27.37
C SER A 26 -27.30 -45.89 -27.17
N ILE A 27 -27.97 -45.35 -28.17
CA ILE A 27 -28.69 -44.09 -27.97
C ILE A 27 -29.55 -44.14 -26.70
N LEU A 28 -30.26 -45.26 -26.54
CA LEU A 28 -31.28 -45.42 -25.52
C LEU A 28 -30.69 -45.40 -24.13
N SER A 29 -29.38 -45.40 -24.03
CA SER A 29 -28.77 -45.44 -22.72
C SER A 29 -27.42 -44.75 -22.64
N LEU A 30 -26.87 -44.25 -23.74
CA LEU A 30 -25.65 -43.45 -23.64
C LEU A 30 -25.94 -42.26 -22.72
N PRO A 31 -24.95 -41.85 -21.94
CA PRO A 31 -25.00 -40.61 -21.20
C PRO A 31 -25.05 -39.42 -22.15
N VAL A 32 -25.96 -38.47 -21.92
CA VAL A 32 -25.99 -37.27 -22.78
C VAL A 32 -25.41 -36.04 -22.06
N ASN A 33 -24.42 -35.38 -22.67
CA ASN A 33 -23.78 -34.17 -22.11
C ASN A 33 -23.68 -33.09 -23.12
N GLN A 34 -23.46 -31.87 -22.61
CA GLN A 34 -23.06 -30.75 -23.47
C GLN A 34 -21.70 -31.07 -24.00
N TYR A 35 -20.69 -31.11 -23.14
CA TYR A 35 -19.32 -31.45 -23.57
C TYR A 35 -18.76 -32.60 -22.77
N PRO A 36 -17.80 -33.35 -23.34
CA PRO A 36 -17.00 -34.23 -22.51
C PRO A 36 -16.53 -33.50 -21.28
N ALA A 37 -16.34 -34.27 -20.21
CA ALA A 37 -15.77 -33.78 -18.97
C ALA A 37 -14.28 -33.41 -19.16
N ILE A 38 -13.93 -32.18 -18.82
CA ILE A 38 -12.54 -31.71 -18.97
C ILE A 38 -12.00 -31.13 -17.69
N ALA A 39 -12.87 -30.81 -16.76
CA ALA A 39 -12.48 -30.10 -15.53
C ALA A 39 -11.92 -31.08 -14.50
N PRO A 40 -10.88 -30.67 -13.75
CA PRO A 40 -10.19 -31.57 -12.81
C PRO A 40 -10.99 -31.75 -11.52
N PRO A 41 -10.89 -32.92 -10.87
CA PRO A 41 -11.68 -33.19 -9.64
C PRO A 41 -11.22 -32.38 -8.46
N ALA A 42 -12.16 -31.78 -7.71
CA ALA A 42 -11.79 -31.16 -6.42
C ALA A 42 -12.65 -31.62 -5.24
N ILE A 43 -11.99 -31.77 -4.09
CA ILE A 43 -12.62 -32.00 -2.81
C ILE A 43 -12.72 -30.66 -2.08
N ALA A 44 -13.86 -30.38 -1.46
CA ALA A 44 -13.98 -29.19 -0.61
C ALA A 44 -14.22 -29.56 0.83
N VAL A 45 -13.61 -28.82 1.73
CA VAL A 45 -13.83 -29.05 3.15
C VAL A 45 -14.52 -27.84 3.68
N GLN A 46 -15.65 -28.01 4.34
CA GLN A 46 -16.41 -26.86 4.82
C GLN A 46 -16.88 -26.95 6.26
N VAL A 47 -16.78 -25.85 7.00
CA VAL A 47 -17.39 -25.79 8.32
C VAL A 47 -17.78 -24.37 8.68
N SER A 48 -18.57 -24.22 9.75
CA SER A 48 -18.77 -22.90 10.40
C SER A 48 -18.32 -22.80 11.88
N TYR A 49 -18.09 -21.58 12.33
CA TYR A 49 -17.59 -21.31 13.66
C TYR A 49 -18.37 -20.09 14.17
N PRO A 50 -19.66 -20.28 14.57
CA PRO A 50 -20.54 -19.14 14.80
C PRO A 50 -19.90 -18.05 15.65
N GLY A 51 -19.80 -16.85 15.09
CA GLY A 51 -19.32 -15.71 15.84
C GLY A 51 -17.89 -15.27 15.51
N ALA A 52 -17.04 -16.23 15.19
CA ALA A 52 -15.65 -15.97 14.87
C ALA A 52 -15.43 -14.96 13.73
N SER A 53 -14.34 -14.20 13.85
CA SER A 53 -13.88 -13.27 12.84
C SER A 53 -13.26 -14.05 11.68
N ALA A 54 -13.47 -13.56 10.46
CA ALA A 54 -12.72 -14.08 9.31
C ALA A 54 -11.28 -14.39 9.71
N GLU A 55 -10.71 -13.52 10.55
CA GLU A 55 -9.36 -13.69 10.99
C GLU A 55 -9.21 -14.94 11.86
N THR A 56 -10.13 -15.14 12.80
CA THR A 56 -10.04 -16.26 13.75
C THR A 56 -10.26 -17.60 13.07
N VAL A 57 -11.24 -17.63 12.15
CA VAL A 57 -11.55 -18.82 11.39
C VAL A 57 -10.30 -19.30 10.65
N GLN A 58 -9.62 -18.36 9.98
CA GLN A 58 -8.31 -18.57 9.37
C GLN A 58 -7.21 -19.10 10.33
N ASP A 59 -7.06 -18.52 11.51
CA ASP A 59 -5.97 -18.95 12.36
C ASP A 59 -6.27 -20.19 13.19
N THR A 60 -7.54 -20.37 13.59
CA THR A 60 -7.87 -21.44 14.53
C THR A 60 -8.35 -22.69 13.81
N VAL A 61 -8.81 -22.53 12.57
CA VAL A 61 -9.22 -23.68 11.73
C VAL A 61 -8.33 -23.93 10.49
N VAL A 62 -8.44 -23.00 9.53
CA VAL A 62 -7.98 -23.13 8.15
C VAL A 62 -6.50 -23.51 8.04
N GLN A 63 -5.66 -22.76 8.74
CA GLN A 63 -4.25 -22.98 8.69
C GLN A 63 -3.88 -24.30 9.35
N VAL A 64 -4.60 -24.66 10.41
CA VAL A 64 -4.41 -25.92 11.13
C VAL A 64 -4.60 -27.15 10.21
N ILE A 65 -5.60 -27.04 9.32
CA ILE A 65 -5.91 -28.07 8.35
C ILE A 65 -4.88 -27.97 7.24
N GLU A 66 -4.69 -26.76 6.68
CA GLU A 66 -3.79 -26.57 5.53
C GLU A 66 -2.42 -27.20 5.77
N GLN A 67 -1.90 -27.00 6.98
CA GLN A 67 -0.59 -27.52 7.33
C GLN A 67 -0.56 -29.02 7.33
N GLN A 68 -1.74 -29.60 7.44
CA GLN A 68 -1.88 -31.03 7.50
C GLN A 68 -2.10 -31.67 6.14
N MET A 69 -2.18 -30.83 5.10
CA MET A 69 -2.56 -31.33 3.79
C MET A 69 -1.49 -32.25 3.25
N ASN A 70 -0.64 -31.80 2.32
CA ASN A 70 0.56 -32.60 1.95
C ASN A 70 0.63 -34.11 2.28
N GLY A 71 0.73 -34.93 1.24
CA GLY A 71 0.75 -36.37 1.41
C GLY A 71 -0.21 -37.05 0.46
N ILE A 72 -1.00 -36.26 -0.26
CA ILE A 72 -2.04 -36.80 -1.15
C ILE A 72 -1.67 -36.77 -2.62
N ASP A 73 -1.74 -37.95 -3.25
CA ASP A 73 -1.33 -38.16 -4.64
C ASP A 73 -2.09 -37.22 -5.57
N ASN A 74 -1.42 -36.75 -6.61
CA ASN A 74 -2.04 -35.96 -7.70
C ASN A 74 -2.68 -34.64 -7.32
N LEU A 75 -2.27 -34.09 -6.20
CA LEU A 75 -2.66 -32.75 -5.80
C LEU A 75 -2.13 -31.73 -6.78
N ARG A 76 -3.03 -31.08 -7.51
CA ARG A 76 -2.65 -29.96 -8.36
C ARG A 76 -2.34 -28.70 -7.53
N TYR A 77 -3.39 -27.94 -7.19
CA TYR A 77 -3.27 -26.84 -6.22
C TYR A 77 -4.32 -26.89 -5.11
N ILE A 78 -4.18 -26.04 -4.10
CA ILE A 78 -5.11 -25.97 -2.98
C ILE A 78 -5.47 -24.49 -2.66
N SER A 79 -6.71 -24.21 -2.29
CA SER A 79 -7.04 -22.85 -1.87
C SER A 79 -8.11 -22.73 -0.79
N SER A 80 -7.82 -21.99 0.28
CA SER A 80 -8.86 -21.76 1.26
C SER A 80 -9.54 -20.38 1.12
N GLU A 81 -10.61 -20.17 1.89
CA GLU A 81 -11.22 -18.85 2.04
C GLU A 81 -11.81 -18.73 3.44
N SER A 82 -11.66 -17.56 4.08
CA SER A 82 -12.05 -17.41 5.49
C SER A 82 -12.93 -16.21 5.65
N ASN A 83 -14.24 -16.44 5.88
CA ASN A 83 -15.23 -15.35 5.93
C ASN A 83 -15.63 -14.72 7.26
N SER A 84 -16.01 -13.45 7.18
CA SER A 84 -16.49 -12.64 8.32
C SER A 84 -17.70 -13.22 9.05
N ASP A 85 -18.57 -13.92 8.34
CA ASP A 85 -19.68 -14.63 8.99
C ASP A 85 -19.31 -16.02 9.56
N GLY A 86 -18.03 -16.20 9.87
CA GLY A 86 -17.60 -17.39 10.59
C GLY A 86 -17.34 -18.66 9.79
N SER A 87 -17.73 -18.67 8.51
CA SER A 87 -17.59 -19.85 7.66
C SER A 87 -16.23 -19.99 6.94
N MET A 88 -15.79 -21.23 6.71
CA MET A 88 -14.59 -21.53 5.91
C MET A 88 -14.79 -22.59 4.80
N THR A 89 -13.96 -22.52 3.75
CA THR A 89 -13.82 -23.54 2.70
C THR A 89 -12.36 -23.72 2.26
N ILE A 90 -11.78 -24.86 2.55
CA ILE A 90 -10.59 -25.34 1.89
C ILE A 90 -11.03 -26.16 0.67
N THR A 91 -10.39 -25.91 -0.48
CA THR A 91 -10.65 -26.70 -1.71
C THR A 91 -9.34 -27.27 -2.22
N VAL A 92 -9.18 -28.58 -2.16
CA VAL A 92 -8.05 -29.21 -2.83
C VAL A 92 -8.39 -29.77 -4.25
N THR A 93 -7.76 -29.16 -5.26
CA THR A 93 -7.94 -29.53 -6.68
C THR A 93 -6.88 -30.56 -7.10
N PHE A 94 -7.23 -31.44 -8.05
CA PHE A 94 -6.42 -32.61 -8.34
C PHE A 94 -6.14 -32.70 -9.81
N GLU A 95 -5.11 -33.46 -10.17
CA GLU A 95 -4.72 -33.73 -11.55
C GLU A 95 -5.84 -34.34 -12.38
N GLN A 96 -5.83 -34.05 -13.67
CA GLN A 96 -6.80 -34.63 -14.60
C GLN A 96 -6.82 -36.15 -14.43
N GLY A 97 -8.03 -36.70 -14.55
CA GLY A 97 -8.29 -38.11 -14.30
C GLY A 97 -7.82 -38.70 -12.97
N THR A 98 -7.94 -37.93 -11.88
CA THR A 98 -7.73 -38.51 -10.56
C THR A 98 -9.05 -39.19 -10.22
N ASP A 99 -9.01 -40.26 -9.44
CA ASP A 99 -10.24 -40.93 -9.08
C ASP A 99 -10.84 -40.18 -7.87
N PRO A 100 -12.00 -39.51 -8.09
CA PRO A 100 -12.64 -38.65 -7.07
C PRO A 100 -12.90 -39.38 -5.78
N ASP A 101 -13.09 -40.69 -5.83
CA ASP A 101 -13.33 -41.50 -4.64
C ASP A 101 -12.14 -41.36 -3.71
N ILE A 102 -10.98 -41.63 -4.32
CA ILE A 102 -9.71 -41.70 -3.63
C ILE A 102 -9.24 -40.35 -3.13
N ALA A 103 -9.23 -39.36 -4.01
CA ALA A 103 -8.88 -37.99 -3.61
C ALA A 103 -9.56 -37.68 -2.26
N GLN A 104 -10.88 -37.93 -2.20
CA GLN A 104 -11.68 -37.70 -1.00
C GLN A 104 -11.24 -38.55 0.15
N VAL A 105 -10.93 -39.82 -0.12
CA VAL A 105 -10.43 -40.65 0.97
C VAL A 105 -9.11 -40.13 1.49
N GLN A 106 -8.28 -39.57 0.61
CA GLN A 106 -6.97 -39.11 1.05
C GLN A 106 -7.06 -37.79 1.78
N VAL A 107 -7.77 -36.82 1.20
CA VAL A 107 -8.06 -35.57 1.90
C VAL A 107 -8.67 -35.83 3.30
N GLN A 108 -9.84 -36.46 3.37
CA GLN A 108 -10.45 -36.66 4.70
C GLN A 108 -9.45 -37.29 5.68
N ASN A 109 -8.68 -38.24 5.20
CA ASN A 109 -7.64 -38.88 5.98
C ASN A 109 -6.60 -37.95 6.63
N LYS A 110 -6.24 -36.88 5.94
CA LYS A 110 -5.32 -35.91 6.49
C LYS A 110 -6.07 -34.82 7.23
N LEU A 111 -7.21 -34.40 6.70
CA LEU A 111 -8.21 -33.64 7.51
C LEU A 111 -8.43 -34.27 8.87
N GLN A 112 -8.37 -35.59 8.91
CA GLN A 112 -8.55 -36.34 10.16
C GLN A 112 -7.54 -35.97 11.23
N LEU A 113 -6.26 -36.05 10.86
CA LEU A 113 -5.15 -35.66 11.75
C LEU A 113 -5.21 -34.20 12.23
N ALA A 114 -5.92 -33.33 11.49
CA ALA A 114 -6.20 -31.97 11.94
C ALA A 114 -7.24 -31.91 13.03
N THR A 115 -8.30 -32.72 12.89
CA THR A 115 -9.53 -32.51 13.71
C THR A 115 -9.28 -32.37 15.21
N PRO A 116 -8.49 -33.27 15.81
CA PRO A 116 -8.26 -33.13 17.24
C PRO A 116 -7.72 -31.76 17.68
N LEU A 117 -7.37 -30.89 16.75
CA LEU A 117 -6.72 -29.65 17.13
C LEU A 117 -7.60 -28.46 16.83
N LEU A 118 -8.76 -28.69 16.22
CA LEU A 118 -9.73 -27.61 16.03
C LEU A 118 -10.50 -27.35 17.34
N PRO A 119 -11.05 -26.13 17.51
CA PRO A 119 -11.89 -25.82 18.69
C PRO A 119 -13.19 -26.65 18.78
N GLN A 120 -13.59 -27.06 19.98
CA GLN A 120 -14.82 -27.86 20.13
C GLN A 120 -15.95 -27.26 19.33
N GLU A 121 -16.13 -25.94 19.48
CA GLU A 121 -17.24 -25.22 18.83
C GLU A 121 -17.26 -25.50 17.35
N VAL A 122 -16.09 -25.73 16.74
CA VAL A 122 -16.11 -26.13 15.33
C VAL A 122 -16.36 -27.61 15.16
N GLN A 123 -15.63 -28.45 15.87
CA GLN A 123 -15.87 -29.88 15.74
C GLN A 123 -17.36 -30.16 15.91
N ARG A 124 -17.93 -29.67 17.02
CA ARG A 124 -19.35 -29.92 17.27
C ARG A 124 -20.26 -29.41 16.11
N GLN A 125 -19.73 -28.53 15.29
CA GLN A 125 -20.52 -27.84 14.29
C GLN A 125 -20.83 -28.68 13.05
N GLY A 126 -20.03 -29.71 12.77
CA GLY A 126 -20.32 -30.59 11.62
C GLY A 126 -19.67 -30.28 10.27
N ILE A 127 -18.45 -30.78 10.08
CA ILE A 127 -17.61 -30.55 8.89
C ILE A 127 -18.08 -31.37 7.68
N ARG A 128 -18.13 -30.75 6.51
CA ARG A 128 -18.55 -31.45 5.31
C ARG A 128 -17.39 -31.55 4.35
N VAL A 129 -16.96 -32.78 4.07
CA VAL A 129 -16.02 -33.07 2.99
C VAL A 129 -16.79 -33.60 1.77
N THR A 130 -16.76 -32.84 0.69
CA THR A 130 -17.64 -33.04 -0.43
C THR A 130 -16.83 -33.19 -1.73
N LYS A 131 -17.28 -34.06 -2.67
CA LYS A 131 -16.61 -34.12 -4.02
C LYS A 131 -17.43 -33.60 -5.22
N ALA A 132 -17.92 -32.37 -5.12
CA ALA A 132 -18.78 -31.82 -6.15
C ALA A 132 -18.01 -31.14 -7.31
N VAL A 133 -18.77 -30.81 -8.35
CA VAL A 133 -18.33 -30.02 -9.47
C VAL A 133 -18.44 -28.55 -9.05
N LYS A 134 -17.62 -27.66 -9.61
CA LYS A 134 -17.57 -26.25 -9.13
C LYS A 134 -18.88 -25.46 -9.18
N ASN A 135 -19.71 -25.70 -10.18
CA ASN A 135 -20.85 -24.88 -10.44
C ASN A 135 -22.16 -25.42 -9.91
N PHE A 136 -23.13 -24.51 -9.71
CA PHE A 136 -24.48 -24.88 -9.28
C PHE A 136 -25.22 -25.50 -10.43
N LEU A 137 -25.84 -26.64 -10.18
CA LEU A 137 -26.62 -27.33 -11.22
C LEU A 137 -27.96 -26.68 -11.34
N MET A 138 -28.53 -26.40 -10.18
CA MET A 138 -29.86 -25.87 -10.11
C MET A 138 -30.22 -25.44 -8.68
N VAL A 139 -31.31 -24.69 -8.58
CA VAL A 139 -31.86 -24.32 -7.32
C VAL A 139 -33.28 -24.85 -7.22
N VAL A 140 -33.55 -25.69 -6.23
CA VAL A 140 -34.94 -26.03 -5.97
C VAL A 140 -35.47 -25.01 -4.97
N GLY A 141 -36.57 -24.36 -5.35
CA GLY A 141 -37.09 -23.31 -4.53
C GLY A 141 -38.36 -23.75 -3.88
N VAL A 142 -38.65 -23.16 -2.74
CA VAL A 142 -39.99 -23.26 -2.18
C VAL A 142 -40.53 -21.87 -1.90
N VAL A 143 -41.83 -21.78 -2.15
CA VAL A 143 -42.48 -20.50 -2.16
C VAL A 143 -43.89 -20.67 -1.58
N SER A 144 -44.30 -19.68 -0.78
CA SER A 144 -45.61 -19.65 -0.18
C SER A 144 -46.64 -19.11 -1.15
N THR A 145 -47.80 -19.75 -1.19
CA THR A 145 -48.89 -19.35 -2.11
C THR A 145 -49.86 -18.27 -1.58
N ASP A 146 -50.35 -18.44 -0.36
CA ASP A 146 -51.22 -17.41 0.26
C ASP A 146 -50.49 -16.60 1.32
N GLY A 147 -49.17 -16.76 1.40
CA GLY A 147 -48.33 -16.05 2.36
C GLY A 147 -48.36 -16.57 3.79
N SER A 148 -49.04 -17.69 4.03
CA SER A 148 -49.08 -18.25 5.40
C SER A 148 -47.68 -18.60 5.92
N MET A 149 -46.76 -18.83 4.98
CA MET A 149 -45.41 -19.27 5.31
C MET A 149 -44.40 -18.15 5.08
N THR A 150 -43.53 -17.91 6.07
CA THR A 150 -42.52 -16.88 5.89
C THR A 150 -41.26 -17.36 5.21
N LYS A 151 -40.32 -16.45 5.02
CA LYS A 151 -38.95 -16.75 4.61
C LYS A 151 -38.37 -17.92 5.40
N GLU A 152 -38.29 -17.77 6.72
CA GLU A 152 -37.68 -18.78 7.60
C GLU A 152 -38.55 -20.01 7.80
N ASP A 153 -39.84 -19.94 7.48
CA ASP A 153 -40.71 -21.12 7.62
C ASP A 153 -40.43 -22.08 6.47
N LEU A 154 -40.41 -21.51 5.26
CA LEU A 154 -40.08 -22.23 4.04
C LEU A 154 -38.66 -22.81 4.15
N SER A 155 -37.70 -21.96 4.47
CA SER A 155 -36.36 -22.38 4.81
C SER A 155 -36.40 -23.63 5.67
N ASN A 156 -37.03 -23.53 6.83
CA ASN A 156 -37.10 -24.67 7.72
C ASN A 156 -37.73 -25.92 7.10
N TYR A 157 -38.71 -25.76 6.21
CA TYR A 157 -39.23 -26.94 5.54
C TYR A 157 -38.18 -27.59 4.63
N ILE A 158 -37.63 -26.79 3.71
CA ILE A 158 -36.48 -27.16 2.89
C ILE A 158 -35.49 -28.02 3.68
N VAL A 159 -35.00 -27.50 4.79
CA VAL A 159 -33.96 -28.23 5.48
C VAL A 159 -34.54 -29.46 6.14
N SER A 160 -35.68 -29.36 6.82
CA SER A 160 -36.13 -30.49 7.64
C SER A 160 -36.86 -31.59 6.91
N ASN A 161 -36.96 -31.50 5.59
CA ASN A 161 -37.82 -32.41 4.82
C ASN A 161 -37.26 -32.81 3.48
N ILE A 162 -36.88 -31.79 2.71
CA ILE A 162 -36.40 -31.89 1.36
C ILE A 162 -34.91 -32.10 1.35
N GLN A 163 -34.17 -31.61 2.33
CA GLN A 163 -32.70 -31.66 2.27
C GLN A 163 -32.09 -33.05 2.38
N ASP A 164 -32.39 -33.76 3.47
CA ASP A 164 -31.78 -35.07 3.62
C ASP A 164 -31.99 -36.04 2.43
N PRO A 165 -33.24 -36.23 1.93
CA PRO A 165 -33.47 -37.07 0.73
C PRO A 165 -32.80 -36.58 -0.58
N LEU A 166 -32.69 -35.27 -0.75
CA LEU A 166 -32.02 -34.71 -1.92
C LEU A 166 -30.52 -34.94 -1.84
N SER A 167 -29.96 -34.81 -0.64
CA SER A 167 -28.54 -35.00 -0.43
C SER A 167 -28.14 -36.47 -0.58
N ARG A 168 -29.14 -37.35 -0.67
CA ARG A 168 -28.90 -38.76 -0.92
C ARG A 168 -29.36 -39.19 -2.30
N THR A 169 -29.96 -38.28 -3.05
CA THR A 169 -30.31 -38.53 -4.46
C THR A 169 -29.09 -38.92 -5.23
N LYS A 170 -29.21 -39.96 -6.02
CA LYS A 170 -28.08 -40.35 -6.85
C LYS A 170 -27.60 -39.16 -7.63
N GLY A 171 -26.30 -38.89 -7.50
CA GLY A 171 -25.57 -37.92 -8.32
C GLY A 171 -25.41 -36.50 -7.77
N VAL A 172 -25.91 -36.23 -6.55
CA VAL A 172 -25.80 -34.87 -6.04
C VAL A 172 -24.69 -34.81 -5.06
N GLY A 173 -23.72 -33.96 -5.38
CA GLY A 173 -22.42 -34.02 -4.72
C GLY A 173 -22.33 -33.10 -3.54
N ASP A 174 -23.00 -31.95 -3.67
CA ASP A 174 -23.11 -30.99 -2.61
C ASP A 174 -24.40 -30.18 -2.76
N PHE A 175 -24.69 -29.40 -1.74
CA PHE A 175 -25.83 -28.55 -1.72
C PHE A 175 -25.57 -27.40 -0.77
N GLN A 176 -26.08 -26.23 -1.11
CA GLN A 176 -26.06 -25.14 -0.17
C GLN A 176 -27.47 -24.67 0.02
N VAL A 177 -27.82 -24.49 1.28
CA VAL A 177 -29.16 -24.06 1.62
C VAL A 177 -29.24 -22.54 1.78
N PHE A 178 -30.20 -21.92 1.11
CA PHE A 178 -30.39 -20.44 1.16
C PHE A 178 -31.34 -20.04 2.30
N GLY A 179 -30.85 -20.23 3.52
CA GLY A 179 -31.62 -20.13 4.74
C GLY A 179 -31.08 -21.07 5.82
N SER A 180 -31.99 -21.54 6.66
CA SER A 180 -31.63 -22.45 7.71
C SER A 180 -32.88 -23.06 8.32
N GLN A 181 -32.70 -24.21 8.95
CA GLN A 181 -33.75 -24.79 9.76
C GLN A 181 -33.85 -24.00 11.06
N TYR A 182 -34.96 -24.23 11.77
CA TYR A 182 -35.21 -23.56 13.02
C TYR A 182 -34.21 -23.93 14.09
N SER A 183 -34.25 -23.17 15.17
CA SER A 183 -33.56 -23.55 16.40
C SER A 183 -34.14 -22.85 17.61
N MET A 184 -33.94 -23.43 18.78
CA MET A 184 -34.38 -22.77 19.98
C MET A 184 -33.46 -21.60 20.29
N ARG A 185 -33.94 -20.44 19.85
CA ARG A 185 -33.25 -19.18 20.01
C ARG A 185 -33.55 -18.53 21.37
N ILE A 186 -32.50 -18.40 22.18
CA ILE A 186 -32.63 -17.81 23.52
C ILE A 186 -31.94 -16.47 23.54
N TRP A 187 -32.75 -15.44 23.70
CA TRP A 187 -32.32 -14.06 23.53
C TRP A 187 -32.05 -13.36 24.85
N LEU A 188 -30.80 -13.46 25.30
CA LEU A 188 -30.40 -12.86 26.58
C LEU A 188 -30.57 -11.34 26.57
N ASP A 189 -31.25 -10.85 27.61
CA ASP A 189 -31.42 -9.41 27.93
C ASP A 189 -30.54 -9.03 29.13
N PRO A 190 -29.60 -8.03 28.97
CA PRO A 190 -28.46 -7.87 29.89
C PRO A 190 -28.71 -7.00 31.12
N ALA A 191 -29.79 -6.21 31.08
CA ALA A 191 -30.34 -5.55 32.27
C ALA A 191 -31.03 -6.55 33.22
N LYS A 192 -32.06 -7.25 32.73
CA LYS A 192 -32.72 -8.31 33.51
C LYS A 192 -31.67 -9.25 34.09
N LEU A 193 -30.71 -9.61 33.25
CA LEU A 193 -29.71 -10.57 33.60
C LEU A 193 -28.78 -10.02 34.70
N ASN A 194 -28.76 -8.69 34.80
CA ASN A 194 -28.10 -7.99 35.91
C ASN A 194 -28.85 -8.11 37.22
N SER A 195 -30.18 -7.92 37.18
CA SER A 195 -31.01 -7.95 38.36
C SER A 195 -30.68 -9.15 39.19
N TYR A 196 -31.02 -10.34 38.71
CA TYR A 196 -30.84 -11.55 39.50
C TYR A 196 -29.35 -11.93 39.62
N GLN A 197 -28.49 -11.03 39.13
CA GLN A 197 -27.02 -11.18 39.12
C GLN A 197 -26.52 -12.47 38.47
N LEU A 198 -26.88 -12.64 37.19
CA LEU A 198 -26.49 -13.82 36.40
C LEU A 198 -25.65 -13.45 35.19
N THR A 199 -24.73 -14.36 34.82
CA THR A 199 -23.92 -14.27 33.59
C THR A 199 -24.57 -15.09 32.47
N PRO A 200 -24.29 -14.75 31.20
CA PRO A 200 -24.72 -15.67 30.18
C PRO A 200 -24.11 -17.07 30.38
N GLY A 201 -22.88 -17.14 30.88
CA GLY A 201 -22.30 -18.42 31.31
C GLY A 201 -23.30 -19.30 32.08
N ASP A 202 -23.78 -18.78 33.21
CA ASP A 202 -24.83 -19.42 34.03
C ASP A 202 -26.02 -20.00 33.24
N VAL A 203 -26.77 -19.13 32.56
CA VAL A 203 -27.87 -19.59 31.71
C VAL A 203 -27.44 -20.77 30.82
N SER A 204 -26.26 -20.69 30.21
CA SER A 204 -25.77 -21.79 29.39
C SER A 204 -25.51 -23.03 30.23
N SER A 205 -24.92 -22.86 31.41
CA SER A 205 -24.69 -23.99 32.30
C SER A 205 -25.96 -24.73 32.74
N ALA A 206 -27.06 -23.98 32.77
CA ALA A 206 -28.40 -24.49 33.13
C ALA A 206 -28.99 -25.32 32.01
N ILE A 207 -29.01 -24.76 30.80
CA ILE A 207 -29.59 -25.45 29.65
C ILE A 207 -28.94 -26.82 29.40
N GLN A 208 -27.61 -26.88 29.58
CA GLN A 208 -26.82 -28.11 29.51
C GLN A 208 -27.22 -29.12 30.58
N ALA A 209 -27.63 -28.61 31.73
CA ALA A 209 -28.05 -29.47 32.84
C ALA A 209 -29.55 -29.76 32.88
N GLN A 210 -30.33 -29.10 32.05
CA GLN A 210 -31.77 -29.17 32.25
C GLN A 210 -32.54 -29.56 31.02
N ASN A 211 -31.88 -29.52 29.88
CA ASN A 211 -32.49 -30.00 28.65
C ASN A 211 -31.58 -31.07 28.14
N VAL A 212 -31.63 -32.20 28.85
CA VAL A 212 -30.78 -33.33 28.54
C VAL A 212 -31.66 -34.50 28.19
N GLN A 213 -31.13 -35.40 27.37
CA GLN A 213 -31.65 -36.75 27.27
C GLN A 213 -30.64 -37.73 27.96
N ILE A 214 -30.82 -37.97 29.26
CA ILE A 214 -29.85 -38.78 30.02
C ILE A 214 -30.24 -40.24 29.90
N SER A 215 -29.26 -41.14 29.99
CA SER A 215 -29.53 -42.58 29.87
C SER A 215 -29.88 -43.13 31.24
N SER A 216 -31.16 -43.45 31.45
CA SER A 216 -31.67 -43.73 32.81
C SER A 216 -31.80 -45.20 33.22
N GLY A 217 -30.99 -46.05 32.62
CA GLY A 217 -31.12 -47.50 32.80
C GLY A 217 -32.52 -48.07 32.62
N GLN A 218 -32.72 -49.25 33.18
CA GLN A 218 -34.00 -49.92 33.09
C GLN A 218 -34.31 -50.80 34.31
N LEU A 219 -35.61 -50.98 34.54
CA LEU A 219 -36.17 -51.70 35.71
C LEU A 219 -35.67 -53.14 35.90
N GLY A 220 -36.12 -54.11 35.12
CA GLY A 220 -35.60 -55.47 35.32
C GLY A 220 -34.21 -55.76 34.76
N GLY A 221 -33.32 -54.77 34.73
CA GLY A 221 -32.17 -54.81 33.86
C GLY A 221 -31.17 -55.93 34.11
N LEU A 222 -30.50 -56.38 33.06
CA LEU A 222 -29.47 -57.43 33.17
C LEU A 222 -28.08 -56.89 33.62
N PRO A 223 -27.31 -57.70 34.40
CA PRO A 223 -27.79 -58.95 34.97
C PRO A 223 -28.89 -58.62 35.99
N ALA A 224 -29.96 -59.42 36.03
CA ALA A 224 -31.00 -59.32 37.06
C ALA A 224 -30.80 -60.39 38.15
N VAL A 225 -31.71 -60.43 39.12
CA VAL A 225 -31.59 -61.41 40.22
C VAL A 225 -32.34 -62.70 39.85
N LYS A 226 -31.92 -63.81 40.46
CA LYS A 226 -32.55 -65.10 40.16
C LYS A 226 -33.96 -64.96 40.68
N GLY A 227 -34.91 -65.31 39.83
CA GLY A 227 -36.28 -65.08 40.21
C GLY A 227 -37.01 -64.01 39.45
N GLN A 228 -36.30 -63.02 38.91
CA GLN A 228 -36.95 -61.77 38.40
C GLN A 228 -38.02 -61.93 37.30
N GLN A 229 -39.07 -61.10 37.38
CA GLN A 229 -40.29 -61.27 36.58
C GLN A 229 -40.56 -60.18 35.52
N LEU A 230 -40.93 -58.98 35.99
CA LEU A 230 -41.09 -57.76 35.16
C LEU A 230 -39.75 -57.10 34.76
N ASN A 231 -39.74 -56.52 33.55
CA ASN A 231 -38.59 -55.80 33.00
C ASN A 231 -39.10 -54.57 32.25
N ALA A 232 -38.54 -53.39 32.50
CA ALA A 232 -39.00 -52.23 31.74
C ALA A 232 -38.03 -51.07 31.68
N THR A 233 -38.12 -50.29 30.60
CA THR A 233 -37.32 -49.07 30.41
C THR A 233 -37.71 -48.03 31.44
N ILE A 234 -36.71 -47.49 32.12
CA ILE A 234 -36.89 -46.31 32.95
C ILE A 234 -36.59 -45.09 32.10
N ILE A 235 -37.64 -44.31 31.83
CA ILE A 235 -37.44 -43.05 31.12
C ILE A 235 -37.21 -41.90 32.12
N GLY A 236 -36.02 -41.32 32.05
CA GLY A 236 -35.60 -40.25 32.97
C GLY A 236 -35.69 -38.97 32.21
N LYS A 237 -34.86 -37.99 32.57
CA LYS A 237 -34.92 -36.67 31.92
C LYS A 237 -34.89 -36.83 30.41
N THR A 238 -35.78 -36.13 29.72
CA THR A 238 -35.70 -36.08 28.24
C THR A 238 -35.48 -34.64 27.71
N ARG A 239 -35.20 -34.52 26.41
CA ARG A 239 -34.93 -33.23 25.78
C ARG A 239 -36.20 -32.44 25.67
N LEU A 240 -36.12 -31.14 25.96
CA LEU A 240 -37.30 -30.29 25.89
C LEU A 240 -37.54 -30.02 24.43
N GLN A 241 -38.74 -29.54 24.11
CA GLN A 241 -39.21 -29.52 22.73
C GLN A 241 -39.90 -28.22 22.36
N THR A 242 -40.23 -27.38 23.37
CA THR A 242 -40.99 -26.12 23.12
C THR A 242 -40.52 -24.86 23.89
N ALA A 243 -40.87 -23.70 23.34
CA ALA A 243 -40.51 -22.45 24.00
C ALA A 243 -40.84 -22.49 25.50
N GLU A 244 -42.08 -22.88 25.85
CA GLU A 244 -42.45 -22.94 27.27
C GLU A 244 -41.57 -23.86 28.15
N GLN A 245 -41.22 -25.05 27.66
CA GLN A 245 -40.39 -25.96 28.44
C GLN A 245 -39.07 -25.30 28.80
N PHE A 246 -38.52 -24.61 27.79
CA PHE A 246 -37.28 -23.82 27.84
C PHE A 246 -37.38 -22.57 28.72
N GLU A 247 -38.50 -21.87 28.62
CA GLU A 247 -38.75 -20.73 29.48
C GLU A 247 -38.73 -21.16 30.94
N ASN A 248 -39.23 -22.35 31.23
CA ASN A 248 -39.28 -22.83 32.61
C ASN A 248 -38.01 -23.42 33.17
N ILE A 249 -36.93 -23.37 32.40
CA ILE A 249 -35.64 -23.81 32.89
C ILE A 249 -35.38 -22.97 34.13
N LEU A 250 -34.78 -23.59 35.14
CA LEU A 250 -34.60 -22.97 36.45
C LEU A 250 -33.19 -22.41 36.67
N LEU A 251 -33.10 -21.10 36.86
CA LEU A 251 -31.81 -20.42 37.04
C LEU A 251 -31.44 -20.22 38.50
N LYS A 252 -32.37 -19.66 39.26
CA LYS A 252 -32.07 -19.25 40.63
C LYS A 252 -33.31 -19.39 41.50
N VAL A 253 -33.06 -19.54 42.80
CA VAL A 253 -34.10 -19.41 43.81
C VAL A 253 -33.83 -18.21 44.71
N ASN A 254 -34.76 -17.25 44.73
CA ASN A 254 -34.76 -16.18 45.73
C ASN A 254 -34.75 -16.83 47.12
N PRO A 255 -33.92 -16.32 48.08
CA PRO A 255 -34.08 -16.83 49.45
C PRO A 255 -35.48 -16.45 49.93
N ASP A 256 -35.99 -15.36 49.38
CA ASP A 256 -37.37 -14.89 49.52
C ASP A 256 -38.41 -15.89 49.03
N GLY A 257 -38.07 -17.19 49.04
CA GLY A 257 -39.02 -18.27 48.68
C GLY A 257 -39.08 -18.66 47.22
N SER A 258 -39.34 -17.68 46.34
CA SER A 258 -39.58 -17.91 44.90
C SER A 258 -38.33 -18.33 44.11
N GLN A 259 -38.49 -18.32 42.78
CA GLN A 259 -37.46 -18.80 41.87
C GLN A 259 -37.37 -17.94 40.60
N VAL A 260 -36.20 -17.97 39.96
CA VAL A 260 -36.01 -17.27 38.70
C VAL A 260 -35.95 -18.25 37.53
N ARG A 261 -36.95 -18.15 36.66
CA ARG A 261 -37.09 -18.98 35.49
C ARG A 261 -36.38 -18.27 34.33
N LEU A 262 -36.15 -18.97 33.22
CA LEU A 262 -35.44 -18.38 32.10
C LEU A 262 -36.26 -17.32 31.37
N LYS A 263 -37.59 -17.44 31.41
CA LYS A 263 -38.45 -16.42 30.78
C LYS A 263 -38.30 -15.05 31.47
N ASP A 264 -37.47 -15.03 32.52
CA ASP A 264 -37.29 -13.86 33.37
C ASP A 264 -36.10 -13.06 32.88
N VAL A 265 -35.18 -13.75 32.21
CA VAL A 265 -33.87 -13.20 31.88
C VAL A 265 -33.67 -13.07 30.35
N ALA A 266 -34.60 -13.63 29.56
CA ALA A 266 -34.46 -13.68 28.11
C ALA A 266 -35.80 -13.94 27.38
N ASP A 267 -35.78 -13.84 26.06
CA ASP A 267 -36.90 -14.23 25.23
C ASP A 267 -36.55 -15.55 24.56
N VAL A 268 -37.51 -16.48 24.53
CA VAL A 268 -37.28 -17.81 23.97
C VAL A 268 -38.29 -18.07 22.86
N GLY A 269 -37.82 -18.68 21.77
CA GLY A 269 -38.68 -19.05 20.64
C GLY A 269 -37.83 -19.53 19.49
N LEU A 270 -38.43 -20.32 18.59
CA LEU A 270 -37.70 -20.87 17.45
C LEU A 270 -37.37 -19.75 16.47
N GLY A 271 -36.16 -19.79 15.93
CA GLY A 271 -35.75 -18.90 14.85
C GLY A 271 -34.67 -19.57 14.05
N GLY A 272 -33.93 -18.77 13.29
CA GLY A 272 -32.90 -19.31 12.40
C GLY A 272 -31.71 -19.87 13.15
N GLN A 273 -31.31 -21.08 12.80
CA GLN A 273 -30.07 -21.63 13.30
C GLN A 273 -28.98 -20.73 12.81
N ASP A 274 -29.21 -20.11 11.66
CA ASP A 274 -28.28 -19.15 11.16
C ASP A 274 -29.04 -18.04 10.45
N TYR A 275 -28.61 -16.79 10.66
CA TYR A 275 -29.36 -15.62 10.17
C TYR A 275 -28.82 -14.91 8.92
N SER A 276 -27.65 -15.33 8.41
CA SER A 276 -26.89 -14.58 7.39
C SER A 276 -27.45 -14.64 6.00
N ILE A 277 -27.59 -15.85 5.46
CA ILE A 277 -28.04 -16.04 4.08
C ILE A 277 -29.57 -16.11 4.05
N ASN A 278 -30.19 -15.44 3.08
CA ASN A 278 -31.64 -15.42 2.92
C ASN A 278 -31.93 -15.20 1.46
N ALA A 279 -33.17 -15.48 1.05
CA ALA A 279 -33.52 -15.43 -0.36
C ALA A 279 -34.91 -14.97 -0.63
N GLN A 280 -35.11 -14.42 -1.81
CA GLN A 280 -36.45 -14.09 -2.27
C GLN A 280 -36.54 -14.24 -3.79
N PHE A 281 -37.75 -14.58 -4.26
CA PHE A 281 -37.95 -15.03 -5.62
C PHE A 281 -39.06 -14.29 -6.31
N ASN A 282 -38.69 -13.63 -7.43
CA ASN A 282 -39.59 -12.75 -8.19
C ASN A 282 -40.21 -11.72 -7.30
N GLY A 283 -39.54 -11.42 -6.19
CA GLY A 283 -40.05 -10.48 -5.22
C GLY A 283 -40.43 -11.06 -3.86
N SER A 284 -41.26 -12.10 -3.83
CA SER A 284 -41.79 -12.55 -2.54
C SER A 284 -40.92 -13.60 -1.86
N PRO A 285 -40.90 -13.63 -0.52
CA PRO A 285 -40.13 -14.57 0.28
C PRO A 285 -40.08 -15.99 -0.26
N ALA A 286 -38.88 -16.57 -0.22
CA ALA A 286 -38.66 -17.91 -0.70
C ALA A 286 -37.48 -18.50 0.04
N SER A 287 -37.31 -19.80 -0.11
CA SER A 287 -36.08 -20.43 0.28
C SER A 287 -35.53 -21.23 -0.88
N GLY A 288 -34.32 -21.78 -0.71
CA GLY A 288 -33.70 -22.51 -1.79
C GLY A 288 -32.57 -23.46 -1.43
N ILE A 289 -32.52 -24.58 -2.16
CA ILE A 289 -31.34 -25.41 -2.21
C ILE A 289 -30.62 -25.25 -3.56
N ALA A 290 -29.42 -24.71 -3.49
CA ALA A 290 -28.47 -24.85 -4.58
C ALA A 290 -27.82 -26.26 -4.52
N ILE A 291 -27.81 -26.93 -5.66
CA ILE A 291 -27.25 -28.26 -5.77
C ILE A 291 -26.05 -28.24 -6.69
N LYS A 292 -24.97 -28.84 -6.26
CA LYS A 292 -23.84 -29.06 -7.14
C LYS A 292 -23.74 -30.54 -7.47
N LEU A 293 -23.36 -30.84 -8.71
CA LEU A 293 -23.26 -32.22 -9.15
C LEU A 293 -22.12 -32.92 -8.44
N ALA A 294 -22.17 -34.23 -8.32
CA ALA A 294 -21.00 -34.95 -7.87
C ALA A 294 -20.10 -35.01 -9.09
N THR A 295 -18.78 -34.99 -8.91
CA THR A 295 -17.87 -35.06 -10.08
C THR A 295 -18.04 -36.42 -10.69
N GLY A 296 -18.19 -36.48 -12.01
CA GLY A 296 -18.49 -37.76 -12.66
C GLY A 296 -19.96 -38.01 -12.96
N ALA A 297 -20.85 -37.37 -12.19
CA ALA A 297 -22.27 -37.58 -12.34
C ALA A 297 -22.79 -36.93 -13.61
N ASN A 298 -23.93 -37.40 -14.11
CA ASN A 298 -24.57 -36.81 -15.30
C ASN A 298 -25.47 -35.69 -14.94
N ALA A 299 -25.31 -34.57 -15.64
CA ALA A 299 -26.18 -33.42 -15.38
C ALA A 299 -27.62 -33.75 -15.75
N LEU A 300 -27.84 -34.37 -16.90
CA LEU A 300 -29.23 -34.68 -17.26
C LEU A 300 -29.92 -35.64 -16.33
N ASP A 301 -29.19 -36.62 -15.84
CA ASP A 301 -29.80 -37.67 -15.07
C ASP A 301 -30.14 -37.23 -13.66
N THR A 302 -29.25 -36.47 -13.03
CA THR A 302 -29.44 -36.22 -11.61
C THR A 302 -30.44 -35.08 -11.48
N ALA A 303 -30.57 -34.32 -12.54
CA ALA A 303 -31.74 -33.50 -12.76
C ALA A 303 -33.06 -34.34 -12.67
N LYS A 304 -33.21 -35.31 -13.56
CA LYS A 304 -34.33 -36.23 -13.54
C LYS A 304 -34.60 -36.78 -12.13
N ALA A 305 -33.53 -37.12 -11.41
CA ALA A 305 -33.64 -37.84 -10.16
C ALA A 305 -34.07 -36.94 -9.02
N ILE A 306 -33.86 -35.63 -9.14
CA ILE A 306 -34.28 -34.75 -8.07
C ILE A 306 -35.70 -34.31 -8.39
N ARG A 307 -35.92 -33.97 -9.65
CA ARG A 307 -37.26 -33.81 -10.10
C ARG A 307 -38.07 -34.94 -9.47
N GLN A 308 -37.41 -36.07 -9.25
CA GLN A 308 -38.07 -37.29 -8.80
C GLN A 308 -38.20 -37.41 -7.29
N THR A 309 -37.36 -36.69 -6.58
CA THR A 309 -37.35 -36.84 -5.13
C THR A 309 -38.36 -35.84 -4.65
N ILE A 310 -38.25 -34.60 -5.10
CA ILE A 310 -39.28 -33.65 -4.74
C ILE A 310 -40.61 -34.06 -5.37
N ALA A 311 -40.58 -34.86 -6.44
CA ALA A 311 -41.80 -35.43 -7.03
C ALA A 311 -42.70 -36.18 -6.04
N ASN A 312 -42.12 -36.95 -5.13
CA ASN A 312 -42.96 -37.72 -4.23
C ASN A 312 -42.67 -37.33 -2.81
N LEU A 313 -42.35 -36.06 -2.64
CA LEU A 313 -42.37 -35.40 -1.35
C LEU A 313 -43.46 -34.34 -1.35
N GLU A 314 -43.85 -33.88 -2.54
CA GLU A 314 -44.86 -32.83 -2.72
C GLU A 314 -46.18 -33.13 -2.05
N PRO A 315 -46.67 -34.38 -2.17
CA PRO A 315 -47.89 -34.76 -1.48
C PRO A 315 -47.86 -34.72 0.09
N PHE A 316 -46.90 -34.02 0.70
CA PHE A 316 -46.79 -33.98 2.17
C PHE A 316 -46.54 -32.56 2.66
N MET A 317 -46.31 -31.64 1.71
CA MET A 317 -46.05 -30.23 1.99
C MET A 317 -47.33 -29.50 2.41
N PRO A 318 -47.23 -28.54 3.37
CA PRO A 318 -48.38 -27.79 3.86
C PRO A 318 -49.15 -27.17 2.72
N GLN A 319 -50.44 -26.96 2.94
CA GLN A 319 -51.35 -26.42 1.94
C GLN A 319 -50.90 -25.11 1.26
N GLY A 320 -50.08 -24.32 1.94
CA GLY A 320 -49.67 -23.04 1.36
C GLY A 320 -48.29 -22.98 0.71
N MET A 321 -47.97 -23.95 -0.15
CA MET A 321 -46.57 -24.11 -0.60
C MET A 321 -46.38 -24.83 -1.92
N LYS A 322 -45.64 -24.20 -2.82
CA LYS A 322 -45.29 -24.84 -4.10
C LYS A 322 -43.78 -24.91 -4.33
N VAL A 323 -43.34 -26.00 -4.94
CA VAL A 323 -41.94 -26.15 -5.29
C VAL A 323 -41.76 -25.47 -6.63
N VAL A 324 -40.65 -24.78 -6.77
CA VAL A 324 -40.32 -24.03 -7.98
C VAL A 324 -38.83 -24.15 -8.30
N TYR A 325 -38.48 -23.92 -9.57
CA TYR A 325 -37.10 -24.10 -10.04
C TYR A 325 -36.43 -22.82 -10.53
N PRO A 326 -36.09 -21.93 -9.58
CA PRO A 326 -35.45 -20.63 -9.83
C PRO A 326 -34.30 -20.71 -10.82
N TYR A 327 -33.26 -21.42 -10.44
CA TYR A 327 -32.13 -21.58 -11.31
C TYR A 327 -32.11 -23.02 -11.78
N ASP A 328 -31.58 -23.24 -12.98
CA ASP A 328 -31.60 -24.55 -13.61
C ASP A 328 -30.78 -24.46 -14.87
N THR A 329 -30.05 -25.52 -15.13
CA THR A 329 -29.03 -25.55 -16.14
C THR A 329 -29.42 -26.57 -17.17
N THR A 330 -30.17 -27.57 -16.73
CA THR A 330 -30.54 -28.67 -17.60
C THR A 330 -31.36 -28.23 -18.82
N PRO A 331 -32.25 -27.21 -18.70
CA PRO A 331 -32.96 -26.88 -19.95
C PRO A 331 -31.98 -26.70 -21.12
N VAL A 332 -30.79 -26.16 -20.88
CA VAL A 332 -29.84 -25.95 -21.98
C VAL A 332 -29.33 -27.22 -22.66
N VAL A 333 -29.23 -28.32 -21.94
CA VAL A 333 -28.73 -29.51 -22.61
C VAL A 333 -29.80 -30.22 -23.43
N SER A 334 -30.98 -30.44 -22.86
CA SER A 334 -32.14 -30.88 -23.65
C SER A 334 -32.27 -30.04 -24.95
N ALA A 335 -32.45 -28.74 -24.79
CA ALA A 335 -32.47 -27.81 -25.91
C ALA A 335 -31.33 -28.02 -26.92
N SER A 336 -30.09 -27.98 -26.44
CA SER A 336 -28.86 -28.13 -27.23
C SER A 336 -28.80 -29.38 -28.11
N ILE A 337 -28.90 -30.55 -27.49
CA ILE A 337 -28.85 -31.79 -28.27
C ILE A 337 -30.11 -31.94 -29.14
N HIS A 338 -31.27 -31.46 -28.69
CA HIS A 338 -32.48 -31.42 -29.55
C HIS A 338 -32.26 -30.58 -30.79
N GLU A 339 -31.66 -29.41 -30.60
CA GLU A 339 -31.40 -28.52 -31.71
C GLU A 339 -30.50 -29.18 -32.73
N VAL A 340 -29.50 -29.94 -32.26
CA VAL A 340 -28.60 -30.66 -33.18
C VAL A 340 -29.39 -31.76 -33.87
N VAL A 341 -30.08 -32.59 -33.08
CA VAL A 341 -30.90 -33.64 -33.65
C VAL A 341 -31.63 -33.09 -34.88
N LYS A 342 -32.28 -31.94 -34.68
CA LYS A 342 -33.02 -31.24 -35.71
C LYS A 342 -32.15 -30.86 -36.92
N THR A 343 -30.98 -30.26 -36.68
CA THR A 343 -30.18 -29.89 -37.82
C THR A 343 -29.47 -31.09 -38.45
N LEU A 344 -29.55 -32.25 -37.80
CA LEU A 344 -29.13 -33.49 -38.42
C LEU A 344 -30.19 -33.93 -39.39
N GLY A 345 -31.44 -34.09 -38.89
CA GLY A 345 -32.62 -34.44 -39.71
C GLY A 345 -32.80 -33.56 -40.94
N GLU A 346 -32.39 -32.31 -40.84
CA GLU A 346 -32.44 -31.42 -41.98
C GLU A 346 -31.37 -31.80 -42.97
N ALA A 347 -30.12 -31.86 -42.48
CA ALA A 347 -28.97 -32.20 -43.30
C ALA A 347 -29.31 -33.41 -44.13
N ILE A 348 -30.06 -34.35 -43.53
CA ILE A 348 -30.36 -35.60 -44.24
C ILE A 348 -31.42 -35.43 -45.33
N LEU A 349 -32.44 -34.60 -45.07
CA LEU A 349 -33.42 -34.22 -46.11
C LEU A 349 -32.75 -33.41 -47.22
N LEU A 350 -31.88 -32.50 -46.81
CA LEU A 350 -31.17 -31.63 -47.72
C LEU A 350 -30.22 -32.38 -48.64
N VAL A 351 -29.39 -33.25 -48.06
CA VAL A 351 -28.47 -34.16 -48.79
C VAL A 351 -29.25 -35.06 -49.75
N PHE A 352 -30.35 -35.64 -49.28
CA PHE A 352 -31.27 -36.35 -50.17
C PHE A 352 -31.73 -35.56 -51.42
N LEU A 353 -32.23 -34.34 -51.27
CA LEU A 353 -32.57 -33.49 -52.42
C LEU A 353 -31.40 -33.27 -53.37
N VAL A 354 -30.23 -32.85 -52.84
CA VAL A 354 -29.12 -32.58 -53.76
C VAL A 354 -28.57 -33.85 -54.42
N MET A 355 -28.94 -35.02 -53.91
CA MET A 355 -28.57 -36.25 -54.59
C MET A 355 -29.62 -36.51 -55.65
N TYR A 356 -30.88 -36.31 -55.29
CA TYR A 356 -32.00 -36.47 -56.21
C TYR A 356 -31.93 -35.55 -57.41
N LEU A 357 -31.28 -34.40 -57.25
CA LEU A 357 -31.09 -33.44 -58.33
C LEU A 357 -30.21 -34.03 -59.40
N PHE A 358 -29.13 -34.64 -58.96
CA PHE A 358 -28.10 -35.15 -59.83
C PHE A 358 -28.34 -36.62 -60.28
N LEU A 359 -29.17 -37.36 -59.56
CA LEU A 359 -29.41 -38.77 -59.91
C LEU A 359 -30.73 -38.98 -60.65
N GLN A 360 -31.52 -37.92 -60.72
CA GLN A 360 -32.82 -37.96 -61.41
C GLN A 360 -33.65 -39.24 -61.19
N ASN A 361 -33.78 -39.70 -59.95
CA ASN A 361 -34.19 -41.10 -59.69
C ASN A 361 -34.43 -41.47 -58.22
N PHE A 362 -35.69 -41.58 -57.77
CA PHE A 362 -35.97 -42.26 -56.50
C PHE A 362 -35.52 -43.66 -56.79
N ARG A 363 -35.12 -44.42 -55.79
CA ARG A 363 -34.42 -45.72 -56.01
C ARG A 363 -32.95 -45.45 -56.03
N ALA A 364 -32.44 -44.97 -57.15
CA ALA A 364 -31.05 -44.52 -57.21
C ALA A 364 -30.71 -43.45 -56.17
N THR A 365 -31.73 -42.72 -55.68
CA THR A 365 -31.51 -41.74 -54.63
C THR A 365 -31.90 -42.30 -53.30
N LEU A 366 -32.99 -43.05 -53.28
CA LEU A 366 -33.32 -43.78 -52.07
C LEU A 366 -32.14 -44.53 -51.46
N ILE A 367 -31.41 -45.32 -52.26
CA ILE A 367 -30.37 -46.27 -51.76
C ILE A 367 -29.26 -45.64 -50.89
N PRO A 368 -28.52 -44.63 -51.39
CA PRO A 368 -27.46 -44.10 -50.51
C PRO A 368 -27.99 -43.40 -49.25
N THR A 369 -29.30 -43.27 -49.12
CA THR A 369 -29.82 -42.51 -47.99
C THR A 369 -30.21 -43.49 -46.89
N ILE A 370 -30.65 -44.69 -47.30
CA ILE A 370 -30.70 -45.87 -46.44
C ILE A 370 -29.30 -46.14 -45.82
N ALA A 371 -28.23 -45.61 -46.44
CA ALA A 371 -26.90 -45.72 -45.83
C ALA A 371 -26.75 -44.86 -44.61
N VAL A 372 -27.68 -43.95 -44.40
CA VAL A 372 -27.46 -42.96 -43.36
C VAL A 372 -27.97 -43.49 -42.02
N PRO A 373 -29.25 -43.90 -41.94
CA PRO A 373 -29.67 -44.53 -40.68
C PRO A 373 -28.60 -45.51 -40.16
N VAL A 374 -28.21 -46.43 -41.03
CA VAL A 374 -27.18 -47.44 -40.73
C VAL A 374 -25.87 -46.87 -40.13
N VAL A 375 -25.06 -46.22 -40.94
CA VAL A 375 -23.75 -45.80 -40.45
C VAL A 375 -23.83 -44.96 -39.18
N LEU A 376 -24.66 -43.91 -39.21
CA LEU A 376 -24.94 -43.10 -38.02
C LEU A 376 -25.35 -43.92 -36.81
N LEU A 377 -26.38 -44.76 -36.92
CA LEU A 377 -26.71 -45.63 -35.78
C LEU A 377 -25.52 -46.45 -35.37
N GLY A 378 -24.99 -47.22 -36.31
CA GLY A 378 -23.71 -47.87 -36.13
C GLY A 378 -22.73 -47.07 -35.30
N THR A 379 -22.40 -45.85 -35.74
CA THR A 379 -21.46 -45.01 -34.98
C THR A 379 -21.80 -44.85 -33.51
N PHE A 380 -23.06 -44.57 -33.16
CA PHE A 380 -23.47 -44.60 -31.75
C PHE A 380 -23.00 -45.88 -31.02
N GLY A 381 -23.21 -47.03 -31.67
CA GLY A 381 -22.68 -48.30 -31.16
C GLY A 381 -21.19 -48.20 -30.81
N VAL A 382 -20.37 -47.76 -31.75
CA VAL A 382 -18.95 -47.86 -31.50
C VAL A 382 -18.58 -46.84 -30.44
N LEU A 383 -19.28 -45.71 -30.42
CA LEU A 383 -19.06 -44.69 -29.41
C LEU A 383 -19.25 -45.28 -28.01
N ALA A 384 -20.38 -45.96 -27.83
CA ALA A 384 -20.69 -46.72 -26.63
C ALA A 384 -19.59 -47.72 -26.29
N ALA A 385 -19.24 -48.56 -27.27
CA ALA A 385 -18.09 -49.48 -27.15
C ALA A 385 -16.80 -48.82 -26.69
N PHE A 386 -16.39 -47.74 -27.34
CA PHE A 386 -15.15 -47.06 -26.96
C PHE A 386 -15.38 -46.12 -25.78
N GLY A 387 -16.50 -46.36 -25.11
CA GLY A 387 -16.92 -45.64 -23.92
C GLY A 387 -16.95 -44.12 -23.96
N PHE A 388 -17.71 -43.56 -24.90
CA PHE A 388 -17.83 -42.10 -25.03
C PHE A 388 -19.22 -41.66 -24.55
N SER A 389 -19.67 -40.47 -24.94
CA SER A 389 -21.02 -40.08 -24.66
C SER A 389 -21.59 -39.30 -25.84
N ILE A 390 -22.92 -39.11 -25.85
CA ILE A 390 -23.64 -38.33 -26.85
C ILE A 390 -23.56 -36.89 -26.38
N ASN A 391 -22.71 -36.11 -27.04
CA ASN A 391 -22.46 -34.71 -26.65
C ASN A 391 -22.28 -33.85 -27.88
N THR A 392 -22.09 -32.54 -27.67
CA THR A 392 -22.04 -31.63 -28.82
C THR A 392 -20.94 -31.99 -29.79
N LEU A 393 -19.79 -32.43 -29.27
CA LEU A 393 -18.75 -32.86 -30.21
C LEU A 393 -19.08 -34.13 -30.97
N THR A 394 -19.61 -35.15 -30.30
CA THR A 394 -19.87 -36.40 -31.00
C THR A 394 -20.96 -36.21 -32.04
N MET A 395 -22.06 -35.57 -31.64
CA MET A 395 -23.16 -35.20 -32.55
C MET A 395 -22.76 -34.39 -33.77
N PHE A 396 -21.76 -33.51 -33.62
CA PHE A 396 -21.17 -32.82 -34.78
C PHE A 396 -20.52 -33.78 -35.75
N GLY A 397 -19.84 -34.78 -35.20
CA GLY A 397 -19.28 -35.88 -35.97
C GLY A 397 -20.35 -36.40 -36.90
N MET A 398 -21.48 -36.81 -36.33
CA MET A 398 -22.55 -37.41 -37.10
C MET A 398 -23.09 -36.50 -38.20
N VAL A 399 -23.23 -35.19 -37.91
CA VAL A 399 -23.77 -34.27 -38.91
C VAL A 399 -22.76 -34.08 -40.03
N LEU A 400 -21.54 -33.75 -39.64
CA LEU A 400 -20.47 -33.63 -40.61
C LEU A 400 -20.23 -34.92 -41.35
N ALA A 401 -20.73 -36.03 -40.82
CA ALA A 401 -20.50 -37.30 -41.46
C ALA A 401 -21.51 -37.60 -42.55
N ILE A 402 -22.68 -36.97 -42.52
CA ILE A 402 -23.71 -37.25 -43.54
C ILE A 402 -23.22 -36.79 -44.92
N GLY A 403 -22.48 -35.68 -44.94
CA GLY A 403 -21.75 -35.30 -46.14
C GLY A 403 -20.80 -36.38 -46.66
N LEU A 404 -19.87 -36.85 -45.81
CA LEU A 404 -18.83 -37.83 -46.19
C LEU A 404 -19.32 -39.28 -46.42
N LEU A 405 -20.17 -39.73 -45.50
CA LEU A 405 -20.86 -41.03 -45.53
C LEU A 405 -21.34 -41.49 -46.90
N VAL A 406 -22.09 -40.64 -47.59
CA VAL A 406 -22.71 -41.01 -48.88
C VAL A 406 -21.77 -41.18 -50.08
N ASP A 407 -20.68 -40.42 -50.12
CA ASP A 407 -19.68 -40.57 -51.17
C ASP A 407 -19.45 -42.00 -51.67
N ASP A 408 -19.22 -42.93 -50.75
CA ASP A 408 -18.91 -44.29 -51.16
C ASP A 408 -20.14 -45.03 -51.69
N ALA A 409 -21.30 -44.81 -51.09
CA ALA A 409 -22.53 -45.40 -51.62
C ALA A 409 -22.85 -44.90 -53.03
N ILE A 410 -22.66 -43.62 -53.30
CA ILE A 410 -22.92 -43.07 -54.63
C ILE A 410 -21.92 -43.65 -55.66
N VAL A 411 -20.60 -43.64 -55.35
CA VAL A 411 -19.58 -44.31 -56.19
C VAL A 411 -20.09 -45.68 -56.70
N VAL A 412 -20.71 -46.45 -55.80
CA VAL A 412 -21.22 -47.79 -56.12
C VAL A 412 -22.41 -47.73 -57.08
N VAL A 413 -23.40 -46.90 -56.74
CA VAL A 413 -24.61 -46.71 -57.54
C VAL A 413 -24.26 -46.18 -58.93
N GLU A 414 -23.30 -45.28 -58.98
CA GLU A 414 -22.83 -44.70 -60.21
C GLU A 414 -22.26 -45.77 -61.16
N ASN A 415 -21.43 -46.67 -60.64
CA ASN A 415 -20.93 -47.80 -61.43
C ASN A 415 -21.98 -48.78 -61.88
N VAL A 416 -22.85 -49.18 -60.96
CA VAL A 416 -23.89 -50.11 -61.36
C VAL A 416 -24.69 -49.50 -62.50
N GLU A 417 -24.92 -48.20 -62.39
CA GLU A 417 -25.65 -47.49 -63.40
C GLU A 417 -24.86 -47.52 -64.69
N ARG A 418 -23.57 -47.21 -64.57
CA ARG A 418 -22.69 -47.18 -65.73
C ARG A 418 -22.64 -48.56 -66.41
N VAL A 419 -22.07 -49.59 -65.78
CA VAL A 419 -21.93 -50.89 -66.48
C VAL A 419 -23.27 -51.47 -66.85
N MET A 420 -24.34 -50.91 -66.28
CA MET A 420 -25.68 -51.26 -66.68
C MET A 420 -26.06 -50.66 -68.02
N ALA A 421 -25.60 -49.43 -68.26
CA ALA A 421 -25.96 -48.65 -69.44
C ALA A 421 -24.94 -48.87 -70.57
N GLU A 422 -23.73 -49.23 -70.17
CA GLU A 422 -22.67 -49.59 -71.10
C GLU A 422 -22.80 -50.99 -71.76
N GLU A 423 -23.53 -51.91 -71.13
CA GLU A 423 -23.63 -53.29 -71.60
C GLU A 423 -25.01 -53.93 -71.57
N GLY A 424 -26.01 -53.18 -71.11
CA GLY A 424 -27.39 -53.70 -71.07
C GLY A 424 -27.61 -54.87 -70.11
N LEU A 425 -26.70 -54.97 -69.12
CA LEU A 425 -26.75 -56.00 -68.08
C LEU A 425 -27.77 -55.69 -67.02
N SER A 426 -28.18 -56.74 -66.31
CA SER A 426 -29.16 -56.60 -65.22
C SER A 426 -28.55 -55.88 -64.04
N PRO A 427 -29.39 -55.17 -63.28
CA PRO A 427 -28.93 -54.55 -62.07
C PRO A 427 -28.02 -55.45 -61.22
N ARG A 428 -28.40 -56.71 -61.03
CA ARG A 428 -27.55 -57.65 -60.30
C ARG A 428 -26.21 -57.77 -60.99
N GLU A 429 -26.20 -58.26 -62.22
CA GLU A 429 -24.96 -58.56 -62.93
C GLU A 429 -24.06 -57.35 -63.09
N ALA A 430 -24.69 -56.21 -63.32
CA ALA A 430 -24.01 -54.94 -63.39
C ALA A 430 -23.22 -54.76 -62.10
N ALA A 431 -23.88 -55.09 -60.98
CA ALA A 431 -23.36 -54.87 -59.64
C ALA A 431 -22.25 -55.85 -59.31
N ARG A 432 -22.39 -57.14 -59.65
CA ARG A 432 -21.24 -58.05 -59.41
C ARG A 432 -20.02 -57.66 -60.21
N LYS A 433 -20.17 -57.48 -61.53
CA LYS A 433 -19.07 -56.89 -62.33
C LYS A 433 -18.52 -55.56 -61.78
N SER A 434 -19.37 -54.65 -61.33
CA SER A 434 -18.86 -53.34 -60.85
C SER A 434 -18.04 -53.46 -59.56
N MET A 435 -18.53 -54.18 -58.57
CA MET A 435 -17.79 -54.42 -57.33
C MET A 435 -16.44 -55.10 -57.55
N GLY A 436 -16.31 -55.81 -58.67
CA GLY A 436 -15.04 -56.41 -59.14
C GLY A 436 -13.95 -55.37 -59.34
N GLN A 437 -14.27 -54.27 -60.02
CA GLN A 437 -13.45 -53.06 -60.00
C GLN A 437 -13.86 -52.33 -58.72
N ILE A 438 -13.33 -51.13 -58.45
CA ILE A 438 -13.83 -50.28 -57.32
C ILE A 438 -13.76 -50.74 -55.85
N GLN A 439 -14.12 -51.99 -55.54
CA GLN A 439 -13.86 -52.57 -54.18
C GLN A 439 -12.45 -52.16 -53.73
N GLY A 440 -11.53 -52.19 -54.69
CA GLY A 440 -10.24 -51.57 -54.59
C GLY A 440 -10.29 -50.15 -54.10
N ALA A 441 -10.37 -49.21 -55.04
CA ALA A 441 -10.36 -47.77 -54.73
C ALA A 441 -11.13 -47.38 -53.47
N LEU A 442 -12.37 -47.86 -53.34
CA LEU A 442 -13.21 -47.59 -52.14
C LEU A 442 -12.49 -47.71 -50.80
N VAL A 443 -11.84 -48.85 -50.58
CA VAL A 443 -11.11 -49.07 -49.34
C VAL A 443 -9.80 -48.32 -49.34
N GLY A 444 -9.17 -48.24 -50.51
CA GLY A 444 -7.97 -47.43 -50.66
C GLY A 444 -8.21 -45.99 -50.22
N ILE A 445 -9.23 -45.33 -50.79
CA ILE A 445 -9.38 -43.89 -50.62
C ILE A 445 -9.87 -43.52 -49.23
N ALA A 446 -10.83 -44.29 -48.73
CA ALA A 446 -11.38 -44.08 -47.40
C ALA A 446 -10.31 -44.33 -46.35
N MET A 447 -9.31 -45.13 -46.69
CA MET A 447 -8.15 -45.41 -45.83
C MET A 447 -7.17 -44.25 -45.74
N VAL A 448 -6.98 -43.55 -46.85
CA VAL A 448 -6.22 -42.30 -46.88
C VAL A 448 -7.00 -41.30 -46.04
N LEU A 449 -8.22 -41.02 -46.51
CA LEU A 449 -9.09 -40.04 -45.90
C LEU A 449 -9.08 -40.14 -44.36
N SER A 450 -9.07 -41.36 -43.82
CA SER A 450 -9.05 -41.57 -42.38
C SER A 450 -7.76 -41.17 -41.66
N ALA A 451 -6.64 -41.27 -42.36
CA ALA A 451 -5.36 -40.81 -41.84
C ALA A 451 -5.30 -39.31 -41.67
N VAL A 452 -6.33 -38.60 -42.14
CA VAL A 452 -6.51 -37.14 -41.88
C VAL A 452 -6.91 -37.00 -40.44
N PHE A 453 -7.94 -37.75 -40.05
CA PHE A 453 -8.56 -37.61 -38.75
C PHE A 453 -7.84 -38.37 -37.65
N LEU A 454 -7.16 -39.44 -38.04
CA LEU A 454 -6.45 -40.28 -37.09
C LEU A 454 -5.47 -39.57 -36.15
N PRO A 455 -4.51 -38.79 -36.71
CA PRO A 455 -3.49 -38.21 -35.79
C PRO A 455 -4.15 -37.39 -34.70
N MET A 456 -5.31 -36.82 -35.02
CA MET A 456 -6.14 -36.01 -34.11
C MET A 456 -6.39 -36.67 -32.73
N ALA A 457 -6.64 -37.98 -32.72
CA ALA A 457 -6.93 -38.72 -31.49
C ALA A 457 -5.83 -38.69 -30.42
N PHE A 458 -4.55 -38.60 -30.82
CA PHE A 458 -3.39 -38.76 -29.90
C PHE A 458 -2.97 -37.51 -29.11
N PHE A 459 -3.74 -36.43 -29.23
CA PHE A 459 -3.40 -35.18 -28.58
C PHE A 459 -3.93 -35.11 -27.14
N GLY A 460 -3.22 -34.40 -26.27
CA GLY A 460 -3.56 -34.33 -24.83
C GLY A 460 -4.23 -33.06 -24.32
N GLY A 461 -4.39 -32.97 -23.01
CA GLY A 461 -5.07 -31.83 -22.39
C GLY A 461 -6.53 -31.77 -22.77
N SER A 462 -7.22 -30.71 -22.37
CA SER A 462 -8.65 -30.58 -22.62
C SER A 462 -8.98 -30.68 -24.11
N THR A 463 -8.27 -29.90 -24.92
CA THR A 463 -8.37 -29.98 -26.38
C THR A 463 -8.29 -31.41 -26.93
N GLY A 464 -7.26 -32.17 -26.53
CA GLY A 464 -7.12 -33.57 -26.94
C GLY A 464 -8.40 -34.37 -26.79
N VAL A 465 -8.96 -34.33 -25.57
CA VAL A 465 -10.31 -34.82 -25.26
C VAL A 465 -11.36 -34.37 -26.28
N ILE A 466 -11.40 -33.06 -26.55
CA ILE A 466 -12.34 -32.52 -27.54
C ILE A 466 -12.03 -33.02 -28.97
N TYR A 467 -10.74 -33.10 -29.33
CA TYR A 467 -10.28 -33.57 -30.66
C TYR A 467 -10.67 -35.02 -30.89
N ARG A 468 -10.13 -35.91 -30.03
CA ARG A 468 -10.65 -37.27 -29.87
C ARG A 468 -12.15 -37.09 -29.75
N GLN A 469 -12.95 -38.13 -29.85
CA GLN A 469 -14.40 -37.86 -29.77
C GLN A 469 -14.97 -37.23 -31.03
N PHE A 470 -14.34 -36.17 -31.54
CA PHE A 470 -14.65 -35.79 -32.91
C PHE A 470 -14.04 -36.77 -33.90
N SER A 471 -12.71 -36.78 -33.96
CA SER A 471 -11.98 -38.00 -34.34
C SER A 471 -12.62 -39.22 -33.68
N ILE A 472 -12.59 -40.35 -34.38
CA ILE A 472 -13.30 -41.57 -34.00
C ILE A 472 -14.73 -41.47 -34.43
N THR A 473 -15.48 -40.46 -33.99
CA THR A 473 -16.82 -40.37 -34.55
C THR A 473 -16.71 -40.31 -36.07
N ILE A 474 -15.86 -39.44 -36.59
CA ILE A 474 -15.66 -39.38 -38.04
C ILE A 474 -15.13 -40.70 -38.54
N VAL A 475 -13.95 -41.12 -38.05
CA VAL A 475 -13.32 -42.33 -38.57
C VAL A 475 -14.23 -43.59 -38.43
N SER A 476 -14.79 -43.85 -37.26
CA SER A 476 -15.78 -44.91 -37.15
C SER A 476 -16.75 -44.85 -38.30
N ALA A 477 -17.49 -43.76 -38.41
CA ALA A 477 -18.50 -43.64 -39.42
C ALA A 477 -17.89 -43.85 -40.81
N MET A 478 -16.61 -43.51 -40.98
CA MET A 478 -15.97 -43.63 -42.28
C MET A 478 -15.71 -45.07 -42.63
N ALA A 479 -15.21 -45.81 -41.63
CA ALA A 479 -15.02 -47.27 -41.73
C ALA A 479 -16.36 -47.96 -41.93
N LEU A 480 -17.30 -47.69 -41.05
CA LEU A 480 -18.64 -48.18 -41.19
C LEU A 480 -19.26 -47.92 -42.55
N SER A 481 -18.89 -46.82 -43.21
CA SER A 481 -19.56 -46.47 -44.46
C SER A 481 -19.03 -47.31 -45.59
N VAL A 482 -17.73 -47.65 -45.51
CA VAL A 482 -17.12 -48.53 -46.49
C VAL A 482 -17.66 -49.94 -46.33
N ILE A 483 -17.70 -50.44 -45.09
CA ILE A 483 -18.31 -51.76 -44.84
C ILE A 483 -19.80 -51.76 -45.31
N VAL A 484 -20.50 -50.67 -45.08
CA VAL A 484 -21.87 -50.58 -45.54
C VAL A 484 -21.91 -50.55 -47.05
N ALA A 485 -21.11 -49.67 -47.68
CA ALA A 485 -20.95 -49.68 -49.16
C ALA A 485 -20.61 -51.08 -49.77
N LEU A 486 -19.63 -51.79 -49.18
CA LEU A 486 -19.24 -53.13 -49.63
C LEU A 486 -20.27 -54.21 -49.34
N ILE A 487 -20.96 -54.15 -48.20
CA ILE A 487 -21.99 -55.16 -47.83
C ILE A 487 -23.46 -54.89 -48.25
N LEU A 488 -24.08 -53.81 -47.75
CA LEU A 488 -25.48 -53.45 -48.09
C LEU A 488 -25.73 -52.81 -49.46
N THR A 489 -24.95 -51.77 -49.77
CA THR A 489 -25.18 -50.97 -50.98
C THR A 489 -25.34 -51.86 -52.20
N PRO A 490 -24.27 -52.58 -52.63
CA PRO A 490 -24.42 -53.34 -53.89
C PRO A 490 -25.56 -54.39 -53.82
N ALA A 491 -25.92 -54.83 -52.62
CA ALA A 491 -26.97 -55.81 -52.46
C ALA A 491 -28.27 -55.14 -52.79
N LEU A 492 -28.41 -53.88 -52.37
CA LEU A 492 -29.59 -53.09 -52.69
C LEU A 492 -29.69 -52.73 -54.18
N CYS A 493 -28.56 -52.41 -54.81
CA CYS A 493 -28.54 -52.20 -56.25
C CYS A 493 -29.18 -53.37 -57.01
N ALA A 494 -28.76 -54.58 -56.66
CA ALA A 494 -29.24 -55.78 -57.31
C ALA A 494 -30.74 -55.99 -57.11
N THR A 495 -31.32 -55.30 -56.12
CA THR A 495 -32.72 -55.51 -55.79
C THR A 495 -33.55 -54.25 -55.92
N MET A 496 -32.94 -53.14 -56.32
CA MET A 496 -33.68 -51.88 -56.38
C MET A 496 -33.58 -51.05 -57.65
N LEU A 497 -32.46 -51.12 -58.38
CA LEU A 497 -32.35 -50.37 -59.63
C LEU A 497 -33.23 -50.96 -60.76
N LYS A 498 -33.36 -50.29 -61.92
CA LYS A 498 -34.21 -50.80 -63.03
C LYS A 498 -33.75 -50.91 -64.55
N PRO A 499 -33.75 -49.82 -65.37
CA PRO A 499 -33.47 -50.09 -66.80
C PRO A 499 -31.96 -50.20 -67.13
N PHE A 512 -37.76 -30.31 -67.87
CA PHE A 512 -37.77 -29.73 -66.52
C PHE A 512 -36.60 -30.34 -65.69
N PHE A 513 -36.38 -31.63 -65.89
CA PHE A 513 -35.13 -32.29 -65.50
C PHE A 513 -34.12 -32.22 -66.65
N GLY A 514 -34.61 -32.41 -67.87
CA GLY A 514 -33.80 -32.30 -69.09
C GLY A 514 -33.21 -30.91 -69.25
N TRP A 515 -33.95 -29.93 -68.74
CA TRP A 515 -33.52 -28.54 -68.57
C TRP A 515 -32.16 -28.51 -67.87
N PHE A 516 -32.11 -29.10 -66.67
CA PHE A 516 -30.89 -29.19 -65.88
C PHE A 516 -29.73 -29.85 -66.64
N ASN A 517 -29.91 -31.08 -67.11
CA ASN A 517 -28.79 -31.85 -67.69
C ASN A 517 -28.10 -31.11 -68.83
N ARG A 518 -28.93 -30.47 -69.66
CA ARG A 518 -28.43 -29.60 -70.73
C ARG A 518 -27.66 -28.44 -70.11
N MET A 519 -28.29 -27.78 -69.12
CA MET A 519 -27.66 -26.69 -68.33
C MET A 519 -26.30 -27.09 -67.80
N PHE A 520 -26.19 -28.33 -67.32
CA PHE A 520 -24.92 -28.83 -66.84
C PHE A 520 -23.95 -29.11 -67.99
N LEU A 521 -24.48 -29.77 -69.02
CA LEU A 521 -23.72 -30.19 -70.21
C LEU A 521 -22.94 -29.03 -70.81
N SER A 522 -23.63 -27.89 -70.91
CA SER A 522 -23.02 -26.67 -71.39
C SER A 522 -21.82 -26.27 -70.52
N THR A 523 -22.07 -26.02 -69.24
CA THR A 523 -21.04 -25.60 -68.27
C THR A 523 -19.83 -26.51 -68.26
N THR A 524 -20.06 -27.80 -68.49
CA THR A 524 -18.99 -28.76 -68.62
C THR A 524 -18.01 -28.35 -69.72
N HIS A 525 -18.54 -28.18 -70.93
CA HIS A 525 -17.77 -27.68 -72.07
C HIS A 525 -17.10 -26.36 -71.71
N GLY A 526 -17.88 -25.47 -71.12
CA GLY A 526 -17.39 -24.20 -70.61
C GLY A 526 -16.19 -24.45 -69.73
N TYR A 527 -16.35 -25.35 -68.77
CA TYR A 527 -15.28 -25.73 -67.86
C TYR A 527 -14.11 -26.32 -68.64
N GLU A 528 -14.43 -27.19 -69.60
CA GLU A 528 -13.44 -27.91 -70.39
C GLU A 528 -12.49 -26.94 -71.09
N ARG A 529 -13.05 -26.10 -71.97
CA ARG A 529 -12.29 -25.09 -72.71
C ARG A 529 -11.58 -24.16 -71.73
N GLY A 530 -12.13 -24.06 -70.53
CA GLY A 530 -11.53 -23.30 -69.45
C GLY A 530 -10.25 -23.92 -68.93
N VAL A 531 -10.28 -25.21 -68.64
CA VAL A 531 -9.09 -25.86 -68.12
C VAL A 531 -7.99 -25.86 -69.18
N ALA A 532 -8.43 -25.83 -70.44
CA ALA A 532 -7.55 -25.72 -71.59
C ALA A 532 -6.60 -24.53 -71.45
N SER A 533 -7.16 -23.30 -71.36
CA SER A 533 -6.40 -22.05 -71.14
C SER A 533 -5.37 -22.17 -70.01
N ILE A 534 -5.81 -22.76 -68.89
CA ILE A 534 -5.00 -22.86 -67.67
C ILE A 534 -3.80 -23.79 -67.86
N LEU A 535 -4.02 -24.88 -68.60
CA LEU A 535 -2.95 -25.81 -68.95
C LEU A 535 -2.05 -25.20 -70.02
N LYS A 536 -2.68 -24.40 -70.89
CA LYS A 536 -2.05 -23.68 -72.00
C LYS A 536 -1.09 -22.57 -71.53
N HIS A 537 -1.41 -21.92 -70.41
CA HIS A 537 -0.65 -20.76 -69.93
C HIS A 537 0.20 -20.99 -68.68
N ARG A 538 -0.43 -21.09 -67.50
CA ARG A 538 0.25 -21.45 -66.24
C ARG A 538 0.86 -20.30 -65.43
N ALA A 539 1.62 -19.43 -66.10
CA ALA A 539 2.36 -18.34 -65.44
C ALA A 539 1.53 -17.39 -64.56
N PRO A 540 0.35 -16.92 -65.06
CA PRO A 540 -0.53 -16.18 -64.14
C PRO A 540 -1.09 -17.05 -63.01
N TYR A 541 -1.64 -18.20 -63.37
CA TYR A 541 -2.30 -19.11 -62.43
C TYR A 541 -1.42 -19.66 -61.30
N LEU A 542 -0.26 -20.20 -61.68
CA LEU A 542 0.69 -20.77 -60.73
C LEU A 542 1.21 -19.70 -59.76
N LEU A 543 1.03 -18.44 -60.13
CA LEU A 543 1.48 -17.35 -59.28
C LEU A 543 0.33 -16.76 -58.49
N ILE A 544 -0.85 -16.67 -59.11
CA ILE A 544 -2.09 -16.39 -58.37
C ILE A 544 -2.18 -17.34 -57.16
N TYR A 545 -1.83 -18.61 -57.38
CA TYR A 545 -1.74 -19.59 -56.29
C TYR A 545 -0.87 -19.09 -55.13
N VAL A 546 0.35 -18.66 -55.43
CA VAL A 546 1.28 -18.27 -54.37
C VAL A 546 0.82 -17.00 -53.65
N VAL A 547 -0.06 -16.24 -54.32
CA VAL A 547 -0.75 -15.10 -53.70
C VAL A 547 -1.77 -15.61 -52.69
N ILE A 548 -2.64 -16.55 -53.12
CA ILE A 548 -3.54 -17.28 -52.20
C ILE A 548 -2.82 -17.94 -51.00
N VAL A 549 -1.80 -18.75 -51.24
CA VAL A 549 -0.95 -19.27 -50.17
C VAL A 549 -0.53 -18.17 -49.17
N ALA A 550 0.01 -17.05 -49.66
CA ALA A 550 0.40 -15.94 -48.79
C ALA A 550 -0.81 -15.19 -48.17
N GLY A 551 -1.93 -15.16 -48.90
CA GLY A 551 -3.19 -14.63 -48.37
C GLY A 551 -3.73 -15.47 -47.20
N MET A 552 -3.54 -16.79 -47.30
CA MET A 552 -3.84 -17.74 -46.23
C MET A 552 -2.91 -17.56 -45.02
N ILE A 553 -1.59 -17.48 -45.23
CA ILE A 553 -0.66 -17.17 -44.14
C ILE A 553 -1.09 -15.90 -43.42
N TRP A 554 -1.47 -14.88 -44.18
CA TRP A 554 -1.77 -13.58 -43.61
C TRP A 554 -3.06 -13.58 -42.78
N MET A 555 -4.14 -14.04 -43.43
CA MET A 555 -5.47 -14.20 -42.84
C MET A 555 -5.54 -15.01 -41.55
N PHE A 556 -4.60 -15.93 -41.36
CA PHE A 556 -4.53 -16.71 -40.14
C PHE A 556 -4.34 -15.85 -38.91
N THR A 557 -3.35 -14.96 -38.93
CA THR A 557 -3.08 -14.06 -37.80
C THR A 557 -4.05 -12.87 -37.70
N ARG A 558 -4.94 -12.71 -38.67
CA ARG A 558 -6.01 -11.74 -38.53
C ARG A 558 -7.37 -12.32 -38.04
N ILE A 559 -7.33 -13.44 -37.31
CA ILE A 559 -8.51 -14.06 -36.64
C ILE A 559 -8.07 -14.50 -35.24
N PRO A 560 -8.94 -14.32 -34.21
CA PRO A 560 -8.47 -14.59 -32.83
C PRO A 560 -8.58 -16.05 -32.32
N THR A 561 -7.73 -16.35 -31.35
CA THR A 561 -7.69 -17.65 -30.70
C THR A 561 -8.77 -17.80 -29.65
N ALA A 562 -9.38 -18.98 -29.62
CA ALA A 562 -10.20 -19.42 -28.49
C ALA A 562 -10.24 -20.96 -28.43
N PHE A 563 -10.93 -21.46 -27.42
CA PHE A 563 -11.24 -22.86 -27.27
C PHE A 563 -12.67 -22.80 -26.80
N LEU A 564 -13.61 -23.01 -27.72
CA LEU A 564 -15.04 -22.88 -27.44
C LEU A 564 -15.55 -21.45 -27.36
N PRO A 565 -16.60 -21.15 -28.15
CA PRO A 565 -17.35 -19.90 -28.11
C PRO A 565 -18.19 -19.78 -26.85
N ASP A 566 -18.43 -18.56 -26.39
CA ASP A 566 -19.39 -18.33 -25.33
C ASP A 566 -20.77 -18.65 -25.88
N GLU A 567 -21.45 -19.59 -25.24
CA GLU A 567 -22.80 -19.93 -25.63
C GLU A 567 -23.80 -19.04 -24.93
N ASP A 568 -25.07 -19.13 -25.27
CA ASP A 568 -26.02 -18.34 -24.54
C ASP A 568 -26.35 -19.03 -23.19
N GLN A 569 -27.06 -20.17 -23.22
CA GLN A 569 -27.44 -20.89 -21.99
C GLN A 569 -28.76 -20.48 -21.34
N GLY A 570 -29.07 -19.18 -21.38
CA GLY A 570 -30.36 -18.66 -20.86
C GLY A 570 -30.33 -18.33 -19.39
N VAL A 571 -29.12 -18.14 -18.84
CA VAL A 571 -28.94 -17.79 -17.43
C VAL A 571 -27.96 -16.66 -17.28
N LEU A 572 -28.22 -15.82 -16.28
CA LEU A 572 -27.38 -14.66 -16.00
C LEU A 572 -27.17 -14.52 -14.49
N PHE A 573 -25.96 -14.12 -14.10
CA PHE A 573 -25.71 -13.76 -12.72
C PHE A 573 -25.58 -12.28 -12.61
N ALA A 574 -25.96 -11.78 -11.43
CA ALA A 574 -25.68 -10.42 -11.01
C ALA A 574 -25.13 -10.47 -9.59
N GLN A 575 -23.97 -9.85 -9.40
CA GLN A 575 -23.42 -9.61 -8.06
C GLN A 575 -23.89 -8.27 -7.52
N VAL A 576 -23.81 -8.13 -6.20
CA VAL A 576 -24.04 -6.85 -5.55
C VAL A 576 -23.03 -6.71 -4.43
N GLN A 577 -22.43 -5.53 -4.35
CA GLN A 577 -21.49 -5.24 -3.29
C GLN A 577 -21.73 -3.83 -2.81
N THR A 578 -22.69 -3.67 -1.90
CA THR A 578 -22.84 -2.44 -1.10
C THR A 578 -21.57 -2.21 -0.28
N PRO A 579 -21.19 -0.95 -0.04
CA PRO A 579 -19.82 -0.59 0.39
C PRO A 579 -19.33 -1.18 1.73
N PRO A 580 -18.03 -1.02 2.05
CA PRO A 580 -17.64 -1.74 3.26
C PRO A 580 -18.48 -1.30 4.48
N GLY A 581 -18.92 -2.24 5.31
CA GLY A 581 -19.65 -1.89 6.53
C GLY A 581 -21.18 -1.79 6.43
N SER A 582 -21.72 -1.77 5.21
CA SER A 582 -23.17 -1.75 5.01
C SER A 582 -23.95 -2.74 5.85
N SER A 583 -25.17 -2.33 6.23
CA SER A 583 -26.10 -3.20 6.92
C SER A 583 -26.90 -4.01 5.91
N ALA A 584 -27.70 -4.94 6.40
CA ALA A 584 -28.43 -5.81 5.52
C ALA A 584 -29.69 -5.16 4.92
N GLU A 585 -30.35 -4.22 5.61
CA GLU A 585 -31.49 -3.54 4.98
C GLU A 585 -30.96 -2.77 3.77
N ARG A 586 -29.69 -2.40 3.86
CA ARG A 586 -29.00 -1.56 2.88
C ARG A 586 -28.80 -2.38 1.58
N THR A 587 -28.22 -3.56 1.72
CA THR A 587 -28.06 -4.45 0.57
C THR A 587 -29.42 -4.80 -0.04
N GLN A 588 -30.42 -5.04 0.82
CA GLN A 588 -31.79 -5.35 0.39
C GLN A 588 -32.41 -4.37 -0.58
N VAL A 589 -32.27 -3.08 -0.30
CA VAL A 589 -32.79 -2.04 -1.17
C VAL A 589 -32.19 -2.16 -2.59
N VAL A 590 -30.85 -2.26 -2.65
CA VAL A 590 -30.11 -2.43 -3.91
C VAL A 590 -30.64 -3.62 -4.70
N VAL A 591 -30.85 -4.72 -3.99
CA VAL A 591 -31.22 -5.97 -4.64
C VAL A 591 -32.64 -5.84 -5.19
N ASP A 592 -33.52 -5.17 -4.42
CA ASP A 592 -34.89 -4.87 -4.87
C ASP A 592 -34.85 -4.00 -6.10
N SER A 593 -34.11 -2.90 -6.01
CA SER A 593 -33.94 -2.05 -7.16
C SER A 593 -33.71 -2.89 -8.42
N MET A 594 -32.66 -3.71 -8.37
CA MET A 594 -32.22 -4.53 -9.50
C MET A 594 -33.23 -5.57 -10.00
N ARG A 595 -33.82 -6.30 -9.07
CA ARG A 595 -34.84 -7.31 -9.39
C ARG A 595 -36.08 -6.65 -10.07
N GLU A 596 -36.43 -5.45 -9.61
CA GLU A 596 -37.49 -4.64 -10.22
C GLU A 596 -37.10 -4.28 -11.67
N TYR A 597 -36.01 -3.54 -11.82
CA TYR A 597 -35.54 -3.10 -13.13
C TYR A 597 -35.65 -4.21 -14.18
N LEU A 598 -35.23 -5.41 -13.81
CA LEU A 598 -35.27 -6.57 -14.71
C LEU A 598 -36.67 -7.08 -15.02
N LEU A 599 -37.48 -7.27 -13.99
CA LEU A 599 -38.82 -7.84 -14.19
C LEU A 599 -39.82 -6.94 -14.92
N GLU A 600 -39.63 -5.63 -14.82
CA GLU A 600 -40.51 -4.69 -15.52
C GLU A 600 -39.90 -4.25 -16.83
N LYS A 601 -38.67 -3.74 -16.73
CA LYS A 601 -38.00 -3.13 -17.88
C LYS A 601 -37.37 -4.11 -18.87
N GLU A 602 -37.28 -5.39 -18.50
CA GLU A 602 -36.68 -6.39 -19.36
C GLU A 602 -37.58 -7.61 -19.55
N SER A 603 -38.86 -7.44 -19.25
CA SER A 603 -39.76 -8.60 -19.17
C SER A 603 -39.67 -9.49 -20.40
N SER A 604 -39.24 -8.92 -21.52
CA SER A 604 -39.19 -9.63 -22.81
C SER A 604 -38.10 -10.71 -22.92
N SER A 605 -36.94 -10.48 -22.28
CA SER A 605 -35.90 -11.54 -22.13
C SER A 605 -36.01 -12.34 -20.83
N VAL A 606 -36.19 -11.64 -19.71
CA VAL A 606 -36.18 -12.25 -18.40
C VAL A 606 -37.47 -12.99 -18.01
N SER A 607 -37.30 -14.21 -17.50
CA SER A 607 -38.40 -15.04 -16.99
C SER A 607 -38.54 -15.04 -15.47
N SER A 608 -37.45 -14.78 -14.75
CA SER A 608 -37.49 -14.71 -13.27
C SER A 608 -36.15 -14.29 -12.63
N VAL A 609 -36.26 -13.59 -11.51
CA VAL A 609 -35.07 -13.27 -10.72
C VAL A 609 -35.20 -13.82 -9.30
N PHE A 610 -34.32 -14.76 -8.99
CA PHE A 610 -34.16 -15.30 -7.64
C PHE A 610 -32.94 -14.60 -7.04
N THR A 611 -33.14 -13.93 -5.92
CA THR A 611 -32.13 -13.04 -5.36
C THR A 611 -31.72 -13.57 -4.01
N VAL A 612 -30.42 -13.69 -3.77
CA VAL A 612 -29.92 -13.98 -2.41
C VAL A 612 -29.02 -12.89 -1.87
N THR A 613 -29.21 -12.61 -0.57
CA THR A 613 -28.47 -11.61 0.18
C THR A 613 -27.64 -12.42 1.15
N GLY A 614 -26.51 -11.89 1.58
CA GLY A 614 -25.67 -12.62 2.53
C GLY A 614 -24.61 -13.49 1.87
N PHE A 615 -24.69 -13.63 0.54
CA PHE A 615 -23.85 -14.53 -0.22
C PHE A 615 -23.65 -14.12 -1.69
N ASN A 616 -22.40 -14.21 -2.12
CA ASN A 616 -21.93 -13.89 -3.44
C ASN A 616 -20.95 -14.98 -3.81
N PHE A 617 -20.61 -15.05 -5.09
CA PHE A 617 -19.46 -15.87 -5.47
C PHE A 617 -18.19 -15.20 -4.99
N ALA A 618 -18.24 -13.88 -4.83
CA ALA A 618 -17.10 -13.06 -4.44
C ALA A 618 -16.88 -13.04 -2.93
N GLY A 619 -17.97 -12.80 -2.20
CA GLY A 619 -17.85 -12.85 -0.75
C GLY A 619 -19.14 -13.15 -0.05
N ARG A 620 -19.12 -12.97 1.28
CA ARG A 620 -20.33 -13.09 2.08
C ARG A 620 -20.21 -12.34 3.40
N GLY A 621 -21.24 -11.54 3.66
CA GLY A 621 -21.36 -10.62 4.79
C GLY A 621 -22.65 -9.90 4.45
N GLN A 622 -23.03 -8.90 5.23
CA GLN A 622 -24.28 -8.16 4.94
C GLN A 622 -24.18 -7.29 3.70
N SER A 623 -22.94 -7.07 3.27
CA SER A 623 -22.64 -6.16 2.18
C SER A 623 -22.83 -6.84 0.84
N SER A 624 -22.94 -8.18 0.86
CA SER A 624 -22.98 -9.00 -0.36
C SER A 624 -24.33 -9.61 -0.66
N GLY A 625 -24.55 -9.87 -1.94
CA GLY A 625 -25.75 -10.53 -2.41
C GLY A 625 -25.60 -10.76 -3.90
N MET A 626 -26.46 -11.60 -4.47
CA MET A 626 -26.42 -11.86 -5.90
C MET A 626 -27.83 -12.19 -6.39
N ALA A 627 -28.00 -12.23 -7.70
CA ALA A 627 -29.28 -12.57 -8.28
C ALA A 627 -29.13 -13.61 -9.39
N PHE A 628 -29.86 -14.71 -9.26
CA PHE A 628 -29.96 -15.74 -10.30
C PHE A 628 -31.03 -15.35 -11.33
N ILE A 629 -30.56 -14.84 -12.46
CA ILE A 629 -31.48 -14.35 -13.46
C ILE A 629 -31.66 -15.41 -14.51
N MET A 630 -32.89 -15.91 -14.58
CA MET A 630 -33.25 -16.97 -15.48
C MET A 630 -34.03 -16.35 -16.63
N LEU A 631 -33.44 -16.34 -17.83
CA LEU A 631 -34.11 -15.82 -19.04
C LEU A 631 -35.17 -16.80 -19.51
N LYS A 632 -36.01 -16.40 -20.46
CA LYS A 632 -37.02 -17.33 -20.92
C LYS A 632 -36.50 -18.27 -22.02
N PRO A 633 -37.32 -19.28 -22.37
CA PRO A 633 -36.86 -20.19 -23.39
C PRO A 633 -36.42 -19.40 -24.61
N TRP A 634 -35.61 -20.05 -25.41
CA TRP A 634 -34.91 -19.45 -26.53
C TRP A 634 -35.84 -18.87 -27.55
N GLU A 635 -36.79 -19.69 -27.99
CA GLU A 635 -37.77 -19.29 -29.00
C GLU A 635 -38.81 -18.30 -28.48
N GLU A 636 -38.49 -17.61 -27.39
CA GLU A 636 -39.40 -16.63 -26.84
C GLU A 636 -38.72 -15.28 -26.75
N ARG A 637 -37.42 -15.25 -27.05
CA ARG A 637 -36.59 -14.03 -26.93
C ARG A 637 -35.69 -13.88 -28.15
N PRO A 638 -36.26 -14.07 -29.35
CA PRO A 638 -35.55 -14.04 -30.64
C PRO A 638 -34.83 -12.71 -30.95
N GLY A 639 -33.77 -12.80 -31.75
CA GLY A 639 -33.04 -11.61 -32.19
C GLY A 639 -31.99 -11.20 -31.17
N GLY A 640 -30.86 -10.70 -31.66
CA GLY A 640 -29.73 -10.30 -30.82
C GLY A 640 -30.09 -9.35 -29.70
N GLU A 641 -31.26 -8.71 -29.83
CA GLU A 641 -31.80 -7.79 -28.82
C GLU A 641 -31.91 -8.49 -27.45
N ASN A 642 -32.62 -9.61 -27.44
CA ASN A 642 -32.92 -10.36 -26.22
C ASN A 642 -31.98 -11.55 -25.99
N SER A 643 -30.77 -11.44 -26.54
CA SER A 643 -29.69 -12.34 -26.22
C SER A 643 -29.16 -11.99 -24.84
N VAL A 644 -28.79 -13.02 -24.09
CA VAL A 644 -28.09 -12.90 -22.81
C VAL A 644 -26.88 -11.94 -22.80
N PHE A 645 -26.19 -11.74 -23.92
CA PHE A 645 -25.00 -10.88 -23.88
C PHE A 645 -25.36 -9.42 -23.98
N GLU A 646 -26.48 -9.17 -24.68
CA GLU A 646 -27.03 -7.85 -24.86
C GLU A 646 -27.73 -7.40 -23.58
N LEU A 647 -28.57 -8.29 -23.04
CA LEU A 647 -29.12 -8.15 -21.70
C LEU A 647 -28.01 -7.86 -20.68
N ALA A 648 -27.04 -8.76 -20.58
CA ALA A 648 -25.92 -8.52 -19.71
C ALA A 648 -25.39 -7.13 -19.93
N LYS A 649 -25.21 -6.76 -21.19
CA LYS A 649 -24.55 -5.51 -21.54
C LYS A 649 -25.32 -4.26 -21.11
N ARG A 650 -26.62 -4.30 -21.39
CA ARG A 650 -27.56 -3.24 -21.03
C ARG A 650 -27.58 -3.02 -19.50
N ALA A 651 -28.27 -3.88 -18.75
CA ALA A 651 -28.25 -3.84 -17.28
C ALA A 651 -26.94 -3.39 -16.65
N GLN A 652 -25.81 -3.83 -17.19
CA GLN A 652 -24.51 -3.44 -16.70
C GLN A 652 -24.36 -1.92 -16.70
N MET A 653 -25.00 -1.28 -17.68
CA MET A 653 -25.00 0.17 -17.85
C MET A 653 -25.99 0.83 -16.89
N HIS A 654 -27.15 0.21 -16.72
CA HIS A 654 -28.18 0.71 -15.82
C HIS A 654 -27.66 0.77 -14.38
N PHE A 655 -26.92 -0.24 -13.94
CA PHE A 655 -26.43 -0.27 -12.57
C PHE A 655 -25.18 0.58 -12.46
N PHE A 656 -24.62 0.98 -13.59
CA PHE A 656 -23.54 1.93 -13.57
C PHE A 656 -24.02 3.12 -12.77
N SER A 657 -25.28 3.53 -13.01
CA SER A 657 -25.89 4.72 -12.37
C SER A 657 -25.86 4.80 -10.82
N PHE A 658 -26.57 3.91 -10.10
CA PHE A 658 -26.45 3.89 -8.63
C PHE A 658 -24.96 3.82 -8.33
N LYS A 659 -24.39 4.88 -7.77
CA LYS A 659 -22.96 4.87 -7.42
C LYS A 659 -22.71 4.51 -5.95
N ASP A 660 -23.61 3.71 -5.38
CA ASP A 660 -23.57 3.35 -3.96
C ASP A 660 -23.42 1.85 -3.80
N ALA A 661 -23.20 1.17 -4.92
CA ALA A 661 -23.15 -0.28 -4.96
C ALA A 661 -22.54 -0.78 -6.28
N MET A 662 -21.39 -1.44 -6.16
CA MET A 662 -20.79 -2.18 -7.26
C MET A 662 -21.72 -3.32 -7.64
N VAL A 663 -22.49 -3.16 -8.71
CA VAL A 663 -23.36 -4.21 -9.26
C VAL A 663 -22.81 -4.70 -10.62
N PHE A 664 -22.59 -6.01 -10.78
CA PHE A 664 -21.89 -6.59 -11.94
C PHE A 664 -22.68 -7.76 -12.55
N ALA A 665 -23.13 -7.64 -13.80
CA ALA A 665 -23.89 -8.73 -14.43
C ALA A 665 -23.02 -9.45 -15.41
N PHE A 666 -22.90 -10.77 -15.24
CA PHE A 666 -22.09 -11.60 -16.11
C PHE A 666 -22.79 -12.95 -16.42
N ALA A 667 -22.41 -13.58 -17.52
CA ALA A 667 -22.90 -14.92 -17.88
C ALA A 667 -21.81 -15.97 -17.60
N PRO A 668 -22.20 -17.27 -17.60
CA PRO A 668 -21.16 -18.27 -17.35
C PRO A 668 -20.46 -18.74 -18.65
N PRO A 669 -19.27 -19.38 -18.54
CA PRO A 669 -18.58 -19.94 -19.71
C PRO A 669 -19.44 -21.03 -20.36
N SER A 670 -19.05 -21.50 -21.55
CA SER A 670 -19.89 -22.46 -22.29
C SER A 670 -19.89 -23.84 -21.64
N VAL A 671 -18.73 -24.19 -21.07
CA VAL A 671 -18.63 -25.35 -20.21
C VAL A 671 -18.68 -24.87 -18.75
N LEU A 672 -19.86 -25.00 -18.13
CA LEU A 672 -20.10 -24.53 -16.75
C LEU A 672 -19.16 -25.21 -15.76
N GLU A 673 -18.97 -26.50 -15.92
CA GLU A 673 -18.04 -27.32 -15.14
C GLU A 673 -16.73 -26.64 -14.61
N LEU A 674 -16.31 -25.52 -15.23
CA LEU A 674 -14.98 -24.95 -14.91
C LEU A 674 -14.86 -23.44 -14.60
N GLY A 675 -15.73 -22.97 -13.71
CA GLY A 675 -15.66 -21.63 -13.17
C GLY A 675 -17.07 -21.14 -13.34
N ASN A 676 -17.41 -20.03 -12.71
CA ASN A 676 -18.73 -19.46 -12.88
C ASN A 676 -18.70 -18.19 -13.77
N ALA A 677 -17.47 -17.74 -14.07
CA ALA A 677 -17.22 -16.58 -14.95
C ALA A 677 -16.19 -16.92 -16.08
N THR A 678 -16.29 -16.23 -17.24
CA THR A 678 -15.31 -16.32 -18.33
C THR A 678 -14.05 -15.49 -18.06
N GLY A 679 -13.03 -15.71 -18.87
CA GLY A 679 -11.83 -14.93 -18.81
C GLY A 679 -10.83 -15.63 -17.93
N PHE A 680 -9.84 -14.89 -17.44
CA PHE A 680 -8.78 -15.47 -16.63
C PHE A 680 -9.09 -15.43 -15.13
N ASP A 681 -8.11 -15.80 -14.31
CA ASP A 681 -8.32 -16.12 -12.90
C ASP A 681 -6.92 -16.28 -12.35
N LEU A 682 -6.51 -15.41 -11.43
CA LEU A 682 -5.21 -15.60 -10.80
C LEU A 682 -5.11 -15.18 -9.35
N PHE A 683 -4.03 -15.59 -8.71
CA PHE A 683 -3.87 -15.32 -7.29
C PHE A 683 -2.58 -14.59 -7.13
N LEU A 684 -2.67 -13.31 -6.78
CA LEU A 684 -1.52 -12.58 -6.22
C LEU A 684 -1.30 -13.22 -4.88
N GLN A 685 -0.06 -13.51 -4.55
CA GLN A 685 0.20 -14.21 -3.30
C GLN A 685 1.39 -13.58 -2.62
N ASP A 686 1.49 -13.76 -1.32
CA ASP A 686 2.59 -13.19 -0.55
C ASP A 686 3.59 -14.25 -0.03
N GLN A 687 4.66 -14.45 -0.79
CA GLN A 687 5.64 -15.50 -0.46
C GLN A 687 6.79 -15.07 0.47
N ALA A 688 6.97 -13.76 0.69
CA ALA A 688 8.14 -13.22 1.43
C ALA A 688 7.92 -13.09 2.95
N GLY A 689 6.75 -12.58 3.34
CA GLY A 689 6.40 -12.30 4.74
C GLY A 689 5.83 -10.89 4.91
N VAL A 690 5.63 -10.21 3.77
CA VAL A 690 5.07 -8.85 3.68
C VAL A 690 3.66 -8.71 4.28
N GLY A 691 3.21 -7.47 4.43
CA GLY A 691 1.94 -7.23 5.11
C GLY A 691 0.75 -7.76 4.34
N HIS A 692 -0.30 -8.12 5.08
CA HIS A 692 -1.62 -8.20 4.48
C HIS A 692 -1.82 -6.88 3.73
N GLU A 693 -1.18 -5.84 4.29
CA GLU A 693 -1.26 -4.46 3.81
C GLU A 693 -0.57 -4.35 2.48
N VAL A 694 0.68 -4.82 2.47
CA VAL A 694 1.52 -4.83 1.27
C VAL A 694 0.80 -5.51 0.09
N LEU A 695 0.17 -6.64 0.38
CA LEU A 695 -0.49 -7.47 -0.60
C LEU A 695 -1.73 -6.75 -1.15
N LEU A 696 -2.41 -6.01 -0.26
CA LEU A 696 -3.60 -5.24 -0.67
C LEU A 696 -3.16 -4.06 -1.55
N GLN A 697 -2.14 -3.33 -1.28
CA GLN A 697 -1.54 -2.38 -2.22
C GLN A 697 -1.22 -3.10 -3.53
N ALA A 698 -0.27 -4.17 -3.38
CA ALA A 698 -0.02 -5.05 -4.52
C ALA A 698 -1.21 -5.40 -5.40
N ARG A 699 -2.33 -5.81 -4.77
CA ARG A 699 -3.58 -6.05 -5.51
C ARG A 699 -4.13 -4.80 -6.20
N ASN A 700 -3.96 -3.65 -5.55
CA ASN A 700 -4.55 -2.41 -6.04
C ASN A 700 -3.77 -1.78 -7.18
N LYS A 701 -2.45 -1.72 -6.99
CA LYS A 701 -1.52 -1.43 -8.06
C LYS A 701 -1.99 -2.22 -9.24
N PHE A 702 -1.86 -3.55 -9.11
CA PHE A 702 -2.32 -4.49 -10.13
C PHE A 702 -3.65 -4.08 -10.76
N LEU A 703 -4.69 -3.99 -9.94
CA LEU A 703 -6.00 -3.69 -10.46
C LEU A 703 -6.05 -2.37 -11.23
N MET A 704 -5.28 -1.40 -10.78
CA MET A 704 -5.29 -0.07 -11.39
C MET A 704 -4.63 0.01 -12.79
N LEU A 705 -3.39 -0.46 -12.92
CA LEU A 705 -2.69 -0.47 -14.23
C LEU A 705 -3.19 -1.53 -15.22
N ALA A 706 -4.03 -2.44 -14.71
CA ALA A 706 -4.77 -3.39 -15.54
C ALA A 706 -6.06 -2.77 -16.11
N ALA A 707 -6.59 -1.76 -15.42
CA ALA A 707 -7.77 -1.04 -15.90
C ALA A 707 -7.38 -0.12 -17.07
N GLN A 708 -6.07 0.17 -17.16
CA GLN A 708 -5.45 0.93 -18.26
C GLN A 708 -5.15 0.02 -19.45
N ASN A 709 -4.43 -1.07 -19.19
CA ASN A 709 -4.01 -2.06 -20.20
C ASN A 709 -5.15 -2.41 -21.17
N PRO A 710 -4.93 -2.16 -22.47
CA PRO A 710 -6.01 -2.23 -23.47
C PRO A 710 -6.31 -3.64 -24.03
N ALA A 711 -5.53 -4.64 -23.61
CA ALA A 711 -5.77 -6.06 -23.90
C ALA A 711 -6.86 -6.60 -22.99
N LEU A 712 -7.07 -5.89 -21.87
CA LEU A 712 -7.90 -6.35 -20.76
C LEU A 712 -9.26 -5.64 -20.70
N GLN A 713 -10.16 -6.21 -19.89
CA GLN A 713 -11.54 -5.78 -19.79
C GLN A 713 -12.02 -6.32 -18.42
N ARG A 714 -13.22 -5.91 -18.02
CA ARG A 714 -13.76 -6.18 -16.67
C ARG A 714 -12.81 -6.94 -15.71
N VAL A 715 -11.63 -6.40 -15.48
CA VAL A 715 -10.72 -7.06 -14.54
C VAL A 715 -11.03 -6.55 -13.14
N ARG A 716 -11.32 -7.49 -12.24
CA ARG A 716 -11.88 -7.19 -10.91
C ARG A 716 -11.32 -8.15 -9.88
N PRO A 717 -11.50 -7.83 -8.58
CA PRO A 717 -11.07 -8.80 -7.60
C PRO A 717 -12.23 -9.73 -7.22
N ASN A 718 -11.90 -10.86 -6.60
CA ASN A 718 -12.92 -11.81 -6.21
C ASN A 718 -12.75 -12.10 -4.72
N GLY A 719 -12.02 -11.21 -4.06
CA GLY A 719 -12.01 -11.11 -2.60
C GLY A 719 -12.95 -10.00 -2.18
N MET A 720 -12.70 -9.44 -0.99
CA MET A 720 -13.55 -8.38 -0.46
C MET A 720 -12.71 -7.25 0.11
N SER A 721 -13.28 -6.03 0.11
CA SER A 721 -12.54 -4.82 0.55
C SER A 721 -12.40 -4.82 2.05
N ASP A 722 -11.18 -4.52 2.53
CA ASP A 722 -10.97 -4.26 3.95
C ASP A 722 -11.98 -3.29 4.52
N GLU A 723 -12.38 -3.52 5.76
CA GLU A 723 -13.39 -2.66 6.39
C GLU A 723 -13.15 -2.35 7.87
N PRO A 724 -13.89 -1.35 8.40
CA PRO A 724 -13.89 -1.00 9.81
C PRO A 724 -14.30 -2.18 10.66
N GLN A 725 -13.39 -2.59 11.54
CA GLN A 725 -13.65 -3.56 12.60
C GLN A 725 -13.51 -2.86 13.93
N TYR A 726 -14.10 -3.40 14.98
CA TYR A 726 -14.04 -2.77 16.29
C TYR A 726 -13.30 -3.65 17.29
N LYS A 727 -12.03 -3.34 17.54
CA LYS A 727 -11.24 -4.17 18.45
C LYS A 727 -11.54 -3.77 19.86
N LEU A 728 -11.94 -4.77 20.63
CA LEU A 728 -12.13 -4.69 22.06
C LEU A 728 -10.81 -5.00 22.76
N GLU A 729 -10.36 -4.10 23.62
CA GLU A 729 -9.20 -4.37 24.44
C GLU A 729 -9.66 -4.49 25.89
N ILE A 730 -9.33 -5.61 26.52
CA ILE A 730 -9.63 -5.80 27.95
C ILE A 730 -8.34 -5.60 28.76
N ASP A 731 -8.50 -5.25 30.02
CA ASP A 731 -7.41 -4.78 30.86
C ASP A 731 -7.19 -5.75 32.01
N ASP A 732 -6.31 -6.72 31.82
CA ASP A 732 -6.03 -7.70 32.86
C ASP A 732 -5.62 -7.03 34.15
N GLU A 733 -5.18 -5.77 34.03
CA GLU A 733 -4.85 -4.94 35.19
C GLU A 733 -6.12 -4.64 35.99
N LYS A 734 -7.03 -3.88 35.37
CA LYS A 734 -8.30 -3.45 35.99
C LYS A 734 -9.24 -4.57 36.43
N ALA A 735 -9.30 -5.64 35.65
CA ALA A 735 -10.16 -6.77 35.98
C ALA A 735 -9.52 -7.69 37.00
N SER A 736 -8.19 -7.68 37.05
CA SER A 736 -7.43 -8.40 38.07
C SER A 736 -7.92 -7.89 39.43
N ALA A 737 -7.70 -6.61 39.69
CA ALA A 737 -8.15 -5.99 40.92
C ALA A 737 -9.50 -5.36 40.63
N LEU A 738 -10.52 -6.20 40.72
CA LEU A 738 -11.92 -5.84 40.52
C LEU A 738 -12.68 -7.16 40.62
N GLY A 739 -11.90 -8.24 40.74
CA GLY A 739 -12.42 -9.57 41.06
C GLY A 739 -12.73 -10.53 39.91
N VAL A 740 -12.83 -9.98 38.70
CA VAL A 740 -13.34 -10.74 37.57
C VAL A 740 -12.27 -11.68 37.00
N SER A 741 -12.65 -12.96 36.81
CA SER A 741 -11.77 -13.96 36.20
C SER A 741 -11.90 -13.85 34.69
N LEU A 742 -10.77 -13.86 33.99
CA LEU A 742 -10.72 -13.72 32.52
C LEU A 742 -11.62 -14.73 31.80
N ALA A 743 -11.59 -15.97 32.29
CA ALA A 743 -12.43 -17.08 31.81
C ALA A 743 -13.90 -16.67 31.72
N ASP A 744 -14.38 -15.95 32.72
CA ASP A 744 -15.70 -15.34 32.73
C ASP A 744 -15.86 -14.18 31.76
N ILE A 745 -14.79 -13.43 31.54
CA ILE A 745 -14.82 -12.30 30.62
C ILE A 745 -14.97 -12.79 29.19
N ASN A 746 -14.13 -13.73 28.81
CA ASN A 746 -14.20 -14.32 27.49
C ASN A 746 -15.50 -15.05 27.25
N SER A 747 -16.00 -15.73 28.28
CA SER A 747 -17.24 -16.50 28.15
C SER A 747 -18.46 -15.61 27.91
N THR A 748 -18.48 -14.43 28.55
CA THR A 748 -19.59 -13.49 28.34
C THR A 748 -19.61 -12.96 26.91
N VAL A 749 -18.44 -12.84 26.31
CA VAL A 749 -18.32 -12.19 25.01
C VAL A 749 -18.77 -13.16 23.95
N SER A 750 -18.19 -14.37 24.01
CA SER A 750 -18.56 -15.44 23.11
C SER A 750 -20.07 -15.61 23.15
N ILE A 751 -20.61 -15.80 24.34
CA ILE A 751 -22.01 -16.08 24.46
C ILE A 751 -22.84 -14.88 24.06
N ALA A 752 -22.60 -13.75 24.70
CA ALA A 752 -23.43 -12.54 24.55
C ALA A 752 -23.55 -12.08 23.12
N TRP A 753 -22.40 -12.07 22.43
CA TRP A 753 -22.30 -11.52 21.06
C TRP A 753 -22.11 -12.57 19.96
N GLY A 754 -21.27 -13.56 20.22
CA GLY A 754 -20.93 -14.50 19.17
C GLY A 754 -21.91 -15.63 18.95
N SER A 755 -23.09 -15.57 19.58
CA SER A 755 -23.98 -16.73 19.62
C SER A 755 -23.33 -17.86 20.37
N SER A 756 -24.13 -18.81 20.81
CA SER A 756 -23.60 -20.07 21.28
C SER A 756 -24.48 -21.27 21.01
N TYR A 757 -23.83 -22.34 20.54
CA TYR A 757 -24.46 -23.61 20.33
C TYR A 757 -24.28 -24.40 21.65
N VAL A 758 -25.34 -24.46 22.46
CA VAL A 758 -25.25 -25.07 23.80
C VAL A 758 -25.45 -26.60 23.77
N ASN A 759 -26.50 -27.05 23.10
CA ASN A 759 -26.77 -28.47 22.94
C ASN A 759 -28.01 -28.60 22.06
N ASP A 760 -28.52 -29.82 21.87
CA ASP A 760 -29.61 -30.04 20.89
C ASP A 760 -30.97 -30.22 21.50
N PHE A 761 -31.97 -30.26 20.64
CA PHE A 761 -33.34 -30.41 21.07
C PHE A 761 -34.17 -31.03 19.95
N ILE A 762 -35.38 -31.45 20.27
CA ILE A 762 -36.24 -32.07 19.27
C ILE A 762 -37.27 -31.08 18.80
N ASP A 763 -37.59 -31.11 17.52
CA ASP A 763 -38.66 -30.32 16.95
C ASP A 763 -39.40 -31.15 15.87
N ARG A 764 -40.71 -31.33 16.06
CA ARG A 764 -41.50 -32.19 15.19
C ARG A 764 -40.74 -33.45 14.82
N GLY A 765 -39.97 -33.96 15.77
CA GLY A 765 -39.28 -35.25 15.63
C GLY A 765 -37.89 -35.23 15.01
N ARG A 766 -37.27 -34.07 15.00
CA ARG A 766 -35.97 -33.90 14.38
C ARG A 766 -35.02 -33.32 15.39
N VAL A 767 -33.74 -33.65 15.25
CA VAL A 767 -32.71 -33.02 16.09
C VAL A 767 -32.34 -31.71 15.44
N LYS A 768 -32.58 -30.62 16.14
CA LYS A 768 -32.17 -29.32 15.70
C LYS A 768 -31.39 -28.73 16.87
N ARG A 769 -31.04 -27.45 16.78
CA ARG A 769 -30.07 -26.92 17.73
C ARG A 769 -30.59 -25.80 18.60
N VAL A 770 -30.00 -25.65 19.78
CA VAL A 770 -30.35 -24.48 20.57
C VAL A 770 -29.22 -23.46 20.73
N TYR A 771 -29.52 -22.23 20.28
CA TYR A 771 -28.53 -21.15 20.26
C TYR A 771 -28.81 -20.04 21.26
N LEU A 772 -27.77 -19.71 22.03
CA LEU A 772 -27.83 -18.66 23.02
C LEU A 772 -27.08 -17.42 22.52
N GLN A 773 -27.69 -16.25 22.69
CA GLN A 773 -27.05 -15.00 22.28
C GLN A 773 -27.78 -13.77 22.81
N GLY A 774 -27.03 -12.70 23.00
CA GLY A 774 -27.62 -11.45 23.42
C GLY A 774 -28.71 -11.07 22.44
N ARG A 775 -29.80 -10.51 22.95
CA ARG A 775 -30.86 -9.96 22.11
C ARG A 775 -30.31 -8.84 21.21
N PRO A 776 -30.86 -8.69 19.99
CA PRO A 776 -30.48 -7.67 18.98
C PRO A 776 -29.99 -6.32 19.49
N ASP A 777 -30.83 -5.64 20.27
CA ASP A 777 -30.53 -4.27 20.72
C ASP A 777 -29.41 -4.08 21.76
N ALA A 778 -28.89 -5.15 22.37
CA ALA A 778 -27.77 -5.03 23.30
C ALA A 778 -26.45 -5.47 22.66
N ARG A 779 -26.42 -5.43 21.33
CA ARG A 779 -25.21 -5.73 20.54
C ARG A 779 -25.24 -5.10 19.15
N MET A 780 -25.51 -3.79 19.10
CA MET A 780 -25.63 -3.05 17.82
C MET A 780 -24.62 -1.89 17.65
N ASN A 781 -24.46 -1.09 18.71
CA ASN A 781 -23.48 0.00 18.80
C ASN A 781 -22.57 -0.26 19.98
N PRO A 782 -21.29 0.16 19.89
CA PRO A 782 -20.25 -0.24 20.86
C PRO A 782 -20.49 0.18 22.32
N ASP A 783 -21.59 0.90 22.55
CA ASP A 783 -22.04 1.28 23.89
C ASP A 783 -22.88 0.17 24.48
N ASP A 784 -23.80 -0.40 23.67
CA ASP A 784 -24.50 -1.65 23.99
C ASP A 784 -23.52 -2.68 24.58
N LEU A 785 -22.28 -2.63 24.12
CA LEU A 785 -21.25 -3.48 24.69
C LEU A 785 -20.96 -3.24 26.17
N SER A 786 -21.23 -2.03 26.66
CA SER A 786 -20.95 -1.72 28.07
C SER A 786 -22.06 -2.25 28.97
N LYS A 787 -23.27 -2.16 28.45
CA LYS A 787 -24.47 -2.72 29.02
C LYS A 787 -24.35 -4.15 29.64
N TRP A 788 -23.23 -4.83 29.38
CA TRP A 788 -23.04 -6.23 29.80
C TRP A 788 -22.27 -6.33 31.09
N TYR A 789 -22.78 -7.14 32.02
CA TYR A 789 -22.13 -7.32 33.33
C TYR A 789 -21.59 -8.72 33.54
N VAL A 790 -20.43 -8.79 34.19
CA VAL A 790 -19.73 -10.05 34.52
C VAL A 790 -19.68 -10.20 36.03
N ARG A 791 -20.06 -11.36 36.58
CA ARG A 791 -19.88 -11.58 38.02
C ARG A 791 -18.42 -11.77 38.39
N ASN A 792 -18.01 -11.10 39.47
CA ASN A 792 -16.63 -11.13 39.97
C ASN A 792 -16.45 -12.00 41.22
N ASP A 793 -15.21 -12.43 41.50
CA ASP A 793 -14.91 -13.47 42.52
C ASP A 793 -15.64 -13.37 43.88
N LYS A 794 -15.94 -12.15 44.31
CA LYS A 794 -16.70 -11.93 45.56
C LYS A 794 -18.16 -11.54 45.28
N GLY A 795 -18.71 -12.10 44.21
CA GLY A 795 -20.15 -12.11 43.98
C GLY A 795 -20.83 -10.88 43.42
N GLU A 796 -20.10 -10.01 42.73
CA GLU A 796 -20.69 -8.73 42.31
C GLU A 796 -20.58 -8.38 40.82
N MET A 797 -21.67 -7.83 40.31
CA MET A 797 -21.81 -7.52 38.89
C MET A 797 -21.02 -6.29 38.39
N VAL A 798 -19.85 -6.53 37.79
CA VAL A 798 -18.97 -5.49 37.21
C VAL A 798 -19.37 -5.17 35.74
N PRO A 799 -19.47 -3.87 35.36
CA PRO A 799 -19.78 -3.55 33.94
C PRO A 799 -18.56 -3.66 33.02
N PHE A 800 -18.78 -3.58 31.71
CA PHE A 800 -17.70 -3.90 30.77
C PHE A 800 -16.67 -2.79 30.65
N ASN A 801 -17.19 -1.56 30.60
CA ASN A 801 -16.36 -0.37 30.55
C ASN A 801 -15.54 -0.14 31.83
N ALA A 802 -15.66 -1.05 32.80
CA ALA A 802 -14.83 -0.99 33.99
C ALA A 802 -13.42 -1.45 33.64
N PHE A 803 -13.32 -2.33 32.65
CA PHE A 803 -12.05 -2.98 32.31
C PHE A 803 -11.87 -3.09 30.80
N ALA A 804 -12.78 -2.52 30.02
CA ALA A 804 -12.67 -2.64 28.57
C ALA A 804 -13.01 -1.38 27.82
N THR A 805 -12.16 -1.06 26.83
CA THR A 805 -12.44 -0.01 25.82
C THR A 805 -12.01 -0.45 24.44
N GLY A 806 -12.76 0.00 23.44
CA GLY A 806 -12.52 -0.41 22.06
C GLY A 806 -12.21 0.75 21.15
N LYS A 807 -11.33 0.48 20.16
CA LYS A 807 -10.92 1.45 19.14
C LYS A 807 -11.13 0.78 17.80
N TRP A 808 -11.47 1.55 16.77
CA TRP A 808 -11.55 0.98 15.42
C TRP A 808 -10.22 0.67 14.66
N GLU A 809 -10.23 -0.47 13.96
CA GLU A 809 -9.14 -0.93 13.12
C GLU A 809 -9.62 -1.29 11.72
N TYR A 810 -8.71 -1.82 10.92
CA TYR A 810 -9.02 -2.35 9.61
C TYR A 810 -8.62 -3.82 9.51
N GLY A 811 -9.40 -4.55 8.73
CA GLY A 811 -9.16 -5.96 8.53
C GLY A 811 -10.03 -6.42 7.40
N SER A 812 -9.75 -7.62 6.90
CA SER A 812 -10.51 -8.12 5.79
C SER A 812 -11.62 -9.00 6.30
N PRO A 813 -12.82 -8.81 5.74
CA PRO A 813 -14.04 -9.62 5.80
C PRO A 813 -13.93 -10.94 4.98
N LYS A 814 -12.84 -11.13 4.24
CA LYS A 814 -12.57 -12.40 3.55
C LYS A 814 -11.08 -12.67 3.39
N LEU A 815 -10.56 -13.70 4.05
CA LEU A 815 -9.14 -14.02 3.98
C LEU A 815 -8.78 -15.18 3.05
N GLU A 816 -8.72 -14.92 1.74
CA GLU A 816 -8.18 -15.87 0.75
C GLU A 816 -6.76 -16.38 1.05
N ARG A 817 -6.51 -17.64 0.77
CA ARG A 817 -5.14 -18.14 0.63
C ARG A 817 -4.97 -19.22 -0.45
N TYR A 818 -3.78 -19.17 -1.07
CA TYR A 818 -3.49 -20.00 -2.21
C TYR A 818 -2.21 -20.78 -1.98
N ASN A 819 -2.35 -22.08 -1.87
CA ASN A 819 -1.21 -22.90 -1.54
C ASN A 819 -0.51 -22.51 -0.24
N GLY A 820 -1.29 -22.44 0.85
CA GLY A 820 -0.76 -22.27 2.22
C GLY A 820 -0.06 -20.94 2.43
N VAL A 821 -0.56 -19.92 1.73
CA VAL A 821 0.15 -18.64 1.61
C VAL A 821 -0.85 -17.56 1.24
N PRO A 822 -0.84 -16.45 2.00
CA PRO A 822 -1.97 -15.52 1.90
C PRO A 822 -2.09 -14.99 0.49
N ALA A 823 -3.30 -14.75 0.03
CA ALA A 823 -3.43 -14.34 -1.36
C ALA A 823 -4.66 -13.48 -1.67
N MET A 824 -4.83 -13.24 -2.95
CA MET A 824 -5.92 -12.43 -3.43
C MET A 824 -6.19 -12.80 -4.87
N GLU A 825 -7.42 -13.25 -5.06
CA GLU A 825 -7.87 -13.66 -6.34
C GLU A 825 -8.34 -12.44 -7.09
N ILE A 826 -7.82 -12.32 -8.32
CA ILE A 826 -8.32 -11.39 -9.33
C ILE A 826 -8.80 -12.18 -10.53
N LEU A 827 -9.73 -11.59 -11.26
CA LEU A 827 -10.18 -12.17 -12.50
C LEU A 827 -10.72 -11.15 -13.47
N GLY A 828 -10.17 -11.14 -14.67
CA GLY A 828 -10.76 -10.40 -15.77
C GLY A 828 -10.90 -11.20 -17.05
N GLU A 829 -10.97 -10.47 -18.17
CA GLU A 829 -11.09 -11.06 -19.49
C GLU A 829 -10.17 -10.37 -20.50
N PRO A 830 -10.20 -10.83 -21.78
CA PRO A 830 -9.49 -10.05 -22.78
C PRO A 830 -10.41 -8.96 -23.33
N ALA A 831 -9.82 -7.92 -23.93
CA ALA A 831 -10.58 -6.79 -24.47
C ALA A 831 -11.20 -7.22 -25.80
N PRO A 832 -12.37 -6.65 -26.17
CA PRO A 832 -13.07 -7.19 -27.36
C PRO A 832 -12.13 -7.65 -28.49
N GLY A 833 -12.50 -8.75 -29.14
CA GLY A 833 -11.77 -9.25 -30.30
C GLY A 833 -10.35 -9.71 -30.07
N LEU A 834 -9.98 -10.00 -28.82
CA LEU A 834 -8.70 -10.69 -28.55
C LEU A 834 -8.83 -12.01 -27.80
N SER A 835 -7.74 -12.76 -27.80
CA SER A 835 -7.69 -14.07 -27.20
C SER A 835 -7.23 -13.98 -25.76
N SER A 836 -7.61 -14.98 -24.96
CA SER A 836 -7.01 -15.17 -23.65
C SER A 836 -5.49 -15.34 -23.81
N GLY A 837 -5.06 -15.68 -25.03
CA GLY A 837 -3.66 -15.67 -25.40
C GLY A 837 -3.10 -14.30 -25.07
N ASP A 838 -3.64 -13.29 -25.76
CA ASP A 838 -3.33 -11.87 -25.53
C ASP A 838 -3.40 -11.56 -24.03
N ALA A 839 -4.63 -11.39 -23.54
CA ALA A 839 -4.96 -11.14 -22.14
C ALA A 839 -3.93 -11.66 -21.10
N MET A 840 -3.42 -12.86 -21.31
CA MET A 840 -2.53 -13.45 -20.33
C MET A 840 -1.12 -12.88 -20.39
N ALA A 841 -0.68 -12.39 -21.55
CA ALA A 841 0.66 -11.81 -21.67
C ALA A 841 0.60 -10.48 -20.95
N ALA A 842 -0.42 -9.70 -21.31
CA ALA A 842 -0.80 -8.43 -20.64
C ALA A 842 -0.68 -8.50 -19.11
N VAL A 843 -1.20 -9.56 -18.51
CA VAL A 843 -1.08 -9.77 -17.07
C VAL A 843 0.36 -9.95 -16.59
N GLU A 844 1.15 -10.69 -17.35
CA GLU A 844 2.49 -11.03 -16.88
C GLU A 844 3.40 -9.82 -16.95
N GLU A 845 2.98 -8.84 -17.75
CA GLU A 845 3.58 -7.49 -17.73
C GLU A 845 3.11 -6.69 -16.52
N ILE A 846 1.80 -6.57 -16.34
CA ILE A 846 1.28 -5.99 -15.10
C ILE A 846 2.07 -6.57 -13.92
N VAL A 847 2.03 -7.89 -13.78
CA VAL A 847 2.68 -8.60 -12.67
C VAL A 847 4.16 -8.21 -12.50
N LYS A 848 4.82 -7.91 -13.62
CA LYS A 848 6.24 -7.69 -13.61
C LYS A 848 6.63 -6.59 -12.61
N GLN A 849 5.70 -5.66 -12.36
CA GLN A 849 5.94 -4.56 -11.43
C GLN A 849 5.01 -4.57 -10.21
N LEU A 850 5.15 -5.58 -9.37
CA LEU A 850 4.45 -5.63 -8.10
C LEU A 850 5.49 -5.86 -6.99
N PRO A 851 5.22 -5.36 -5.77
CA PRO A 851 6.18 -5.40 -4.68
C PRO A 851 7.09 -6.64 -4.65
N LYS A 852 8.33 -6.43 -4.25
CA LYS A 852 9.27 -7.51 -4.07
C LYS A 852 8.66 -8.42 -3.02
N GLY A 853 8.43 -9.68 -3.38
CA GLY A 853 7.89 -10.66 -2.45
C GLY A 853 6.42 -10.94 -2.66
N VAL A 854 5.92 -10.65 -3.86
CA VAL A 854 4.53 -10.89 -4.20
C VAL A 854 4.43 -11.64 -5.54
N GLY A 855 4.58 -12.96 -5.49
CA GLY A 855 4.38 -13.79 -6.67
C GLY A 855 2.92 -13.81 -7.12
N TYR A 856 2.63 -14.68 -8.07
CA TYR A 856 1.25 -14.93 -8.46
C TYR A 856 1.12 -16.37 -8.96
N SER A 857 -0.11 -16.77 -9.31
CA SER A 857 -0.43 -18.09 -9.90
C SER A 857 -1.73 -18.11 -10.68
N TRP A 858 -1.68 -18.72 -11.85
CA TRP A 858 -2.91 -19.00 -12.56
C TRP A 858 -3.56 -20.19 -11.91
N THR A 859 -4.85 -20.29 -12.12
CA THR A 859 -5.68 -21.20 -11.40
C THR A 859 -6.98 -21.18 -12.14
N GLY A 860 -7.70 -22.30 -12.05
CA GLY A 860 -8.95 -22.45 -12.77
C GLY A 860 -8.65 -22.56 -14.24
N LEU A 861 -9.64 -22.22 -15.06
CA LEU A 861 -9.51 -22.26 -16.53
C LEU A 861 -8.10 -21.89 -16.99
N SER A 862 -7.59 -20.83 -16.37
CA SER A 862 -6.34 -20.22 -16.77
C SER A 862 -5.15 -21.12 -16.60
N TYR A 863 -5.26 -22.14 -15.75
CA TYR A 863 -4.11 -22.98 -15.47
C TYR A 863 -3.83 -24.01 -16.56
N GLU A 864 -4.91 -24.57 -17.14
CA GLU A 864 -4.79 -25.53 -18.24
C GLU A 864 -4.22 -24.81 -19.47
N GLU A 865 -4.78 -23.63 -19.73
CA GLU A 865 -4.33 -22.75 -20.81
C GLU A 865 -2.86 -22.34 -20.64
N ARG A 866 -2.37 -22.30 -19.41
CA ARG A 866 -0.96 -22.07 -19.16
C ARG A 866 -0.14 -23.35 -19.36
N LEU A 867 -0.54 -24.43 -18.67
CA LEU A 867 0.17 -25.73 -18.70
C LEU A 867 0.60 -26.10 -20.13
N SER A 868 -0.36 -26.10 -21.05
CA SER A 868 -0.09 -26.18 -22.49
C SER A 868 -1.24 -25.58 -23.29
N GLY A 869 -1.19 -24.26 -23.52
CA GLY A 869 -2.07 -23.58 -24.48
C GLY A 869 -1.82 -24.33 -25.78
N SER A 870 -2.86 -24.99 -26.27
CA SER A 870 -2.71 -26.21 -27.10
C SER A 870 -2.12 -26.11 -28.55
N GLN A 871 -2.02 -27.29 -29.16
CA GLN A 871 -1.39 -27.51 -30.45
C GLN A 871 -2.38 -27.30 -31.60
N ALA A 872 -1.91 -27.59 -32.71
CA ALA A 872 -2.57 -27.26 -33.99
C ALA A 872 -1.44 -27.04 -35.00
N PRO A 873 -0.35 -26.38 -34.57
CA PRO A 873 0.90 -26.60 -35.27
C PRO A 873 1.25 -28.10 -35.33
N ALA A 874 1.26 -28.78 -34.19
CA ALA A 874 1.62 -30.19 -34.16
C ALA A 874 0.65 -31.01 -35.00
N LEU A 875 -0.65 -30.76 -34.81
CA LEU A 875 -1.71 -31.29 -35.68
C LEU A 875 -1.57 -30.50 -36.95
N TYR A 876 -2.26 -30.91 -38.01
CA TYR A 876 -2.03 -30.31 -39.32
C TYR A 876 -0.70 -30.83 -39.87
N ALA A 877 0.42 -30.55 -39.17
CA ALA A 877 1.71 -31.08 -39.59
C ALA A 877 1.62 -32.59 -39.61
N LEU A 878 1.14 -33.18 -38.51
CA LEU A 878 0.96 -34.62 -38.43
C LEU A 878 -0.05 -35.10 -39.45
N SER A 879 -1.20 -34.43 -39.51
CA SER A 879 -2.26 -34.88 -40.39
C SER A 879 -1.87 -34.76 -41.86
N LEU A 880 -1.06 -33.76 -42.20
CA LEU A 880 -0.62 -33.61 -43.59
C LEU A 880 0.47 -34.64 -43.93
N LEU A 881 1.49 -34.74 -43.07
CA LEU A 881 2.57 -35.68 -43.29
C LEU A 881 2.09 -37.11 -43.44
N VAL A 882 1.18 -37.54 -42.58
CA VAL A 882 0.61 -38.88 -42.70
C VAL A 882 -0.14 -39.06 -44.00
N VAL A 883 -0.95 -38.05 -44.35
CA VAL A 883 -1.74 -38.05 -45.60
C VAL A 883 -0.86 -38.11 -46.86
N PHE A 884 0.18 -37.27 -46.91
CA PHE A 884 1.19 -37.44 -47.95
C PHE A 884 1.57 -38.93 -48.11
N LEU A 885 2.18 -39.51 -47.07
CA LEU A 885 2.54 -40.92 -47.02
C LEU A 885 1.48 -41.89 -47.55
N CYS A 886 0.27 -41.82 -47.01
CA CYS A 886 -0.84 -42.58 -47.57
C CYS A 886 -1.01 -42.32 -49.08
N LEU A 887 -0.89 -41.06 -49.50
CA LEU A 887 -1.02 -40.71 -50.91
C LEU A 887 0.15 -41.16 -51.76
N ALA A 888 1.32 -41.32 -51.13
CA ALA A 888 2.49 -41.82 -51.81
C ALA A 888 2.25 -43.28 -52.07
N ALA A 889 1.78 -43.98 -51.05
CA ALA A 889 1.52 -45.40 -51.20
C ALA A 889 0.47 -45.65 -52.28
N LEU A 890 -0.61 -44.86 -52.27
CA LEU A 890 -1.73 -45.10 -53.16
C LEU A 890 -1.41 -44.81 -54.62
N TYR A 891 -0.58 -43.80 -54.87
CA TYR A 891 -0.23 -43.44 -56.23
C TYR A 891 1.05 -44.13 -56.67
N GLU A 892 1.68 -44.83 -55.73
CA GLU A 892 2.98 -45.46 -55.92
C GLU A 892 4.02 -44.48 -56.47
N SER A 893 4.27 -43.38 -55.75
CA SER A 893 5.11 -42.26 -56.22
C SER A 893 5.22 -41.16 -55.15
N TRP A 894 6.41 -40.59 -54.96
CA TRP A 894 6.57 -39.49 -54.01
C TRP A 894 6.44 -38.18 -54.72
N SER A 895 5.40 -37.97 -55.50
CA SER A 895 5.38 -36.73 -56.23
C SER A 895 3.97 -36.36 -56.55
N ILE A 896 3.33 -37.26 -57.29
CA ILE A 896 1.97 -37.04 -57.73
C ILE A 896 0.99 -36.83 -56.55
N PRO A 897 1.29 -37.39 -55.35
CA PRO A 897 0.66 -36.90 -54.11
C PRO A 897 0.61 -35.37 -54.02
N PHE A 898 1.72 -34.69 -54.27
CA PHE A 898 1.78 -33.21 -54.27
C PHE A 898 0.68 -32.52 -55.06
N SER A 899 0.30 -33.14 -56.17
CA SER A 899 -0.80 -32.63 -56.98
C SER A 899 -2.17 -32.60 -56.26
N VAL A 900 -2.26 -33.21 -55.08
CA VAL A 900 -3.51 -33.11 -54.30
C VAL A 900 -3.32 -32.33 -53.00
N MET A 901 -2.19 -32.55 -52.32
CA MET A 901 -1.83 -31.79 -51.10
C MET A 901 -2.04 -30.30 -51.29
N LEU A 902 -1.79 -29.83 -52.51
CA LEU A 902 -1.84 -28.41 -52.82
C LEU A 902 -3.25 -27.83 -52.96
N VAL A 903 -4.27 -28.60 -52.57
CA VAL A 903 -5.63 -28.08 -52.51
C VAL A 903 -6.02 -27.68 -51.07
N VAL A 904 -5.12 -27.98 -50.14
CA VAL A 904 -5.34 -27.64 -48.75
C VAL A 904 -5.55 -26.13 -48.67
N PRO A 905 -4.55 -25.34 -49.13
CA PRO A 905 -4.68 -23.88 -49.06
C PRO A 905 -5.92 -23.29 -49.72
N LEU A 906 -6.44 -23.90 -50.78
CA LEU A 906 -7.68 -23.43 -51.43
C LEU A 906 -8.93 -23.69 -50.57
N GLY A 907 -8.76 -24.56 -49.58
CA GLY A 907 -9.82 -24.80 -48.61
C GLY A 907 -9.69 -23.87 -47.43
N VAL A 908 -8.45 -23.67 -46.99
CA VAL A 908 -8.20 -22.86 -45.81
C VAL A 908 -8.66 -21.39 -45.94
N ILE A 909 -8.43 -20.72 -47.08
CA ILE A 909 -8.90 -19.33 -47.24
C ILE A 909 -10.43 -19.25 -47.21
N GLY A 910 -11.09 -20.18 -47.88
CA GLY A 910 -12.55 -20.22 -47.86
C GLY A 910 -13.02 -20.26 -46.43
N ALA A 911 -12.18 -20.86 -45.58
CA ALA A 911 -12.53 -21.04 -44.19
C ALA A 911 -12.23 -19.76 -43.40
N LEU A 912 -10.96 -19.35 -43.39
CA LEU A 912 -10.55 -18.13 -42.70
C LEU A 912 -11.32 -16.91 -43.16
N LEU A 913 -11.55 -16.77 -44.47
CA LEU A 913 -12.52 -15.76 -45.00
C LEU A 913 -13.95 -15.92 -44.46
N ALA A 914 -14.44 -17.14 -44.36
CA ALA A 914 -15.78 -17.35 -43.86
C ALA A 914 -15.86 -17.05 -42.36
N THR A 915 -14.89 -17.52 -41.54
CA THR A 915 -14.96 -17.27 -40.09
C THR A 915 -14.62 -15.84 -39.74
N SER A 916 -13.77 -15.19 -40.53
CA SER A 916 -13.45 -13.77 -40.34
C SER A 916 -14.63 -12.88 -40.73
N MET A 917 -15.05 -12.98 -41.99
CA MET A 917 -16.27 -12.31 -42.45
C MET A 917 -17.46 -12.53 -41.53
N ARG A 918 -17.48 -13.61 -40.76
CA ARG A 918 -18.61 -13.86 -39.85
C ARG A 918 -18.33 -13.43 -38.42
N GLY A 919 -17.11 -12.93 -38.21
CA GLY A 919 -16.67 -12.42 -36.92
C GLY A 919 -16.52 -13.47 -35.83
N LEU A 920 -15.93 -14.61 -36.18
CA LEU A 920 -15.80 -15.76 -35.29
C LEU A 920 -14.33 -16.00 -34.93
N SER A 921 -14.03 -17.10 -34.24
CA SER A 921 -12.66 -17.34 -33.79
C SER A 921 -12.03 -18.63 -34.36
N ASN A 922 -10.70 -18.60 -34.49
CA ASN A 922 -9.91 -19.82 -34.66
C ASN A 922 -10.01 -20.59 -33.34
N ASP A 923 -11.18 -21.17 -33.09
CA ASP A 923 -11.41 -22.06 -31.95
C ASP A 923 -11.28 -23.54 -32.35
N VAL A 924 -11.58 -24.44 -31.41
CA VAL A 924 -11.52 -25.88 -31.69
C VAL A 924 -12.46 -26.29 -32.83
N PHE A 925 -13.67 -25.76 -32.83
CA PHE A 925 -14.60 -26.03 -33.93
C PHE A 925 -14.08 -25.61 -35.29
N PHE A 926 -13.16 -24.67 -35.32
CA PHE A 926 -12.58 -24.21 -36.57
C PHE A 926 -11.62 -25.27 -37.03
N GLN A 927 -10.69 -25.62 -36.13
CA GLN A 927 -9.63 -26.57 -36.43
C GLN A 927 -10.19 -27.93 -36.79
N VAL A 928 -11.25 -28.29 -36.10
CA VAL A 928 -11.90 -29.55 -36.35
C VAL A 928 -12.56 -29.55 -37.73
N GLY A 929 -13.37 -28.55 -38.03
CA GLY A 929 -13.97 -28.40 -39.36
C GLY A 929 -12.97 -28.33 -40.50
N LEU A 930 -12.02 -27.40 -40.40
CA LEU A 930 -10.94 -27.25 -41.38
C LEU A 930 -10.31 -28.60 -41.78
N LEU A 931 -10.02 -29.48 -40.80
CA LEU A 931 -9.54 -30.86 -41.08
C LEU A 931 -10.48 -31.66 -41.95
N THR A 932 -11.78 -31.54 -41.67
CA THR A 932 -12.78 -32.27 -42.42
C THR A 932 -13.03 -31.65 -43.79
N THR A 933 -12.83 -30.34 -43.92
CA THR A 933 -12.86 -29.68 -45.24
C THR A 933 -11.74 -30.28 -46.10
N ILE A 934 -10.49 -30.20 -45.61
CA ILE A 934 -9.33 -30.73 -46.34
C ILE A 934 -9.43 -32.27 -46.52
N GLY A 935 -10.21 -32.93 -45.69
CA GLY A 935 -10.53 -34.34 -45.95
C GLY A 935 -11.24 -34.53 -47.29
N LEU A 936 -12.54 -34.19 -47.33
CA LEU A 936 -13.37 -34.22 -48.54
C LEU A 936 -12.75 -33.57 -49.80
N SER A 937 -12.15 -32.39 -49.65
CA SER A 937 -11.49 -31.72 -50.77
C SER A 937 -10.39 -32.59 -51.38
N ALA A 938 -9.57 -33.20 -50.51
CA ALA A 938 -8.63 -34.26 -50.88
C ALA A 938 -9.30 -35.36 -51.68
N LYS A 939 -10.23 -36.10 -51.07
CA LYS A 939 -10.96 -37.19 -51.76
C LYS A 939 -11.39 -36.77 -53.17
N ASN A 940 -12.15 -35.69 -53.25
CA ASN A 940 -12.51 -35.08 -54.52
C ASN A 940 -11.31 -35.03 -55.50
N ALA A 941 -10.19 -34.45 -55.05
CA ALA A 941 -8.96 -34.35 -55.85
C ALA A 941 -8.24 -35.69 -56.14
N ILE A 942 -8.25 -36.63 -55.19
CA ILE A 942 -7.62 -37.93 -55.42
C ILE A 942 -8.17 -38.48 -56.73
N LEU A 943 -9.49 -38.43 -56.85
CA LEU A 943 -10.24 -39.09 -57.94
C LEU A 943 -9.95 -38.53 -59.34
N ILE A 944 -9.69 -37.23 -59.42
CA ILE A 944 -9.27 -36.58 -60.66
C ILE A 944 -7.82 -36.99 -60.98
N VAL A 945 -6.86 -36.63 -60.12
CA VAL A 945 -5.47 -37.11 -60.24
C VAL A 945 -5.35 -38.65 -60.45
N GLU A 946 -6.37 -39.40 -60.03
CA GLU A 946 -6.48 -40.82 -60.35
C GLU A 946 -6.82 -41.07 -61.82
N PHE A 947 -8.10 -40.96 -62.17
CA PHE A 947 -8.59 -41.07 -63.57
C PHE A 947 -7.61 -40.43 -64.55
N ALA A 948 -6.85 -39.45 -64.08
CA ALA A 948 -5.89 -38.73 -64.92
C ALA A 948 -4.66 -39.56 -65.20
N LYS A 949 -4.02 -40.06 -64.13
CA LYS A 949 -2.80 -40.89 -64.26
C LYS A 949 -3.07 -42.11 -65.12
N GLU A 950 -4.27 -42.69 -64.94
CA GLU A 950 -4.72 -43.83 -65.72
C GLU A 950 -4.46 -43.63 -67.20
N LEU A 951 -5.01 -42.55 -67.75
CA LEU A 951 -4.87 -42.26 -69.16
C LEU A 951 -3.45 -41.77 -69.51
N HIS A 952 -2.46 -42.20 -68.73
CA HIS A 952 -1.14 -42.44 -69.25
C HIS A 952 -1.16 -43.92 -69.62
N GLU A 953 -2.22 -44.28 -70.38
CA GLU A 953 -2.48 -45.60 -70.99
C GLU A 953 -1.73 -45.74 -72.31
N GLN A 954 -2.19 -45.03 -73.34
CA GLN A 954 -1.34 -44.77 -74.51
C GLN A 954 -0.62 -43.42 -74.29
N GLY A 955 0.08 -43.34 -73.16
CA GLY A 955 1.02 -42.25 -72.82
C GLY A 955 0.55 -40.82 -72.98
N LYS A 956 -0.77 -40.63 -73.00
CA LYS A 956 -1.44 -39.36 -73.34
C LYS A 956 -0.80 -38.09 -72.77
N GLY A 957 0.24 -37.61 -73.47
CA GLY A 957 0.92 -36.33 -73.17
C GLY A 957 0.22 -35.52 -72.11
N ILE A 958 0.67 -35.75 -70.87
CA ILE A 958 0.08 -35.21 -69.62
C ILE A 958 -1.22 -34.39 -69.76
N VAL A 959 -1.13 -33.21 -70.39
CA VAL A 959 -2.28 -32.30 -70.68
C VAL A 959 -3.58 -32.94 -71.19
N GLU A 960 -3.54 -33.58 -72.35
CA GLU A 960 -4.76 -34.13 -72.92
C GLU A 960 -5.38 -35.09 -71.92
N ALA A 961 -4.51 -35.84 -71.22
CA ALA A 961 -4.92 -36.79 -70.19
C ALA A 961 -5.72 -36.09 -69.11
N ALA A 962 -5.17 -34.98 -68.60
CA ALA A 962 -5.75 -34.21 -67.49
C ALA A 962 -7.14 -33.63 -67.84
N ILE A 963 -7.26 -33.01 -69.01
CA ILE A 963 -8.55 -32.47 -69.45
C ILE A 963 -9.61 -33.57 -69.48
N GLU A 964 -9.26 -34.67 -70.15
CA GLU A 964 -10.16 -35.79 -70.30
C GLU A 964 -10.69 -36.05 -68.91
N ALA A 965 -9.75 -36.35 -67.99
CA ALA A 965 -10.02 -36.59 -66.58
C ALA A 965 -11.06 -35.64 -65.98
N CYS A 966 -10.71 -34.34 -65.99
CA CYS A 966 -11.52 -33.28 -65.43
C CYS A 966 -12.91 -33.34 -65.95
N ARG A 967 -13.06 -33.60 -67.24
CA ARG A 967 -14.38 -33.57 -67.82
C ARG A 967 -15.29 -34.62 -67.17
N MET A 968 -14.83 -35.87 -67.06
CA MET A 968 -15.70 -36.94 -66.61
C MET A 968 -16.04 -36.68 -65.17
N ARG A 969 -15.01 -36.30 -64.42
CA ARG A 969 -15.06 -36.04 -62.97
C ARG A 969 -15.89 -34.83 -62.50
N LEU A 970 -16.31 -33.95 -63.42
CA LEU A 970 -17.04 -32.73 -63.06
C LEU A 970 -18.39 -32.99 -62.44
N ARG A 971 -19.30 -33.67 -63.17
CA ARG A 971 -20.66 -33.92 -62.63
C ARG A 971 -20.70 -34.49 -61.19
N PRO A 972 -19.84 -35.52 -60.89
CA PRO A 972 -19.81 -36.09 -59.55
C PRO A 972 -19.16 -35.14 -58.52
N ILE A 973 -17.94 -34.65 -58.78
CA ILE A 973 -17.31 -33.64 -57.89
C ILE A 973 -18.31 -32.59 -57.43
N VAL A 974 -18.98 -32.00 -58.40
CA VAL A 974 -19.97 -30.98 -58.11
C VAL A 974 -21.11 -31.49 -57.25
N MET A 975 -21.63 -32.68 -57.56
CA MET A 975 -22.70 -33.26 -56.74
C MET A 975 -22.25 -33.55 -55.31
N THR A 976 -21.13 -34.27 -55.20
CA THR A 976 -20.42 -34.51 -53.93
C THR A 976 -20.32 -33.20 -53.15
N SER A 977 -19.60 -32.21 -53.70
CA SER A 977 -19.37 -30.95 -52.99
C SER A 977 -20.65 -30.21 -52.62
N LEU A 978 -21.65 -30.26 -53.49
CA LEU A 978 -22.92 -29.62 -53.22
C LEU A 978 -23.74 -30.37 -52.15
N ALA A 979 -23.47 -31.67 -52.00
CA ALA A 979 -24.12 -32.48 -50.95
C ALA A 979 -23.59 -32.12 -49.56
N PHE A 980 -22.28 -31.95 -49.48
CA PHE A 980 -21.65 -31.61 -48.23
C PHE A 980 -22.07 -30.24 -47.71
N ILE A 981 -21.96 -29.21 -48.55
CA ILE A 981 -22.27 -27.83 -48.09
C ILE A 981 -23.75 -27.53 -47.89
N LEU A 982 -24.63 -28.20 -48.64
CA LEU A 982 -26.06 -28.10 -48.34
C LEU A 982 -26.46 -28.98 -47.16
N GLY A 983 -25.57 -29.89 -46.78
CA GLY A 983 -25.79 -30.69 -45.59
C GLY A 983 -25.42 -29.90 -44.36
N VAL A 984 -24.54 -28.90 -44.52
CA VAL A 984 -23.97 -28.14 -43.40
C VAL A 984 -24.71 -26.83 -43.18
N VAL A 985 -25.16 -26.20 -44.27
CA VAL A 985 -26.08 -25.05 -44.19
C VAL A 985 -26.96 -25.13 -42.94
N PRO A 986 -27.80 -26.21 -42.80
CA PRO A 986 -28.74 -26.19 -41.67
C PRO A 986 -28.12 -25.81 -40.31
N LEU A 987 -26.86 -26.18 -40.08
CA LEU A 987 -26.21 -25.83 -38.82
C LEU A 987 -25.42 -24.51 -38.85
N ALA A 988 -25.12 -24.03 -40.04
CA ALA A 988 -24.58 -22.68 -40.22
C ALA A 988 -25.71 -21.64 -39.97
N ILE A 989 -26.95 -21.99 -40.33
CA ILE A 989 -28.12 -21.10 -40.20
C ILE A 989 -28.92 -21.36 -38.90
N SER A 990 -28.55 -22.39 -38.13
CA SER A 990 -29.34 -22.78 -36.93
C SER A 990 -29.45 -21.68 -35.89
N THR A 991 -30.55 -21.67 -35.14
CA THR A 991 -30.72 -20.70 -34.07
C THR A 991 -31.56 -21.27 -32.95
N GLY A 992 -31.02 -21.21 -31.74
CA GLY A 992 -31.61 -21.82 -30.56
C GLY A 992 -30.44 -22.13 -29.65
N ALA A 993 -30.62 -23.12 -28.79
CA ALA A 993 -29.55 -23.49 -27.85
C ALA A 993 -28.34 -24.07 -28.53
N GLY A 994 -27.17 -23.60 -28.15
CA GLY A 994 -25.94 -24.12 -28.69
C GLY A 994 -25.72 -23.82 -30.16
N SER A 995 -26.43 -22.80 -30.66
CA SER A 995 -26.14 -22.27 -31.99
C SER A 995 -24.76 -21.52 -32.08
N GLY A 996 -24.22 -21.08 -30.96
CA GLY A 996 -22.90 -20.47 -30.99
C GLY A 996 -21.89 -21.48 -31.48
N SER A 997 -21.96 -22.68 -30.90
CA SER A 997 -21.15 -23.83 -31.29
C SER A 997 -21.45 -24.17 -32.75
N GLN A 998 -22.73 -24.46 -33.05
CA GLN A 998 -23.13 -24.79 -34.43
C GLN A 998 -22.53 -23.89 -35.52
N HIS A 999 -22.34 -22.60 -35.21
CA HIS A 999 -21.90 -21.66 -36.23
C HIS A 999 -20.43 -21.69 -36.30
N ALA A 1000 -19.81 -21.92 -35.15
CA ALA A 1000 -18.36 -22.03 -35.10
C ALA A 1000 -17.87 -23.10 -36.10
N ILE A 1001 -18.49 -24.29 -36.03
CA ILE A 1001 -18.21 -25.41 -36.93
C ILE A 1001 -18.71 -25.14 -38.37
N GLY A 1002 -19.98 -24.74 -38.50
CA GLY A 1002 -20.65 -24.57 -39.80
C GLY A 1002 -20.07 -23.63 -40.85
N THR A 1003 -19.91 -22.36 -40.49
CA THR A 1003 -19.34 -21.38 -41.41
C THR A 1003 -17.92 -21.80 -41.80
N GLY A 1004 -17.09 -22.13 -40.80
CA GLY A 1004 -15.74 -22.68 -41.00
C GLY A 1004 -15.59 -23.69 -42.13
N VAL A 1005 -16.61 -24.52 -42.32
CA VAL A 1005 -16.61 -25.43 -43.48
C VAL A 1005 -17.29 -24.80 -44.70
N ILE A 1006 -18.61 -24.57 -44.69
CA ILE A 1006 -19.32 -24.05 -45.87
C ILE A 1006 -18.45 -23.09 -46.70
N GLY A 1007 -17.83 -22.14 -46.01
CA GLY A 1007 -16.88 -21.24 -46.63
C GLY A 1007 -15.73 -22.04 -47.21
N GLY A 1008 -14.94 -22.64 -46.33
CA GLY A 1008 -13.78 -23.46 -46.72
C GLY A 1008 -14.05 -24.53 -47.76
N MET A 1009 -15.31 -24.89 -47.97
CA MET A 1009 -15.72 -25.74 -49.06
C MET A 1009 -15.85 -24.94 -50.36
N VAL A 1010 -16.91 -24.16 -50.54
CA VAL A 1010 -17.06 -23.43 -51.81
C VAL A 1010 -15.71 -23.02 -52.39
N THR A 1011 -14.81 -22.44 -51.59
CA THR A 1011 -13.48 -22.11 -52.11
C THR A 1011 -12.67 -23.32 -52.54
N ALA A 1012 -12.45 -24.28 -51.64
CA ALA A 1012 -11.74 -25.54 -51.99
C ALA A 1012 -12.31 -26.26 -53.21
N THR A 1013 -13.56 -26.00 -53.58
CA THR A 1013 -14.19 -26.79 -54.65
C THR A 1013 -14.30 -26.06 -56.00
N VAL A 1014 -15.00 -24.93 -56.03
CA VAL A 1014 -15.04 -24.12 -57.25
C VAL A 1014 -13.73 -23.35 -57.38
N LEU A 1015 -12.63 -24.01 -57.05
CA LEU A 1015 -11.31 -23.42 -57.20
C LEU A 1015 -10.34 -24.51 -57.60
N ALA A 1016 -10.52 -25.72 -57.03
CA ALA A 1016 -9.58 -26.85 -57.27
C ALA A 1016 -9.84 -27.57 -58.59
N ILE A 1017 -11.10 -27.55 -59.01
CA ILE A 1017 -11.49 -28.00 -60.35
C ILE A 1017 -10.63 -27.36 -61.45
N PHE A 1018 -10.14 -26.14 -61.22
CA PHE A 1018 -9.15 -25.57 -62.10
C PHE A 1018 -7.76 -25.94 -61.67
N TRP A 1019 -7.38 -25.68 -60.42
CA TRP A 1019 -5.95 -25.74 -60.07
C TRP A 1019 -5.30 -27.14 -60.06
N VAL A 1020 -6.10 -28.17 -59.82
CA VAL A 1020 -5.62 -29.56 -59.72
C VAL A 1020 -5.00 -30.04 -61.05
N PRO A 1021 -5.78 -30.01 -62.16
CA PRO A 1021 -5.19 -30.43 -63.42
C PRO A 1021 -3.83 -29.75 -63.62
N LEU A 1022 -3.81 -28.43 -63.41
CA LEU A 1022 -2.57 -27.68 -63.45
C LEU A 1022 -1.53 -28.36 -62.59
N PHE A 1023 -1.87 -28.62 -61.33
CA PHE A 1023 -0.96 -29.27 -60.37
C PHE A 1023 -0.44 -30.64 -60.78
N TYR A 1024 -1.33 -31.48 -61.31
CA TYR A 1024 -0.96 -32.74 -61.95
C TYR A 1024 -0.04 -32.52 -63.12
N VAL A 1025 -0.32 -31.51 -63.95
CA VAL A 1025 0.41 -31.27 -65.20
C VAL A 1025 1.82 -30.74 -64.96
N ALA A 1026 1.93 -29.73 -64.10
CA ALA A 1026 3.17 -29.46 -63.38
C ALA A 1026 3.38 -30.68 -62.49
N VAL A 1027 4.52 -30.79 -61.83
CA VAL A 1027 4.91 -32.02 -61.07
C VAL A 1027 5.04 -33.26 -61.98
N SER A 1028 4.15 -33.40 -62.97
CA SER A 1028 4.25 -34.47 -63.94
C SER A 1028 5.47 -34.23 -64.82
N THR A 1029 5.85 -32.96 -64.93
CA THR A 1029 7.00 -32.50 -65.72
C THR A 1029 8.21 -32.22 -64.79
N LEU A 1030 8.50 -33.19 -63.94
CA LEU A 1030 9.55 -33.12 -62.94
C LEU A 1030 9.70 -34.50 -62.30
N MET B 1 -12.27 -72.53 -41.82
CA MET B 1 -11.64 -73.51 -40.89
C MET B 1 -12.17 -74.88 -41.26
N SER B 2 -12.13 -75.78 -40.28
CA SER B 2 -12.61 -77.18 -40.47
C SER B 2 -11.85 -77.81 -41.62
N LYS B 3 -12.27 -77.50 -42.85
CA LYS B 3 -11.51 -77.91 -44.02
C LYS B 3 -10.00 -77.66 -43.77
N PHE B 4 -9.66 -76.45 -43.32
CA PHE B 4 -8.26 -76.07 -43.05
C PHE B 4 -7.63 -76.90 -41.94
N PHE B 5 -8.36 -77.15 -40.85
CA PHE B 5 -7.89 -77.98 -39.75
C PHE B 5 -8.04 -79.49 -40.05
N ILE B 6 -8.94 -79.85 -40.99
CA ILE B 6 -9.11 -81.26 -41.36
C ILE B 6 -7.75 -81.75 -41.91
N ASP B 7 -7.03 -80.84 -42.55
CA ASP B 7 -5.71 -81.11 -43.09
C ASP B 7 -4.56 -80.86 -42.08
N ARG B 8 -4.91 -80.26 -40.95
CA ARG B 8 -3.93 -79.84 -39.97
C ARG B 8 -4.34 -80.35 -38.60
N PRO B 9 -4.38 -81.69 -38.46
CA PRO B 9 -4.80 -82.32 -37.22
C PRO B 9 -3.95 -81.92 -36.05
N ILE B 10 -2.69 -81.53 -36.31
CA ILE B 10 -1.73 -81.21 -35.22
C ILE B 10 -1.94 -79.82 -34.70
N PHE B 11 -1.96 -78.85 -35.59
CA PHE B 11 -2.45 -77.53 -35.23
C PHE B 11 -3.77 -77.67 -34.45
N ALA B 12 -4.75 -78.29 -35.11
CA ALA B 12 -6.00 -78.59 -34.46
C ALA B 12 -5.73 -79.08 -33.03
N TRP B 13 -4.97 -80.17 -32.90
CA TRP B 13 -4.65 -80.79 -31.61
C TRP B 13 -4.00 -79.79 -30.69
N VAL B 14 -3.10 -78.96 -31.21
CA VAL B 14 -2.46 -77.93 -30.38
C VAL B 14 -3.52 -77.02 -29.75
N ILE B 15 -4.38 -76.42 -30.58
CA ILE B 15 -5.48 -75.54 -30.12
C ILE B 15 -6.27 -76.22 -28.99
N ALA B 16 -6.51 -77.52 -29.14
CA ALA B 16 -7.06 -78.30 -28.05
C ALA B 16 -6.21 -78.16 -26.80
N LEU B 17 -4.95 -78.62 -26.88
CA LEU B 17 -3.98 -78.56 -25.79
C LEU B 17 -3.89 -77.24 -25.00
N VAL B 18 -3.62 -76.13 -25.69
CA VAL B 18 -3.66 -74.82 -25.07
C VAL B 18 -4.98 -74.57 -24.34
N ILE B 19 -6.14 -74.73 -24.99
CA ILE B 19 -7.37 -74.52 -24.20
C ILE B 19 -7.50 -75.54 -23.06
N MET B 20 -7.00 -76.74 -23.26
CA MET B 20 -7.02 -77.74 -22.20
C MET B 20 -6.19 -77.26 -21.03
N LEU B 21 -4.95 -76.86 -21.30
CA LEU B 21 -4.07 -76.26 -20.31
C LEU B 21 -4.67 -75.09 -19.56
N ALA B 22 -5.12 -74.06 -20.29
CA ALA B 22 -5.75 -72.86 -19.69
C ALA B 22 -6.84 -73.31 -18.76
N GLY B 23 -7.70 -74.21 -19.23
CA GLY B 23 -8.66 -74.85 -18.36
C GLY B 23 -8.05 -75.22 -17.02
N GLY B 24 -7.07 -76.12 -17.04
CA GLY B 24 -6.49 -76.73 -15.86
C GLY B 24 -5.96 -75.73 -14.85
N LEU B 25 -4.96 -74.96 -15.26
CA LEU B 25 -4.37 -73.91 -14.43
C LEU B 25 -5.47 -73.10 -13.74
N SER B 26 -6.41 -72.57 -14.54
CA SER B 26 -7.65 -72.00 -14.03
C SER B 26 -8.37 -72.93 -13.05
N ILE B 27 -8.90 -74.04 -13.58
CA ILE B 27 -9.67 -75.02 -12.80
C ILE B 27 -9.08 -75.16 -11.42
N LEU B 28 -7.75 -75.18 -11.32
CA LEU B 28 -7.11 -75.29 -10.02
C LEU B 28 -6.54 -73.96 -9.55
N SER B 29 -7.43 -73.10 -9.08
CA SER B 29 -7.11 -71.81 -8.41
C SER B 29 -8.25 -70.79 -8.58
N LEU B 30 -9.41 -71.27 -9.04
CA LEU B 30 -10.61 -70.47 -8.97
C LEU B 30 -11.08 -70.45 -7.52
N PRO B 31 -11.41 -69.26 -7.02
CA PRO B 31 -12.12 -69.27 -5.75
C PRO B 31 -13.25 -70.34 -5.73
N VAL B 32 -13.45 -70.99 -4.59
CA VAL B 32 -14.52 -71.95 -4.48
C VAL B 32 -15.31 -71.54 -3.27
N ASN B 33 -16.63 -71.48 -3.43
CA ASN B 33 -17.52 -70.96 -2.39
C ASN B 33 -18.93 -71.23 -2.82
N GLN B 34 -19.87 -71.10 -1.90
CA GLN B 34 -21.18 -71.64 -2.17
C GLN B 34 -21.95 -70.78 -3.14
N TYR B 35 -22.13 -69.52 -2.77
CA TYR B 35 -22.84 -68.54 -3.60
C TYR B 35 -21.94 -67.34 -3.88
N PRO B 36 -22.06 -66.75 -5.08
CA PRO B 36 -21.51 -65.43 -5.30
C PRO B 36 -22.28 -64.38 -4.46
N ALA B 37 -22.00 -63.09 -4.64
CA ALA B 37 -22.73 -62.02 -3.93
C ALA B 37 -24.14 -61.63 -4.49
N ILE B 38 -25.15 -62.46 -4.24
CA ILE B 38 -26.50 -62.18 -4.71
C ILE B 38 -27.06 -60.88 -4.10
N ALA B 39 -27.03 -60.80 -2.77
CA ALA B 39 -27.55 -59.65 -2.02
C ALA B 39 -26.96 -58.31 -2.48
N PRO B 40 -27.77 -57.24 -2.39
CA PRO B 40 -27.24 -55.95 -2.70
C PRO B 40 -26.39 -55.50 -1.51
N PRO B 41 -25.10 -55.16 -1.74
CA PRO B 41 -24.13 -55.02 -0.65
C PRO B 41 -24.53 -53.94 0.36
N ALA B 42 -24.28 -54.18 1.65
CA ALA B 42 -24.76 -53.33 2.75
C ALA B 42 -23.74 -53.13 3.85
N ILE B 43 -23.68 -51.92 4.35
CA ILE B 43 -22.77 -51.61 5.42
C ILE B 43 -23.61 -51.33 6.68
N ALA B 44 -23.12 -51.80 7.84
CA ALA B 44 -23.83 -51.58 9.09
C ALA B 44 -22.98 -50.81 10.08
N VAL B 45 -23.57 -49.73 10.60
CA VAL B 45 -22.95 -48.87 11.60
C VAL B 45 -23.64 -49.22 12.91
N GLN B 46 -22.87 -49.52 13.96
CA GLN B 46 -23.47 -49.90 15.25
C GLN B 46 -22.68 -49.65 16.54
N VAL B 47 -23.35 -49.10 17.55
CA VAL B 47 -22.79 -48.95 18.90
C VAL B 47 -23.87 -49.33 19.87
N SER B 48 -23.48 -49.54 21.12
CA SER B 48 -24.43 -49.50 22.22
C SER B 48 -24.21 -48.33 23.12
N TYR B 49 -25.30 -47.79 23.62
CA TYR B 49 -25.25 -46.63 24.48
C TYR B 49 -25.75 -47.14 25.81
N PRO B 50 -24.83 -47.60 26.67
CA PRO B 50 -25.12 -48.53 27.76
C PRO B 50 -26.31 -48.10 28.59
N GLY B 51 -27.30 -49.00 28.65
CA GLY B 51 -28.62 -48.76 29.24
C GLY B 51 -29.20 -47.41 28.87
N ALA B 52 -29.76 -47.30 27.67
CA ALA B 52 -30.41 -46.05 27.27
C ALA B 52 -31.72 -46.36 26.54
N SER B 53 -32.73 -45.49 26.67
CA SER B 53 -34.03 -45.71 25.98
C SER B 53 -33.88 -45.87 24.47
N ALA B 54 -34.86 -46.51 23.83
CA ALA B 54 -34.83 -46.48 22.37
C ALA B 54 -34.82 -44.98 22.04
N GLU B 55 -35.73 -44.21 22.64
CA GLU B 55 -35.79 -42.78 22.40
C GLU B 55 -34.43 -42.09 22.43
N THR B 56 -33.66 -42.26 23.51
CA THR B 56 -32.39 -41.52 23.54
C THR B 56 -31.44 -41.98 22.42
N VAL B 57 -31.33 -43.28 22.20
CA VAL B 57 -30.42 -43.75 21.18
C VAL B 57 -30.85 -43.33 19.78
N GLN B 58 -32.15 -43.06 19.59
CA GLN B 58 -32.64 -42.59 18.30
C GLN B 58 -32.43 -41.08 18.09
N ASP B 59 -32.48 -40.28 19.16
CA ASP B 59 -32.47 -38.82 19.00
C ASP B 59 -31.11 -38.22 19.37
N THR B 60 -30.19 -39.11 19.63
CA THR B 60 -28.98 -38.70 20.24
C THR B 60 -27.81 -39.25 19.49
N VAL B 61 -28.02 -40.43 18.87
CA VAL B 61 -27.02 -41.03 18.01
C VAL B 61 -27.52 -41.42 16.59
N VAL B 62 -28.68 -42.02 16.49
CA VAL B 62 -29.15 -42.39 15.15
C VAL B 62 -29.48 -41.14 14.33
N GLN B 63 -30.38 -40.31 14.84
CA GLN B 63 -30.82 -39.14 14.12
C GLN B 63 -29.68 -38.24 13.73
N VAL B 64 -28.66 -38.14 14.59
CA VAL B 64 -27.45 -37.36 14.25
C VAL B 64 -26.52 -38.01 13.24
N ILE B 65 -26.26 -39.32 13.36
CA ILE B 65 -25.41 -39.99 12.40
C ILE B 65 -26.04 -39.97 11.02
N GLU B 66 -27.38 -40.06 11.01
CA GLU B 66 -28.16 -40.25 9.79
C GLU B 66 -28.17 -38.96 9.03
N GLN B 67 -28.21 -37.86 9.76
CA GLN B 67 -28.24 -36.50 9.18
C GLN B 67 -26.96 -36.18 8.44
N GLN B 68 -25.88 -36.88 8.79
CA GLN B 68 -24.60 -36.62 8.19
C GLN B 68 -24.30 -37.60 7.07
N MET B 69 -25.18 -38.59 6.89
CA MET B 69 -24.84 -39.77 6.11
C MET B 69 -25.39 -39.63 4.72
N ASN B 70 -24.79 -38.71 3.95
CA ASN B 70 -25.20 -38.44 2.60
C ASN B 70 -24.03 -38.18 1.71
N GLY B 71 -24.32 -37.95 0.43
CA GLY B 71 -23.25 -37.74 -0.54
C GLY B 71 -22.35 -38.97 -0.62
N ILE B 72 -22.97 -40.14 -0.80
CA ILE B 72 -22.25 -41.42 -0.82
C ILE B 72 -22.65 -42.16 -2.09
N ASP B 73 -21.66 -42.55 -2.87
CA ASP B 73 -21.85 -43.08 -4.20
C ASP B 73 -22.63 -44.37 -4.16
N ASN B 74 -23.47 -44.61 -5.16
CA ASN B 74 -24.16 -45.90 -5.30
C ASN B 74 -25.16 -46.35 -4.23
N LEU B 75 -25.71 -45.40 -3.48
CA LEU B 75 -26.62 -45.67 -2.38
C LEU B 75 -28.03 -45.82 -2.90
N ARG B 76 -28.75 -46.79 -2.36
CA ARG B 76 -30.08 -47.15 -2.85
C ARG B 76 -31.15 -46.75 -1.82
N TYR B 77 -30.89 -47.10 -0.55
CA TYR B 77 -31.72 -46.68 0.57
C TYR B 77 -30.97 -46.93 1.88
N ILE B 78 -31.58 -46.48 2.98
CA ILE B 78 -30.98 -46.58 4.31
C ILE B 78 -32.05 -46.76 5.41
N SER B 79 -31.84 -47.72 6.31
CA SER B 79 -32.79 -47.99 7.36
C SER B 79 -32.09 -48.14 8.71
N SER B 80 -32.76 -47.70 9.77
CA SER B 80 -32.23 -47.69 11.13
C SER B 80 -33.10 -48.43 12.10
N GLU B 81 -32.52 -48.65 13.27
CA GLU B 81 -33.07 -49.51 14.31
C GLU B 81 -32.49 -49.00 15.63
N SER B 82 -33.34 -48.45 16.50
CA SER B 82 -32.89 -47.98 17.82
C SER B 82 -33.53 -48.88 18.84
N ASN B 83 -32.74 -49.59 19.64
CA ASN B 83 -33.32 -50.63 20.51
C ASN B 83 -33.30 -50.35 22.00
N SER B 84 -34.14 -51.10 22.73
CA SER B 84 -34.25 -50.98 24.16
C SER B 84 -33.02 -51.30 24.98
N ASP B 85 -32.20 -52.27 24.56
CA ASP B 85 -30.92 -52.49 25.25
C ASP B 85 -29.89 -51.39 25.00
N GLY B 86 -30.16 -50.52 24.04
CA GLY B 86 -29.35 -49.32 23.84
C GLY B 86 -28.43 -49.44 22.65
N SER B 87 -28.62 -50.52 21.92
CA SER B 87 -27.90 -50.72 20.72
C SER B 87 -28.66 -50.09 19.56
N MET B 88 -27.91 -49.87 18.48
CA MET B 88 -28.49 -49.28 17.29
C MET B 88 -27.80 -49.88 16.10
N THR B 89 -28.50 -49.80 14.96
CA THR B 89 -27.94 -50.14 13.67
C THR B 89 -28.52 -49.28 12.58
N ILE B 90 -27.61 -48.58 11.89
CA ILE B 90 -27.89 -47.99 10.58
C ILE B 90 -27.41 -49.01 9.54
N THR B 91 -28.30 -49.37 8.63
CA THR B 91 -27.97 -50.22 7.51
C THR B 91 -28.01 -49.45 6.18
N VAL B 92 -26.83 -49.30 5.59
CA VAL B 92 -26.74 -48.60 4.32
C VAL B 92 -26.58 -49.60 3.18
N THR B 93 -27.67 -49.70 2.42
CA THR B 93 -27.76 -50.60 1.28
C THR B 93 -27.40 -49.88 -0.03
N PHE B 94 -26.33 -50.36 -0.66
CA PHE B 94 -25.89 -49.91 -1.97
C PHE B 94 -26.32 -50.90 -3.03
N GLU B 95 -26.35 -50.39 -4.25
CA GLU B 95 -26.47 -51.11 -5.52
C GLU B 95 -25.57 -52.32 -5.73
N GLN B 96 -26.10 -53.40 -6.33
CA GLN B 96 -25.34 -54.61 -6.66
C GLN B 96 -24.20 -54.18 -7.51
N GLY B 97 -23.04 -54.80 -7.35
CA GLY B 97 -21.89 -54.41 -8.18
C GLY B 97 -21.02 -53.30 -7.61
N THR B 98 -21.38 -52.81 -6.43
CA THR B 98 -20.66 -51.75 -5.75
C THR B 98 -19.45 -52.41 -5.06
N ASP B 99 -18.25 -51.91 -5.33
CA ASP B 99 -17.08 -52.35 -4.59
C ASP B 99 -17.40 -52.14 -3.12
N PRO B 100 -17.60 -53.25 -2.35
CA PRO B 100 -17.88 -53.19 -0.91
C PRO B 100 -16.80 -52.50 -0.08
N ASP B 101 -15.57 -52.41 -0.59
CA ASP B 101 -14.55 -51.68 0.14
C ASP B 101 -14.69 -50.20 -0.03
N ILE B 102 -15.16 -49.77 -1.18
CA ILE B 102 -15.46 -48.34 -1.32
C ILE B 102 -16.77 -47.96 -0.62
N ALA B 103 -17.77 -48.82 -0.72
CA ALA B 103 -19.02 -48.63 0.00
C ALA B 103 -18.71 -48.36 1.48
N GLN B 104 -17.97 -49.28 2.12
CA GLN B 104 -17.69 -49.21 3.54
C GLN B 104 -16.96 -47.93 3.91
N VAL B 105 -15.86 -47.67 3.20
CA VAL B 105 -15.05 -46.50 3.50
C VAL B 105 -15.79 -45.17 3.30
N GLN B 106 -16.72 -45.07 2.34
CA GLN B 106 -17.49 -43.83 2.22
C GLN B 106 -18.39 -43.59 3.43
N VAL B 107 -19.16 -44.62 3.81
CA VAL B 107 -19.90 -44.70 5.07
C VAL B 107 -19.07 -44.38 6.33
N GLN B 108 -17.93 -45.03 6.57
CA GLN B 108 -17.21 -44.63 7.81
C GLN B 108 -16.52 -43.28 7.70
N ASN B 109 -16.43 -42.76 6.50
CA ASN B 109 -16.02 -41.40 6.44
C ASN B 109 -17.09 -40.45 6.89
N LYS B 110 -18.33 -40.60 6.41
CA LYS B 110 -19.41 -39.73 6.90
C LYS B 110 -19.62 -39.95 8.40
N LEU B 111 -19.40 -41.19 8.83
CA LEU B 111 -19.44 -41.50 10.26
C LEU B 111 -18.41 -40.68 11.05
N GLN B 112 -17.15 -40.77 10.65
CA GLN B 112 -16.09 -39.98 11.27
C GLN B 112 -16.52 -38.52 11.38
N LEU B 113 -17.04 -37.93 10.30
CA LEU B 113 -17.49 -36.52 10.35
C LEU B 113 -18.58 -36.28 11.38
N ALA B 114 -19.45 -37.26 11.58
CA ALA B 114 -20.53 -37.10 12.56
C ALA B 114 -20.16 -37.44 14.01
N THR B 115 -18.93 -37.85 14.30
CA THR B 115 -18.68 -38.32 15.67
C THR B 115 -18.75 -37.23 16.80
N PRO B 116 -18.13 -36.04 16.61
CA PRO B 116 -18.11 -35.06 17.71
C PRO B 116 -19.50 -34.49 18.05
N LEU B 117 -20.46 -34.91 17.24
CA LEU B 117 -21.84 -34.55 17.40
C LEU B 117 -22.55 -35.51 18.32
N LEU B 118 -21.98 -36.70 18.52
CA LEU B 118 -22.54 -37.67 19.45
C LEU B 118 -22.13 -37.29 20.87
N PRO B 119 -22.95 -37.71 21.85
CA PRO B 119 -22.67 -37.70 23.27
C PRO B 119 -21.37 -38.40 23.58
N GLN B 120 -20.65 -37.89 24.57
CA GLN B 120 -19.38 -38.47 25.03
C GLN B 120 -19.42 -40.00 25.14
N GLU B 121 -20.18 -40.52 26.10
CA GLU B 121 -20.22 -41.97 26.37
C GLU B 121 -20.31 -42.87 25.12
N VAL B 122 -21.09 -42.43 24.14
CA VAL B 122 -21.20 -43.13 22.86
C VAL B 122 -19.86 -43.11 22.12
N GLN B 123 -19.21 -41.94 22.05
CA GLN B 123 -17.90 -41.76 21.37
C GLN B 123 -16.86 -42.65 22.00
N ARG B 124 -16.78 -42.54 23.32
CA ARG B 124 -15.87 -43.35 24.13
C ARG B 124 -16.06 -44.84 23.82
N GLN B 125 -17.31 -45.24 23.62
CA GLN B 125 -17.66 -46.60 23.24
C GLN B 125 -17.02 -46.96 21.91
N GLY B 126 -17.16 -46.10 20.92
CA GLY B 126 -16.54 -46.36 19.62
C GLY B 126 -17.48 -47.11 18.71
N ILE B 127 -17.78 -46.50 17.56
CA ILE B 127 -18.85 -46.91 16.64
C ILE B 127 -18.32 -47.84 15.55
N ARG B 128 -18.96 -49.00 15.36
CA ARG B 128 -18.40 -49.99 14.45
C ARG B 128 -19.05 -50.07 13.08
N VAL B 129 -18.20 -50.13 12.05
CA VAL B 129 -18.63 -50.13 10.66
C VAL B 129 -18.12 -51.36 9.96
N THR B 130 -19.07 -52.10 9.39
CA THR B 130 -18.82 -53.41 8.79
C THR B 130 -19.83 -53.79 7.72
N LYS B 131 -19.43 -54.79 6.92
CA LYS B 131 -20.20 -55.34 5.82
C LYS B 131 -21.23 -56.38 6.29
N ALA B 132 -22.49 -56.10 6.07
CA ALA B 132 -23.60 -56.78 6.73
C ALA B 132 -24.07 -58.06 6.05
N VAL B 133 -23.56 -58.39 4.87
CA VAL B 133 -23.94 -59.65 4.19
C VAL B 133 -23.80 -60.88 5.08
N LYS B 134 -24.79 -61.76 5.04
CA LYS B 134 -24.79 -62.94 5.88
C LYS B 134 -24.51 -64.20 5.04
N ASN B 135 -23.31 -64.24 4.46
CA ASN B 135 -22.78 -65.37 3.68
C ASN B 135 -21.83 -66.21 4.53
N PHE B 136 -22.27 -66.61 5.72
CA PHE B 136 -21.41 -67.26 6.67
C PHE B 136 -20.84 -68.62 6.25
N LEU B 137 -19.55 -68.80 6.50
CA LEU B 137 -18.83 -70.05 6.15
C LEU B 137 -19.08 -71.20 7.13
N MET B 138 -18.79 -70.98 8.40
CA MET B 138 -19.21 -71.88 9.46
C MET B 138 -19.39 -71.05 10.71
N VAL B 139 -20.29 -71.49 11.59
CA VAL B 139 -20.35 -70.92 12.94
C VAL B 139 -19.93 -72.01 13.92
N VAL B 140 -18.92 -71.68 14.71
CA VAL B 140 -18.31 -72.57 15.69
C VAL B 140 -18.73 -72.17 17.10
N GLY B 141 -19.21 -73.14 17.89
CA GLY B 141 -19.51 -72.91 19.30
C GLY B 141 -18.30 -73.15 20.20
N VAL B 142 -18.19 -72.35 21.26
CA VAL B 142 -17.28 -72.66 22.38
C VAL B 142 -18.13 -72.74 23.63
N VAL B 143 -18.12 -73.93 24.24
CA VAL B 143 -19.14 -74.27 25.22
C VAL B 143 -18.53 -74.78 26.53
N SER B 144 -19.12 -74.40 27.66
CA SER B 144 -18.72 -74.90 28.97
C SER B 144 -19.67 -75.99 29.40
N THR B 145 -19.19 -77.23 29.25
CA THR B 145 -20.01 -78.46 29.32
C THR B 145 -20.31 -78.93 30.73
N ASP B 146 -19.45 -78.55 31.67
CA ASP B 146 -19.74 -78.75 33.08
C ASP B 146 -20.43 -77.52 33.68
N GLY B 147 -20.82 -76.56 32.82
CA GLY B 147 -21.48 -75.32 33.25
C GLY B 147 -20.70 -74.54 34.30
N SER B 148 -19.39 -74.76 34.38
CA SER B 148 -18.52 -73.99 35.25
C SER B 148 -18.33 -72.56 34.73
N MET B 149 -17.98 -72.39 33.46
CA MET B 149 -17.80 -71.05 32.91
C MET B 149 -19.12 -70.45 32.47
N THR B 150 -19.24 -69.12 32.65
CA THR B 150 -20.37 -68.35 32.17
C THR B 150 -20.06 -67.92 30.74
N LYS B 151 -21.09 -67.61 29.95
CA LYS B 151 -20.88 -67.10 28.58
C LYS B 151 -19.73 -66.09 28.52
N GLU B 152 -19.92 -64.99 29.23
CA GLU B 152 -18.91 -63.94 29.35
C GLU B 152 -17.49 -64.47 29.51
N ASP B 153 -17.30 -65.55 30.27
CA ASP B 153 -15.96 -66.13 30.47
C ASP B 153 -15.44 -66.77 29.18
N LEU B 154 -16.36 -67.39 28.43
CA LEU B 154 -16.03 -68.10 27.20
C LEU B 154 -15.65 -67.12 26.11
N SER B 155 -16.46 -66.08 25.94
CA SER B 155 -16.19 -65.14 24.86
C SER B 155 -14.91 -64.37 25.17
N ASN B 156 -14.59 -64.22 26.45
CA ASN B 156 -13.34 -63.58 26.74
C ASN B 156 -12.21 -64.52 26.39
N TYR B 157 -12.44 -65.81 26.61
CA TYR B 157 -11.47 -66.80 26.19
C TYR B 157 -11.28 -66.58 24.70
N ILE B 158 -12.35 -66.75 23.92
CA ILE B 158 -12.33 -66.62 22.45
C ILE B 158 -11.51 -65.42 21.95
N VAL B 159 -11.76 -64.22 22.48
CA VAL B 159 -10.99 -63.00 22.18
C VAL B 159 -9.49 -63.13 22.49
N SER B 160 -9.15 -63.81 23.58
CA SER B 160 -7.78 -63.79 24.10
C SER B 160 -6.93 -64.89 23.49
N ASN B 161 -7.54 -66.04 23.28
CA ASN B 161 -6.86 -67.26 22.87
C ASN B 161 -7.13 -67.65 21.44
N ILE B 162 -8.41 -67.71 21.06
CA ILE B 162 -8.82 -68.23 19.77
C ILE B 162 -8.82 -67.19 18.65
N GLN B 163 -9.05 -65.92 18.98
CA GLN B 163 -9.27 -64.89 17.94
C GLN B 163 -8.07 -64.63 17.03
N ASP B 164 -6.94 -64.30 17.65
CA ASP B 164 -5.74 -63.94 16.91
C ASP B 164 -5.20 -65.07 16.05
N PRO B 165 -5.18 -66.33 16.55
CA PRO B 165 -4.77 -67.40 15.62
C PRO B 165 -5.78 -67.62 14.50
N LEU B 166 -7.07 -67.65 14.83
CA LEU B 166 -8.09 -67.90 13.84
C LEU B 166 -7.99 -66.82 12.78
N SER B 167 -7.75 -65.61 13.27
CA SER B 167 -7.47 -64.46 12.44
C SER B 167 -6.39 -64.74 11.41
N ARG B 168 -5.40 -65.55 11.77
CA ARG B 168 -4.24 -65.77 10.89
C ARG B 168 -4.37 -67.04 10.05
N THR B 169 -5.51 -67.72 10.14
CA THR B 169 -5.77 -68.91 9.35
C THR B 169 -5.98 -68.52 7.90
N LYS B 170 -5.47 -69.33 6.97
CA LYS B 170 -5.64 -69.04 5.53
C LYS B 170 -7.10 -69.08 5.00
N GLY B 171 -7.57 -67.96 4.48
CA GLY B 171 -8.85 -67.91 3.79
C GLY B 171 -9.94 -67.53 4.74
N VAL B 172 -9.56 -67.10 5.93
CA VAL B 172 -10.52 -66.54 6.87
C VAL B 172 -10.77 -65.07 6.57
N GLY B 173 -12.02 -64.74 6.22
CA GLY B 173 -12.46 -63.36 6.03
C GLY B 173 -12.93 -62.76 7.34
N ASP B 174 -13.93 -61.90 7.26
CA ASP B 174 -14.48 -61.21 8.44
C ASP B 174 -15.22 -62.23 9.29
N PHE B 175 -14.99 -62.22 10.59
CA PHE B 175 -15.78 -63.06 11.52
C PHE B 175 -16.36 -62.25 12.67
N GLN B 176 -17.47 -62.71 13.24
CA GLN B 176 -18.05 -62.10 14.44
C GLN B 176 -18.11 -63.06 15.67
N VAL B 177 -17.71 -62.57 16.85
CA VAL B 177 -17.73 -63.35 18.12
C VAL B 177 -19.06 -63.10 18.88
N PHE B 178 -19.64 -64.16 19.44
CA PHE B 178 -20.89 -64.02 20.19
C PHE B 178 -20.68 -63.47 21.60
N GLY B 179 -20.30 -62.21 21.71
CA GLY B 179 -20.00 -61.54 22.98
C GLY B 179 -18.65 -60.85 22.87
N SER B 180 -18.13 -60.31 23.98
CA SER B 180 -16.78 -59.76 23.95
C SER B 180 -15.80 -60.07 25.12
N GLN B 181 -14.64 -59.44 25.04
CA GLN B 181 -13.63 -59.32 26.08
C GLN B 181 -14.22 -59.07 27.49
N TYR B 182 -13.44 -59.39 28.52
CA TYR B 182 -13.81 -59.10 29.91
C TYR B 182 -13.87 -57.62 30.21
N SER B 183 -14.55 -57.27 31.28
CA SER B 183 -14.43 -55.93 31.81
C SER B 183 -14.43 -55.94 33.33
N MET B 184 -13.72 -54.99 33.91
CA MET B 184 -13.66 -54.84 35.34
C MET B 184 -15.00 -54.34 35.83
N ARG B 185 -15.87 -55.28 36.18
CA ARG B 185 -17.18 -54.97 36.72
C ARG B 185 -17.11 -54.50 38.16
N ILE B 186 -18.02 -53.60 38.52
CA ILE B 186 -18.05 -52.97 39.84
C ILE B 186 -19.51 -52.68 40.14
N TRP B 187 -19.94 -53.08 41.34
CA TRP B 187 -21.36 -53.20 41.68
C TRP B 187 -21.77 -52.42 42.95
N LEU B 188 -22.13 -51.16 42.75
CA LEU B 188 -22.41 -50.22 43.84
C LEU B 188 -23.62 -50.57 44.72
N ASP B 189 -23.36 -50.85 45.99
CA ASP B 189 -24.45 -50.99 46.97
C ASP B 189 -24.97 -49.67 47.50
N PRO B 190 -26.26 -49.36 47.26
CA PRO B 190 -26.86 -48.07 47.65
C PRO B 190 -26.80 -47.79 49.15
N ALA B 191 -27.07 -48.82 49.96
CA ALA B 191 -27.03 -48.74 51.41
C ALA B 191 -25.58 -48.50 51.89
N LYS B 192 -24.69 -49.47 51.65
CA LYS B 192 -23.26 -49.41 52.03
C LYS B 192 -22.59 -48.09 51.63
N LEU B 193 -23.19 -47.42 50.65
CA LEU B 193 -22.65 -46.22 50.03
C LEU B 193 -23.23 -44.98 50.69
N ASN B 194 -24.41 -45.15 51.26
CA ASN B 194 -25.18 -44.07 51.87
C ASN B 194 -24.69 -43.79 53.30
N SER B 195 -24.29 -44.86 53.99
CA SER B 195 -23.77 -44.81 55.34
C SER B 195 -22.44 -44.08 55.47
N TYR B 196 -21.84 -43.70 54.35
CA TYR B 196 -20.66 -42.84 54.39
C TYR B 196 -20.88 -41.61 53.52
N GLN B 197 -22.13 -41.16 53.45
CA GLN B 197 -22.47 -39.95 52.72
C GLN B 197 -21.72 -39.85 51.36
N LEU B 198 -21.79 -40.93 50.58
CA LEU B 198 -21.10 -41.03 49.29
C LEU B 198 -22.02 -41.29 48.07
N THR B 199 -21.61 -40.68 46.96
CA THR B 199 -22.34 -40.66 45.70
C THR B 199 -21.70 -41.70 44.74
N PRO B 200 -22.50 -42.33 43.84
CA PRO B 200 -21.86 -43.20 42.84
C PRO B 200 -20.84 -42.41 42.03
N GLY B 201 -21.19 -41.15 41.75
CA GLY B 201 -20.33 -40.19 41.06
C GLY B 201 -18.98 -39.95 41.72
N ASP B 202 -18.96 -40.03 43.05
CA ASP B 202 -17.72 -39.95 43.84
C ASP B 202 -16.78 -41.09 43.50
N VAL B 203 -17.36 -42.28 43.38
CA VAL B 203 -16.62 -43.49 43.07
C VAL B 203 -16.04 -43.37 41.67
N SER B 204 -16.87 -43.00 40.69
CA SER B 204 -16.40 -42.74 39.33
C SER B 204 -15.16 -41.84 39.32
N SER B 205 -15.27 -40.69 39.99
CA SER B 205 -14.21 -39.69 40.03
C SER B 205 -12.97 -40.27 40.68
N ALA B 206 -13.17 -40.99 41.77
CA ALA B 206 -12.08 -41.63 42.50
C ALA B 206 -11.30 -42.52 41.56
N ILE B 207 -12.00 -43.41 40.87
CA ILE B 207 -11.39 -44.38 39.95
C ILE B 207 -10.67 -43.66 38.82
N GLN B 208 -11.22 -42.54 38.38
CA GLN B 208 -10.62 -41.73 37.32
C GLN B 208 -9.34 -41.04 37.75
N ALA B 209 -9.27 -40.60 39.00
CA ALA B 209 -8.03 -40.06 39.53
C ALA B 209 -7.05 -41.15 40.02
N GLN B 210 -7.57 -42.33 40.35
CA GLN B 210 -6.77 -43.41 40.94
C GLN B 210 -6.43 -44.59 40.03
N ASN B 211 -6.99 -44.60 38.82
CA ASN B 211 -6.68 -45.68 37.88
C ASN B 211 -6.20 -45.08 36.56
N VAL B 212 -5.16 -44.26 36.64
CA VAL B 212 -4.61 -43.61 35.47
C VAL B 212 -3.18 -44.09 35.18
N GLN B 213 -2.63 -43.63 34.05
CA GLN B 213 -1.24 -43.87 33.69
C GLN B 213 -0.46 -42.61 34.02
N ILE B 214 0.64 -42.78 34.76
CA ILE B 214 1.58 -41.68 34.96
C ILE B 214 2.39 -41.51 33.67
N SER B 215 2.26 -40.33 33.07
CA SER B 215 2.73 -40.06 31.71
C SER B 215 4.22 -40.25 31.48
N SER B 216 5.05 -39.88 32.45
CA SER B 216 6.49 -40.21 32.44
C SER B 216 7.29 -39.42 31.40
N GLY B 217 8.42 -38.84 31.82
CA GLY B 217 9.31 -38.14 30.91
C GLY B 217 10.59 -38.89 30.54
N GLN B 218 11.67 -38.12 30.39
CA GLN B 218 12.99 -38.64 30.02
C GLN B 218 14.17 -37.96 30.78
N LEU B 219 14.95 -38.78 31.48
CA LEU B 219 16.22 -38.36 32.10
C LEU B 219 17.31 -38.04 31.06
N GLY B 220 17.72 -36.78 31.05
CA GLY B 220 18.67 -36.29 30.06
C GLY B 220 18.00 -36.01 28.73
N GLY B 221 16.75 -35.53 28.79
CA GLY B 221 16.02 -35.15 27.59
C GLY B 221 16.67 -33.96 26.89
N LEU B 222 16.64 -33.97 25.56
CA LEU B 222 17.09 -32.83 24.76
C LEU B 222 16.05 -31.69 24.81
N PRO B 223 16.50 -30.44 24.95
CA PRO B 223 17.91 -30.06 25.07
C PRO B 223 18.46 -30.36 26.47
N ALA B 224 19.69 -30.83 26.51
CA ALA B 224 20.31 -31.12 27.78
C ALA B 224 21.51 -30.21 27.97
N VAL B 225 22.01 -30.12 29.20
CA VAL B 225 23.22 -29.35 29.49
C VAL B 225 24.48 -30.15 29.15
N LYS B 226 25.52 -29.44 28.70
CA LYS B 226 26.86 -29.99 28.47
C LYS B 226 27.20 -31.03 29.54
N GLY B 227 27.60 -32.23 29.08
CA GLY B 227 27.79 -33.35 30.00
C GLY B 227 26.78 -34.45 29.76
N GLN B 228 25.57 -34.27 30.27
CA GLN B 228 24.47 -35.23 30.14
C GLN B 228 24.92 -36.68 30.37
N GLN B 229 25.58 -37.26 29.37
CA GLN B 229 26.15 -38.62 29.39
C GLN B 229 25.13 -39.76 29.46
N LEU B 230 24.41 -39.84 30.59
CA LEU B 230 23.29 -40.78 30.72
C LEU B 230 21.98 -40.17 30.22
N ASN B 231 21.50 -40.74 29.11
CA ASN B 231 20.16 -40.46 28.60
C ASN B 231 19.39 -41.75 28.75
N ALA B 232 18.36 -41.74 29.60
CA ALA B 232 17.49 -42.91 29.75
C ALA B 232 16.05 -42.47 29.95
N THR B 233 15.13 -43.25 29.39
CA THR B 233 13.71 -43.03 29.55
C THR B 233 13.32 -43.37 31.00
N ILE B 234 12.43 -42.58 31.59
CA ILE B 234 11.86 -42.92 32.91
C ILE B 234 10.47 -43.47 32.68
N ILE B 235 10.25 -44.71 33.11
CA ILE B 235 8.89 -45.30 33.07
C ILE B 235 8.22 -45.13 34.42
N GLY B 236 7.00 -44.59 34.39
CA GLY B 236 6.17 -44.49 35.60
C GLY B 236 5.36 -45.75 35.82
N LYS B 237 4.21 -45.58 36.47
CA LYS B 237 3.25 -46.65 36.74
C LYS B 237 2.25 -46.80 35.58
N THR B 238 1.93 -48.04 35.22
CA THR B 238 0.83 -48.31 34.28
C THR B 238 -0.50 -48.13 35.03
N ARG B 239 -1.41 -49.09 34.92
CA ARG B 239 -2.69 -48.97 35.59
C ARG B 239 -3.00 -50.21 36.34
N LEU B 240 -4.02 -50.09 37.18
CA LEU B 240 -4.55 -51.20 37.94
C LEU B 240 -4.85 -52.35 37.00
N GLN B 241 -4.66 -53.57 37.51
CA GLN B 241 -4.89 -54.78 36.72
C GLN B 241 -5.83 -55.71 37.46
N THR B 242 -5.50 -55.98 38.72
CA THR B 242 -6.20 -56.94 39.55
C THR B 242 -7.56 -56.37 39.97
N ALA B 243 -8.47 -57.27 40.34
CA ALA B 243 -9.72 -56.83 40.96
C ALA B 243 -9.42 -56.19 42.32
N GLU B 244 -8.35 -56.63 42.98
CA GLU B 244 -7.96 -56.12 44.31
C GLU B 244 -7.58 -54.67 44.22
N GLN B 245 -6.52 -54.37 43.45
CA GLN B 245 -6.11 -53.00 43.18
C GLN B 245 -7.32 -52.07 43.13
N PHE B 246 -8.45 -52.60 42.66
CA PHE B 246 -9.67 -51.81 42.53
C PHE B 246 -10.44 -51.68 43.83
N GLU B 247 -10.68 -52.82 44.46
CA GLU B 247 -11.28 -52.88 45.78
C GLU B 247 -10.59 -51.91 46.74
N ASN B 248 -9.26 -51.77 46.62
CA ASN B 248 -8.51 -50.68 47.25
C ASN B 248 -9.04 -49.30 46.88
N ILE B 249 -8.13 -48.43 46.45
CA ILE B 249 -8.47 -47.05 46.04
C ILE B 249 -9.38 -46.30 47.04
N LEU B 250 -8.78 -45.30 47.70
CA LEU B 250 -9.40 -44.59 48.83
C LEU B 250 -10.50 -43.64 48.38
N LEU B 251 -11.65 -43.77 49.04
CA LEU B 251 -12.84 -43.00 48.72
C LEU B 251 -13.11 -41.88 49.74
N LYS B 252 -13.14 -42.23 51.02
CA LYS B 252 -13.25 -41.25 52.12
C LYS B 252 -12.18 -41.56 53.15
N VAL B 253 -11.71 -40.52 53.82
CA VAL B 253 -10.89 -40.69 55.03
C VAL B 253 -11.76 -40.23 56.18
N ASN B 254 -11.80 -41.03 57.24
CA ASN B 254 -12.76 -40.77 58.31
C ASN B 254 -12.34 -39.73 59.36
N PRO B 255 -13.33 -38.97 59.89
CA PRO B 255 -13.06 -38.07 61.01
C PRO B 255 -12.07 -38.62 62.06
N ASP B 256 -12.25 -39.86 62.52
CA ASP B 256 -11.27 -40.46 63.44
C ASP B 256 -10.03 -40.95 62.68
N GLY B 257 -9.30 -41.90 63.26
CA GLY B 257 -8.11 -42.45 62.62
C GLY B 257 -8.41 -43.68 61.77
N SER B 258 -8.95 -43.45 60.56
CA SER B 258 -9.22 -44.53 59.59
C SER B 258 -9.46 -44.00 58.17
N GLN B 259 -9.75 -44.92 57.24
CA GLN B 259 -9.91 -44.60 55.81
C GLN B 259 -10.77 -45.65 55.05
N VAL B 260 -11.71 -45.16 54.22
CA VAL B 260 -12.71 -45.99 53.51
C VAL B 260 -12.39 -46.17 52.01
N ARG B 261 -12.54 -47.40 51.50
CA ARG B 261 -12.11 -47.71 50.14
C ARG B 261 -13.21 -48.48 49.40
N LEU B 262 -13.07 -48.64 48.08
CA LEU B 262 -14.15 -49.18 47.24
C LEU B 262 -14.74 -50.51 47.72
N LYS B 263 -13.89 -51.35 48.32
CA LYS B 263 -14.31 -52.67 48.78
C LYS B 263 -15.38 -52.64 49.88
N ASP B 264 -15.64 -51.46 50.46
CA ASP B 264 -16.62 -51.32 51.54
C ASP B 264 -18.01 -51.07 50.97
N VAL B 265 -18.04 -50.70 49.70
CA VAL B 265 -19.21 -50.01 49.18
C VAL B 265 -19.83 -50.72 47.95
N ALA B 266 -19.04 -51.57 47.31
CA ALA B 266 -19.47 -52.29 46.11
C ALA B 266 -18.73 -53.59 45.98
N ASP B 267 -19.29 -54.51 45.20
CA ASP B 267 -18.60 -55.76 44.82
C ASP B 267 -17.82 -55.58 43.52
N VAL B 268 -16.70 -56.28 43.37
CA VAL B 268 -15.81 -56.04 42.23
C VAL B 268 -15.13 -57.28 41.65
N GLY B 269 -15.50 -57.59 40.41
CA GLY B 269 -14.85 -58.67 39.68
C GLY B 269 -14.99 -58.55 38.18
N LEU B 270 -14.03 -59.16 37.46
CA LEU B 270 -14.06 -59.30 35.99
C LEU B 270 -15.43 -59.81 35.57
N GLY B 271 -15.93 -59.31 34.43
CA GLY B 271 -17.25 -59.71 33.97
C GLY B 271 -17.56 -59.27 32.55
N GLY B 272 -18.85 -59.30 32.23
CA GLY B 272 -19.34 -58.93 30.91
C GLY B 272 -19.31 -57.43 30.64
N GLN B 273 -19.04 -57.06 29.39
CA GLN B 273 -19.18 -55.67 28.99
C GLN B 273 -20.65 -55.37 28.90
N ASP B 274 -21.41 -56.32 28.38
CA ASP B 274 -22.82 -56.18 28.22
C ASP B 274 -23.51 -57.47 28.61
N TYR B 275 -24.67 -57.36 29.24
CA TYR B 275 -25.35 -58.55 29.75
C TYR B 275 -26.64 -58.88 29.01
N SER B 276 -26.82 -58.24 27.85
CA SER B 276 -28.08 -58.27 27.11
C SER B 276 -28.36 -59.63 26.50
N ILE B 277 -27.34 -60.20 25.88
CA ILE B 277 -27.52 -61.43 25.14
C ILE B 277 -26.89 -62.62 25.85
N ASN B 278 -27.73 -63.60 26.15
CA ASN B 278 -27.26 -64.83 26.75
C ASN B 278 -27.57 -65.97 25.82
N ALA B 279 -26.63 -66.90 25.67
CA ALA B 279 -26.82 -67.95 24.69
C ALA B 279 -26.14 -69.20 25.13
N GLN B 280 -26.72 -70.34 24.76
CA GLN B 280 -26.25 -71.68 25.17
C GLN B 280 -26.43 -72.80 24.13
N PHE B 281 -25.37 -73.56 23.91
CA PHE B 281 -25.42 -74.71 23.03
C PHE B 281 -25.81 -75.98 23.78
N ASN B 282 -27.02 -76.48 23.50
CA ASN B 282 -27.69 -77.55 24.26
C ASN B 282 -27.63 -77.25 25.74
N GLY B 283 -28.47 -76.34 26.20
CA GLY B 283 -28.50 -75.96 27.61
C GLY B 283 -27.21 -75.31 28.05
N SER B 284 -26.11 -76.02 27.83
CA SER B 284 -24.77 -75.63 28.29
C SER B 284 -24.41 -74.20 27.83
N PRO B 285 -23.97 -73.34 28.76
CA PRO B 285 -23.69 -71.96 28.37
C PRO B 285 -22.54 -71.91 27.37
N ALA B 286 -22.64 -71.00 26.40
CA ALA B 286 -21.70 -70.92 25.27
C ALA B 286 -21.59 -69.56 24.58
N SER B 287 -20.41 -69.29 24.04
CA SER B 287 -20.17 -68.20 23.13
C SER B 287 -19.88 -68.89 21.81
N GLY B 288 -19.05 -68.29 20.96
CA GLY B 288 -18.80 -68.84 19.63
C GLY B 288 -18.41 -67.79 18.62
N ILE B 289 -18.31 -68.20 17.36
CA ILE B 289 -17.80 -67.32 16.31
C ILE B 289 -18.58 -67.60 15.04
N ALA B 290 -18.84 -66.58 14.24
CA ALA B 290 -19.47 -66.78 12.94
C ALA B 290 -18.50 -66.28 11.85
N ILE B 291 -17.98 -67.21 11.04
CA ILE B 291 -16.85 -66.90 10.14
C ILE B 291 -17.28 -66.65 8.69
N LYS B 292 -16.71 -65.61 8.09
CA LYS B 292 -16.93 -65.38 6.68
C LYS B 292 -15.70 -65.84 5.86
N LEU B 293 -15.93 -66.23 4.60
CA LEU B 293 -14.83 -66.65 3.72
C LEU B 293 -14.20 -65.38 3.20
N ALA B 294 -12.87 -65.34 3.10
CA ALA B 294 -12.20 -64.13 2.58
C ALA B 294 -12.34 -64.08 1.06
N THR B 295 -12.16 -62.91 0.46
CA THR B 295 -12.53 -62.78 -0.95
C THR B 295 -11.52 -63.52 -1.81
N GLY B 296 -11.94 -64.66 -2.37
CA GLY B 296 -11.14 -65.44 -3.32
C GLY B 296 -10.61 -66.73 -2.73
N ALA B 297 -10.93 -66.98 -1.45
CA ALA B 297 -10.44 -68.16 -0.76
C ALA B 297 -11.15 -69.34 -1.30
N ASN B 298 -11.02 -70.44 -0.58
CA ASN B 298 -11.59 -71.68 -0.98
C ASN B 298 -12.40 -72.23 0.20
N ALA B 299 -13.72 -72.19 0.07
CA ALA B 299 -14.63 -72.59 1.16
C ALA B 299 -14.21 -73.90 1.77
N LEU B 300 -13.74 -74.82 0.92
CA LEU B 300 -13.28 -76.16 1.35
C LEU B 300 -11.96 -76.13 2.10
N ASP B 301 -10.95 -75.51 1.52
CA ASP B 301 -9.68 -75.48 2.18
C ASP B 301 -9.68 -74.81 3.53
N THR B 302 -10.40 -73.71 3.61
CA THR B 302 -10.29 -72.87 4.77
C THR B 302 -11.22 -73.35 5.88
N ALA B 303 -12.22 -74.15 5.55
CA ALA B 303 -13.00 -74.79 6.60
C ALA B 303 -12.09 -75.81 7.28
N LYS B 304 -11.47 -76.67 6.47
CA LYS B 304 -10.50 -77.63 6.94
C LYS B 304 -9.42 -76.93 7.79
N ALA B 305 -8.98 -75.76 7.33
CA ALA B 305 -7.94 -74.99 8.02
C ALA B 305 -8.36 -74.31 9.32
N ILE B 306 -9.57 -73.75 9.34
CA ILE B 306 -10.10 -73.18 10.58
C ILE B 306 -9.99 -74.28 11.62
N ARG B 307 -10.60 -75.44 11.34
CA ARG B 307 -10.52 -76.64 12.18
C ARG B 307 -9.11 -76.95 12.71
N GLN B 308 -8.16 -77.11 11.80
CA GLN B 308 -6.75 -77.25 12.13
C GLN B 308 -6.32 -76.35 13.30
N THR B 309 -6.42 -75.04 13.08
CA THR B 309 -6.09 -73.99 14.06
C THR B 309 -6.71 -74.23 15.44
N ILE B 310 -8.00 -74.53 15.45
CA ILE B 310 -8.77 -74.78 16.66
C ILE B 310 -8.26 -76.03 17.34
N ALA B 311 -8.03 -77.09 16.55
CA ALA B 311 -7.44 -78.35 17.04
C ALA B 311 -6.07 -78.16 17.69
N ASN B 312 -5.24 -77.32 17.09
CA ASN B 312 -3.95 -77.00 17.66
C ASN B 312 -4.03 -76.23 18.96
N LEU B 313 -5.24 -75.79 19.31
CA LEU B 313 -5.41 -75.03 20.54
C LEU B 313 -6.24 -75.80 21.57
N GLU B 314 -6.84 -76.90 21.14
CA GLU B 314 -7.68 -77.73 22.01
C GLU B 314 -6.91 -78.41 23.15
N PRO B 315 -5.62 -78.76 22.92
CA PRO B 315 -4.69 -79.13 23.99
C PRO B 315 -4.65 -78.18 25.18
N PHE B 316 -4.76 -76.87 24.93
CA PHE B 316 -4.52 -75.88 25.99
C PHE B 316 -5.77 -75.41 26.75
N MET B 317 -6.94 -75.96 26.44
CA MET B 317 -8.17 -75.33 26.93
C MET B 317 -8.52 -75.69 28.40
N PRO B 318 -9.19 -74.77 29.13
CA PRO B 318 -9.63 -75.10 30.49
C PRO B 318 -10.58 -76.27 30.48
N GLN B 319 -10.56 -77.05 31.55
CA GLN B 319 -11.39 -78.25 31.64
C GLN B 319 -12.89 -77.92 31.52
N GLY B 320 -13.56 -78.69 30.67
CA GLY B 320 -15.02 -78.57 30.49
C GLY B 320 -15.43 -77.64 29.37
N MET B 321 -14.43 -77.14 28.65
CA MET B 321 -14.64 -76.31 27.48
C MET B 321 -14.59 -77.20 26.25
N LYS B 322 -15.66 -77.14 25.45
CA LYS B 322 -15.71 -77.86 24.18
C LYS B 322 -15.89 -76.85 23.03
N VAL B 323 -15.20 -77.09 21.90
CA VAL B 323 -15.49 -76.33 20.68
C VAL B 323 -16.18 -77.25 19.69
N VAL B 324 -17.48 -77.09 19.62
CA VAL B 324 -18.34 -77.84 18.76
C VAL B 324 -18.62 -76.95 17.50
N TYR B 325 -18.73 -77.56 16.32
CA TYR B 325 -19.02 -76.81 15.08
C TYR B 325 -20.47 -77.01 14.52
N PRO B 326 -21.45 -76.24 15.01
CA PRO B 326 -22.85 -76.48 14.65
C PRO B 326 -23.20 -76.32 13.17
N TYR B 327 -22.71 -75.26 12.52
CA TYR B 327 -23.09 -74.98 11.11
C TYR B 327 -21.93 -74.81 10.18
N ASP B 328 -21.96 -75.50 9.06
CA ASP B 328 -20.77 -75.53 8.19
C ASP B 328 -21.16 -75.80 6.74
N THR B 329 -20.70 -74.91 5.85
CA THR B 329 -21.10 -74.86 4.45
C THR B 329 -20.43 -75.95 3.61
N THR B 330 -19.32 -76.49 4.14
CA THR B 330 -18.54 -77.59 3.54
C THR B 330 -19.35 -78.80 3.03
N PRO B 331 -20.30 -79.34 3.83
CA PRO B 331 -21.06 -80.48 3.26
C PRO B 331 -21.67 -80.19 1.89
N VAL B 332 -22.15 -78.96 1.71
CA VAL B 332 -22.94 -78.60 0.54
C VAL B 332 -22.08 -78.20 -0.65
N VAL B 333 -21.09 -77.34 -0.43
CA VAL B 333 -20.12 -77.00 -1.49
C VAL B 333 -19.28 -78.23 -1.96
N SER B 334 -19.17 -79.24 -1.10
CA SER B 334 -18.61 -80.53 -1.46
C SER B 334 -19.64 -81.28 -2.34
N ALA B 335 -20.79 -81.60 -1.75
CA ALA B 335 -21.95 -82.20 -2.44
C ALA B 335 -22.15 -81.67 -3.86
N SER B 336 -22.01 -80.36 -4.03
CA SER B 336 -22.24 -79.77 -5.33
C SER B 336 -21.21 -80.18 -6.36
N ILE B 337 -19.96 -80.29 -5.94
CA ILE B 337 -18.86 -80.68 -6.83
C ILE B 337 -18.87 -82.15 -7.20
N HIS B 338 -19.01 -83.03 -6.20
CA HIS B 338 -19.14 -84.45 -6.49
C HIS B 338 -20.29 -84.59 -7.48
N GLU B 339 -21.44 -84.01 -7.13
CA GLU B 339 -22.63 -84.08 -7.97
C GLU B 339 -22.51 -83.42 -9.34
N VAL B 340 -21.32 -82.97 -9.70
CA VAL B 340 -21.06 -82.42 -11.03
C VAL B 340 -20.08 -83.31 -11.79
N VAL B 341 -18.92 -83.60 -11.19
CA VAL B 341 -17.95 -84.53 -11.83
C VAL B 341 -18.60 -85.92 -12.00
N LYS B 342 -19.51 -86.28 -11.10
CA LYS B 342 -20.32 -87.48 -11.26
C LYS B 342 -21.18 -87.42 -12.55
N THR B 343 -21.98 -86.38 -12.70
CA THR B 343 -22.82 -86.28 -13.91
C THR B 343 -22.04 -85.89 -15.20
N LEU B 344 -20.86 -85.30 -15.06
CA LEU B 344 -19.97 -85.13 -16.23
C LEU B 344 -19.30 -86.45 -16.63
N GLY B 345 -19.14 -87.34 -15.66
CA GLY B 345 -18.64 -88.68 -15.90
C GLY B 345 -19.75 -89.51 -16.54
N GLU B 346 -20.89 -89.63 -15.86
CA GLU B 346 -21.99 -90.45 -16.36
C GLU B 346 -22.43 -90.00 -17.73
N ALA B 347 -22.32 -88.70 -17.97
CA ALA B 347 -22.65 -88.17 -19.26
C ALA B 347 -21.68 -88.69 -20.31
N ILE B 348 -20.36 -88.51 -20.11
CA ILE B 348 -19.38 -89.00 -21.12
C ILE B 348 -19.47 -90.53 -21.29
N LEU B 349 -19.83 -91.24 -20.23
CA LEU B 349 -20.11 -92.66 -20.29
C LEU B 349 -21.34 -92.98 -21.16
N LEU B 350 -22.48 -92.43 -20.74
CA LEU B 350 -23.72 -92.51 -21.49
C LEU B 350 -23.56 -92.15 -22.98
N VAL B 351 -22.75 -91.14 -23.29
CA VAL B 351 -22.57 -90.78 -24.69
C VAL B 351 -21.84 -91.91 -25.41
N PHE B 352 -20.64 -92.26 -24.95
CA PHE B 352 -20.00 -93.49 -25.34
C PHE B 352 -21.00 -94.64 -25.64
N LEU B 353 -21.82 -95.09 -24.67
CA LEU B 353 -22.75 -96.20 -24.95
C LEU B 353 -23.62 -95.99 -26.19
N VAL B 354 -24.53 -95.01 -26.17
CA VAL B 354 -25.41 -94.75 -27.33
C VAL B 354 -24.64 -94.49 -28.65
N MET B 355 -23.39 -94.03 -28.53
CA MET B 355 -22.46 -93.87 -29.65
C MET B 355 -22.19 -95.20 -30.28
N TYR B 356 -21.83 -96.17 -29.46
CA TYR B 356 -21.62 -97.56 -29.87
C TYR B 356 -22.92 -98.19 -30.35
N LEU B 357 -23.94 -98.19 -29.50
CA LEU B 357 -25.24 -98.77 -29.82
C LEU B 357 -25.78 -98.43 -31.21
N PHE B 358 -25.49 -97.23 -31.70
CA PHE B 358 -25.99 -96.80 -32.98
C PHE B 358 -24.90 -96.87 -34.03
N LEU B 359 -23.69 -96.50 -33.65
CA LEU B 359 -22.56 -96.52 -34.57
C LEU B 359 -21.68 -97.63 -34.08
N GLN B 360 -21.76 -98.79 -34.69
CA GLN B 360 -21.10 -99.95 -34.09
C GLN B 360 -19.55 -99.82 -33.96
N ASN B 361 -18.96 -98.84 -34.65
CA ASN B 361 -17.55 -98.44 -34.49
C ASN B 361 -17.06 -98.28 -33.02
N PHE B 362 -15.77 -98.47 -32.75
CA PHE B 362 -15.19 -98.15 -31.41
C PHE B 362 -14.36 -96.89 -31.40
N ARG B 363 -13.83 -96.56 -32.56
CA ARG B 363 -13.05 -95.36 -32.68
C ARG B 363 -14.00 -94.16 -32.58
N ALA B 364 -15.11 -94.20 -33.34
CA ALA B 364 -16.15 -93.15 -33.29
C ALA B 364 -16.54 -92.79 -31.86
N THR B 365 -16.67 -93.82 -31.03
CA THR B 365 -17.03 -93.69 -29.61
C THR B 365 -16.25 -92.64 -28.85
N LEU B 366 -15.00 -92.43 -29.25
CA LEU B 366 -14.13 -91.61 -28.44
C LEU B 366 -13.79 -90.26 -29.03
N ILE B 367 -14.29 -89.95 -30.22
CA ILE B 367 -14.21 -88.57 -30.64
C ILE B 367 -14.91 -87.68 -29.61
N PRO B 368 -16.18 -88.00 -29.25
CA PRO B 368 -16.86 -87.23 -28.20
C PRO B 368 -16.15 -87.28 -26.86
N THR B 369 -15.44 -88.38 -26.60
CA THR B 369 -14.71 -88.52 -25.33
C THR B 369 -13.54 -87.58 -25.18
N ILE B 370 -12.85 -87.30 -26.28
CA ILE B 370 -11.87 -86.23 -26.30
C ILE B 370 -12.51 -84.83 -26.18
N ALA B 371 -13.55 -84.55 -26.97
CA ALA B 371 -14.05 -83.16 -27.16
C ALA B 371 -14.78 -82.53 -25.97
N VAL B 372 -15.69 -83.30 -25.38
CA VAL B 372 -16.45 -82.83 -24.21
C VAL B 372 -15.52 -82.32 -23.07
N PRO B 373 -14.47 -83.09 -22.71
CA PRO B 373 -13.62 -82.63 -21.61
C PRO B 373 -12.70 -81.47 -22.03
N VAL B 374 -12.25 -81.49 -23.29
CA VAL B 374 -11.49 -80.37 -23.85
C VAL B 374 -12.29 -79.06 -23.72
N VAL B 375 -13.60 -79.19 -23.75
CA VAL B 375 -14.46 -78.04 -23.64
C VAL B 375 -14.66 -77.64 -22.20
N LEU B 376 -15.11 -78.57 -21.37
CA LEU B 376 -15.30 -78.27 -19.98
C LEU B 376 -14.07 -77.63 -19.38
N LEU B 377 -12.90 -78.15 -19.75
CA LEU B 377 -11.67 -77.51 -19.31
C LEU B 377 -11.64 -76.05 -19.71
N GLY B 378 -11.62 -75.79 -21.01
CA GLY B 378 -11.68 -74.43 -21.52
C GLY B 378 -12.68 -73.57 -20.75
N THR B 379 -13.81 -74.16 -20.38
CA THR B 379 -14.94 -73.36 -19.87
C THR B 379 -14.58 -72.74 -18.52
N PHE B 380 -14.04 -73.57 -17.64
CA PHE B 380 -13.42 -73.14 -16.39
C PHE B 380 -12.35 -72.06 -16.58
N GLY B 381 -11.77 -72.02 -17.78
CA GLY B 381 -10.80 -71.02 -18.15
C GLY B 381 -11.52 -69.72 -18.44
N VAL B 382 -12.47 -69.75 -19.37
CA VAL B 382 -13.29 -68.57 -19.70
C VAL B 382 -13.93 -68.00 -18.42
N LEU B 383 -14.51 -68.88 -17.60
CA LEU B 383 -15.04 -68.47 -16.30
C LEU B 383 -14.03 -67.62 -15.52
N ALA B 384 -12.86 -68.20 -15.24
CA ALA B 384 -11.69 -67.46 -14.73
C ALA B 384 -11.57 -66.05 -15.32
N ALA B 385 -11.27 -65.99 -16.61
CA ALA B 385 -11.25 -64.75 -17.40
C ALA B 385 -12.29 -63.70 -16.96
N PHE B 386 -13.57 -64.05 -17.06
CA PHE B 386 -14.68 -63.15 -16.73
C PHE B 386 -14.81 -62.81 -15.24
N GLY B 387 -14.00 -63.47 -14.41
CA GLY B 387 -13.88 -63.17 -13.00
C GLY B 387 -14.98 -63.73 -12.13
N PHE B 388 -15.43 -64.94 -12.46
CA PHE B 388 -16.50 -65.62 -11.74
C PHE B 388 -15.86 -66.55 -10.73
N SER B 389 -16.63 -67.48 -10.18
CA SER B 389 -16.04 -68.52 -9.31
C SER B 389 -16.70 -69.91 -9.47
N ILE B 390 -16.11 -70.90 -8.83
CA ILE B 390 -16.73 -72.18 -8.68
C ILE B 390 -17.69 -72.10 -7.49
N ASN B 391 -18.97 -72.15 -7.80
CA ASN B 391 -20.03 -72.04 -6.81
C ASN B 391 -21.31 -72.81 -7.24
N THR B 392 -22.27 -72.95 -6.34
CA THR B 392 -23.54 -73.64 -6.60
C THR B 392 -24.11 -73.45 -8.01
N LEU B 393 -24.06 -72.21 -8.49
CA LEU B 393 -24.80 -71.84 -9.68
C LEU B 393 -23.95 -71.97 -10.94
N THR B 394 -22.68 -71.54 -10.85
CA THR B 394 -21.74 -71.77 -11.95
C THR B 394 -21.50 -73.24 -12.18
N MET B 395 -21.83 -74.05 -11.17
CA MET B 395 -21.77 -75.52 -11.25
C MET B 395 -22.99 -76.13 -11.94
N PHE B 396 -24.20 -75.90 -11.41
CA PHE B 396 -25.41 -76.28 -12.15
C PHE B 396 -25.35 -75.74 -13.56
N GLY B 397 -24.83 -74.52 -13.71
CA GLY B 397 -24.57 -73.94 -15.02
C GLY B 397 -23.97 -74.96 -15.98
N MET B 398 -22.97 -75.72 -15.51
CA MET B 398 -22.21 -76.70 -16.32
C MET B 398 -23.03 -77.94 -16.61
N VAL B 399 -23.62 -78.51 -15.56
CA VAL B 399 -24.54 -79.63 -15.71
C VAL B 399 -25.53 -79.27 -16.81
N LEU B 400 -26.29 -78.19 -16.60
CA LEU B 400 -27.28 -77.77 -17.58
C LEU B 400 -26.74 -77.63 -18.98
N ALA B 401 -25.49 -77.16 -19.10
CA ALA B 401 -24.85 -76.99 -20.43
C ALA B 401 -24.51 -78.29 -21.14
N ILE B 402 -24.33 -79.36 -20.37
CA ILE B 402 -23.83 -80.63 -20.90
C ILE B 402 -24.70 -81.18 -22.02
N GLY B 403 -26.00 -80.87 -21.98
CA GLY B 403 -26.88 -81.21 -23.10
C GLY B 403 -26.29 -80.66 -24.38
N LEU B 404 -26.11 -79.35 -24.41
CA LEU B 404 -25.67 -78.64 -25.58
C LEU B 404 -24.32 -79.09 -26.01
N LEU B 405 -23.51 -79.47 -25.01
CA LEU B 405 -22.10 -79.81 -25.21
C LEU B 405 -21.92 -81.16 -25.88
N VAL B 406 -22.83 -82.04 -25.54
CA VAL B 406 -22.87 -83.39 -25.98
C VAL B 406 -23.47 -83.46 -27.36
N ASP B 407 -24.62 -82.81 -27.57
CA ASP B 407 -25.22 -82.77 -28.90
C ASP B 407 -24.23 -82.32 -29.99
N ASP B 408 -23.47 -81.25 -29.70
CA ASP B 408 -22.47 -80.69 -30.62
C ASP B 408 -21.44 -81.73 -31.11
N ALA B 409 -21.06 -82.65 -30.22
CA ALA B 409 -20.12 -83.75 -30.54
C ALA B 409 -20.76 -84.83 -31.40
N ILE B 410 -21.92 -85.30 -30.96
CA ILE B 410 -22.75 -86.25 -31.73
C ILE B 410 -23.11 -85.77 -33.13
N VAL B 411 -23.61 -84.54 -33.29
CA VAL B 411 -24.01 -84.14 -34.66
C VAL B 411 -22.82 -84.31 -35.61
N VAL B 412 -21.63 -83.91 -35.17
CA VAL B 412 -20.48 -83.83 -36.09
C VAL B 412 -19.99 -85.18 -36.53
N VAL B 413 -20.03 -86.14 -35.62
CA VAL B 413 -19.57 -87.48 -35.93
C VAL B 413 -20.64 -88.24 -36.70
N GLU B 414 -21.84 -88.34 -36.13
CA GLU B 414 -22.87 -89.07 -36.82
C GLU B 414 -22.96 -88.58 -38.30
N ASN B 415 -22.69 -87.31 -38.56
CA ASN B 415 -22.77 -86.82 -39.93
C ASN B 415 -21.69 -87.35 -40.88
N VAL B 416 -20.48 -87.52 -40.38
CA VAL B 416 -19.42 -88.09 -41.21
C VAL B 416 -19.74 -89.57 -41.44
N GLU B 417 -19.96 -90.26 -40.33
CA GLU B 417 -20.48 -91.61 -40.35
C GLU B 417 -21.61 -91.79 -41.35
N ARG B 418 -22.58 -90.87 -41.37
CA ARG B 418 -23.69 -90.96 -42.32
C ARG B 418 -23.23 -90.76 -43.76
N VAL B 419 -22.59 -89.63 -44.05
CA VAL B 419 -22.10 -89.34 -45.39
C VAL B 419 -21.21 -90.46 -45.96
N MET B 420 -20.41 -91.08 -45.09
CA MET B 420 -19.53 -92.20 -45.44
C MET B 420 -20.30 -93.44 -45.87
N ALA B 421 -21.26 -93.86 -45.05
CA ALA B 421 -22.17 -94.98 -45.37
C ALA B 421 -22.95 -94.77 -46.67
N GLU B 422 -23.64 -93.62 -46.79
CA GLU B 422 -24.57 -93.38 -47.90
C GLU B 422 -23.84 -93.02 -49.18
N GLU B 423 -22.60 -92.52 -49.06
CA GLU B 423 -21.82 -92.06 -50.24
C GLU B 423 -20.45 -92.71 -50.51
N GLY B 424 -19.96 -93.50 -49.56
CA GLY B 424 -18.69 -94.20 -49.71
C GLY B 424 -17.51 -93.26 -49.88
N LEU B 425 -17.58 -92.08 -49.28
CA LEU B 425 -16.44 -91.19 -49.31
C LEU B 425 -15.44 -91.64 -48.26
N SER B 426 -14.15 -91.38 -48.51
CA SER B 426 -13.13 -91.70 -47.52
C SER B 426 -13.42 -90.86 -46.27
N PRO B 427 -12.99 -91.31 -45.07
CA PRO B 427 -13.24 -90.49 -43.88
C PRO B 427 -12.94 -89.01 -44.11
N ARG B 428 -11.80 -88.73 -44.72
CA ARG B 428 -11.38 -87.36 -44.93
C ARG B 428 -12.33 -86.60 -45.82
N GLU B 429 -12.84 -87.28 -46.83
CA GLU B 429 -13.80 -86.73 -47.76
C GLU B 429 -15.11 -86.41 -47.06
N ALA B 430 -15.71 -87.44 -46.47
CA ALA B 430 -16.91 -87.29 -45.66
C ALA B 430 -16.83 -86.17 -44.62
N ALA B 431 -15.66 -85.97 -44.05
CA ALA B 431 -15.47 -84.89 -43.09
C ALA B 431 -15.68 -83.54 -43.73
N ARG B 432 -15.05 -83.27 -44.87
CA ARG B 432 -15.15 -81.92 -45.40
C ARG B 432 -16.50 -81.76 -46.00
N LYS B 433 -16.96 -82.81 -46.66
CA LYS B 433 -18.32 -82.85 -47.17
C LYS B 433 -19.25 -82.45 -46.05
N SER B 434 -19.23 -83.24 -44.99
CA SER B 434 -20.07 -83.03 -43.82
C SER B 434 -20.04 -81.59 -43.32
N MET B 435 -18.84 -80.99 -43.21
CA MET B 435 -18.68 -79.66 -42.60
C MET B 435 -19.16 -78.59 -43.53
N GLY B 436 -19.01 -78.88 -44.81
CA GLY B 436 -19.67 -78.13 -45.85
C GLY B 436 -21.12 -77.94 -45.46
N GLN B 437 -21.86 -79.02 -45.22
CA GLN B 437 -23.25 -78.89 -44.75
C GLN B 437 -23.47 -78.22 -43.36
N ILE B 438 -22.54 -78.44 -42.45
CA ILE B 438 -22.76 -78.14 -41.06
C ILE B 438 -22.21 -76.77 -40.62
N GLN B 439 -20.98 -76.39 -41.01
CA GLN B 439 -20.38 -75.13 -40.55
C GLN B 439 -21.44 -74.07 -40.41
N GLY B 440 -22.01 -73.77 -41.59
CA GLY B 440 -23.06 -72.78 -41.80
C GLY B 440 -24.01 -72.77 -40.65
N ALA B 441 -24.82 -73.82 -40.58
CA ALA B 441 -25.77 -74.01 -39.48
C ALA B 441 -25.15 -73.75 -38.11
N LEU B 442 -24.18 -74.57 -37.71
CA LEU B 442 -23.45 -74.41 -36.45
C LEU B 442 -23.14 -72.99 -36.04
N VAL B 443 -22.31 -72.30 -36.83
CA VAL B 443 -22.02 -70.89 -36.53
C VAL B 443 -23.32 -70.18 -36.17
N GLY B 444 -24.32 -70.30 -37.06
CA GLY B 444 -25.64 -69.66 -36.90
C GLY B 444 -26.30 -70.03 -35.59
N ILE B 445 -26.29 -71.32 -35.26
CA ILE B 445 -26.97 -71.75 -34.06
C ILE B 445 -26.29 -71.17 -32.83
N ALA B 446 -24.97 -70.95 -32.91
CA ALA B 446 -24.25 -70.30 -31.82
C ALA B 446 -24.78 -68.90 -31.59
N MET B 447 -25.07 -68.19 -32.68
CA MET B 447 -25.72 -66.89 -32.61
C MET B 447 -27.10 -67.02 -31.96
N VAL B 448 -27.88 -67.97 -32.47
CA VAL B 448 -29.23 -68.17 -31.99
C VAL B 448 -29.18 -68.35 -30.51
N LEU B 449 -28.37 -69.32 -30.07
CA LEU B 449 -28.27 -69.66 -28.63
C LEU B 449 -27.70 -68.57 -27.75
N SER B 450 -27.04 -67.58 -28.34
CA SER B 450 -26.52 -66.48 -27.56
C SER B 450 -27.64 -65.55 -27.25
N ALA B 451 -28.56 -65.43 -28.20
CA ALA B 451 -29.74 -64.59 -28.04
C ALA B 451 -30.73 -65.17 -27.04
N VAL B 452 -30.70 -66.49 -26.87
CA VAL B 452 -31.62 -67.19 -25.99
C VAL B 452 -31.18 -67.01 -24.54
N PHE B 453 -29.87 -66.95 -24.33
CA PHE B 453 -29.32 -66.92 -22.97
C PHE B 453 -28.82 -65.56 -22.45
N LEU B 454 -28.25 -64.71 -23.30
CA LEU B 454 -27.69 -63.44 -22.85
C LEU B 454 -28.68 -62.43 -22.30
N PRO B 455 -29.83 -62.22 -22.97
CA PRO B 455 -30.63 -61.14 -22.43
C PRO B 455 -30.91 -61.37 -20.96
N MET B 456 -31.00 -62.62 -20.55
CA MET B 456 -31.12 -62.95 -19.12
C MET B 456 -29.96 -62.39 -18.26
N ALA B 457 -28.82 -62.12 -18.85
CA ALA B 457 -27.70 -61.59 -18.06
C ALA B 457 -27.81 -60.09 -17.83
N PHE B 458 -28.83 -59.48 -18.41
CA PHE B 458 -29.02 -58.03 -18.32
C PHE B 458 -30.06 -57.60 -17.30
N PHE B 459 -30.59 -58.58 -16.58
CA PHE B 459 -31.43 -58.30 -15.43
C PHE B 459 -30.65 -57.63 -14.30
N GLY B 460 -31.32 -56.81 -13.52
CA GLY B 460 -30.71 -56.24 -12.33
C GLY B 460 -31.18 -56.83 -11.02
N GLY B 461 -30.50 -56.45 -9.95
CA GLY B 461 -30.83 -56.90 -8.60
C GLY B 461 -30.35 -58.31 -8.40
N SER B 462 -30.83 -58.93 -7.32
CA SER B 462 -30.42 -60.25 -6.89
C SER B 462 -30.76 -61.31 -7.90
N THR B 463 -32.01 -61.25 -8.35
CA THR B 463 -32.52 -62.05 -9.45
C THR B 463 -31.49 -62.08 -10.58
N GLY B 464 -31.10 -60.90 -11.06
CA GLY B 464 -30.15 -60.78 -12.17
C GLY B 464 -28.81 -61.43 -11.91
N VAL B 465 -28.31 -61.27 -10.68
CA VAL B 465 -26.97 -61.74 -10.33
C VAL B 465 -26.99 -63.23 -10.58
N ILE B 466 -28.03 -63.90 -10.06
CA ILE B 466 -28.25 -65.35 -10.26
C ILE B 466 -28.31 -65.77 -11.73
N TYR B 467 -29.15 -65.11 -12.52
CA TYR B 467 -29.15 -65.38 -13.92
C TYR B 467 -27.77 -65.19 -14.56
N ARG B 468 -27.11 -64.07 -14.32
CA ARG B 468 -25.76 -63.85 -14.91
C ARG B 468 -24.87 -65.09 -14.69
N GLN B 469 -24.90 -65.65 -13.46
CA GLN B 469 -24.15 -66.89 -13.18
C GLN B 469 -24.43 -68.01 -14.20
N PHE B 470 -25.70 -68.33 -14.44
CA PHE B 470 -26.07 -69.31 -15.45
C PHE B 470 -25.75 -68.83 -16.87
N SER B 471 -26.32 -67.70 -17.27
CA SER B 471 -26.12 -67.19 -18.61
C SER B 471 -24.64 -67.23 -19.04
N ILE B 472 -23.72 -66.64 -18.28
CA ILE B 472 -22.30 -66.64 -18.67
C ILE B 472 -21.63 -68.02 -18.65
N THR B 473 -21.84 -68.81 -17.60
CA THR B 473 -21.24 -70.13 -17.63
C THR B 473 -21.75 -70.94 -18.83
N ILE B 474 -22.99 -70.73 -19.23
CA ILE B 474 -23.55 -71.46 -20.37
C ILE B 474 -23.09 -70.97 -21.75
N VAL B 475 -23.27 -69.69 -22.06
CA VAL B 475 -22.95 -69.28 -23.40
C VAL B 475 -21.45 -69.43 -23.66
N SER B 476 -20.67 -69.33 -22.59
CA SER B 476 -19.26 -69.71 -22.60
C SER B 476 -19.06 -71.17 -23.04
N ALA B 477 -19.78 -72.07 -22.38
CA ALA B 477 -19.69 -73.51 -22.71
C ALA B 477 -19.99 -73.74 -24.21
N MET B 478 -21.15 -73.23 -24.63
CA MET B 478 -21.68 -73.33 -25.98
C MET B 478 -20.76 -72.65 -27.01
N ALA B 479 -20.33 -71.42 -26.74
CA ALA B 479 -19.40 -70.77 -27.64
C ALA B 479 -18.15 -71.63 -27.87
N LEU B 480 -17.58 -72.16 -26.78
CA LEU B 480 -16.41 -73.02 -26.87
C LEU B 480 -16.70 -74.26 -27.67
N SER B 481 -17.77 -74.97 -27.28
CA SER B 481 -18.25 -76.12 -28.02
C SER B 481 -18.30 -75.91 -29.54
N VAL B 482 -19.03 -74.90 -30.00
CA VAL B 482 -18.99 -74.54 -31.41
C VAL B 482 -17.57 -74.51 -32.00
N ILE B 483 -16.67 -73.71 -31.40
CA ILE B 483 -15.24 -73.66 -31.75
C ILE B 483 -14.54 -75.03 -31.87
N VAL B 484 -14.68 -75.87 -30.86
CA VAL B 484 -13.98 -77.15 -30.89
C VAL B 484 -14.68 -78.17 -31.80
N ALA B 485 -16.00 -78.02 -31.95
CA ALA B 485 -16.76 -78.77 -32.94
C ALA B 485 -16.65 -78.10 -34.32
N LEU B 486 -15.73 -77.16 -34.45
CA LEU B 486 -15.35 -76.62 -35.74
C LEU B 486 -13.87 -76.85 -36.07
N ILE B 487 -13.02 -76.93 -35.04
CA ILE B 487 -11.56 -77.08 -35.21
C ILE B 487 -11.02 -78.47 -34.89
N LEU B 488 -11.40 -79.00 -33.74
CA LEU B 488 -10.96 -80.32 -33.31
C LEU B 488 -11.77 -81.45 -33.96
N THR B 489 -13.07 -81.52 -33.65
CA THR B 489 -13.90 -82.65 -34.07
C THR B 489 -13.74 -83.07 -35.56
N PRO B 490 -14.00 -82.16 -36.50
CA PRO B 490 -13.82 -82.65 -37.88
C PRO B 490 -12.41 -83.22 -38.13
N ALA B 491 -11.39 -82.65 -37.49
CA ALA B 491 -10.03 -83.15 -37.63
C ALA B 491 -9.96 -84.57 -37.10
N LEU B 492 -10.24 -84.77 -35.81
CA LEU B 492 -10.36 -86.14 -35.22
C LEU B 492 -11.14 -87.14 -36.09
N CYS B 493 -12.37 -86.79 -36.48
CA CYS B 493 -13.10 -87.53 -37.50
C CYS B 493 -12.23 -88.01 -38.65
N ALA B 494 -11.65 -87.08 -39.41
CA ALA B 494 -10.87 -87.45 -40.58
C ALA B 494 -9.69 -88.44 -40.30
N THR B 495 -9.00 -88.23 -39.19
CA THR B 495 -7.97 -89.09 -38.68
C THR B 495 -8.56 -90.43 -38.24
N MET B 496 -9.09 -90.48 -37.02
CA MET B 496 -9.49 -91.72 -36.36
C MET B 496 -10.64 -92.62 -36.91
N LEU B 497 -11.43 -92.14 -37.86
CA LEU B 497 -12.60 -92.89 -38.32
C LEU B 497 -12.25 -93.80 -39.46
N LYS B 498 -12.99 -94.91 -39.61
CA LYS B 498 -12.60 -95.98 -40.53
C LYS B 498 -13.60 -96.10 -41.67
N PRO B 499 -13.11 -96.24 -42.92
CA PRO B 499 -13.98 -96.28 -44.11
C PRO B 499 -15.09 -97.33 -44.00
N ILE B 500 -16.27 -96.99 -44.50
CA ILE B 500 -17.37 -97.95 -44.56
C ILE B 500 -17.99 -98.02 -45.96
N GLU B 501 -18.35 -99.24 -46.34
CA GLU B 501 -18.93 -99.56 -47.64
C GLU B 501 -20.10 -98.66 -47.95
N LYS B 502 -20.11 -98.07 -49.15
CA LYS B 502 -21.30 -97.38 -49.64
C LYS B 502 -22.51 -98.33 -49.63
N GLY B 503 -23.63 -97.80 -49.16
CA GLY B 503 -24.88 -98.56 -49.06
C GLY B 503 -25.04 -99.35 -47.76
N ASP B 504 -23.93 -99.77 -47.18
CA ASP B 504 -23.94 -100.67 -46.03
C ASP B 504 -24.49 -100.09 -44.72
N HIS B 505 -25.80 -100.17 -44.54
CA HIS B 505 -26.43 -99.74 -43.30
C HIS B 505 -26.48 -100.89 -42.29
N GLY B 506 -25.82 -101.98 -42.65
CA GLY B 506 -25.50 -103.09 -41.74
C GLY B 506 -26.63 -103.86 -41.08
N GLU B 507 -27.31 -104.72 -41.82
CA GLU B 507 -28.34 -105.61 -41.26
C GLU B 507 -27.98 -107.07 -41.56
N HIS B 508 -27.06 -107.24 -42.50
CA HIS B 508 -26.42 -108.51 -42.75
C HIS B 508 -25.75 -108.94 -41.45
N LYS B 509 -25.18 -107.95 -40.77
CA LYS B 509 -24.60 -108.05 -39.42
C LYS B 509 -25.01 -109.19 -38.49
N GLY B 510 -26.30 -109.56 -38.45
CA GLY B 510 -26.77 -110.58 -37.50
C GLY B 510 -26.23 -110.39 -36.07
N GLY B 511 -26.67 -111.22 -35.13
CA GLY B 511 -26.34 -110.99 -33.73
C GLY B 511 -27.31 -109.94 -33.21
N PHE B 512 -26.97 -109.28 -32.10
CA PHE B 512 -27.86 -108.24 -31.54
C PHE B 512 -27.92 -107.00 -32.43
N PHE B 513 -26.74 -106.53 -32.88
CA PHE B 513 -26.65 -105.34 -33.72
C PHE B 513 -27.43 -105.50 -35.03
N GLY B 514 -27.28 -106.66 -35.66
CA GLY B 514 -28.08 -107.02 -36.82
C GLY B 514 -29.56 -106.90 -36.51
N TRP B 515 -29.97 -107.34 -35.32
CA TRP B 515 -31.34 -107.14 -34.88
C TRP B 515 -31.68 -105.63 -34.81
N PHE B 516 -30.77 -104.85 -34.23
CA PHE B 516 -30.99 -103.44 -33.97
C PHE B 516 -31.14 -102.66 -35.28
N ASN B 517 -30.11 -102.76 -36.13
CA ASN B 517 -30.15 -102.01 -37.38
C ASN B 517 -31.40 -102.31 -38.18
N ARG B 518 -31.68 -103.58 -38.43
CA ARG B 518 -32.89 -103.92 -39.15
C ARG B 518 -34.03 -103.17 -38.49
N MET B 519 -34.11 -103.29 -37.16
CA MET B 519 -35.19 -102.66 -36.37
C MET B 519 -35.24 -101.12 -36.49
N PHE B 520 -34.16 -100.45 -36.09
CA PHE B 520 -34.10 -99.00 -36.21
C PHE B 520 -34.44 -98.54 -37.62
N LEU B 521 -33.88 -99.24 -38.61
CA LEU B 521 -34.12 -98.97 -40.02
C LEU B 521 -35.62 -98.92 -40.33
N SER B 522 -36.33 -99.92 -39.81
CA SER B 522 -37.76 -100.00 -40.06
C SER B 522 -38.47 -98.81 -39.42
N THR B 523 -38.09 -98.50 -38.17
CA THR B 523 -38.62 -97.34 -37.47
C THR B 523 -38.43 -96.13 -38.33
N THR B 524 -37.20 -95.92 -38.78
CA THR B 524 -36.97 -94.77 -39.61
C THR B 524 -37.97 -94.67 -40.73
N HIS B 525 -38.16 -95.76 -41.50
CA HIS B 525 -39.13 -95.76 -42.59
C HIS B 525 -40.51 -95.33 -42.10
N GLY B 526 -40.87 -95.83 -40.91
CA GLY B 526 -42.16 -95.48 -40.27
C GLY B 526 -42.30 -94.01 -40.00
N TYR B 527 -41.34 -93.47 -39.26
CA TYR B 527 -41.17 -92.03 -39.15
C TYR B 527 -41.35 -91.30 -40.50
N GLU B 528 -40.69 -91.76 -41.56
CA GLU B 528 -40.80 -91.10 -42.85
C GLU B 528 -42.25 -91.07 -43.29
N ARG B 529 -42.88 -92.26 -43.31
CA ARG B 529 -44.30 -92.41 -43.58
C ARG B 529 -45.19 -91.54 -42.68
N GLY B 530 -44.84 -91.43 -41.40
CA GLY B 530 -45.46 -90.45 -40.50
C GLY B 530 -45.39 -89.04 -41.09
N VAL B 531 -44.19 -88.50 -41.18
CA VAL B 531 -44.00 -87.18 -41.76
C VAL B 531 -44.80 -87.04 -43.08
N ALA B 532 -44.63 -88.01 -43.97
CA ALA B 532 -45.20 -87.95 -45.30
C ALA B 532 -46.73 -87.83 -45.27
N SER B 533 -47.32 -88.56 -44.33
CA SER B 533 -48.74 -88.51 -44.06
C SER B 533 -49.16 -87.13 -43.57
N ILE B 534 -48.44 -86.59 -42.58
CA ILE B 534 -48.69 -85.23 -42.05
C ILE B 534 -48.60 -84.20 -43.16
N LEU B 535 -47.59 -84.30 -44.02
CA LEU B 535 -47.39 -83.29 -45.05
C LEU B 535 -48.53 -83.35 -46.05
N LYS B 536 -49.17 -84.52 -46.14
CA LYS B 536 -50.39 -84.72 -46.96
C LYS B 536 -51.58 -84.02 -46.34
N HIS B 537 -51.73 -84.20 -45.03
CA HIS B 537 -52.95 -83.84 -44.30
C HIS B 537 -52.66 -82.73 -43.30
N ARG B 538 -52.52 -81.53 -43.82
CA ARG B 538 -51.93 -80.46 -43.03
C ARG B 538 -52.79 -79.83 -41.97
N ALA B 539 -53.85 -79.14 -42.41
CA ALA B 539 -54.76 -78.39 -41.54
C ALA B 539 -55.09 -79.06 -40.19
N PRO B 540 -55.50 -80.33 -40.21
CA PRO B 540 -55.75 -81.07 -38.94
C PRO B 540 -54.68 -80.83 -37.88
N TYR B 541 -53.42 -81.08 -38.26
CA TYR B 541 -52.28 -80.88 -37.39
C TYR B 541 -52.05 -79.43 -37.02
N LEU B 542 -51.90 -78.58 -38.03
CA LEU B 542 -51.71 -77.20 -37.75
C LEU B 542 -52.65 -76.78 -36.62
N LEU B 543 -53.86 -77.32 -36.60
CA LEU B 543 -54.80 -76.94 -35.54
C LEU B 543 -54.48 -77.64 -34.22
N ILE B 544 -54.12 -78.92 -34.25
CA ILE B 544 -53.65 -79.61 -33.03
C ILE B 544 -52.38 -78.98 -32.44
N TYR B 545 -51.66 -78.22 -33.24
CA TYR B 545 -50.61 -77.34 -32.74
C TYR B 545 -51.24 -76.25 -31.91
N VAL B 546 -52.11 -75.47 -32.56
CA VAL B 546 -52.84 -74.36 -31.91
C VAL B 546 -53.49 -74.75 -30.57
N VAL B 547 -53.98 -75.99 -30.45
CA VAL B 547 -54.39 -76.52 -29.15
C VAL B 547 -53.20 -76.60 -28.20
N ILE B 548 -52.15 -77.37 -28.54
CA ILE B 548 -50.94 -77.51 -27.67
C ILE B 548 -50.36 -76.16 -27.25
N VAL B 549 -50.48 -75.16 -28.14
CA VAL B 549 -50.01 -73.82 -27.79
C VAL B 549 -50.83 -73.22 -26.68
N ALA B 550 -52.16 -73.28 -26.83
CA ALA B 550 -53.06 -72.77 -25.80
C ALA B 550 -52.75 -73.50 -24.49
N GLY B 551 -52.71 -74.82 -24.55
CA GLY B 551 -52.39 -75.66 -23.41
C GLY B 551 -51.23 -75.11 -22.62
N MET B 552 -50.17 -74.71 -23.33
CA MET B 552 -49.02 -74.03 -22.71
C MET B 552 -49.38 -72.67 -22.10
N ILE B 553 -50.12 -71.84 -22.82
CA ILE B 553 -50.53 -70.50 -22.34
C ILE B 553 -51.37 -70.62 -21.08
N TRP B 554 -52.15 -71.67 -21.02
CA TRP B 554 -53.02 -71.92 -19.89
C TRP B 554 -52.23 -72.50 -18.71
N MET B 555 -51.33 -73.41 -19.05
CA MET B 555 -50.49 -74.11 -18.09
C MET B 555 -49.55 -73.19 -17.33
N PHE B 556 -49.35 -71.97 -17.84
CA PHE B 556 -48.49 -71.00 -17.17
C PHE B 556 -49.21 -70.42 -16.00
N THR B 557 -50.18 -69.56 -16.31
CA THR B 557 -51.12 -69.04 -15.33
C THR B 557 -51.94 -70.22 -14.90
N ARG B 558 -51.46 -70.86 -13.84
CA ARG B 558 -51.97 -72.09 -13.23
C ARG B 558 -50.82 -72.76 -12.45
N ILE B 559 -49.57 -72.55 -12.88
CA ILE B 559 -48.39 -72.96 -12.08
C ILE B 559 -48.09 -71.94 -10.95
N PRO B 560 -47.79 -72.43 -9.71
CA PRO B 560 -47.39 -71.50 -8.66
C PRO B 560 -46.04 -70.93 -9.00
N THR B 561 -45.88 -69.64 -8.75
CA THR B 561 -44.74 -68.92 -9.27
C THR B 561 -43.93 -68.35 -8.12
N ALA B 562 -42.83 -69.01 -7.75
CA ALA B 562 -41.92 -68.59 -6.66
C ALA B 562 -40.53 -68.12 -7.15
N PHE B 563 -39.78 -67.43 -6.27
CA PHE B 563 -38.43 -66.90 -6.58
C PHE B 563 -37.40 -68.03 -6.63
N LEU B 564 -37.25 -68.76 -5.53
CA LEU B 564 -36.30 -69.88 -5.46
C LEU B 564 -36.98 -71.21 -5.09
N PRO B 565 -36.28 -72.36 -5.32
CA PRO B 565 -36.78 -73.63 -4.78
C PRO B 565 -36.61 -73.70 -3.27
N ASP B 566 -37.45 -74.49 -2.63
CA ASP B 566 -37.37 -74.70 -1.19
C ASP B 566 -36.24 -75.67 -0.97
N GLU B 567 -35.35 -75.35 -0.03
CA GLU B 567 -34.15 -76.16 0.14
C GLU B 567 -34.05 -76.68 1.58
N ASP B 568 -33.55 -77.90 1.73
CA ASP B 568 -33.20 -78.40 3.04
C ASP B 568 -31.68 -78.28 3.19
N GLN B 569 -31.25 -77.09 3.60
CA GLN B 569 -29.93 -76.92 4.17
C GLN B 569 -30.04 -77.54 5.54
N GLY B 570 -28.94 -77.71 6.25
CA GLY B 570 -29.01 -78.44 7.52
C GLY B 570 -29.69 -77.76 8.70
N VAL B 571 -30.55 -76.77 8.44
CA VAL B 571 -30.87 -75.70 9.41
C VAL B 571 -32.38 -75.46 9.56
N LEU B 572 -32.77 -75.05 10.78
CA LEU B 572 -34.13 -74.64 11.08
C LEU B 572 -34.19 -73.51 12.13
N PHE B 573 -35.08 -72.52 11.92
CA PHE B 573 -35.21 -71.42 12.89
C PHE B 573 -36.43 -71.51 13.77
N ALA B 574 -36.26 -71.09 15.01
CA ALA B 574 -37.38 -71.01 15.94
C ALA B 574 -37.32 -69.65 16.60
N GLN B 575 -38.40 -68.89 16.43
CA GLN B 575 -38.50 -67.58 17.04
C GLN B 575 -39.37 -67.60 18.32
N VAL B 576 -38.89 -66.99 19.40
CA VAL B 576 -39.72 -66.81 20.62
C VAL B 576 -39.97 -65.35 20.98
N GLN B 577 -41.24 -65.01 21.25
CA GLN B 577 -41.61 -63.69 21.72
C GLN B 577 -42.53 -63.80 22.95
N THR B 578 -41.95 -63.82 24.15
CA THR B 578 -42.75 -63.82 25.36
C THR B 578 -43.35 -62.44 25.48
N PRO B 579 -44.59 -62.32 25.99
CA PRO B 579 -45.30 -61.04 25.89
C PRO B 579 -44.62 -59.85 26.59
N PRO B 580 -45.01 -58.62 26.20
CA PRO B 580 -44.38 -57.36 26.63
C PRO B 580 -44.15 -57.24 28.12
N GLY B 581 -42.89 -57.20 28.51
CA GLY B 581 -42.57 -56.92 29.89
C GLY B 581 -41.92 -58.10 30.56
N SER B 582 -41.81 -59.20 29.81
CA SER B 582 -41.15 -60.40 30.33
C SER B 582 -39.67 -60.16 30.51
N SER B 583 -39.08 -60.95 31.39
CA SER B 583 -37.67 -60.88 31.70
C SER B 583 -37.01 -61.96 30.89
N ALA B 584 -35.78 -61.73 30.47
CA ALA B 584 -34.99 -62.75 29.79
C ALA B 584 -35.08 -64.09 30.51
N GLU B 585 -34.99 -64.09 31.84
CA GLU B 585 -35.05 -65.32 32.63
C GLU B 585 -36.37 -66.04 32.44
N ARG B 586 -37.40 -65.28 32.11
CA ARG B 586 -38.72 -65.84 31.82
C ARG B 586 -38.83 -66.25 30.34
N THR B 587 -38.01 -65.64 29.49
CA THR B 587 -37.90 -65.99 28.06
C THR B 587 -36.99 -67.23 27.99
N GLN B 588 -35.90 -67.20 28.74
CA GLN B 588 -34.96 -68.32 28.77
C GLN B 588 -35.73 -69.61 28.99
N VAL B 589 -36.76 -69.54 29.81
CA VAL B 589 -37.47 -70.75 30.18
C VAL B 589 -38.15 -71.38 28.96
N VAL B 590 -38.86 -70.55 28.18
CA VAL B 590 -39.41 -71.00 26.92
C VAL B 590 -38.31 -71.59 26.01
N VAL B 591 -37.22 -70.87 25.79
CA VAL B 591 -36.21 -71.37 24.85
C VAL B 591 -35.55 -72.66 25.36
N ASP B 592 -35.69 -72.92 26.65
CA ASP B 592 -35.19 -74.17 27.20
C ASP B 592 -36.14 -75.37 26.98
N SER B 593 -37.42 -75.17 27.34
CA SER B 593 -38.46 -76.17 27.05
C SER B 593 -38.40 -76.55 25.57
N MET B 594 -38.22 -75.54 24.73
CA MET B 594 -38.04 -75.68 23.31
C MET B 594 -36.95 -76.67 22.98
N ARG B 595 -35.76 -76.43 23.52
CA ARG B 595 -34.63 -77.31 23.27
C ARG B 595 -34.80 -78.74 23.83
N GLU B 596 -35.14 -78.89 25.11
CA GLU B 596 -35.40 -80.22 25.68
C GLU B 596 -36.16 -81.03 24.66
N TYR B 597 -37.32 -80.51 24.25
CA TYR B 597 -38.20 -81.19 23.29
C TYR B 597 -37.48 -81.67 22.02
N LEU B 598 -36.93 -80.73 21.28
CA LEU B 598 -36.18 -81.04 20.06
C LEU B 598 -35.13 -82.11 20.29
N LEU B 599 -34.27 -81.89 21.27
CA LEU B 599 -33.24 -82.86 21.57
C LEU B 599 -33.78 -84.23 21.99
N GLU B 600 -34.83 -84.26 22.82
CA GLU B 600 -35.38 -85.53 23.30
C GLU B 600 -36.42 -86.15 22.39
N LYS B 601 -37.53 -85.46 22.19
CA LYS B 601 -38.63 -86.03 21.43
C LYS B 601 -38.34 -86.06 19.94
N GLU B 602 -37.34 -85.29 19.48
CA GLU B 602 -37.14 -85.07 18.04
C GLU B 602 -35.83 -85.53 17.40
N SER B 603 -34.97 -86.21 18.16
CA SER B 603 -33.57 -86.46 17.73
C SER B 603 -33.35 -87.48 16.59
N SER B 604 -34.44 -88.03 16.08
CA SER B 604 -34.44 -88.76 14.83
C SER B 604 -33.89 -87.89 13.68
N SER B 605 -34.01 -86.57 13.83
CA SER B 605 -33.58 -85.59 12.84
C SER B 605 -32.65 -84.49 13.40
N VAL B 606 -32.88 -84.06 14.63
CA VAL B 606 -32.17 -82.91 15.22
C VAL B 606 -30.83 -83.29 15.86
N SER B 607 -29.75 -82.61 15.49
CA SER B 607 -28.40 -82.93 15.99
C SER B 607 -27.84 -82.00 17.06
N SER B 608 -28.26 -80.74 17.07
CA SER B 608 -27.81 -79.79 18.09
C SER B 608 -28.60 -78.49 18.04
N VAL B 609 -28.67 -77.80 19.17
CA VAL B 609 -29.54 -76.64 19.32
C VAL B 609 -28.81 -75.47 19.99
N PHE B 610 -28.79 -74.34 19.29
CA PHE B 610 -28.15 -73.12 19.80
C PHE B 610 -29.26 -72.12 20.11
N THR B 611 -29.26 -71.57 21.32
CA THR B 611 -30.44 -70.87 21.83
C THR B 611 -30.05 -69.52 22.39
N VAL B 612 -30.63 -68.46 21.83
CA VAL B 612 -30.23 -67.13 22.22
C VAL B 612 -31.37 -66.50 23.03
N THR B 613 -31.01 -65.72 24.06
CA THR B 613 -31.96 -64.87 24.76
C THR B 613 -31.63 -63.39 24.64
N GLY B 614 -32.65 -62.63 24.20
CA GLY B 614 -32.59 -61.18 24.15
C GLY B 614 -32.20 -60.65 22.78
N PHE B 615 -32.53 -61.44 21.77
CA PHE B 615 -32.19 -61.18 20.39
C PHE B 615 -33.04 -62.10 19.50
N ASN B 616 -33.37 -61.62 18.30
CA ASN B 616 -34.41 -62.19 17.49
C ASN B 616 -34.28 -61.69 16.07
N PHE B 617 -35.16 -62.10 15.18
CA PHE B 617 -35.23 -61.46 13.89
C PHE B 617 -36.26 -60.33 13.89
N ALA B 618 -36.98 -60.19 15.00
CA ALA B 618 -37.93 -59.09 15.19
C ALA B 618 -37.32 -57.97 16.00
N GLY B 619 -36.16 -58.21 16.57
CA GLY B 619 -35.46 -57.17 17.30
C GLY B 619 -34.91 -57.71 18.59
N ARG B 620 -34.08 -56.89 19.22
CA ARG B 620 -33.41 -57.19 20.49
C ARG B 620 -34.24 -56.73 21.70
N GLY B 621 -34.15 -57.46 22.80
CA GLY B 621 -34.92 -57.12 23.99
C GLY B 621 -35.16 -58.30 24.90
N GLN B 622 -35.42 -58.04 26.17
CA GLN B 622 -35.49 -59.11 27.17
C GLN B 622 -36.62 -60.14 26.88
N SER B 623 -37.57 -59.76 26.05
CA SER B 623 -38.69 -60.61 25.74
C SER B 623 -38.55 -61.30 24.36
N SER B 624 -37.33 -61.69 23.99
CA SER B 624 -37.08 -61.89 22.56
C SER B 624 -36.36 -63.12 22.05
N GLY B 625 -35.65 -63.86 22.90
CA GLY B 625 -34.87 -65.04 22.43
C GLY B 625 -35.30 -65.91 21.24
N MET B 626 -34.39 -66.73 20.73
CA MET B 626 -34.65 -67.69 19.63
C MET B 626 -33.69 -68.93 19.61
N ALA B 627 -33.95 -69.83 18.64
CA ALA B 627 -33.22 -71.09 18.50
C ALA B 627 -32.80 -71.48 17.06
N PHE B 628 -31.48 -71.55 16.84
CA PHE B 628 -30.93 -72.08 15.59
C PHE B 628 -30.77 -73.61 15.69
N ILE B 629 -31.73 -74.34 15.14
CA ILE B 629 -31.71 -75.81 15.16
C ILE B 629 -30.78 -76.41 14.10
N MET B 630 -29.73 -77.09 14.55
CA MET B 630 -28.85 -77.82 13.63
C MET B 630 -29.34 -79.26 13.49
N LEU B 631 -29.66 -79.65 12.26
CA LEU B 631 -30.02 -81.03 11.91
C LEU B 631 -28.79 -81.86 11.58
N LYS B 632 -28.92 -83.17 11.76
CA LYS B 632 -27.86 -84.09 11.44
C LYS B 632 -27.92 -84.36 9.95
N PRO B 633 -26.76 -84.69 9.35
CA PRO B 633 -26.58 -84.88 7.90
C PRO B 633 -27.73 -85.63 7.20
N TRP B 634 -28.01 -85.27 5.94
CA TRP B 634 -29.12 -85.86 5.19
C TRP B 634 -29.09 -87.39 5.10
N GLU B 635 -27.89 -87.97 5.10
CA GLU B 635 -27.75 -89.42 5.01
C GLU B 635 -28.34 -90.06 6.25
N GLU B 636 -28.15 -89.39 7.38
CA GLU B 636 -28.60 -89.92 8.65
C GLU B 636 -30.05 -89.65 8.97
N ARG B 637 -30.77 -88.98 8.08
CA ARG B 637 -32.18 -88.78 8.32
C ARG B 637 -32.92 -88.88 7.03
N PRO B 638 -32.88 -90.07 6.39
CA PRO B 638 -33.71 -90.20 5.17
C PRO B 638 -35.21 -90.16 5.53
N GLY B 639 -36.06 -90.15 4.50
CA GLY B 639 -37.49 -90.13 4.75
C GLY B 639 -38.00 -88.73 5.02
N GLY B 640 -39.08 -88.40 4.32
CA GLY B 640 -39.61 -87.04 4.21
C GLY B 640 -40.35 -86.51 5.42
N GLU B 641 -40.37 -87.30 6.49
CA GLU B 641 -40.82 -86.86 7.82
C GLU B 641 -39.64 -86.32 8.64
N ASN B 642 -38.42 -86.49 8.12
CA ASN B 642 -37.21 -85.99 8.73
C ASN B 642 -36.59 -84.88 7.91
N SER B 643 -37.37 -84.32 6.98
CA SER B 643 -36.92 -83.16 6.22
C SER B 643 -37.23 -81.96 7.09
N VAL B 644 -36.51 -80.86 6.86
CA VAL B 644 -36.74 -79.63 7.63
C VAL B 644 -38.19 -79.20 7.55
N PHE B 645 -38.77 -79.21 6.36
CA PHE B 645 -40.16 -78.76 6.20
C PHE B 645 -41.13 -79.60 7.03
N GLU B 646 -40.70 -80.80 7.37
CA GLU B 646 -41.54 -81.66 8.16
C GLU B 646 -41.34 -81.48 9.66
N LEU B 647 -40.10 -81.58 10.12
CA LEU B 647 -39.75 -81.25 11.48
C LEU B 647 -40.40 -79.91 11.93
N ALA B 648 -40.25 -78.88 11.09
CA ALA B 648 -40.85 -77.56 11.31
C ALA B 648 -42.39 -77.56 11.28
N LYS B 649 -43.00 -78.43 10.47
CA LYS B 649 -44.47 -78.56 10.47
C LYS B 649 -45.01 -78.97 11.86
N ARG B 650 -44.28 -79.83 12.54
CA ARG B 650 -44.74 -80.41 13.78
C ARG B 650 -44.27 -79.67 15.02
N ALA B 651 -43.17 -78.93 14.91
CA ALA B 651 -42.72 -78.10 16.01
C ALA B 651 -43.68 -76.90 16.20
N GLN B 652 -44.45 -76.59 15.15
CA GLN B 652 -45.58 -75.66 15.27
C GLN B 652 -46.60 -76.24 16.23
N MET B 653 -47.08 -77.45 15.93
CA MET B 653 -48.08 -78.10 16.77
C MET B 653 -47.56 -78.13 18.20
N HIS B 654 -46.37 -78.70 18.38
CA HIS B 654 -45.87 -78.95 19.72
C HIS B 654 -45.90 -77.71 20.59
N PHE B 655 -45.76 -76.55 19.96
CA PHE B 655 -45.65 -75.29 20.68
C PHE B 655 -46.86 -74.41 20.58
N PHE B 656 -47.84 -74.86 19.81
CA PHE B 656 -49.08 -74.12 19.64
C PHE B 656 -49.77 -73.91 20.99
N SER B 657 -49.53 -74.85 21.90
CA SER B 657 -50.13 -74.93 23.24
C SER B 657 -49.97 -73.65 24.08
N PHE B 658 -48.74 -73.16 24.16
CA PHE B 658 -48.36 -72.04 25.01
C PHE B 658 -49.31 -70.84 24.92
N LYS B 659 -49.88 -70.46 26.07
CA LYS B 659 -50.72 -69.25 26.19
C LYS B 659 -49.96 -68.15 26.94
N ASP B 660 -48.69 -67.98 26.58
CA ASP B 660 -47.76 -67.13 27.33
C ASP B 660 -46.44 -66.90 26.57
N ALA B 661 -46.45 -67.13 25.26
CA ALA B 661 -45.25 -66.92 24.44
C ALA B 661 -45.49 -67.36 23.01
N MET B 662 -45.84 -66.40 22.12
CA MET B 662 -45.95 -66.67 20.68
C MET B 662 -44.63 -67.26 20.26
N VAL B 663 -44.65 -68.35 19.48
CA VAL B 663 -43.41 -69.06 19.06
C VAL B 663 -43.48 -69.54 17.60
N PHE B 664 -43.14 -68.66 16.64
CA PHE B 664 -43.03 -69.00 15.21
C PHE B 664 -41.97 -70.12 15.04
N ALA B 665 -42.12 -70.96 14.03
CA ALA B 665 -41.06 -71.93 13.71
C ALA B 665 -41.03 -72.22 12.22
N PHE B 666 -39.88 -71.96 11.58
CA PHE B 666 -39.77 -71.86 10.11
C PHE B 666 -38.40 -72.22 9.52
N ALA B 667 -38.41 -72.61 8.25
CA ALA B 667 -37.18 -72.90 7.54
C ALA B 667 -36.52 -71.60 6.97
N PRO B 668 -35.16 -71.58 6.85
CA PRO B 668 -34.54 -70.43 6.23
C PRO B 668 -34.73 -70.54 4.71
N PRO B 669 -34.61 -69.42 3.97
CA PRO B 669 -35.03 -69.47 2.57
C PRO B 669 -33.91 -69.62 1.53
N SER B 670 -33.12 -70.69 1.65
CA SER B 670 -32.38 -71.25 0.52
C SER B 670 -31.08 -70.49 0.14
N VAL B 671 -31.21 -69.17 -0.05
CA VAL B 671 -30.07 -68.26 -0.14
C VAL B 671 -30.12 -67.35 1.09
N LEU B 672 -29.45 -67.78 2.16
CA LEU B 672 -29.55 -67.10 3.44
C LEU B 672 -29.26 -65.62 3.26
N GLU B 673 -28.09 -65.36 2.69
CA GLU B 673 -27.60 -64.07 2.20
C GLU B 673 -28.66 -62.99 1.89
N LEU B 674 -29.87 -63.44 1.49
CA LEU B 674 -31.00 -62.60 1.05
C LEU B 674 -32.16 -62.50 2.04
N GLY B 675 -31.97 -62.99 3.26
CA GLY B 675 -32.92 -62.76 4.34
C GLY B 675 -34.24 -63.48 4.21
N ASN B 676 -35.20 -62.87 3.52
CA ASN B 676 -36.58 -63.40 3.38
C ASN B 676 -37.18 -63.31 1.97
N ALA B 677 -36.91 -64.34 1.18
CA ALA B 677 -37.25 -64.41 -0.26
C ALA B 677 -38.75 -64.48 -0.64
N THR B 678 -39.66 -64.37 0.32
CA THR B 678 -41.08 -64.53 0.00
C THR B 678 -41.83 -63.21 -0.05
N GLY B 679 -43.00 -63.26 -0.67
CA GLY B 679 -43.95 -62.15 -0.69
C GLY B 679 -43.38 -60.75 -0.87
N PHE B 680 -43.60 -59.90 0.12
CA PHE B 680 -43.37 -58.47 -0.04
C PHE B 680 -42.92 -57.80 1.27
N ASP B 681 -42.45 -56.55 1.11
CA ASP B 681 -41.67 -55.84 2.14
C ASP B 681 -41.68 -54.32 2.01
N LEU B 682 -42.23 -53.62 3.01
CA LEU B 682 -42.35 -52.16 2.94
C LEU B 682 -42.22 -51.45 4.27
N PHE B 683 -41.85 -50.17 4.22
CA PHE B 683 -41.81 -49.35 5.40
C PHE B 683 -42.86 -48.31 5.26
N LEU B 684 -43.56 -48.01 6.36
CA LEU B 684 -44.46 -46.85 6.38
C LEU B 684 -43.66 -45.74 7.02
N GLN B 685 -43.83 -44.53 6.52
CA GLN B 685 -42.95 -43.46 6.91
C GLN B 685 -43.70 -42.22 7.30
N ASP B 686 -43.33 -41.68 8.46
CA ASP B 686 -43.79 -40.38 8.91
C ASP B 686 -43.13 -39.24 8.11
N GLN B 687 -43.76 -38.82 7.01
CA GLN B 687 -43.21 -37.73 6.24
C GLN B 687 -43.45 -36.36 6.83
N ALA B 688 -44.70 -36.00 7.06
CA ALA B 688 -45.02 -34.67 7.62
C ALA B 688 -44.96 -34.66 9.15
N GLY B 689 -43.94 -35.29 9.72
CA GLY B 689 -43.64 -35.17 11.15
C GLY B 689 -44.76 -35.47 12.16
N VAL B 690 -45.78 -36.19 11.70
CA VAL B 690 -46.97 -36.49 12.49
C VAL B 690 -46.79 -37.20 13.83
N GLY B 691 -45.62 -37.79 14.09
CA GLY B 691 -45.41 -38.41 15.40
C GLY B 691 -45.57 -39.92 15.47
N HIS B 692 -44.96 -40.51 16.50
CA HIS B 692 -44.95 -41.94 16.67
C HIS B 692 -46.31 -42.54 16.86
N GLU B 693 -47.24 -41.75 17.40
CA GLU B 693 -48.52 -42.28 17.85
C GLU B 693 -49.44 -42.48 16.65
N VAL B 694 -49.41 -41.49 15.77
CA VAL B 694 -50.20 -41.46 14.55
C VAL B 694 -49.66 -42.52 13.63
N LEU B 695 -48.33 -42.54 13.56
CA LEU B 695 -47.64 -43.51 12.76
C LEU B 695 -48.03 -44.90 13.23
N LEU B 696 -47.98 -45.15 14.54
CA LEU B 696 -48.37 -46.45 15.15
C LEU B 696 -49.79 -46.84 14.75
N GLN B 697 -50.70 -45.88 14.68
CA GLN B 697 -52.07 -46.22 14.30
C GLN B 697 -52.28 -46.32 12.80
N ALA B 698 -51.50 -45.60 12.00
CA ALA B 698 -51.44 -45.89 10.58
C ALA B 698 -50.98 -47.35 10.35
N ARG B 699 -49.99 -47.84 11.11
CA ARG B 699 -49.56 -49.23 10.98
C ARG B 699 -50.71 -50.17 11.26
N ASN B 700 -51.48 -49.83 12.29
CA ASN B 700 -52.50 -50.72 12.78
C ASN B 700 -53.73 -50.70 11.92
N LYS B 701 -54.07 -49.55 11.36
CA LYS B 701 -55.17 -49.49 10.40
C LYS B 701 -54.77 -50.31 9.18
N PHE B 702 -53.65 -49.97 8.57
CA PHE B 702 -53.12 -50.74 7.47
C PHE B 702 -53.28 -52.26 7.70
N LEU B 703 -52.74 -52.76 8.81
CA LEU B 703 -52.80 -54.19 9.16
C LEU B 703 -54.23 -54.80 9.27
N MET B 704 -55.10 -54.22 10.08
CA MET B 704 -56.45 -54.75 10.23
C MET B 704 -57.30 -54.09 9.15
N LEU B 705 -56.94 -54.38 7.91
CA LEU B 705 -57.55 -53.83 6.71
C LEU B 705 -56.90 -54.54 5.54
N ALA B 706 -55.70 -55.05 5.78
CA ALA B 706 -55.08 -56.02 4.89
C ALA B 706 -55.58 -57.41 5.29
N ALA B 707 -55.81 -57.61 6.59
CA ALA B 707 -56.29 -58.88 7.11
C ALA B 707 -57.62 -59.24 6.48
N GLN B 708 -58.36 -58.20 6.09
CA GLN B 708 -59.68 -58.33 5.51
C GLN B 708 -59.67 -57.94 4.04
N ASN B 709 -58.55 -58.23 3.37
CA ASN B 709 -58.42 -58.02 1.92
C ASN B 709 -58.25 -59.38 1.22
N PRO B 710 -58.95 -59.58 0.06
CA PRO B 710 -58.86 -60.84 -0.69
C PRO B 710 -57.41 -61.23 -1.03
N ALA B 711 -56.66 -60.28 -1.63
CA ALA B 711 -55.35 -60.52 -2.25
C ALA B 711 -54.13 -60.78 -1.32
N LEU B 712 -54.26 -60.51 -0.02
CA LEU B 712 -53.13 -60.63 0.93
C LEU B 712 -53.31 -61.67 2.05
N GLN B 713 -52.22 -62.04 2.70
CA GLN B 713 -52.23 -63.11 3.69
C GLN B 713 -51.01 -62.93 4.58
N ARG B 714 -51.06 -63.45 5.79
CA ARG B 714 -49.87 -63.45 6.63
C ARG B 714 -49.22 -62.06 6.82
N VAL B 715 -50.02 -60.99 6.92
CA VAL B 715 -49.47 -59.62 6.90
C VAL B 715 -49.14 -59.10 8.30
N ARG B 716 -47.86 -59.13 8.69
CA ARG B 716 -47.46 -58.71 10.03
C ARG B 716 -46.62 -57.43 10.06
N PRO B 717 -46.32 -56.96 11.29
CA PRO B 717 -45.25 -56.02 11.44
C PRO B 717 -44.00 -56.81 11.78
N ASN B 718 -42.90 -56.39 11.18
CA ASN B 718 -41.61 -57.00 11.39
C ASN B 718 -41.13 -56.58 12.75
N GLY B 719 -41.38 -55.31 13.08
CA GLY B 719 -40.84 -54.68 14.31
C GLY B 719 -41.37 -55.21 15.62
N MET B 720 -41.40 -54.38 16.65
CA MET B 720 -41.86 -54.84 17.95
C MET B 720 -43.03 -54.04 18.45
N SER B 721 -43.72 -54.64 19.41
CA SER B 721 -44.94 -54.13 19.99
C SER B 721 -44.57 -52.99 20.91
N ASP B 722 -45.49 -52.05 21.14
CA ASP B 722 -45.28 -51.03 22.20
C ASP B 722 -45.50 -51.56 23.60
N GLU B 723 -44.75 -51.06 24.56
CA GLU B 723 -44.87 -51.61 25.90
C GLU B 723 -44.87 -50.58 27.03
N PRO B 724 -45.26 -51.00 28.23
CA PRO B 724 -45.04 -50.22 29.43
C PRO B 724 -43.59 -49.86 29.70
N GLN B 725 -43.38 -48.58 30.00
CA GLN B 725 -42.12 -48.12 30.58
C GLN B 725 -42.35 -47.14 31.74
N TYR B 726 -41.34 -47.02 32.59
CA TYR B 726 -41.45 -46.31 33.85
C TYR B 726 -40.98 -44.85 33.80
N LYS B 727 -41.97 -43.95 33.78
CA LYS B 727 -41.70 -42.53 33.62
C LYS B 727 -41.39 -41.88 34.94
N LEU B 728 -40.20 -42.22 35.43
CA LEU B 728 -39.55 -41.52 36.53
C LEU B 728 -39.59 -40.02 36.26
N GLU B 729 -40.02 -39.25 37.25
CA GLU B 729 -40.21 -37.81 37.10
C GLU B 729 -39.57 -37.03 38.25
N ILE B 730 -38.60 -36.18 37.93
CA ILE B 730 -37.98 -35.33 38.93
C ILE B 730 -38.86 -34.10 39.13
N ASP B 731 -38.64 -33.39 40.24
CA ASP B 731 -39.30 -32.12 40.55
C ASP B 731 -38.22 -31.10 40.82
N ASP B 732 -38.10 -30.11 39.95
CA ASP B 732 -37.05 -29.12 40.08
C ASP B 732 -37.22 -28.32 41.38
N GLU B 733 -38.46 -27.95 41.69
CA GLU B 733 -38.82 -27.18 42.89
C GLU B 733 -38.34 -27.83 44.17
N LYS B 734 -38.98 -28.93 44.59
CA LYS B 734 -38.63 -29.56 45.87
C LYS B 734 -37.26 -30.27 45.90
N ALA B 735 -36.50 -30.17 44.81
CA ALA B 735 -35.17 -30.80 44.70
C ALA B 735 -34.04 -29.80 44.88
N SER B 736 -34.29 -28.54 44.54
CA SER B 736 -33.37 -27.49 44.90
C SER B 736 -33.73 -27.06 46.32
N ALA B 737 -34.96 -27.41 46.74
CA ALA B 737 -35.42 -27.23 48.12
C ALA B 737 -34.56 -28.02 49.10
N LEU B 738 -34.36 -29.31 48.84
CA LEU B 738 -33.45 -30.11 49.65
C LEU B 738 -32.01 -29.75 49.28
N GLY B 739 -31.89 -28.74 48.42
CA GLY B 739 -30.62 -28.20 47.97
C GLY B 739 -29.81 -29.24 47.23
N VAL B 740 -30.50 -30.09 46.46
CA VAL B 740 -29.79 -31.15 45.76
C VAL B 740 -29.43 -30.74 44.35
N SER B 741 -28.28 -31.23 43.92
CA SER B 741 -27.53 -30.68 42.81
C SER B 741 -28.14 -30.77 41.40
N LEU B 742 -29.01 -31.75 41.12
CA LEU B 742 -29.79 -31.78 39.85
C LEU B 742 -28.99 -32.30 38.65
N ALA B 743 -27.73 -31.90 38.56
CA ALA B 743 -26.75 -32.61 37.76
C ALA B 743 -26.45 -33.87 38.52
N ASP B 744 -26.45 -33.78 39.85
CA ASP B 744 -26.21 -34.93 40.71
C ASP B 744 -27.36 -35.93 40.70
N ILE B 745 -28.59 -35.42 40.60
CA ILE B 745 -29.75 -36.27 40.49
C ILE B 745 -29.51 -37.24 39.33
N ASN B 746 -29.59 -36.74 38.11
CA ASN B 746 -29.58 -37.65 36.97
C ASN B 746 -28.22 -38.23 36.60
N SER B 747 -27.14 -37.69 37.14
CA SER B 747 -25.83 -38.36 37.02
C SER B 747 -25.74 -39.63 37.88
N THR B 748 -26.55 -39.66 38.93
CA THR B 748 -26.69 -40.84 39.78
C THR B 748 -27.56 -41.92 39.14
N VAL B 749 -28.68 -41.53 38.51
CA VAL B 749 -29.49 -42.53 37.79
C VAL B 749 -28.72 -43.18 36.65
N SER B 750 -28.08 -42.39 35.80
CA SER B 750 -27.21 -42.94 34.76
C SER B 750 -26.26 -44.03 35.26
N ILE B 751 -25.52 -43.72 36.32
CA ILE B 751 -24.58 -44.67 36.84
C ILE B 751 -25.22 -45.87 37.56
N ALA B 752 -26.17 -45.61 38.45
CA ALA B 752 -26.64 -46.69 39.30
C ALA B 752 -27.45 -47.70 38.48
N TRP B 753 -28.31 -47.16 37.62
CA TRP B 753 -29.36 -47.87 36.85
C TRP B 753 -29.00 -48.16 35.39
N GLY B 754 -28.24 -47.26 34.77
CA GLY B 754 -27.90 -47.39 33.36
C GLY B 754 -26.53 -47.99 33.11
N SER B 755 -25.69 -47.92 34.14
CA SER B 755 -24.27 -48.27 34.07
C SER B 755 -23.44 -47.17 33.43
N SER B 756 -22.13 -47.24 33.60
CA SER B 756 -21.23 -46.24 33.08
C SER B 756 -19.84 -46.81 32.85
N TYR B 757 -19.37 -46.64 31.62
CA TYR B 757 -18.00 -46.97 31.23
C TYR B 757 -17.06 -45.90 31.78
N VAL B 758 -16.34 -46.25 32.84
CA VAL B 758 -15.46 -45.33 33.55
C VAL B 758 -14.08 -45.33 32.95
N ASN B 759 -13.46 -46.51 32.85
CA ASN B 759 -12.01 -46.60 32.58
C ASN B 759 -11.47 -47.80 31.85
N ASP B 760 -10.18 -47.70 31.52
CA ASP B 760 -9.45 -48.83 30.98
C ASP B 760 -8.57 -49.43 32.09
N PHE B 761 -8.12 -50.67 31.90
CA PHE B 761 -7.18 -51.33 32.83
C PHE B 761 -6.45 -52.45 32.11
N ILE B 762 -5.11 -52.46 32.11
CA ILE B 762 -4.44 -53.52 31.36
C ILE B 762 -4.69 -54.84 32.08
N ASP B 763 -5.43 -55.73 31.44
CA ASP B 763 -5.62 -57.08 31.97
C ASP B 763 -4.94 -58.10 31.07
N ARG B 764 -3.78 -58.59 31.53
CA ARG B 764 -2.96 -59.56 30.80
C ARG B 764 -2.47 -58.95 29.49
N GLY B 765 -1.98 -57.72 29.56
CA GLY B 765 -1.57 -56.99 28.37
C GLY B 765 -2.69 -56.15 27.75
N ARG B 766 -3.70 -56.84 27.21
CA ARG B 766 -4.92 -56.23 26.62
C ARG B 766 -5.56 -55.22 27.56
N VAL B 767 -5.67 -53.98 27.08
CA VAL B 767 -6.47 -52.93 27.76
C VAL B 767 -7.95 -53.32 27.62
N LYS B 768 -8.68 -53.21 28.72
CA LYS B 768 -10.08 -53.66 28.76
C LYS B 768 -10.85 -52.64 29.56
N ARG B 769 -12.19 -52.74 29.55
CA ARG B 769 -13.00 -51.67 30.12
C ARG B 769 -13.48 -51.87 31.58
N VAL B 770 -13.61 -50.76 32.30
CA VAL B 770 -14.06 -50.79 33.69
C VAL B 770 -15.47 -50.19 33.78
N TYR B 771 -16.47 -51.03 34.05
CA TYR B 771 -17.83 -50.56 34.19
C TYR B 771 -18.31 -50.47 35.66
N LEU B 772 -19.03 -49.38 35.95
CA LEU B 772 -19.57 -49.00 37.25
C LEU B 772 -21.08 -49.02 37.15
N GLN B 773 -21.74 -49.62 38.14
CA GLN B 773 -23.21 -49.64 38.18
C GLN B 773 -23.74 -50.16 39.53
N GLY B 774 -25.01 -49.90 39.80
CA GLY B 774 -25.63 -50.50 40.98
C GLY B 774 -25.69 -52.02 40.93
N ARG B 775 -25.41 -52.66 42.08
CA ARG B 775 -25.68 -54.08 42.31
C ARG B 775 -27.13 -54.44 41.96
N PRO B 776 -27.40 -55.68 41.50
CA PRO B 776 -28.66 -55.95 40.80
C PRO B 776 -29.90 -55.88 41.69
N ASP B 777 -29.82 -56.46 42.90
CA ASP B 777 -30.90 -56.40 43.90
C ASP B 777 -31.24 -54.96 44.32
N ALA B 778 -30.37 -54.02 43.93
CA ALA B 778 -30.53 -52.61 44.19
C ALA B 778 -31.27 -51.89 43.07
N ARG B 779 -31.64 -52.60 42.02
CA ARG B 779 -32.21 -51.92 40.87
C ARG B 779 -33.30 -52.66 40.08
N MET B 780 -34.23 -53.33 40.77
CA MET B 780 -35.20 -54.24 40.10
C MET B 780 -36.67 -53.82 40.11
N ASN B 781 -37.04 -53.00 41.09
CA ASN B 781 -38.43 -52.61 41.24
C ASN B 781 -38.50 -51.14 41.65
N PRO B 782 -39.54 -50.42 41.21
CA PRO B 782 -39.67 -49.01 41.62
C PRO B 782 -39.14 -48.72 43.05
N ASP B 783 -39.51 -49.55 44.02
CA ASP B 783 -39.14 -49.37 45.42
C ASP B 783 -37.64 -49.27 45.62
N ASP B 784 -36.89 -50.03 44.82
CA ASP B 784 -35.41 -49.94 44.80
C ASP B 784 -34.92 -48.55 44.38
N LEU B 785 -35.76 -47.78 43.68
CA LEU B 785 -35.38 -46.43 43.26
C LEU B 785 -35.13 -45.56 44.47
N SER B 786 -35.95 -45.79 45.50
CA SER B 786 -35.82 -45.11 46.77
C SER B 786 -34.58 -45.53 47.53
N LYS B 787 -34.03 -46.70 47.23
CA LYS B 787 -32.81 -47.14 47.88
C LYS B 787 -31.65 -46.18 47.64
N TRP B 788 -31.84 -45.17 46.78
CA TRP B 788 -30.71 -44.34 46.30
C TRP B 788 -30.56 -42.89 46.84
N TYR B 789 -29.38 -42.56 47.39
CA TYR B 789 -29.16 -41.25 48.02
C TYR B 789 -28.16 -40.35 47.32
N VAL B 790 -28.58 -39.09 47.13
CA VAL B 790 -27.76 -38.03 46.53
C VAL B 790 -27.32 -37.00 47.57
N ARG B 791 -26.19 -36.34 47.32
CA ARG B 791 -25.69 -35.27 48.20
C ARG B 791 -26.18 -33.88 47.78
N ASN B 792 -26.48 -33.07 48.78
CA ASN B 792 -26.91 -31.70 48.55
C ASN B 792 -25.87 -30.70 49.02
N ASP B 793 -26.31 -29.45 49.14
CA ASP B 793 -25.56 -28.38 49.80
C ASP B 793 -24.61 -28.86 50.88
N LYS B 794 -25.12 -29.04 52.10
CA LYS B 794 -24.32 -29.65 53.16
C LYS B 794 -24.11 -31.14 52.86
N GLY B 795 -23.29 -31.81 53.66
CA GLY B 795 -23.09 -33.26 53.50
C GLY B 795 -24.28 -34.18 53.79
N GLU B 796 -25.51 -33.71 53.55
CA GLU B 796 -26.75 -34.50 53.80
C GLU B 796 -27.23 -35.37 52.63
N MET B 797 -27.43 -36.66 52.91
CA MET B 797 -27.89 -37.59 51.89
C MET B 797 -29.40 -37.53 51.72
N VAL B 798 -29.83 -37.21 50.50
CA VAL B 798 -31.25 -37.08 50.20
C VAL B 798 -31.79 -38.30 49.43
N PRO B 799 -32.86 -38.92 49.97
CA PRO B 799 -33.36 -40.13 49.34
C PRO B 799 -34.13 -39.76 48.11
N PHE B 800 -34.24 -40.71 47.19
CA PHE B 800 -34.74 -40.41 45.88
C PHE B 800 -36.23 -40.09 45.90
N ASN B 801 -36.98 -40.92 46.61
CA ASN B 801 -38.42 -40.71 46.80
C ASN B 801 -38.76 -39.28 47.30
N ALA B 802 -37.74 -38.56 47.78
CA ALA B 802 -37.87 -37.18 48.24
C ALA B 802 -38.29 -36.20 47.14
N PHE B 803 -37.78 -36.38 45.93
CA PHE B 803 -38.08 -35.48 44.81
C PHE B 803 -38.45 -36.25 43.54
N ALA B 804 -38.36 -37.58 43.61
CA ALA B 804 -38.76 -38.49 42.54
C ALA B 804 -40.30 -38.66 42.51
N THR B 805 -40.84 -39.24 41.43
CA THR B 805 -42.27 -39.59 41.32
C THR B 805 -42.58 -40.43 40.05
N GLY B 806 -42.40 -41.74 40.13
CA GLY B 806 -42.58 -42.64 38.97
C GLY B 806 -43.97 -42.68 38.34
N LYS B 807 -44.09 -43.22 37.13
CA LYS B 807 -45.38 -43.25 36.43
C LYS B 807 -45.33 -44.24 35.29
N TRP B 808 -46.32 -45.12 35.18
CA TRP B 808 -46.37 -46.01 34.03
C TRP B 808 -47.00 -45.28 32.89
N GLU B 809 -46.25 -45.26 31.81
CA GLU B 809 -46.62 -44.66 30.55
C GLU B 809 -46.00 -45.63 29.57
N TYR B 810 -46.46 -45.64 28.34
CA TYR B 810 -45.90 -46.60 27.41
C TYR B 810 -45.37 -45.96 26.14
N GLY B 811 -44.20 -46.42 25.72
CA GLY B 811 -43.60 -46.02 24.46
C GLY B 811 -43.11 -47.23 23.70
N SER B 812 -42.05 -47.04 22.92
CA SER B 812 -41.54 -48.10 22.09
C SER B 812 -40.15 -48.62 22.47
N PRO B 813 -39.93 -49.92 22.28
CA PRO B 813 -38.66 -50.58 22.51
C PRO B 813 -37.91 -50.89 21.21
N LYS B 814 -38.40 -50.33 20.10
CA LYS B 814 -37.74 -50.48 18.81
C LYS B 814 -38.22 -49.34 17.92
N LEU B 815 -37.36 -48.36 17.71
CA LEU B 815 -37.72 -47.27 16.84
C LEU B 815 -37.03 -47.49 15.51
N GLU B 816 -37.84 -47.59 14.45
CA GLU B 816 -37.38 -47.91 13.09
C GLU B 816 -37.41 -46.63 12.22
N ARG B 817 -36.37 -46.38 11.44
CA ARG B 817 -36.43 -45.28 10.45
C ARG B 817 -35.84 -45.66 9.09
N TYR B 818 -36.54 -45.24 8.06
CA TYR B 818 -36.21 -45.62 6.72
C TYR B 818 -36.02 -44.33 5.96
N ASN B 819 -34.83 -44.18 5.39
CA ASN B 819 -34.46 -42.97 4.67
C ASN B 819 -34.62 -41.67 5.47
N GLY B 820 -34.07 -41.65 6.69
CA GLY B 820 -34.07 -40.44 7.51
C GLY B 820 -35.32 -40.11 8.33
N VAL B 821 -36.50 -40.56 7.87
CA VAL B 821 -37.79 -40.34 8.57
C VAL B 821 -38.28 -41.61 9.24
N PRO B 822 -39.00 -41.47 10.37
CA PRO B 822 -39.27 -42.71 11.12
C PRO B 822 -40.28 -43.59 10.40
N ALA B 823 -40.14 -44.89 10.63
CA ALA B 823 -40.78 -45.90 9.82
C ALA B 823 -41.35 -47.07 10.62
N MET B 824 -42.19 -47.85 9.98
CA MET B 824 -42.61 -49.15 10.52
C MET B 824 -42.63 -50.17 9.39
N GLU B 825 -41.82 -51.21 9.54
CA GLU B 825 -41.74 -52.24 8.53
C GLU B 825 -42.89 -53.23 8.61
N ILE B 826 -43.56 -53.39 7.48
CA ILE B 826 -44.59 -54.40 7.33
C ILE B 826 -44.10 -55.47 6.39
N LEU B 827 -44.35 -56.73 6.74
CA LEU B 827 -44.15 -57.84 5.81
C LEU B 827 -45.50 -58.49 5.53
N GLY B 828 -45.58 -59.21 4.42
CA GLY B 828 -46.75 -60.05 4.10
C GLY B 828 -46.49 -60.97 2.92
N GLU B 829 -47.56 -61.32 2.21
CA GLU B 829 -47.47 -62.13 0.99
C GLU B 829 -48.84 -62.16 0.28
N PRO B 830 -48.87 -62.64 -0.98
CA PRO B 830 -50.16 -62.65 -1.65
C PRO B 830 -50.99 -63.91 -1.31
N ALA B 831 -52.31 -63.73 -1.30
CA ALA B 831 -53.27 -64.77 -0.97
C ALA B 831 -53.04 -65.98 -1.86
N PRO B 832 -52.95 -67.19 -1.24
CA PRO B 832 -52.39 -68.34 -1.96
C PRO B 832 -52.97 -68.41 -3.37
N GLY B 833 -52.11 -68.71 -4.34
CA GLY B 833 -52.49 -68.83 -5.73
C GLY B 833 -52.17 -67.57 -6.50
N LEU B 834 -52.39 -66.42 -5.87
CA LEU B 834 -52.06 -65.10 -6.44
C LEU B 834 -50.56 -64.73 -6.43
N SER B 835 -50.23 -63.67 -7.17
CA SER B 835 -48.83 -63.30 -7.42
C SER B 835 -48.38 -62.05 -6.66
N SER B 836 -47.09 -61.75 -6.74
CA SER B 836 -46.48 -60.64 -6.01
C SER B 836 -46.96 -59.29 -6.52
N GLY B 837 -47.02 -59.15 -7.84
CA GLY B 837 -47.45 -57.89 -8.44
C GLY B 837 -48.91 -57.54 -8.15
N ASP B 838 -49.73 -58.59 -8.02
CA ASP B 838 -51.13 -58.46 -7.58
C ASP B 838 -51.18 -57.85 -6.18
N ALA B 839 -50.47 -58.49 -5.24
CA ALA B 839 -50.38 -58.08 -3.83
C ALA B 839 -49.87 -56.67 -3.68
N MET B 840 -48.86 -56.31 -4.47
CA MET B 840 -48.36 -54.94 -4.43
C MET B 840 -49.44 -54.01 -4.94
N ALA B 841 -50.11 -54.42 -6.01
CA ALA B 841 -51.22 -53.66 -6.58
C ALA B 841 -52.35 -53.48 -5.57
N ALA B 842 -52.57 -54.48 -4.72
CA ALA B 842 -53.49 -54.35 -3.59
C ALA B 842 -52.93 -53.35 -2.56
N VAL B 843 -51.86 -53.74 -1.86
CA VAL B 843 -51.09 -52.85 -0.97
C VAL B 843 -51.00 -51.43 -1.53
N GLU B 844 -50.70 -51.31 -2.82
CA GLU B 844 -50.73 -50.03 -3.56
C GLU B 844 -51.98 -49.20 -3.27
N GLU B 845 -53.09 -49.90 -3.08
CA GLU B 845 -54.40 -49.29 -2.89
C GLU B 845 -54.68 -49.00 -1.42
N ILE B 846 -54.52 -50.03 -0.58
CA ILE B 846 -54.86 -49.95 0.84
C ILE B 846 -53.93 -49.02 1.61
N VAL B 847 -52.96 -48.49 0.88
CA VAL B 847 -52.03 -47.49 1.35
C VAL B 847 -52.68 -46.10 1.26
N LYS B 848 -53.59 -45.96 0.29
CA LYS B 848 -54.28 -44.69 0.01
C LYS B 848 -55.19 -44.29 1.17
N GLN B 849 -55.66 -45.28 1.92
CA GLN B 849 -56.50 -45.09 3.11
C GLN B 849 -55.76 -44.60 4.35
N LEU B 850 -54.52 -44.13 4.19
CA LEU B 850 -53.70 -43.82 5.36
C LEU B 850 -53.74 -42.35 5.76
N PRO B 851 -53.51 -42.05 7.07
CA PRO B 851 -53.50 -40.66 7.56
C PRO B 851 -52.56 -39.79 6.75
N LYS B 852 -52.89 -38.52 6.59
CA LYS B 852 -52.05 -37.63 5.79
C LYS B 852 -50.76 -37.33 6.55
N GLY B 853 -49.65 -37.49 5.84
CA GLY B 853 -48.35 -37.32 6.44
C GLY B 853 -47.70 -38.67 6.56
N VAL B 854 -48.46 -39.72 6.43
CA VAL B 854 -47.84 -41.02 6.35
C VAL B 854 -47.77 -41.49 4.91
N GLY B 855 -46.57 -41.74 4.44
CA GLY B 855 -46.37 -42.34 3.13
C GLY B 855 -45.71 -43.70 3.34
N TYR B 856 -45.12 -44.23 2.26
CA TYR B 856 -44.56 -45.58 2.26
C TYR B 856 -43.48 -45.76 1.17
N SER B 857 -42.60 -46.76 1.36
CA SER B 857 -41.58 -47.15 0.38
C SER B 857 -41.48 -48.66 0.33
N TRP B 858 -41.27 -49.20 -0.88
CA TRP B 858 -40.98 -50.63 -1.03
C TRP B 858 -39.53 -50.87 -0.68
N THR B 859 -39.19 -52.03 -0.17
CA THR B 859 -37.79 -52.22 0.20
C THR B 859 -37.37 -53.68 -0.03
N GLY B 860 -36.07 -53.93 0.01
CA GLY B 860 -35.57 -55.29 -0.15
C GLY B 860 -36.11 -55.88 -1.42
N LEU B 861 -36.49 -57.16 -1.38
CA LEU B 861 -36.86 -57.85 -2.61
C LEU B 861 -37.99 -57.20 -3.36
N SER B 862 -38.88 -56.52 -2.64
CA SER B 862 -40.02 -55.87 -3.29
C SER B 862 -39.65 -54.67 -4.12
N TYR B 863 -38.64 -53.94 -3.63
CA TYR B 863 -37.99 -52.87 -4.38
C TYR B 863 -37.36 -53.39 -5.64
N GLU B 864 -36.54 -54.44 -5.49
CA GLU B 864 -35.84 -54.99 -6.61
C GLU B 864 -36.79 -55.50 -7.64
N GLU B 865 -37.77 -56.30 -7.24
CA GLU B 865 -38.62 -56.95 -8.25
C GLU B 865 -39.51 -56.00 -9.03
N ARG B 866 -39.72 -54.80 -8.50
CA ARG B 866 -40.39 -53.75 -9.24
C ARG B 866 -39.53 -53.35 -10.41
N LEU B 867 -38.22 -53.30 -10.20
CA LEU B 867 -37.31 -52.83 -11.26
C LEU B 867 -37.04 -53.92 -12.32
N SER B 868 -36.38 -55.02 -11.90
CA SER B 868 -36.10 -56.18 -12.79
C SER B 868 -37.33 -56.57 -13.62
N GLY B 869 -38.50 -56.53 -12.99
CA GLY B 869 -39.77 -56.83 -13.65
C GLY B 869 -40.17 -55.87 -14.77
N SER B 870 -39.90 -54.59 -14.63
CA SER B 870 -40.22 -53.71 -15.74
C SER B 870 -39.32 -53.98 -16.95
N GLN B 871 -38.23 -54.71 -16.75
CA GLN B 871 -37.30 -54.90 -17.86
C GLN B 871 -37.47 -56.21 -18.66
N ALA B 872 -38.13 -57.22 -18.10
CA ALA B 872 -38.42 -58.47 -18.86
C ALA B 872 -38.91 -58.35 -20.32
N PRO B 873 -40.04 -57.62 -20.55
CA PRO B 873 -40.57 -57.53 -21.92
C PRO B 873 -39.52 -57.00 -22.89
N ALA B 874 -38.83 -55.93 -22.53
CA ALA B 874 -37.75 -55.44 -23.39
C ALA B 874 -36.80 -56.60 -23.67
N LEU B 875 -36.34 -57.32 -22.64
CA LEU B 875 -35.41 -58.40 -22.93
C LEU B 875 -36.04 -59.50 -23.83
N TYR B 876 -37.19 -60.04 -23.44
CA TYR B 876 -37.85 -61.05 -24.31
C TYR B 876 -38.03 -60.62 -25.76
N ALA B 877 -38.34 -59.35 -25.99
CA ALA B 877 -38.50 -58.87 -27.35
C ALA B 877 -37.17 -58.87 -28.09
N LEU B 878 -36.13 -58.33 -27.44
CA LEU B 878 -34.78 -58.32 -28.03
C LEU B 878 -34.27 -59.70 -28.33
N SER B 879 -34.36 -60.58 -27.33
CA SER B 879 -34.10 -62.00 -27.49
C SER B 879 -34.81 -62.56 -28.76
N LEU B 880 -36.11 -62.34 -28.89
CA LEU B 880 -36.93 -62.82 -30.02
C LEU B 880 -36.58 -62.22 -31.39
N LEU B 881 -36.50 -60.89 -31.44
CA LEU B 881 -36.00 -60.21 -32.62
C LEU B 881 -34.62 -60.72 -33.06
N VAL B 882 -33.67 -60.80 -32.13
CA VAL B 882 -32.32 -61.19 -32.53
C VAL B 882 -32.27 -62.63 -33.04
N VAL B 883 -32.82 -63.59 -32.31
CA VAL B 883 -32.80 -64.92 -32.89
C VAL B 883 -33.41 -64.85 -34.27
N PHE B 884 -34.57 -64.20 -34.39
CA PHE B 884 -35.22 -64.08 -35.71
C PHE B 884 -34.26 -63.66 -36.81
N LEU B 885 -33.57 -62.56 -36.58
CA LEU B 885 -32.60 -62.04 -37.53
C LEU B 885 -31.45 -63.03 -37.88
N CYS B 886 -30.97 -63.79 -36.90
CA CYS B 886 -29.94 -64.81 -37.20
C CYS B 886 -30.47 -65.88 -38.12
N LEU B 887 -31.67 -66.37 -37.84
CA LEU B 887 -32.28 -67.35 -38.69
C LEU B 887 -32.52 -66.79 -40.09
N ALA B 888 -32.95 -65.53 -40.20
CA ALA B 888 -33.09 -64.94 -41.52
C ALA B 888 -31.81 -65.04 -42.35
N ALA B 889 -30.70 -64.52 -41.84
CA ALA B 889 -29.45 -64.53 -42.62
C ALA B 889 -28.89 -65.96 -42.96
N LEU B 890 -29.21 -66.91 -42.08
CA LEU B 890 -28.83 -68.29 -42.32
C LEU B 890 -29.69 -68.84 -43.44
N TYR B 891 -30.98 -68.56 -43.37
CA TYR B 891 -31.93 -69.15 -44.32
C TYR B 891 -32.19 -68.31 -45.55
N GLU B 892 -31.46 -67.21 -45.69
CA GLU B 892 -31.67 -66.24 -46.76
C GLU B 892 -33.16 -66.15 -47.08
N SER B 893 -33.96 -65.93 -46.04
CA SER B 893 -35.42 -65.83 -46.16
C SER B 893 -36.01 -65.08 -44.94
N TRP B 894 -37.06 -64.28 -45.15
CA TRP B 894 -37.74 -63.66 -43.99
C TRP B 894 -38.79 -64.57 -43.39
N SER B 895 -39.18 -65.62 -44.10
CA SER B 895 -40.27 -66.48 -43.65
C SER B 895 -39.85 -67.79 -42.99
N ILE B 896 -38.87 -68.50 -43.57
CA ILE B 896 -38.44 -69.81 -43.02
C ILE B 896 -38.11 -69.71 -41.54
N PRO B 897 -37.50 -68.58 -41.09
CA PRO B 897 -37.14 -68.60 -39.66
C PRO B 897 -38.32 -68.97 -38.73
N PHE B 898 -39.56 -68.74 -39.18
CA PHE B 898 -40.74 -69.07 -38.36
C PHE B 898 -40.87 -70.56 -38.08
N SER B 899 -40.63 -71.36 -39.11
CA SER B 899 -40.68 -72.82 -38.98
C SER B 899 -39.73 -73.36 -37.92
N VAL B 900 -38.74 -72.57 -37.51
CA VAL B 900 -37.84 -72.97 -36.43
C VAL B 900 -38.38 -72.41 -35.13
N MET B 901 -38.75 -71.13 -35.13
CA MET B 901 -39.21 -70.49 -33.89
C MET B 901 -40.48 -71.12 -33.30
N LEU B 902 -41.40 -71.59 -34.14
CA LEU B 902 -42.63 -72.20 -33.63
C LEU B 902 -42.44 -73.50 -32.84
N VAL B 903 -41.24 -74.09 -32.89
CA VAL B 903 -40.95 -75.28 -32.06
C VAL B 903 -41.04 -74.95 -30.58
N VAL B 904 -40.66 -73.73 -30.22
CA VAL B 904 -40.58 -73.32 -28.83
C VAL B 904 -41.68 -73.91 -27.94
N PRO B 905 -42.99 -73.70 -28.29
CA PRO B 905 -44.06 -74.22 -27.42
C PRO B 905 -43.93 -75.69 -27.16
N LEU B 906 -43.71 -76.47 -28.22
CA LEU B 906 -43.48 -77.92 -28.16
C LEU B 906 -42.47 -78.31 -27.06
N GLY B 907 -41.43 -77.49 -26.91
CA GLY B 907 -40.48 -77.65 -25.81
C GLY B 907 -41.25 -77.41 -24.54
N VAL B 908 -41.53 -76.14 -24.29
CA VAL B 908 -42.16 -75.69 -23.04
C VAL B 908 -43.37 -76.53 -22.50
N ILE B 909 -44.32 -76.91 -23.37
CA ILE B 909 -45.45 -77.71 -22.89
C ILE B 909 -45.07 -78.87 -21.95
N GLY B 910 -44.21 -79.76 -22.44
CA GLY B 910 -43.68 -80.84 -21.61
C GLY B 910 -43.05 -80.32 -20.31
N ALA B 911 -42.19 -79.31 -20.43
CA ALA B 911 -41.59 -78.72 -19.25
C ALA B 911 -42.68 -78.38 -18.23
N LEU B 912 -43.58 -77.47 -18.60
CA LEU B 912 -44.73 -77.10 -17.76
C LEU B 912 -45.42 -78.33 -17.19
N LEU B 913 -45.83 -79.25 -18.07
CA LEU B 913 -46.50 -80.48 -17.61
C LEU B 913 -45.77 -81.16 -16.46
N ALA B 914 -44.59 -81.72 -16.71
CA ALA B 914 -43.79 -82.37 -15.65
C ALA B 914 -43.64 -81.51 -14.41
N THR B 915 -43.30 -80.23 -14.57
CA THR B 915 -43.12 -79.37 -13.39
C THR B 915 -44.40 -79.29 -12.57
N SER B 916 -45.51 -78.94 -13.24
CA SER B 916 -46.81 -78.89 -12.60
C SER B 916 -47.26 -80.22 -12.00
N MET B 917 -47.08 -81.32 -12.73
CA MET B 917 -47.34 -82.71 -12.25
C MET B 917 -46.64 -83.00 -10.93
N ARG B 918 -45.30 -82.94 -10.93
CA ARG B 918 -44.50 -83.16 -9.71
C ARG B 918 -44.68 -82.07 -8.62
N GLY B 919 -45.60 -81.13 -8.86
CA GLY B 919 -46.00 -80.09 -7.90
C GLY B 919 -45.00 -79.00 -7.57
N LEU B 920 -44.13 -78.68 -8.53
CA LEU B 920 -43.04 -77.71 -8.34
C LEU B 920 -43.41 -76.29 -8.77
N SER B 921 -42.53 -75.33 -8.46
CA SER B 921 -42.83 -73.93 -8.76
C SER B 921 -42.13 -73.37 -9.99
N ASN B 922 -42.72 -72.32 -10.56
CA ASN B 922 -42.10 -71.58 -11.66
C ASN B 922 -41.01 -70.65 -11.11
N ASP B 923 -39.82 -71.20 -10.86
CA ASP B 923 -38.71 -70.45 -10.25
C ASP B 923 -37.50 -70.25 -11.16
N VAL B 924 -36.43 -69.71 -10.59
CA VAL B 924 -35.23 -69.46 -11.37
C VAL B 924 -34.64 -70.74 -11.95
N PHE B 925 -34.60 -71.83 -11.20
CA PHE B 925 -34.03 -73.05 -11.79
C PHE B 925 -34.87 -73.62 -12.94
N PHE B 926 -36.20 -73.57 -12.81
CA PHE B 926 -37.12 -73.96 -13.88
C PHE B 926 -36.98 -73.06 -15.10
N GLN B 927 -36.93 -71.74 -14.85
CA GLN B 927 -36.75 -70.75 -15.91
C GLN B 927 -35.50 -71.01 -16.76
N VAL B 928 -34.38 -71.31 -16.11
CA VAL B 928 -33.11 -71.48 -16.80
C VAL B 928 -33.09 -72.77 -17.60
N GLY B 929 -33.66 -73.83 -17.04
CA GLY B 929 -33.72 -75.12 -17.74
C GLY B 929 -34.62 -75.05 -18.95
N LEU B 930 -35.80 -74.45 -18.76
CA LEU B 930 -36.74 -74.13 -19.81
C LEU B 930 -36.05 -73.46 -21.01
N LEU B 931 -35.04 -72.64 -20.73
CA LEU B 931 -34.22 -71.98 -21.76
C LEU B 931 -33.20 -72.93 -22.40
N THR B 932 -32.73 -73.90 -21.64
CA THR B 932 -31.90 -74.99 -22.12
C THR B 932 -32.66 -75.91 -23.08
N THR B 933 -33.91 -76.23 -22.72
CA THR B 933 -34.67 -77.20 -23.47
C THR B 933 -35.07 -76.57 -24.76
N ILE B 934 -35.51 -75.30 -24.69
CA ILE B 934 -35.97 -74.65 -25.91
C ILE B 934 -34.76 -74.39 -26.79
N GLY B 935 -33.62 -74.19 -26.16
CA GLY B 935 -32.40 -73.92 -26.90
C GLY B 935 -31.96 -75.13 -27.67
N LEU B 936 -31.93 -76.29 -27.01
CA LEU B 936 -31.52 -77.51 -27.67
C LEU B 936 -32.55 -77.93 -28.69
N SER B 937 -33.82 -77.59 -28.44
CA SER B 937 -34.89 -77.82 -29.40
C SER B 937 -34.76 -77.00 -30.68
N ALA B 938 -34.37 -75.73 -30.53
CA ALA B 938 -34.13 -74.86 -31.68
C ALA B 938 -33.07 -75.46 -32.55
N LYS B 939 -32.08 -76.11 -31.92
CA LYS B 939 -30.95 -76.70 -32.64
C LYS B 939 -31.43 -77.78 -33.61
N ASN B 940 -31.98 -78.84 -33.05
CA ASN B 940 -32.71 -79.87 -33.78
C ASN B 940 -33.45 -79.33 -34.97
N ALA B 941 -34.51 -78.54 -34.70
CA ALA B 941 -35.22 -77.69 -35.70
C ALA B 941 -34.33 -77.01 -36.76
N ILE B 942 -33.33 -76.21 -36.33
CA ILE B 942 -32.42 -75.56 -37.28
C ILE B 942 -31.75 -76.55 -38.25
N LEU B 943 -31.27 -77.69 -37.74
CA LEU B 943 -30.59 -78.62 -38.64
C LEU B 943 -31.52 -79.29 -39.64
N ILE B 944 -32.65 -79.82 -39.15
CA ILE B 944 -33.73 -80.31 -40.04
C ILE B 944 -34.05 -79.33 -41.15
N VAL B 945 -34.42 -78.10 -40.79
CA VAL B 945 -34.77 -77.08 -41.78
C VAL B 945 -33.62 -76.83 -42.77
N GLU B 946 -32.44 -76.54 -42.22
CA GLU B 946 -31.23 -76.33 -43.00
C GLU B 946 -31.02 -77.45 -44.00
N PHE B 947 -31.28 -78.68 -43.59
CA PHE B 947 -31.06 -79.79 -44.50
C PHE B 947 -32.12 -79.74 -45.58
N ALA B 948 -33.37 -79.68 -45.15
CA ALA B 948 -34.51 -79.51 -46.06
C ALA B 948 -34.21 -78.39 -47.03
N LYS B 949 -33.62 -77.30 -46.55
CA LYS B 949 -33.29 -76.21 -47.45
C LYS B 949 -32.20 -76.66 -48.43
N GLU B 950 -31.06 -77.16 -47.94
CA GLU B 950 -29.97 -77.62 -48.82
C GLU B 950 -30.46 -78.55 -49.91
N LEU B 951 -31.42 -79.41 -49.56
CA LEU B 951 -31.95 -80.39 -50.51
C LEU B 951 -32.89 -79.78 -51.54
N HIS B 952 -33.98 -79.20 -51.06
CA HIS B 952 -34.85 -78.40 -51.92
C HIS B 952 -34.06 -77.61 -52.96
N GLU B 953 -32.93 -77.04 -52.52
CA GLU B 953 -32.07 -76.25 -53.39
C GLU B 953 -31.35 -77.13 -54.37
N GLN B 954 -30.61 -78.11 -53.86
CA GLN B 954 -29.89 -79.06 -54.72
C GLN B 954 -30.86 -79.83 -55.64
N GLY B 955 -32.14 -79.44 -55.57
CA GLY B 955 -33.13 -79.68 -56.64
C GLY B 955 -34.12 -80.80 -56.44
N LYS B 956 -35.18 -80.52 -55.65
CA LYS B 956 -36.24 -81.50 -55.25
C LYS B 956 -37.38 -80.89 -54.43
N GLY B 957 -38.50 -81.61 -54.35
CA GLY B 957 -39.73 -81.06 -53.77
C GLY B 957 -39.57 -80.51 -52.37
N ILE B 958 -40.28 -79.43 -52.07
CA ILE B 958 -40.43 -78.95 -50.69
C ILE B 958 -40.79 -80.16 -49.81
N VAL B 959 -41.87 -80.85 -50.17
CA VAL B 959 -42.31 -82.02 -49.40
C VAL B 959 -41.28 -83.17 -49.52
N GLU B 960 -40.74 -83.36 -50.70
CA GLU B 960 -39.74 -84.40 -50.82
C GLU B 960 -38.48 -84.07 -49.97
N ALA B 961 -38.12 -82.77 -49.88
CA ALA B 961 -36.98 -82.28 -49.07
C ALA B 961 -37.21 -82.46 -47.58
N ALA B 962 -38.42 -82.08 -47.13
CA ALA B 962 -38.75 -82.16 -45.71
C ALA B 962 -38.58 -83.58 -45.24
N ILE B 963 -39.09 -84.54 -46.01
CA ILE B 963 -38.98 -85.94 -45.61
C ILE B 963 -37.53 -86.43 -45.71
N GLU B 964 -36.83 -86.02 -46.76
CA GLU B 964 -35.47 -86.49 -46.92
C GLU B 964 -34.59 -85.94 -45.83
N ALA B 965 -34.92 -84.74 -45.34
CA ALA B 965 -34.21 -84.10 -44.24
C ALA B 965 -34.42 -84.79 -42.89
N CYS B 966 -35.66 -84.93 -42.44
CA CYS B 966 -35.95 -85.88 -41.34
C CYS B 966 -35.44 -87.18 -41.90
N ARG B 967 -35.07 -88.12 -41.06
CA ARG B 967 -34.54 -89.37 -41.63
C ARG B 967 -33.04 -89.19 -41.63
N MET B 968 -32.59 -88.29 -42.48
CA MET B 968 -31.24 -87.80 -42.39
C MET B 968 -30.95 -87.33 -40.95
N ARG B 969 -31.96 -86.71 -40.33
CA ARG B 969 -31.79 -86.07 -39.03
C ARG B 969 -32.24 -86.94 -37.86
N LEU B 970 -33.35 -87.67 -38.02
CA LEU B 970 -33.80 -88.61 -37.00
C LEU B 970 -32.70 -89.26 -36.08
N ARG B 971 -31.67 -89.90 -36.66
CA ARG B 971 -30.72 -90.65 -35.81
C ARG B 971 -29.94 -89.79 -34.81
N PRO B 972 -29.24 -88.72 -35.26
CA PRO B 972 -28.61 -87.87 -34.26
C PRO B 972 -29.60 -87.27 -33.28
N ILE B 973 -30.79 -86.89 -33.73
CA ILE B 973 -31.80 -86.39 -32.80
C ILE B 973 -32.06 -87.41 -31.67
N VAL B 974 -32.41 -88.64 -32.04
CA VAL B 974 -32.68 -89.69 -31.08
C VAL B 974 -31.48 -89.92 -30.21
N MET B 975 -30.31 -90.06 -30.83
CA MET B 975 -29.05 -90.32 -30.10
C MET B 975 -28.83 -89.32 -29.00
N THR B 976 -28.80 -88.04 -29.35
CA THR B 976 -28.50 -87.02 -28.37
C THR B 976 -29.62 -86.87 -27.34
N SER B 977 -30.86 -87.20 -27.68
CA SER B 977 -31.97 -86.97 -26.71
C SER B 977 -32.14 -88.12 -25.73
N LEU B 978 -31.90 -89.32 -26.22
CA LEU B 978 -31.70 -90.52 -25.41
C LEU B 978 -30.52 -90.36 -24.44
N ALA B 979 -29.41 -89.79 -24.92
CA ALA B 979 -28.17 -89.64 -24.14
C ALA B 979 -28.37 -88.76 -22.93
N PHE B 980 -29.06 -87.65 -23.20
CA PHE B 980 -29.29 -86.56 -22.24
C PHE B 980 -30.31 -86.96 -21.18
N ILE B 981 -31.55 -87.25 -21.59
CA ILE B 981 -32.62 -87.53 -20.62
C ILE B 981 -32.15 -88.63 -19.65
N LEU B 982 -31.21 -89.47 -20.10
CA LEU B 982 -30.63 -90.49 -19.23
C LEU B 982 -29.63 -89.86 -18.28
N GLY B 983 -28.65 -89.15 -18.82
CA GLY B 983 -27.78 -88.28 -18.03
C GLY B 983 -28.44 -87.34 -17.00
N VAL B 984 -29.70 -86.91 -17.22
CA VAL B 984 -30.36 -85.91 -16.32
C VAL B 984 -31.19 -86.55 -15.21
N VAL B 985 -31.70 -87.74 -15.50
CA VAL B 985 -32.51 -88.50 -14.55
C VAL B 985 -32.04 -88.46 -13.08
N PRO B 986 -30.77 -88.82 -12.79
CA PRO B 986 -30.30 -88.60 -11.42
C PRO B 986 -30.75 -87.31 -10.73
N LEU B 987 -30.51 -86.14 -11.32
CA LEU B 987 -31.05 -84.89 -10.76
C LEU B 987 -32.54 -85.00 -10.47
N ALA B 988 -33.30 -85.52 -11.43
CA ALA B 988 -34.71 -85.79 -11.24
C ALA B 988 -34.97 -86.62 -9.97
N ILE B 989 -34.17 -87.65 -9.73
CA ILE B 989 -34.32 -88.49 -8.54
C ILE B 989 -33.42 -88.06 -7.37
N SER B 990 -32.64 -87.00 -7.56
CA SER B 990 -31.58 -86.63 -6.61
C SER B 990 -32.08 -86.57 -5.17
N THR B 991 -31.19 -86.86 -4.25
CA THR B 991 -31.63 -87.15 -2.90
C THR B 991 -30.67 -86.62 -1.83
N GLY B 992 -31.13 -85.57 -1.11
CA GLY B 992 -30.38 -84.90 -0.05
C GLY B 992 -29.24 -84.03 -0.58
N ALA B 993 -29.09 -82.84 0.01
CA ALA B 993 -27.97 -81.92 -0.28
C ALA B 993 -28.01 -81.32 -1.68
N GLY B 994 -28.69 -80.19 -1.82
CA GLY B 994 -28.83 -79.51 -3.11
C GLY B 994 -29.90 -80.15 -3.95
N SER B 995 -30.42 -81.29 -3.47
CA SER B 995 -31.41 -82.11 -4.19
C SER B 995 -32.69 -81.37 -4.57
N GLY B 996 -33.08 -80.38 -3.76
CA GLY B 996 -34.25 -79.56 -4.06
C GLY B 996 -34.09 -78.85 -5.38
N SER B 997 -32.90 -78.32 -5.63
CA SER B 997 -32.63 -77.58 -6.86
C SER B 997 -32.49 -78.57 -8.01
N GLN B 998 -31.72 -79.62 -7.79
CA GLN B 998 -31.63 -80.67 -8.77
C GLN B 998 -33.02 -81.16 -9.26
N HIS B 999 -34.00 -81.21 -8.36
CA HIS B 999 -35.34 -81.58 -8.80
C HIS B 999 -35.93 -80.53 -9.66
N ALA B 1000 -35.53 -79.30 -9.45
CA ALA B 1000 -36.12 -78.20 -10.15
C ALA B 1000 -35.68 -78.22 -11.60
N ILE B 1001 -34.46 -78.72 -11.84
CA ILE B 1001 -33.92 -78.82 -13.23
C ILE B 1001 -34.17 -80.16 -13.91
N GLY B 1002 -33.95 -81.25 -13.17
CA GLY B 1002 -34.32 -82.60 -13.64
C GLY B 1002 -35.77 -82.73 -14.08
N THR B 1003 -36.69 -82.16 -13.32
CA THR B 1003 -38.08 -82.25 -13.67
C THR B 1003 -38.32 -81.46 -14.93
N GLY B 1004 -37.85 -80.22 -14.96
CA GLY B 1004 -38.14 -79.30 -16.06
C GLY B 1004 -37.69 -79.76 -17.44
N VAL B 1005 -36.36 -79.79 -17.62
CA VAL B 1005 -35.72 -80.42 -18.77
C VAL B 1005 -36.17 -81.85 -18.67
N ILE B 1006 -36.34 -82.53 -19.80
CA ILE B 1006 -36.91 -83.89 -19.81
C ILE B 1006 -38.40 -83.97 -19.69
N GLY B 1007 -39.03 -82.90 -19.24
CA GLY B 1007 -40.42 -82.69 -19.52
C GLY B 1007 -40.36 -82.17 -20.93
N GLY B 1008 -39.66 -81.06 -21.09
CA GLY B 1008 -39.49 -80.40 -22.37
C GLY B 1008 -38.72 -81.28 -23.33
N MET B 1009 -37.73 -82.00 -22.82
CA MET B 1009 -36.94 -82.89 -23.67
C MET B 1009 -37.83 -83.96 -24.26
N VAL B 1010 -38.60 -84.63 -23.39
CA VAL B 1010 -39.45 -85.69 -23.90
C VAL B 1010 -40.37 -85.16 -25.00
N THR B 1011 -41.11 -84.09 -24.73
CA THR B 1011 -42.08 -83.63 -25.69
C THR B 1011 -41.41 -83.03 -26.91
N ALA B 1012 -40.37 -82.21 -26.72
CA ALA B 1012 -39.68 -81.53 -27.84
C ALA B 1012 -39.02 -82.49 -28.87
N THR B 1013 -38.72 -83.72 -28.44
CA THR B 1013 -38.14 -84.72 -29.33
C THR B 1013 -39.26 -85.40 -30.11
N VAL B 1014 -40.10 -86.16 -29.40
CA VAL B 1014 -41.27 -86.80 -29.99
C VAL B 1014 -42.26 -85.83 -30.76
N LEU B 1015 -41.98 -84.52 -30.83
CA LEU B 1015 -42.87 -83.60 -31.53
C LEU B 1015 -42.25 -82.73 -32.63
N ALA B 1016 -41.09 -82.17 -32.39
CA ALA B 1016 -40.49 -81.37 -33.45
C ALA B 1016 -40.20 -82.29 -34.63
N ILE B 1017 -39.84 -83.55 -34.36
CA ILE B 1017 -39.60 -84.51 -35.44
C ILE B 1017 -40.81 -84.56 -36.38
N PHE B 1018 -42.01 -84.39 -35.85
CA PHE B 1018 -43.19 -84.33 -36.70
C PHE B 1018 -43.56 -82.95 -37.19
N TRP B 1019 -43.54 -81.96 -36.31
CA TRP B 1019 -44.10 -80.66 -36.66
C TRP B 1019 -43.14 -79.71 -37.37
N VAL B 1020 -41.84 -79.87 -37.17
CA VAL B 1020 -40.85 -79.05 -37.90
C VAL B 1020 -40.94 -79.19 -39.42
N PRO B 1021 -41.05 -80.43 -39.93
CA PRO B 1021 -41.35 -80.57 -41.34
C PRO B 1021 -42.73 -79.98 -41.69
N LEU B 1022 -43.74 -80.14 -40.83
CA LEU B 1022 -45.01 -79.47 -41.07
C LEU B 1022 -44.70 -78.02 -41.33
N PHE B 1023 -44.28 -77.28 -40.29
CA PHE B 1023 -43.97 -75.83 -40.38
C PHE B 1023 -43.13 -75.39 -41.59
N TYR B 1024 -42.21 -76.25 -42.01
CA TYR B 1024 -41.28 -75.87 -43.03
C TYR B 1024 -41.99 -75.91 -44.35
N VAL B 1025 -42.71 -77.00 -44.58
CA VAL B 1025 -43.54 -77.16 -45.77
C VAL B 1025 -44.65 -76.10 -45.73
N ALA B 1026 -45.34 -76.03 -44.59
CA ALA B 1026 -46.38 -75.03 -44.32
C ALA B 1026 -46.03 -73.59 -44.76
N VAL B 1027 -44.95 -73.02 -44.19
CA VAL B 1027 -44.46 -71.66 -44.52
C VAL B 1027 -43.89 -71.58 -45.93
N SER B 1028 -43.44 -72.71 -46.45
CA SER B 1028 -42.80 -72.71 -47.76
C SER B 1028 -43.86 -72.61 -48.84
N THR B 1029 -44.85 -73.51 -48.74
CA THR B 1029 -46.14 -73.48 -49.44
C THR B 1029 -46.72 -72.07 -49.47
N LEU B 1030 -46.93 -71.47 -48.28
CA LEU B 1030 -47.66 -70.21 -48.09
C LEU B 1030 -47.36 -69.12 -49.12
N MET C 1 1.86 -61.07 -49.90
CA MET C 1 2.53 -59.77 -50.12
C MET C 1 3.80 -60.08 -50.88
N SER C 2 4.91 -59.63 -50.29
CA SER C 2 6.28 -59.74 -50.82
C SER C 2 6.34 -59.46 -52.30
N LYS C 3 5.81 -60.41 -53.07
CA LYS C 3 5.66 -60.29 -54.49
C LYS C 3 4.89 -59.02 -54.84
N PHE C 4 3.82 -58.77 -54.09
CA PHE C 4 3.02 -57.56 -54.20
C PHE C 4 3.90 -56.32 -53.96
N PHE C 5 4.67 -56.37 -52.89
CA PHE C 5 5.50 -55.22 -52.48
C PHE C 5 6.78 -55.05 -53.30
N ILE C 6 7.31 -56.14 -53.85
CA ILE C 6 8.49 -56.11 -54.71
C ILE C 6 8.24 -55.18 -55.93
N ASP C 7 7.00 -55.12 -56.40
CA ASP C 7 6.66 -54.24 -57.51
C ASP C 7 5.91 -53.00 -57.03
N ARG C 8 6.08 -52.69 -55.75
CA ARG C 8 5.43 -51.56 -55.13
C ARG C 8 6.25 -50.99 -53.98
N PRO C 9 7.56 -50.81 -54.18
CA PRO C 9 8.43 -50.44 -53.04
C PRO C 9 8.14 -49.06 -52.40
N ILE C 10 7.41 -48.15 -53.05
CA ILE C 10 6.99 -46.93 -52.36
C ILE C 10 6.00 -47.32 -51.26
N PHE C 11 4.96 -48.07 -51.62
CA PHE C 11 4.01 -48.58 -50.65
C PHE C 11 4.75 -49.25 -49.50
N ALA C 12 5.72 -50.11 -49.83
CA ALA C 12 6.52 -50.82 -48.81
C ALA C 12 7.13 -49.82 -47.86
N TRP C 13 7.81 -48.83 -48.42
CA TRP C 13 8.43 -47.78 -47.63
C TRP C 13 7.43 -47.09 -46.71
N VAL C 14 6.29 -46.72 -47.27
CA VAL C 14 5.28 -46.01 -46.53
C VAL C 14 4.75 -46.78 -45.30
N ILE C 15 4.46 -48.08 -45.43
CA ILE C 15 4.14 -48.82 -44.21
C ILE C 15 5.32 -48.75 -43.18
N ALA C 16 6.55 -48.78 -43.67
CA ALA C 16 7.73 -48.69 -42.79
C ALA C 16 7.83 -47.32 -42.16
N LEU C 17 7.75 -46.29 -43.00
CA LEU C 17 7.72 -44.87 -42.52
C LEU C 17 6.61 -44.50 -41.56
N VAL C 18 5.40 -45.03 -41.75
CA VAL C 18 4.34 -44.78 -40.78
C VAL C 18 4.73 -45.40 -39.44
N ILE C 19 5.11 -46.68 -39.46
CA ILE C 19 5.54 -47.33 -38.25
C ILE C 19 6.63 -46.53 -37.55
N MET C 20 7.61 -46.03 -38.31
CA MET C 20 8.70 -45.28 -37.72
C MET C 20 8.24 -43.94 -37.19
N LEU C 21 7.37 -43.30 -37.95
CA LEU C 21 6.82 -42.03 -37.53
C LEU C 21 6.03 -42.17 -36.24
N ALA C 22 5.07 -43.09 -36.20
CA ALA C 22 4.35 -43.37 -34.96
C ALA C 22 5.24 -43.62 -33.75
N GLY C 23 6.20 -44.56 -33.88
CA GLY C 23 7.09 -44.97 -32.79
C GLY C 23 8.05 -43.87 -32.37
N GLY C 24 8.43 -43.05 -33.35
CA GLY C 24 9.28 -41.88 -33.11
C GLY C 24 8.61 -40.89 -32.16
N LEU C 25 7.51 -40.28 -32.61
CA LEU C 25 6.72 -39.35 -31.79
C LEU C 25 6.39 -39.86 -30.38
N SER C 26 6.39 -41.19 -30.20
CA SER C 26 6.20 -41.81 -28.90
C SER C 26 7.40 -41.64 -28.02
N ILE C 27 8.58 -41.75 -28.59
CA ILE C 27 9.81 -41.58 -27.81
C ILE C 27 9.86 -40.20 -27.19
N LEU C 28 9.10 -39.28 -27.77
CA LEU C 28 9.03 -37.93 -27.20
C LEU C 28 8.20 -37.77 -25.94
N SER C 29 7.37 -38.74 -25.59
CA SER C 29 6.50 -38.56 -24.42
C SER C 29 6.51 -39.73 -23.41
N LEU C 30 7.39 -40.71 -23.63
CA LEU C 30 7.55 -41.81 -22.69
C LEU C 30 8.22 -41.38 -21.39
N PRO C 31 7.67 -41.81 -20.24
CA PRO C 31 8.41 -41.75 -18.99
C PRO C 31 9.76 -42.47 -19.09
N VAL C 32 10.79 -41.88 -18.47
CA VAL C 32 12.12 -42.49 -18.42
C VAL C 32 12.38 -42.81 -16.99
N ASN C 33 12.95 -43.98 -16.74
CA ASN C 33 13.57 -44.21 -15.44
C ASN C 33 14.42 -45.45 -15.37
N GLN C 34 15.26 -45.53 -14.34
CA GLN C 34 16.15 -46.64 -14.17
C GLN C 34 15.31 -47.91 -14.27
N TYR C 35 14.47 -48.17 -13.27
CA TYR C 35 13.67 -49.39 -13.24
C TYR C 35 12.16 -49.12 -13.22
N PRO C 36 11.35 -50.10 -13.64
CA PRO C 36 9.88 -50.07 -13.48
C PRO C 36 9.49 -50.21 -12.03
N ALA C 37 8.20 -50.03 -11.69
CA ALA C 37 7.79 -50.20 -10.30
C ALA C 37 7.90 -51.68 -9.90
N ILE C 38 8.99 -52.06 -9.23
CA ILE C 38 9.21 -53.49 -8.99
C ILE C 38 9.14 -53.85 -7.51
N ALA C 39 8.58 -52.94 -6.72
CA ALA C 39 8.54 -53.13 -5.27
C ALA C 39 7.12 -53.42 -4.73
N PRO C 40 6.99 -54.40 -3.83
CA PRO C 40 5.70 -54.73 -3.22
C PRO C 40 5.06 -53.51 -2.59
N PRO C 41 3.77 -53.21 -2.90
CA PRO C 41 3.15 -52.09 -2.13
C PRO C 41 3.10 -52.35 -0.63
N ALA C 42 3.46 -51.34 0.15
CA ALA C 42 3.36 -51.42 1.60
C ALA C 42 2.61 -50.21 2.07
N ILE C 43 1.70 -50.44 3.01
CA ILE C 43 0.96 -49.39 3.68
C ILE C 43 1.43 -49.40 5.13
N ALA C 44 1.67 -48.19 5.66
CA ALA C 44 2.20 -47.98 7.02
C ALA C 44 1.18 -47.34 7.96
N VAL C 45 1.03 -47.93 9.16
CA VAL C 45 0.22 -47.34 10.24
C VAL C 45 1.07 -46.78 11.40
N GLN C 46 0.88 -45.50 11.74
CA GLN C 46 1.61 -44.84 12.86
C GLN C 46 0.78 -44.13 13.95
N VAL C 47 0.99 -44.51 15.21
CA VAL C 47 0.58 -43.67 16.36
C VAL C 47 1.57 -43.67 17.54
N SER C 48 1.60 -42.54 18.25
CA SER C 48 2.40 -42.47 19.46
C SER C 48 1.53 -42.29 20.70
N TYR C 49 1.69 -43.23 21.62
CA TYR C 49 1.04 -43.22 22.93
C TYR C 49 2.01 -42.54 23.88
N PRO C 50 1.77 -41.26 24.20
CA PRO C 50 2.88 -40.49 24.73
C PRO C 50 3.44 -41.04 26.07
N GLY C 51 4.76 -41.27 26.06
CA GLY C 51 5.51 -41.77 27.21
C GLY C 51 5.15 -43.15 27.74
N ALA C 52 4.42 -43.95 26.96
CA ALA C 52 4.13 -45.33 27.35
C ALA C 52 5.36 -46.20 27.15
N SER C 53 5.39 -47.32 27.85
CA SER C 53 6.46 -48.29 27.74
C SER C 53 6.44 -49.04 26.40
N ALA C 54 7.61 -49.30 25.83
CA ALA C 54 7.69 -50.09 24.61
C ALA C 54 6.73 -51.26 24.70
N GLU C 55 6.77 -51.99 25.81
CA GLU C 55 5.96 -53.22 25.98
C GLU C 55 4.48 -52.96 26.22
N THR C 56 4.15 -51.89 26.95
CA THR C 56 2.78 -51.40 27.03
C THR C 56 2.28 -51.14 25.61
N VAL C 57 3.05 -50.34 24.86
CA VAL C 57 2.72 -49.97 23.49
C VAL C 57 2.58 -51.20 22.58
N GLN C 58 3.52 -52.12 22.66
CA GLN C 58 3.41 -53.38 21.94
C GLN C 58 2.12 -54.12 22.27
N ASP C 59 1.64 -53.98 23.51
CA ASP C 59 0.51 -54.81 23.98
C ASP C 59 -0.86 -54.18 23.94
N THR C 60 -0.91 -52.86 24.14
CA THR C 60 -2.17 -52.10 24.09
C THR C 60 -2.59 -51.58 22.71
N VAL C 61 -1.62 -51.27 21.83
CA VAL C 61 -1.93 -50.90 20.42
C VAL C 61 -1.52 -51.91 19.33
N VAL C 62 -0.25 -51.93 18.96
CA VAL C 62 0.27 -52.86 17.96
C VAL C 62 -0.45 -54.23 17.96
N GLN C 63 -0.51 -54.90 19.10
CA GLN C 63 -1.18 -56.18 19.24
C GLN C 63 -2.61 -56.18 18.66
N VAL C 64 -3.39 -55.14 18.98
CA VAL C 64 -4.78 -55.10 18.53
C VAL C 64 -4.90 -54.85 17.03
N ILE C 65 -4.31 -53.74 16.60
CA ILE C 65 -4.50 -53.32 15.22
C ILE C 65 -3.89 -54.37 14.26
N GLU C 66 -2.73 -54.92 14.62
CA GLU C 66 -2.04 -55.93 13.82
C GLU C 66 -2.97 -57.11 13.57
N GLN C 67 -3.67 -57.54 14.61
CA GLN C 67 -4.54 -58.69 14.47
C GLN C 67 -5.67 -58.39 13.50
N GLN C 68 -6.08 -57.13 13.45
CA GLN C 68 -7.10 -56.73 12.49
C GLN C 68 -6.67 -56.83 11.03
N MET C 69 -5.45 -56.35 10.75
CA MET C 69 -4.84 -56.41 9.41
C MET C 69 -4.68 -57.85 8.91
N ASN C 70 -4.52 -58.79 9.83
CA ASN C 70 -4.57 -60.19 9.46
C ASN C 70 -5.80 -60.38 8.59
N GLY C 71 -5.62 -60.94 7.43
CA GLY C 71 -6.77 -61.22 6.59
C GLY C 71 -7.07 -60.33 5.41
N ILE C 72 -6.51 -59.12 5.34
CA ILE C 72 -6.66 -58.23 4.14
C ILE C 72 -6.18 -58.94 2.88
N ASP C 73 -6.75 -58.59 1.72
CA ASP C 73 -6.45 -59.34 0.50
C ASP C 73 -5.10 -59.00 -0.06
N ASN C 74 -4.48 -59.99 -0.71
CA ASN C 74 -3.10 -59.96 -1.25
C ASN C 74 -2.01 -59.60 -0.26
N LEU C 75 -2.25 -59.88 1.01
CA LEU C 75 -1.28 -59.62 2.07
C LEU C 75 -0.04 -60.52 1.96
N ARG C 76 1.14 -59.93 2.04
CA ARG C 76 2.38 -60.70 1.90
C ARG C 76 2.99 -61.02 3.27
N TYR C 77 3.20 -59.99 4.07
CA TYR C 77 3.58 -60.15 5.48
C TYR C 77 3.31 -58.89 6.32
N ILE C 78 3.29 -59.04 7.63
CA ILE C 78 3.30 -57.85 8.47
C ILE C 78 4.56 -57.75 9.36
N SER C 79 5.05 -56.52 9.55
CA SER C 79 6.16 -56.24 10.45
C SER C 79 6.00 -54.89 11.17
N SER C 80 5.56 -55.01 12.42
CA SER C 80 5.44 -53.87 13.31
C SER C 80 6.67 -53.66 14.18
N GLU C 81 6.62 -52.61 14.99
CA GLU C 81 7.63 -52.35 16.00
C GLU C 81 7.10 -51.28 16.94
N SER C 82 7.47 -51.45 18.20
CA SER C 82 7.03 -50.58 19.28
C SER C 82 8.29 -50.06 19.99
N ASN C 83 8.29 -48.78 20.34
CA ASN C 83 9.42 -48.16 21.02
C ASN C 83 9.10 -47.65 22.41
N SER C 84 10.12 -47.56 23.26
CA SER C 84 9.94 -47.06 24.61
C SER C 84 9.49 -45.58 24.64
N ASP C 85 9.73 -44.86 23.55
CA ASP C 85 9.30 -43.47 23.46
C ASP C 85 7.81 -43.21 23.09
N GLY C 86 6.96 -44.24 23.14
CA GLY C 86 5.52 -44.11 22.80
C GLY C 86 5.12 -44.60 21.42
N SER C 87 5.84 -44.12 20.40
CA SER C 87 5.66 -44.49 19.00
C SER C 87 5.64 -46.00 18.67
N MET C 88 4.88 -46.34 17.61
CA MET C 88 4.89 -47.66 16.97
C MET C 88 4.67 -47.50 15.47
N THR C 89 4.83 -48.61 14.75
CA THR C 89 4.69 -48.68 13.30
C THR C 89 4.48 -50.09 12.77
N ILE C 90 3.32 -50.31 12.15
CA ILE C 90 3.03 -51.57 11.51
C ILE C 90 3.16 -51.33 10.03
N THR C 91 3.90 -52.20 9.37
CA THR C 91 4.07 -52.07 7.93
C THR C 91 3.47 -53.29 7.27
N VAL C 92 2.38 -53.04 6.56
CA VAL C 92 1.65 -54.10 5.87
C VAL C 92 2.11 -54.13 4.43
N THR C 93 2.77 -55.23 4.08
CA THR C 93 3.31 -55.45 2.74
C THR C 93 2.33 -56.32 1.93
N PHE C 94 2.03 -55.89 0.70
CA PHE C 94 1.15 -56.61 -0.18
C PHE C 94 1.88 -57.29 -1.35
N GLU C 95 1.19 -58.16 -2.07
CA GLU C 95 1.73 -58.81 -3.25
C GLU C 95 1.79 -57.85 -4.47
N GLN C 96 2.69 -58.11 -5.42
CA GLN C 96 3.15 -57.09 -6.38
C GLN C 96 2.16 -56.44 -7.32
N GLY C 97 0.93 -56.97 -7.41
CA GLY C 97 -0.04 -56.37 -8.33
C GLY C 97 -1.16 -55.57 -7.68
N THR C 98 -1.26 -55.69 -6.35
CA THR C 98 -2.25 -55.00 -5.56
C THR C 98 -2.24 -53.52 -5.84
N ASP C 99 -3.42 -52.97 -6.04
CA ASP C 99 -3.55 -51.54 -6.26
C ASP C 99 -3.26 -50.81 -4.94
N PRO C 100 -2.26 -49.90 -4.93
CA PRO C 100 -1.88 -49.23 -3.68
C PRO C 100 -3.04 -48.56 -2.96
N ASP C 101 -4.01 -48.03 -3.71
CA ASP C 101 -5.11 -47.29 -3.08
C ASP C 101 -6.20 -48.18 -2.51
N ILE C 102 -6.51 -49.31 -3.15
CA ILE C 102 -7.43 -50.23 -2.50
C ILE C 102 -6.80 -50.82 -1.26
N ALA C 103 -5.51 -51.17 -1.35
CA ALA C 103 -4.78 -51.66 -0.17
C ALA C 103 -4.84 -50.64 0.97
N GLN C 104 -4.61 -49.37 0.63
CA GLN C 104 -4.67 -48.35 1.65
C GLN C 104 -6.06 -48.29 2.25
N VAL C 105 -7.09 -48.31 1.42
CA VAL C 105 -8.47 -48.29 1.91
C VAL C 105 -8.82 -49.48 2.80
N GLN C 106 -8.49 -50.67 2.31
CA GLN C 106 -8.67 -51.87 3.10
C GLN C 106 -8.02 -51.76 4.47
N VAL C 107 -6.76 -51.29 4.53
CA VAL C 107 -6.09 -51.03 5.83
C VAL C 107 -6.95 -50.12 6.74
N GLN C 108 -7.15 -48.89 6.29
CA GLN C 108 -8.13 -47.97 6.90
C GLN C 108 -9.50 -48.59 7.36
N ASN C 109 -10.04 -49.54 6.61
CA ASN C 109 -11.28 -50.23 6.95
C ASN C 109 -11.17 -51.15 8.17
N LYS C 110 -10.07 -51.91 8.20
CA LYS C 110 -9.79 -52.80 9.30
C LYS C 110 -9.41 -51.93 10.49
N LEU C 111 -8.58 -50.91 10.24
CA LEU C 111 -8.09 -50.05 11.31
C LEU C 111 -9.21 -49.48 12.20
N GLN C 112 -10.33 -49.24 11.55
CA GLN C 112 -11.43 -48.54 12.18
C GLN C 112 -12.08 -49.48 13.16
N LEU C 113 -11.89 -50.77 12.92
CA LEU C 113 -12.48 -51.80 13.76
C LEU C 113 -11.64 -51.98 15.00
N ALA C 114 -10.32 -51.87 14.87
CA ALA C 114 -9.43 -52.01 16.03
C ALA C 114 -9.69 -50.90 17.04
N THR C 115 -9.72 -49.66 16.54
CA THR C 115 -9.97 -48.46 17.34
C THR C 115 -10.57 -48.57 18.76
N PRO C 116 -11.85 -49.00 18.90
CA PRO C 116 -12.42 -49.14 20.25
C PRO C 116 -11.64 -50.01 21.26
N LEU C 117 -10.69 -50.83 20.83
CA LEU C 117 -9.93 -51.65 21.75
C LEU C 117 -8.57 -50.99 22.05
N LEU C 118 -8.50 -49.70 21.73
CA LEU C 118 -7.30 -48.92 21.98
C LEU C 118 -7.50 -47.90 23.12
N PRO C 119 -6.45 -47.69 23.93
CA PRO C 119 -6.33 -46.69 24.99
C PRO C 119 -6.89 -45.31 24.61
N GLN C 120 -7.61 -44.67 25.52
CA GLN C 120 -8.38 -43.47 25.18
C GLN C 120 -7.52 -42.31 24.75
N GLU C 121 -6.22 -42.33 25.14
CA GLU C 121 -5.27 -41.29 24.72
C GLU C 121 -4.93 -41.48 23.27
N VAL C 122 -4.58 -42.72 22.92
CA VAL C 122 -4.38 -43.13 21.54
C VAL C 122 -5.59 -42.83 20.65
N GLN C 123 -6.78 -43.11 21.15
CA GLN C 123 -8.00 -43.23 20.35
C GLN C 123 -8.58 -41.87 19.97
N ARG C 124 -8.66 -40.99 20.95
CA ARG C 124 -9.07 -39.60 20.75
C ARG C 124 -7.93 -38.80 20.05
N GLN C 125 -6.85 -39.50 19.70
CA GLN C 125 -5.67 -38.86 19.09
C GLN C 125 -5.66 -38.81 17.54
N GLY C 126 -5.99 -39.93 16.88
CA GLY C 126 -5.95 -40.03 15.41
C GLY C 126 -4.74 -40.77 14.85
N ILE C 127 -4.96 -41.96 14.29
CA ILE C 127 -3.87 -42.80 13.78
C ILE C 127 -3.52 -42.43 12.34
N ARG C 128 -2.22 -42.30 12.03
CA ARG C 128 -1.77 -41.95 10.70
C ARG C 128 -1.73 -43.18 9.81
N VAL C 129 -2.24 -43.07 8.58
CA VAL C 129 -2.06 -44.13 7.59
C VAL C 129 -1.61 -43.59 6.24
N THR C 130 -0.58 -44.23 5.67
CA THR C 130 0.12 -43.75 4.46
C THR C 130 0.90 -44.81 3.69
N LYS C 131 0.98 -44.63 2.36
CA LYS C 131 1.85 -45.40 1.45
C LYS C 131 3.29 -45.38 1.95
N ALA C 132 4.05 -46.46 1.76
CA ALA C 132 5.34 -46.61 2.47
C ALA C 132 6.56 -46.89 1.59
N VAL C 133 7.14 -45.82 1.06
CA VAL C 133 8.36 -45.90 0.26
C VAL C 133 9.53 -46.21 1.19
N LYS C 134 10.44 -47.10 0.76
CA LYS C 134 11.63 -47.47 1.57
C LYS C 134 12.75 -46.44 1.49
N ASN C 135 12.98 -45.94 0.27
CA ASN C 135 14.16 -45.16 -0.10
C ASN C 135 13.89 -43.66 -0.13
N PHE C 136 14.92 -42.82 0.02
CA PHE C 136 14.72 -41.37 -0.20
C PHE C 136 15.16 -40.96 -1.58
N LEU C 137 14.37 -40.10 -2.24
CA LEU C 137 14.73 -39.65 -3.58
C LEU C 137 15.93 -38.76 -3.52
N MET C 138 15.96 -37.91 -2.49
CA MET C 138 16.97 -36.88 -2.35
C MET C 138 16.73 -36.16 -1.04
N VAL C 139 17.83 -35.70 -0.46
CA VAL C 139 17.77 -34.82 0.70
C VAL C 139 18.05 -33.48 0.10
N VAL C 140 17.11 -32.55 0.29
CA VAL C 140 17.38 -31.17 -0.10
C VAL C 140 17.67 -30.40 1.16
N GLY C 141 18.86 -29.81 1.17
CA GLY C 141 19.39 -29.16 2.36
C GLY C 141 19.56 -27.66 2.23
N VAL C 142 19.83 -27.05 3.37
CA VAL C 142 20.19 -25.65 3.38
C VAL C 142 21.30 -25.36 4.43
N VAL C 143 22.32 -24.63 3.98
CA VAL C 143 23.39 -24.23 4.87
C VAL C 143 23.69 -22.72 4.77
N SER C 144 24.40 -22.17 5.76
CA SER C 144 24.57 -20.72 5.90
C SER C 144 25.95 -20.21 5.48
N THR C 145 26.00 -19.44 4.38
CA THR C 145 27.26 -18.92 3.79
C THR C 145 28.24 -18.32 4.82
N ASP C 146 27.73 -17.41 5.65
CA ASP C 146 28.51 -16.81 6.73
C ASP C 146 28.42 -17.64 8.02
N GLY C 147 27.41 -17.38 8.83
CA GLY C 147 27.14 -18.15 10.06
C GLY C 147 26.02 -17.51 10.86
N SER C 148 25.23 -16.68 10.17
CA SER C 148 24.17 -15.86 10.77
C SER C 148 22.95 -16.66 11.23
N MET C 149 22.78 -17.84 10.67
CA MET C 149 21.66 -18.71 11.01
C MET C 149 22.17 -19.97 11.70
N THR C 150 21.71 -20.25 12.93
CA THR C 150 22.03 -21.49 13.65
C THR C 150 21.40 -22.72 13.00
N LYS C 151 21.63 -23.90 13.59
CA LYS C 151 20.91 -25.12 13.21
C LYS C 151 19.39 -24.84 13.18
N GLU C 152 18.82 -24.54 14.36
CA GLU C 152 17.40 -24.22 14.48
C GLU C 152 16.97 -23.09 13.56
N ASP C 153 17.82 -22.10 13.33
CA ASP C 153 17.49 -20.97 12.44
C ASP C 153 17.12 -21.44 11.04
N LEU C 154 17.93 -22.37 10.52
CA LEU C 154 17.77 -22.89 9.16
C LEU C 154 16.62 -23.87 9.05
N SER C 155 16.58 -24.82 10.00
CA SER C 155 15.47 -25.77 10.17
C SER C 155 14.10 -25.12 10.16
N ASN C 156 13.97 -23.99 10.86
CA ASN C 156 12.76 -23.21 10.87
C ASN C 156 12.47 -22.61 9.52
N TYR C 157 13.50 -22.08 8.86
CA TYR C 157 13.22 -21.46 7.60
C TYR C 157 12.75 -22.56 6.65
N ILE C 158 13.36 -23.73 6.76
CA ILE C 158 13.01 -24.87 5.93
C ILE C 158 11.52 -25.20 6.04
N VAL C 159 11.12 -25.56 7.27
CA VAL C 159 9.74 -25.88 7.60
C VAL C 159 8.81 -24.74 7.26
N SER C 160 8.99 -23.61 7.89
CA SER C 160 8.03 -22.55 7.68
C SER C 160 7.92 -21.99 6.25
N ASN C 161 8.82 -22.38 5.34
CA ASN C 161 8.86 -21.80 3.96
C ASN C 161 9.04 -22.75 2.78
N ILE C 162 9.93 -23.72 2.91
CA ILE C 162 10.19 -24.60 1.80
C ILE C 162 9.23 -25.80 1.85
N GLN C 163 9.08 -26.39 3.03
CA GLN C 163 8.25 -27.59 3.26
C GLN C 163 6.89 -27.63 2.56
N ASP C 164 5.98 -26.81 3.03
CA ASP C 164 4.63 -26.77 2.49
C ASP C 164 4.55 -26.66 0.94
N PRO C 165 5.36 -25.78 0.28
CA PRO C 165 5.33 -25.82 -1.21
C PRO C 165 6.02 -27.04 -1.84
N LEU C 166 7.09 -27.51 -1.21
CA LEU C 166 7.79 -28.69 -1.64
C LEU C 166 7.00 -29.97 -1.38
N SER C 167 6.29 -30.02 -0.25
CA SER C 167 5.41 -31.14 0.13
C SER C 167 4.26 -31.38 -0.85
N ARG C 168 3.92 -30.33 -1.60
CA ARG C 168 2.88 -30.39 -2.60
C ARG C 168 3.45 -30.31 -4.02
N THR C 169 4.76 -30.43 -4.18
CA THR C 169 5.37 -30.47 -5.51
C THR C 169 4.97 -31.80 -6.14
N LYS C 170 4.70 -31.77 -7.45
CA LYS C 170 4.24 -32.93 -8.20
C LYS C 170 5.29 -34.05 -8.16
N GLY C 171 4.89 -35.22 -7.68
CA GLY C 171 5.81 -36.33 -7.56
C GLY C 171 6.24 -36.63 -6.15
N VAL C 172 6.38 -35.58 -5.35
CA VAL C 172 6.73 -35.68 -3.91
C VAL C 172 5.74 -36.57 -3.17
N GLY C 173 6.26 -37.55 -2.44
CA GLY C 173 5.41 -38.36 -1.61
C GLY C 173 5.62 -37.98 -0.17
N ASP C 174 5.89 -39.00 0.63
CA ASP C 174 6.29 -38.87 2.03
C ASP C 174 7.53 -37.97 2.16
N PHE C 175 7.65 -37.25 3.27
CA PHE C 175 8.88 -36.51 3.51
C PHE C 175 9.38 -36.58 4.94
N GLN C 176 10.51 -35.93 5.20
CA GLN C 176 11.11 -35.85 6.54
C GLN C 176 12.05 -34.65 6.67
N VAL C 177 11.69 -33.72 7.55
CA VAL C 177 12.59 -32.64 7.94
C VAL C 177 13.58 -33.21 8.95
N PHE C 178 14.82 -32.71 8.98
CA PHE C 178 15.76 -32.97 10.09
C PHE C 178 15.89 -31.67 10.90
N GLY C 179 15.61 -31.75 12.19
CA GLY C 179 15.40 -30.56 13.01
C GLY C 179 13.92 -30.22 13.08
N SER C 180 13.58 -28.99 13.44
CA SER C 180 12.17 -28.58 13.51
C SER C 180 11.93 -27.10 13.27
N GLN C 181 10.68 -26.70 13.45
CA GLN C 181 10.29 -25.31 13.41
C GLN C 181 10.29 -24.75 14.81
N TYR C 182 10.18 -23.43 14.91
CA TYR C 182 10.20 -22.79 16.22
C TYR C 182 8.90 -23.05 16.96
N SER C 183 9.02 -23.66 18.12
CA SER C 183 7.92 -23.72 19.05
C SER C 183 8.23 -22.64 20.09
N MET C 184 7.20 -21.97 20.60
CA MET C 184 7.36 -21.12 21.78
C MET C 184 7.67 -21.95 23.05
N ARG C 185 8.91 -21.84 23.52
CA ARG C 185 9.38 -22.71 24.57
C ARG C 185 9.33 -22.07 25.95
N ILE C 186 8.67 -22.75 26.87
CA ILE C 186 8.55 -22.26 28.21
C ILE C 186 9.25 -23.27 29.12
N TRP C 187 10.28 -22.81 29.82
CA TRP C 187 11.10 -23.65 30.64
C TRP C 187 10.88 -23.26 32.10
N LEU C 188 10.67 -24.25 32.97
CA LEU C 188 10.29 -23.95 34.33
C LEU C 188 11.41 -24.18 35.34
N ASP C 189 11.74 -23.12 36.08
CA ASP C 189 12.64 -23.20 37.24
C ASP C 189 11.83 -23.63 38.48
N PRO C 190 11.97 -24.89 38.94
CA PRO C 190 11.17 -25.41 40.08
C PRO C 190 11.39 -24.65 41.38
N ALA C 191 12.64 -24.19 41.54
CA ALA C 191 13.03 -23.24 42.58
C ALA C 191 12.10 -22.01 42.54
N LYS C 192 12.28 -21.17 41.52
CA LYS C 192 11.43 -20.00 41.27
C LYS C 192 9.93 -20.33 41.34
N LEU C 193 9.61 -21.61 41.17
CA LEU C 193 8.23 -22.06 41.06
C LEU C 193 7.63 -22.16 42.44
N ASN C 194 8.28 -22.92 43.32
CA ASN C 194 7.80 -23.15 44.69
C ASN C 194 7.94 -21.92 45.63
N SER C 195 8.73 -20.94 45.20
CA SER C 195 8.85 -19.69 45.92
C SER C 195 7.77 -18.70 45.44
N TYR C 196 6.61 -19.26 45.07
CA TYR C 196 5.35 -18.52 44.87
C TYR C 196 4.14 -19.42 45.19
N GLN C 197 4.47 -20.65 45.63
CA GLN C 197 3.51 -21.76 45.88
C GLN C 197 2.91 -22.29 44.58
N LEU C 198 3.62 -22.08 43.48
CA LEU C 198 3.13 -22.39 42.16
C LEU C 198 3.60 -23.77 41.68
N THR C 199 2.63 -24.61 41.33
CA THR C 199 2.91 -25.87 40.65
C THR C 199 2.96 -25.60 39.13
N PRO C 200 3.58 -26.51 38.36
CA PRO C 200 3.56 -26.38 36.90
C PRO C 200 2.15 -26.35 36.32
N GLY C 201 1.24 -27.17 36.89
CA GLY C 201 -0.15 -27.26 36.44
C GLY C 201 -0.89 -25.94 36.36
N ASP C 202 -0.43 -24.97 37.16
CA ASP C 202 -0.99 -23.63 37.13
C ASP C 202 -0.59 -22.92 35.86
N VAL C 203 0.61 -23.23 35.37
CA VAL C 203 1.16 -22.56 34.19
C VAL C 203 0.47 -23.03 32.91
N SER C 204 0.31 -24.35 32.79
CA SER C 204 -0.43 -24.95 31.68
C SER C 204 -1.77 -24.29 31.56
N SER C 205 -2.55 -24.39 32.64
CA SER C 205 -3.89 -23.83 32.69
C SER C 205 -3.88 -22.31 32.47
N ALA C 206 -2.90 -21.61 33.03
CA ALA C 206 -2.83 -20.14 32.93
C ALA C 206 -2.43 -19.67 31.53
N ILE C 207 -1.72 -20.54 30.81
CA ILE C 207 -1.37 -20.29 29.40
C ILE C 207 -2.62 -20.39 28.53
N GLN C 208 -3.37 -21.48 28.73
CA GLN C 208 -4.57 -21.77 27.94
C GLN C 208 -5.70 -20.82 28.23
N ALA C 209 -5.53 -19.98 29.24
CA ALA C 209 -6.53 -19.00 29.57
C ALA C 209 -6.23 -17.67 28.89
N GLN C 210 -4.95 -17.43 28.65
CA GLN C 210 -4.52 -16.10 28.28
C GLN C 210 -3.98 -16.03 26.84
N ASN C 211 -3.61 -17.21 26.32
CA ASN C 211 -3.21 -17.35 24.93
C ASN C 211 -4.29 -18.08 24.19
N VAL C 212 -5.26 -17.30 23.72
CA VAL C 212 -6.42 -17.82 23.00
C VAL C 212 -7.07 -16.75 22.16
N GLN C 213 -7.51 -17.16 20.97
CA GLN C 213 -8.37 -16.38 20.08
C GLN C 213 -9.84 -16.68 20.38
N ILE C 214 -10.63 -15.67 20.75
CA ILE C 214 -12.02 -15.95 21.15
C ILE C 214 -13.09 -15.43 20.18
N SER C 215 -14.16 -16.20 19.94
CA SER C 215 -15.27 -15.71 19.11
C SER C 215 -15.94 -14.60 19.87
N SER C 216 -16.16 -13.48 19.21
CA SER C 216 -16.48 -12.24 19.89
C SER C 216 -17.59 -11.46 19.23
N GLY C 217 -18.26 -12.11 18.30
CA GLY C 217 -19.41 -11.51 17.63
C GLY C 217 -19.15 -10.30 16.74
N GLN C 218 -20.22 -9.54 16.54
CA GLN C 218 -20.32 -8.56 15.46
C GLN C 218 -21.30 -7.42 15.84
N LEU C 219 -20.78 -6.21 15.97
CA LEU C 219 -21.65 -5.04 16.07
C LEU C 219 -22.55 -5.08 14.87
N GLY C 220 -23.86 -5.00 15.05
CA GLY C 220 -24.77 -4.98 13.89
C GLY C 220 -25.24 -6.38 13.54
N GLY C 221 -24.75 -7.34 14.32
CA GLY C 221 -25.13 -8.74 14.25
C GLY C 221 -26.53 -9.01 13.76
N LEU C 222 -26.69 -10.02 12.90
CA LEU C 222 -28.02 -10.44 12.51
C LEU C 222 -28.57 -11.43 13.55
N PRO C 223 -29.88 -11.34 13.84
CA PRO C 223 -30.83 -10.38 13.32
C PRO C 223 -30.73 -9.04 14.07
N ALA C 224 -30.66 -7.95 13.29
CA ALA C 224 -30.39 -6.62 13.83
C ALA C 224 -31.68 -5.81 13.98
N VAL C 225 -31.62 -4.77 14.82
CA VAL C 225 -32.77 -3.87 15.05
C VAL C 225 -33.13 -3.03 13.83
N LYS C 226 -34.42 -2.92 13.55
CA LYS C 226 -34.93 -2.12 12.42
C LYS C 226 -34.20 -0.79 12.26
N GLY C 227 -33.79 -0.50 11.02
CA GLY C 227 -33.03 0.71 10.68
C GLY C 227 -31.58 0.78 11.16
N GLN C 228 -31.09 -0.25 11.82
CA GLN C 228 -29.69 -0.35 12.18
C GLN C 228 -28.87 -0.09 10.92
N GLN C 229 -27.84 0.74 11.05
CA GLN C 229 -27.06 1.16 9.88
C GLN C 229 -25.62 0.65 9.88
N LEU C 230 -25.07 0.41 11.07
CA LEU C 230 -23.70 -0.08 11.20
C LEU C 230 -23.59 -1.62 11.30
N ASN C 231 -22.51 -2.16 10.74
CA ASN C 231 -22.15 -3.56 10.90
C ASN C 231 -20.63 -3.73 10.90
N ALA C 232 -20.08 -4.48 11.85
CA ALA C 232 -18.62 -4.74 11.87
C ALA C 232 -18.05 -5.78 12.86
N THR C 233 -16.98 -6.41 12.44
CA THR C 233 -16.37 -7.43 13.26
C THR C 233 -15.92 -6.87 14.60
N ILE C 234 -16.16 -7.62 15.66
CA ILE C 234 -15.53 -7.34 16.95
C ILE C 234 -14.36 -8.32 17.13
N ILE C 235 -13.18 -7.77 17.38
CA ILE C 235 -12.03 -8.63 17.62
C ILE C 235 -11.73 -8.59 19.09
N GLY C 236 -11.77 -9.74 19.73
CA GLY C 236 -11.53 -9.80 21.15
C GLY C 236 -10.11 -10.22 21.41
N LYS C 237 -9.98 -11.16 22.35
CA LYS C 237 -8.72 -11.47 23.00
C LYS C 237 -7.62 -11.74 22.00
N THR C 238 -7.84 -12.71 21.11
CA THR C 238 -6.79 -13.14 20.13
C THR C 238 -5.40 -13.66 20.66
N ARG C 239 -4.88 -14.68 19.99
CA ARG C 239 -3.65 -15.39 20.35
C ARG C 239 -2.48 -14.43 20.55
N LEU C 240 -1.60 -14.78 21.49
CA LEU C 240 -0.30 -14.12 21.68
C LEU C 240 0.60 -14.40 20.49
N GLN C 241 1.82 -13.86 20.48
CA GLN C 241 2.63 -13.97 19.26
C GLN C 241 4.15 -13.78 19.39
N THR C 242 4.55 -12.89 20.30
CA THR C 242 5.97 -12.52 20.46
C THR C 242 6.49 -12.88 21.83
N ALA C 243 7.74 -13.32 21.85
CA ALA C 243 8.29 -14.01 23.00
C ALA C 243 7.95 -13.38 24.35
N GLU C 244 7.88 -12.04 24.41
CA GLU C 244 7.68 -11.36 25.72
C GLU C 244 6.23 -11.21 26.13
N GLN C 245 5.33 -11.12 25.16
CA GLN C 245 3.91 -11.17 25.46
C GLN C 245 3.64 -12.36 26.38
N PHE C 246 4.43 -13.41 26.19
CA PHE C 246 4.30 -14.62 27.00
C PHE C 246 4.66 -14.44 28.50
N GLU C 247 5.44 -13.41 28.84
CA GLU C 247 5.78 -13.13 30.24
C GLU C 247 4.63 -12.52 31.03
N ASN C 248 4.01 -11.49 30.44
CA ASN C 248 2.88 -10.77 31.06
C ASN C 248 1.72 -11.66 31.49
N ILE C 249 1.74 -12.92 31.05
CA ILE C 249 0.82 -13.93 31.53
C ILE C 249 0.95 -14.00 33.06
N LEU C 250 -0.04 -13.40 33.75
CA LEU C 250 -0.09 -13.35 35.22
C LEU C 250 -0.41 -14.73 35.80
N LEU C 251 0.52 -15.27 36.56
CA LEU C 251 0.29 -16.55 37.22
C LEU C 251 -0.69 -16.36 38.37
N LYS C 252 -0.22 -15.82 39.50
CA LYS C 252 -1.08 -15.62 40.67
C LYS C 252 -0.84 -14.33 41.45
N VAL C 253 -1.75 -14.08 42.40
CA VAL C 253 -1.80 -12.87 43.22
C VAL C 253 -1.91 -13.19 44.73
N ASN C 254 -0.82 -13.73 45.29
CA ASN C 254 -0.78 -14.05 46.72
C ASN C 254 -1.07 -12.82 47.62
N PRO C 255 -1.86 -13.00 48.72
CA PRO C 255 -2.45 -11.90 49.51
C PRO C 255 -2.01 -10.44 49.26
N ASP C 256 -0.87 -10.00 49.79
CA ASP C 256 -0.56 -8.56 49.76
C ASP C 256 0.63 -8.05 48.93
N GLY C 257 0.38 -6.96 48.20
CA GLY C 257 1.40 -6.34 47.34
C GLY C 257 0.95 -6.30 45.89
N SER C 258 1.28 -7.36 45.14
CA SER C 258 0.95 -7.46 43.71
C SER C 258 0.84 -8.91 43.20
N GLN C 259 1.25 -9.14 41.94
CA GLN C 259 1.04 -10.42 41.24
C GLN C 259 2.29 -10.97 40.53
N VAL C 260 2.26 -12.28 40.26
CA VAL C 260 3.39 -12.98 39.63
C VAL C 260 3.18 -13.14 38.12
N ARG C 261 4.13 -12.63 37.34
CA ARG C 261 4.11 -12.85 35.90
C ARG C 261 4.84 -14.17 35.58
N LEU C 262 4.86 -14.57 34.30
CA LEU C 262 5.52 -15.81 33.90
C LEU C 262 7.05 -15.72 33.93
N LYS C 263 7.59 -14.58 33.49
CA LYS C 263 9.05 -14.36 33.46
C LYS C 263 9.83 -14.85 34.70
N ASP C 264 9.28 -14.65 35.89
CA ASP C 264 10.00 -15.01 37.12
C ASP C 264 9.56 -16.34 37.68
N VAL C 265 8.88 -17.13 36.86
CA VAL C 265 8.62 -18.52 37.19
C VAL C 265 9.38 -19.42 36.22
N ALA C 266 9.77 -18.84 35.08
CA ALA C 266 10.31 -19.62 33.96
C ALA C 266 11.06 -18.78 32.90
N ASP C 267 11.86 -19.46 32.09
CA ASP C 267 12.49 -18.84 30.93
C ASP C 267 11.58 -19.01 29.74
N VAL C 268 11.36 -17.91 29.02
CA VAL C 268 10.45 -17.93 27.88
C VAL C 268 11.21 -17.48 26.64
N GLY C 269 11.77 -18.47 25.95
CA GLY C 269 12.45 -18.23 24.69
C GLY C 269 11.85 -19.02 23.55
N LEU C 270 11.69 -18.35 22.40
CA LEU C 270 11.41 -18.96 21.09
C LEU C 270 12.46 -20.06 20.75
N GLY C 271 12.17 -21.28 21.20
CA GLY C 271 13.04 -22.43 20.97
C GLY C 271 12.61 -23.27 19.80
N GLY C 272 12.78 -24.58 19.91
CA GLY C 272 12.47 -25.50 18.81
C GLY C 272 11.45 -26.53 19.23
N GLN C 273 10.57 -26.89 18.30
CA GLN C 273 9.51 -27.87 18.53
C GLN C 273 10.02 -29.21 19.05
N ASP C 274 11.11 -29.67 18.43
CA ASP C 274 11.71 -30.92 18.80
C ASP C 274 13.20 -30.81 18.57
N TYR C 275 13.95 -30.95 19.67
CA TYR C 275 15.42 -30.84 19.66
C TYR C 275 16.12 -32.15 19.29
N SER C 276 15.37 -33.25 19.22
CA SER C 276 15.97 -34.58 19.15
C SER C 276 16.69 -34.84 17.83
N ILE C 277 16.08 -34.47 16.71
CA ILE C 277 16.73 -34.70 15.41
C ILE C 277 17.57 -33.50 14.96
N ASN C 278 18.87 -33.74 14.76
CA ASN C 278 19.81 -32.71 14.29
C ASN C 278 20.74 -33.19 13.20
N ALA C 279 21.13 -32.29 12.29
CA ALA C 279 21.99 -32.66 11.16
C ALA C 279 22.97 -31.60 10.65
N GLN C 280 24.02 -32.05 9.97
CA GLN C 280 25.02 -31.17 9.34
C GLN C 280 25.68 -31.73 8.06
N PHE C 281 26.14 -30.79 7.23
CA PHE C 281 26.66 -31.06 5.89
C PHE C 281 28.15 -30.78 5.74
N ASN C 282 28.95 -31.84 5.65
CA ASN C 282 30.41 -31.77 5.48
C ASN C 282 31.17 -31.42 6.78
N GLY C 283 30.68 -30.38 7.44
CA GLY C 283 31.19 -29.95 8.73
C GLY C 283 30.15 -29.03 9.32
N SER C 284 30.04 -27.85 8.73
CA SER C 284 29.12 -26.79 9.16
C SER C 284 27.71 -27.31 9.35
N PRO C 285 27.00 -26.77 10.35
CA PRO C 285 25.66 -27.30 10.56
C PRO C 285 24.68 -26.88 9.45
N ALA C 286 23.78 -27.80 9.13
CA ALA C 286 22.69 -27.53 8.18
C ALA C 286 21.39 -28.16 8.69
N SER C 287 20.33 -27.94 7.91
CA SER C 287 19.05 -28.63 8.06
C SER C 287 18.53 -28.94 6.68
N GLY C 288 17.96 -30.13 6.54
CA GLY C 288 17.49 -30.57 5.25
C GLY C 288 16.18 -31.28 5.35
N ILE C 289 15.51 -31.37 4.21
CA ILE C 289 14.31 -32.16 4.08
C ILE C 289 14.64 -33.31 3.11
N ALA C 290 14.38 -34.54 3.52
CA ALA C 290 14.67 -35.73 2.69
C ALA C 290 13.40 -36.24 2.00
N ILE C 291 13.22 -35.92 0.71
CA ILE C 291 11.96 -36.32 0.05
C ILE C 291 11.86 -37.80 -0.39
N LYS C 292 10.66 -38.34 -0.28
CA LYS C 292 10.30 -39.58 -0.96
C LYS C 292 9.39 -39.36 -2.17
N LEU C 293 9.36 -40.37 -3.01
CA LEU C 293 8.76 -40.26 -4.30
C LEU C 293 7.42 -40.92 -4.14
N ALA C 294 6.35 -40.23 -4.47
CA ALA C 294 5.01 -40.82 -4.32
C ALA C 294 4.82 -42.01 -5.25
N THR C 295 4.31 -43.10 -4.68
CA THR C 295 3.97 -44.28 -5.47
C THR C 295 3.04 -43.76 -6.55
N GLY C 296 3.58 -43.74 -7.77
CA GLY C 296 2.94 -43.12 -8.90
C GLY C 296 4.03 -42.49 -9.73
N ALA C 297 4.55 -41.35 -9.24
CA ALA C 297 5.32 -40.41 -10.05
C ALA C 297 6.73 -40.86 -10.46
N ASN C 298 7.32 -40.13 -11.41
CA ASN C 298 8.60 -40.42 -12.08
C ASN C 298 9.81 -39.76 -11.41
N ALA C 299 10.78 -40.56 -10.96
CA ALA C 299 11.99 -40.05 -10.29
C ALA C 299 12.52 -38.83 -10.99
N LEU C 300 13.02 -39.00 -12.22
CA LEU C 300 13.65 -37.89 -12.93
C LEU C 300 12.85 -36.60 -12.96
N ASP C 301 11.60 -36.67 -13.42
CA ASP C 301 10.68 -35.52 -13.54
C ASP C 301 10.35 -34.82 -12.21
N THR C 302 10.32 -35.62 -11.15
CA THR C 302 10.14 -35.13 -9.79
C THR C 302 11.30 -34.20 -9.40
N ALA C 303 12.56 -34.62 -9.62
CA ALA C 303 13.70 -33.74 -9.28
C ALA C 303 13.77 -32.45 -10.11
N LYS C 304 13.53 -32.54 -11.42
CA LYS C 304 13.25 -31.35 -12.21
C LYS C 304 12.13 -30.50 -11.59
N ALA C 305 11.00 -31.14 -11.29
CA ALA C 305 9.89 -30.44 -10.67
C ALA C 305 10.31 -29.69 -9.40
N ILE C 306 11.14 -30.32 -8.57
CA ILE C 306 11.44 -29.77 -7.24
C ILE C 306 12.47 -28.63 -7.23
N ARG C 307 13.50 -28.76 -8.05
CA ARG C 307 14.46 -27.69 -8.25
C ARG C 307 13.71 -26.48 -8.78
N GLN C 308 12.60 -26.75 -9.47
CA GLN C 308 11.71 -25.72 -9.95
C GLN C 308 11.02 -25.00 -8.79
N THR C 309 10.60 -25.75 -7.78
CA THR C 309 9.94 -25.15 -6.63
C THR C 309 10.90 -24.30 -5.79
N ILE C 310 12.13 -24.76 -5.59
CA ILE C 310 13.11 -23.97 -4.84
C ILE C 310 13.56 -22.71 -5.60
N ALA C 311 13.65 -22.80 -6.93
CA ALA C 311 14.02 -21.67 -7.78
C ALA C 311 13.11 -20.49 -7.52
N ASN C 312 11.84 -20.78 -7.27
CA ASN C 312 10.82 -19.78 -6.98
C ASN C 312 10.85 -19.29 -5.53
N LEU C 313 11.65 -19.97 -4.70
CA LEU C 313 11.83 -19.62 -3.27
C LEU C 313 13.23 -19.07 -2.96
N GLU C 314 14.07 -18.99 -3.98
CA GLU C 314 15.40 -18.38 -3.85
C GLU C 314 15.34 -16.85 -3.81
N PRO C 315 14.48 -16.24 -4.66
CA PRO C 315 14.26 -14.77 -4.54
C PRO C 315 13.87 -14.31 -3.15
N PHE C 316 13.53 -15.24 -2.27
CA PHE C 316 12.96 -14.89 -0.98
C PHE C 316 13.80 -15.34 0.26
N MET C 317 14.99 -15.87 0.03
CA MET C 317 15.84 -16.31 1.15
C MET C 317 16.55 -15.15 1.86
N PRO C 318 17.06 -15.39 3.08
CA PRO C 318 18.06 -14.50 3.67
C PRO C 318 19.37 -14.63 2.91
N GLN C 319 20.25 -13.64 3.08
CA GLN C 319 21.58 -13.64 2.46
C GLN C 319 22.43 -14.77 3.02
N GLY C 320 22.35 -14.94 4.34
CA GLY C 320 23.02 -16.02 5.03
C GLY C 320 22.96 -17.36 4.29
N MET C 321 21.75 -17.91 4.14
CA MET C 321 21.59 -19.30 3.67
C MET C 321 21.75 -19.56 2.17
N LYS C 322 22.33 -20.73 1.88
CA LYS C 322 22.52 -21.25 0.52
C LYS C 322 21.92 -22.66 0.45
N VAL C 323 21.08 -22.88 -0.55
CA VAL C 323 20.39 -24.17 -0.72
C VAL C 323 21.30 -25.21 -1.36
N VAL C 324 21.26 -26.43 -0.86
CA VAL C 324 22.22 -27.43 -1.30
C VAL C 324 21.59 -28.85 -1.45
N TYR C 325 22.27 -29.76 -2.17
CA TYR C 325 21.72 -31.09 -2.46
C TYR C 325 22.61 -32.21 -1.94
N PRO C 326 22.70 -32.31 -0.61
CA PRO C 326 23.32 -33.41 0.10
C PRO C 326 23.18 -34.79 -0.55
N TYR C 327 21.97 -35.17 -0.93
CA TYR C 327 21.66 -36.51 -1.46
C TYR C 327 20.76 -36.43 -2.70
N ASP C 328 20.91 -37.39 -3.60
CA ASP C 328 20.23 -37.37 -4.89
C ASP C 328 20.45 -38.67 -5.65
N THR C 329 19.38 -39.14 -6.32
CA THR C 329 19.45 -40.33 -7.14
C THR C 329 19.10 -40.06 -8.59
N THR C 330 18.55 -38.89 -8.87
CA THR C 330 18.32 -38.43 -10.24
C THR C 330 19.53 -38.59 -11.21
N PRO C 331 20.78 -38.38 -10.72
CA PRO C 331 21.94 -38.58 -11.62
C PRO C 331 22.13 -40.03 -12.08
N VAL C 332 22.10 -40.96 -11.12
CA VAL C 332 22.29 -42.41 -11.36
C VAL C 332 21.33 -42.94 -12.40
N VAL C 333 20.21 -42.27 -12.56
CA VAL C 333 19.18 -42.72 -13.47
C VAL C 333 19.62 -42.25 -14.84
N SER C 334 19.78 -40.94 -14.99
CA SER C 334 20.13 -40.39 -16.30
C SER C 334 21.49 -40.92 -16.84
N ALA C 335 22.41 -41.16 -15.91
CA ALA C 335 23.72 -41.73 -16.21
C ALA C 335 23.62 -43.19 -16.59
N SER C 336 22.90 -43.96 -15.77
CA SER C 336 22.62 -45.38 -16.02
C SER C 336 21.95 -45.68 -17.35
N ILE C 337 21.06 -44.78 -17.80
CA ILE C 337 20.51 -44.95 -19.13
C ILE C 337 21.48 -44.46 -20.22
N HIS C 338 22.19 -43.32 -20.02
CA HIS C 338 23.13 -42.82 -21.07
C HIS C 338 24.20 -43.85 -21.43
N GLU C 339 24.66 -44.62 -20.44
CA GLU C 339 25.40 -45.85 -20.69
C GLU C 339 24.71 -46.77 -21.70
N VAL C 340 23.62 -47.43 -21.29
CA VAL C 340 22.85 -48.31 -22.18
C VAL C 340 22.41 -47.72 -23.55
N VAL C 341 22.12 -46.42 -23.64
CA VAL C 341 21.79 -45.83 -24.95
C VAL C 341 23.05 -45.81 -25.81
N LYS C 342 24.19 -45.56 -25.16
CA LYS C 342 25.47 -45.67 -25.84
C LYS C 342 25.69 -47.14 -26.27
N THR C 343 25.74 -48.08 -25.31
CA THR C 343 25.85 -49.53 -25.65
C THR C 343 24.90 -50.00 -26.76
N LEU C 344 23.72 -49.38 -26.78
CA LEU C 344 22.73 -49.58 -27.82
C LEU C 344 23.28 -49.26 -29.20
N GLY C 345 23.82 -48.04 -29.35
CA GLY C 345 24.50 -47.60 -30.58
C GLY C 345 25.80 -48.34 -30.95
N GLU C 346 26.64 -48.65 -29.95
CA GLU C 346 27.85 -49.47 -30.16
C GLU C 346 27.47 -50.75 -30.89
N ALA C 347 26.50 -51.46 -30.31
CA ALA C 347 25.91 -52.65 -30.92
C ALA C 347 25.33 -52.42 -32.32
N ILE C 348 24.58 -51.35 -32.57
CA ILE C 348 24.09 -51.23 -33.95
C ILE C 348 25.30 -51.15 -34.90
N LEU C 349 26.45 -50.73 -34.39
CA LEU C 349 27.68 -50.67 -35.21
C LEU C 349 28.37 -52.01 -35.44
N LEU C 350 28.83 -52.64 -34.37
CA LEU C 350 29.47 -53.96 -34.45
C LEU C 350 28.69 -54.88 -35.39
N VAL C 351 27.37 -54.86 -35.23
CA VAL C 351 26.43 -55.56 -36.10
C VAL C 351 26.58 -55.13 -37.56
N PHE C 352 26.33 -53.85 -37.86
CA PHE C 352 26.50 -53.35 -39.22
C PHE C 352 27.71 -54.02 -39.88
N LEU C 353 28.82 -54.09 -39.14
CA LEU C 353 30.10 -54.57 -39.66
C LEU C 353 30.12 -56.07 -39.91
N VAL C 354 29.80 -56.87 -38.88
CA VAL C 354 29.62 -58.32 -39.09
C VAL C 354 28.68 -58.64 -40.27
N MET C 355 27.83 -57.68 -40.66
CA MET C 355 27.01 -57.89 -41.83
C MET C 355 27.84 -57.62 -43.06
N TYR C 356 28.60 -56.53 -43.01
CA TYR C 356 29.50 -56.17 -44.08
C TYR C 356 30.56 -57.27 -44.35
N LEU C 357 31.12 -57.80 -43.27
CA LEU C 357 32.06 -58.92 -43.31
C LEU C 357 31.61 -59.99 -44.29
N PHE C 358 30.35 -60.40 -44.18
CA PHE C 358 29.81 -61.47 -45.01
C PHE C 358 29.15 -60.95 -46.29
N LEU C 359 28.59 -59.74 -46.31
CA LEU C 359 27.92 -59.26 -47.54
C LEU C 359 28.83 -58.46 -48.47
N GLN C 360 29.83 -57.80 -47.88
CA GLN C 360 30.84 -57.00 -48.59
C GLN C 360 30.37 -55.93 -49.58
N ASN C 361 29.36 -55.14 -49.18
CA ASN C 361 29.14 -53.83 -49.81
C ASN C 361 28.06 -52.97 -49.16
N PHE C 362 28.31 -51.66 -49.14
CA PHE C 362 27.39 -50.70 -48.56
C PHE C 362 25.94 -50.79 -49.12
N ARG C 363 25.69 -50.38 -50.37
CA ARG C 363 24.32 -50.37 -50.93
C ARG C 363 23.69 -51.78 -50.94
N ALA C 364 23.95 -52.55 -49.88
CA ALA C 364 23.44 -53.91 -49.75
C ALA C 364 23.39 -54.32 -48.31
N THR C 365 24.54 -54.27 -47.64
CA THR C 365 24.61 -54.45 -46.19
C THR C 365 23.85 -53.30 -45.49
N LEU C 366 23.47 -52.30 -46.28
CA LEU C 366 22.68 -51.18 -45.80
C LEU C 366 21.23 -51.63 -45.58
N ILE C 367 20.78 -52.61 -46.35
CA ILE C 367 19.39 -53.12 -46.28
C ILE C 367 18.95 -53.67 -44.91
N PRO C 368 19.67 -54.68 -44.38
CA PRO C 368 19.29 -55.19 -43.05
C PRO C 368 19.55 -54.16 -41.91
N THR C 369 20.40 -53.19 -42.19
CA THR C 369 20.59 -52.06 -41.31
C THR C 369 19.27 -51.27 -41.19
N ILE C 370 18.54 -51.11 -42.30
CA ILE C 370 17.28 -50.33 -42.34
C ILE C 370 16.22 -50.84 -41.36
N ALA C 371 16.22 -52.13 -41.08
CA ALA C 371 15.27 -52.70 -40.10
C ALA C 371 15.55 -52.27 -38.66
N VAL C 372 16.75 -51.80 -38.41
CA VAL C 372 17.12 -51.38 -37.07
C VAL C 372 16.29 -50.16 -36.62
N PRO C 373 16.32 -49.05 -37.37
CA PRO C 373 15.44 -47.97 -36.94
C PRO C 373 13.94 -48.30 -37.11
N VAL C 374 13.59 -49.09 -38.12
CA VAL C 374 12.18 -49.40 -38.39
C VAL C 374 11.54 -50.40 -37.37
N VAL C 375 12.33 -51.31 -36.82
CA VAL C 375 11.82 -52.20 -35.80
C VAL C 375 11.97 -51.48 -34.51
N LEU C 376 13.01 -50.67 -34.37
CA LEU C 376 13.27 -50.01 -33.08
C LEU C 376 12.25 -48.94 -32.66
N LEU C 377 12.08 -47.90 -33.47
CA LEU C 377 10.99 -46.94 -33.31
C LEU C 377 9.65 -47.65 -33.23
N GLY C 378 9.45 -48.56 -34.17
CA GLY C 378 8.39 -49.55 -34.07
C GLY C 378 8.14 -50.01 -32.64
N THR C 379 9.11 -50.66 -32.01
CA THR C 379 8.76 -51.27 -30.72
C THR C 379 8.55 -50.18 -29.64
N PHE C 380 9.12 -48.99 -29.86
CA PHE C 380 8.87 -47.85 -28.95
C PHE C 380 7.40 -47.48 -28.85
N GLY C 381 6.76 -47.25 -30.00
CA GLY C 381 5.29 -47.24 -30.10
C GLY C 381 4.60 -48.31 -29.23
N VAL C 382 4.85 -49.59 -29.50
CA VAL C 382 4.23 -50.67 -28.70
C VAL C 382 4.38 -50.48 -27.17
N LEU C 383 5.57 -50.04 -26.74
CA LEU C 383 5.82 -49.75 -25.32
C LEU C 383 4.87 -48.66 -24.87
N ALA C 384 4.84 -47.58 -25.64
CA ALA C 384 3.99 -46.43 -25.40
C ALA C 384 2.54 -46.79 -25.33
N ALA C 385 2.04 -47.55 -26.32
CA ALA C 385 0.62 -48.04 -26.35
C ALA C 385 0.24 -48.85 -25.15
N PHE C 386 1.12 -49.76 -24.74
CA PHE C 386 0.82 -50.63 -23.64
C PHE C 386 1.20 -49.98 -22.33
N GLY C 387 1.56 -48.70 -22.36
CA GLY C 387 1.88 -47.94 -21.14
C GLY C 387 3.11 -48.44 -20.38
N PHE C 388 4.21 -48.59 -21.10
CA PHE C 388 5.48 -48.92 -20.50
C PHE C 388 6.37 -47.68 -20.52
N SER C 389 7.48 -47.72 -19.80
CA SER C 389 8.41 -46.60 -19.77
C SER C 389 9.67 -47.00 -20.50
N ILE C 390 10.50 -46.02 -20.82
CA ILE C 390 11.87 -46.31 -21.26
C ILE C 390 12.68 -46.53 -20.00
N ASN C 391 13.29 -47.71 -19.85
CA ASN C 391 14.14 -47.96 -18.69
C ASN C 391 15.36 -48.88 -18.91
N THR C 392 16.21 -49.09 -17.87
CA THR C 392 17.41 -49.96 -18.00
C THR C 392 16.98 -51.23 -18.69
N LEU C 393 15.92 -51.84 -18.12
CA LEU C 393 15.26 -53.09 -18.58
C LEU C 393 14.66 -53.14 -19.98
N THR C 394 13.91 -52.11 -20.37
CA THR C 394 13.32 -52.17 -21.71
C THR C 394 14.44 -52.02 -22.72
N MET C 395 15.43 -51.20 -22.36
CA MET C 395 16.65 -51.00 -23.17
C MET C 395 17.52 -52.24 -23.31
N PHE C 396 17.84 -52.92 -22.21
CA PHE C 396 18.54 -54.19 -22.33
C PHE C 396 17.84 -55.05 -23.35
N GLY C 397 16.51 -55.05 -23.31
CA GLY C 397 15.69 -55.76 -24.27
C GLY C 397 15.93 -55.27 -25.68
N MET C 398 16.01 -53.96 -25.89
CA MET C 398 16.18 -53.46 -27.25
C MET C 398 17.57 -53.76 -27.81
N VAL C 399 18.58 -53.63 -26.95
CA VAL C 399 19.96 -54.09 -27.23
C VAL C 399 20.00 -55.56 -27.65
N LEU C 400 19.56 -56.48 -26.77
CA LEU C 400 19.32 -57.89 -27.16
C LEU C 400 18.74 -58.01 -28.56
N ALA C 401 17.71 -57.23 -28.82
CA ALA C 401 16.91 -57.33 -30.01
C ALA C 401 17.62 -56.96 -31.29
N ILE C 402 18.59 -56.03 -31.26
CA ILE C 402 19.24 -55.63 -32.53
C ILE C 402 20.02 -56.82 -33.09
N GLY C 403 20.54 -57.65 -32.18
CA GLY C 403 21.10 -58.94 -32.55
C GLY C 403 20.15 -59.80 -33.37
N LEU C 404 18.90 -59.91 -32.89
CA LEU C 404 17.83 -60.79 -33.43
C LEU C 404 16.89 -60.18 -34.48
N LEU C 405 16.64 -58.89 -34.42
CA LEU C 405 15.69 -58.35 -35.34
C LEU C 405 16.19 -58.32 -36.78
N VAL C 406 17.52 -58.40 -36.96
CA VAL C 406 18.13 -58.38 -38.32
C VAL C 406 18.12 -59.75 -38.99
N ASP C 407 17.95 -60.78 -38.17
CA ASP C 407 17.98 -62.17 -38.63
C ASP C 407 17.18 -62.44 -39.89
N ASP C 408 15.95 -61.97 -39.95
CA ASP C 408 15.09 -62.24 -41.09
C ASP C 408 15.56 -61.49 -42.31
N ALA C 409 15.82 -60.19 -42.15
CA ALA C 409 16.39 -59.38 -43.22
C ALA C 409 17.67 -59.98 -43.87
N ILE C 410 18.60 -60.53 -43.07
CA ILE C 410 19.80 -61.18 -43.65
C ILE C 410 19.40 -62.41 -44.51
N VAL C 411 18.57 -63.27 -43.94
CA VAL C 411 18.16 -64.53 -44.52
C VAL C 411 17.54 -64.25 -45.89
N VAL C 412 16.78 -63.15 -45.95
CA VAL C 412 16.27 -62.64 -47.20
C VAL C 412 17.39 -62.26 -48.18
N VAL C 413 18.28 -61.33 -47.82
CA VAL C 413 19.35 -60.89 -48.75
C VAL C 413 20.31 -62.03 -49.04
N GLU C 414 20.76 -62.73 -48.00
CA GLU C 414 21.74 -63.78 -48.17
C GLU C 414 21.19 -64.76 -49.20
N ASN C 415 19.93 -65.11 -49.05
CA ASN C 415 19.29 -66.04 -49.97
C ASN C 415 19.04 -65.44 -51.37
N VAL C 416 18.94 -64.11 -51.49
CA VAL C 416 18.83 -63.49 -52.81
C VAL C 416 20.18 -63.40 -53.48
N GLU C 417 21.26 -63.46 -52.69
CA GLU C 417 22.62 -63.56 -53.20
C GLU C 417 22.89 -64.98 -53.71
N ARG C 418 22.64 -65.96 -52.85
CA ARG C 418 22.68 -67.38 -53.23
C ARG C 418 21.98 -67.52 -54.58
N VAL C 419 20.71 -67.12 -54.65
CA VAL C 419 19.93 -67.31 -55.85
C VAL C 419 20.52 -66.54 -57.03
N MET C 420 20.95 -65.30 -56.81
CA MET C 420 21.43 -64.45 -57.88
C MET C 420 22.79 -64.90 -58.42
N ALA C 421 23.70 -65.29 -57.53
CA ALA C 421 25.00 -65.86 -57.91
C ALA C 421 24.86 -67.34 -58.31
N GLU C 422 24.77 -68.22 -57.31
CA GLU C 422 24.46 -69.66 -57.47
C GLU C 422 23.56 -70.08 -58.67
N GLU C 423 22.81 -69.16 -59.27
CA GLU C 423 22.08 -69.49 -60.50
C GLU C 423 21.75 -68.29 -61.39
N GLY C 424 22.70 -67.37 -61.49
CA GLY C 424 22.62 -66.19 -62.36
C GLY C 424 21.22 -65.72 -62.72
N LEU C 425 20.63 -64.95 -61.82
CA LEU C 425 19.27 -64.41 -62.00
C LEU C 425 19.21 -62.90 -61.91
N SER C 426 18.01 -62.36 -62.12
CA SER C 426 17.77 -60.93 -62.01
C SER C 426 17.81 -60.52 -60.51
N PRO C 427 18.26 -59.27 -60.20
CA PRO C 427 18.16 -58.84 -58.81
C PRO C 427 16.71 -58.93 -58.31
N ARG C 428 15.77 -58.57 -59.19
CA ARG C 428 14.32 -58.61 -58.90
C ARG C 428 13.72 -60.02 -58.92
N GLU C 429 14.11 -60.82 -59.90
CA GLU C 429 13.57 -62.17 -60.03
C GLU C 429 13.95 -63.02 -58.85
N ALA C 430 15.23 -62.96 -58.46
CA ALA C 430 15.79 -63.81 -57.40
C ALA C 430 15.22 -63.42 -56.03
N ALA C 431 14.68 -62.20 -55.98
CA ALA C 431 13.88 -61.78 -54.85
C ALA C 431 12.54 -62.56 -54.86
N ARG C 432 11.68 -62.26 -55.83
CA ARG C 432 10.49 -63.06 -56.06
C ARG C 432 10.68 -64.60 -55.83
N LYS C 433 11.84 -65.14 -56.23
CA LYS C 433 12.11 -66.56 -56.06
C LYS C 433 12.43 -66.97 -54.64
N SER C 434 13.27 -66.19 -53.96
CA SER C 434 13.66 -66.50 -52.58
C SER C 434 12.44 -66.58 -51.67
N MET C 435 11.47 -65.70 -51.93
CA MET C 435 10.34 -65.50 -51.04
C MET C 435 9.60 -66.77 -50.70
N GLY C 436 9.54 -67.66 -51.69
CA GLY C 436 8.98 -69.00 -51.50
C GLY C 436 9.87 -69.87 -50.64
N GLN C 437 11.15 -69.84 -50.91
CA GLN C 437 12.08 -70.79 -50.31
C GLN C 437 12.16 -70.64 -48.82
N ILE C 438 12.00 -69.40 -48.35
CA ILE C 438 12.41 -69.02 -47.01
C ILE C 438 11.30 -68.59 -46.05
N GLN C 439 10.13 -68.34 -46.62
CA GLN C 439 8.92 -68.04 -45.84
C GLN C 439 8.83 -68.78 -44.49
N GLY C 440 8.95 -70.11 -44.51
CA GLY C 440 8.80 -70.91 -43.30
C GLY C 440 9.88 -70.65 -42.26
N ALA C 441 11.09 -70.37 -42.76
CA ALA C 441 12.23 -70.03 -41.94
C ALA C 441 12.06 -68.68 -41.27
N LEU C 442 11.65 -67.68 -42.05
CA LEU C 442 11.29 -66.35 -41.50
C LEU C 442 10.24 -66.40 -40.38
N VAL C 443 9.16 -67.12 -40.61
CA VAL C 443 8.07 -67.16 -39.64
C VAL C 443 8.55 -67.92 -38.42
N GLY C 444 9.37 -68.92 -38.67
CA GLY C 444 9.86 -69.77 -37.62
C GLY C 444 10.68 -69.06 -36.56
N ILE C 445 11.69 -68.31 -36.98
CA ILE C 445 12.60 -67.67 -36.03
C ILE C 445 11.81 -66.66 -35.24
N ALA C 446 11.11 -65.80 -35.97
CA ALA C 446 10.17 -64.84 -35.38
C ALA C 446 9.20 -65.45 -34.35
N MET C 447 8.82 -66.71 -34.55
CA MET C 447 7.86 -67.34 -33.65
C MET C 447 8.46 -68.03 -32.40
N VAL C 448 9.57 -68.75 -32.59
CA VAL C 448 10.27 -69.42 -31.49
C VAL C 448 10.86 -68.43 -30.49
N LEU C 449 11.29 -67.26 -30.99
CA LEU C 449 11.85 -66.24 -30.12
C LEU C 449 10.76 -65.40 -29.48
N SER C 450 9.52 -65.56 -29.92
CA SER C 450 8.42 -64.86 -29.28
C SER C 450 7.86 -65.77 -28.23
N ALA C 451 7.52 -66.97 -28.64
CA ALA C 451 6.97 -67.94 -27.73
C ALA C 451 7.80 -68.14 -26.45
N VAL C 452 9.13 -67.95 -26.48
CA VAL C 452 9.94 -68.10 -25.25
C VAL C 452 9.71 -66.99 -24.26
N PHE C 453 9.49 -65.79 -24.79
CA PHE C 453 9.20 -64.63 -23.97
C PHE C 453 7.72 -64.40 -23.65
N LEU C 454 6.84 -65.35 -23.98
CA LEU C 454 5.45 -65.16 -23.62
C LEU C 454 5.11 -65.54 -22.21
N PRO C 455 5.30 -66.82 -21.83
CA PRO C 455 4.90 -67.19 -20.47
C PRO C 455 5.46 -66.26 -19.36
N MET C 456 6.74 -65.91 -19.42
CA MET C 456 7.30 -65.00 -18.41
C MET C 456 6.41 -63.78 -18.07
N ALA C 457 5.88 -63.07 -19.08
CA ALA C 457 4.97 -61.92 -18.83
C ALA C 457 3.90 -62.25 -17.79
N PHE C 458 3.36 -63.47 -17.86
CA PHE C 458 2.28 -63.93 -16.97
C PHE C 458 2.71 -64.26 -15.55
N PHE C 459 3.96 -63.99 -15.17
CA PHE C 459 4.44 -64.34 -13.81
C PHE C 459 4.31 -63.13 -12.88
N GLY C 460 4.39 -63.34 -11.58
CA GLY C 460 4.23 -62.21 -10.66
C GLY C 460 5.33 -61.97 -9.66
N GLY C 461 5.21 -60.87 -8.92
CA GLY C 461 6.05 -60.61 -7.76
C GLY C 461 7.44 -60.13 -8.08
N SER C 462 7.53 -59.12 -8.94
CA SER C 462 8.78 -58.37 -9.21
C SER C 462 9.61 -59.03 -10.28
N THR C 463 9.86 -60.32 -10.10
CA THR C 463 10.49 -61.10 -11.14
C THR C 463 9.57 -60.92 -12.35
N GLY C 464 8.28 -61.15 -12.10
CA GLY C 464 7.25 -61.02 -13.14
C GLY C 464 7.31 -59.64 -13.74
N VAL C 465 7.30 -58.62 -12.88
CA VAL C 465 7.55 -57.24 -13.32
C VAL C 465 8.79 -57.10 -14.23
N ILE C 466 9.96 -57.58 -13.77
CA ILE C 466 11.21 -57.41 -14.59
C ILE C 466 11.15 -58.25 -15.89
N TYR C 467 10.72 -59.51 -15.81
CA TYR C 467 10.47 -60.31 -17.02
C TYR C 467 9.62 -59.56 -18.04
N ARG C 468 8.50 -59.05 -17.57
CA ARG C 468 7.52 -58.44 -18.44
C ARG C 468 8.18 -57.40 -19.35
N GLN C 469 9.20 -56.70 -18.83
CA GLN C 469 9.87 -55.64 -19.57
C GLN C 469 10.62 -56.13 -20.77
N PHE C 470 10.93 -57.42 -20.80
CA PHE C 470 11.71 -57.96 -21.88
C PHE C 470 10.70 -58.49 -22.85
N SER C 471 9.69 -59.10 -22.26
CA SER C 471 8.60 -59.69 -22.97
C SER C 471 7.93 -58.74 -23.95
N ILE C 472 7.48 -57.55 -23.54
CA ILE C 472 6.89 -56.68 -24.56
C ILE C 472 7.92 -56.42 -25.63
N THR C 473 9.07 -55.88 -25.20
CA THR C 473 10.11 -55.39 -26.12
C THR C 473 10.58 -56.41 -27.15
N ILE C 474 10.96 -57.61 -26.69
CA ILE C 474 11.43 -58.65 -27.60
C ILE C 474 10.35 -59.21 -28.52
N VAL C 475 9.21 -59.67 -27.98
CA VAL C 475 8.15 -60.21 -28.86
C VAL C 475 7.66 -59.16 -29.86
N SER C 476 7.55 -57.91 -29.43
CA SER C 476 7.16 -56.88 -30.37
C SER C 476 8.25 -56.64 -31.39
N ALA C 477 9.52 -56.71 -30.97
CA ALA C 477 10.60 -56.46 -31.94
C ALA C 477 10.61 -57.58 -32.98
N MET C 478 10.49 -58.81 -32.50
CA MET C 478 10.37 -59.99 -33.34
C MET C 478 9.22 -59.84 -34.33
N ALA C 479 7.99 -59.59 -33.84
CA ALA C 479 6.83 -59.33 -34.70
C ALA C 479 7.19 -58.34 -35.79
N LEU C 480 7.63 -57.15 -35.38
CA LEU C 480 7.93 -56.14 -36.38
C LEU C 480 9.01 -56.60 -37.34
N SER C 481 10.03 -57.29 -36.82
CA SER C 481 11.13 -57.84 -37.62
C SER C 481 10.64 -58.66 -38.82
N VAL C 482 9.74 -59.61 -38.58
CA VAL C 482 9.12 -60.39 -39.66
C VAL C 482 8.15 -59.60 -40.57
N ILE C 483 7.44 -58.60 -40.00
CA ILE C 483 6.66 -57.72 -40.85
C ILE C 483 7.58 -57.12 -41.88
N VAL C 484 8.65 -56.47 -41.43
CA VAL C 484 9.59 -55.81 -42.35
C VAL C 484 10.35 -56.76 -43.28
N ALA C 485 10.79 -57.91 -42.76
CA ALA C 485 11.33 -58.97 -43.60
C ALA C 485 10.35 -59.42 -44.69
N LEU C 486 9.07 -59.12 -44.52
CA LEU C 486 8.07 -59.55 -45.49
C LEU C 486 7.60 -58.44 -46.41
N ILE C 487 7.60 -57.20 -45.96
CA ILE C 487 7.08 -56.11 -46.78
C ILE C 487 8.20 -55.28 -47.44
N LEU C 488 9.16 -54.85 -46.62
CA LEU C 488 10.16 -53.88 -47.05
C LEU C 488 11.40 -54.59 -47.58
N THR C 489 12.02 -55.44 -46.75
CA THR C 489 13.30 -56.08 -47.09
C THR C 489 13.37 -56.65 -48.51
N PRO C 490 12.37 -57.46 -48.91
CA PRO C 490 12.45 -58.03 -50.25
C PRO C 490 12.47 -56.97 -51.35
N ALA C 491 11.53 -56.04 -51.27
CA ALA C 491 11.44 -54.91 -52.22
C ALA C 491 12.73 -54.11 -52.33
N LEU C 492 13.50 -54.06 -51.25
CA LEU C 492 14.80 -53.41 -51.29
C LEU C 492 15.81 -54.22 -52.11
N CYS C 493 15.77 -55.55 -51.96
CA CYS C 493 16.67 -56.37 -52.75
C CYS C 493 16.41 -56.19 -54.23
N ALA C 494 15.14 -56.01 -54.60
CA ALA C 494 14.78 -55.70 -56.00
C ALA C 494 15.44 -54.42 -56.48
N THR C 495 15.38 -53.38 -55.66
CA THR C 495 15.96 -52.06 -55.94
C THR C 495 17.46 -52.01 -55.73
N MET C 496 17.87 -52.06 -54.45
CA MET C 496 19.25 -51.79 -54.02
C MET C 496 20.34 -52.64 -54.67
N LEU C 497 20.13 -53.95 -54.72
CA LEU C 497 21.19 -54.90 -55.08
C LEU C 497 21.59 -54.95 -56.56
N LYS C 498 22.87 -55.27 -56.81
CA LYS C 498 23.45 -55.20 -58.17
C LYS C 498 23.66 -56.55 -58.84
N PRO C 499 23.09 -56.72 -60.06
CA PRO C 499 22.96 -57.99 -60.79
C PRO C 499 24.23 -58.85 -60.92
N ILE C 500 24.67 -59.43 -59.79
CA ILE C 500 25.75 -60.42 -59.80
C ILE C 500 25.38 -61.60 -60.71
N GLU C 501 26.20 -61.87 -61.72
CA GLU C 501 25.94 -62.90 -62.74
C GLU C 501 26.45 -64.28 -62.32
N LYS C 502 25.94 -65.32 -62.99
CA LYS C 502 26.15 -66.74 -62.62
C LYS C 502 27.60 -67.16 -62.32
N GLY C 503 27.76 -68.35 -61.75
CA GLY C 503 29.08 -68.89 -61.40
C GLY C 503 29.79 -68.28 -60.20
N ASP C 504 29.56 -66.99 -59.95
CA ASP C 504 30.27 -66.14 -58.96
C ASP C 504 30.46 -66.63 -57.51
N HIS C 505 30.22 -67.92 -57.28
CA HIS C 505 30.52 -68.66 -56.05
C HIS C 505 31.65 -68.07 -55.16
N GLY C 506 31.41 -66.90 -54.56
CA GLY C 506 32.40 -66.26 -53.67
C GLY C 506 33.61 -65.69 -54.38
N GLU C 507 34.13 -66.44 -55.35
CA GLU C 507 35.21 -66.01 -56.26
C GLU C 507 36.60 -66.00 -55.62
N HIS C 508 37.63 -66.23 -56.44
CA HIS C 508 39.04 -66.16 -56.03
C HIS C 508 39.43 -64.72 -55.72
N LYS C 509 38.62 -63.78 -56.20
CA LYS C 509 38.99 -62.37 -56.29
C LYS C 509 39.03 -61.63 -54.93
N GLY C 510 39.98 -60.70 -54.77
CA GLY C 510 40.04 -59.81 -53.60
C GLY C 510 41.29 -59.89 -52.72
N GLY C 511 41.44 -58.90 -51.84
CA GLY C 511 42.58 -58.83 -50.90
C GLY C 511 42.27 -59.38 -49.51
N PHE C 512 42.06 -58.47 -48.54
CA PHE C 512 41.63 -58.83 -47.16
C PHE C 512 40.14 -59.23 -47.09
N PHE C 513 39.52 -59.28 -48.27
CA PHE C 513 38.11 -59.58 -48.45
C PHE C 513 37.95 -60.93 -49.21
N GLY C 514 38.81 -61.19 -50.19
CA GLY C 514 38.83 -62.49 -50.93
C GLY C 514 39.45 -63.65 -50.14
N TRP C 515 40.18 -63.32 -49.07
CA TRP C 515 40.77 -64.26 -48.10
C TRP C 515 39.69 -65.07 -47.43
N PHE C 516 38.62 -64.36 -47.05
CA PHE C 516 37.48 -64.87 -46.31
C PHE C 516 36.53 -65.70 -47.18
N ASN C 517 36.02 -65.09 -48.27
CA ASN C 517 35.13 -65.78 -49.19
C ASN C 517 35.65 -67.14 -49.64
N ARG C 518 36.90 -67.18 -50.04
CA ARG C 518 37.52 -68.42 -50.47
C ARG C 518 37.70 -69.39 -49.32
N MET C 519 38.01 -68.87 -48.13
CA MET C 519 38.27 -69.74 -46.98
C MET C 519 37.01 -70.30 -46.27
N PHE C 520 35.97 -69.47 -46.15
CA PHE C 520 34.69 -69.86 -45.54
C PHE C 520 33.94 -70.81 -46.45
N LEU C 521 34.10 -70.60 -47.78
CA LEU C 521 33.68 -71.53 -48.84
C LEU C 521 34.44 -72.88 -48.78
N SER C 522 35.63 -72.88 -48.24
CA SER C 522 36.37 -74.11 -47.99
C SER C 522 35.84 -74.81 -46.75
N THR C 523 35.70 -74.06 -45.68
CA THR C 523 35.19 -74.56 -44.39
C THR C 523 33.78 -75.17 -44.49
N THR C 524 32.91 -74.52 -45.26
CA THR C 524 31.58 -75.08 -45.53
C THR C 524 31.71 -76.45 -46.18
N HIS C 525 32.63 -76.58 -47.15
CA HIS C 525 32.91 -77.87 -47.79
C HIS C 525 33.34 -78.87 -46.73
N GLY C 526 34.16 -78.37 -45.80
CA GLY C 526 34.65 -79.18 -44.70
C GLY C 526 33.60 -79.55 -43.68
N TYR C 527 32.63 -78.65 -43.47
CA TYR C 527 31.53 -78.89 -42.53
C TYR C 527 30.56 -79.91 -43.11
N GLU C 528 30.24 -79.71 -44.39
CA GLU C 528 29.34 -80.56 -45.14
C GLU C 528 29.78 -82.01 -45.01
N ARG C 529 31.00 -82.32 -45.48
CA ARG C 529 31.61 -83.60 -45.15
C ARG C 529 31.84 -83.54 -43.66
N GLY C 530 31.46 -84.57 -42.93
CA GLY C 530 31.66 -84.50 -41.49
C GLY C 530 30.34 -84.46 -40.77
N VAL C 531 29.45 -83.56 -41.20
CA VAL C 531 28.04 -83.75 -40.88
C VAL C 531 27.75 -85.10 -41.51
N ALA C 532 28.16 -85.22 -42.78
CA ALA C 532 28.04 -86.42 -43.58
C ALA C 532 28.51 -87.64 -42.80
N SER C 533 29.69 -87.49 -42.19
CA SER C 533 30.28 -88.50 -41.31
C SER C 533 29.42 -88.86 -40.09
N ILE C 534 28.91 -87.86 -39.38
CA ILE C 534 28.10 -88.09 -38.17
C ILE C 534 26.79 -88.82 -38.53
N LEU C 535 26.30 -88.56 -39.75
CA LEU C 535 25.12 -89.22 -40.27
C LEU C 535 25.43 -90.66 -40.67
N LYS C 536 26.69 -90.93 -41.01
CA LYS C 536 27.18 -92.29 -41.25
C LYS C 536 27.50 -93.07 -39.97
N HIS C 537 28.18 -92.46 -38.99
CA HIS C 537 28.33 -93.09 -37.65
C HIS C 537 27.52 -92.33 -36.58
N ARG C 538 26.30 -92.81 -36.35
CA ARG C 538 25.36 -92.09 -35.53
C ARG C 538 25.63 -92.37 -34.07
N ALA C 539 25.58 -93.64 -33.71
CA ALA C 539 25.61 -94.09 -32.31
C ALA C 539 26.65 -93.46 -31.36
N PRO C 540 27.92 -93.30 -31.78
CA PRO C 540 28.83 -92.55 -30.90
C PRO C 540 28.27 -91.18 -30.46
N TYR C 541 27.89 -90.35 -31.44
CA TYR C 541 27.47 -88.96 -31.21
C TYR C 541 26.24 -88.73 -30.35
N LEU C 542 25.31 -89.68 -30.40
CA LEU C 542 24.22 -89.76 -29.42
C LEU C 542 24.77 -89.96 -27.99
N LEU C 543 25.78 -90.81 -27.84
CA LEU C 543 26.38 -91.07 -26.53
C LEU C 543 27.29 -89.92 -26.04
N ILE C 544 28.12 -89.36 -26.92
CA ILE C 544 28.83 -88.14 -26.55
C ILE C 544 27.84 -87.01 -26.18
N TYR C 545 26.66 -87.04 -26.80
CA TYR C 545 25.57 -86.08 -26.49
C TYR C 545 25.10 -86.23 -25.06
N VAL C 546 24.64 -87.42 -24.72
CA VAL C 546 24.14 -87.68 -23.37
C VAL C 546 25.12 -87.24 -22.27
N VAL C 547 26.41 -87.46 -22.51
CA VAL C 547 27.46 -86.84 -21.67
C VAL C 547 27.16 -85.33 -21.44
N ILE C 548 27.12 -84.56 -22.53
CA ILE C 548 26.84 -83.10 -22.50
C ILE C 548 25.61 -82.71 -21.67
N VAL C 549 24.47 -83.35 -21.93
CA VAL C 549 23.28 -83.21 -21.11
C VAL C 549 23.76 -83.29 -19.65
N ALA C 550 24.20 -84.49 -19.25
CA ALA C 550 24.75 -84.76 -17.92
C ALA C 550 25.64 -83.64 -17.43
N GLY C 551 26.60 -83.24 -18.26
CA GLY C 551 27.45 -82.08 -18.00
C GLY C 551 26.65 -80.87 -17.58
N MET C 552 25.82 -80.34 -18.52
CA MET C 552 24.86 -79.23 -18.29
C MET C 552 24.09 -79.31 -16.96
N ILE C 553 23.45 -80.45 -16.70
CA ILE C 553 22.72 -80.65 -15.44
C ILE C 553 23.61 -80.60 -14.22
N TRP C 554 24.82 -81.19 -14.31
CA TRP C 554 25.81 -81.10 -13.22
C TRP C 554 26.27 -79.63 -13.07
N MET C 555 26.61 -79.04 -14.21
CA MET C 555 27.08 -77.67 -14.32
C MET C 555 26.12 -76.64 -13.77
N PHE C 556 24.84 -76.98 -13.77
CA PHE C 556 23.79 -76.08 -13.32
C PHE C 556 23.93 -75.86 -11.84
N THR C 557 23.51 -76.88 -11.07
CA THR C 557 23.64 -76.92 -9.61
C THR C 557 24.95 -76.37 -9.05
N ARG C 558 26.02 -76.42 -9.85
CA ARG C 558 27.30 -75.88 -9.42
C ARG C 558 27.39 -74.33 -9.41
N ILE C 559 26.64 -73.63 -10.28
CA ILE C 559 26.57 -72.14 -10.25
C ILE C 559 25.83 -71.50 -9.04
N PRO C 560 26.43 -70.44 -8.41
CA PRO C 560 25.77 -69.80 -7.26
C PRO C 560 24.52 -69.00 -7.67
N THR C 561 23.66 -68.69 -6.70
CA THR C 561 22.37 -68.09 -6.99
C THR C 561 22.18 -66.74 -6.30
N ALA C 562 22.27 -65.66 -7.07
CA ALA C 562 21.92 -64.32 -6.57
C ALA C 562 20.51 -63.88 -7.00
N PHE C 563 20.12 -62.66 -6.59
CA PHE C 563 18.92 -62.00 -7.10
C PHE C 563 19.30 -60.88 -8.07
N LEU C 564 19.65 -59.73 -7.52
CA LEU C 564 20.06 -58.61 -8.34
C LEU C 564 21.56 -58.29 -8.20
N PRO C 565 22.25 -58.04 -9.34
CA PRO C 565 23.68 -57.72 -9.35
C PRO C 565 24.00 -56.51 -8.48
N ASP C 566 25.19 -56.49 -7.87
CA ASP C 566 25.65 -55.35 -7.06
C ASP C 566 25.96 -54.17 -7.97
N GLU C 567 25.57 -52.96 -7.57
CA GLU C 567 25.82 -51.86 -8.48
C GLU C 567 26.52 -50.65 -7.85
N ASP C 568 27.65 -50.24 -8.41
CA ASP C 568 28.29 -49.01 -7.94
C ASP C 568 27.32 -47.89 -8.20
N GLN C 569 26.37 -47.80 -7.27
CA GLN C 569 25.20 -46.94 -7.35
C GLN C 569 25.57 -45.45 -7.25
N GLY C 570 26.75 -45.17 -6.69
CA GLY C 570 27.26 -43.82 -6.64
C GLY C 570 26.92 -43.14 -5.33
N VAL C 571 26.50 -43.94 -4.36
CA VAL C 571 26.15 -43.45 -3.04
C VAL C 571 26.34 -44.57 -2.02
N LEU C 572 26.55 -44.19 -0.77
CA LEU C 572 26.78 -45.13 0.32
C LEU C 572 26.19 -44.63 1.63
N PHE C 573 25.98 -45.53 2.58
CA PHE C 573 25.46 -45.14 3.88
C PHE C 573 26.38 -45.54 5.00
N ALA C 574 26.48 -44.63 5.97
CA ALA C 574 27.08 -44.94 7.25
C ALA C 574 25.95 -44.96 8.26
N GLN C 575 26.03 -45.90 9.21
CA GLN C 575 24.98 -46.07 10.20
C GLN C 575 25.53 -46.22 11.61
N VAL C 576 25.39 -45.17 12.40
CA VAL C 576 25.98 -45.11 13.75
C VAL C 576 24.98 -45.50 14.83
N GLN C 577 25.45 -46.29 15.80
CA GLN C 577 24.62 -46.73 16.93
C GLN C 577 25.41 -46.86 18.24
N THR C 578 25.63 -45.74 18.92
CA THR C 578 26.32 -45.73 20.23
C THR C 578 25.57 -46.57 21.31
N PRO C 579 26.32 -47.24 22.23
CA PRO C 579 25.71 -48.27 23.11
C PRO C 579 24.51 -47.79 23.92
N PRO C 580 23.60 -48.71 24.30
CA PRO C 580 22.26 -48.31 24.79
C PRO C 580 22.24 -47.41 26.04
N GLY C 581 22.30 -46.09 25.81
CA GLY C 581 22.14 -45.10 26.88
C GLY C 581 22.76 -43.73 26.64
N SER C 582 23.66 -43.65 25.66
CA SER C 582 24.54 -42.47 25.41
C SER C 582 23.84 -41.13 25.21
N SER C 583 24.60 -40.06 25.44
CA SER C 583 24.10 -38.72 25.22
C SER C 583 24.23 -38.33 23.77
N ALA C 584 23.72 -37.15 23.44
CA ALA C 584 23.78 -36.58 22.10
C ALA C 584 25.23 -36.38 21.63
N GLU C 585 26.07 -35.83 22.51
CA GLU C 585 27.51 -35.64 22.24
C GLU C 585 28.26 -36.94 22.00
N ARG C 586 27.89 -37.99 22.74
CA ARG C 586 28.52 -39.31 22.61
C ARG C 586 28.45 -39.79 21.16
N THR C 587 27.22 -40.02 20.69
CA THR C 587 26.92 -40.27 19.30
C THR C 587 27.59 -39.25 18.37
N GLN C 588 27.32 -37.97 18.61
CA GLN C 588 27.83 -36.86 17.78
C GLN C 588 29.36 -36.87 17.49
N VAL C 589 30.16 -37.28 18.47
CA VAL C 589 31.62 -37.31 18.28
C VAL C 589 31.97 -38.44 17.33
N VAL C 590 31.44 -39.64 17.63
CA VAL C 590 31.55 -40.80 16.76
C VAL C 590 31.19 -40.40 15.34
N VAL C 591 30.05 -39.74 15.22
CA VAL C 591 29.52 -39.35 13.93
C VAL C 591 30.43 -38.31 13.27
N ASP C 592 31.26 -37.65 14.06
CA ASP C 592 32.05 -36.61 13.46
C ASP C 592 33.45 -37.05 13.08
N SER C 593 33.89 -38.16 13.64
CA SER C 593 35.15 -38.77 13.25
C SER C 593 35.02 -39.43 11.89
N MET C 594 34.05 -40.34 11.77
CA MET C 594 33.80 -41.04 10.52
C MET C 594 33.47 -40.09 9.36
N ARG C 595 33.09 -38.85 9.67
CA ARG C 595 32.75 -37.88 8.64
C ARG C 595 34.03 -37.19 8.14
N GLU C 596 35.10 -37.36 8.90
CA GLU C 596 36.43 -36.84 8.55
C GLU C 596 37.26 -37.97 7.94
N TYR C 597 37.44 -39.06 8.69
CA TYR C 597 38.23 -40.22 8.24
C TYR C 597 37.58 -40.85 7.00
N LEU C 598 37.08 -39.97 6.13
CA LEU C 598 36.21 -40.29 4.99
C LEU C 598 36.24 -39.12 4.01
N LEU C 599 35.90 -37.92 4.49
CA LEU C 599 35.94 -36.72 3.65
C LEU C 599 37.40 -36.25 3.49
N GLU C 600 38.27 -36.74 4.37
CA GLU C 600 39.71 -36.39 4.38
C GLU C 600 40.65 -37.51 3.93
N LYS C 601 40.30 -38.76 4.24
CA LYS C 601 41.18 -39.90 3.97
C LYS C 601 40.75 -40.78 2.80
N GLU C 602 39.57 -40.51 2.23
CA GLU C 602 38.95 -41.35 1.20
C GLU C 602 38.19 -40.56 0.13
N SER C 603 38.43 -39.25 0.06
CA SER C 603 37.69 -38.34 -0.84
C SER C 603 38.31 -38.20 -2.25
N SER C 604 39.03 -39.23 -2.66
CA SER C 604 39.28 -39.47 -4.07
C SER C 604 37.92 -39.85 -4.67
N SER C 605 37.16 -40.60 -3.87
CA SER C 605 35.83 -41.08 -4.21
C SER C 605 34.70 -40.20 -3.65
N VAL C 606 34.71 -39.97 -2.34
CA VAL C 606 33.72 -39.12 -1.65
C VAL C 606 33.58 -37.68 -2.20
N SER C 607 32.35 -37.18 -2.17
CA SER C 607 32.07 -35.89 -2.75
C SER C 607 31.38 -34.97 -1.74
N SER C 608 30.86 -35.56 -0.67
CA SER C 608 30.21 -34.83 0.43
C SER C 608 29.66 -35.83 1.43
N VAL C 609 29.43 -35.38 2.66
CA VAL C 609 28.86 -36.25 3.67
C VAL C 609 27.88 -35.47 4.54
N PHE C 610 26.60 -35.79 4.35
CA PHE C 610 25.50 -35.19 5.10
C PHE C 610 25.21 -36.17 6.24
N THR C 611 25.38 -35.72 7.49
CA THR C 611 25.16 -36.63 8.65
C THR C 611 24.06 -36.16 9.60
N VAL C 612 23.55 -37.11 10.39
CA VAL C 612 22.40 -36.90 11.28
C VAL C 612 22.50 -37.75 12.58
N THR C 613 22.14 -37.12 13.70
CA THR C 613 22.02 -37.76 15.00
C THR C 613 20.57 -37.70 15.44
N GLY C 614 20.12 -38.78 16.05
CA GLY C 614 18.74 -38.89 16.55
C GLY C 614 17.91 -39.70 15.60
N PHE C 615 18.34 -39.74 14.34
CA PHE C 615 17.72 -40.58 13.34
C PHE C 615 18.75 -41.38 12.56
N ASN C 616 18.50 -42.68 12.47
CA ASN C 616 19.11 -43.55 11.48
C ASN C 616 17.97 -44.41 10.93
N PHE C 617 18.24 -45.30 9.99
CA PHE C 617 17.16 -46.15 9.44
C PHE C 617 16.61 -47.13 10.49
N ALA C 618 17.50 -47.79 11.23
CA ALA C 618 17.11 -48.82 12.20
C ALA C 618 16.10 -48.28 13.21
N GLY C 619 16.48 -47.23 13.93
CA GLY C 619 15.57 -46.64 14.89
C GLY C 619 15.72 -45.15 15.02
N ARG C 620 15.15 -44.62 16.10
CA ARG C 620 15.50 -43.29 16.57
C ARG C 620 16.00 -43.32 18.02
N GLY C 621 16.53 -42.19 18.47
CA GLY C 621 17.17 -42.11 19.78
C GLY C 621 18.50 -41.38 19.76
N GLN C 622 18.92 -40.87 20.92
CA GLN C 622 20.16 -40.10 21.03
C GLN C 622 21.37 -40.95 20.71
N SER C 623 21.24 -42.26 20.82
CA SER C 623 22.34 -43.17 20.51
C SER C 623 22.33 -43.72 19.06
N SER C 624 21.77 -42.95 18.13
CA SER C 624 21.72 -43.40 16.76
C SER C 624 21.98 -42.27 15.78
N GLY C 625 22.73 -42.60 14.74
CA GLY C 625 23.10 -41.62 13.74
C GLY C 625 23.39 -42.28 12.42
N MET C 626 23.67 -41.45 11.42
CA MET C 626 23.97 -41.95 10.08
C MET C 626 24.49 -40.89 9.10
N ALA C 627 24.96 -41.36 7.95
CA ALA C 627 25.51 -40.47 6.92
C ALA C 627 25.06 -40.79 5.50
N PHE C 628 24.49 -39.76 4.87
CA PHE C 628 24.19 -39.76 3.47
C PHE C 628 25.47 -39.46 2.68
N ILE C 629 26.23 -40.50 2.36
CA ILE C 629 27.53 -40.39 1.67
C ILE C 629 27.40 -40.30 0.15
N MET C 630 27.76 -39.15 -0.41
CA MET C 630 27.73 -38.90 -1.85
C MET C 630 29.09 -39.26 -2.47
N LEU C 631 29.09 -39.81 -3.68
CA LEU C 631 30.35 -40.05 -4.41
C LEU C 631 30.50 -39.16 -5.63
N LYS C 632 31.60 -39.33 -6.34
CA LYS C 632 31.84 -38.51 -7.49
C LYS C 632 31.40 -39.32 -8.68
N PRO C 633 30.85 -38.62 -9.71
CA PRO C 633 30.56 -39.19 -11.03
C PRO C 633 31.56 -40.29 -11.37
N TRP C 634 31.11 -41.55 -11.30
CA TRP C 634 31.99 -42.74 -11.34
C TRP C 634 32.99 -42.77 -12.50
N GLU C 635 32.70 -41.99 -13.54
CA GLU C 635 33.67 -41.63 -14.57
C GLU C 635 34.97 -41.13 -13.91
N GLU C 636 34.89 -40.01 -13.18
CA GLU C 636 36.04 -39.47 -12.46
C GLU C 636 36.46 -40.24 -11.20
N ARG C 637 36.02 -41.49 -11.05
CA ARG C 637 36.46 -42.32 -9.93
C ARG C 637 37.21 -43.54 -10.45
N PRO C 638 38.54 -43.38 -10.67
CA PRO C 638 39.46 -44.31 -11.32
C PRO C 638 38.96 -45.75 -11.50
N GLY C 639 39.21 -46.67 -10.57
CA GLY C 639 38.83 -48.07 -10.74
C GLY C 639 38.80 -48.89 -9.46
N GLY C 640 38.91 -50.22 -9.58
CA GLY C 640 38.86 -51.17 -8.47
C GLY C 640 38.71 -50.56 -7.09
N GLU C 641 39.81 -49.94 -6.63
CA GLU C 641 39.88 -49.22 -5.36
C GLU C 641 38.91 -48.01 -5.20
N ASN C 642 38.76 -47.19 -6.25
CA ASN C 642 37.93 -45.97 -6.19
C ASN C 642 36.44 -46.16 -6.53
N SER C 643 35.97 -47.40 -6.33
CA SER C 643 34.59 -47.78 -6.55
C SER C 643 33.96 -48.07 -5.21
N VAL C 644 32.74 -47.58 -5.02
CA VAL C 644 32.00 -47.67 -3.75
C VAL C 644 32.03 -49.03 -3.07
N PHE C 645 32.35 -50.09 -3.83
CA PHE C 645 32.36 -51.43 -3.26
C PHE C 645 33.60 -51.66 -2.40
N GLU C 646 34.69 -50.99 -2.80
CA GLU C 646 35.91 -50.93 -2.01
C GLU C 646 35.75 -49.90 -0.90
N LEU C 647 35.49 -48.65 -1.25
CA LEU C 647 35.32 -47.62 -0.26
C LEU C 647 34.57 -48.20 0.95
N ALA C 648 33.40 -48.81 0.70
CA ALA C 648 32.68 -49.54 1.75
C ALA C 648 33.60 -50.49 2.54
N LYS C 649 34.38 -51.27 1.81
CA LYS C 649 35.22 -52.35 2.37
C LYS C 649 36.24 -51.84 3.40
N ARG C 650 37.00 -50.81 3.04
CA ARG C 650 38.03 -50.25 3.91
C ARG C 650 37.50 -49.29 4.98
N ALA C 651 36.63 -48.37 4.58
CA ALA C 651 35.91 -47.51 5.53
C ALA C 651 35.15 -48.34 6.59
N GLN C 652 34.92 -49.62 6.32
CA GLN C 652 34.32 -50.52 7.31
C GLN C 652 35.41 -51.12 8.17
N MET C 653 36.62 -51.20 7.60
CA MET C 653 37.81 -51.69 8.32
C MET C 653 38.27 -50.72 9.42
N HIS C 654 38.65 -49.49 9.05
CA HIS C 654 39.06 -48.51 10.07
C HIS C 654 37.91 -48.09 11.03
N PHE C 655 36.80 -48.84 10.94
CA PHE C 655 35.66 -48.80 11.88
C PHE C 655 35.79 -49.94 12.89
N PHE C 656 36.86 -50.73 12.80
CA PHE C 656 37.20 -51.64 13.87
C PHE C 656 37.97 -50.83 14.93
N SER C 657 38.14 -49.54 14.66
CA SER C 657 38.85 -48.63 15.56
C SER C 657 37.99 -48.05 16.69
N PHE C 658 36.73 -47.74 16.38
CA PHE C 658 35.81 -47.08 17.32
C PHE C 658 35.40 -48.00 18.48
N LYS C 659 35.11 -47.39 19.64
CA LYS C 659 34.92 -48.07 20.95
C LYS C 659 34.13 -49.41 20.96
N ASP C 660 32.86 -49.35 21.37
CA ASP C 660 31.89 -50.43 21.19
C ASP C 660 30.68 -49.78 20.51
N ALA C 661 30.97 -48.99 19.47
CA ALA C 661 30.03 -48.04 18.88
C ALA C 661 29.43 -48.48 17.53
N MET C 662 29.45 -49.78 17.24
CA MET C 662 28.87 -50.32 16.00
C MET C 662 29.50 -49.65 14.78
N VAL C 663 28.69 -48.87 14.06
CA VAL C 663 29.13 -48.03 12.93
C VAL C 663 29.50 -48.79 11.65
N PHE C 664 28.54 -48.80 10.71
CA PHE C 664 28.70 -49.48 9.43
C PHE C 664 28.75 -48.56 8.22
N ALA C 665 29.34 -49.06 7.14
CA ALA C 665 29.13 -48.49 5.84
C ALA C 665 28.44 -49.59 5.07
N PHE C 666 27.33 -49.25 4.43
CA PHE C 666 26.67 -50.23 3.57
C PHE C 666 26.21 -49.58 2.26
N ALA C 667 26.00 -50.43 1.25
CA ALA C 667 25.62 -50.02 -0.10
C ALA C 667 24.24 -50.56 -0.48
N PRO C 668 23.43 -49.73 -1.16
CA PRO C 668 22.04 -50.06 -1.45
C PRO C 668 21.97 -51.03 -2.64
N PRO C 669 20.79 -51.66 -2.87
CA PRO C 669 20.64 -52.61 -3.98
C PRO C 669 20.53 -51.98 -5.37
N SER C 670 20.78 -52.81 -6.39
CA SER C 670 20.49 -52.57 -7.81
C SER C 670 19.29 -51.61 -7.94
N VAL C 671 18.15 -52.03 -7.39
CA VAL C 671 16.90 -51.27 -7.38
C VAL C 671 16.66 -50.59 -6.04
N LEU C 672 16.81 -49.27 -5.98
CA LEU C 672 16.60 -48.52 -4.74
C LEU C 672 15.31 -48.90 -3.97
N GLU C 673 14.15 -48.79 -4.63
CA GLU C 673 12.82 -49.29 -4.15
C GLU C 673 12.80 -50.41 -3.11
N LEU C 674 13.73 -51.36 -3.24
CA LEU C 674 13.68 -52.58 -2.43
C LEU C 674 14.32 -52.46 -1.06
N GLY C 675 15.10 -51.40 -0.85
CA GLY C 675 15.73 -51.18 0.44
C GLY C 675 16.92 -50.25 0.36
N ASN C 676 17.60 -50.09 1.49
CA ASN C 676 18.77 -49.22 1.54
C ASN C 676 20.05 -50.00 1.89
N ALA C 677 19.87 -51.27 2.24
CA ALA C 677 20.97 -52.12 2.57
C ALA C 677 20.93 -53.39 1.74
N THR C 678 21.80 -53.46 0.74
CA THR C 678 22.12 -54.73 0.08
C THR C 678 22.42 -55.80 1.13
N GLY C 679 22.16 -57.06 0.82
CA GLY C 679 22.46 -58.09 1.78
C GLY C 679 21.39 -59.16 1.85
N PHE C 680 21.10 -59.61 3.06
CA PHE C 680 20.03 -60.53 3.27
C PHE C 680 19.25 -59.98 4.46
N ASP C 681 18.08 -60.56 4.75
CA ASP C 681 17.15 -59.92 5.69
C ASP C 681 16.31 -60.97 6.41
N LEU C 682 16.28 -60.90 7.73
CA LEU C 682 15.82 -62.04 8.47
C LEU C 682 15.13 -61.64 9.76
N PHE C 683 14.15 -62.44 10.14
CA PHE C 683 13.45 -62.24 11.40
C PHE C 683 13.49 -63.53 12.19
N LEU C 684 14.19 -63.45 13.33
CA LEU C 684 14.24 -64.55 14.29
C LEU C 684 13.02 -64.30 15.16
N GLN C 685 12.25 -65.35 15.37
CA GLN C 685 10.93 -65.25 15.93
C GLN C 685 10.54 -66.54 16.61
N ASP C 686 9.70 -66.45 17.64
CA ASP C 686 9.34 -67.63 18.43
C ASP C 686 7.91 -68.13 18.33
N GLN C 687 7.66 -69.03 17.38
CA GLN C 687 6.32 -69.63 17.18
C GLN C 687 5.84 -70.42 18.40
N ALA C 688 6.74 -71.17 19.02
CA ALA C 688 6.43 -71.90 20.25
C ALA C 688 6.12 -70.93 21.37
N GLY C 689 6.38 -69.65 21.11
CA GLY C 689 6.19 -68.60 22.10
C GLY C 689 7.01 -68.91 23.34
N VAL C 690 8.31 -68.62 23.26
CA VAL C 690 9.19 -68.76 24.41
C VAL C 690 9.23 -67.45 25.25
N GLY C 691 10.14 -66.52 24.96
CA GLY C 691 10.17 -65.24 25.68
C GLY C 691 11.24 -64.27 25.18
N HIS C 692 11.19 -63.03 25.65
CA HIS C 692 12.13 -61.99 25.18
C HIS C 692 13.58 -62.35 25.46
N GLU C 693 13.86 -62.82 26.67
CA GLU C 693 15.22 -63.14 27.08
C GLU C 693 15.82 -64.22 26.19
N VAL C 694 15.14 -65.36 26.13
CA VAL C 694 15.52 -66.48 25.26
C VAL C 694 15.91 -66.02 23.84
N LEU C 695 14.98 -65.29 23.22
CA LEU C 695 15.15 -64.77 21.87
C LEU C 695 16.39 -63.89 21.79
N LEU C 696 16.60 -63.07 22.84
CA LEU C 696 17.77 -62.18 22.91
C LEU C 696 19.08 -62.97 22.92
N GLN C 697 19.04 -64.11 23.61
CA GLN C 697 20.16 -65.04 23.60
C GLN C 697 20.34 -65.55 22.20
N ALA C 698 19.34 -66.31 21.73
CA ALA C 698 19.35 -66.90 20.38
C ALA C 698 19.88 -65.97 19.28
N ARG C 699 19.59 -64.69 19.43
CA ARG C 699 19.99 -63.69 18.44
C ARG C 699 21.46 -63.31 18.57
N ASN C 700 21.97 -63.30 19.80
CA ASN C 700 23.39 -63.06 19.99
C ASN C 700 24.18 -64.33 19.69
N LYS C 701 23.56 -65.51 19.90
CA LYS C 701 24.16 -66.80 19.48
C LYS C 701 24.27 -66.89 17.96
N PHE C 702 23.23 -66.42 17.29
CA PHE C 702 23.23 -66.26 15.85
C PHE C 702 24.38 -65.29 15.48
N LEU C 703 24.42 -64.15 16.18
CA LEU C 703 25.37 -63.09 15.90
C LEU C 703 26.82 -63.46 16.24
N MET C 704 26.96 -64.36 17.21
CA MET C 704 28.24 -64.93 17.61
C MET C 704 28.77 -65.69 16.40
N LEU C 705 28.15 -66.85 16.16
CA LEU C 705 28.39 -67.73 15.01
C LEU C 705 28.52 -67.03 13.65
N ALA C 706 28.03 -65.80 13.56
CA ALA C 706 27.98 -65.06 12.30
C ALA C 706 29.23 -64.22 12.03
N ALA C 707 29.88 -63.76 13.10
CA ALA C 707 31.21 -63.17 12.97
C ALA C 707 32.23 -64.32 12.79
N GLN C 708 31.87 -65.51 13.28
CA GLN C 708 32.67 -66.72 13.12
C GLN C 708 32.60 -67.34 11.71
N ASN C 709 31.38 -67.48 11.17
CA ASN C 709 31.15 -68.11 9.85
C ASN C 709 31.88 -67.41 8.69
N PRO C 710 32.66 -68.22 7.92
CA PRO C 710 33.59 -67.67 6.91
C PRO C 710 32.95 -67.07 5.65
N ALA C 711 31.66 -67.33 5.43
CA ALA C 711 30.93 -66.92 4.21
C ALA C 711 30.19 -65.57 4.33
N LEU C 712 29.73 -65.25 5.54
CA LEU C 712 29.00 -64.01 5.85
C LEU C 712 29.98 -62.90 6.15
N GLN C 713 29.49 -61.66 6.19
CA GLN C 713 30.34 -60.48 6.36
C GLN C 713 29.52 -59.22 6.60
N ARG C 714 29.47 -58.74 7.84
CA ARG C 714 28.86 -57.46 8.18
C ARG C 714 27.53 -57.67 8.88
N VAL C 715 27.26 -58.93 9.24
CA VAL C 715 26.05 -59.30 10.00
C VAL C 715 25.79 -58.38 11.20
N ARG C 716 24.57 -57.87 11.32
CA ARG C 716 24.22 -56.90 12.35
C ARG C 716 22.82 -57.17 12.90
N PRO C 717 22.39 -56.48 13.98
CA PRO C 717 21.01 -56.66 14.42
C PRO C 717 20.15 -55.45 13.99
N ASN C 718 18.89 -55.36 14.43
CA ASN C 718 18.13 -54.14 14.19
C ASN C 718 17.42 -53.49 15.39
N GLY C 719 17.07 -54.31 16.39
CA GLY C 719 16.58 -53.80 17.69
C GLY C 719 17.77 -53.55 18.61
N MET C 720 17.88 -52.33 19.14
CA MET C 720 19.16 -51.87 19.72
C MET C 720 19.49 -52.33 21.15
N SER C 721 19.08 -53.56 21.49
CA SER C 721 19.37 -54.27 22.78
C SER C 721 18.33 -54.06 23.88
N ASP C 722 18.76 -54.06 25.13
CA ASP C 722 17.98 -53.56 26.26
C ASP C 722 18.62 -52.27 26.75
N GLU C 723 17.85 -51.40 27.39
CA GLU C 723 18.37 -50.12 27.86
C GLU C 723 18.02 -49.90 29.32
N PRO C 724 18.87 -49.15 30.06
CA PRO C 724 18.51 -48.62 31.39
C PRO C 724 17.28 -47.71 31.34
N GLN C 725 16.29 -48.03 32.17
CA GLN C 725 15.10 -47.21 32.28
C GLN C 725 14.89 -46.91 33.75
N TYR C 726 14.64 -45.65 34.07
CA TYR C 726 14.44 -45.27 35.46
C TYR C 726 13.04 -45.61 35.95
N LYS C 727 12.91 -46.77 36.60
CA LYS C 727 11.64 -47.20 37.19
C LYS C 727 11.21 -46.27 38.32
N LEU C 728 10.19 -45.46 38.04
CA LEU C 728 9.60 -44.60 39.07
C LEU C 728 8.68 -45.41 39.99
N GLU C 729 8.24 -44.79 41.08
CA GLU C 729 7.44 -45.48 42.09
C GLU C 729 6.69 -44.49 42.96
N ILE C 730 5.47 -44.85 43.31
CA ILE C 730 4.65 -44.07 44.24
C ILE C 730 3.92 -45.04 45.19
N ASP C 731 3.92 -44.70 46.47
CA ASP C 731 2.96 -45.32 47.39
C ASP C 731 1.79 -44.35 47.53
N ASP C 732 0.71 -44.67 46.82
CA ASP C 732 -0.52 -43.87 46.80
C ASP C 732 -0.93 -43.37 48.20
N GLU C 733 -0.72 -44.22 49.20
CA GLU C 733 -1.10 -43.93 50.58
C GLU C 733 -0.38 -42.72 51.21
N LYS C 734 0.89 -42.51 50.85
CA LYS C 734 1.69 -41.44 51.47
C LYS C 734 1.34 -40.02 50.99
N ALA C 735 1.04 -39.87 49.70
CA ALA C 735 0.59 -38.58 49.16
C ALA C 735 -0.78 -38.18 49.73
N SER C 736 -1.64 -39.18 49.96
CA SER C 736 -2.93 -38.99 50.62
C SER C 736 -2.77 -38.60 52.08
N ALA C 737 -1.71 -39.10 52.72
CA ALA C 737 -1.42 -38.81 54.13
C ALA C 737 -0.99 -37.36 54.33
N LEU C 738 -0.21 -36.84 53.38
CA LEU C 738 0.25 -35.44 53.41
C LEU C 738 -0.86 -34.45 53.09
N GLY C 739 -1.26 -34.40 51.82
CA GLY C 739 -2.32 -33.51 51.38
C GLY C 739 -2.71 -33.72 49.93
N VAL C 740 -1.70 -33.91 49.07
CA VAL C 740 -1.92 -34.17 47.64
C VAL C 740 -2.55 -35.55 47.41
N SER C 741 -3.87 -35.59 47.57
CA SER C 741 -4.65 -36.80 47.28
C SER C 741 -4.98 -36.89 45.78
N LEU C 742 -5.18 -38.12 45.29
CA LEU C 742 -5.42 -38.43 43.87
C LEU C 742 -4.16 -38.21 42.99
N ALA C 743 -3.85 -39.19 42.13
CA ALA C 743 -2.63 -39.16 41.29
C ALA C 743 -2.55 -37.96 40.32
N ASP C 744 -3.03 -36.81 40.81
CA ASP C 744 -2.87 -35.47 40.19
C ASP C 744 -1.41 -35.12 39.89
N ILE C 745 -0.52 -35.91 40.48
CA ILE C 745 0.93 -35.74 40.38
C ILE C 745 1.43 -35.74 38.94
N ASN C 746 0.65 -36.33 38.03
CA ASN C 746 0.99 -36.42 36.61
C ASN C 746 1.19 -35.04 35.98
N SER C 747 0.39 -34.08 36.45
CA SER C 747 0.40 -32.69 35.97
C SER C 747 1.73 -31.99 36.31
N THR C 748 2.66 -32.77 36.86
CA THR C 748 3.98 -32.30 37.27
C THR C 748 5.07 -33.18 36.61
N VAL C 749 4.91 -34.50 36.67
CA VAL C 749 5.90 -35.46 36.13
C VAL C 749 6.09 -35.38 34.61
N SER C 750 4.99 -35.23 33.88
CA SER C 750 5.01 -35.26 32.43
C SER C 750 5.12 -33.86 31.83
N ILE C 751 4.68 -32.85 32.59
CA ILE C 751 4.79 -31.46 32.18
C ILE C 751 6.22 -30.98 32.27
N ALA C 752 6.96 -31.52 33.23
CA ALA C 752 8.33 -31.09 33.53
C ALA C 752 9.40 -31.92 32.81
N TRP C 753 9.22 -33.24 32.80
CA TRP C 753 10.23 -34.17 32.25
C TRP C 753 10.00 -34.59 30.79
N GLY C 754 8.75 -34.53 30.35
CA GLY C 754 8.42 -34.57 28.92
C GLY C 754 8.03 -33.15 28.56
N SER C 755 7.80 -32.88 27.29
CA SER C 755 7.30 -31.57 26.88
C SER C 755 5.85 -31.40 27.37
N SER C 756 5.09 -30.52 26.72
CA SER C 756 3.65 -30.46 26.97
C SER C 756 3.05 -29.37 26.14
N TYR C 757 2.76 -29.75 24.90
CA TYR C 757 2.05 -28.93 23.96
C TYR C 757 0.82 -28.37 24.67
N VAL C 758 0.83 -27.07 24.90
CA VAL C 758 -0.25 -26.46 25.66
C VAL C 758 -1.26 -25.82 24.74
N ASN C 759 -0.79 -25.10 23.73
CA ASN C 759 -1.65 -24.59 22.68
C ASN C 759 -0.87 -23.86 21.59
N ASP C 760 -1.56 -23.03 20.82
CA ASP C 760 -1.01 -22.52 19.58
C ASP C 760 -0.82 -21.02 19.59
N PHE C 761 0.25 -20.59 18.95
CA PHE C 761 0.45 -19.19 18.75
C PHE C 761 0.85 -19.02 17.30
N ILE C 762 0.45 -17.90 16.70
CA ILE C 762 0.84 -17.58 15.34
C ILE C 762 2.18 -16.87 15.44
N ASP C 763 3.02 -17.02 14.40
CA ASP C 763 4.40 -16.53 14.45
C ASP C 763 4.92 -16.25 13.05
N ARG C 764 4.89 -14.97 12.69
CA ARG C 764 5.18 -14.54 11.33
C ARG C 764 4.06 -15.07 10.44
N GLY C 765 2.82 -14.95 10.89
CA GLY C 765 1.67 -15.52 10.17
C GLY C 765 1.52 -17.04 10.06
N ARG C 766 2.28 -17.81 10.81
CA ARG C 766 2.25 -19.28 10.70
C ARG C 766 2.11 -19.95 12.09
N VAL C 767 1.33 -21.02 12.17
CA VAL C 767 0.88 -21.50 13.49
C VAL C 767 1.77 -22.59 14.08
N LYS C 768 2.55 -22.24 15.07
CA LYS C 768 3.45 -23.19 15.69
C LYS C 768 2.94 -23.53 17.06
N ARG C 769 3.63 -24.43 17.75
CA ARG C 769 3.17 -24.93 19.05
C ARG C 769 3.84 -24.19 20.19
N VAL C 770 3.12 -24.11 21.31
CA VAL C 770 3.61 -23.54 22.55
C VAL C 770 3.88 -24.74 23.44
N TYR C 771 5.06 -24.75 24.06
CA TYR C 771 5.55 -25.94 24.72
C TYR C 771 6.02 -25.68 26.12
N LEU C 772 5.61 -26.55 27.04
CA LEU C 772 5.96 -26.44 28.43
C LEU C 772 6.90 -27.59 28.80
N GLN C 773 8.05 -27.25 29.37
CA GLN C 773 8.98 -28.27 29.88
C GLN C 773 9.93 -27.66 30.91
N GLY C 774 10.36 -28.47 31.88
CA GLY C 774 11.34 -28.03 32.87
C GLY C 774 12.67 -27.57 32.28
N ARG C 775 13.34 -26.64 32.97
CA ARG C 775 14.74 -26.26 32.68
C ARG C 775 15.60 -27.48 32.33
N PRO C 776 16.57 -27.35 31.41
CA PRO C 776 17.49 -28.46 31.12
C PRO C 776 18.23 -29.03 32.36
N ASP C 777 18.76 -28.15 33.22
CA ASP C 777 19.46 -28.55 34.45
C ASP C 777 18.57 -29.25 35.52
N ALA C 778 17.27 -29.25 35.31
CA ALA C 778 16.31 -29.79 36.28
C ALA C 778 15.75 -31.18 35.93
N ARG C 779 16.27 -31.81 34.88
CA ARG C 779 15.84 -33.16 34.47
C ARG C 779 16.96 -33.97 33.83
N MET C 780 18.10 -33.99 34.51
CA MET C 780 19.30 -34.61 34.00
C MET C 780 19.69 -35.83 34.81
N ASN C 781 19.42 -35.82 36.10
CA ASN C 781 19.79 -36.93 36.95
C ASN C 781 18.71 -37.41 37.88
N PRO C 782 18.82 -38.67 38.36
CA PRO C 782 17.79 -39.17 39.26
C PRO C 782 17.52 -38.17 40.40
N ASP C 783 18.55 -37.41 40.76
CA ASP C 783 18.48 -36.44 41.85
C ASP C 783 17.70 -35.18 41.54
N ASP C 784 17.58 -34.87 40.25
CA ASP C 784 16.84 -33.69 39.81
C ASP C 784 15.34 -33.78 40.12
N LEU C 785 14.83 -35.01 40.27
CA LEU C 785 13.44 -35.23 40.73
C LEU C 785 13.18 -34.68 42.15
N SER C 786 14.22 -34.64 42.98
CA SER C 786 14.14 -34.09 44.33
C SER C 786 13.63 -32.65 44.27
N LYS C 787 14.04 -31.95 43.23
CA LYS C 787 13.83 -30.51 43.12
C LYS C 787 12.38 -30.07 42.89
N TRP C 788 11.45 -31.02 42.79
CA TRP C 788 10.11 -30.73 42.29
C TRP C 788 8.99 -30.76 43.31
N TYR C 789 8.52 -29.57 43.69
CA TYR C 789 7.58 -29.42 44.81
C TYR C 789 6.13 -29.31 44.36
N VAL C 790 5.37 -30.35 44.62
CA VAL C 790 3.93 -30.35 44.36
C VAL C 790 3.24 -29.44 45.39
N ARG C 791 2.45 -28.48 44.91
CA ARG C 791 1.63 -27.65 45.80
C ARG C 791 0.58 -28.49 46.53
N ASN C 792 0.12 -28.00 47.69
CA ASN C 792 -0.77 -28.74 48.58
C ASN C 792 -2.27 -28.34 48.51
N ASP C 793 -3.12 -29.13 49.18
CA ASP C 793 -4.53 -28.82 49.34
C ASP C 793 -4.72 -27.67 50.35
N LYS C 794 -3.77 -27.54 51.27
CA LYS C 794 -3.70 -26.36 52.13
C LYS C 794 -3.05 -25.19 51.36
N GLY C 795 -1.82 -25.39 50.89
CA GLY C 795 -1.12 -24.38 50.10
C GLY C 795 0.40 -24.47 50.18
N GLU C 796 0.89 -25.54 50.81
CA GLU C 796 2.33 -25.71 51.06
C GLU C 796 3.00 -26.75 50.16
N MET C 797 4.28 -26.51 49.88
CA MET C 797 5.09 -27.33 48.99
C MET C 797 5.48 -28.68 49.59
N VAL C 798 4.72 -29.72 49.29
CA VAL C 798 5.17 -31.08 49.60
C VAL C 798 6.33 -31.43 48.65
N PRO C 799 7.48 -31.84 49.21
CA PRO C 799 8.56 -32.25 48.33
C PRO C 799 8.21 -33.56 47.64
N PHE C 800 8.98 -33.90 46.62
CA PHE C 800 8.76 -35.11 45.83
C PHE C 800 9.41 -36.34 46.47
N ASN C 801 10.02 -36.14 47.65
CA ASN C 801 10.64 -37.22 48.41
C ASN C 801 9.68 -37.82 49.41
N ALA C 802 8.44 -37.32 49.43
CA ALA C 802 7.41 -37.88 50.27
C ALA C 802 6.71 -39.09 49.61
N PHE C 803 7.00 -39.32 48.32
CA PHE C 803 6.31 -40.36 47.53
C PHE C 803 7.15 -40.91 46.34
N ALA C 804 8.48 -40.72 46.40
CA ALA C 804 9.40 -41.10 45.33
C ALA C 804 9.65 -42.61 45.24
N THR C 805 10.90 -42.98 44.90
CA THR C 805 11.48 -44.37 44.78
C THR C 805 11.93 -44.66 43.35
N GLY C 806 13.03 -44.05 42.95
CA GLY C 806 13.61 -44.33 41.65
C GLY C 806 14.45 -45.60 41.66
N LYS C 807 13.84 -46.73 41.32
CA LYS C 807 14.50 -48.02 41.30
C LYS C 807 15.11 -48.36 39.93
N TRP C 808 16.05 -47.53 39.50
CA TRP C 808 16.88 -47.72 38.29
C TRP C 808 16.81 -49.13 37.69
N GLU C 809 15.84 -49.34 36.79
CA GLU C 809 15.52 -50.65 36.20
C GLU C 809 15.89 -50.69 34.73
N TYR C 810 15.57 -51.78 34.03
CA TYR C 810 15.70 -51.78 32.57
C TYR C 810 15.04 -52.85 31.68
N GLY C 811 14.42 -52.35 30.61
CA GLY C 811 13.76 -53.16 29.56
C GLY C 811 14.16 -52.70 28.16
N SER C 812 13.31 -52.95 27.17
CA SER C 812 13.66 -52.76 25.74
C SER C 812 13.28 -51.42 25.10
N PRO C 813 14.18 -50.88 24.23
CA PRO C 813 13.97 -49.59 23.58
C PRO C 813 13.12 -49.70 22.32
N LYS C 814 13.01 -50.90 21.78
CA LYS C 814 12.41 -51.12 20.49
C LYS C 814 12.16 -52.59 20.27
N LEU C 815 11.01 -53.09 20.74
CA LEU C 815 10.50 -54.45 20.42
C LEU C 815 9.87 -54.46 19.03
N GLU C 816 10.39 -55.32 18.18
CA GLU C 816 9.93 -55.47 16.82
C GLU C 816 8.98 -56.66 16.88
N ARG C 817 8.35 -56.98 15.75
CA ARG C 817 7.34 -58.03 15.69
C ARG C 817 7.09 -58.36 14.22
N TYR C 818 6.92 -59.64 13.92
CA TYR C 818 6.80 -60.02 12.52
C TYR C 818 5.87 -61.20 12.37
N ASN C 819 4.75 -60.97 11.68
CA ASN C 819 3.66 -61.96 11.47
C ASN C 819 2.98 -62.52 12.75
N GLY C 820 2.96 -61.70 13.81
CA GLY C 820 2.09 -61.97 14.96
C GLY C 820 2.80 -62.75 16.04
N VAL C 821 4.07 -63.03 15.77
CA VAL C 821 4.99 -63.52 16.76
C VAL C 821 6.01 -62.40 16.99
N PRO C 822 6.66 -62.38 18.18
CA PRO C 822 7.67 -61.31 18.37
C PRO C 822 8.99 -61.63 17.66
N ALA C 823 9.86 -60.65 17.50
CA ALA C 823 10.97 -60.86 16.59
C ALA C 823 12.16 -59.93 16.74
N MET C 824 13.29 -60.37 16.20
CA MET C 824 14.48 -59.54 16.00
C MET C 824 14.96 -59.67 14.57
N GLU C 825 15.39 -58.56 14.00
CA GLU C 825 15.77 -58.56 12.61
C GLU C 825 17.27 -58.39 12.43
N ILE C 826 17.90 -59.39 11.83
CA ILE C 826 19.32 -59.31 11.56
C ILE C 826 19.52 -59.01 10.08
N LEU C 827 20.59 -58.30 9.76
CA LEU C 827 20.92 -58.00 8.37
C LEU C 827 22.19 -58.73 8.00
N GLY C 828 23.12 -58.05 7.34
CA GLY C 828 24.36 -58.67 6.90
C GLY C 828 24.50 -59.03 5.43
N GLU C 829 25.66 -58.73 4.85
CA GLU C 829 25.98 -59.06 3.46
C GLU C 829 26.63 -60.47 3.33
N PRO C 830 27.15 -60.79 2.13
CA PRO C 830 27.96 -62.00 2.02
C PRO C 830 29.45 -61.67 1.82
N ALA C 831 30.33 -62.51 2.41
CA ALA C 831 31.79 -62.31 2.31
C ALA C 831 32.35 -62.34 0.87
N PRO C 832 33.04 -61.26 0.44
CA PRO C 832 33.36 -60.98 -0.96
C PRO C 832 33.65 -62.23 -1.79
N GLY C 833 33.29 -62.16 -3.07
CA GLY C 833 33.44 -63.28 -4.00
C GLY C 833 32.29 -64.26 -3.94
N LEU C 834 31.43 -64.11 -2.95
CA LEU C 834 30.30 -65.00 -2.78
C LEU C 834 29.01 -64.24 -3.09
N SER C 835 27.95 -65.00 -3.32
CA SER C 835 26.66 -64.43 -3.69
C SER C 835 25.71 -64.56 -2.52
N SER C 836 24.71 -63.67 -2.47
CA SER C 836 23.64 -63.72 -1.47
C SER C 836 23.00 -65.11 -1.31
N GLY C 837 22.96 -65.89 -2.38
CA GLY C 837 22.50 -67.27 -2.29
C GLY C 837 23.36 -68.12 -1.39
N ASP C 838 24.68 -67.97 -1.53
CA ASP C 838 25.68 -68.59 -0.65
C ASP C 838 25.42 -68.17 0.79
N ALA C 839 25.48 -66.84 1.01
CA ALA C 839 25.16 -66.22 2.30
C ALA C 839 23.85 -66.78 2.87
N MET C 840 22.83 -66.81 2.03
CA MET C 840 21.51 -67.30 2.41
C MET C 840 21.60 -68.75 2.88
N ALA C 841 22.24 -69.58 2.07
CA ALA C 841 22.42 -71.02 2.39
C ALA C 841 23.16 -71.23 3.71
N ALA C 842 24.26 -70.48 3.87
CA ALA C 842 25.02 -70.41 5.12
C ALA C 842 24.14 -70.14 6.35
N VAL C 843 23.51 -68.98 6.40
CA VAL C 843 22.50 -68.64 7.42
C VAL C 843 21.54 -69.78 7.78
N GLU C 844 21.06 -70.57 6.80
CA GLU C 844 20.12 -71.66 7.14
C GLU C 844 20.70 -72.81 7.95
N GLU C 845 22.02 -72.78 8.13
CA GLU C 845 22.77 -73.72 8.98
C GLU C 845 22.89 -73.15 10.39
N ILE C 846 23.55 -72.00 10.47
CA ILE C 846 23.82 -71.30 11.72
C ILE C 846 22.54 -71.08 12.51
N VAL C 847 21.41 -71.36 11.86
CA VAL C 847 20.08 -71.11 12.39
C VAL C 847 19.40 -72.39 12.91
N LYS C 848 20.06 -73.53 12.73
CA LYS C 848 19.59 -74.81 13.27
C LYS C 848 19.95 -74.86 14.73
N GLN C 849 21.10 -74.25 15.05
CA GLN C 849 21.61 -74.19 16.40
C GLN C 849 20.87 -73.10 17.18
N LEU C 850 19.54 -73.16 17.12
CA LEU C 850 18.69 -72.14 17.72
C LEU C 850 17.64 -72.81 18.59
N PRO C 851 17.66 -72.46 19.89
CA PRO C 851 16.87 -73.11 20.92
C PRO C 851 15.49 -73.43 20.39
N LYS C 852 15.22 -74.70 20.12
CA LYS C 852 14.01 -75.11 19.41
C LYS C 852 12.74 -74.43 19.98
N GLY C 853 11.89 -73.93 19.09
CA GLY C 853 10.82 -73.00 19.45
C GLY C 853 11.18 -71.58 19.06
N VAL C 854 12.28 -71.45 18.32
CA VAL C 854 12.74 -70.20 17.67
C VAL C 854 13.06 -70.50 16.21
N GLY C 855 12.23 -69.96 15.31
CA GLY C 855 12.49 -70.11 13.89
C GLY C 855 13.00 -68.80 13.34
N TYR C 856 12.83 -68.62 12.04
CA TYR C 856 13.16 -67.38 11.36
C TYR C 856 12.23 -67.22 10.19
N SER C 857 12.18 -66.00 9.67
CA SER C 857 11.55 -65.76 8.37
C SER C 857 12.43 -64.83 7.55
N TRP C 858 12.54 -65.13 6.26
CA TRP C 858 13.21 -64.22 5.36
C TRP C 858 12.24 -63.09 5.09
N THR C 859 12.77 -61.90 4.81
CA THR C 859 11.94 -60.75 4.49
C THR C 859 12.70 -59.98 3.43
N GLY C 860 12.06 -58.98 2.82
CA GLY C 860 12.74 -58.03 1.93
C GLY C 860 13.35 -58.72 0.74
N LEU C 861 14.53 -58.23 0.33
CA LEU C 861 15.40 -58.85 -0.69
C LEU C 861 15.54 -60.34 -0.54
N SER C 862 15.67 -60.81 0.70
CA SER C 862 15.77 -62.23 0.89
C SER C 862 14.53 -62.95 0.37
N TYR C 863 13.35 -62.49 0.80
CA TYR C 863 12.07 -63.07 0.41
C TYR C 863 11.93 -62.94 -1.11
N GLU C 864 12.15 -61.73 -1.61
CA GLU C 864 12.11 -61.49 -3.03
C GLU C 864 13.04 -62.45 -3.82
N GLU C 865 14.08 -62.95 -3.15
CA GLU C 865 15.06 -63.85 -3.77
C GLU C 865 14.70 -65.30 -3.60
N ARG C 866 14.29 -65.68 -2.39
CA ARG C 866 13.62 -66.95 -2.12
C ARG C 866 12.56 -67.24 -3.19
N LEU C 867 11.78 -66.21 -3.52
CA LEU C 867 10.63 -66.29 -4.44
C LEU C 867 11.08 -66.33 -5.90
N SER C 868 12.09 -65.52 -6.21
CA SER C 868 12.64 -65.49 -7.57
C SER C 868 13.13 -66.85 -8.00
N GLY C 869 13.70 -67.56 -7.03
CA GLY C 869 14.36 -68.81 -7.27
C GLY C 869 13.36 -69.92 -7.49
N SER C 870 12.22 -69.82 -6.80
CA SER C 870 11.18 -70.87 -6.84
C SER C 870 10.38 -70.91 -8.15
N GLN C 871 10.23 -69.74 -8.79
CA GLN C 871 9.55 -69.62 -10.09
C GLN C 871 10.28 -70.40 -11.18
N ALA C 872 11.54 -70.00 -11.43
CA ALA C 872 12.46 -70.62 -12.42
C ALA C 872 12.12 -72.02 -12.95
N PRO C 873 12.02 -73.04 -12.07
CA PRO C 873 11.65 -74.37 -12.59
C PRO C 873 10.54 -74.29 -13.61
N ALA C 874 9.38 -73.79 -13.16
CA ALA C 874 8.17 -73.60 -13.99
C ALA C 874 8.31 -72.63 -15.19
N LEU C 875 9.00 -71.51 -14.98
CA LEU C 875 9.36 -70.62 -16.07
C LEU C 875 9.88 -71.40 -17.27
N TYR C 876 10.79 -72.35 -17.00
CA TYR C 876 11.49 -73.09 -18.02
C TYR C 876 10.57 -74.11 -18.63
N ALA C 877 9.89 -74.87 -17.78
CA ALA C 877 8.91 -75.86 -18.21
C ALA C 877 7.92 -75.27 -19.20
N LEU C 878 7.24 -74.20 -18.76
CA LEU C 878 6.24 -73.53 -19.56
C LEU C 878 6.83 -72.96 -20.84
N SER C 879 7.88 -72.15 -20.72
CA SER C 879 8.50 -71.62 -21.93
C SER C 879 9.03 -72.73 -22.87
N LEU C 880 9.56 -73.79 -22.30
CA LEU C 880 9.88 -74.95 -23.13
C LEU C 880 8.64 -75.42 -23.88
N LEU C 881 7.55 -75.63 -23.13
CA LEU C 881 6.33 -76.21 -23.69
C LEU C 881 5.71 -75.35 -24.78
N VAL C 882 5.58 -74.06 -24.52
CA VAL C 882 5.02 -73.20 -25.53
C VAL C 882 5.80 -73.38 -26.83
N VAL C 883 7.13 -73.19 -26.77
CA VAL C 883 8.00 -73.37 -27.96
C VAL C 883 7.64 -74.64 -28.75
N PHE C 884 7.60 -75.76 -28.04
CA PHE C 884 7.21 -77.05 -28.61
C PHE C 884 5.93 -77.01 -29.43
N LEU C 885 4.84 -76.57 -28.79
CA LEU C 885 3.50 -76.48 -29.42
C LEU C 885 3.47 -75.53 -30.61
N CYS C 886 4.05 -74.35 -30.46
CA CYS C 886 4.14 -73.40 -31.56
C CYS C 886 4.87 -73.94 -32.78
N LEU C 887 5.77 -74.89 -32.60
CA LEU C 887 6.51 -75.39 -33.73
C LEU C 887 5.66 -76.45 -34.36
N ALA C 888 5.07 -77.28 -33.49
CA ALA C 888 4.09 -78.29 -33.89
C ALA C 888 3.03 -77.66 -34.82
N ALA C 889 2.34 -76.65 -34.29
CA ALA C 889 1.32 -75.90 -35.00
C ALA C 889 1.81 -75.44 -36.33
N LEU C 890 2.93 -74.73 -36.29
CA LEU C 890 3.44 -74.03 -37.44
C LEU C 890 4.00 -74.95 -38.49
N TYR C 891 4.44 -76.15 -38.10
CA TYR C 891 5.11 -77.04 -39.05
C TYR C 891 4.36 -78.33 -39.34
N GLU C 892 3.27 -78.53 -38.62
CA GLU C 892 2.46 -79.73 -38.74
C GLU C 892 3.32 -80.96 -38.52
N SER C 893 4.20 -80.90 -37.54
CA SER C 893 5.08 -82.02 -37.24
C SER C 893 5.18 -82.26 -35.74
N TRP C 894 5.51 -83.48 -35.35
CA TRP C 894 5.90 -83.80 -33.98
C TRP C 894 7.41 -84.01 -33.92
N SER C 895 7.95 -84.63 -34.96
CA SER C 895 9.37 -84.89 -35.01
C SER C 895 10.12 -83.56 -34.93
N ILE C 896 9.81 -82.62 -35.85
CA ILE C 896 10.48 -81.30 -35.91
C ILE C 896 10.58 -80.62 -34.55
N PRO C 897 9.44 -80.46 -33.85
CA PRO C 897 9.54 -80.05 -32.47
C PRO C 897 10.58 -80.84 -31.67
N PHE C 898 10.46 -82.18 -31.59
CA PHE C 898 11.41 -82.99 -30.81
C PHE C 898 12.88 -82.75 -31.22
N SER C 899 13.15 -82.77 -32.52
CA SER C 899 14.45 -82.36 -33.08
C SER C 899 14.99 -81.07 -32.47
N VAL C 900 14.11 -80.12 -32.14
CA VAL C 900 14.61 -78.88 -31.52
C VAL C 900 14.72 -78.90 -29.96
N MET C 901 13.84 -79.63 -29.27
CA MET C 901 13.96 -79.73 -27.81
C MET C 901 15.30 -80.32 -27.46
N LEU C 902 15.61 -81.45 -28.09
CA LEU C 902 16.94 -82.10 -28.03
C LEU C 902 18.07 -81.10 -28.13
N VAL C 903 18.03 -80.21 -29.12
CA VAL C 903 19.05 -79.17 -29.25
C VAL C 903 19.22 -78.15 -28.11
N VAL C 904 18.14 -77.86 -27.35
CA VAL C 904 18.20 -76.84 -26.27
C VAL C 904 19.36 -77.02 -25.28
N PRO C 905 19.58 -78.25 -24.74
CA PRO C 905 20.67 -78.40 -23.75
C PRO C 905 22.06 -77.92 -24.23
N LEU C 906 22.28 -77.93 -25.54
CA LEU C 906 23.54 -77.48 -26.12
C LEU C 906 23.69 -75.94 -26.12
N GLY C 907 22.58 -75.22 -26.04
CA GLY C 907 22.62 -73.77 -25.89
C GLY C 907 22.98 -73.45 -24.44
N VAL C 908 22.49 -74.28 -23.54
CA VAL C 908 22.58 -74.02 -22.11
C VAL C 908 24.01 -74.16 -21.51
N ILE C 909 24.71 -75.28 -21.74
CA ILE C 909 26.10 -75.43 -21.26
C ILE C 909 26.86 -74.17 -21.60
N GLY C 910 26.88 -73.80 -22.89
CA GLY C 910 27.54 -72.56 -23.33
C GLY C 910 27.26 -71.36 -22.45
N ALA C 911 25.99 -71.13 -22.14
CA ALA C 911 25.60 -70.05 -21.23
C ALA C 911 26.06 -70.29 -19.77
N LEU C 912 25.87 -71.50 -19.26
CA LEU C 912 26.39 -71.87 -17.96
C LEU C 912 27.93 -71.76 -17.86
N LEU C 913 28.62 -71.79 -19.00
CA LEU C 913 30.06 -71.63 -19.00
C LEU C 913 30.32 -70.19 -18.78
N ALA C 914 30.35 -69.41 -19.85
CA ALA C 914 30.60 -67.96 -19.72
C ALA C 914 30.13 -67.34 -18.39
N THR C 915 29.09 -67.89 -17.79
CA THR C 915 28.58 -67.39 -16.53
C THR C 915 29.53 -67.74 -15.40
N SER C 916 29.93 -69.01 -15.32
CA SER C 916 30.87 -69.45 -14.27
C SER C 916 32.29 -68.93 -14.53
N MET C 917 32.84 -69.34 -15.67
CA MET C 917 34.03 -68.74 -16.30
C MET C 917 34.20 -67.21 -16.10
N ARG C 918 33.26 -66.55 -15.44
CA ARG C 918 33.27 -65.09 -15.32
C ARG C 918 32.68 -64.67 -13.97
N GLY C 919 32.74 -65.58 -12.99
CA GLY C 919 32.43 -65.25 -11.60
C GLY C 919 30.95 -65.33 -11.34
N LEU C 920 30.23 -64.47 -12.07
CA LEU C 920 28.77 -64.39 -12.14
C LEU C 920 27.92 -65.58 -11.65
N SER C 921 26.72 -65.26 -11.16
CA SER C 921 25.81 -66.26 -10.66
C SER C 921 24.45 -66.27 -11.34
N ASN C 922 23.66 -67.27 -10.96
CA ASN C 922 22.37 -67.56 -11.56
C ASN C 922 21.30 -66.64 -10.92
N ASP C 923 21.20 -65.43 -11.46
CA ASP C 923 20.22 -64.44 -10.98
C ASP C 923 19.09 -64.20 -12.03
N VAL C 924 18.19 -63.25 -11.74
CA VAL C 924 17.08 -62.93 -12.67
C VAL C 924 17.61 -62.53 -14.06
N PHE C 925 18.76 -61.87 -14.10
CA PHE C 925 19.31 -61.54 -15.40
C PHE C 925 19.85 -62.78 -16.11
N PHE C 926 20.24 -63.79 -15.32
CA PHE C 926 20.73 -65.03 -15.86
C PHE C 926 19.54 -65.78 -16.41
N GLN C 927 18.44 -65.81 -15.64
CA GLN C 927 17.18 -66.41 -16.07
C GLN C 927 16.70 -65.84 -17.38
N VAL C 928 16.63 -64.51 -17.50
CA VAL C 928 16.23 -63.92 -18.78
C VAL C 928 17.13 -64.43 -19.89
N GLY C 929 18.44 -64.37 -19.63
CA GLY C 929 19.46 -64.84 -20.56
C GLY C 929 19.34 -66.31 -20.91
N LEU C 930 19.09 -67.12 -19.89
CA LEU C 930 18.94 -68.53 -20.09
C LEU C 930 17.85 -68.84 -21.10
N LEU C 931 16.65 -68.28 -20.94
CA LEU C 931 15.61 -68.60 -21.94
C LEU C 931 15.73 -67.86 -23.26
N THR C 932 16.37 -66.69 -23.24
CA THR C 932 16.78 -66.12 -24.53
C THR C 932 17.77 -67.04 -25.24
N THR C 933 18.54 -67.79 -24.46
CA THR C 933 19.36 -68.87 -25.01
C THR C 933 18.55 -70.00 -25.63
N ILE C 934 17.56 -70.54 -24.90
CA ILE C 934 16.71 -71.60 -25.47
C ILE C 934 15.96 -71.04 -26.67
N GLY C 935 15.74 -69.73 -26.69
CA GLY C 935 15.21 -69.08 -27.86
C GLY C 935 16.14 -69.36 -29.04
N LEU C 936 17.41 -68.94 -28.87
CA LEU C 936 18.43 -68.92 -29.94
C LEU C 936 18.80 -70.29 -30.50
N SER C 937 18.94 -71.27 -29.61
CA SER C 937 18.98 -72.68 -29.97
C SER C 937 18.00 -73.04 -31.09
N ALA C 938 16.70 -72.89 -30.79
CA ALA C 938 15.63 -73.09 -31.77
C ALA C 938 15.77 -72.24 -33.06
N LYS C 939 16.25 -71.01 -32.94
CA LYS C 939 16.38 -70.19 -34.12
C LYS C 939 17.30 -70.91 -35.08
N ASN C 940 18.43 -71.39 -34.55
CA ASN C 940 19.45 -72.02 -35.40
C ASN C 940 18.99 -73.37 -35.89
N ALA C 941 18.36 -74.13 -35.01
CA ALA C 941 17.79 -75.43 -35.38
C ALA C 941 16.76 -75.33 -36.53
N ILE C 942 15.78 -74.42 -36.44
CA ILE C 942 14.71 -74.41 -37.43
C ILE C 942 15.27 -73.96 -38.78
N LEU C 943 16.22 -73.04 -38.72
CA LEU C 943 16.89 -72.59 -39.93
C LEU C 943 17.38 -73.78 -40.81
N ILE C 944 17.86 -74.87 -40.19
CA ILE C 944 18.24 -76.07 -40.93
C ILE C 944 17.25 -77.24 -40.88
N VAL C 945 16.56 -77.41 -39.76
CA VAL C 945 15.62 -78.53 -39.59
C VAL C 945 14.29 -78.43 -40.39
N GLU C 946 13.98 -77.28 -40.95
CA GLU C 946 12.80 -77.15 -41.80
C GLU C 946 13.17 -77.20 -43.27
N PHE C 947 14.26 -76.53 -43.65
CA PHE C 947 14.73 -76.64 -45.03
C PHE C 947 14.97 -78.10 -45.36
N ALA C 948 15.49 -78.83 -44.37
CA ALA C 948 15.70 -80.27 -44.45
C ALA C 948 14.43 -80.92 -44.92
N LYS C 949 13.37 -80.71 -44.14
CA LYS C 949 12.01 -81.23 -44.40
C LYS C 949 11.48 -80.69 -45.73
N GLU C 950 11.80 -79.43 -46.04
CA GLU C 950 11.43 -78.85 -47.31
C GLU C 950 12.05 -79.63 -48.47
N LEU C 951 13.36 -79.87 -48.42
CA LEU C 951 14.02 -80.65 -49.48
C LEU C 951 13.60 -82.11 -49.47
N HIS C 952 13.39 -82.70 -48.30
CA HIS C 952 12.93 -84.07 -48.26
C HIS C 952 11.65 -84.20 -49.09
N GLU C 953 10.66 -83.38 -48.76
CA GLU C 953 9.35 -83.51 -49.37
C GLU C 953 9.40 -83.30 -50.83
N GLN C 954 10.38 -82.59 -51.33
CA GLN C 954 10.51 -82.49 -52.78
C GLN C 954 11.50 -83.49 -53.42
N GLY C 955 11.69 -84.66 -52.83
CA GLY C 955 12.47 -85.69 -53.53
C GLY C 955 13.71 -86.25 -52.85
N LYS C 956 14.34 -85.48 -51.97
CA LYS C 956 15.58 -85.94 -51.33
C LYS C 956 15.29 -86.93 -50.22
N GLY C 957 16.15 -87.94 -50.09
CA GLY C 957 16.02 -88.90 -48.99
C GLY C 957 16.51 -88.28 -47.70
N ILE C 958 15.68 -88.35 -46.65
CA ILE C 958 15.98 -87.81 -45.30
C ILE C 958 17.45 -87.37 -45.06
N VAL C 959 18.41 -88.23 -45.38
CA VAL C 959 19.83 -87.89 -45.21
C VAL C 959 20.33 -86.91 -46.27
N GLU C 960 20.10 -87.26 -47.53
CA GLU C 960 20.49 -86.45 -48.68
C GLU C 960 20.10 -84.98 -48.49
N ALA C 961 18.91 -84.82 -47.91
CA ALA C 961 18.26 -83.52 -47.64
C ALA C 961 18.88 -82.76 -46.47
N ALA C 962 19.23 -83.48 -45.39
CA ALA C 962 19.93 -82.88 -44.25
C ALA C 962 21.27 -82.24 -44.65
N ILE C 963 22.14 -83.02 -45.29
CA ILE C 963 23.41 -82.51 -45.76
C ILE C 963 23.12 -81.22 -46.52
N GLU C 964 22.31 -81.36 -47.56
CA GLU C 964 22.01 -80.30 -48.49
C GLU C 964 21.68 -79.03 -47.72
N ALA C 965 20.65 -79.12 -46.87
CA ALA C 965 20.22 -78.05 -45.99
C ALA C 965 21.39 -77.34 -45.27
N CYS C 966 22.22 -78.12 -44.55
CA CYS C 966 23.41 -77.64 -43.83
C CYS C 966 24.41 -76.89 -44.68
N ARG C 967 24.79 -77.47 -45.82
CA ARG C 967 25.60 -76.74 -46.77
C ARG C 967 24.93 -75.40 -47.05
N MET C 968 23.69 -75.47 -47.55
CA MET C 968 22.96 -74.32 -48.11
C MET C 968 22.53 -73.25 -47.11
N ARG C 969 22.62 -73.57 -45.82
CA ARG C 969 22.17 -72.66 -44.77
C ARG C 969 23.22 -72.41 -43.68
N LEU C 970 24.46 -72.85 -43.91
CA LEU C 970 25.56 -72.63 -42.96
C LEU C 970 25.82 -71.15 -42.90
N ARG C 971 25.96 -70.52 -44.08
CA ARG C 971 26.27 -69.09 -44.15
C ARG C 971 25.36 -68.31 -43.22
N PRO C 972 24.05 -68.26 -43.54
CA PRO C 972 23.14 -67.45 -42.74
C PRO C 972 23.21 -67.81 -41.25
N ILE C 973 23.20 -69.09 -40.90
CA ILE C 973 23.35 -69.48 -39.51
C ILE C 973 24.52 -68.81 -38.78
N VAL C 974 25.77 -68.97 -39.27
CA VAL C 974 26.90 -68.30 -38.60
C VAL C 974 26.78 -66.78 -38.77
N MET C 975 26.44 -66.33 -39.96
CA MET C 975 26.15 -64.90 -40.21
C MET C 975 25.26 -64.20 -39.15
N THR C 976 24.15 -64.83 -38.78
CA THR C 976 23.16 -64.26 -37.86
C THR C 976 23.52 -64.45 -36.40
N SER C 977 24.35 -65.47 -36.15
CA SER C 977 24.77 -65.81 -34.81
C SER C 977 25.93 -64.92 -34.43
N LEU C 978 26.66 -64.47 -35.45
CA LEU C 978 27.79 -63.59 -35.24
C LEU C 978 27.32 -62.20 -34.94
N ALA C 979 26.23 -61.82 -35.59
CA ALA C 979 25.64 -60.50 -35.42
C ALA C 979 24.94 -60.37 -34.05
N PHE C 980 24.44 -61.48 -33.53
CA PHE C 980 23.94 -61.45 -32.19
C PHE C 980 25.08 -61.28 -31.21
N ILE C 981 26.17 -62.03 -31.39
CA ILE C 981 27.32 -62.00 -30.46
C ILE C 981 28.03 -60.64 -30.43
N LEU C 982 28.18 -60.04 -31.59
CA LEU C 982 28.75 -58.70 -31.67
C LEU C 982 27.76 -57.62 -31.21
N GLY C 983 26.46 -57.86 -31.37
CA GLY C 983 25.44 -56.90 -30.91
C GLY C 983 25.28 -56.89 -29.40
N VAL C 984 26.13 -57.65 -28.71
CA VAL C 984 25.97 -57.96 -27.29
C VAL C 984 27.25 -57.67 -26.51
N VAL C 985 28.43 -57.77 -27.15
CA VAL C 985 29.68 -57.43 -26.46
C VAL C 985 29.58 -56.06 -25.78
N PRO C 986 29.00 -55.04 -26.46
CA PRO C 986 28.75 -53.79 -25.74
C PRO C 986 28.17 -53.93 -24.32
N LEU C 987 27.43 -55.01 -24.06
CA LEU C 987 26.86 -55.23 -22.73
C LEU C 987 27.87 -55.85 -21.81
N ALA C 988 28.60 -56.86 -22.31
CA ALA C 988 29.46 -57.74 -21.49
C ALA C 988 30.84 -57.15 -21.14
N ILE C 989 31.20 -56.10 -21.87
CA ILE C 989 32.40 -55.34 -21.67
C ILE C 989 31.98 -53.87 -21.56
N SER C 990 30.90 -53.61 -20.85
CA SER C 990 30.39 -52.24 -20.74
C SER C 990 30.97 -51.70 -19.49
N THR C 991 31.15 -50.40 -19.46
CA THR C 991 31.78 -49.76 -18.31
C THR C 991 31.24 -48.35 -18.05
N GLY C 992 30.53 -48.22 -16.93
CA GLY C 992 29.91 -46.96 -16.54
C GLY C 992 28.84 -47.24 -15.51
N ALA C 993 27.78 -46.43 -15.55
CA ALA C 993 26.57 -46.66 -14.75
C ALA C 993 25.76 -47.91 -15.16
N GLY C 994 25.43 -48.73 -14.17
CA GLY C 994 24.60 -49.91 -14.40
C GLY C 994 25.25 -50.94 -15.29
N SER C 995 26.59 -51.00 -15.24
CA SER C 995 27.35 -52.03 -15.96
C SER C 995 27.29 -53.42 -15.29
N GLY C 996 26.99 -53.47 -13.99
CA GLY C 996 26.79 -54.74 -13.29
C GLY C 996 25.57 -55.51 -13.77
N SER C 997 24.50 -54.77 -14.09
CA SER C 997 23.31 -55.35 -14.69
C SER C 997 23.59 -55.65 -16.16
N GLN C 998 24.06 -54.66 -16.91
CA GLN C 998 24.58 -54.85 -18.28
C GLN C 998 25.47 -56.14 -18.43
N HIS C 999 26.31 -56.45 -17.45
CA HIS C 999 27.14 -57.63 -17.55
C HIS C 999 26.33 -58.90 -17.36
N ALA C 1000 25.42 -58.90 -16.39
CA ALA C 1000 24.69 -60.13 -16.00
C ALA C 1000 23.77 -60.65 -17.09
N ILE C 1001 23.23 -59.73 -17.89
CA ILE C 1001 22.35 -60.13 -18.98
C ILE C 1001 23.14 -60.62 -20.19
N GLY C 1002 24.12 -59.82 -20.61
CA GLY C 1002 25.00 -60.07 -21.77
C GLY C 1002 25.96 -61.27 -21.82
N THR C 1003 26.45 -61.75 -20.66
CA THR C 1003 27.48 -62.79 -20.65
C THR C 1003 26.96 -64.16 -21.04
N GLY C 1004 26.00 -64.67 -20.27
CA GLY C 1004 25.36 -65.95 -20.58
C GLY C 1004 24.90 -66.15 -22.03
N VAL C 1005 24.43 -65.09 -22.67
CA VAL C 1005 23.83 -65.22 -23.98
C VAL C 1005 24.87 -65.29 -25.08
N ILE C 1006 26.07 -64.76 -24.81
CA ILE C 1006 27.22 -65.02 -25.69
C ILE C 1006 27.68 -66.46 -25.44
N GLY C 1007 27.70 -66.84 -24.18
CA GLY C 1007 27.90 -68.23 -23.81
C GLY C 1007 27.00 -69.14 -24.62
N GLY C 1008 25.70 -69.02 -24.37
CA GLY C 1008 24.67 -69.80 -25.07
C GLY C 1008 24.60 -69.68 -26.59
N MET C 1009 24.81 -68.48 -27.13
CA MET C 1009 24.79 -68.35 -28.58
C MET C 1009 25.94 -69.13 -29.22
N VAL C 1010 27.18 -68.70 -28.98
CA VAL C 1010 28.39 -69.44 -29.41
C VAL C 1010 28.17 -70.94 -29.37
N THR C 1011 28.04 -71.46 -28.16
CA THR C 1011 27.92 -72.89 -27.94
C THR C 1011 26.82 -73.60 -28.77
N ALA C 1012 25.78 -72.87 -29.16
CA ALA C 1012 24.71 -73.39 -30.06
C ALA C 1012 24.81 -72.78 -31.47
N THR C 1013 26.04 -72.69 -31.98
CA THR C 1013 26.31 -72.46 -33.40
C THR C 1013 27.37 -73.50 -33.77
N VAL C 1014 28.50 -73.44 -33.11
CA VAL C 1014 29.59 -74.33 -33.41
C VAL C 1014 29.32 -75.76 -32.91
N LEU C 1015 28.35 -75.94 -32.03
CA LEU C 1015 28.00 -77.26 -31.52
C LEU C 1015 26.79 -77.85 -32.22
N ALA C 1016 25.79 -77.00 -32.39
CA ALA C 1016 24.47 -77.40 -32.84
C ALA C 1016 24.53 -77.85 -34.28
N ILE C 1017 25.17 -77.02 -35.10
CA ILE C 1017 25.16 -77.25 -36.53
C ILE C 1017 25.70 -78.63 -36.85
N PHE C 1018 26.22 -79.29 -35.82
CA PHE C 1018 26.63 -80.68 -35.96
C PHE C 1018 25.55 -81.62 -35.52
N TRP C 1019 25.00 -81.35 -34.34
CA TRP C 1019 23.98 -82.23 -33.78
C TRP C 1019 22.57 -82.10 -34.34
N VAL C 1020 22.18 -80.91 -34.82
CA VAL C 1020 20.81 -80.74 -35.31
C VAL C 1020 20.49 -81.75 -36.40
N PRO C 1021 21.33 -81.78 -37.48
CA PRO C 1021 21.11 -82.73 -38.58
C PRO C 1021 20.99 -84.11 -38.00
N LEU C 1022 21.83 -84.42 -37.03
CA LEU C 1022 21.82 -85.74 -36.43
C LEU C 1022 20.45 -86.02 -35.87
N PHE C 1023 19.95 -85.10 -35.05
CA PHE C 1023 18.70 -85.25 -34.34
C PHE C 1023 17.50 -85.40 -35.25
N TYR C 1024 17.52 -84.64 -36.36
CA TYR C 1024 16.47 -84.71 -37.38
C TYR C 1024 16.37 -86.12 -37.96
N VAL C 1025 17.42 -86.55 -38.65
CA VAL C 1025 17.52 -87.90 -39.20
C VAL C 1025 17.42 -88.97 -38.12
N ALA C 1026 18.04 -88.73 -36.96
CA ALA C 1026 17.76 -89.56 -35.78
C ALA C 1026 16.26 -89.66 -35.51
N VAL C 1027 15.57 -88.54 -35.29
CA VAL C 1027 14.14 -88.63 -34.91
C VAL C 1027 13.20 -88.97 -36.08
N SER C 1028 13.48 -88.45 -37.28
CA SER C 1028 12.64 -88.71 -38.44
C SER C 1028 12.60 -90.19 -38.78
N THR C 1029 13.77 -90.78 -39.06
CA THR C 1029 13.84 -92.22 -39.36
C THR C 1029 13.88 -93.01 -38.06
N LEU C 1030 12.80 -92.87 -37.31
CA LEU C 1030 12.52 -93.66 -36.14
C LEU C 1030 11.05 -94.10 -36.25
N MET D 1 0.51 65.30 47.15
CA MET D 1 -0.58 66.11 46.54
C MET D 1 -1.82 65.80 47.35
N SER D 2 -2.99 66.07 46.78
CA SER D 2 -4.25 65.91 47.51
C SER D 2 -4.52 67.16 48.33
N LYS D 3 -3.79 67.39 49.44
CA LYS D 3 -3.94 68.65 50.17
C LYS D 3 -3.76 69.83 49.22
N PHE D 4 -2.83 69.66 48.27
CA PHE D 4 -2.59 70.64 47.23
C PHE D 4 -3.82 70.88 46.39
N PHE D 5 -4.41 69.79 45.88
CA PHE D 5 -5.53 69.91 44.95
C PHE D 5 -6.82 70.23 45.66
N ILE D 6 -6.94 69.80 46.92
CA ILE D 6 -8.10 70.12 47.76
C ILE D 6 -8.27 71.63 47.84
N ASP D 7 -7.15 72.35 47.64
CA ASP D 7 -7.10 73.81 47.67
C ASP D 7 -7.12 74.40 46.29
N ARG D 8 -6.89 73.54 45.29
CA ARG D 8 -6.81 73.97 43.91
C ARG D 8 -7.70 73.09 43.04
N PRO D 9 -9.04 73.24 43.23
CA PRO D 9 -10.06 72.37 42.64
C PRO D 9 -10.12 72.55 41.14
N ILE D 10 -9.74 73.72 40.66
CA ILE D 10 -9.70 73.91 39.21
C ILE D 10 -8.47 73.23 38.61
N PHE D 11 -7.32 73.40 39.22
CA PHE D 11 -6.11 72.67 38.78
C PHE D 11 -6.53 71.21 38.68
N ALA D 12 -7.19 70.71 39.72
CA ALA D 12 -7.68 69.33 39.73
C ALA D 12 -8.47 69.02 38.48
N TRP D 13 -9.43 69.90 38.15
CA TRP D 13 -10.29 69.69 36.98
C TRP D 13 -9.51 69.71 35.68
N VAL D 14 -8.59 70.65 35.58
CA VAL D 14 -7.71 70.73 34.44
C VAL D 14 -7.00 69.39 34.22
N ILE D 15 -6.41 68.79 35.27
CA ILE D 15 -5.77 67.45 35.07
C ILE D 15 -6.79 66.44 34.53
N ALA D 16 -7.97 66.41 35.14
CA ALA D 16 -9.07 65.57 34.68
C ALA D 16 -9.39 65.84 33.21
N LEU D 17 -9.77 67.07 32.87
CA LEU D 17 -10.10 67.38 31.47
C LEU D 17 -9.02 66.93 30.49
N VAL D 18 -7.76 67.18 30.83
CA VAL D 18 -6.65 66.85 29.90
C VAL D 18 -6.51 65.34 29.63
N ILE D 19 -6.47 64.54 30.70
CA ILE D 19 -6.65 63.11 30.61
C ILE D 19 -7.86 62.71 29.73
N MET D 20 -9.02 63.37 29.91
CA MET D 20 -10.21 63.09 29.10
C MET D 20 -10.07 63.56 27.67
N LEU D 21 -9.37 64.67 27.48
CA LEU D 21 -9.13 65.23 26.17
C LEU D 21 -8.26 64.26 25.36
N ALA D 22 -7.28 63.66 26.03
CA ALA D 22 -6.36 62.68 25.43
C ALA D 22 -7.16 61.48 25.07
N GLY D 23 -7.85 60.95 26.06
CA GLY D 23 -8.71 59.80 25.86
C GLY D 23 -9.68 60.08 24.75
N GLY D 24 -10.09 61.35 24.63
CA GLY D 24 -11.07 61.76 23.63
C GLY D 24 -10.57 61.50 22.23
N LEU D 25 -9.58 62.30 21.84
CA LEU D 25 -8.81 62.10 20.63
C LEU D 25 -8.49 60.62 20.29
N SER D 26 -7.97 59.86 21.25
CA SER D 26 -7.58 58.49 20.94
C SER D 26 -8.75 57.62 20.45
N ILE D 27 -9.91 57.67 21.11
CA ILE D 27 -11.14 57.05 20.59
C ILE D 27 -11.40 57.49 19.15
N LEU D 28 -11.36 58.80 18.91
CA LEU D 28 -11.68 59.39 17.61
C LEU D 28 -10.78 58.94 16.48
N SER D 29 -9.71 58.23 16.82
CA SER D 29 -8.77 57.75 15.79
C SER D 29 -8.20 56.34 16.01
N LEU D 30 -8.27 55.80 17.21
CA LEU D 30 -7.80 54.43 17.41
C LEU D 30 -8.55 53.51 16.43
N PRO D 31 -7.79 52.53 15.82
CA PRO D 31 -8.29 51.45 14.98
C PRO D 31 -9.31 50.59 15.73
N VAL D 32 -10.38 50.18 15.05
CA VAL D 32 -11.38 49.37 15.73
C VAL D 32 -11.46 47.96 15.11
N ASN D 33 -11.25 46.95 15.95
CA ASN D 33 -11.20 45.56 15.52
C ASN D 33 -12.14 44.73 16.35
N GLN D 34 -12.51 43.57 15.82
CA GLN D 34 -13.24 42.60 16.61
C GLN D 34 -12.27 42.12 17.68
N TYR D 35 -11.21 41.42 17.23
CA TYR D 35 -10.12 40.97 18.10
C TYR D 35 -8.77 41.56 17.65
N PRO D 36 -7.75 41.52 18.52
CA PRO D 36 -6.40 41.86 18.09
C PRO D 36 -5.89 40.82 17.10
N ALA D 37 -5.04 41.24 16.17
CA ALA D 37 -4.52 40.35 15.13
C ALA D 37 -3.68 39.19 15.64
N ILE D 38 -3.99 37.98 15.21
CA ILE D 38 -3.29 36.82 15.74
C ILE D 38 -2.97 35.77 14.70
N ALA D 39 -3.66 35.80 13.57
CA ALA D 39 -3.35 34.89 12.47
C ALA D 39 -1.94 35.28 12.01
N PRO D 40 -1.16 34.33 11.44
CA PRO D 40 0.20 34.65 10.94
C PRO D 40 0.19 35.21 9.50
N PRO D 41 1.13 36.10 9.14
CA PRO D 41 1.19 36.59 7.74
C PRO D 41 1.47 35.52 6.68
N ALA D 42 0.79 35.60 5.55
CA ALA D 42 1.11 34.72 4.40
C ALA D 42 1.08 35.38 3.01
N ILE D 43 1.89 34.84 2.10
CA ILE D 43 2.00 35.34 0.75
C ILE D 43 1.38 34.25 -0.11
N ALA D 44 0.60 34.64 -1.12
CA ALA D 44 0.10 33.67 -2.10
C ALA D 44 0.45 34.02 -3.55
N VAL D 45 1.11 33.08 -4.21
CA VAL D 45 1.48 33.20 -5.60
C VAL D 45 0.39 32.49 -6.41
N GLN D 46 0.00 33.08 -7.54
CA GLN D 46 -1.20 32.62 -8.24
C GLN D 46 -1.22 32.81 -9.75
N VAL D 47 -1.35 31.71 -10.48
CA VAL D 47 -1.46 31.85 -11.93
C VAL D 47 -2.39 30.81 -12.51
N SER D 48 -3.04 31.18 -13.61
CA SER D 48 -3.80 30.24 -14.42
C SER D 48 -3.03 29.70 -15.62
N TYR D 49 -3.48 28.57 -16.15
CA TYR D 49 -2.82 27.95 -17.29
C TYR D 49 -3.93 27.34 -18.09
N PRO D 50 -4.51 28.09 -19.04
CA PRO D 50 -5.76 27.64 -19.68
C PRO D 50 -5.58 26.34 -20.43
N GLY D 51 -6.47 25.39 -20.17
CA GLY D 51 -6.46 24.09 -20.83
C GLY D 51 -5.78 23.00 -20.04
N ALA D 52 -4.63 23.30 -19.48
CA ALA D 52 -3.86 22.36 -18.66
C ALA D 52 -4.71 21.58 -17.68
N SER D 53 -4.34 20.31 -17.49
CA SER D 53 -4.94 19.45 -16.50
C SER D 53 -4.43 19.85 -15.15
N ALA D 54 -5.01 19.29 -14.09
CA ALA D 54 -4.45 19.48 -12.75
C ALA D 54 -3.03 18.93 -12.65
N GLU D 55 -2.69 17.90 -13.41
CA GLU D 55 -1.36 17.34 -13.28
C GLU D 55 -0.28 18.16 -14.06
N THR D 56 -0.59 18.62 -15.27
CA THR D 56 0.26 19.60 -16.01
C THR D 56 0.67 20.76 -15.10
N VAL D 57 -0.34 21.44 -14.54
CA VAL D 57 -0.16 22.60 -13.65
C VAL D 57 0.75 22.26 -12.46
N GLN D 58 0.54 21.08 -11.86
CA GLN D 58 1.38 20.65 -10.74
C GLN D 58 2.82 20.34 -11.16
N ASP D 59 3.02 19.92 -12.42
CA ASP D 59 4.32 19.45 -12.87
C ASP D 59 5.20 20.47 -13.57
N THR D 60 4.57 21.47 -14.19
CA THR D 60 5.32 22.44 -14.97
C THR D 60 5.23 23.83 -14.37
N VAL D 61 4.32 24.01 -13.41
CA VAL D 61 4.16 25.29 -12.71
C VAL D 61 4.40 25.18 -11.19
N VAL D 62 3.53 24.47 -10.48
CA VAL D 62 3.62 24.37 -9.01
C VAL D 62 4.91 23.74 -8.47
N GLN D 63 5.37 22.65 -9.05
CA GLN D 63 6.60 22.05 -8.58
C GLN D 63 7.85 22.87 -8.85
N VAL D 64 7.87 23.66 -9.91
CA VAL D 64 9.11 24.37 -10.23
C VAL D 64 9.27 25.67 -9.43
N ILE D 65 8.13 26.19 -8.95
CA ILE D 65 8.17 27.28 -8.00
C ILE D 65 8.52 26.73 -6.59
N GLU D 66 7.78 25.74 -6.11
CA GLU D 66 8.02 25.14 -4.79
C GLU D 66 9.48 24.74 -4.51
N GLN D 67 10.20 24.23 -5.52
CA GLN D 67 11.57 23.73 -5.31
C GLN D 67 12.60 24.86 -5.14
N GLN D 68 12.14 26.07 -5.42
CA GLN D 68 12.96 27.24 -5.44
C GLN D 68 12.62 28.12 -4.26
N MET D 69 11.66 27.68 -3.43
CA MET D 69 11.27 28.45 -2.25
C MET D 69 12.43 28.51 -1.29
N ASN D 70 12.53 27.67 -0.26
CA ASN D 70 13.78 27.70 0.57
C ASN D 70 14.60 29.03 0.70
N GLY D 71 15.28 29.23 1.81
CA GLY D 71 16.04 30.47 1.98
C GLY D 71 15.22 31.75 2.16
N ILE D 72 13.92 31.64 2.48
CA ILE D 72 13.13 32.80 2.96
C ILE D 72 12.94 32.81 4.46
N ASP D 73 13.10 33.98 5.06
CA ASP D 73 13.17 34.11 6.52
C ASP D 73 11.82 33.99 7.18
N ASN D 74 11.80 33.28 8.30
CA ASN D 74 10.60 33.09 9.13
C ASN D 74 9.50 32.30 8.49
N LEU D 75 9.91 31.37 7.63
CA LEU D 75 8.98 30.52 6.94
C LEU D 75 8.42 29.43 7.84
N ARG D 76 7.11 29.51 8.12
CA ARG D 76 6.45 28.49 8.90
C ARG D 76 6.23 27.22 8.11
N TYR D 77 5.31 27.27 7.16
CA TYR D 77 5.06 26.14 6.27
C TYR D 77 4.45 26.62 4.94
N ILE D 78 4.44 25.74 3.95
CA ILE D 78 4.03 26.14 2.60
C ILE D 78 3.03 25.13 2.03
N SER D 79 1.98 25.62 1.34
CA SER D 79 0.96 24.75 0.74
C SER D 79 0.57 25.24 -0.66
N SER D 80 0.23 24.32 -1.54
CA SER D 80 -0.14 24.68 -2.88
C SER D 80 -1.27 23.80 -3.33
N GLU D 81 -2.08 24.33 -4.24
CA GLU D 81 -3.21 23.60 -4.84
C GLU D 81 -3.19 23.67 -6.38
N SER D 82 -3.60 22.57 -7.01
CA SER D 82 -3.60 22.42 -8.47
C SER D 82 -4.97 22.01 -9.00
N ASN D 83 -5.58 22.86 -9.83
CA ASN D 83 -6.96 22.67 -10.26
C ASN D 83 -7.19 22.32 -11.73
N SER D 84 -8.12 21.38 -11.94
CA SER D 84 -8.51 20.90 -13.25
C SER D 84 -8.89 22.03 -14.22
N ASP D 85 -9.38 23.16 -13.71
CA ASP D 85 -9.62 24.33 -14.55
C ASP D 85 -8.38 25.20 -14.76
N GLY D 86 -7.20 24.60 -14.58
CA GLY D 86 -5.91 25.17 -15.00
C GLY D 86 -5.18 26.12 -14.06
N SER D 87 -5.79 26.38 -12.91
CA SER D 87 -5.26 27.36 -11.95
C SER D 87 -4.44 26.75 -10.81
N MET D 88 -3.60 27.57 -10.20
CA MET D 88 -2.78 27.10 -9.12
C MET D 88 -2.62 28.21 -8.08
N THR D 89 -2.55 27.82 -6.81
CA THR D 89 -2.13 28.70 -5.72
C THR D 89 -1.01 28.05 -4.89
N ILE D 90 0.10 28.75 -4.75
CA ILE D 90 1.01 28.47 -3.65
C ILE D 90 0.81 29.54 -2.57
N THR D 91 0.65 29.10 -1.33
CA THR D 91 0.54 29.99 -0.21
C THR D 91 1.72 29.63 0.67
N VAL D 92 2.51 30.64 1.00
CA VAL D 92 3.65 30.43 1.88
C VAL D 92 3.40 31.20 3.19
N THR D 93 3.28 30.48 4.29
CA THR D 93 2.87 31.06 5.57
C THR D 93 4.07 31.34 6.48
N PHE D 94 4.06 32.50 7.13
CA PHE D 94 5.22 32.92 7.92
C PHE D 94 4.93 32.94 9.41
N GLU D 95 6.01 33.01 10.20
CA GLU D 95 5.94 33.02 11.64
C GLU D 95 5.25 34.28 12.18
N GLN D 96 4.81 34.23 13.42
CA GLN D 96 4.06 35.34 14.00
C GLN D 96 4.90 36.60 13.92
N GLY D 97 4.24 37.74 13.68
CA GLY D 97 4.95 39.02 13.54
C GLY D 97 6.15 39.05 12.58
N THR D 98 6.07 38.30 11.50
CA THR D 98 6.96 38.49 10.37
C THR D 98 6.49 39.74 9.64
N ASP D 99 7.43 40.51 9.08
CA ASP D 99 7.10 41.72 8.32
C ASP D 99 6.59 41.40 6.89
N PRO D 100 5.26 41.55 6.63
CA PRO D 100 4.64 41.29 5.33
C PRO D 100 5.34 41.95 4.13
N ASP D 101 5.84 43.18 4.29
CA ASP D 101 6.50 43.88 3.22
C ASP D 101 7.61 43.01 2.67
N ILE D 102 8.47 42.56 3.59
CA ILE D 102 9.64 41.74 3.33
C ILE D 102 9.30 40.34 2.96
N ALA D 103 8.52 39.63 3.78
CA ALA D 103 8.00 38.30 3.38
C ALA D 103 7.72 38.21 1.89
N GLN D 104 6.96 39.18 1.37
CA GLN D 104 6.59 39.26 -0.02
C GLN D 104 7.78 39.63 -0.92
N VAL D 105 8.60 40.56 -0.48
CA VAL D 105 9.84 40.86 -1.22
C VAL D 105 10.70 39.61 -1.35
N GLN D 106 10.57 38.71 -0.38
CA GLN D 106 11.43 37.54 -0.33
C GLN D 106 10.86 36.38 -1.12
N VAL D 107 9.55 36.23 -1.07
CA VAL D 107 8.90 35.22 -1.90
C VAL D 107 9.08 35.57 -3.38
N GLN D 108 8.68 36.78 -3.79
CA GLN D 108 8.82 37.11 -5.20
C GLN D 108 10.27 36.90 -5.64
N ASN D 109 11.18 37.43 -4.85
CA ASN D 109 12.58 37.21 -5.13
C ASN D 109 12.98 35.77 -5.48
N LYS D 110 12.44 34.79 -4.75
CA LYS D 110 12.73 33.40 -5.08
C LYS D 110 11.89 32.98 -6.27
N LEU D 111 10.60 33.31 -6.25
CA LEU D 111 9.72 33.05 -7.39
C LEU D 111 10.35 33.50 -8.70
N GLN D 112 11.08 34.59 -8.61
CA GLN D 112 11.70 35.20 -9.75
C GLN D 112 12.63 34.23 -10.48
N LEU D 113 13.67 33.75 -9.81
CA LEU D 113 14.53 32.66 -10.30
C LEU D 113 13.78 31.52 -11.03
N ALA D 114 12.53 31.26 -10.66
CA ALA D 114 11.78 30.17 -11.26
C ALA D 114 11.07 30.57 -12.57
N THR D 115 10.46 31.77 -12.58
CA THR D 115 9.70 32.28 -13.75
C THR D 115 10.26 31.97 -15.14
N PRO D 116 11.58 32.11 -15.35
CA PRO D 116 12.09 31.67 -16.67
C PRO D 116 12.07 30.14 -16.95
N LEU D 117 11.35 29.34 -16.19
CA LEU D 117 11.25 27.92 -16.49
C LEU D 117 9.82 27.50 -16.50
N LEU D 118 8.94 28.45 -16.28
CA LEU D 118 7.50 28.25 -16.46
C LEU D 118 7.17 28.43 -17.95
N PRO D 119 6.36 27.50 -18.51
CA PRO D 119 5.81 27.53 -19.86
C PRO D 119 5.49 28.95 -20.30
N GLN D 120 5.88 29.26 -21.53
CA GLN D 120 5.74 30.62 -22.01
C GLN D 120 4.30 31.14 -21.86
N GLU D 121 3.32 30.25 -22.10
CA GLU D 121 1.89 30.55 -21.96
C GLU D 121 1.40 30.79 -20.52
N VAL D 122 2.20 30.43 -19.51
CA VAL D 122 1.91 30.89 -18.14
C VAL D 122 2.62 32.19 -17.86
N GLN D 123 3.89 32.33 -18.26
CA GLN D 123 4.58 33.59 -18.00
C GLN D 123 3.72 34.69 -18.56
N ARG D 124 3.17 34.45 -19.75
CA ARG D 124 2.34 35.44 -20.40
C ARG D 124 1.02 35.62 -19.64
N GLN D 125 0.58 34.56 -18.96
CA GLN D 125 -0.72 34.55 -18.29
C GLN D 125 -0.88 35.68 -17.26
N GLY D 126 0.14 35.92 -16.44
CA GLY D 126 0.12 37.04 -15.47
C GLY D 126 0.04 36.63 -14.00
N ILE D 127 1.18 36.21 -13.45
CA ILE D 127 1.25 35.65 -12.09
C ILE D 127 0.99 36.70 -11.02
N ARG D 128 0.07 36.46 -10.09
CA ARG D 128 -0.10 37.38 -8.93
C ARG D 128 0.51 36.90 -7.59
N VAL D 129 1.31 37.78 -7.00
CA VAL D 129 1.91 37.59 -5.67
C VAL D 129 1.26 38.62 -4.76
N THR D 130 0.66 38.13 -3.68
CA THR D 130 -0.20 38.95 -2.86
C THR D 130 -0.03 38.65 -1.36
N LYS D 131 -0.08 39.70 -0.52
CA LYS D 131 -0.01 39.52 0.94
C LYS D 131 -1.33 39.73 1.67
N ALA D 132 -2.36 38.97 1.29
CA ALA D 132 -3.70 39.14 1.86
C ALA D 132 -3.92 38.31 3.10
N VAL D 133 -5.05 38.59 3.76
CA VAL D 133 -5.56 37.76 4.85
C VAL D 133 -6.29 36.53 4.26
N LYS D 134 -6.58 35.50 5.08
CA LYS D 134 -7.23 34.29 4.54
C LYS D 134 -8.67 34.48 4.08
N ASN D 135 -9.47 35.15 4.90
CA ASN D 135 -10.89 35.25 4.68
C ASN D 135 -11.31 36.42 3.78
N PHE D 136 -12.49 36.28 3.15
CA PHE D 136 -13.09 37.35 2.36
C PHE D 136 -13.67 38.37 3.31
N LEU D 137 -13.42 39.63 3.02
CA LEU D 137 -13.93 40.74 3.84
C LEU D 137 -15.40 41.02 3.46
N MET D 138 -15.67 40.94 2.16
CA MET D 138 -16.94 41.27 1.57
C MET D 138 -16.92 41.01 0.07
N VAL D 139 -18.12 40.78 -0.47
CA VAL D 139 -18.29 40.75 -1.90
C VAL D 139 -19.04 41.98 -2.35
N VAL D 140 -18.49 42.74 -3.29
CA VAL D 140 -19.27 43.76 -3.96
C VAL D 140 -19.90 43.17 -5.23
N GLY D 141 -21.23 43.07 -5.22
CA GLY D 141 -21.97 42.57 -6.36
C GLY D 141 -22.39 43.69 -7.29
N VAL D 142 -22.62 43.34 -8.54
CA VAL D 142 -23.47 44.14 -9.42
C VAL D 142 -24.57 43.26 -10.01
N VAL D 143 -25.75 43.86 -10.07
CA VAL D 143 -26.95 43.19 -10.53
C VAL D 143 -27.64 44.15 -11.51
N SER D 144 -28.51 43.64 -12.39
CA SER D 144 -29.14 44.47 -13.43
C SER D 144 -30.58 44.80 -13.13
N THR D 145 -30.85 46.09 -12.91
CA THR D 145 -32.19 46.57 -12.48
C THR D 145 -33.37 46.14 -13.40
N ASP D 146 -33.23 46.36 -14.71
CA ASP D 146 -34.27 45.96 -15.66
C ASP D 146 -34.12 44.52 -16.21
N GLY D 147 -32.88 44.06 -16.35
CA GLY D 147 -32.61 42.72 -16.86
C GLY D 147 -32.00 42.73 -18.25
N SER D 148 -31.69 43.92 -18.77
CA SER D 148 -31.07 44.07 -20.10
C SER D 148 -29.65 43.53 -20.15
N MET D 149 -28.88 43.79 -19.09
CA MET D 149 -27.51 43.27 -18.94
C MET D 149 -27.48 41.90 -18.24
N THR D 150 -26.63 41.01 -18.76
CA THR D 150 -26.51 39.64 -18.24
C THR D 150 -25.22 39.41 -17.49
N LYS D 151 -25.08 38.21 -16.91
CA LYS D 151 -23.83 37.78 -16.26
C LYS D 151 -22.60 38.39 -16.93
N GLU D 152 -22.32 37.94 -18.15
CA GLU D 152 -21.10 38.34 -18.84
C GLU D 152 -20.97 39.83 -18.83
N ASP D 153 -22.04 40.54 -19.19
CA ASP D 153 -21.95 42.01 -19.37
C ASP D 153 -21.66 42.74 -18.08
N LEU D 154 -22.37 42.35 -17.01
CA LEU D 154 -22.09 42.79 -15.64
C LEU D 154 -20.63 42.49 -15.28
N SER D 155 -20.32 41.20 -15.23
CA SER D 155 -18.98 40.68 -15.04
C SER D 155 -17.93 41.52 -15.78
N ASN D 156 -18.17 41.82 -17.05
CA ASN D 156 -17.21 42.59 -17.82
C ASN D 156 -17.09 44.01 -17.31
N TYR D 157 -18.20 44.58 -16.83
CA TYR D 157 -18.16 45.93 -16.26
C TYR D 157 -17.32 45.93 -14.97
N ILE D 158 -17.72 45.10 -14.02
CA ILE D 158 -16.95 44.81 -12.83
C ILE D 158 -15.49 44.97 -13.17
N VAL D 159 -15.01 44.15 -14.11
CA VAL D 159 -13.58 44.01 -14.31
C VAL D 159 -12.93 45.26 -14.90
N SER D 160 -13.54 45.86 -15.93
CA SER D 160 -12.89 46.97 -16.67
C SER D 160 -13.05 48.37 -16.07
N ASN D 161 -13.81 48.46 -14.99
CA ASN D 161 -14.04 49.75 -14.29
C ASN D 161 -13.91 49.68 -12.79
N ILE D 162 -14.43 48.63 -12.18
CA ILE D 162 -14.57 48.62 -10.74
C ILE D 162 -13.31 48.03 -10.14
N GLN D 163 -12.77 47.00 -10.80
CA GLN D 163 -11.67 46.24 -10.25
C GLN D 163 -10.35 47.00 -10.17
N ASP D 164 -9.92 47.65 -11.24
CA ASP D 164 -8.72 48.46 -11.16
C ASP D 164 -8.70 49.45 -10.01
N PRO D 165 -9.62 50.45 -9.99
CA PRO D 165 -9.80 51.34 -8.80
C PRO D 165 -9.90 50.65 -7.44
N LEU D 166 -10.37 49.41 -7.44
CA LEU D 166 -10.63 48.70 -6.19
C LEU D 166 -9.36 48.07 -5.66
N SER D 167 -8.51 47.61 -6.57
CA SER D 167 -7.28 46.97 -6.17
C SER D 167 -6.25 48.00 -5.74
N ARG D 168 -6.56 49.27 -5.93
CA ARG D 168 -5.69 50.32 -5.45
C ARG D 168 -6.36 51.12 -4.34
N THR D 169 -7.57 50.72 -3.95
CA THR D 169 -8.21 51.22 -2.73
C THR D 169 -7.35 50.80 -1.54
N LYS D 170 -6.97 51.76 -0.70
CA LYS D 170 -6.17 51.44 0.47
C LYS D 170 -6.75 50.27 1.26
N GLY D 171 -5.87 49.29 1.53
CA GLY D 171 -6.15 48.16 2.40
C GLY D 171 -6.77 46.94 1.75
N VAL D 172 -6.72 46.83 0.42
CA VAL D 172 -7.22 45.58 -0.15
C VAL D 172 -6.06 44.74 -0.59
N GLY D 173 -5.95 43.60 0.05
CA GLY D 173 -4.87 42.70 -0.27
C GLY D 173 -5.06 41.96 -1.58
N ASP D 174 -6.21 41.31 -1.70
CA ASP D 174 -6.54 40.50 -2.86
C ASP D 174 -8.00 40.69 -3.27
N PHE D 175 -8.30 40.17 -4.45
CA PHE D 175 -9.64 40.18 -4.97
C PHE D 175 -9.78 38.97 -5.86
N GLN D 176 -10.90 38.26 -5.69
CA GLN D 176 -11.29 37.29 -6.67
C GLN D 176 -12.51 37.82 -7.34
N VAL D 177 -12.56 37.66 -8.66
CA VAL D 177 -13.74 38.04 -9.45
C VAL D 177 -14.56 36.80 -9.83
N PHE D 178 -15.89 36.88 -9.66
CA PHE D 178 -16.80 35.79 -10.05
C PHE D 178 -17.46 36.05 -11.43
N GLY D 179 -16.76 35.59 -12.47
CA GLY D 179 -16.98 36.01 -13.83
C GLY D 179 -15.66 36.40 -14.48
N SER D 180 -15.73 37.19 -15.54
CA SER D 180 -14.55 37.65 -16.23
C SER D 180 -14.88 38.81 -17.14
N GLN D 181 -13.82 39.44 -17.63
CA GLN D 181 -13.97 40.49 -18.60
C GLN D 181 -14.06 39.83 -19.95
N TYR D 182 -14.56 40.58 -20.94
CA TYR D 182 -14.73 40.06 -22.28
C TYR D 182 -13.39 39.76 -22.90
N SER D 183 -13.40 38.90 -23.90
CA SER D 183 -12.22 38.64 -24.71
C SER D 183 -12.66 38.45 -26.16
N MET D 184 -11.74 38.55 -27.11
CA MET D 184 -12.15 38.18 -28.47
C MET D 184 -12.07 36.67 -28.66
N ARG D 185 -13.26 36.08 -28.70
CA ARG D 185 -13.38 34.66 -28.68
C ARG D 185 -13.60 34.14 -30.08
N ILE D 186 -12.69 33.29 -30.51
CA ILE D 186 -12.71 32.74 -31.86
C ILE D 186 -12.91 31.22 -31.80
N TRP D 187 -13.97 30.76 -32.47
CA TRP D 187 -14.52 29.41 -32.31
C TRP D 187 -14.39 28.49 -33.55
N LEU D 188 -13.25 27.81 -33.65
CA LEU D 188 -12.91 27.01 -34.81
C LEU D 188 -13.89 25.88 -35.13
N ASP D 189 -14.41 25.90 -36.36
CA ASP D 189 -15.16 24.78 -36.91
C ASP D 189 -14.19 23.78 -37.56
N PRO D 190 -14.14 22.53 -37.06
CA PRO D 190 -13.17 21.52 -37.57
C PRO D 190 -13.49 20.98 -38.96
N ALA D 191 -14.78 21.03 -39.32
CA ALA D 191 -15.27 20.69 -40.65
C ALA D 191 -14.93 21.80 -41.63
N LYS D 192 -15.53 22.98 -41.43
CA LYS D 192 -15.19 24.19 -42.22
C LYS D 192 -13.68 24.34 -42.43
N LEU D 193 -12.92 24.15 -41.35
CA LEU D 193 -11.47 24.29 -41.36
C LEU D 193 -10.79 23.15 -42.10
N ASN D 194 -11.49 22.03 -42.24
CA ASN D 194 -11.00 20.92 -43.06
C ASN D 194 -11.05 21.23 -44.55
N SER D 195 -12.21 21.75 -44.98
CA SER D 195 -12.44 22.20 -46.34
C SER D 195 -11.20 22.84 -46.92
N TYR D 196 -10.86 24.04 -46.45
CA TYR D 196 -9.78 24.82 -47.04
C TYR D 196 -8.40 24.35 -46.59
N GLN D 197 -8.33 23.09 -46.14
CA GLN D 197 -7.10 22.42 -45.66
C GLN D 197 -6.34 23.29 -44.67
N LEU D 198 -6.97 23.51 -43.52
CA LEU D 198 -6.43 24.43 -42.54
C LEU D 198 -6.27 23.81 -41.16
N THR D 199 -5.29 24.34 -40.42
CA THR D 199 -5.03 23.98 -39.03
C THR D 199 -5.35 25.13 -38.07
N PRO D 200 -5.68 24.81 -36.81
CA PRO D 200 -5.79 25.87 -35.83
C PRO D 200 -4.48 26.67 -35.71
N GLY D 201 -3.34 26.03 -35.98
CA GLY D 201 -2.07 26.72 -36.02
C GLY D 201 -2.12 27.89 -37.01
N ASP D 202 -2.56 27.61 -38.23
CA ASP D 202 -2.61 28.61 -39.31
C ASP D 202 -3.42 29.84 -38.95
N VAL D 203 -4.61 29.61 -38.40
CA VAL D 203 -5.45 30.68 -37.86
C VAL D 203 -4.70 31.50 -36.81
N SER D 204 -4.08 30.81 -35.84
CA SER D 204 -3.30 31.41 -34.75
C SER D 204 -2.16 32.24 -35.29
N SER D 205 -1.33 31.63 -36.15
CA SER D 205 -0.21 32.32 -36.81
C SER D 205 -0.72 33.53 -37.59
N ALA D 206 -1.94 33.43 -38.12
CA ALA D 206 -2.61 34.53 -38.84
C ALA D 206 -3.02 35.69 -37.91
N ILE D 207 -3.66 35.38 -36.79
CA ILE D 207 -4.08 36.40 -35.82
C ILE D 207 -2.89 37.12 -35.17
N GLN D 208 -1.77 36.39 -35.02
CA GLN D 208 -0.53 36.98 -34.51
C GLN D 208 0.07 37.92 -35.56
N ALA D 209 -0.23 37.65 -36.83
CA ALA D 209 0.38 38.40 -37.92
C ALA D 209 -0.47 39.53 -38.41
N GLN D 210 -1.77 39.51 -38.08
CA GLN D 210 -2.71 40.46 -38.65
C GLN D 210 -3.44 41.33 -37.63
N ASN D 211 -3.36 40.93 -36.37
CA ASN D 211 -3.90 41.73 -35.28
C ASN D 211 -2.77 42.17 -34.37
N VAL D 212 -2.15 43.28 -34.73
CA VAL D 212 -0.88 43.69 -34.21
C VAL D 212 -0.89 45.16 -34.04
N GLN D 213 -0.18 45.62 -33.01
CA GLN D 213 0.24 46.99 -32.92
C GLN D 213 1.70 46.91 -33.29
N ILE D 214 2.09 47.55 -34.39
CA ILE D 214 3.52 47.65 -34.72
C ILE D 214 3.96 49.10 -34.66
N SER D 215 5.26 49.27 -34.44
CA SER D 215 5.88 50.57 -34.41
C SER D 215 6.36 50.91 -35.82
N SER D 216 5.68 51.87 -36.44
CA SER D 216 5.92 52.18 -37.85
C SER D 216 6.80 53.41 -38.06
N GLY D 217 7.53 53.79 -37.03
CA GLY D 217 8.40 54.96 -37.11
C GLY D 217 7.63 56.26 -37.24
N GLN D 218 8.34 57.37 -37.35
CA GLN D 218 7.71 58.67 -37.57
C GLN D 218 8.02 59.12 -39.02
N LEU D 219 7.64 60.34 -39.37
CA LEU D 219 7.75 60.83 -40.74
C LEU D 219 8.98 61.74 -40.73
N GLY D 220 9.02 62.74 -39.84
CA GLY D 220 10.18 63.65 -39.78
C GLY D 220 11.31 63.23 -38.84
N GLY D 221 11.42 61.91 -38.66
CA GLY D 221 12.15 61.31 -37.56
C GLY D 221 13.60 61.67 -37.44
N LEU D 222 14.08 61.71 -36.20
CA LEU D 222 15.49 62.00 -35.89
C LEU D 222 16.41 60.72 -35.88
N PRO D 223 17.70 60.89 -36.24
CA PRO D 223 18.25 62.16 -36.71
C PRO D 223 17.69 62.47 -38.10
N ALA D 224 17.34 63.74 -38.34
CA ALA D 224 16.70 64.17 -39.59
C ALA D 224 17.72 64.70 -40.62
N VAL D 225 17.25 65.10 -41.80
CA VAL D 225 18.14 65.66 -42.85
C VAL D 225 18.44 67.12 -42.57
N LYS D 226 19.64 67.55 -42.94
CA LYS D 226 20.00 68.95 -42.81
C LYS D 226 18.92 69.77 -43.52
N GLY D 227 18.25 70.66 -42.78
CA GLY D 227 17.17 71.49 -43.32
C GLY D 227 15.74 70.96 -43.36
N GLN D 228 15.51 69.72 -42.92
CA GLN D 228 14.14 69.15 -42.87
C GLN D 228 13.11 69.99 -42.07
N GLN D 229 11.84 69.94 -42.49
CA GLN D 229 10.85 70.88 -42.03
C GLN D 229 9.59 70.32 -41.37
N LEU D 230 9.00 69.26 -41.93
CA LEU D 230 7.79 68.61 -41.36
C LEU D 230 8.14 67.37 -40.53
N ASN D 231 7.44 67.19 -39.41
CA ASN D 231 7.56 65.98 -38.58
C ASN D 231 6.21 65.31 -38.27
N ALA D 232 6.14 63.99 -38.38
CA ALA D 232 4.89 63.31 -38.10
C ALA D 232 4.96 61.82 -37.79
N THR D 233 4.24 61.40 -36.74
CA THR D 233 4.01 59.97 -36.47
C THR D 233 3.55 59.29 -37.73
N ILE D 234 4.19 58.17 -38.06
CA ILE D 234 3.64 57.27 -39.06
C ILE D 234 2.80 56.22 -38.34
N ILE D 235 1.50 56.18 -38.62
CA ILE D 235 0.64 55.19 -37.97
C ILE D 235 0.45 53.94 -38.85
N GLY D 236 1.18 52.87 -38.55
CA GLY D 236 1.09 51.65 -39.33
C GLY D 236 -0.03 50.81 -38.80
N LYS D 237 0.12 49.49 -38.97
CA LYS D 237 -0.91 48.53 -38.54
C LYS D 237 -1.30 48.67 -37.07
N THR D 238 -2.60 48.79 -36.79
CA THR D 238 -3.06 48.78 -35.39
C THR D 238 -3.93 47.54 -35.02
N ARG D 239 -4.04 47.28 -33.73
CA ARG D 239 -4.75 46.11 -33.21
C ARG D 239 -6.21 46.26 -33.54
N LEU D 240 -6.86 45.16 -33.91
CA LEU D 240 -8.25 45.20 -34.36
C LEU D 240 -9.11 45.43 -33.13
N GLN D 241 -10.28 46.03 -33.31
CA GLN D 241 -11.09 46.36 -32.15
C GLN D 241 -12.42 45.59 -32.04
N THR D 242 -13.01 45.23 -33.17
CA THR D 242 -14.37 44.64 -33.17
C THR D 242 -14.44 43.36 -33.97
N ALA D 243 -15.51 42.59 -33.74
CA ALA D 243 -15.63 41.25 -34.32
C ALA D 243 -15.51 41.21 -35.85
N GLU D 244 -16.04 42.23 -36.53
CA GLU D 244 -15.98 42.29 -37.99
C GLU D 244 -14.56 42.50 -38.53
N GLN D 245 -13.73 43.23 -37.78
CA GLN D 245 -12.33 43.41 -38.17
C GLN D 245 -11.64 42.06 -38.17
N PHE D 246 -12.00 41.25 -37.17
CA PHE D 246 -11.39 39.94 -36.91
C PHE D 246 -11.80 38.92 -37.97
N GLU D 247 -13.08 38.94 -38.34
CA GLU D 247 -13.60 38.10 -39.42
C GLU D 247 -12.86 38.25 -40.77
N ASN D 248 -12.35 39.45 -41.03
CA ASN D 248 -11.60 39.76 -42.27
C ASN D 248 -10.13 39.39 -42.30
N ILE D 249 -9.70 38.60 -41.33
CA ILE D 249 -8.34 38.08 -41.37
C ILE D 249 -8.26 37.15 -42.58
N LEU D 250 -7.24 37.37 -43.40
CA LEU D 250 -7.00 36.59 -44.61
C LEU D 250 -6.31 35.29 -44.24
N LEU D 251 -7.02 34.17 -44.37
CA LEU D 251 -6.42 32.88 -44.09
C LEU D 251 -5.71 32.34 -45.33
N LYS D 252 -6.48 32.13 -46.40
CA LYS D 252 -5.93 31.58 -47.65
C LYS D 252 -6.37 32.43 -48.84
N VAL D 253 -5.53 32.48 -49.87
CA VAL D 253 -5.96 32.97 -51.19
C VAL D 253 -5.94 31.82 -52.20
N ASN D 254 -7.12 31.50 -52.76
CA ASN D 254 -7.26 30.46 -53.77
C ASN D 254 -6.61 30.86 -55.10
N PRO D 255 -6.12 29.88 -55.91
CA PRO D 255 -5.72 30.28 -57.28
C PRO D 255 -6.92 30.76 -58.13
N ASP D 256 -8.13 30.57 -57.60
CA ASP D 256 -9.40 31.03 -58.19
C ASP D 256 -9.56 32.56 -58.18
N GLY D 257 -8.49 33.28 -57.85
CA GLY D 257 -8.53 34.74 -57.71
C GLY D 257 -9.16 35.24 -56.42
N SER D 258 -9.64 34.33 -55.56
CA SER D 258 -10.36 34.68 -54.34
C SER D 258 -9.53 34.43 -53.08
N GLN D 259 -10.10 34.78 -51.93
CA GLN D 259 -9.44 34.63 -50.64
C GLN D 259 -10.35 33.96 -49.61
N VAL D 260 -9.75 33.18 -48.71
CA VAL D 260 -10.46 32.65 -47.55
C VAL D 260 -10.28 33.56 -46.35
N ARG D 261 -11.41 33.97 -45.77
CA ARG D 261 -11.41 34.87 -44.64
C ARG D 261 -11.57 34.04 -43.37
N LEU D 262 -11.60 34.71 -42.22
CA LEU D 262 -11.72 34.00 -40.96
C LEU D 262 -13.15 33.56 -40.67
N LYS D 263 -14.13 34.39 -41.04
CA LYS D 263 -15.55 34.11 -40.78
C LYS D 263 -16.01 32.76 -41.35
N ASP D 264 -15.30 32.29 -42.38
CA ASP D 264 -15.60 31.03 -43.10
C ASP D 264 -15.28 29.80 -42.24
N VAL D 265 -14.13 29.87 -41.57
CA VAL D 265 -13.52 28.75 -40.85
C VAL D 265 -13.96 28.69 -39.36
N ALA D 266 -14.56 29.78 -38.86
CA ALA D 266 -14.94 29.90 -37.44
C ALA D 266 -15.99 31.00 -37.14
N ASP D 267 -16.68 30.89 -36.00
CA ASP D 267 -17.51 31.98 -35.42
C ASP D 267 -16.63 32.95 -34.66
N VAL D 268 -17.03 34.23 -34.58
CA VAL D 268 -16.20 35.26 -33.93
C VAL D 268 -17.08 36.23 -33.12
N GLY D 269 -16.60 36.58 -31.94
CA GLY D 269 -17.28 37.56 -31.10
C GLY D 269 -16.92 37.48 -29.64
N LEU D 270 -17.06 38.62 -28.97
CA LEU D 270 -16.79 38.82 -27.54
C LEU D 270 -17.50 37.85 -26.61
N GLY D 271 -16.71 37.02 -25.93
CA GLY D 271 -17.20 36.14 -24.86
C GLY D 271 -16.50 36.40 -23.54
N GLY D 272 -16.55 35.42 -22.65
CA GLY D 272 -15.79 35.50 -21.39
C GLY D 272 -14.33 35.19 -21.63
N GLN D 273 -13.45 35.80 -20.83
CA GLN D 273 -12.03 35.47 -20.87
C GLN D 273 -11.78 34.14 -20.18
N ASP D 274 -12.71 33.75 -19.31
CA ASP D 274 -12.71 32.46 -18.64
C ASP D 274 -14.16 32.17 -18.28
N TYR D 275 -14.65 31.00 -18.69
CA TYR D 275 -16.05 30.61 -18.48
C TYR D 275 -16.30 29.86 -17.18
N SER D 276 -15.22 29.60 -16.44
CA SER D 276 -15.20 28.70 -15.26
C SER D 276 -16.07 29.11 -14.07
N ILE D 277 -15.80 30.30 -13.53
CA ILE D 277 -16.50 30.82 -12.33
C ILE D 277 -17.60 31.85 -12.69
N ASN D 278 -18.79 31.66 -12.11
CA ASN D 278 -19.95 32.53 -12.39
C ASN D 278 -20.86 32.59 -11.18
N ALA D 279 -21.66 33.66 -11.11
CA ALA D 279 -22.49 33.86 -9.93
C ALA D 279 -23.87 34.41 -10.17
N GLN D 280 -24.73 34.29 -9.16
CA GLN D 280 -26.06 34.88 -9.19
C GLN D 280 -26.57 35.25 -7.80
N PHE D 281 -27.12 36.45 -7.69
CA PHE D 281 -27.57 37.00 -6.43
C PHE D 281 -29.07 36.82 -6.28
N ASN D 282 -29.50 36.34 -5.12
CA ASN D 282 -30.92 36.02 -4.81
C ASN D 282 -31.64 35.18 -5.88
N GLY D 283 -30.94 34.81 -6.94
CA GLY D 283 -31.55 34.12 -8.07
C GLY D 283 -31.06 34.62 -9.41
N SER D 284 -31.34 35.90 -9.71
CA SER D 284 -31.06 36.50 -11.02
C SER D 284 -29.56 36.70 -11.30
N PRO D 285 -29.20 36.94 -12.58
CA PRO D 285 -27.81 37.18 -13.04
C PRO D 285 -27.01 38.20 -12.21
N ALA D 286 -25.78 37.84 -11.84
CA ALA D 286 -24.92 38.74 -11.06
C ALA D 286 -23.44 38.49 -11.26
N SER D 287 -22.65 39.44 -10.80
CA SER D 287 -21.20 39.33 -10.83
C SER D 287 -20.64 39.96 -9.55
N GLY D 288 -19.42 39.61 -9.21
CA GLY D 288 -18.91 40.07 -7.95
C GLY D 288 -17.41 39.96 -7.80
N ILE D 289 -16.86 40.93 -7.07
CA ILE D 289 -15.53 40.87 -6.59
C ILE D 289 -15.64 40.45 -5.14
N ALA D 290 -15.00 39.33 -4.83
CA ALA D 290 -14.60 39.08 -3.45
C ALA D 290 -13.30 39.89 -3.14
N ILE D 291 -13.30 40.56 -1.99
CA ILE D 291 -12.14 41.31 -1.53
C ILE D 291 -11.47 40.63 -0.34
N LYS D 292 -10.15 40.52 -0.37
CA LYS D 292 -9.44 40.11 0.84
C LYS D 292 -8.67 41.30 1.40
N LEU D 293 -8.72 41.42 2.72
CA LEU D 293 -8.00 42.45 3.43
C LEU D 293 -6.52 42.21 3.27
N ALA D 294 -5.76 43.29 3.32
CA ALA D 294 -4.32 43.13 3.30
C ALA D 294 -3.86 42.83 4.74
N THR D 295 -2.85 41.97 4.94
CA THR D 295 -2.42 41.63 6.32
C THR D 295 -2.13 42.94 7.02
N GLY D 296 -2.61 43.08 8.26
CA GLY D 296 -2.36 44.31 9.02
C GLY D 296 -3.25 45.50 8.66
N ALA D 297 -4.14 45.34 7.68
CA ALA D 297 -5.11 46.38 7.37
C ALA D 297 -6.23 46.33 8.39
N ASN D 298 -7.07 47.35 8.39
CA ASN D 298 -8.18 47.43 9.34
C ASN D 298 -9.45 47.10 8.60
N ALA D 299 -10.20 46.11 9.09
CA ALA D 299 -11.45 45.69 8.42
C ALA D 299 -12.40 46.86 8.22
N LEU D 300 -12.71 47.55 9.32
CA LEU D 300 -13.67 48.64 9.30
C LEU D 300 -13.32 49.80 8.37
N ASP D 301 -12.04 50.08 8.25
CA ASP D 301 -11.56 51.27 7.56
C ASP D 301 -11.55 51.08 6.07
N THR D 302 -11.25 49.87 5.64
CA THR D 302 -11.10 49.64 4.21
C THR D 302 -12.47 49.28 3.66
N ALA D 303 -13.39 48.88 4.54
CA ALA D 303 -14.80 48.85 4.17
C ALA D 303 -15.25 50.28 3.82
N LYS D 304 -15.09 51.20 4.78
CA LYS D 304 -15.28 52.60 4.53
C LYS D 304 -14.76 52.99 3.14
N ALA D 305 -13.51 52.64 2.85
CA ALA D 305 -12.82 53.08 1.62
C ALA D 305 -13.27 52.39 0.35
N ILE D 306 -13.79 51.16 0.40
CA ILE D 306 -14.36 50.62 -0.83
C ILE D 306 -15.75 51.21 -1.07
N ARG D 307 -16.55 51.28 -0.01
CA ARG D 307 -17.82 51.93 -0.08
C ARG D 307 -17.60 53.26 -0.80
N GLN D 308 -16.49 53.91 -0.48
CA GLN D 308 -16.12 55.21 -1.02
C GLN D 308 -15.55 55.18 -2.45
N THR D 309 -15.02 54.03 -2.86
CA THR D 309 -14.47 53.94 -4.21
C THR D 309 -15.60 53.69 -5.20
N ILE D 310 -16.47 52.74 -4.87
CA ILE D 310 -17.62 52.48 -5.71
C ILE D 310 -18.49 53.72 -5.69
N ALA D 311 -18.57 54.38 -4.53
CA ALA D 311 -19.34 55.63 -4.37
C ALA D 311 -19.13 56.69 -5.45
N ASN D 312 -17.95 56.77 -6.05
CA ASN D 312 -17.78 57.75 -7.12
C ASN D 312 -17.48 57.16 -8.47
N LEU D 313 -18.08 56.00 -8.70
CA LEU D 313 -18.04 55.27 -9.97
C LEU D 313 -19.44 55.00 -10.50
N GLU D 314 -20.37 54.87 -9.55
CA GLU D 314 -21.78 54.75 -9.79
C GLU D 314 -22.24 55.80 -10.78
N PRO D 315 -21.89 57.10 -10.57
CA PRO D 315 -22.31 58.08 -11.58
C PRO D 315 -21.68 57.90 -12.99
N PHE D 316 -21.41 56.65 -13.41
CA PHE D 316 -20.85 56.35 -14.73
C PHE D 316 -21.26 54.91 -15.09
N MET D 317 -22.06 54.31 -14.23
CA MET D 317 -22.59 52.96 -14.51
C MET D 317 -23.81 53.04 -15.44
N PRO D 318 -23.93 52.06 -16.37
CA PRO D 318 -25.05 51.95 -17.30
C PRO D 318 -26.41 52.02 -16.63
N GLN D 319 -27.37 52.60 -17.35
CA GLN D 319 -28.68 52.95 -16.82
C GLN D 319 -29.55 51.80 -16.24
N GLY D 320 -29.10 50.57 -16.39
CA GLY D 320 -29.81 49.44 -15.81
C GLY D 320 -28.90 48.63 -14.94
N MET D 321 -28.35 49.26 -13.90
CA MET D 321 -27.33 48.64 -13.05
C MET D 321 -27.21 49.25 -11.66
N LYS D 322 -27.46 48.46 -10.63
CA LYS D 322 -27.26 48.91 -9.25
C LYS D 322 -26.23 48.02 -8.51
N VAL D 323 -25.47 48.64 -7.60
CA VAL D 323 -24.42 47.94 -6.84
C VAL D 323 -24.96 47.34 -5.54
N VAL D 324 -24.46 46.17 -5.16
CA VAL D 324 -24.91 45.47 -3.94
C VAL D 324 -23.79 44.73 -3.17
N TYR D 325 -24.01 44.50 -1.88
CA TYR D 325 -23.04 43.79 -1.06
C TYR D 325 -23.57 42.45 -0.52
N PRO D 326 -23.50 41.40 -1.34
CA PRO D 326 -24.05 40.06 -1.11
C PRO D 326 -23.41 39.32 0.07
N TYR D 327 -22.17 39.72 0.39
CA TYR D 327 -21.43 39.25 1.55
C TYR D 327 -20.68 40.40 2.17
N ASP D 328 -20.74 40.51 3.51
CA ASP D 328 -20.13 41.65 4.21
C ASP D 328 -19.86 41.42 5.69
N THR D 329 -18.59 41.16 5.99
CA THR D 329 -18.12 40.91 7.34
C THR D 329 -18.13 42.11 8.25
N THR D 330 -17.99 43.31 7.70
CA THR D 330 -17.84 44.51 8.55
C THR D 330 -19.06 44.82 9.43
N PRO D 331 -20.29 44.70 8.90
CA PRO D 331 -21.50 44.87 9.72
C PRO D 331 -21.36 44.36 11.15
N VAL D 332 -20.92 43.12 11.31
CA VAL D 332 -20.79 42.53 12.65
C VAL D 332 -19.81 43.21 13.62
N VAL D 333 -18.74 43.82 13.12
CA VAL D 333 -17.82 44.47 14.04
C VAL D 333 -18.43 45.74 14.64
N SER D 334 -18.86 46.68 13.79
CA SER D 334 -19.77 47.78 14.17
C SER D 334 -20.78 47.30 15.21
N ALA D 335 -21.66 46.38 14.78
CA ALA D 335 -22.63 45.74 15.68
C ALA D 335 -22.00 45.28 17.01
N SER D 336 -20.88 44.58 16.91
CA SER D 336 -20.19 44.00 18.06
C SER D 336 -19.77 45.12 19.01
N ILE D 337 -19.06 46.13 18.50
CA ILE D 337 -18.56 47.16 19.41
C ILE D 337 -19.67 48.10 19.84
N HIS D 338 -20.70 48.29 19.00
CA HIS D 338 -21.83 49.15 19.40
C HIS D 338 -22.67 48.48 20.46
N GLU D 339 -22.79 47.16 20.40
CA GLU D 339 -23.51 46.44 21.46
C GLU D 339 -22.75 46.61 22.78
N VAL D 340 -21.42 46.57 22.76
CA VAL D 340 -20.61 46.64 24.00
C VAL D 340 -20.65 48.02 24.60
N VAL D 341 -20.48 49.04 23.76
CA VAL D 341 -20.69 50.43 24.18
C VAL D 341 -22.00 50.52 24.97
N LYS D 342 -23.09 50.07 24.35
CA LYS D 342 -24.37 50.00 25.01
C LYS D 342 -24.25 49.36 26.41
N THR D 343 -23.74 48.14 26.51
CA THR D 343 -23.69 47.51 27.85
C THR D 343 -22.75 48.24 28.81
N LEU D 344 -21.80 49.00 28.27
CA LEU D 344 -20.98 49.88 29.12
C LEU D 344 -21.87 50.90 29.83
N GLY D 345 -22.57 51.74 29.05
CA GLY D 345 -23.58 52.70 29.56
C GLY D 345 -24.59 52.13 30.55
N GLU D 346 -25.09 50.92 30.31
CA GLU D 346 -25.98 50.26 31.26
C GLU D 346 -25.30 50.03 32.59
N ALA D 347 -24.07 49.53 32.57
CA ALA D 347 -23.27 49.31 33.78
C ALA D 347 -23.11 50.61 34.56
N ILE D 348 -22.63 51.67 33.91
CA ILE D 348 -22.45 52.97 34.58
C ILE D 348 -23.77 53.39 35.24
N LEU D 349 -24.86 53.32 34.49
CA LEU D 349 -26.20 53.59 35.01
C LEU D 349 -26.53 52.70 36.23
N LEU D 350 -26.35 51.40 36.07
CA LEU D 350 -26.63 50.41 37.11
C LEU D 350 -25.85 50.73 38.37
N VAL D 351 -24.56 51.03 38.20
CA VAL D 351 -23.61 51.26 39.32
C VAL D 351 -23.93 52.56 40.03
N PHE D 352 -24.17 53.62 39.27
CA PHE D 352 -24.76 54.82 39.83
C PHE D 352 -25.92 54.49 40.82
N LEU D 353 -26.91 53.69 40.39
CA LEU D 353 -28.05 53.30 41.24
C LEU D 353 -27.73 52.51 42.52
N VAL D 354 -27.03 51.38 42.41
CA VAL D 354 -26.62 50.63 43.61
C VAL D 354 -25.70 51.45 44.56
N MET D 355 -24.99 52.43 44.00
CA MET D 355 -24.20 53.36 44.81
C MET D 355 -25.07 54.36 45.52
N TYR D 356 -26.06 54.91 44.81
CA TYR D 356 -27.06 55.76 45.43
C TYR D 356 -27.89 54.99 46.46
N LEU D 357 -28.14 53.70 46.21
CA LEU D 357 -28.91 52.90 47.17
C LEU D 357 -28.28 52.84 48.57
N PHE D 358 -26.95 52.86 48.63
CA PHE D 358 -26.25 52.76 49.90
C PHE D 358 -25.89 54.14 50.43
N LEU D 359 -25.39 55.02 49.56
CA LEU D 359 -24.95 56.35 49.98
C LEU D 359 -26.11 57.30 50.29
N GLN D 360 -27.29 57.00 49.73
CA GLN D 360 -28.53 57.77 49.94
C GLN D 360 -28.36 59.28 49.85
N ASN D 361 -27.88 59.74 48.70
CA ASN D 361 -27.29 61.08 48.54
C ASN D 361 -26.80 61.32 47.11
N PHE D 362 -27.48 62.15 46.30
CA PHE D 362 -26.80 62.67 45.11
C PHE D 362 -25.59 63.38 45.67
N ARG D 363 -24.71 63.93 44.84
CA ARG D 363 -23.47 64.50 45.39
C ARG D 363 -22.57 63.32 45.81
N ALA D 364 -22.70 62.88 47.05
CA ALA D 364 -22.01 61.67 47.50
C ALA D 364 -21.99 60.52 46.45
N THR D 365 -23.06 60.39 45.66
CA THR D 365 -23.15 59.36 44.65
C THR D 365 -22.60 59.93 43.37
N LEU D 366 -22.95 61.19 43.12
CA LEU D 366 -22.54 61.86 41.90
C LEU D 366 -21.03 61.87 41.72
N ILE D 367 -20.27 62.03 42.82
CA ILE D 367 -18.80 62.17 42.72
C ILE D 367 -18.10 60.93 42.13
N PRO D 368 -18.16 59.76 42.80
CA PRO D 368 -17.52 58.53 42.24
C PRO D 368 -17.87 58.20 40.79
N THR D 369 -18.92 58.80 40.26
CA THR D 369 -19.25 58.50 38.88
C THR D 369 -18.56 59.52 37.95
N ILE D 370 -18.42 60.76 38.42
CA ILE D 370 -17.64 61.73 37.66
C ILE D 370 -16.22 61.15 37.49
N ALA D 371 -15.88 60.14 38.32
CA ALA D 371 -14.64 59.30 38.20
C ALA D 371 -14.59 58.36 37.00
N VAL D 372 -15.64 57.55 36.82
CA VAL D 372 -15.87 56.72 35.63
C VAL D 372 -15.51 57.38 34.26
N PRO D 373 -16.21 58.49 33.89
CA PRO D 373 -15.84 59.13 32.62
C PRO D 373 -14.33 59.43 32.49
N VAL D 374 -13.70 59.82 33.60
CA VAL D 374 -12.30 60.26 33.54
C VAL D 374 -11.30 59.11 33.38
N VAL D 375 -11.39 58.13 34.28
CA VAL D 375 -10.50 56.97 34.28
C VAL D 375 -10.63 56.17 33.00
N LEU D 376 -11.88 55.97 32.56
CA LEU D 376 -12.13 55.27 31.31
C LEU D 376 -11.44 55.98 30.12
N LEU D 377 -11.73 57.25 29.94
CA LEU D 377 -11.17 57.99 28.82
C LEU D 377 -9.67 57.99 28.91
N GLY D 378 -9.15 58.16 30.12
CA GLY D 378 -7.72 58.08 30.33
C GLY D 378 -7.18 56.77 29.79
N THR D 379 -7.77 55.66 30.21
CA THR D 379 -7.38 54.37 29.66
C THR D 379 -7.30 54.41 28.14
N PHE D 380 -8.38 54.79 27.45
CA PHE D 380 -8.34 55.01 25.99
C PHE D 380 -7.11 55.75 25.57
N GLY D 381 -6.66 56.69 26.39
CA GLY D 381 -5.39 57.35 26.14
C GLY D 381 -4.24 56.35 26.14
N VAL D 382 -3.95 55.72 27.28
CA VAL D 382 -2.75 54.87 27.42
C VAL D 382 -2.77 53.73 26.39
N LEU D 383 -3.96 53.18 26.10
CA LEU D 383 -4.12 52.18 25.04
C LEU D 383 -3.50 52.69 23.76
N ALA D 384 -3.82 53.94 23.43
CA ALA D 384 -3.27 54.59 22.26
C ALA D 384 -1.75 54.61 22.39
N ALA D 385 -1.26 55.09 23.52
CA ALA D 385 0.16 55.20 23.78
C ALA D 385 0.89 53.87 23.61
N PHE D 386 0.39 52.83 24.26
CA PHE D 386 0.99 51.49 24.19
C PHE D 386 0.62 50.78 22.88
N GLY D 387 0.10 51.54 21.94
CA GLY D 387 -0.20 51.05 20.59
C GLY D 387 -1.16 49.90 20.41
N PHE D 388 -2.28 49.93 21.10
CA PHE D 388 -3.30 48.89 21.00
C PHE D 388 -4.45 49.38 20.14
N SER D 389 -5.59 48.72 20.27
CA SER D 389 -6.78 49.07 19.51
C SER D 389 -8.02 48.90 20.37
N ILE D 390 -9.11 49.52 19.93
CA ILE D 390 -10.41 49.27 20.54
C ILE D 390 -10.92 47.94 19.97
N ASN D 391 -11.17 46.97 20.83
CA ASN D 391 -11.61 45.66 20.37
C ASN D 391 -12.34 44.95 21.49
N THR D 392 -13.05 43.85 21.20
CA THR D 392 -13.81 43.15 22.27
C THR D 392 -13.03 43.01 23.60
N LEU D 393 -11.72 42.78 23.54
CA LEU D 393 -11.00 42.49 24.77
C LEU D 393 -10.53 43.71 25.53
N THR D 394 -10.20 44.79 24.84
CA THR D 394 -9.91 45.99 25.58
C THR D 394 -11.20 46.63 26.10
N MET D 395 -12.24 46.65 25.26
CA MET D 395 -13.58 47.06 25.71
C MET D 395 -14.12 46.32 26.94
N PHE D 396 -13.94 45.00 27.05
CA PHE D 396 -14.31 44.31 28.31
C PHE D 396 -13.47 44.77 29.48
N GLY D 397 -12.24 45.20 29.20
CA GLY D 397 -11.37 45.76 30.23
C GLY D 397 -12.10 46.90 30.89
N MET D 398 -12.62 47.81 30.08
CA MET D 398 -13.32 48.97 30.58
C MET D 398 -14.56 48.58 31.39
N VAL D 399 -15.47 47.83 30.77
CA VAL D 399 -16.74 47.45 31.39
C VAL D 399 -16.55 46.74 32.73
N LEU D 400 -15.54 45.90 32.78
CA LEU D 400 -15.09 45.29 34.01
C LEU D 400 -14.45 46.27 34.98
N ALA D 401 -13.93 47.38 34.48
CA ALA D 401 -13.24 48.27 35.39
C ALA D 401 -14.20 49.25 36.02
N ILE D 402 -15.42 49.37 35.49
CA ILE D 402 -16.39 50.24 36.14
C ILE D 402 -16.65 49.76 37.57
N GLY D 403 -16.87 48.47 37.74
CA GLY D 403 -17.03 47.89 39.08
C GLY D 403 -15.90 48.20 40.04
N LEU D 404 -14.66 47.92 39.63
CA LEU D 404 -13.46 48.15 40.44
C LEU D 404 -13.07 49.64 40.61
N LEU D 405 -13.12 50.40 39.52
CA LEU D 405 -12.65 51.79 39.44
C LEU D 405 -13.23 52.68 40.53
N VAL D 406 -14.54 52.55 40.78
CA VAL D 406 -15.28 53.37 41.75
C VAL D 406 -14.91 53.19 43.22
N ASP D 407 -14.38 52.01 43.59
CA ASP D 407 -14.07 51.68 45.00
C ASP D 407 -13.14 52.69 45.68
N ASP D 408 -12.17 53.21 44.95
CA ASP D 408 -11.23 54.16 45.50
C ASP D 408 -11.89 55.52 45.74
N ALA D 409 -12.62 56.02 44.74
CA ALA D 409 -13.45 57.22 44.86
C ALA D 409 -14.41 57.19 46.05
N ILE D 410 -15.10 56.07 46.25
CA ILE D 410 -15.92 55.88 47.45
C ILE D 410 -15.08 55.85 48.76
N VAL D 411 -14.09 54.98 48.87
CA VAL D 411 -13.30 54.92 50.10
C VAL D 411 -13.03 56.36 50.56
N VAL D 412 -12.76 57.24 49.60
CA VAL D 412 -12.47 58.64 49.88
C VAL D 412 -13.69 59.37 50.46
N VAL D 413 -14.82 59.31 49.75
CA VAL D 413 -16.06 59.98 50.13
C VAL D 413 -16.56 59.44 51.46
N GLU D 414 -16.41 58.14 51.68
CA GLU D 414 -16.78 57.53 52.95
C GLU D 414 -16.03 58.15 54.13
N ASN D 415 -14.73 58.39 53.96
CA ASN D 415 -13.95 59.10 54.96
C ASN D 415 -14.32 60.56 55.20
N VAL D 416 -14.42 61.31 54.13
CA VAL D 416 -14.81 62.70 54.24
C VAL D 416 -16.13 62.79 54.97
N GLU D 417 -17.02 61.83 54.72
CA GLU D 417 -18.28 61.88 55.40
C GLU D 417 -18.14 61.39 56.83
N ARG D 418 -17.27 60.40 57.05
CA ARG D 418 -16.93 59.97 58.42
C ARG D 418 -16.26 61.08 59.26
N VAL D 419 -15.04 61.53 58.93
CA VAL D 419 -14.40 62.53 59.82
C VAL D 419 -15.25 63.80 59.91
N MET D 420 -16.27 63.87 59.06
CA MET D 420 -17.15 65.02 59.00
C MET D 420 -18.13 64.94 60.16
N ALA D 421 -18.47 63.71 60.51
CA ALA D 421 -19.64 63.50 61.27
C ALA D 421 -19.19 63.12 62.64
N GLU D 422 -17.93 62.71 62.70
CA GLU D 422 -17.23 62.42 63.94
C GLU D 422 -16.76 63.71 64.64
N GLU D 423 -16.54 64.76 63.84
CA GLU D 423 -15.93 66.01 64.30
C GLU D 423 -16.65 67.29 63.87
N GLY D 424 -17.65 67.16 63.02
CA GLY D 424 -18.38 68.30 62.54
C GLY D 424 -17.51 69.32 61.83
N LEU D 425 -16.54 68.86 61.04
CA LEU D 425 -15.71 69.79 60.24
C LEU D 425 -16.39 70.03 58.91
N SER D 426 -15.93 71.06 58.21
CA SER D 426 -16.41 71.37 56.88
C SER D 426 -15.92 70.32 55.87
N PRO D 427 -16.63 70.20 54.72
CA PRO D 427 -16.20 69.26 53.72
C PRO D 427 -14.71 69.43 53.43
N ARG D 428 -14.30 70.65 53.06
CA ARG D 428 -12.89 70.99 52.84
C ARG D 428 -12.00 70.42 53.94
N GLU D 429 -12.38 70.66 55.19
CA GLU D 429 -11.50 70.32 56.30
C GLU D 429 -11.49 68.86 56.68
N ALA D 430 -12.64 68.21 56.58
CA ALA D 430 -12.66 66.77 56.79
C ALA D 430 -11.89 66.08 55.64
N ALA D 431 -11.92 66.70 54.45
CA ALA D 431 -11.25 66.15 53.27
C ALA D 431 -9.75 66.23 53.38
N ARG D 432 -9.22 67.34 53.93
CA ARG D 432 -7.76 67.43 54.08
C ARG D 432 -7.25 66.56 55.22
N LYS D 433 -8.04 66.46 56.29
CA LYS D 433 -7.75 65.53 57.39
C LYS D 433 -7.82 64.07 56.95
N SER D 434 -8.80 63.71 56.12
CA SER D 434 -8.97 62.31 55.75
C SER D 434 -7.92 61.80 54.76
N MET D 435 -7.46 62.66 53.86
CA MET D 435 -6.36 62.29 52.95
C MET D 435 -5.02 62.06 53.66
N GLY D 436 -4.88 62.58 54.88
CA GLY D 436 -3.75 62.27 55.76
C GLY D 436 -3.64 60.77 56.05
N GLN D 437 -4.68 60.18 56.64
CA GLN D 437 -4.87 58.72 56.64
C GLN D 437 -5.26 58.31 55.20
N ILE D 438 -5.35 57.02 54.91
CA ILE D 438 -5.91 56.51 53.61
C ILE D 438 -5.16 56.76 52.27
N GLN D 439 -4.51 57.91 52.11
CA GLN D 439 -3.61 58.18 50.95
C GLN D 439 -2.70 56.98 50.72
N GLY D 440 -2.18 56.49 51.84
CA GLY D 440 -1.40 55.27 51.88
C GLY D 440 -2.22 54.10 51.44
N ALA D 441 -3.20 53.71 52.25
CA ALA D 441 -4.05 52.52 51.97
C ALA D 441 -4.42 52.43 50.52
N LEU D 442 -4.92 53.53 49.95
CA LEU D 442 -5.31 53.66 48.53
C LEU D 442 -4.23 53.24 47.53
N VAL D 443 -2.96 53.53 47.83
CA VAL D 443 -1.90 53.14 46.91
C VAL D 443 -1.43 51.73 47.16
N GLY D 444 -1.46 51.31 48.42
CA GLY D 444 -1.13 49.93 48.75
C GLY D 444 -2.11 48.97 48.12
N ILE D 445 -3.41 49.20 48.32
CA ILE D 445 -4.40 48.23 47.88
C ILE D 445 -4.47 48.16 46.36
N ALA D 446 -4.27 49.31 45.70
CA ALA D 446 -4.15 49.36 44.23
C ALA D 446 -2.95 48.56 43.75
N MET D 447 -1.84 48.71 44.48
CA MET D 447 -0.57 48.09 44.15
C MET D 447 -0.58 46.58 44.27
N VAL D 448 -1.27 46.06 45.29
CA VAL D 448 -1.62 44.64 45.32
C VAL D 448 -2.57 44.31 44.15
N LEU D 449 -3.77 44.87 44.18
CA LEU D 449 -4.78 44.52 43.24
C LEU D 449 -4.23 44.49 41.79
N SER D 450 -3.18 45.25 41.51
CA SER D 450 -2.57 45.21 40.17
C SER D 450 -1.75 43.95 39.93
N ALA D 451 -0.90 43.59 40.89
CA ALA D 451 -0.13 42.31 40.89
C ALA D 451 -0.88 41.13 40.30
N VAL D 452 -2.15 40.97 40.67
CA VAL D 452 -3.05 39.97 40.08
C VAL D 452 -3.00 39.92 38.56
N PHE D 453 -3.03 41.09 37.91
CA PHE D 453 -3.19 41.13 36.45
C PHE D 453 -1.86 41.19 35.74
N LEU D 454 -0.83 41.63 36.44
CA LEU D 454 0.42 41.90 35.76
C LEU D 454 1.08 40.73 35.04
N PRO D 455 1.29 39.58 35.72
CA PRO D 455 1.88 38.45 35.01
C PRO D 455 1.15 38.12 33.73
N MET D 456 -0.15 38.41 33.68
CA MET D 456 -1.01 38.18 32.51
C MET D 456 -0.42 38.73 31.21
N ALA D 457 0.17 39.93 31.29
CA ALA D 457 0.81 40.56 30.14
C ALA D 457 1.97 39.74 29.56
N PHE D 458 2.88 39.30 30.43
CA PHE D 458 4.11 38.62 29.99
C PHE D 458 4.00 37.23 29.33
N PHE D 459 2.79 36.78 28.97
CA PHE D 459 2.61 35.45 28.35
C PHE D 459 2.73 35.46 26.82
N GLY D 460 2.88 34.27 26.22
CA GLY D 460 3.28 34.20 24.82
C GLY D 460 2.18 33.68 23.94
N GLY D 461 2.47 33.63 22.63
CA GLY D 461 1.54 33.11 21.62
C GLY D 461 0.24 33.88 21.47
N SER D 462 -0.71 33.28 20.77
CA SER D 462 -1.97 33.95 20.49
C SER D 462 -2.81 34.20 21.73
N THR D 463 -2.74 33.29 22.69
CA THR D 463 -3.31 33.56 24.02
C THR D 463 -2.71 34.83 24.68
N GLY D 464 -1.39 34.95 24.64
CA GLY D 464 -0.66 36.06 25.25
C GLY D 464 -1.19 37.38 24.78
N VAL D 465 -1.39 37.50 23.46
CA VAL D 465 -1.99 38.71 22.88
C VAL D 465 -3.37 38.98 23.45
N ILE D 466 -4.18 37.95 23.64
CA ILE D 466 -5.45 38.16 24.31
C ILE D 466 -5.28 38.63 25.78
N TYR D 467 -4.38 37.99 26.53
CA TYR D 467 -4.20 38.23 27.97
C TYR D 467 -3.63 39.61 28.27
N ARG D 468 -2.58 39.95 27.54
CA ARG D 468 -2.09 41.32 27.48
C ARG D 468 -3.29 41.97 26.89
N GLN D 469 -3.26 43.25 26.60
CA GLN D 469 -4.47 43.83 25.97
C GLN D 469 -5.61 43.85 26.95
N PHE D 470 -5.91 42.71 27.58
CA PHE D 470 -6.82 42.72 28.70
C PHE D 470 -6.20 43.30 29.97
N SER D 471 -5.18 42.61 30.45
CA SER D 471 -4.27 43.23 31.39
C SER D 471 -3.91 44.54 30.73
N ILE D 472 -3.49 45.51 31.52
CA ILE D 472 -3.10 46.84 30.99
C ILE D 472 -4.29 47.75 30.68
N THR D 473 -5.32 47.28 30.00
CA THR D 473 -6.54 48.04 30.10
C THR D 473 -6.91 48.09 31.60
N ILE D 474 -7.01 46.91 32.22
CA ILE D 474 -7.35 46.85 33.64
C ILE D 474 -6.33 47.61 34.46
N VAL D 475 -5.05 47.24 34.38
CA VAL D 475 -4.05 47.87 35.24
C VAL D 475 -3.82 49.37 34.96
N SER D 476 -4.04 49.83 33.73
CA SER D 476 -4.13 51.30 33.49
C SER D 476 -5.32 51.95 34.21
N ALA D 477 -6.51 51.37 34.02
CA ALA D 477 -7.67 51.80 34.74
C ALA D 477 -7.40 51.85 36.24
N MET D 478 -6.68 50.88 36.78
CA MET D 478 -6.44 50.90 38.23
C MET D 478 -5.50 52.03 38.59
N ALA D 479 -4.43 52.16 37.83
CA ALA D 479 -3.44 53.23 38.05
C ALA D 479 -4.17 54.55 38.04
N LEU D 480 -4.84 54.80 36.91
CA LEU D 480 -5.61 55.99 36.72
C LEU D 480 -6.58 56.22 37.88
N SER D 481 -7.29 55.17 38.28
CA SER D 481 -8.29 55.31 39.32
C SER D 481 -7.70 55.87 40.61
N VAL D 482 -6.46 55.53 40.95
CA VAL D 482 -5.88 56.12 42.15
C VAL D 482 -5.46 57.56 41.91
N ILE D 483 -4.74 57.83 40.82
CA ILE D 483 -4.37 59.22 40.57
C ILE D 483 -5.66 60.08 40.53
N VAL D 484 -6.75 59.50 40.06
CA VAL D 484 -8.01 60.22 40.01
C VAL D 484 -8.58 60.41 41.44
N ALA D 485 -8.44 59.38 42.27
CA ALA D 485 -8.90 59.45 43.68
C ALA D 485 -8.01 60.34 44.57
N LEU D 486 -6.76 60.55 44.17
CA LEU D 486 -5.84 61.38 44.92
C LEU D 486 -5.86 62.82 44.45
N ILE D 487 -6.13 63.06 43.17
CA ILE D 487 -6.15 64.42 42.66
C ILE D 487 -7.55 65.06 42.67
N LEU D 488 -8.51 64.41 42.00
CA LEU D 488 -9.87 64.95 41.79
C LEU D 488 -10.88 64.63 42.90
N THR D 489 -10.84 63.40 43.40
CA THR D 489 -11.89 62.99 44.30
C THR D 489 -11.95 63.86 45.57
N PRO D 490 -10.83 63.99 46.29
CA PRO D 490 -10.94 64.82 47.48
C PRO D 490 -11.28 66.29 47.15
N ALA D 491 -11.06 66.71 45.91
CA ALA D 491 -11.29 68.10 45.52
C ALA D 491 -12.76 68.31 45.26
N LEU D 492 -13.39 67.31 44.65
CA LEU D 492 -14.83 67.30 44.58
C LEU D 492 -15.53 67.26 45.97
N CYS D 493 -14.98 66.52 46.94
CA CYS D 493 -15.55 66.51 48.30
C CYS D 493 -15.48 67.89 48.98
N ALA D 494 -14.36 68.56 48.78
CA ALA D 494 -14.12 69.90 49.27
C ALA D 494 -15.26 70.86 48.89
N THR D 495 -15.73 70.72 47.65
CA THR D 495 -16.61 71.69 47.02
C THR D 495 -18.03 71.18 46.81
N MET D 496 -18.31 69.92 47.18
CA MET D 496 -19.57 69.26 46.82
C MET D 496 -20.43 68.73 47.96
N LEU D 497 -19.84 68.08 48.96
CA LEU D 497 -20.65 67.62 50.10
C LEU D 497 -21.21 68.78 50.96
N LYS D 498 -22.13 68.48 51.88
CA LYS D 498 -22.80 69.54 52.65
C LYS D 498 -22.93 69.48 54.24
N PRO D 499 -23.66 68.48 54.84
CA PRO D 499 -23.88 68.63 56.28
C PRO D 499 -22.84 67.90 57.14
N PHE D 512 -38.57 55.69 53.37
CA PHE D 512 -38.47 54.76 52.24
C PHE D 512 -37.01 54.25 52.07
N PHE D 513 -36.04 55.10 52.39
CA PHE D 513 -34.63 54.69 52.57
C PHE D 513 -34.42 54.13 53.96
N GLY D 514 -34.89 54.87 54.97
CA GLY D 514 -34.79 54.47 56.39
C GLY D 514 -35.37 53.10 56.71
N TRP D 515 -36.38 52.70 55.94
CA TRP D 515 -36.83 51.31 55.86
C TRP D 515 -35.61 50.42 55.53
N PHE D 516 -34.88 50.77 54.46
CA PHE D 516 -33.67 50.03 54.03
C PHE D 516 -32.56 49.94 55.08
N ASN D 517 -32.30 51.05 55.78
CA ASN D 517 -31.22 51.12 56.77
C ASN D 517 -31.44 50.27 58.02
N ARG D 518 -32.66 50.32 58.54
CA ARG D 518 -33.08 49.46 59.63
C ARG D 518 -32.95 48.00 59.18
N MET D 519 -33.42 47.75 57.95
CA MET D 519 -33.28 46.47 57.25
C MET D 519 -31.84 45.95 57.16
N PHE D 520 -30.88 46.85 57.02
CA PHE D 520 -29.48 46.46 56.97
C PHE D 520 -28.98 46.30 58.41
N LEU D 521 -29.30 47.30 59.24
CA LEU D 521 -28.92 47.29 60.66
C LEU D 521 -29.29 45.96 61.32
N SER D 522 -30.52 45.52 61.06
CA SER D 522 -30.98 44.23 61.52
C SER D 522 -30.05 43.12 61.03
N THR D 523 -29.99 42.95 59.71
CA THR D 523 -29.18 41.89 59.12
C THR D 523 -27.82 41.88 59.76
N THR D 524 -27.11 42.98 59.59
CA THR D 524 -25.79 43.18 60.17
C THR D 524 -25.66 42.53 61.55
N HIS D 525 -26.66 42.77 62.41
CA HIS D 525 -26.69 42.17 63.75
C HIS D 525 -26.65 40.66 63.69
N GLY D 526 -27.47 40.09 62.81
CA GLY D 526 -27.51 38.64 62.59
C GLY D 526 -26.18 38.10 62.14
N TYR D 527 -25.70 38.64 61.01
CA TYR D 527 -24.36 38.35 60.48
C TYR D 527 -23.35 38.21 61.62
N GLU D 528 -23.24 39.27 62.42
CA GLU D 528 -22.38 39.33 63.61
C GLU D 528 -22.43 38.07 64.46
N ARG D 529 -23.63 37.73 64.96
CA ARG D 529 -23.84 36.52 65.76
C ARG D 529 -23.58 35.27 64.93
N GLY D 530 -23.87 35.36 63.63
CA GLY D 530 -23.57 34.31 62.67
C GLY D 530 -22.06 34.08 62.62
N VAL D 531 -21.30 35.16 62.48
CA VAL D 531 -19.85 35.06 62.57
C VAL D 531 -19.49 34.44 63.93
N ALA D 532 -20.16 34.95 64.98
CA ALA D 532 -19.95 34.47 66.35
C ALA D 532 -20.15 32.94 66.49
N SER D 533 -21.14 32.37 65.79
CA SER D 533 -21.28 30.91 65.72
C SER D 533 -19.97 30.26 65.24
N ILE D 534 -19.49 30.72 64.07
CA ILE D 534 -18.37 30.09 63.38
C ILE D 534 -17.07 30.24 64.18
N LEU D 535 -16.83 31.44 64.68
CA LEU D 535 -15.64 31.69 65.46
C LEU D 535 -15.66 30.83 66.69
N LYS D 536 -16.88 30.62 67.22
CA LYS D 536 -17.12 29.76 68.38
C LYS D 536 -16.71 28.32 68.08
N HIS D 537 -17.20 27.79 66.96
CA HIS D 537 -16.99 26.39 66.59
C HIS D 537 -15.70 26.13 65.81
N ARG D 538 -15.75 26.20 64.48
CA ARG D 538 -14.54 26.10 63.64
C ARG D 538 -14.52 24.81 62.84
N ALA D 539 -14.12 23.73 63.50
CA ALA D 539 -14.12 22.40 62.92
C ALA D 539 -15.04 22.16 61.70
N PRO D 540 -16.39 22.23 61.88
CA PRO D 540 -17.28 21.85 60.75
C PRO D 540 -17.10 22.70 59.46
N TYR D 541 -17.03 24.02 59.65
CA TYR D 541 -16.82 25.02 58.60
C TYR D 541 -15.47 24.89 57.91
N LEU D 542 -14.44 24.90 58.73
CA LEU D 542 -13.07 24.62 58.32
C LEU D 542 -12.92 23.30 57.54
N LEU D 543 -13.89 22.41 57.68
CA LEU D 543 -13.89 21.21 56.85
C LEU D 543 -14.80 21.31 55.63
N ILE D 544 -15.89 22.10 55.77
CA ILE D 544 -16.70 22.51 54.61
C ILE D 544 -15.76 23.09 53.55
N TYR D 545 -14.85 23.96 54.00
CA TYR D 545 -13.84 24.56 53.16
C TYR D 545 -12.97 23.52 52.42
N VAL D 546 -12.51 22.46 53.11
CA VAL D 546 -11.76 21.39 52.44
C VAL D 546 -12.64 20.73 51.40
N VAL D 547 -13.94 20.69 51.66
CA VAL D 547 -14.89 20.17 50.70
C VAL D 547 -14.99 21.06 49.45
N ILE D 548 -15.24 22.36 49.65
CA ILE D 548 -15.27 23.37 48.56
C ILE D 548 -14.01 23.33 47.67
N VAL D 549 -12.83 23.33 48.30
CA VAL D 549 -11.55 23.11 47.63
C VAL D 549 -11.59 21.90 46.70
N ALA D 550 -12.03 20.74 47.21
CA ALA D 550 -12.17 19.53 46.40
C ALA D 550 -13.31 19.68 45.39
N GLY D 551 -14.40 20.32 45.80
CA GLY D 551 -15.52 20.66 44.90
C GLY D 551 -15.14 21.47 43.67
N MET D 552 -14.10 22.29 43.82
CA MET D 552 -13.51 23.10 42.75
C MET D 552 -12.56 22.26 41.87
N ILE D 553 -11.46 21.78 42.43
CA ILE D 553 -10.58 20.84 41.71
C ILE D 553 -11.35 19.97 40.72
N TRP D 554 -12.47 19.45 41.19
CA TRP D 554 -13.15 18.42 40.48
C TRP D 554 -13.97 19.02 39.34
N MET D 555 -14.61 20.15 39.62
CA MET D 555 -15.43 20.81 38.62
C MET D 555 -14.64 21.33 37.44
N PHE D 556 -13.34 21.51 37.62
CA PHE D 556 -12.39 21.92 36.56
C PHE D 556 -12.29 20.86 35.49
N THR D 557 -12.44 19.62 35.92
CA THR D 557 -12.35 18.48 35.04
C THR D 557 -13.70 18.24 34.37
N ARG D 558 -14.73 19.00 34.72
CA ARG D 558 -16.02 18.81 34.09
C ARG D 558 -16.42 19.84 33.00
N ILE D 559 -15.58 20.84 32.75
CA ILE D 559 -15.94 21.88 31.74
C ILE D 559 -14.90 21.87 30.61
N PRO D 560 -15.35 21.89 29.33
CA PRO D 560 -14.34 21.72 28.30
C PRO D 560 -13.52 23.00 28.04
N THR D 561 -12.42 22.79 27.33
CA THR D 561 -11.45 23.80 27.01
C THR D 561 -11.78 24.48 25.68
N ALA D 562 -11.44 25.76 25.57
CA ALA D 562 -11.44 26.45 24.27
C ALA D 562 -10.57 27.69 24.37
N PHE D 563 -10.56 28.48 23.30
CA PHE D 563 -9.90 29.78 23.25
C PHE D 563 -10.81 30.61 22.36
N LEU D 564 -11.86 31.20 22.94
CA LEU D 564 -12.97 31.90 22.19
C LEU D 564 -14.18 31.06 21.74
N PRO D 565 -15.40 31.46 22.18
CA PRO D 565 -16.65 30.84 21.76
C PRO D 565 -16.98 31.17 20.32
N ASP D 566 -17.58 30.23 19.59
CA ASP D 566 -18.07 30.53 18.25
C ASP D 566 -19.11 31.63 18.40
N GLU D 567 -18.83 32.77 17.78
CA GLU D 567 -19.80 33.83 17.74
C GLU D 567 -20.76 33.50 16.62
N ASP D 568 -21.92 34.16 16.64
CA ASP D 568 -22.83 34.09 15.52
C ASP D 568 -22.19 34.79 14.30
N GLN D 569 -22.39 36.10 14.14
CA GLN D 569 -21.70 36.86 13.09
C GLN D 569 -22.53 37.19 11.83
N GLY D 570 -23.73 36.63 11.73
CA GLY D 570 -24.67 36.94 10.64
C GLY D 570 -24.27 36.45 9.27
N VAL D 571 -23.42 35.42 9.21
CA VAL D 571 -22.99 34.82 7.92
C VAL D 571 -22.92 33.29 7.92
N LEU D 572 -23.28 32.70 6.76
CA LEU D 572 -23.24 31.25 6.57
C LEU D 572 -22.63 30.80 5.23
N PHE D 573 -21.90 29.69 5.27
CA PHE D 573 -21.34 29.12 4.06
C PHE D 573 -22.08 27.85 3.66
N ALA D 574 -22.25 27.68 2.34
CA ALA D 574 -22.78 26.45 1.75
C ALA D 574 -21.83 25.89 0.70
N GLN D 575 -21.50 24.60 0.81
CA GLN D 575 -20.58 23.95 -0.10
C GLN D 575 -21.28 22.87 -0.89
N VAL D 576 -21.36 23.06 -2.19
CA VAL D 576 -22.04 22.10 -3.05
C VAL D 576 -20.99 21.24 -3.75
N GLN D 577 -21.22 19.93 -3.73
CA GLN D 577 -20.33 19.00 -4.41
C GLN D 577 -21.08 17.89 -5.16
N THR D 578 -21.54 18.21 -6.37
CA THR D 578 -22.12 17.22 -7.27
C THR D 578 -21.04 16.16 -7.66
N PRO D 579 -21.43 14.86 -7.81
CA PRO D 579 -20.54 13.69 -7.98
C PRO D 579 -19.49 13.79 -9.09
N PRO D 580 -18.35 13.08 -8.95
CA PRO D 580 -17.22 13.31 -9.84
C PRO D 580 -17.60 13.25 -11.33
N GLY D 581 -17.46 14.35 -12.05
CA GLY D 581 -17.70 14.30 -13.48
C GLY D 581 -18.91 15.11 -13.90
N SER D 582 -19.67 15.57 -12.91
CA SER D 582 -20.87 16.38 -13.14
C SER D 582 -20.61 17.60 -14.00
N SER D 583 -21.64 17.95 -14.76
CA SER D 583 -21.59 19.08 -15.66
C SER D 583 -21.96 20.31 -14.88
N ALA D 584 -21.71 21.47 -15.48
CA ALA D 584 -22.07 22.75 -14.91
C ALA D 584 -23.57 22.82 -14.66
N GLU D 585 -24.38 22.30 -15.60
CA GLU D 585 -25.85 22.31 -15.47
C GLU D 585 -26.33 21.50 -14.27
N ARG D 586 -25.70 20.35 -14.07
CA ARG D 586 -26.03 19.46 -12.95
C ARG D 586 -25.84 20.19 -11.59
N THR D 587 -24.74 20.93 -11.47
CA THR D 587 -24.47 21.71 -10.25
C THR D 587 -25.52 22.82 -10.06
N GLN D 588 -25.73 23.60 -11.14
CA GLN D 588 -26.63 24.76 -11.13
C GLN D 588 -27.99 24.44 -10.57
N VAL D 589 -28.53 23.30 -10.99
CA VAL D 589 -29.77 22.79 -10.40
C VAL D 589 -29.65 22.73 -8.87
N VAL D 590 -28.60 22.09 -8.35
CA VAL D 590 -28.47 21.86 -6.91
C VAL D 590 -28.35 23.18 -6.15
N VAL D 591 -27.53 24.07 -6.67
CA VAL D 591 -27.31 25.35 -6.00
C VAL D 591 -28.62 26.14 -5.96
N ASP D 592 -29.47 25.91 -6.98
CA ASP D 592 -30.83 26.47 -7.08
C ASP D 592 -31.80 25.95 -6.00
N SER D 593 -31.96 24.62 -5.91
CA SER D 593 -32.82 24.00 -4.90
C SER D 593 -32.50 24.56 -3.54
N MET D 594 -31.21 24.54 -3.22
CA MET D 594 -30.69 25.04 -1.95
C MET D 594 -31.02 26.52 -1.76
N ARG D 595 -30.60 27.36 -2.72
CA ARG D 595 -30.93 28.79 -2.74
C ARG D 595 -32.43 29.04 -2.51
N GLU D 596 -33.25 28.41 -3.37
CA GLU D 596 -34.69 28.39 -3.23
C GLU D 596 -35.07 28.06 -1.80
N TYR D 597 -34.71 26.85 -1.37
CA TYR D 597 -35.00 26.39 -0.03
C TYR D 597 -34.80 27.51 1.00
N LEU D 598 -33.63 28.13 0.99
CA LEU D 598 -33.24 29.13 1.99
C LEU D 598 -34.10 30.38 1.92
N LEU D 599 -34.26 30.94 0.71
CA LEU D 599 -35.07 32.14 0.51
C LEU D 599 -36.54 31.95 0.85
N GLU D 600 -37.09 30.80 0.45
CA GLU D 600 -38.50 30.50 0.68
C GLU D 600 -38.71 29.92 2.08
N LYS D 601 -38.07 28.81 2.38
CA LYS D 601 -38.28 28.09 3.64
C LYS D 601 -37.66 28.75 4.87
N GLU D 602 -36.64 29.58 4.68
CA GLU D 602 -35.90 30.12 5.81
C GLU D 602 -36.02 31.61 6.02
N SER D 603 -36.57 32.32 5.03
CA SER D 603 -36.65 33.78 5.02
C SER D 603 -36.66 34.45 6.40
N SER D 604 -37.24 33.77 7.42
CA SER D 604 -37.24 34.25 8.80
C SER D 604 -35.86 34.74 9.32
N SER D 605 -34.82 33.94 9.06
CA SER D 605 -33.43 34.29 9.42
C SER D 605 -32.60 34.76 8.23
N VAL D 606 -32.81 34.16 7.05
CA VAL D 606 -32.00 34.43 5.86
C VAL D 606 -32.42 35.69 5.12
N SER D 607 -31.46 36.56 4.86
CA SER D 607 -31.71 37.81 4.19
C SER D 607 -31.36 37.78 2.70
N SER D 608 -30.28 37.09 2.35
CA SER D 608 -29.85 36.97 0.94
C SER D 608 -28.98 35.74 0.72
N VAL D 609 -28.88 35.37 -0.56
CA VAL D 609 -28.06 34.24 -1.03
C VAL D 609 -27.33 34.66 -2.31
N PHE D 610 -26.01 34.76 -2.20
CA PHE D 610 -25.10 34.88 -3.35
C PHE D 610 -24.58 33.48 -3.58
N THR D 611 -24.64 33.00 -4.82
CA THR D 611 -24.37 31.59 -5.14
C THR D 611 -23.34 31.59 -6.22
N VAL D 612 -22.42 30.63 -6.17
CA VAL D 612 -21.30 30.65 -7.11
C VAL D 612 -20.91 29.25 -7.57
N THR D 613 -20.78 29.08 -8.88
CA THR D 613 -20.47 27.79 -9.51
C THR D 613 -19.07 27.83 -10.11
N GLY D 614 -18.40 26.67 -10.11
CA GLY D 614 -17.04 26.55 -10.64
C GLY D 614 -16.01 26.94 -9.61
N PHE D 615 -16.50 27.15 -8.37
CA PHE D 615 -15.69 27.56 -7.22
C PHE D 615 -16.32 27.19 -5.88
N ASN D 616 -15.45 26.76 -4.98
CA ASN D 616 -15.77 26.35 -3.64
C ASN D 616 -14.57 26.74 -2.79
N PHE D 617 -14.68 26.65 -1.47
CA PHE D 617 -13.47 26.71 -0.65
C PHE D 617 -12.73 25.38 -0.73
N ALA D 618 -13.45 24.36 -1.21
CA ALA D 618 -12.96 23.00 -1.32
C ALA D 618 -12.33 22.71 -2.68
N GLY D 619 -12.94 23.22 -3.74
CA GLY D 619 -12.40 23.01 -5.06
C GLY D 619 -12.98 23.88 -6.13
N ARG D 620 -12.82 23.45 -7.38
CA ARG D 620 -13.19 24.27 -8.51
C ARG D 620 -12.95 23.53 -9.82
N GLY D 621 -13.91 23.72 -10.71
CA GLY D 621 -14.18 22.82 -11.81
C GLY D 621 -15.69 22.64 -11.76
N GLN D 622 -16.24 21.82 -12.65
CA GLN D 622 -17.68 21.90 -12.93
C GLN D 622 -18.59 21.45 -11.77
N SER D 623 -18.05 20.52 -10.99
CA SER D 623 -18.77 19.85 -9.90
C SER D 623 -18.85 20.59 -8.55
N SER D 624 -18.23 21.76 -8.45
CA SER D 624 -18.30 22.50 -7.21
C SER D 624 -18.94 23.87 -7.40
N GLY D 625 -19.72 24.26 -6.40
CA GLY D 625 -20.19 25.61 -6.26
C GLY D 625 -20.29 25.86 -4.78
N MET D 626 -20.67 27.07 -4.40
CA MET D 626 -20.99 27.37 -3.00
C MET D 626 -22.00 28.54 -2.83
N ALA D 627 -22.41 28.74 -1.58
CA ALA D 627 -23.32 29.81 -1.21
C ALA D 627 -22.80 30.72 -0.09
N PHE D 628 -22.83 32.02 -0.39
CA PHE D 628 -22.64 33.05 0.59
C PHE D 628 -24.01 33.42 1.13
N ILE D 629 -24.34 32.87 2.28
CA ILE D 629 -25.62 33.12 2.86
C ILE D 629 -25.45 34.26 3.85
N MET D 630 -25.94 35.43 3.47
CA MET D 630 -26.00 36.56 4.38
C MET D 630 -27.27 36.49 5.21
N LEU D 631 -27.13 36.45 6.54
CA LEU D 631 -28.28 36.54 7.44
C LEU D 631 -28.67 38.00 7.60
N LYS D 632 -29.84 38.24 8.19
CA LYS D 632 -30.31 39.60 8.38
C LYS D 632 -29.83 40.14 9.72
N PRO D 633 -29.96 41.47 9.91
CA PRO D 633 -29.63 42.04 11.21
C PRO D 633 -30.17 41.14 12.30
N TRP D 634 -29.47 41.12 13.42
CA TRP D 634 -29.75 40.18 14.48
C TRP D 634 -31.07 40.50 15.16
N GLU D 635 -31.26 41.77 15.50
CA GLU D 635 -32.45 42.21 16.21
C GLU D 635 -33.69 42.13 15.31
N GLU D 636 -33.55 41.46 14.16
CA GLU D 636 -34.70 41.19 13.29
C GLU D 636 -34.93 39.69 13.15
N ARG D 637 -34.10 38.89 13.82
CA ARG D 637 -34.13 37.41 13.74
C ARG D 637 -33.89 36.78 15.13
N PRO D 638 -34.60 37.30 16.16
CA PRO D 638 -34.33 36.88 17.55
C PRO D 638 -34.85 35.47 17.85
N GLY D 639 -34.40 34.89 18.96
CA GLY D 639 -34.77 33.52 19.34
C GLY D 639 -33.78 32.49 18.80
N GLY D 640 -33.38 31.57 19.66
CA GLY D 640 -32.33 30.58 19.36
C GLY D 640 -32.50 29.72 18.11
N GLU D 641 -33.73 29.65 17.62
CA GLU D 641 -34.06 28.95 16.39
C GLU D 641 -33.45 29.66 15.18
N ASN D 642 -33.38 31.00 15.25
CA ASN D 642 -32.87 31.84 14.16
C ASN D 642 -31.38 32.25 14.25
N SER D 643 -30.66 31.63 15.17
CA SER D 643 -29.20 31.75 15.22
C SER D 643 -28.61 30.95 14.07
N VAL D 644 -27.74 31.58 13.30
CA VAL D 644 -26.87 30.87 12.34
C VAL D 644 -26.56 29.39 12.71
N PHE D 645 -26.31 29.08 13.98
CA PHE D 645 -25.94 27.72 14.38
C PHE D 645 -27.06 26.72 14.18
N GLU D 646 -28.27 27.14 14.56
CA GLU D 646 -29.45 26.29 14.45
C GLU D 646 -29.94 26.27 12.99
N LEU D 647 -29.82 27.40 12.29
CA LEU D 647 -30.06 27.50 10.86
C LEU D 647 -29.19 26.52 10.07
N ALA D 648 -27.88 26.63 10.27
CA ALA D 648 -26.91 25.71 9.65
C ALA D 648 -27.22 24.25 10.00
N LYS D 649 -27.50 23.99 11.28
CA LYS D 649 -27.89 22.66 11.74
C LYS D 649 -29.09 22.09 11.00
N ARG D 650 -30.12 22.93 10.89
CA ARG D 650 -31.37 22.61 10.20
C ARG D 650 -31.17 22.29 8.71
N ALA D 651 -30.83 23.27 7.88
CA ALA D 651 -30.55 23.00 6.46
C ALA D 651 -29.46 21.93 6.18
N GLN D 652 -28.71 21.52 7.20
CA GLN D 652 -27.72 20.47 7.01
C GLN D 652 -28.41 19.12 6.91
N MET D 653 -29.52 18.97 7.64
CA MET D 653 -30.37 17.76 7.53
C MET D 653 -31.31 17.87 6.32
N HIS D 654 -31.65 19.08 5.89
CA HIS D 654 -32.47 19.23 4.71
C HIS D 654 -31.79 18.79 3.41
N PHE D 655 -30.47 18.96 3.34
CA PHE D 655 -29.71 18.56 2.14
C PHE D 655 -29.30 17.09 2.19
N PHE D 656 -29.52 16.45 3.34
CA PHE D 656 -29.22 15.01 3.52
C PHE D 656 -30.01 14.15 2.52
N SER D 657 -31.22 14.59 2.21
CA SER D 657 -32.06 13.97 1.18
C SER D 657 -31.45 14.08 -0.22
N PHE D 658 -30.94 15.26 -0.59
CA PHE D 658 -30.29 15.45 -1.89
C PHE D 658 -29.11 14.49 -2.01
N LYS D 659 -29.40 13.20 -2.09
CA LYS D 659 -28.36 12.19 -2.25
C LYS D 659 -27.85 12.17 -3.69
N ASP D 660 -27.98 13.29 -4.38
CA ASP D 660 -27.50 13.45 -5.75
C ASP D 660 -26.37 14.48 -5.78
N ALA D 661 -25.99 14.98 -4.60
CA ALA D 661 -25.01 16.05 -4.45
C ALA D 661 -24.64 16.25 -2.97
N MET D 662 -23.36 16.09 -2.64
CA MET D 662 -22.82 16.34 -1.31
C MET D 662 -22.88 17.82 -0.87
N VAL D 663 -23.83 18.16 0.01
CA VAL D 663 -24.04 19.56 0.43
C VAL D 663 -23.80 19.84 1.92
N PHE D 664 -22.90 20.78 2.19
CA PHE D 664 -22.37 20.98 3.54
C PHE D 664 -22.55 22.45 3.95
N ALA D 665 -22.94 22.69 5.20
CA ALA D 665 -23.14 24.06 5.66
C ALA D 665 -22.38 24.31 6.96
N PHE D 666 -21.80 25.50 7.08
CA PHE D 666 -20.92 25.85 8.21
C PHE D 666 -20.73 27.35 8.28
N ALA D 667 -20.62 27.84 9.51
CA ALA D 667 -20.31 29.24 9.81
C ALA D 667 -18.84 29.32 10.19
N PRO D 668 -18.23 30.51 10.00
CA PRO D 668 -16.79 30.67 10.21
C PRO D 668 -16.47 30.86 11.68
N PRO D 669 -15.19 30.68 12.06
CA PRO D 669 -14.71 30.85 13.44
C PRO D 669 -14.97 32.25 14.01
N SER D 670 -14.76 32.38 15.32
CA SER D 670 -14.93 33.64 16.04
C SER D 670 -14.01 34.72 15.44
N VAL D 671 -12.80 34.31 15.06
CA VAL D 671 -11.85 35.18 14.36
C VAL D 671 -11.67 34.79 12.88
N LEU D 672 -12.27 35.58 11.99
CA LEU D 672 -12.36 35.27 10.54
C LEU D 672 -10.99 35.20 9.88
N GLU D 673 -10.11 36.10 10.33
CA GLU D 673 -8.69 36.15 9.96
C GLU D 673 -7.99 34.77 9.83
N LEU D 674 -8.53 33.76 10.53
CA LEU D 674 -7.83 32.48 10.61
C LEU D 674 -8.60 31.23 10.21
N GLY D 675 -9.35 31.27 9.12
CA GLY D 675 -9.83 30.01 8.59
C GLY D 675 -11.08 29.95 7.74
N ASN D 676 -12.03 30.83 8.01
CA ASN D 676 -13.42 30.66 7.52
C ASN D 676 -14.04 29.22 7.60
N ALA D 677 -13.53 28.43 8.54
CA ALA D 677 -14.16 27.20 9.03
C ALA D 677 -13.53 26.75 10.38
N THR D 678 -14.39 26.41 11.36
CA THR D 678 -13.96 25.94 12.69
C THR D 678 -13.41 24.55 12.66
N GLY D 679 -12.91 24.10 13.80
CA GLY D 679 -12.39 22.75 13.93
C GLY D 679 -10.88 22.65 13.77
N PHE D 680 -10.39 21.43 13.62
CA PHE D 680 -8.98 21.18 13.34
C PHE D 680 -8.71 21.11 11.83
N ASP D 681 -7.43 20.93 11.49
CA ASP D 681 -6.97 21.04 10.11
C ASP D 681 -5.62 20.31 9.90
N LEU D 682 -5.60 19.34 8.99
CA LEU D 682 -4.41 18.55 8.82
C LEU D 682 -4.19 18.04 7.42
N PHE D 683 -2.92 17.95 7.07
CA PHE D 683 -2.51 17.39 5.81
C PHE D 683 -1.89 16.03 6.04
N LEU D 684 -2.38 15.08 5.26
CA LEU D 684 -1.79 13.78 5.11
C LEU D 684 -0.68 13.88 4.05
N GLN D 685 0.49 13.33 4.31
CA GLN D 685 1.58 13.56 3.34
C GLN D 685 2.27 12.31 2.87
N ASP D 686 2.45 12.21 1.56
CA ASP D 686 3.24 11.10 1.02
C ASP D 686 4.75 11.42 1.09
N GLN D 687 5.43 10.86 2.09
CA GLN D 687 6.83 11.18 2.30
C GLN D 687 7.81 10.22 1.69
N ALA D 688 7.40 8.98 1.50
CA ALA D 688 8.33 7.96 1.03
C ALA D 688 8.15 7.64 -0.47
N GLY D 689 7.59 8.60 -1.21
CA GLY D 689 7.29 8.38 -2.62
C GLY D 689 6.29 7.25 -2.96
N VAL D 690 5.37 6.94 -2.04
CA VAL D 690 4.24 6.04 -2.33
C VAL D 690 3.33 6.66 -3.40
N GLY D 691 2.22 6.01 -3.75
CA GLY D 691 1.41 6.54 -4.87
C GLY D 691 0.59 7.79 -4.56
N HIS D 692 0.24 8.56 -5.59
CA HIS D 692 -1.03 9.32 -5.50
C HIS D 692 -2.19 8.42 -5.11
N GLU D 693 -2.02 7.10 -5.29
CA GLU D 693 -3.11 6.15 -5.08
C GLU D 693 -3.14 5.62 -3.68
N VAL D 694 -1.98 5.12 -3.24
CA VAL D 694 -1.77 4.76 -1.83
C VAL D 694 -2.28 5.91 -0.94
N LEU D 695 -1.85 7.15 -1.24
CA LEU D 695 -2.23 8.31 -0.45
C LEU D 695 -3.73 8.45 -0.47
N LEU D 696 -4.35 8.25 -1.62
CA LEU D 696 -5.82 8.28 -1.67
C LEU D 696 -6.57 7.36 -0.69
N GLN D 697 -6.20 6.08 -0.58
CA GLN D 697 -6.93 5.20 0.35
C GLN D 697 -6.56 5.55 1.77
N ALA D 698 -5.28 5.87 2.01
CA ALA D 698 -4.86 6.38 3.33
C ALA D 698 -5.83 7.48 3.82
N ARG D 699 -6.07 8.51 2.98
CA ARG D 699 -7.08 9.54 3.28
C ARG D 699 -8.47 8.90 3.52
N ASN D 700 -8.80 7.88 2.76
CA ASN D 700 -10.07 7.18 2.97
C ASN D 700 -10.13 6.37 4.26
N LYS D 701 -9.20 5.44 4.50
CA LYS D 701 -9.12 4.83 5.83
C LYS D 701 -9.39 5.94 6.82
N PHE D 702 -8.47 6.88 6.94
CA PHE D 702 -8.62 7.95 7.87
C PHE D 702 -10.06 8.48 7.92
N LEU D 703 -10.60 8.92 6.79
CA LEU D 703 -11.97 9.45 6.77
C LEU D 703 -13.05 8.46 7.24
N MET D 704 -12.68 7.17 7.30
CA MET D 704 -13.62 6.08 7.57
C MET D 704 -13.59 5.71 9.05
N LEU D 705 -12.42 5.33 9.56
CA LEU D 705 -12.32 5.11 11.00
C LEU D 705 -12.38 6.40 11.85
N ALA D 706 -12.48 7.56 11.20
CA ALA D 706 -12.68 8.83 11.89
C ALA D 706 -14.16 9.16 11.98
N ALA D 707 -14.90 8.71 10.99
CA ALA D 707 -16.34 8.92 11.00
C ALA D 707 -17.03 7.98 12.02
N GLN D 708 -16.21 7.18 12.70
CA GLN D 708 -16.66 6.29 13.78
C GLN D 708 -16.31 6.83 15.15
N ASN D 709 -15.02 7.14 15.34
CA ASN D 709 -14.46 7.78 16.55
C ASN D 709 -15.44 8.73 17.27
N PRO D 710 -15.74 8.43 18.55
CA PRO D 710 -16.81 9.19 19.21
C PRO D 710 -16.37 10.58 19.66
N ALA D 711 -15.07 10.85 19.50
CA ALA D 711 -14.41 12.12 19.84
C ALA D 711 -14.39 13.16 18.69
N LEU D 712 -14.91 12.80 17.51
CA LEU D 712 -14.91 13.67 16.31
C LEU D 712 -16.31 13.92 15.71
N GLN D 713 -16.38 14.69 14.63
CA GLN D 713 -17.65 15.15 14.06
C GLN D 713 -17.34 15.87 12.77
N ARG D 714 -18.39 16.22 12.01
CA ARG D 714 -18.24 16.70 10.63
C ARG D 714 -16.78 16.64 10.08
N VAL D 715 -16.18 15.45 10.11
CA VAL D 715 -14.81 15.26 9.62
C VAL D 715 -14.83 15.00 8.11
N ARG D 716 -14.00 15.69 7.35
CA ARG D 716 -14.03 15.54 5.88
C ARG D 716 -12.74 15.94 5.15
N PRO D 717 -12.65 15.62 3.85
CA PRO D 717 -11.55 16.15 3.10
C PRO D 717 -11.91 17.55 2.64
N ASN D 718 -10.94 18.46 2.70
CA ASN D 718 -11.05 19.70 1.99
C ASN D 718 -10.41 19.48 0.62
N GLY D 719 -10.44 18.24 0.16
CA GLY D 719 -9.91 17.89 -1.16
C GLY D 719 -11.04 17.57 -2.11
N MET D 720 -10.72 16.85 -3.17
CA MET D 720 -11.71 16.40 -4.12
C MET D 720 -11.49 14.95 -4.49
N SER D 721 -12.57 14.29 -4.91
CA SER D 721 -12.53 12.88 -5.30
C SER D 721 -11.86 12.72 -6.65
N ASP D 722 -11.22 11.57 -6.85
CA ASP D 722 -10.71 11.19 -8.17
C ASP D 722 -11.85 11.07 -9.16
N GLU D 723 -11.52 11.22 -10.45
CA GLU D 723 -12.55 11.15 -11.49
C GLU D 723 -12.13 10.64 -12.91
N PRO D 724 -13.16 10.34 -13.75
CA PRO D 724 -13.00 10.02 -15.15
C PRO D 724 -12.18 11.06 -15.92
N GLN D 725 -10.93 10.70 -16.19
CA GLN D 725 -10.15 11.40 -17.18
C GLN D 725 -10.13 10.58 -18.46
N TYR D 726 -10.23 11.26 -19.61
CA TYR D 726 -10.04 10.61 -20.92
C TYR D 726 -8.58 10.73 -21.37
N LYS D 727 -7.80 9.66 -21.23
CA LYS D 727 -6.44 9.70 -21.74
C LYS D 727 -6.44 9.52 -23.24
N LEU D 728 -5.81 10.47 -23.93
CA LEU D 728 -5.59 10.44 -25.37
C LEU D 728 -4.18 9.87 -25.66
N GLU D 729 -4.13 8.79 -26.43
CA GLU D 729 -2.90 8.10 -26.75
C GLU D 729 -2.57 8.19 -28.25
N ILE D 730 -1.77 9.18 -28.63
CA ILE D 730 -1.28 9.36 -30.01
C ILE D 730 -0.26 8.24 -30.36
N ASP D 731 0.02 8.06 -31.65
CA ASP D 731 0.93 6.98 -32.07
C ASP D 731 2.08 7.50 -32.94
N ASP D 732 3.28 7.47 -32.36
CA ASP D 732 4.50 8.00 -32.98
C ASP D 732 5.00 7.11 -34.12
N GLU D 733 4.28 6.02 -34.34
CA GLU D 733 4.55 5.10 -35.41
C GLU D 733 3.63 5.48 -36.55
N LYS D 734 2.34 5.27 -36.32
CA LYS D 734 1.29 5.62 -37.28
C LYS D 734 1.35 7.06 -37.79
N ALA D 735 1.42 8.02 -36.86
CA ALA D 735 1.39 9.44 -37.23
C ALA D 735 2.63 9.86 -38.01
N SER D 736 3.77 9.22 -37.70
CA SER D 736 5.03 9.52 -38.36
C SER D 736 4.98 9.00 -39.79
N ALA D 737 4.94 7.67 -39.94
CA ALA D 737 4.82 7.04 -41.24
C ALA D 737 3.42 7.31 -41.77
N LEU D 738 3.10 8.59 -41.92
CA LEU D 738 1.80 9.09 -42.41
C LEU D 738 1.98 10.57 -42.69
N GLY D 739 3.22 11.03 -42.49
CA GLY D 739 3.62 12.39 -42.83
C GLY D 739 3.59 13.39 -41.69
N VAL D 740 2.60 13.23 -40.81
CA VAL D 740 2.32 14.17 -39.70
C VAL D 740 3.51 14.27 -38.74
N SER D 741 3.78 15.48 -38.25
CA SER D 741 4.81 15.74 -37.24
C SER D 741 4.12 16.03 -35.92
N LEU D 742 4.61 15.44 -34.84
CA LEU D 742 3.99 15.60 -33.51
C LEU D 742 3.83 17.07 -33.14
N ALA D 743 4.86 17.87 -33.40
CA ALA D 743 4.80 19.31 -33.24
C ALA D 743 3.43 19.88 -33.62
N ASP D 744 2.83 19.34 -34.67
CA ASP D 744 1.51 19.78 -35.16
C ASP D 744 0.33 19.11 -34.46
N ILE D 745 0.56 17.90 -33.95
CA ILE D 745 -0.47 17.14 -33.24
C ILE D 745 -0.78 17.82 -31.92
N ASN D 746 0.26 18.00 -31.11
CA ASN D 746 0.20 18.78 -29.89
C ASN D 746 -0.34 20.16 -30.18
N SER D 747 0.21 20.81 -31.20
CA SER D 747 -0.28 22.11 -31.63
C SER D 747 -1.81 22.11 -31.83
N THR D 748 -2.33 21.10 -32.50
CA THR D 748 -3.77 21.08 -32.78
C THR D 748 -4.57 20.77 -31.53
N VAL D 749 -3.98 19.99 -30.61
CA VAL D 749 -4.62 19.62 -29.36
C VAL D 749 -4.84 20.82 -28.42
N SER D 750 -3.72 21.50 -28.12
CA SER D 750 -3.68 22.66 -27.23
C SER D 750 -4.70 23.68 -27.68
N ILE D 751 -4.64 24.04 -28.97
CA ILE D 751 -5.44 25.14 -29.49
C ILE D 751 -6.91 24.77 -29.58
N ALA D 752 -7.18 23.57 -30.07
CA ALA D 752 -8.54 23.12 -30.33
C ALA D 752 -9.35 22.88 -29.07
N TRP D 753 -8.75 22.16 -28.10
CA TRP D 753 -9.51 21.71 -26.94
C TRP D 753 -9.36 22.54 -25.67
N GLY D 754 -8.18 23.08 -25.44
CA GLY D 754 -7.96 23.84 -24.23
C GLY D 754 -7.42 25.20 -24.54
N SER D 755 -8.33 26.09 -24.96
CA SER D 755 -8.06 27.51 -25.25
C SER D 755 -6.72 27.81 -25.90
N SER D 756 -6.55 29.07 -26.27
CA SER D 756 -5.23 29.60 -26.58
C SER D 756 -5.24 31.08 -26.50
N TYR D 757 -4.29 31.63 -25.75
CA TYR D 757 -4.19 33.06 -25.65
C TYR D 757 -3.27 33.45 -26.81
N VAL D 758 -3.82 34.08 -27.84
CA VAL D 758 -3.04 34.31 -29.07
C VAL D 758 -2.34 35.68 -29.11
N ASN D 759 -3.10 36.73 -28.83
CA ASN D 759 -2.57 38.04 -28.41
C ASN D 759 -3.71 38.90 -27.93
N ASP D 760 -3.43 40.18 -27.69
CA ASP D 760 -4.44 41.09 -27.12
C ASP D 760 -5.11 42.00 -28.14
N PHE D 761 -6.19 42.64 -27.72
CA PHE D 761 -6.76 43.73 -28.49
C PHE D 761 -7.22 44.90 -27.62
N ILE D 762 -8.02 45.78 -28.17
CA ILE D 762 -8.53 46.93 -27.44
C ILE D 762 -10.05 46.82 -27.46
N ASP D 763 -10.72 47.53 -26.55
CA ASP D 763 -12.18 47.46 -26.43
C ASP D 763 -12.71 48.52 -25.45
N ARG D 764 -13.55 49.42 -25.96
CA ARG D 764 -13.85 50.69 -25.28
C ARG D 764 -12.61 51.30 -24.65
N GLY D 765 -11.44 50.91 -25.17
CA GLY D 765 -10.14 51.42 -24.73
C GLY D 765 -9.41 50.67 -23.63
N ARG D 766 -9.54 49.34 -23.60
CA ARG D 766 -8.92 48.55 -22.54
C ARG D 766 -8.27 47.32 -23.13
N VAL D 767 -6.98 47.12 -22.85
CA VAL D 767 -6.26 45.94 -23.33
C VAL D 767 -6.91 44.70 -22.74
N LYS D 768 -7.45 43.85 -23.63
CA LYS D 768 -8.14 42.62 -23.27
C LYS D 768 -7.59 41.55 -24.17
N ARG D 769 -8.09 40.33 -24.05
CA ARG D 769 -7.38 39.20 -24.66
C ARG D 769 -8.13 38.53 -25.79
N VAL D 770 -7.40 37.98 -26.77
CA VAL D 770 -8.06 37.15 -27.76
C VAL D 770 -7.73 35.67 -27.64
N TYR D 771 -8.73 34.88 -27.30
CA TYR D 771 -8.56 33.44 -27.05
C TYR D 771 -9.11 32.56 -28.18
N LEU D 772 -8.30 31.62 -28.64
CA LEU D 772 -8.64 30.68 -29.72
C LEU D 772 -9.08 29.34 -29.15
N GLN D 773 -10.05 28.70 -29.79
CA GLN D 773 -10.43 27.37 -29.33
C GLN D 773 -11.57 26.75 -30.12
N GLY D 774 -11.52 25.42 -30.27
CA GLY D 774 -12.58 24.66 -30.92
C GLY D 774 -13.99 24.92 -30.42
N ARG D 775 -14.91 25.17 -31.36
CA ARG D 775 -16.33 25.42 -31.07
C ARG D 775 -16.97 24.29 -30.26
N PRO D 776 -17.90 24.66 -29.36
CA PRO D 776 -18.40 23.80 -28.28
C PRO D 776 -18.74 22.34 -28.65
N ASP D 777 -19.45 22.16 -29.77
CA ASP D 777 -19.86 20.83 -30.26
C ASP D 777 -18.78 20.05 -31.01
N ALA D 778 -17.57 20.60 -31.07
CA ALA D 778 -16.40 19.91 -31.63
C ALA D 778 -15.52 19.30 -30.52
N ARG D 779 -16.08 19.20 -29.31
CA ARG D 779 -15.31 18.78 -28.11
C ARG D 779 -16.19 18.55 -26.87
N MET D 780 -17.26 17.75 -27.03
CA MET D 780 -18.11 17.37 -25.90
C MET D 780 -18.04 15.89 -25.56
N ASN D 781 -18.00 15.07 -26.59
CA ASN D 781 -17.95 13.63 -26.45
C ASN D 781 -16.76 13.15 -27.26
N PRO D 782 -16.08 12.06 -26.80
CA PRO D 782 -14.78 11.60 -27.36
C PRO D 782 -14.75 11.37 -28.87
N ASP D 783 -15.92 11.47 -29.51
CA ASP D 783 -16.07 11.36 -30.96
C ASP D 783 -15.57 12.62 -31.61
N ASP D 784 -16.09 13.76 -31.13
CA ASP D 784 -15.76 15.08 -31.64
C ASP D 784 -14.24 15.21 -31.75
N LEU D 785 -13.55 14.35 -31.01
CA LEU D 785 -12.08 14.30 -31.04
C LEU D 785 -11.51 13.84 -32.38
N SER D 786 -12.31 13.16 -33.19
CA SER D 786 -11.87 12.77 -34.51
C SER D 786 -12.21 13.80 -35.58
N LYS D 787 -13.30 14.55 -35.37
CA LYS D 787 -13.75 15.58 -36.32
C LYS D 787 -12.61 16.59 -36.69
N TRP D 788 -11.45 16.41 -36.05
CA TRP D 788 -10.32 17.35 -36.15
C TRP D 788 -9.28 16.87 -37.14
N TYR D 789 -8.80 17.77 -38.00
CA TYR D 789 -7.84 17.38 -39.05
C TYR D 789 -6.49 18.11 -39.01
N VAL D 790 -5.40 17.35 -39.19
CA VAL D 790 -4.00 17.84 -39.20
C VAL D 790 -3.32 17.67 -40.57
N ARG D 791 -2.76 18.75 -41.12
CA ARG D 791 -2.02 18.69 -42.39
C ARG D 791 -0.71 17.93 -42.24
N ASN D 792 -0.53 16.87 -43.04
CA ASN D 792 0.74 16.15 -42.99
C ASN D 792 1.83 16.87 -43.79
N ASP D 793 3.00 16.24 -43.87
CA ASP D 793 4.19 16.85 -44.44
C ASP D 793 4.10 17.14 -45.94
N LYS D 794 3.05 16.63 -46.60
CA LYS D 794 2.92 16.77 -48.05
C LYS D 794 1.64 17.48 -48.50
N GLY D 795 0.97 18.13 -47.56
CA GLY D 795 -0.17 19.00 -47.85
C GLY D 795 -1.55 18.39 -47.68
N GLU D 796 -1.62 17.17 -47.16
CA GLU D 796 -2.86 16.41 -47.07
C GLU D 796 -3.37 16.29 -45.64
N MET D 797 -4.63 16.66 -45.43
CA MET D 797 -5.31 16.48 -44.13
C MET D 797 -5.42 15.01 -43.73
N VAL D 798 -5.45 14.73 -42.42
CA VAL D 798 -5.46 13.37 -41.85
C VAL D 798 -6.40 13.30 -40.62
N PRO D 799 -7.35 12.35 -40.59
CA PRO D 799 -8.23 12.34 -39.41
C PRO D 799 -7.51 11.83 -38.16
N PHE D 800 -8.01 12.21 -36.99
CA PHE D 800 -7.33 11.96 -35.73
C PHE D 800 -7.29 10.50 -35.29
N ASN D 801 -8.40 9.80 -35.55
CA ASN D 801 -8.47 8.35 -35.35
C ASN D 801 -7.36 7.60 -36.08
N ALA D 802 -6.91 8.13 -37.21
CA ALA D 802 -5.84 7.51 -37.99
C ALA D 802 -4.62 7.26 -37.13
N PHE D 803 -4.33 8.18 -36.22
CA PHE D 803 -3.15 8.05 -35.33
C PHE D 803 -3.40 8.01 -33.81
N ALA D 804 -4.65 8.16 -33.37
CA ALA D 804 -4.90 8.24 -31.95
C ALA D 804 -6.18 7.54 -31.53
N THR D 805 -6.05 6.76 -30.45
CA THR D 805 -7.21 6.16 -29.77
C THR D 805 -7.18 6.58 -28.32
N GLY D 806 -8.36 6.72 -27.71
CA GLY D 806 -8.45 7.04 -26.29
C GLY D 806 -8.88 5.88 -25.41
N LYS D 807 -8.58 6.00 -24.11
CA LYS D 807 -9.09 5.12 -23.06
C LYS D 807 -9.34 5.93 -21.78
N TRP D 808 -10.13 5.39 -20.84
CA TRP D 808 -10.45 6.12 -19.61
C TRP D 808 -9.51 5.87 -18.45
N GLU D 809 -9.42 6.88 -17.61
CA GLU D 809 -8.45 6.89 -16.54
C GLU D 809 -9.09 7.46 -15.31
N TYR D 810 -8.40 7.30 -14.19
CA TYR D 810 -8.79 7.92 -12.98
C TYR D 810 -7.65 8.71 -12.40
N GLY D 811 -7.94 10.00 -12.17
CA GLY D 811 -7.01 10.92 -11.52
C GLY D 811 -7.75 11.99 -10.73
N SER D 812 -7.00 12.87 -10.09
CA SER D 812 -7.62 13.90 -9.25
C SER D 812 -7.77 15.20 -9.98
N PRO D 813 -8.88 15.92 -9.70
CA PRO D 813 -9.18 17.26 -10.20
C PRO D 813 -8.58 18.39 -9.34
N LYS D 814 -7.79 18.04 -8.33
CA LYS D 814 -7.11 19.03 -7.48
C LYS D 814 -5.97 18.39 -6.69
N LEU D 815 -4.75 18.61 -7.15
CA LEU D 815 -3.56 18.07 -6.50
C LEU D 815 -3.04 19.02 -5.40
N GLU D 816 -3.35 18.72 -4.13
CA GLU D 816 -2.82 19.50 -2.99
C GLU D 816 -1.37 19.05 -2.56
N ARG D 817 -0.49 20.01 -2.23
CA ARG D 817 0.81 19.65 -1.65
C ARG D 817 1.29 20.53 -0.48
N TYR D 818 1.81 19.88 0.55
CA TYR D 818 2.11 20.55 1.79
C TYR D 818 3.56 20.32 2.13
N ASN D 819 4.32 21.40 2.09
CA ASN D 819 5.78 21.35 2.25
C ASN D 819 6.48 20.52 1.16
N GLY D 820 6.13 20.83 -0.10
CA GLY D 820 6.79 20.28 -1.30
C GLY D 820 6.77 18.77 -1.30
N VAL D 821 5.55 18.23 -1.22
CA VAL D 821 5.29 16.82 -0.97
C VAL D 821 3.76 16.70 -1.12
N PRO D 822 3.30 15.69 -1.90
CA PRO D 822 1.86 15.54 -2.21
C PRO D 822 1.07 15.32 -0.93
N ALA D 823 -0.15 15.83 -0.87
CA ALA D 823 -0.88 15.75 0.40
C ALA D 823 -2.36 15.88 0.23
N MET D 824 -3.09 15.43 1.24
CA MET D 824 -4.53 15.63 1.29
C MET D 824 -4.94 16.22 2.64
N GLU D 825 -5.71 17.30 2.56
CA GLU D 825 -6.13 18.08 3.71
C GLU D 825 -7.45 17.48 4.16
N ILE D 826 -7.56 17.30 5.46
CA ILE D 826 -8.75 16.80 6.11
C ILE D 826 -9.11 17.78 7.20
N LEU D 827 -10.37 18.15 7.32
CA LEU D 827 -10.73 19.06 8.40
C LEU D 827 -12.01 18.68 9.10
N GLY D 828 -11.90 18.51 10.41
CA GLY D 828 -13.01 18.13 11.23
C GLY D 828 -13.06 18.92 12.52
N GLU D 829 -13.96 18.50 13.40
CA GLU D 829 -14.32 19.19 14.62
C GLU D 829 -14.37 18.17 15.76
N PRO D 830 -14.39 18.64 17.03
CA PRO D 830 -14.63 17.70 18.10
C PRO D 830 -16.13 17.41 18.26
N ALA D 831 -16.45 16.22 18.80
CA ALA D 831 -17.83 15.81 19.11
C ALA D 831 -18.39 16.70 20.21
N PRO D 832 -19.69 17.07 20.15
CA PRO D 832 -20.15 18.16 20.99
C PRO D 832 -19.79 17.99 22.46
N GLY D 833 -19.29 19.07 23.06
CA GLY D 833 -19.00 19.08 24.49
C GLY D 833 -17.60 18.68 24.84
N LEU D 834 -16.82 18.24 23.85
CA LEU D 834 -15.38 17.96 24.03
C LEU D 834 -14.50 19.07 23.49
N SER D 835 -13.27 19.14 24.01
CA SER D 835 -12.30 20.15 23.60
C SER D 835 -11.60 19.75 22.31
N SER D 836 -11.03 20.75 21.65
CA SER D 836 -10.11 20.56 20.54
C SER D 836 -8.85 19.83 21.04
N GLY D 837 -8.55 19.97 22.32
CA GLY D 837 -7.54 19.13 22.95
C GLY D 837 -7.88 17.70 22.62
N ASP D 838 -9.05 17.26 23.09
CA ASP D 838 -9.65 15.95 22.81
C ASP D 838 -9.58 15.60 21.34
N ALA D 839 -10.36 16.33 20.53
CA ALA D 839 -10.39 16.17 19.07
C ALA D 839 -9.04 15.76 18.52
N MET D 840 -7.98 16.46 18.93
CA MET D 840 -6.65 16.24 18.39
C MET D 840 -6.02 14.92 18.78
N ALA D 841 -6.11 14.54 20.06
CA ALA D 841 -5.60 13.26 20.57
C ALA D 841 -6.21 12.13 19.75
N ALA D 842 -7.53 12.22 19.55
CA ALA D 842 -8.29 11.29 18.74
C ALA D 842 -7.66 11.13 17.34
N VAL D 843 -7.28 12.24 16.73
CA VAL D 843 -6.76 12.23 15.36
C VAL D 843 -5.36 11.65 15.31
N GLU D 844 -4.58 11.92 16.35
CA GLU D 844 -3.24 11.37 16.44
C GLU D 844 -3.26 9.89 16.68
N GLU D 845 -4.44 9.38 17.05
CA GLU D 845 -4.67 7.94 17.12
C GLU D 845 -4.98 7.29 15.75
N ILE D 846 -6.15 7.59 15.21
CA ILE D 846 -6.52 7.28 13.84
C ILE D 846 -5.24 7.28 12.98
N VAL D 847 -4.46 8.35 13.08
CA VAL D 847 -3.28 8.50 12.26
C VAL D 847 -2.23 7.39 12.43
N LYS D 848 -2.11 6.84 13.64
CA LYS D 848 -1.07 5.83 13.92
C LYS D 848 -1.21 4.60 12.99
N GLN D 849 -2.37 4.44 12.38
CA GLN D 849 -2.57 3.35 11.43
C GLN D 849 -2.88 3.79 10.01
N LEU D 850 -1.97 4.54 9.43
CA LEU D 850 -2.06 4.88 8.03
C LEU D 850 -0.96 4.10 7.37
N PRO D 851 -1.08 3.90 6.05
CA PRO D 851 -0.08 3.18 5.29
C PRO D 851 1.33 3.59 5.69
N LYS D 852 2.26 2.65 5.63
CA LYS D 852 3.64 3.03 5.80
C LYS D 852 3.94 4.04 4.71
N GLY D 853 4.75 5.04 5.04
CA GLY D 853 5.19 6.03 4.06
C GLY D 853 4.27 7.23 4.01
N VAL D 854 3.31 7.26 4.92
CA VAL D 854 2.37 8.37 4.96
C VAL D 854 2.48 9.07 6.30
N GLY D 855 2.95 10.30 6.28
CA GLY D 855 3.00 11.13 7.49
C GLY D 855 1.87 12.13 7.47
N TYR D 856 1.87 13.02 8.45
CA TYR D 856 0.85 14.06 8.54
C TYR D 856 1.39 15.35 9.11
N SER D 857 0.56 16.39 9.09
CA SER D 857 0.91 17.70 9.66
C SER D 857 -0.33 18.48 10.07
N TRP D 858 -0.28 19.09 11.23
CA TRP D 858 -1.28 20.07 11.60
C TRP D 858 -0.89 21.37 10.96
N THR D 859 -1.89 22.09 10.51
CA THR D 859 -1.66 23.33 9.83
C THR D 859 -2.76 24.22 10.38
N GLY D 860 -2.92 25.42 9.82
CA GLY D 860 -4.04 26.30 10.17
C GLY D 860 -4.16 26.53 11.66
N LEU D 861 -5.37 26.87 12.09
CA LEU D 861 -5.65 27.05 13.53
C LEU D 861 -4.98 25.99 14.36
N SER D 862 -5.00 24.77 13.87
CA SER D 862 -4.47 23.66 14.63
C SER D 862 -2.97 23.71 14.85
N TYR D 863 -2.24 24.37 13.96
CA TYR D 863 -0.80 24.52 14.15
C TYR D 863 -0.56 25.27 15.45
N GLU D 864 -1.38 26.28 15.71
CA GLU D 864 -1.25 27.11 16.90
C GLU D 864 -1.36 26.28 18.18
N GLU D 865 -2.29 25.34 18.23
CA GLU D 865 -2.52 24.55 19.43
C GLU D 865 -1.46 23.48 19.69
N ARG D 866 -0.85 22.95 18.63
CA ARG D 866 0.27 22.05 18.81
C ARG D 866 1.45 22.83 19.39
N LEU D 867 1.83 23.92 18.72
CA LEU D 867 2.92 24.80 19.15
C LEU D 867 2.80 25.06 20.65
N SER D 868 1.70 25.71 21.06
CA SER D 868 1.44 26.06 22.46
C SER D 868 0.02 26.64 22.67
N GLY D 869 -0.69 26.09 23.64
CA GLY D 869 -1.99 26.61 24.02
C GLY D 869 -2.50 25.78 25.18
N SER D 870 -2.14 26.20 26.40
CA SER D 870 -2.37 25.45 27.64
C SER D 870 -1.64 26.11 28.81
N GLN D 871 -1.52 27.44 28.74
CA GLN D 871 -1.00 28.25 29.84
C GLN D 871 -2.20 28.62 30.69
N ALA D 872 -1.99 28.68 32.00
CA ALA D 872 -3.06 28.98 32.96
C ALA D 872 -2.68 28.31 34.26
N PRO D 873 -2.18 27.06 34.20
CA PRO D 873 -1.43 26.62 35.37
C PRO D 873 -0.14 27.44 35.58
N ALA D 874 0.38 28.03 34.51
CA ALA D 874 1.52 28.90 34.64
C ALA D 874 1.07 30.28 35.14
N LEU D 875 0.07 30.88 34.48
CA LEU D 875 -0.75 31.97 35.06
C LEU D 875 -1.32 31.36 36.31
N TYR D 876 -2.06 32.10 37.11
CA TYR D 876 -2.61 31.53 38.37
C TYR D 876 -1.50 31.26 39.38
N ALA D 877 -0.63 30.28 39.09
CA ALA D 877 0.53 29.97 39.94
C ALA D 877 1.44 31.20 40.06
N LEU D 878 1.61 31.93 38.95
CA LEU D 878 2.31 33.20 39.01
C LEU D 878 1.56 34.21 39.83
N SER D 879 0.37 34.57 39.35
CA SER D 879 -0.42 35.64 39.94
C SER D 879 -0.80 35.41 41.40
N LEU D 880 -0.96 34.16 41.81
CA LEU D 880 -1.09 33.89 43.24
C LEU D 880 0.25 34.21 43.96
N LEU D 881 1.36 33.71 43.43
CA LEU D 881 2.60 33.84 44.15
C LEU D 881 2.92 35.31 44.32
N VAL D 882 2.51 36.11 43.34
CA VAL D 882 2.82 37.55 43.35
C VAL D 882 1.90 38.26 44.34
N VAL D 883 0.60 38.02 44.22
CA VAL D 883 -0.37 38.50 45.19
C VAL D 883 0.03 38.14 46.63
N PHE D 884 0.60 36.96 46.84
CA PHE D 884 1.10 36.60 48.17
C PHE D 884 2.25 37.50 48.65
N LEU D 885 3.25 37.69 47.80
CA LEU D 885 4.37 38.54 48.16
C LEU D 885 3.90 39.97 48.51
N CYS D 886 3.05 40.53 47.68
CA CYS D 886 2.40 41.82 47.96
C CYS D 886 1.73 41.87 49.31
N LEU D 887 0.92 40.86 49.62
CA LEU D 887 0.21 40.85 50.90
C LEU D 887 1.17 40.69 52.06
N ALA D 888 2.30 40.03 51.81
CA ALA D 888 3.30 39.85 52.86
C ALA D 888 3.94 41.20 53.15
N ALA D 889 4.03 42.06 52.15
CA ALA D 889 4.58 43.38 52.41
C ALA D 889 3.50 44.26 53.02
N LEU D 890 2.28 44.15 52.51
CA LEU D 890 1.21 45.02 52.97
C LEU D 890 0.88 44.74 54.43
N TYR D 891 0.96 43.49 54.84
CA TYR D 891 0.62 43.14 56.20
C TYR D 891 1.83 43.08 57.10
N GLU D 892 3.01 43.26 56.52
CA GLU D 892 4.25 42.95 57.23
C GLU D 892 4.16 41.63 58.05
N SER D 893 4.00 40.52 57.34
CA SER D 893 3.91 39.19 57.92
C SER D 893 3.90 38.16 56.80
N TRP D 894 4.54 37.02 57.02
CA TRP D 894 4.43 35.93 56.06
C TRP D 894 3.07 35.24 56.13
N SER D 895 2.62 34.95 57.35
CA SER D 895 1.45 34.13 57.65
C SER D 895 0.13 34.73 57.22
N ILE D 896 -0.16 35.92 57.72
CA ILE D 896 -1.53 36.42 57.63
C ILE D 896 -2.04 36.53 56.19
N PRO D 897 -1.16 36.91 55.22
CA PRO D 897 -1.58 36.87 53.81
C PRO D 897 -2.43 35.64 53.51
N PHE D 898 -2.03 34.48 54.01
CA PHE D 898 -2.81 33.25 53.81
C PHE D 898 -4.28 33.33 54.12
N SER D 899 -4.65 34.19 55.06
CA SER D 899 -6.05 34.35 55.47
C SER D 899 -6.94 34.99 54.40
N VAL D 900 -6.34 35.67 53.43
CA VAL D 900 -7.10 36.21 52.29
C VAL D 900 -6.86 35.34 51.05
N MET D 901 -5.65 34.82 50.91
CA MET D 901 -5.32 33.86 49.86
C MET D 901 -6.39 32.79 49.76
N LEU D 902 -6.78 32.26 50.93
CA LEU D 902 -7.66 31.09 51.02
C LEU D 902 -9.06 31.29 50.48
N VAL D 903 -9.48 32.55 50.29
CA VAL D 903 -10.77 32.85 49.71
C VAL D 903 -10.82 32.67 48.20
N VAL D 904 -9.67 32.42 47.56
CA VAL D 904 -9.66 32.28 46.10
C VAL D 904 -10.65 31.19 45.69
N PRO D 905 -10.48 29.97 46.23
CA PRO D 905 -11.45 28.90 45.98
C PRO D 905 -12.90 29.36 46.06
N LEU D 906 -13.24 30.10 47.10
CA LEU D 906 -14.60 30.62 47.31
C LEU D 906 -15.25 31.41 46.15
N GLY D 907 -14.46 32.00 45.28
CA GLY D 907 -15.05 32.68 44.13
C GLY D 907 -14.86 31.90 42.86
N VAL D 908 -14.00 30.88 42.94
CA VAL D 908 -13.75 30.00 41.81
C VAL D 908 -14.92 29.03 41.57
N ILE D 909 -15.39 28.32 42.60
CA ILE D 909 -16.55 27.44 42.38
C ILE D 909 -17.66 28.24 41.76
N GLY D 910 -17.92 29.41 42.34
CA GLY D 910 -18.89 30.32 41.78
C GLY D 910 -18.71 30.44 40.30
N ALA D 911 -17.48 30.71 39.88
CA ALA D 911 -17.21 30.82 38.46
C ALA D 911 -17.57 29.53 37.72
N LEU D 912 -16.92 28.42 38.12
CA LEU D 912 -17.07 27.12 37.45
C LEU D 912 -18.55 26.71 37.35
N LEU D 913 -19.20 26.61 38.50
CA LEU D 913 -20.63 26.34 38.52
C LEU D 913 -21.44 27.18 37.53
N ALA D 914 -21.28 28.49 37.54
CA ALA D 914 -22.13 29.32 36.71
C ALA D 914 -21.86 29.12 35.22
N THR D 915 -20.59 29.01 34.82
CA THR D 915 -20.33 28.82 33.38
C THR D 915 -20.87 27.44 33.00
N SER D 916 -20.54 26.43 33.80
CA SER D 916 -21.06 25.08 33.60
C SER D 916 -22.59 24.98 33.41
N MET D 917 -23.34 25.52 34.38
CA MET D 917 -24.81 25.55 34.34
C MET D 917 -25.39 26.38 33.20
N ARG D 918 -24.57 27.17 32.54
CA ARG D 918 -25.03 27.93 31.40
C ARG D 918 -24.37 27.30 30.16
N GLY D 919 -23.82 26.09 30.38
CA GLY D 919 -23.20 25.27 29.35
C GLY D 919 -22.25 26.08 28.50
N LEU D 920 -21.16 26.49 29.13
CA LEU D 920 -20.15 27.33 28.52
C LEU D 920 -18.78 26.69 28.68
N SER D 921 -17.71 27.43 28.39
CA SER D 921 -16.41 26.81 28.38
C SER D 921 -15.36 27.44 29.30
N ASN D 922 -14.27 26.70 29.54
CA ASN D 922 -13.04 27.24 30.12
C ASN D 922 -12.08 27.86 29.07
N ASP D 923 -12.55 28.95 28.41
CA ASP D 923 -11.80 29.70 27.40
C ASP D 923 -11.03 30.92 27.98
N VAL D 924 -10.53 31.78 27.09
CA VAL D 924 -9.80 32.98 27.55
C VAL D 924 -10.69 33.91 28.36
N PHE D 925 -11.95 34.11 27.94
CA PHE D 925 -12.90 34.91 28.75
C PHE D 925 -13.22 34.33 30.13
N PHE D 926 -13.00 33.03 30.31
CA PHE D 926 -13.15 32.48 31.63
C PHE D 926 -11.90 32.80 32.44
N GLN D 927 -10.72 32.44 31.95
CA GLN D 927 -9.50 32.68 32.69
C GLN D 927 -9.30 34.16 33.05
N VAL D 928 -9.62 35.03 32.09
CA VAL D 928 -9.51 36.47 32.26
C VAL D 928 -10.49 36.95 33.34
N GLY D 929 -11.76 36.60 33.19
CA GLY D 929 -12.79 36.89 34.19
C GLY D 929 -12.48 36.41 35.60
N LEU D 930 -12.14 35.12 35.74
CA LEU D 930 -11.78 34.52 37.04
C LEU D 930 -10.64 35.25 37.78
N LEU D 931 -9.67 35.80 37.03
CA LEU D 931 -8.61 36.63 37.61
C LEU D 931 -9.12 37.94 38.19
N THR D 932 -10.06 38.57 37.49
CA THR D 932 -10.63 39.80 38.03
C THR D 932 -11.55 39.55 39.25
N THR D 933 -12.16 38.37 39.29
CA THR D 933 -12.98 37.94 40.42
C THR D 933 -12.09 37.76 41.66
N ILE D 934 -11.09 36.87 41.55
CA ILE D 934 -10.11 36.70 42.64
C ILE D 934 -9.30 37.97 42.85
N GLY D 935 -9.32 38.84 41.84
CA GLY D 935 -8.80 40.19 42.00
C GLY D 935 -9.62 40.86 43.08
N LEU D 936 -10.90 41.12 42.75
CA LEU D 936 -11.79 41.95 43.58
C LEU D 936 -12.18 41.29 44.90
N SER D 937 -12.53 40.01 44.87
CA SER D 937 -12.87 39.34 46.12
C SER D 937 -11.74 39.47 47.15
N ALA D 938 -10.48 39.51 46.68
CA ALA D 938 -9.36 39.69 47.59
C ALA D 938 -9.27 41.15 48.13
N LYS D 939 -9.53 42.15 47.29
CA LYS D 939 -9.57 43.51 47.82
C LYS D 939 -10.54 43.64 49.00
N ASN D 940 -11.66 42.89 48.93
CA ASN D 940 -12.70 42.88 49.96
C ASN D 940 -12.23 42.26 51.26
N ALA D 941 -11.43 41.22 51.14
CA ALA D 941 -10.83 40.55 52.28
C ALA D 941 -9.72 41.37 52.97
N ILE D 942 -8.86 42.02 52.19
CA ILE D 942 -7.81 42.89 52.77
C ILE D 942 -8.47 43.78 53.81
N LEU D 943 -9.41 44.62 53.35
CA LEU D 943 -10.19 45.51 54.21
C LEU D 943 -10.46 44.93 55.59
N ILE D 944 -11.13 43.78 55.64
CA ILE D 944 -11.45 43.11 56.89
C ILE D 944 -10.16 42.80 57.65
N VAL D 945 -9.31 41.95 57.07
CA VAL D 945 -8.09 41.53 57.78
C VAL D 945 -7.23 42.72 58.26
N GLU D 946 -7.26 43.80 57.49
CA GLU D 946 -6.69 45.07 57.94
C GLU D 946 -7.30 45.48 59.29
N PHE D 947 -8.46 46.16 59.28
CA PHE D 947 -9.18 46.55 60.51
C PHE D 947 -9.00 45.52 61.65
N ALA D 948 -9.25 44.25 61.37
CA ALA D 948 -9.07 43.22 62.38
C ALA D 948 -7.71 43.36 63.07
N LYS D 949 -6.65 43.22 62.28
CA LYS D 949 -5.28 43.32 62.75
C LYS D 949 -5.01 44.59 63.57
N GLU D 950 -5.48 45.75 63.10
CA GLU D 950 -5.39 47.00 63.87
C GLU D 950 -5.72 46.74 65.33
N LEU D 951 -6.95 46.28 65.57
CA LEU D 951 -7.48 46.03 66.91
C LEU D 951 -6.81 44.84 67.61
N HIS D 952 -5.51 44.70 67.40
CA HIS D 952 -4.59 44.20 68.41
C HIS D 952 -3.87 45.45 68.90
N GLU D 953 -4.60 46.21 69.71
CA GLU D 953 -4.20 47.53 70.23
C GLU D 953 -4.13 47.52 71.74
N GLN D 954 -5.18 46.97 72.36
CA GLN D 954 -5.12 46.47 73.74
C GLN D 954 -5.47 44.96 73.72
N GLY D 955 -4.67 44.20 72.96
CA GLY D 955 -4.75 42.73 72.92
C GLY D 955 -5.88 42.19 72.05
N LYS D 956 -7.08 42.70 72.31
CA LYS D 956 -8.32 42.25 71.65
C LYS D 956 -8.31 40.83 71.07
N GLY D 957 -7.86 39.90 71.92
CA GLY D 957 -7.67 38.47 71.62
C GLY D 957 -8.37 37.94 70.40
N ILE D 958 -7.76 38.24 69.24
CA ILE D 958 -8.20 37.77 67.92
C ILE D 958 -9.72 37.73 67.75
N VAL D 959 -10.34 36.65 68.25
CA VAL D 959 -11.80 36.40 68.15
C VAL D 959 -12.68 37.64 68.31
N GLU D 960 -12.32 38.54 69.22
CA GLU D 960 -13.14 39.72 69.43
C GLU D 960 -12.88 40.75 68.36
N ALA D 961 -11.60 40.95 68.06
CA ALA D 961 -11.17 41.92 67.05
C ALA D 961 -11.94 41.65 65.76
N ALA D 962 -11.89 40.39 65.31
CA ALA D 962 -12.49 39.97 64.05
C ALA D 962 -13.98 40.38 63.88
N ILE D 963 -14.84 39.92 64.81
CA ILE D 963 -16.28 40.22 64.79
C ILE D 963 -16.53 41.70 64.61
N GLU D 964 -15.64 42.49 65.23
CA GLU D 964 -15.68 43.94 65.16
C GLU D 964 -15.47 44.39 63.73
N ALA D 965 -14.38 43.91 63.13
CA ALA D 965 -14.02 44.21 61.75
C ALA D 965 -15.18 43.88 60.82
N CYS D 966 -15.69 42.67 60.98
CA CYS D 966 -16.79 42.20 60.17
C CYS D 966 -18.01 43.09 60.28
N ARG D 967 -18.22 43.71 61.43
CA ARG D 967 -19.39 44.58 61.54
C ARG D 967 -19.16 45.85 60.75
N MET D 968 -18.07 46.56 61.05
CA MET D 968 -17.83 47.86 60.42
C MET D 968 -17.79 47.74 58.91
N ARG D 969 -17.11 46.69 58.47
CA ARG D 969 -16.78 46.45 57.07
C ARG D 969 -17.92 45.95 56.19
N LEU D 970 -18.90 45.28 56.79
CA LEU D 970 -19.96 44.59 56.05
C LEU D 970 -20.72 45.51 55.12
N ARG D 971 -21.19 46.66 55.57
CA ARG D 971 -21.99 47.51 54.67
C ARG D 971 -21.23 47.90 53.41
N PRO D 972 -19.97 48.40 53.58
CA PRO D 972 -19.17 48.70 52.37
C PRO D 972 -18.80 47.44 51.55
N ILE D 973 -18.34 46.35 52.17
CA ILE D 973 -18.20 45.08 51.44
C ILE D 973 -19.37 44.85 50.49
N VAL D 974 -20.59 44.84 51.03
CA VAL D 974 -21.79 44.55 50.26
C VAL D 974 -22.05 45.57 49.21
N MET D 975 -21.78 46.84 49.53
CA MET D 975 -22.10 47.91 48.60
C MET D 975 -21.34 47.77 47.30
N THR D 976 -20.05 47.47 47.47
CA THR D 976 -19.09 47.17 46.41
C THR D 976 -19.49 45.95 45.62
N SER D 977 -19.47 44.79 46.29
CA SER D 977 -19.79 43.52 45.68
C SER D 977 -21.06 43.61 44.81
N LEU D 978 -22.08 44.28 45.33
CA LEU D 978 -23.35 44.48 44.62
C LEU D 978 -23.21 45.39 43.39
N ALA D 979 -22.39 46.43 43.51
CA ALA D 979 -22.15 47.37 42.43
C ALA D 979 -21.46 46.70 41.26
N PHE D 980 -20.47 45.88 41.58
CA PHE D 980 -19.78 45.07 40.61
C PHE D 980 -20.69 44.04 39.90
N ILE D 981 -21.47 43.25 40.66
CA ILE D 981 -22.30 42.18 40.06
C ILE D 981 -23.57 42.64 39.34
N LEU D 982 -23.99 43.87 39.63
CA LEU D 982 -25.05 44.49 38.86
C LEU D 982 -24.44 45.24 37.70
N GLY D 983 -23.17 45.64 37.87
CA GLY D 983 -22.41 46.29 36.80
C GLY D 983 -21.99 45.32 35.70
N VAL D 984 -22.12 44.03 35.96
CA VAL D 984 -21.71 43.01 35.00
C VAL D 984 -22.96 42.38 34.39
N VAL D 985 -24.02 42.24 35.18
CA VAL D 985 -25.28 41.71 34.70
C VAL D 985 -25.52 42.11 33.23
N PRO D 986 -25.53 43.42 32.92
CA PRO D 986 -25.83 43.90 31.56
C PRO D 986 -25.13 43.19 30.41
N LEU D 987 -24.11 42.40 30.71
CA LEU D 987 -23.41 41.69 29.65
C LEU D 987 -23.60 40.15 29.66
N ALA D 988 -24.01 39.59 30.80
CA ALA D 988 -24.56 38.23 30.82
C ALA D 988 -25.97 38.19 30.17
N ILE D 989 -26.78 39.22 30.42
CA ILE D 989 -28.10 39.33 29.79
C ILE D 989 -28.00 39.95 28.38
N SER D 990 -26.78 40.15 27.89
CA SER D 990 -26.61 40.83 26.61
C SER D 990 -27.03 39.98 25.43
N THR D 991 -27.54 40.63 24.39
CA THR D 991 -28.05 39.92 23.23
C THR D 991 -27.94 40.76 21.97
N GLY D 992 -27.21 40.23 21.00
CA GLY D 992 -26.98 40.90 19.74
C GLY D 992 -25.65 40.38 19.23
N ALA D 993 -24.94 41.24 18.52
CA ALA D 993 -23.61 40.93 18.06
C ALA D 993 -22.66 40.80 19.23
N GLY D 994 -21.76 39.83 19.13
CA GLY D 994 -20.77 39.62 20.17
C GLY D 994 -21.36 39.19 21.49
N SER D 995 -22.67 38.94 21.48
CA SER D 995 -23.41 38.39 22.61
C SER D 995 -22.78 37.14 23.24
N GLY D 996 -22.19 36.28 22.42
CA GLY D 996 -21.53 35.07 22.90
C GLY D 996 -20.37 35.36 23.83
N SER D 997 -19.46 36.24 23.36
CA SER D 997 -18.30 36.73 24.14
C SER D 997 -18.81 37.41 25.41
N GLN D 998 -19.77 38.31 25.24
CA GLN D 998 -20.35 39.00 26.39
C GLN D 998 -20.77 38.01 27.47
N HIS D 999 -21.35 36.88 27.07
CA HIS D 999 -21.78 35.92 28.07
C HIS D 999 -20.64 35.08 28.54
N ALA D 1000 -19.62 34.94 27.71
CA ALA D 1000 -18.49 34.11 28.07
C ALA D 1000 -17.79 34.72 29.29
N ILE D 1001 -17.58 36.04 29.22
CA ILE D 1001 -16.94 36.83 30.28
C ILE D 1001 -17.88 37.06 31.46
N GLY D 1002 -19.15 37.35 31.14
CA GLY D 1002 -20.19 37.80 32.10
C GLY D 1002 -20.66 36.85 33.19
N THR D 1003 -21.15 35.67 32.78
CA THR D 1003 -21.54 34.63 33.72
C THR D 1003 -20.41 34.28 34.70
N GLY D 1004 -19.22 33.99 34.16
CA GLY D 1004 -18.04 33.59 34.94
C GLY D 1004 -17.68 34.47 36.13
N VAL D 1005 -17.79 35.78 35.95
CA VAL D 1005 -17.66 36.71 37.09
C VAL D 1005 -18.88 36.65 38.02
N ILE D 1006 -20.10 36.83 37.50
CA ILE D 1006 -21.29 36.94 38.36
C ILE D 1006 -21.37 35.81 39.39
N GLY D 1007 -21.22 34.57 38.89
CA GLY D 1007 -21.13 33.37 39.71
C GLY D 1007 -19.92 33.39 40.64
N GLY D 1008 -18.76 33.72 40.09
CA GLY D 1008 -17.53 33.84 40.87
C GLY D 1008 -17.63 34.82 42.05
N MET D 1009 -18.36 35.90 41.82
CA MET D 1009 -18.58 36.92 42.83
C MET D 1009 -19.69 36.54 43.84
N VAL D 1010 -20.88 36.17 43.39
CA VAL D 1010 -21.92 35.82 44.36
C VAL D 1010 -21.38 34.83 45.38
N THR D 1011 -20.74 33.75 44.94
CA THR D 1011 -20.03 32.85 45.87
C THR D 1011 -19.06 33.63 46.76
N ALA D 1012 -18.00 34.15 46.13
CA ALA D 1012 -16.88 34.86 46.79
C ALA D 1012 -17.26 36.00 47.75
N THR D 1013 -18.49 36.50 47.68
CA THR D 1013 -18.89 37.55 48.61
C THR D 1013 -19.76 37.05 49.76
N VAL D 1014 -20.89 36.43 49.43
CA VAL D 1014 -21.74 35.88 50.48
C VAL D 1014 -21.20 34.49 50.86
N LEU D 1015 -19.91 34.45 51.14
CA LEU D 1015 -19.27 33.21 51.48
C LEU D 1015 -17.98 33.51 52.13
N ALA D 1016 -17.32 34.58 51.66
CA ALA D 1016 -16.06 35.03 52.27
C ALA D 1016 -16.36 35.69 53.60
N ILE D 1017 -17.37 36.55 53.59
CA ILE D 1017 -17.77 37.32 54.76
C ILE D 1017 -17.84 36.45 56.03
N PHE D 1018 -18.08 35.14 55.83
CA PHE D 1018 -18.10 34.20 56.95
C PHE D 1018 -16.75 33.53 57.10
N TRP D 1019 -16.21 33.00 56.01
CA TRP D 1019 -14.97 32.22 56.09
C TRP D 1019 -13.69 33.01 56.40
N VAL D 1020 -13.63 34.26 55.98
CA VAL D 1020 -12.44 35.09 56.23
C VAL D 1020 -12.12 35.23 57.73
N PRO D 1021 -13.12 35.69 58.55
CA PRO D 1021 -12.89 35.80 59.99
C PRO D 1021 -12.41 34.47 60.51
N LEU D 1022 -12.96 33.38 59.98
CA LEU D 1022 -12.52 32.06 60.35
C LEU D 1022 -11.07 31.85 59.92
N PHE D 1023 -10.69 32.36 58.73
CA PHE D 1023 -9.30 32.24 58.25
C PHE D 1023 -8.36 33.12 59.05
N TYR D 1024 -8.82 34.30 59.42
CA TYR D 1024 -8.01 35.21 60.25
C TYR D 1024 -7.66 34.62 61.59
N VAL D 1025 -8.67 34.09 62.31
CA VAL D 1025 -8.47 33.59 63.67
C VAL D 1025 -7.68 32.27 63.72
N ALA D 1026 -7.99 31.39 62.78
CA ALA D 1026 -7.04 30.38 62.38
C ALA D 1026 -5.92 31.20 61.73
N VAL D 1027 -4.74 30.63 61.54
CA VAL D 1027 -3.51 31.37 61.11
C VAL D 1027 -3.05 32.45 62.12
N SER D 1028 -4.01 33.04 62.82
CA SER D 1028 -3.73 33.94 63.95
C SER D 1028 -3.37 33.15 65.21
N THR D 1029 -3.45 31.83 65.10
CA THR D 1029 -2.84 30.92 66.07
C THR D 1029 -1.46 30.56 65.52
N LEU D 1030 -0.63 31.61 65.51
CA LEU D 1030 0.80 31.65 65.19
C LEU D 1030 1.47 32.57 66.26
N PHE D 1031 1.47 33.89 66.05
CA PHE D 1031 2.00 34.88 67.04
C PHE D 1031 1.24 36.21 67.06
N MET E 1 12.82 72.65 42.72
CA MET E 1 13.84 72.27 41.70
C MET E 1 14.83 73.42 41.48
N SER E 2 14.36 74.53 40.94
CA SER E 2 15.23 75.72 40.86
C SER E 2 15.85 76.00 42.24
N LYS E 3 14.98 76.05 43.24
CA LYS E 3 15.36 76.34 44.60
C LYS E 3 16.57 75.44 44.98
N PHE E 4 16.60 74.21 44.45
CA PHE E 4 17.57 73.15 44.80
C PHE E 4 18.90 73.23 44.04
N PHE E 5 18.86 73.63 42.77
CA PHE E 5 20.09 73.88 41.99
C PHE E 5 20.81 75.16 42.41
N ILE E 6 20.06 76.07 43.03
CA ILE E 6 20.63 77.34 43.46
C ILE E 6 21.77 77.00 44.43
N ASP E 7 21.55 75.97 45.25
CA ASP E 7 22.53 75.53 46.23
C ASP E 7 23.48 74.45 45.67
N ARG E 8 23.25 74.09 44.41
CA ARG E 8 23.99 73.04 43.77
C ARG E 8 24.46 73.54 42.43
N PRO E 9 25.23 74.66 42.46
CA PRO E 9 25.72 75.31 41.23
C PRO E 9 26.47 74.36 40.35
N ILE E 10 27.25 73.44 40.93
CA ILE E 10 28.09 72.54 40.12
C ILE E 10 27.22 71.52 39.42
N PHE E 11 26.34 70.90 40.18
CA PHE E 11 25.42 69.98 39.57
C PHE E 11 24.81 70.72 38.37
N ALA E 12 24.14 71.84 38.62
CA ALA E 12 23.53 72.60 37.52
C ALA E 12 24.49 72.72 36.30
N TRP E 13 25.69 73.24 36.51
CA TRP E 13 26.74 73.33 35.50
C TRP E 13 26.95 72.00 34.73
N VAL E 14 26.99 70.90 35.44
CA VAL E 14 27.15 69.61 34.76
C VAL E 14 26.00 69.37 33.77
N ILE E 15 24.76 69.59 34.21
CA ILE E 15 23.58 69.51 33.33
C ILE E 15 23.71 70.47 32.13
N ALA E 16 24.21 71.68 32.37
CA ALA E 16 24.63 72.57 31.29
C ALA E 16 25.60 71.85 30.37
N LEU E 17 26.76 71.48 30.92
CA LEU E 17 27.82 70.77 30.21
C LEU E 17 27.44 69.56 29.36
N VAL E 18 26.64 68.67 29.92
CA VAL E 18 26.18 67.56 29.14
C VAL E 18 25.13 67.94 28.07
N ILE E 19 24.25 68.92 28.29
CA ILE E 19 23.42 69.32 27.11
C ILE E 19 24.29 70.03 26.07
N MET E 20 25.39 70.63 26.53
CA MET E 20 26.32 71.27 25.60
C MET E 20 27.13 70.23 24.80
N LEU E 21 27.51 69.13 25.45
CA LEU E 21 28.24 68.03 24.79
C LEU E 21 27.38 67.34 23.75
N ALA E 22 26.25 66.76 24.18
CA ALA E 22 25.22 66.22 23.29
C ALA E 22 24.95 67.11 22.07
N GLY E 23 24.78 68.41 22.29
CA GLY E 23 24.59 69.35 21.19
C GLY E 23 25.70 69.36 20.17
N GLY E 24 26.91 69.66 20.63
CA GLY E 24 28.10 69.74 19.79
C GLY E 24 28.41 68.44 19.07
N LEU E 25 28.29 67.30 19.76
CA LEU E 25 28.48 66.00 19.09
C LEU E 25 27.50 65.86 17.95
N SER E 26 26.21 66.06 18.26
CA SER E 26 25.17 66.09 17.24
C SER E 26 25.44 67.08 16.11
N ILE E 27 25.79 68.31 16.49
CA ILE E 27 25.88 69.43 15.56
C ILE E 27 26.85 69.06 14.46
N LEU E 28 28.05 68.61 14.83
CA LEU E 28 28.97 68.06 13.86
C LEU E 28 28.61 66.61 13.57
N SER E 29 27.73 66.40 12.58
CA SER E 29 27.35 65.07 12.10
C SER E 29 25.87 64.88 11.79
N LEU E 30 25.04 65.90 12.00
CA LEU E 30 23.68 65.89 11.45
C LEU E 30 23.82 66.04 9.94
N PRO E 31 22.89 65.46 9.18
CA PRO E 31 22.90 65.74 7.73
C PRO E 31 22.77 67.23 7.47
N VAL E 32 23.44 67.76 6.43
CA VAL E 32 23.19 69.16 6.04
C VAL E 32 22.64 69.22 4.63
N ASN E 33 21.49 69.90 4.45
CA ASN E 33 20.80 70.02 3.14
C ASN E 33 19.64 71.02 3.08
N GLN E 34 19.17 71.32 1.87
CA GLN E 34 18.32 72.47 1.68
C GLN E 34 16.91 72.21 2.13
N TYR E 35 16.30 71.14 1.65
CA TYR E 35 14.97 70.84 2.16
C TYR E 35 14.86 69.42 2.64
N PRO E 36 14.03 69.22 3.66
CA PRO E 36 13.48 67.92 3.98
C PRO E 36 12.62 67.46 2.83
N ALA E 37 12.28 66.17 2.80
CA ALA E 37 11.33 65.64 1.81
C ALA E 37 9.88 66.17 1.94
N ILE E 38 9.64 67.41 1.49
CA ILE E 38 8.29 68.04 1.45
C ILE E 38 7.34 67.25 0.55
N ALA E 39 7.82 66.90 -0.64
CA ALA E 39 7.00 66.27 -1.68
C ALA E 39 6.47 64.91 -1.27
N PRO E 40 5.24 64.58 -1.71
CA PRO E 40 4.74 63.20 -1.55
C PRO E 40 5.60 62.26 -2.39
N PRO E 41 6.25 61.27 -1.76
CA PRO E 41 7.31 60.52 -2.47
C PRO E 41 6.75 59.82 -3.70
N ALA E 42 7.50 59.86 -4.83
CA ALA E 42 7.04 59.28 -6.11
C ALA E 42 8.02 58.37 -6.77
N ILE E 43 7.48 57.50 -7.60
CA ILE E 43 8.25 56.45 -8.24
C ILE E 43 7.91 56.47 -9.72
N ALA E 44 8.95 56.58 -10.53
CA ALA E 44 8.82 56.63 -11.98
C ALA E 44 9.19 55.30 -12.61
N VAL E 45 8.28 54.76 -13.42
CA VAL E 45 8.58 53.59 -14.25
C VAL E 45 8.75 54.11 -15.67
N GLN E 46 9.85 53.74 -16.33
CA GLN E 46 10.04 54.26 -17.70
C GLN E 46 10.87 53.48 -18.75
N VAL E 47 10.32 53.32 -19.95
CA VAL E 47 11.05 52.78 -21.11
C VAL E 47 10.75 53.60 -22.33
N SER E 48 11.67 53.53 -23.29
CA SER E 48 11.37 53.90 -24.67
C SER E 48 11.14 52.66 -25.51
N TYR E 49 10.16 52.75 -26.40
CA TYR E 49 9.84 51.68 -27.35
C TYR E 49 10.17 52.18 -28.75
N PRO E 50 11.40 51.97 -29.23
CA PRO E 50 11.84 52.74 -30.38
C PRO E 50 10.80 52.95 -31.52
N GLY E 51 10.60 54.22 -31.87
CA GLY E 51 9.77 54.61 -33.00
C GLY E 51 8.37 54.07 -32.93
N ALA E 52 7.57 54.56 -32.00
CA ALA E 52 6.25 54.00 -31.78
C ALA E 52 5.27 55.05 -31.35
N SER E 53 4.08 54.97 -31.95
CA SER E 53 3.03 55.95 -31.72
C SER E 53 2.62 55.94 -30.27
N ALA E 54 2.35 57.13 -29.72
CA ALA E 54 1.83 57.21 -28.37
C ALA E 54 0.84 56.07 -28.26
N GLU E 55 -0.04 55.97 -29.24
CA GLU E 55 -0.97 54.87 -29.26
C GLU E 55 -0.38 53.49 -28.93
N THR E 56 0.75 53.09 -29.54
CA THR E 56 1.29 51.72 -29.29
C THR E 56 1.90 51.61 -27.89
N VAL E 57 2.78 52.54 -27.56
CA VAL E 57 3.35 52.66 -26.24
C VAL E 57 2.23 52.65 -25.17
N GLN E 58 1.11 53.30 -25.47
CA GLN E 58 0.02 53.38 -24.49
C GLN E 58 -0.86 52.11 -24.38
N ASP E 59 -0.74 51.19 -25.31
CA ASP E 59 -1.72 50.09 -25.43
C ASP E 59 -0.98 48.79 -25.43
N THR E 60 0.32 48.92 -25.32
CA THR E 60 1.17 47.81 -25.60
C THR E 60 2.13 47.63 -24.43
N VAL E 61 2.51 48.78 -23.81
CA VAL E 61 3.32 48.82 -22.60
C VAL E 61 2.61 49.47 -21.42
N VAL E 62 2.01 50.64 -21.61
CA VAL E 62 1.51 51.35 -20.43
C VAL E 62 0.21 50.77 -19.84
N GLN E 63 -0.75 50.46 -20.69
CA GLN E 63 -1.99 49.87 -20.22
C GLN E 63 -1.76 48.51 -19.57
N VAL E 64 -0.63 47.87 -19.90
CA VAL E 64 -0.36 46.52 -19.39
C VAL E 64 0.33 46.55 -18.02
N ILE E 65 1.46 47.25 -17.92
CA ILE E 65 2.05 47.61 -16.63
C ILE E 65 1.00 48.16 -15.64
N GLU E 66 0.14 49.06 -16.09
CA GLU E 66 -0.80 49.75 -15.21
C GLU E 66 -1.84 48.79 -14.63
N GLN E 67 -2.30 47.85 -15.45
CA GLN E 67 -3.28 46.85 -15.04
C GLN E 67 -2.76 46.03 -13.85
N GLN E 68 -1.44 46.03 -13.68
CA GLN E 68 -0.75 45.20 -12.69
C GLN E 68 -0.26 46.00 -11.47
N MET E 69 -0.25 47.32 -11.58
CA MET E 69 0.36 48.16 -10.60
C MET E 69 -0.70 48.34 -9.52
N ASN E 70 -1.12 47.20 -8.93
CA ASN E 70 -2.08 47.20 -7.84
C ASN E 70 -1.55 46.57 -6.55
N GLY E 71 -2.31 46.73 -5.46
CA GLY E 71 -1.97 46.13 -4.16
C GLY E 71 -0.59 46.55 -3.68
N ILE E 72 -0.46 47.83 -3.38
CA ILE E 72 0.83 48.42 -3.09
C ILE E 72 0.66 49.33 -1.88
N ASP E 73 1.51 49.18 -0.87
CA ASP E 73 1.35 49.90 0.36
C ASP E 73 1.45 51.42 0.15
N ASN E 74 0.57 52.16 0.83
CA ASN E 74 0.62 53.64 0.95
C ASN E 74 0.43 54.45 -0.33
N LEU E 75 -0.08 53.81 -1.37
CA LEU E 75 -0.40 54.44 -2.66
C LEU E 75 -1.56 55.44 -2.60
N ARG E 76 -1.45 56.52 -3.37
CA ARG E 76 -2.34 57.67 -3.27
C ARG E 76 -3.07 57.83 -4.60
N TYR E 77 -2.29 58.03 -5.64
CA TYR E 77 -2.78 58.03 -7.01
C TYR E 77 -1.64 57.71 -7.98
N ILE E 78 -1.97 57.60 -9.26
CA ILE E 78 -1.02 57.09 -10.25
C ILE E 78 -1.29 57.65 -11.66
N SER E 79 -0.26 58.25 -12.28
CA SER E 79 -0.42 58.86 -13.59
C SER E 79 0.56 58.34 -14.63
N SER E 80 0.01 58.04 -15.81
CA SER E 80 0.78 57.64 -16.97
C SER E 80 0.93 58.79 -17.94
N GLU E 81 1.80 58.55 -18.93
CA GLU E 81 2.26 59.54 -19.88
C GLU E 81 2.85 58.70 -21.00
N SER E 82 2.21 58.71 -22.17
CA SER E 82 2.69 57.95 -23.33
C SER E 82 3.01 58.89 -24.49
N ASN E 83 4.26 58.88 -24.96
CA ASN E 83 4.76 59.90 -25.92
C ASN E 83 4.99 59.41 -27.35
N SER E 84 5.44 60.31 -28.22
CA SER E 84 5.65 60.03 -29.64
C SER E 84 6.99 59.42 -29.95
N ASP E 85 8.05 59.92 -29.32
CA ASP E 85 9.41 59.37 -29.48
C ASP E 85 9.57 57.97 -28.86
N GLY E 86 8.44 57.31 -28.63
CA GLY E 86 8.36 55.94 -28.12
C GLY E 86 8.36 55.83 -26.60
N SER E 87 8.73 56.91 -25.93
CA SER E 87 8.97 56.85 -24.50
C SER E 87 7.70 56.91 -23.67
N MET E 88 7.82 56.49 -22.41
CA MET E 88 6.69 56.47 -21.47
C MET E 88 7.18 56.76 -20.06
N THR E 89 6.23 57.20 -19.21
CA THR E 89 6.39 57.32 -17.77
C THR E 89 5.12 56.96 -17.01
N ILE E 90 5.22 55.97 -16.11
CA ILE E 90 4.21 55.80 -15.06
C ILE E 90 4.78 56.43 -13.82
N THR E 91 4.07 57.37 -13.23
CA THR E 91 4.45 57.79 -11.90
C THR E 91 3.43 57.31 -10.88
N VAL E 92 3.95 56.57 -9.89
CA VAL E 92 3.15 56.15 -8.77
C VAL E 92 3.48 57.07 -7.61
N THR E 93 2.43 57.57 -6.95
CA THR E 93 2.59 58.60 -5.92
C THR E 93 2.07 58.14 -4.56
N PHE E 94 2.97 58.05 -3.60
CA PHE E 94 2.68 57.52 -2.29
C PHE E 94 2.46 58.65 -1.32
N GLU E 95 1.94 58.31 -0.15
CA GLU E 95 1.61 59.24 0.92
C GLU E 95 2.88 59.73 1.59
N GLN E 96 2.88 60.97 2.11
CA GLN E 96 4.07 61.52 2.79
C GLN E 96 4.47 60.54 3.87
N GLY E 97 5.78 60.38 4.06
CA GLY E 97 6.29 59.51 5.10
C GLY E 97 6.42 58.03 4.77
N THR E 98 6.16 57.66 3.51
CA THR E 98 6.33 56.28 3.06
C THR E 98 7.80 56.01 2.81
N ASP E 99 8.33 54.92 3.34
CA ASP E 99 9.72 54.60 3.05
C ASP E 99 9.93 54.57 1.53
N PRO E 100 10.81 55.46 0.98
CA PRO E 100 11.11 55.44 -0.46
C PRO E 100 11.59 54.09 -1.00
N ASP E 101 12.25 53.30 -0.18
CA ASP E 101 12.83 52.06 -0.66
C ASP E 101 11.84 50.92 -0.64
N ILE E 102 10.81 51.07 0.19
CA ILE E 102 9.77 50.07 0.21
C ILE E 102 8.81 50.41 -0.90
N ALA E 103 8.50 51.69 -1.03
CA ALA E 103 7.59 52.16 -2.07
C ALA E 103 8.16 51.69 -3.38
N GLN E 104 9.48 51.85 -3.53
CA GLN E 104 10.06 51.53 -4.81
C GLN E 104 9.92 50.07 -5.10
N VAL E 105 10.39 49.23 -4.19
CA VAL E 105 10.44 47.80 -4.46
C VAL E 105 9.04 47.21 -4.65
N GLN E 106 8.02 47.80 -4.04
CA GLN E 106 6.71 47.31 -4.37
C GLN E 106 6.34 47.66 -5.82
N VAL E 107 6.84 48.80 -6.31
CA VAL E 107 6.69 49.12 -7.73
C VAL E 107 7.47 48.19 -8.66
N GLN E 108 8.80 48.11 -8.54
CA GLN E 108 9.60 47.21 -9.43
C GLN E 108 9.14 45.76 -9.34
N ASN E 109 8.54 45.40 -8.22
CA ASN E 109 8.01 44.06 -8.13
C ASN E 109 6.75 43.78 -8.93
N LYS E 110 5.80 44.72 -8.92
CA LYS E 110 4.61 44.58 -9.76
C LYS E 110 5.06 44.71 -11.20
N LEU E 111 6.02 45.61 -11.43
CA LEU E 111 6.58 45.78 -12.76
C LEU E 111 7.17 44.48 -13.31
N GLN E 112 7.93 43.76 -12.46
CA GLN E 112 8.49 42.44 -12.75
C GLN E 112 7.40 41.42 -13.13
N LEU E 113 6.33 41.37 -12.34
CA LEU E 113 5.19 40.47 -12.59
C LEU E 113 4.54 40.68 -13.93
N ALA E 114 4.60 41.93 -14.40
CA ALA E 114 4.00 42.33 -15.68
C ALA E 114 5.02 42.47 -16.82
N THR E 115 6.05 41.65 -16.83
CA THR E 115 7.06 41.87 -17.86
C THR E 115 6.88 40.94 -19.08
N PRO E 116 6.62 39.63 -18.87
CA PRO E 116 6.43 38.78 -20.08
C PRO E 116 5.14 39.11 -20.87
N LEU E 117 4.45 40.17 -20.45
CA LEU E 117 3.20 40.64 -21.04
C LEU E 117 3.44 41.83 -21.97
N LEU E 118 4.68 42.31 -21.97
CA LEU E 118 5.10 43.42 -22.82
C LEU E 118 5.67 42.85 -24.11
N PRO E 119 5.57 43.60 -25.21
CA PRO E 119 6.35 43.38 -26.43
C PRO E 119 7.81 43.07 -26.13
N GLN E 120 8.37 42.05 -26.79
CA GLN E 120 9.81 41.78 -26.73
C GLN E 120 10.76 43.00 -26.78
N GLU E 121 10.70 43.82 -27.82
CA GLU E 121 11.56 45.00 -27.88
C GLU E 121 11.58 45.80 -26.58
N VAL E 122 10.39 46.00 -25.98
CA VAL E 122 10.27 46.73 -24.72
C VAL E 122 11.01 45.92 -23.66
N GLN E 123 10.72 44.63 -23.56
CA GLN E 123 11.46 43.74 -22.61
C GLN E 123 12.95 43.95 -22.75
N ARG E 124 13.49 43.68 -23.93
CA ARG E 124 14.94 43.76 -24.14
C ARG E 124 15.51 45.17 -23.95
N GLN E 125 14.68 46.17 -24.20
CA GLN E 125 15.05 47.54 -23.89
C GLN E 125 15.37 47.59 -22.41
N GLY E 126 14.42 47.15 -21.60
CA GLY E 126 14.60 47.13 -20.15
C GLY E 126 13.97 48.37 -19.56
N ILE E 127 12.91 48.18 -18.78
CA ILE E 127 12.23 49.26 -18.06
C ILE E 127 13.07 49.67 -16.83
N ARG E 128 13.11 50.97 -16.54
CA ARG E 128 13.69 51.45 -15.28
C ARG E 128 12.65 51.99 -14.31
N VAL E 129 12.94 51.75 -13.04
CA VAL E 129 12.15 52.17 -11.90
C VAL E 129 13.12 53.04 -11.14
N THR E 130 12.66 54.18 -10.66
CA THR E 130 13.50 55.10 -9.88
C THR E 130 12.64 56.05 -9.04
N LYS E 131 13.33 56.83 -8.21
CA LYS E 131 12.65 57.78 -7.35
C LYS E 131 12.56 59.15 -8.02
N ALA E 132 11.33 59.64 -8.13
CA ALA E 132 11.02 60.80 -8.96
C ALA E 132 11.38 62.16 -8.39
N VAL E 133 11.21 62.34 -7.08
CA VAL E 133 11.55 63.60 -6.42
C VAL E 133 12.68 64.44 -7.06
N LYS E 134 12.40 65.73 -7.28
CA LYS E 134 13.35 66.62 -8.00
C LYS E 134 14.17 67.57 -7.08
N ASN E 135 14.90 67.00 -6.14
CA ASN E 135 15.71 67.76 -5.18
C ASN E 135 17.19 67.76 -5.58
N PHE E 136 17.47 68.24 -6.78
CA PHE E 136 18.81 68.14 -7.31
C PHE E 136 19.83 68.94 -6.55
N LEU E 137 20.97 68.32 -6.25
CA LEU E 137 22.04 68.99 -5.54
C LEU E 137 22.72 70.00 -6.45
N MET E 138 23.28 69.52 -7.55
CA MET E 138 23.80 70.40 -8.59
C MET E 138 23.51 69.78 -9.94
N VAL E 139 23.52 70.59 -11.01
CA VAL E 139 23.55 70.06 -12.37
C VAL E 139 24.81 70.51 -13.08
N VAL E 140 25.52 69.54 -13.61
CA VAL E 140 26.83 69.80 -14.15
C VAL E 140 26.72 69.58 -15.65
N GLY E 141 27.30 70.50 -16.43
CA GLY E 141 27.30 70.43 -17.89
C GLY E 141 28.62 69.90 -18.43
N VAL E 142 28.55 68.96 -19.36
CA VAL E 142 29.72 68.55 -20.13
C VAL E 142 29.50 69.01 -21.56
N VAL E 143 30.29 69.99 -21.97
CA VAL E 143 30.01 70.77 -23.16
C VAL E 143 31.23 70.81 -24.11
N SER E 144 30.98 70.66 -25.42
CA SER E 144 32.06 70.71 -26.42
C SER E 144 32.13 72.07 -27.06
N THR E 145 33.16 72.83 -26.66
CA THR E 145 33.29 74.26 -26.98
C THR E 145 33.79 74.57 -28.39
N ASP E 146 34.73 73.78 -28.88
CA ASP E 146 35.13 73.90 -30.27
C ASP E 146 34.22 73.10 -31.22
N GLY E 147 33.01 72.79 -30.78
CA GLY E 147 31.99 72.08 -31.58
C GLY E 147 32.34 70.72 -32.17
N SER E 148 33.54 70.22 -31.83
CA SER E 148 34.11 69.00 -32.41
C SER E 148 33.33 67.75 -32.05
N MET E 149 32.81 67.70 -30.81
CA MET E 149 32.01 66.57 -30.34
C MET E 149 30.53 66.88 -30.32
N THR E 150 29.75 65.86 -30.66
CA THR E 150 28.29 65.91 -30.66
C THR E 150 27.77 65.61 -29.24
N LYS E 151 26.49 65.88 -28.98
CA LYS E 151 25.93 65.62 -27.64
C LYS E 151 26.19 64.18 -27.23
N GLU E 152 25.73 63.28 -28.10
CA GLU E 152 25.84 61.84 -27.89
C GLU E 152 27.30 61.36 -27.75
N ASP E 153 28.23 62.04 -28.43
CA ASP E 153 29.66 61.76 -28.24
C ASP E 153 30.03 62.03 -26.80
N LEU E 154 29.52 63.15 -26.28
CA LEU E 154 29.77 63.65 -24.93
C LEU E 154 29.14 62.79 -23.84
N SER E 155 27.89 62.39 -24.05
CA SER E 155 27.24 61.55 -23.06
C SER E 155 27.89 60.14 -23.02
N ASN E 156 28.42 59.69 -24.16
CA ASN E 156 29.18 58.48 -24.06
C ASN E 156 30.41 58.74 -23.21
N TYR E 157 31.01 59.91 -23.35
CA TYR E 157 32.23 60.21 -22.60
C TYR E 157 31.91 60.12 -21.14
N ILE E 158 30.79 60.77 -20.77
CA ILE E 158 30.34 60.88 -19.37
C ILE E 158 30.22 59.50 -18.75
N VAL E 159 29.40 58.66 -19.37
CA VAL E 159 29.19 57.28 -18.95
C VAL E 159 30.50 56.46 -18.76
N SER E 160 31.41 56.52 -19.72
CA SER E 160 32.67 55.77 -19.64
C SER E 160 33.70 56.33 -18.67
N ASN E 161 33.72 57.65 -18.50
CA ASN E 161 34.82 58.32 -17.84
C ASN E 161 34.55 59.05 -16.55
N ILE E 162 33.36 59.64 -16.45
CA ILE E 162 32.97 60.42 -15.27
C ILE E 162 32.11 59.58 -14.31
N GLN E 163 30.93 59.16 -14.78
CA GLN E 163 30.01 58.32 -14.00
C GLN E 163 30.65 57.43 -12.92
N ASP E 164 31.41 56.42 -13.32
CA ASP E 164 31.95 55.53 -12.31
C ASP E 164 32.68 56.27 -11.14
N PRO E 165 33.66 57.18 -11.44
CA PRO E 165 34.32 57.94 -10.36
C PRO E 165 33.38 58.85 -9.57
N LEU E 166 32.32 59.35 -10.20
CA LEU E 166 31.42 60.33 -9.60
C LEU E 166 30.53 59.65 -8.59
N SER E 167 30.06 58.46 -9.02
CA SER E 167 29.25 57.56 -8.22
C SER E 167 29.97 57.17 -6.94
N ARG E 168 31.29 56.99 -7.03
CA ARG E 168 32.16 56.65 -5.90
C ARG E 168 32.57 57.86 -5.07
N THR E 169 31.86 58.97 -5.19
CA THR E 169 32.28 60.15 -4.44
C THR E 169 31.47 60.19 -3.18
N LYS E 170 32.11 60.59 -2.09
CA LYS E 170 31.40 60.70 -0.83
C LYS E 170 30.14 61.61 -0.90
N GLY E 171 28.99 61.03 -0.61
CA GLY E 171 27.74 61.78 -0.46
C GLY E 171 26.83 61.90 -1.67
N VAL E 172 27.18 61.16 -2.73
CA VAL E 172 26.50 61.27 -3.99
C VAL E 172 25.43 60.21 -4.14
N GLY E 173 24.20 60.67 -4.37
CA GLY E 173 23.08 59.75 -4.53
C GLY E 173 22.83 59.39 -5.97
N ASP E 174 21.54 59.34 -6.31
CA ASP E 174 21.11 59.10 -7.66
C ASP E 174 21.43 60.30 -8.51
N PHE E 175 22.20 60.07 -9.57
CA PHE E 175 22.35 61.09 -10.58
C PHE E 175 21.75 60.59 -11.88
N GLN E 176 21.26 61.51 -12.71
CA GLN E 176 20.77 61.21 -14.06
C GLN E 176 21.65 61.88 -15.11
N VAL E 177 21.84 61.21 -16.25
CA VAL E 177 22.79 61.66 -17.26
C VAL E 177 22.05 62.06 -18.52
N PHE E 178 22.29 63.27 -18.97
CA PHE E 178 21.60 63.84 -20.11
C PHE E 178 22.00 63.15 -21.42
N GLY E 179 21.35 62.01 -21.70
CA GLY E 179 21.68 61.13 -22.84
C GLY E 179 22.33 59.85 -22.34
N SER E 180 22.79 58.98 -23.25
CA SER E 180 23.48 57.76 -22.80
C SER E 180 24.70 57.27 -23.61
N GLN E 181 25.07 56.01 -23.35
CA GLN E 181 26.15 55.29 -23.98
C GLN E 181 26.01 55.29 -25.50
N TYR E 182 27.09 54.94 -26.21
CA TYR E 182 27.04 54.79 -27.67
C TYR E 182 26.25 53.54 -28.03
N SER E 183 25.92 53.43 -29.32
CA SER E 183 25.65 52.12 -29.87
C SER E 183 26.16 52.03 -31.31
N MET E 184 26.35 50.80 -31.79
CA MET E 184 26.78 50.58 -33.18
C MET E 184 25.64 50.89 -34.10
N ARG E 185 25.78 52.04 -34.73
CA ARG E 185 24.68 52.64 -35.43
C ARG E 185 24.73 52.24 -36.87
N ILE E 186 23.65 51.63 -37.35
CA ILE E 186 23.60 51.13 -38.72
C ILE E 186 22.43 51.71 -39.47
N TRP E 187 22.79 52.18 -40.66
CA TRP E 187 22.00 53.07 -41.48
C TRP E 187 21.80 52.45 -42.86
N LEU E 188 20.56 52.03 -43.13
CA LEU E 188 20.25 51.29 -44.35
C LEU E 188 19.98 52.23 -45.52
N ASP E 189 20.51 51.88 -46.70
CA ASP E 189 20.18 52.60 -47.94
C ASP E 189 19.25 51.78 -48.84
N PRO E 190 17.97 52.22 -48.97
CA PRO E 190 16.92 51.45 -49.65
C PRO E 190 17.37 50.96 -51.02
N ALA E 191 17.77 51.90 -51.88
CA ALA E 191 18.31 51.60 -53.20
C ALA E 191 19.51 50.62 -53.09
N LYS E 192 20.67 51.13 -52.64
CA LYS E 192 21.87 50.30 -52.38
C LYS E 192 21.61 48.85 -51.97
N LEU E 193 20.39 48.58 -51.55
CA LEU E 193 20.04 47.34 -50.88
C LEU E 193 19.04 46.57 -51.72
N ASN E 194 18.21 47.31 -52.45
CA ASN E 194 17.19 46.73 -53.33
C ASN E 194 17.80 46.16 -54.61
N SER E 195 18.96 46.71 -54.97
CA SER E 195 19.73 46.25 -56.09
C SER E 195 20.59 45.03 -55.75
N TYR E 196 20.21 44.30 -54.70
CA TYR E 196 20.78 42.99 -54.40
C TYR E 196 19.69 42.09 -53.87
N GLN E 197 18.45 42.52 -54.11
CA GLN E 197 17.23 41.88 -53.56
C GLN E 197 17.29 41.53 -52.05
N LEU E 198 17.78 42.48 -51.25
CA LEU E 198 17.93 42.30 -49.82
C LEU E 198 16.89 43.09 -49.00
N THR E 199 16.45 42.47 -47.91
CA THR E 199 15.50 43.03 -46.94
C THR E 199 16.28 43.53 -45.71
N PRO E 200 15.81 44.63 -45.07
CA PRO E 200 16.44 45.03 -43.82
C PRO E 200 16.45 43.87 -42.82
N GLY E 201 15.40 43.04 -42.88
CA GLY E 201 15.29 41.82 -42.09
C GLY E 201 16.38 40.82 -42.41
N ASP E 202 16.82 40.85 -43.67
CA ASP E 202 17.99 40.11 -44.10
C ASP E 202 19.19 40.51 -43.27
N VAL E 203 19.44 41.81 -43.24
CA VAL E 203 20.51 42.40 -42.49
C VAL E 203 20.35 42.06 -40.99
N SER E 204 19.14 42.24 -40.46
CA SER E 204 18.86 41.85 -39.06
C SER E 204 19.32 40.42 -38.72
N SER E 205 18.78 39.42 -39.43
CA SER E 205 19.19 38.02 -39.25
C SER E 205 20.69 37.83 -39.55
N ALA E 206 21.23 38.61 -40.48
CA ALA E 206 22.65 38.54 -40.80
C ALA E 206 23.54 38.88 -39.61
N ILE E 207 23.14 39.90 -38.85
CA ILE E 207 23.94 40.34 -37.71
C ILE E 207 23.76 39.41 -36.50
N GLN E 208 22.53 38.90 -36.32
CA GLN E 208 22.23 37.95 -35.25
C GLN E 208 22.97 36.64 -35.51
N ALA E 209 23.05 36.25 -36.79
CA ALA E 209 23.86 35.11 -37.20
C ALA E 209 25.37 35.27 -36.92
N GLN E 210 25.89 36.49 -37.08
CA GLN E 210 27.32 36.69 -37.18
C GLN E 210 28.00 37.45 -36.06
N ASN E 211 27.22 37.95 -35.10
CA ASN E 211 27.76 38.73 -33.98
C ASN E 211 27.70 38.01 -32.64
N VAL E 212 27.25 36.76 -32.64
CA VAL E 212 27.01 36.08 -31.38
C VAL E 212 28.32 35.75 -30.64
N GLN E 213 28.18 35.15 -29.46
CA GLN E 213 29.28 34.64 -28.66
C GLN E 213 29.29 33.10 -28.69
N ILE E 214 30.38 32.52 -29.21
CA ILE E 214 30.56 31.06 -29.17
C ILE E 214 30.64 30.57 -27.71
N SER E 215 29.56 29.93 -27.28
CA SER E 215 29.34 29.60 -25.86
C SER E 215 30.36 28.63 -25.24
N SER E 216 31.14 27.95 -26.09
CA SER E 216 32.27 27.12 -25.65
C SER E 216 31.88 25.99 -24.69
N GLY E 217 32.80 25.06 -24.48
CA GLY E 217 32.59 23.98 -23.51
C GLY E 217 33.76 23.89 -22.55
N GLN E 218 34.09 22.67 -22.16
CA GLN E 218 35.25 22.44 -21.28
C GLN E 218 36.06 21.19 -21.68
N LEU E 219 37.36 21.40 -21.89
CA LEU E 219 38.30 20.31 -22.18
C LEU E 219 38.63 19.48 -20.95
N GLY E 220 38.19 18.23 -20.99
CA GLY E 220 38.46 17.29 -19.92
C GLY E 220 37.58 17.63 -18.74
N GLY E 221 36.34 17.97 -19.03
CA GLY E 221 35.39 18.20 -17.97
C GLY E 221 34.86 16.88 -17.43
N LEU E 222 34.40 16.93 -16.17
CA LEU E 222 33.71 15.82 -15.51
C LEU E 222 32.31 15.55 -16.09
N PRO E 223 31.95 14.25 -16.29
CA PRO E 223 32.74 13.05 -16.00
C PRO E 223 33.84 12.88 -17.03
N ALA E 224 35.05 12.67 -16.54
CA ALA E 224 36.19 12.52 -17.43
C ALA E 224 36.56 11.05 -17.48
N VAL E 225 37.24 10.63 -18.55
CA VAL E 225 37.83 9.28 -18.58
C VAL E 225 39.03 9.14 -17.62
N LYS E 226 39.25 7.92 -17.15
CA LYS E 226 40.37 7.62 -16.26
C LYS E 226 41.67 8.09 -16.90
N GLY E 227 42.42 8.90 -16.15
CA GLY E 227 43.58 9.59 -16.71
C GLY E 227 43.38 11.11 -16.79
N GLN E 228 42.51 11.55 -17.71
CA GLN E 228 42.19 12.97 -17.89
C GLN E 228 43.40 13.91 -17.87
N GLN E 229 44.03 14.04 -16.68
CA GLN E 229 45.30 14.75 -16.42
C GLN E 229 45.35 16.27 -16.63
N LEU E 230 44.82 16.76 -17.75
CA LEU E 230 44.76 18.20 -18.01
C LEU E 230 43.32 18.68 -18.19
N ASN E 231 42.84 19.46 -17.24
CA ASN E 231 41.59 20.20 -17.38
C ASN E 231 41.93 21.64 -17.70
N ALA E 232 41.25 22.19 -18.71
CA ALA E 232 41.39 23.59 -19.06
C ALA E 232 40.22 24.06 -19.90
N THR E 233 39.64 25.18 -19.49
CA THR E 233 38.47 25.77 -20.14
C THR E 233 38.75 26.11 -21.61
N ILE E 234 37.73 25.98 -22.46
CA ILE E 234 37.87 26.40 -23.85
C ILE E 234 37.06 27.67 -24.09
N ILE E 235 37.77 28.68 -24.59
CA ILE E 235 37.16 29.95 -24.95
C ILE E 235 37.02 30.07 -26.47
N GLY E 236 35.89 30.62 -26.92
CA GLY E 236 35.64 30.85 -28.33
C GLY E 236 35.88 32.30 -28.67
N LYS E 237 35.31 32.75 -29.80
CA LYS E 237 35.35 34.18 -30.12
C LYS E 237 34.17 34.85 -29.43
N THR E 238 34.36 36.09 -28.97
CA THR E 238 33.23 36.86 -28.43
C THR E 238 32.49 37.58 -29.57
N ARG E 239 32.06 38.82 -29.30
CA ARG E 239 31.29 39.54 -30.28
C ARG E 239 32.19 40.48 -31.05
N LEU E 240 31.65 41.06 -32.11
CA LEU E 240 32.39 42.04 -32.88
C LEU E 240 32.42 43.32 -32.07
N GLN E 241 33.36 44.21 -32.38
CA GLN E 241 33.58 45.41 -31.54
C GLN E 241 33.57 46.71 -32.31
N THR E 242 34.37 46.72 -33.37
CA THR E 242 34.72 47.91 -34.13
C THR E 242 33.78 48.05 -35.31
N ALA E 243 33.78 49.23 -35.93
CA ALA E 243 32.80 49.51 -36.99
C ALA E 243 32.99 48.67 -38.27
N GLU E 244 34.24 48.30 -38.60
CA GLU E 244 34.57 47.59 -39.85
C GLU E 244 34.24 46.13 -39.74
N GLN E 245 34.63 45.52 -38.62
CA GLN E 245 34.15 44.19 -38.24
C GLN E 245 32.66 44.06 -38.54
N PHE E 246 31.94 45.18 -38.42
CA PHE E 246 30.52 45.20 -38.76
C PHE E 246 30.29 45.30 -40.25
N GLU E 247 30.93 46.31 -40.86
CA GLU E 247 30.88 46.59 -42.30
C GLU E 247 31.18 45.37 -43.16
N ASN E 248 32.03 44.49 -42.62
CA ASN E 248 32.33 43.20 -43.21
C ASN E 248 31.10 42.27 -43.17
N ILE E 249 31.20 41.16 -42.44
CA ILE E 249 30.12 40.16 -42.34
C ILE E 249 29.31 39.96 -43.65
N LEU E 250 29.80 39.03 -44.48
CA LEU E 250 29.17 38.64 -45.75
C LEU E 250 27.62 38.58 -45.67
N LEU E 251 26.95 39.19 -46.64
CA LEU E 251 25.48 39.35 -46.62
C LEU E 251 24.77 38.56 -47.72
N LYS E 252 25.32 38.64 -48.94
CA LYS E 252 25.00 37.73 -50.04
C LYS E 252 26.29 37.30 -50.74
N VAL E 253 26.32 36.05 -51.20
CA VAL E 253 27.38 35.58 -52.10
C VAL E 253 26.74 35.55 -53.48
N ASN E 254 27.36 36.17 -54.48
CA ASN E 254 26.77 36.25 -55.83
C ASN E 254 26.91 34.94 -56.63
N PRO E 255 26.04 34.72 -57.66
CA PRO E 255 26.20 33.60 -58.59
C PRO E 255 27.65 33.32 -58.99
N ASP E 256 28.33 34.33 -59.54
CA ASP E 256 29.76 34.23 -59.88
C ASP E 256 30.69 34.27 -58.65
N GLY E 257 31.98 34.49 -58.86
CA GLY E 257 32.93 34.51 -57.74
C GLY E 257 32.98 35.82 -56.97
N SER E 258 31.99 36.06 -56.09
CA SER E 258 31.90 37.32 -55.35
C SER E 258 31.13 37.26 -54.01
N GLN E 259 31.42 38.25 -53.14
CA GLN E 259 30.82 38.37 -51.81
C GLN E 259 30.35 39.81 -51.53
N VAL E 260 29.03 39.97 -51.39
CA VAL E 260 28.39 41.25 -51.01
C VAL E 260 28.36 41.41 -49.49
N ARG E 261 28.96 42.49 -49.01
CA ARG E 261 29.09 42.69 -47.56
C ARG E 261 28.38 43.96 -47.06
N LEU E 262 28.26 44.08 -45.75
CA LEU E 262 27.43 45.11 -45.14
C LEU E 262 27.75 46.54 -45.59
N LYS E 263 29.04 46.84 -45.70
CA LYS E 263 29.49 48.16 -46.15
C LYS E 263 28.94 48.53 -47.53
N ASP E 264 28.54 47.52 -48.30
CA ASP E 264 28.02 47.69 -49.65
C ASP E 264 26.58 48.21 -49.64
N VAL E 265 25.95 48.16 -48.48
CA VAL E 265 24.51 48.42 -48.40
C VAL E 265 24.10 49.47 -47.36
N ALA E 266 24.91 49.60 -46.32
CA ALA E 266 24.56 50.54 -45.25
C ALA E 266 25.79 51.21 -44.66
N ASP E 267 25.56 52.34 -43.98
CA ASP E 267 26.64 53.03 -43.27
C ASP E 267 26.63 52.77 -41.77
N VAL E 268 27.82 52.76 -41.18
CA VAL E 268 28.00 52.19 -39.86
C VAL E 268 29.11 52.88 -39.06
N GLY E 269 28.71 53.62 -38.02
CA GLY E 269 29.63 54.27 -37.10
C GLY E 269 29.01 54.38 -35.71
N LEU E 270 29.86 54.50 -34.69
CA LEU E 270 29.39 54.72 -33.33
C LEU E 270 28.48 55.94 -33.32
N GLY E 271 27.46 55.91 -32.47
CA GLY E 271 26.46 56.98 -32.41
C GLY E 271 25.49 56.82 -31.26
N GLY E 272 24.36 57.47 -31.35
CA GLY E 272 23.45 57.50 -30.22
C GLY E 272 22.49 56.34 -30.16
N GLN E 273 22.06 55.98 -28.95
CA GLN E 273 20.98 55.03 -28.79
C GLN E 273 19.68 55.69 -29.22
N ASP E 274 19.52 56.96 -28.86
CA ASP E 274 18.30 57.69 -29.17
C ASP E 274 18.59 59.16 -29.49
N TYR E 275 17.97 59.67 -30.56
CA TYR E 275 18.25 61.03 -31.04
C TYR E 275 17.14 62.01 -30.73
N SER E 276 16.20 61.58 -29.90
CA SER E 276 15.01 62.37 -29.54
C SER E 276 15.28 63.72 -28.92
N ILE E 277 16.29 63.81 -28.04
CA ILE E 277 16.59 65.02 -27.29
C ILE E 277 18.01 65.47 -27.55
N ASN E 278 18.15 66.76 -27.77
CA ASN E 278 19.41 67.36 -28.12
C ASN E 278 19.51 68.66 -27.37
N ALA E 279 20.68 68.89 -26.77
CA ALA E 279 20.83 70.02 -25.89
C ALA E 279 22.15 70.74 -26.06
N GLN E 280 22.17 71.99 -25.57
CA GLN E 280 23.30 72.87 -25.74
C GLN E 280 23.42 73.81 -24.58
N PHE E 281 24.67 74.16 -24.26
CA PHE E 281 24.98 75.07 -23.21
C PHE E 281 25.65 76.29 -23.79
N ASN E 282 24.90 77.39 -23.85
CA ASN E 282 25.28 78.60 -24.59
C ASN E 282 25.62 78.21 -26.02
N GLY E 283 24.60 77.75 -26.76
CA GLY E 283 24.77 77.34 -28.16
C GLY E 283 25.71 76.16 -28.42
N SER E 284 26.86 76.14 -27.76
CA SER E 284 27.77 74.99 -27.74
C SER E 284 27.04 73.69 -27.35
N PRO E 285 27.27 72.59 -28.12
CA PRO E 285 26.50 71.36 -27.87
C PRO E 285 26.97 70.59 -26.60
N ALA E 286 26.00 70.02 -25.88
CA ALA E 286 26.28 69.45 -24.55
C ALA E 286 25.38 68.33 -24.01
N SER E 287 25.95 67.63 -23.05
CA SER E 287 25.27 66.66 -22.22
C SER E 287 25.56 67.07 -20.78
N GLY E 288 25.52 66.13 -19.84
CA GLY E 288 25.76 66.45 -18.43
C GLY E 288 25.01 65.54 -17.48
N ILE E 289 24.96 65.95 -16.21
CA ILE E 289 24.46 65.10 -15.12
C ILE E 289 23.65 65.96 -14.13
N ALA E 290 22.53 65.43 -13.65
CA ALA E 290 21.76 66.11 -12.61
C ALA E 290 21.86 65.31 -11.30
N ILE E 291 22.63 65.81 -10.33
CA ILE E 291 23.00 65.02 -9.14
C ILE E 291 22.14 65.21 -7.87
N LYS E 292 21.83 64.11 -7.21
CA LYS E 292 21.10 64.18 -5.96
C LYS E 292 22.01 63.75 -4.83
N LEU E 293 21.75 64.32 -3.66
CA LEU E 293 22.55 64.08 -2.47
C LEU E 293 22.14 62.74 -1.91
N ALA E 294 23.12 61.92 -1.52
CA ALA E 294 22.78 60.66 -0.90
C ALA E 294 22.11 61.00 0.44
N THR E 295 21.15 60.18 0.86
CA THR E 295 20.45 60.48 2.10
C THR E 295 21.43 60.34 3.26
N GLY E 296 21.49 61.39 4.09
CA GLY E 296 22.29 61.41 5.30
C GLY E 296 23.53 62.25 5.16
N ALA E 297 23.80 62.67 3.94
CA ALA E 297 25.05 63.35 3.64
C ALA E 297 24.96 64.85 3.88
N ASN E 298 26.08 65.50 3.57
CA ASN E 298 26.26 66.93 3.71
C ASN E 298 26.30 67.62 2.33
N ALA E 299 25.34 68.48 2.03
CA ALA E 299 25.24 69.12 0.71
C ALA E 299 26.47 69.95 0.38
N LEU E 300 26.98 70.64 1.39
CA LEU E 300 28.18 71.47 1.29
C LEU E 300 29.45 70.66 1.03
N ASP E 301 29.60 69.54 1.72
CA ASP E 301 30.79 68.72 1.53
C ASP E 301 30.82 67.97 0.25
N THR E 302 29.63 67.63 -0.25
CA THR E 302 29.59 66.72 -1.36
C THR E 302 29.45 67.50 -2.66
N ALA E 303 29.15 68.78 -2.55
CA ALA E 303 29.34 69.65 -3.72
C ALA E 303 30.84 69.87 -3.87
N LYS E 304 31.48 70.41 -2.84
CA LYS E 304 32.93 70.52 -2.80
C LYS E 304 33.63 69.24 -3.37
N ALA E 305 33.17 68.07 -2.93
CA ALA E 305 33.82 66.78 -3.26
C ALA E 305 33.56 66.31 -4.68
N ILE E 306 32.34 66.60 -5.17
CA ILE E 306 32.00 66.39 -6.57
C ILE E 306 32.96 67.21 -7.43
N ARG E 307 33.17 68.48 -7.05
CA ARG E 307 34.08 69.38 -7.76
C ARG E 307 35.47 68.84 -7.81
N GLN E 308 35.95 68.38 -6.65
CA GLN E 308 37.24 67.68 -6.57
C GLN E 308 37.39 66.52 -7.56
N THR E 309 36.33 65.74 -7.70
CA THR E 309 36.30 64.53 -8.55
C THR E 309 36.49 64.88 -10.02
N ILE E 310 35.66 65.81 -10.49
CA ILE E 310 35.68 66.26 -11.88
C ILE E 310 37.04 66.93 -12.17
N ALA E 311 37.52 67.78 -11.25
CA ALA E 311 38.89 68.32 -11.33
C ALA E 311 39.94 67.27 -11.60
N ASN E 312 39.90 66.16 -10.89
CA ASN E 312 40.91 65.15 -11.09
C ASN E 312 40.79 64.47 -12.46
N LEU E 313 39.82 64.86 -13.27
CA LEU E 313 39.63 64.26 -14.60
C LEU E 313 39.83 65.24 -15.77
N GLU E 314 39.86 66.54 -15.49
CA GLU E 314 39.88 67.55 -16.55
C GLU E 314 41.12 67.43 -17.45
N PRO E 315 42.33 67.40 -16.88
CA PRO E 315 43.57 67.06 -17.60
C PRO E 315 43.44 66.02 -18.73
N PHE E 316 42.75 64.92 -18.46
CA PHE E 316 42.69 63.79 -19.38
C PHE E 316 41.66 63.98 -20.49
N MET E 317 40.70 64.87 -20.29
CA MET E 317 39.56 64.96 -21.23
C MET E 317 39.96 65.22 -22.69
N PRO E 318 39.10 64.83 -23.65
CA PRO E 318 39.30 65.21 -25.05
C PRO E 318 39.31 66.71 -25.26
N GLN E 319 40.12 67.13 -26.22
CA GLN E 319 40.36 68.53 -26.45
C GLN E 319 39.09 69.19 -26.97
N GLY E 320 38.76 70.33 -26.39
CA GLY E 320 37.55 71.05 -26.75
C GLY E 320 36.47 70.81 -25.72
N MET E 321 36.75 69.90 -24.78
CA MET E 321 35.77 69.54 -23.74
C MET E 321 35.90 70.36 -22.48
N LYS E 322 34.76 70.94 -22.09
CA LYS E 322 34.67 71.84 -20.96
C LYS E 322 33.58 71.32 -20.04
N VAL E 323 33.88 71.26 -18.74
CA VAL E 323 32.88 70.90 -17.74
C VAL E 323 32.51 72.17 -17.01
N VAL E 324 31.24 72.33 -16.71
CA VAL E 324 30.74 73.55 -16.11
C VAL E 324 29.54 73.24 -15.20
N TYR E 325 29.38 74.02 -14.13
CA TYR E 325 28.33 73.75 -13.19
C TYR E 325 27.34 74.89 -13.20
N PRO E 326 26.38 74.85 -14.15
CA PRO E 326 25.28 75.78 -14.29
C PRO E 326 24.53 76.02 -13.00
N TYR E 327 24.04 74.96 -12.36
CA TYR E 327 23.23 75.04 -11.12
C TYR E 327 23.91 74.45 -9.87
N ASP E 328 23.60 74.99 -8.69
CA ASP E 328 24.27 74.57 -7.47
C ASP E 328 23.63 75.09 -6.18
N THR E 329 23.05 74.17 -5.42
CA THR E 329 22.47 74.41 -4.11
C THR E 329 23.44 74.99 -3.06
N THR E 330 24.75 74.81 -3.25
CA THR E 330 25.78 75.25 -2.28
C THR E 330 25.65 76.69 -1.73
N PRO E 331 25.46 77.68 -2.62
CA PRO E 331 25.20 79.07 -2.16
C PRO E 331 24.00 79.24 -1.20
N VAL E 332 22.81 78.76 -1.59
CA VAL E 332 21.62 78.89 -0.75
C VAL E 332 21.76 78.20 0.61
N VAL E 333 22.14 76.92 0.59
CA VAL E 333 22.39 76.18 1.81
C VAL E 333 23.50 76.84 2.60
N SER E 334 24.42 77.51 1.89
CA SER E 334 25.54 78.14 2.55
C SER E 334 25.09 79.44 3.23
N ALA E 335 24.32 80.24 2.52
CA ALA E 335 23.73 81.46 3.08
C ALA E 335 22.87 81.14 4.30
N SER E 336 22.05 80.09 4.21
CA SER E 336 21.13 79.76 5.30
C SER E 336 21.87 79.68 6.61
N ILE E 337 22.99 78.97 6.60
CA ILE E 337 23.87 78.83 7.75
C ILE E 337 24.48 80.15 8.24
N HIS E 338 25.16 80.89 7.37
CA HIS E 338 25.70 82.19 7.79
C HIS E 338 24.57 83.08 8.36
N GLU E 339 23.53 83.32 7.56
CA GLU E 339 22.35 84.09 7.99
C GLU E 339 21.51 83.44 9.10
N VAL E 340 22.21 82.68 9.96
CA VAL E 340 21.63 82.05 11.16
C VAL E 340 22.65 82.11 12.28
N VAL E 341 23.93 81.96 11.97
CA VAL E 341 24.93 82.15 13.03
C VAL E 341 25.21 83.65 13.18
N LYS E 342 25.05 84.38 12.08
CA LYS E 342 25.15 85.84 12.10
C LYS E 342 24.11 86.39 13.07
N THR E 343 22.85 86.05 12.84
CA THR E 343 21.75 86.52 13.69
C THR E 343 21.72 85.93 15.12
N LEU E 344 22.19 84.71 15.30
CA LEU E 344 22.33 84.17 16.65
C LEU E 344 23.57 84.75 17.32
N GLY E 345 24.45 85.34 16.51
CA GLY E 345 25.60 86.07 17.02
C GLY E 345 25.20 87.46 17.46
N GLU E 346 24.51 88.20 16.59
CA GLU E 346 24.03 89.53 16.94
C GLU E 346 23.09 89.45 18.13
N ALA E 347 22.24 88.43 18.13
CA ALA E 347 21.37 88.15 19.26
C ALA E 347 22.11 88.25 20.62
N ILE E 348 23.15 87.43 20.82
CA ILE E 348 23.81 87.45 22.11
C ILE E 348 24.49 88.80 22.34
N LEU E 349 24.99 89.40 21.27
CA LEU E 349 25.56 90.73 21.37
C LEU E 349 24.51 91.80 21.78
N LEU E 350 23.46 91.93 20.97
CA LEU E 350 22.37 92.83 21.29
C LEU E 350 21.81 92.61 22.70
N VAL E 351 21.72 91.36 23.13
CA VAL E 351 21.23 91.09 24.46
C VAL E 351 22.23 91.63 25.48
N PHE E 352 23.51 91.41 25.20
CA PHE E 352 24.52 91.98 26.05
C PHE E 352 24.41 93.52 26.17
N LEU E 353 24.11 94.22 25.07
CA LEU E 353 24.03 95.70 25.10
C LEU E 353 22.85 96.22 25.88
N VAL E 354 21.64 95.77 25.53
CA VAL E 354 20.49 96.22 26.26
C VAL E 354 20.54 95.72 27.69
N MET E 355 21.12 94.54 27.92
CA MET E 355 21.36 94.07 29.28
C MET E 355 22.14 95.11 30.06
N TYR E 356 23.27 95.53 29.49
CA TYR E 356 24.10 96.53 30.10
C TYR E 356 23.38 97.83 30.34
N LEU E 357 22.70 98.33 29.33
CA LEU E 357 22.06 99.62 29.43
C LEU E 357 21.04 99.71 30.59
N PHE E 358 20.24 98.68 30.83
CA PHE E 358 19.24 98.81 31.89
C PHE E 358 19.73 98.42 33.29
N LEU E 359 20.63 97.43 33.38
CA LEU E 359 21.18 96.98 34.66
C LEU E 359 22.64 97.17 34.49
N GLN E 360 23.21 98.12 35.19
CA GLN E 360 24.53 98.56 34.77
C GLN E 360 25.66 97.55 35.07
N ASN E 361 25.34 96.47 35.80
CA ASN E 361 26.26 95.35 36.09
C ASN E 361 26.85 94.70 34.82
N PHE E 362 28.06 94.12 34.91
CA PHE E 362 28.68 93.38 33.79
C PHE E 362 28.59 91.87 33.94
N ARG E 363 28.27 91.40 35.13
CA ARG E 363 28.21 89.99 35.34
C ARG E 363 26.82 89.52 34.93
N ALA E 364 25.80 90.31 35.28
CA ALA E 364 24.43 90.10 34.80
C ALA E 364 24.45 89.98 33.30
N THR E 365 25.33 90.74 32.64
CA THR E 365 25.50 90.66 31.21
C THR E 365 25.86 89.27 30.72
N LEU E 366 26.80 88.61 31.41
CA LEU E 366 27.33 87.36 30.91
C LEU E 366 26.63 86.11 31.45
N ILE E 367 25.44 86.29 32.03
CA ILE E 367 24.57 85.14 32.30
C ILE E 367 23.89 84.69 31.02
N PRO E 368 23.07 85.55 30.39
CA PRO E 368 22.55 85.25 29.06
C PRO E 368 23.60 84.83 28.03
N THR E 369 24.85 85.27 28.19
CA THR E 369 25.89 84.89 27.21
C THR E 369 26.27 83.44 27.35
N ILE E 370 26.03 82.89 28.54
CA ILE E 370 26.10 81.46 28.78
C ILE E 370 24.85 80.71 28.27
N ALA E 371 23.69 80.94 28.89
CA ALA E 371 22.46 80.16 28.61
C ALA E 371 22.03 80.05 27.14
N VAL E 372 21.93 81.17 26.42
CA VAL E 372 21.54 81.12 25.01
C VAL E 372 22.37 80.13 24.13
N PRO E 373 23.71 80.21 24.19
CA PRO E 373 24.55 79.20 23.58
C PRO E 373 24.23 77.79 24.06
N VAL E 374 24.09 77.60 25.37
CA VAL E 374 23.76 76.27 25.90
C VAL E 374 22.47 75.69 25.29
N VAL E 375 21.44 76.51 25.20
CA VAL E 375 20.17 76.05 24.70
C VAL E 375 20.25 75.78 23.23
N LEU E 376 20.88 76.70 22.49
CA LEU E 376 21.09 76.49 21.07
C LEU E 376 21.74 75.16 20.80
N LEU E 377 22.90 74.96 21.42
CA LEU E 377 23.62 73.69 21.32
C LEU E 377 22.73 72.52 21.56
N GLY E 378 22.22 72.42 22.79
CA GLY E 378 21.24 71.42 23.14
C GLY E 378 20.19 71.19 22.06
N THR E 379 19.70 72.27 21.44
CA THR E 379 18.56 72.13 20.50
C THR E 379 18.95 71.28 19.28
N PHE E 380 20.17 71.48 18.78
CA PHE E 380 20.71 70.64 17.71
C PHE E 380 20.69 69.15 18.08
N GLY E 381 20.85 68.87 19.37
CA GLY E 381 20.86 67.51 19.86
C GLY E 381 19.47 66.90 19.82
N VAL E 382 18.49 67.63 20.33
CA VAL E 382 17.08 67.21 20.27
C VAL E 382 16.69 67.01 18.81
N LEU E 383 17.13 67.90 17.94
CA LEU E 383 16.92 67.71 16.52
C LEU E 383 17.42 66.36 16.01
N ALA E 384 18.63 65.98 16.44
CA ALA E 384 19.26 64.72 16.07
C ALA E 384 18.40 63.58 16.57
N ALA E 385 17.99 63.69 17.83
CA ALA E 385 17.17 62.68 18.46
C ALA E 385 15.92 62.41 17.64
N PHE E 386 15.15 63.46 17.37
CA PHE E 386 13.90 63.33 16.63
C PHE E 386 14.05 62.92 15.16
N GLY E 387 15.27 62.98 14.61
CA GLY E 387 15.55 62.52 13.26
C GLY E 387 15.44 63.59 12.19
N PHE E 388 15.84 64.80 12.53
CA PHE E 388 15.70 65.91 11.61
C PHE E 388 17.08 66.20 11.01
N SER E 389 17.15 67.17 10.08
CA SER E 389 18.46 67.64 9.61
C SER E 389 18.60 69.15 9.81
N ILE E 390 19.83 69.64 9.72
CA ILE E 390 20.08 71.04 9.44
C ILE E 390 19.66 71.26 7.99
N ASN E 391 18.82 72.28 7.77
CA ASN E 391 18.26 72.58 6.47
C ASN E 391 17.55 73.95 6.58
N THR E 392 17.08 74.49 5.46
CA THR E 392 16.51 75.82 5.40
C THR E 392 15.51 76.15 6.49
N LEU E 393 14.62 75.19 6.82
CA LEU E 393 13.46 75.46 7.68
C LEU E 393 13.73 75.22 9.17
N THR E 394 14.54 74.21 9.47
CA THR E 394 15.05 74.02 10.83
C THR E 394 16.04 75.11 11.15
N MET E 395 16.76 75.59 10.14
CA MET E 395 17.61 76.75 10.36
C MET E 395 16.79 78.00 10.68
N PHE E 396 15.80 78.36 9.86
CA PHE E 396 14.97 79.52 10.21
C PHE E 396 14.25 79.26 11.51
N GLY E 397 13.77 78.04 11.68
CA GLY E 397 13.08 77.66 12.90
C GLY E 397 13.84 78.13 14.11
N MET E 398 15.17 77.98 14.10
CA MET E 398 16.06 78.38 15.19
C MET E 398 15.97 79.87 15.41
N VAL E 399 16.12 80.62 14.31
CA VAL E 399 16.12 82.08 14.29
C VAL E 399 14.87 82.69 14.92
N LEU E 400 13.70 82.16 14.56
CA LEU E 400 12.47 82.52 15.27
C LEU E 400 12.51 82.18 16.76
N ALA E 401 13.03 81.01 17.10
CA ALA E 401 13.03 80.53 18.48
C ALA E 401 13.95 81.34 19.40
N ILE E 402 14.78 82.19 18.80
CA ILE E 402 15.76 83.00 19.51
C ILE E 402 15.06 84.09 20.30
N GLY E 403 13.93 84.57 19.79
CA GLY E 403 13.14 85.55 20.49
C GLY E 403 12.68 85.04 21.84
N LEU E 404 12.20 83.80 21.86
CA LEU E 404 11.70 83.16 23.07
C LEU E 404 12.81 82.68 24.00
N LEU E 405 13.99 82.51 23.43
CA LEU E 405 15.14 81.92 24.09
C LEU E 405 15.88 82.99 24.89
N VAL E 406 15.80 84.20 24.37
CA VAL E 406 16.46 85.35 24.93
C VAL E 406 15.63 85.89 26.07
N ASP E 407 14.31 85.87 25.89
CA ASP E 407 13.35 86.31 26.91
C ASP E 407 13.54 85.52 28.22
N ASP E 408 13.59 84.20 28.11
CA ASP E 408 13.74 83.36 29.29
C ASP E 408 15.04 83.67 30.09
N ALA E 409 16.10 84.12 29.41
CA ALA E 409 17.31 84.58 30.11
C ALA E 409 17.08 85.94 30.76
N ILE E 410 16.71 86.93 29.94
CA ILE E 410 16.35 88.24 30.43
C ILE E 410 15.41 88.17 31.62
N VAL E 411 14.21 87.56 31.49
CA VAL E 411 13.23 87.69 32.59
C VAL E 411 13.82 87.26 33.92
N VAL E 412 14.43 86.07 33.95
CA VAL E 412 15.05 85.50 35.17
C VAL E 412 16.10 86.38 35.84
N VAL E 413 16.95 87.00 35.03
CA VAL E 413 18.00 87.85 35.56
C VAL E 413 17.42 89.18 35.94
N GLU E 414 16.63 89.80 35.04
CA GLU E 414 16.01 91.08 35.38
C GLU E 414 15.26 90.98 36.72
N ASN E 415 14.52 89.90 36.90
CA ASN E 415 13.78 89.75 38.13
C ASN E 415 14.60 89.65 39.43
N VAL E 416 15.65 88.83 39.43
CA VAL E 416 16.59 88.80 40.54
C VAL E 416 17.16 90.21 40.76
N GLU E 417 17.67 90.80 39.68
CA GLU E 417 18.26 92.11 39.78
C GLU E 417 17.29 93.08 40.44
N ARG E 418 15.99 92.92 40.18
CA ARG E 418 14.99 93.81 40.70
C ARG E 418 14.75 93.56 42.18
N VAL E 419 14.32 92.36 42.54
CA VAL E 419 14.18 91.95 43.94
C VAL E 419 15.39 92.41 44.78
N MET E 420 16.59 92.15 44.30
CA MET E 420 17.79 92.56 45.00
C MET E 420 17.80 94.02 45.35
N ALA E 421 17.31 94.85 44.44
CA ALA E 421 17.33 96.31 44.62
C ALA E 421 16.17 96.82 45.47
N GLU E 422 14.99 96.28 45.22
CA GLU E 422 13.81 96.78 45.88
C GLU E 422 13.76 96.28 47.30
N GLU E 423 14.33 95.10 47.55
CA GLU E 423 14.32 94.50 48.91
C GLU E 423 15.66 94.18 49.57
N GLY E 424 16.78 94.52 48.95
CA GLY E 424 18.08 94.42 49.64
C GLY E 424 18.48 93.00 50.01
N LEU E 425 17.84 92.02 49.38
CA LEU E 425 18.19 90.62 49.56
C LEU E 425 19.52 90.31 48.90
N SER E 426 20.26 89.37 49.51
CA SER E 426 21.51 88.88 48.91
C SER E 426 21.17 88.20 47.60
N PRO E 427 22.13 88.08 46.67
CA PRO E 427 21.83 87.41 45.40
C PRO E 427 21.22 86.05 45.64
N ARG E 428 21.81 85.27 46.56
CA ARG E 428 21.31 83.94 46.80
C ARG E 428 19.84 83.96 47.17
N GLU E 429 19.46 84.83 48.11
CA GLU E 429 18.05 84.96 48.49
C GLU E 429 17.19 85.53 47.33
N ALA E 430 17.53 86.72 46.86
CA ALA E 430 16.88 87.28 45.68
C ALA E 430 16.61 86.25 44.60
N ALA E 431 17.47 85.27 44.42
CA ALA E 431 17.21 84.27 43.41
C ALA E 431 16.18 83.28 43.93
N ARG E 432 16.18 82.98 45.22
CA ARG E 432 15.19 82.00 45.66
C ARG E 432 13.89 82.73 45.57
N LYS E 433 13.85 83.95 46.11
CA LYS E 433 12.66 84.80 46.07
C LYS E 433 12.11 84.89 44.66
N SER E 434 12.94 85.38 43.75
CA SER E 434 12.59 85.53 42.33
C SER E 434 11.91 84.29 41.82
N MET E 435 12.56 83.13 41.96
CA MET E 435 12.04 81.89 41.36
C MET E 435 10.81 81.35 42.05
N GLY E 436 10.61 81.77 43.29
CA GLY E 436 9.38 81.47 44.01
C GLY E 436 8.17 82.09 43.32
N GLN E 437 8.30 83.32 42.82
CA GLN E 437 7.30 84.01 41.96
C GLN E 437 7.20 83.47 40.51
N ILE E 438 8.36 83.08 39.96
CA ILE E 438 8.50 82.71 38.56
C ILE E 438 8.22 81.22 38.22
N GLN E 439 8.67 80.28 39.05
CA GLN E 439 8.56 78.83 38.76
C GLN E 439 7.31 78.46 37.99
N GLY E 440 6.18 78.59 38.69
CA GLY E 440 4.86 78.16 38.22
C GLY E 440 4.54 78.76 36.87
N ALA E 441 4.66 80.07 36.77
CA ALA E 441 4.47 80.76 35.51
C ALA E 441 5.30 80.12 34.36
N LEU E 442 6.58 79.86 34.61
CA LEU E 442 7.49 79.31 33.60
C LEU E 442 7.02 77.97 33.10
N VAL E 443 6.75 77.08 34.03
CA VAL E 443 6.25 75.76 33.65
C VAL E 443 4.99 75.98 32.84
N GLY E 444 3.97 76.57 33.47
CA GLY E 444 2.82 77.12 32.74
C GLY E 444 3.05 77.76 31.36
N ILE E 445 3.96 78.74 31.25
CA ILE E 445 4.20 79.33 29.93
C ILE E 445 4.65 78.21 28.97
N ALA E 446 5.48 77.28 29.45
CA ALA E 446 6.04 76.26 28.58
C ALA E 446 4.92 75.48 27.93
N MET E 447 3.98 74.99 28.74
CA MET E 447 2.78 74.29 28.24
C MET E 447 2.07 75.10 27.16
N VAL E 448 1.61 76.29 27.54
CA VAL E 448 0.94 77.18 26.63
C VAL E 448 1.67 77.29 25.29
N LEU E 449 2.98 77.56 25.31
CA LEU E 449 3.69 77.67 24.04
C LEU E 449 3.67 76.35 23.26
N SER E 450 3.52 75.24 23.97
CA SER E 450 3.47 73.96 23.29
C SER E 450 2.13 73.79 22.62
N ALA E 451 1.09 74.32 23.24
CA ALA E 451 -0.26 74.31 22.64
C ALA E 451 -0.41 75.24 21.41
N VAL E 452 0.56 76.12 21.18
CA VAL E 452 0.48 77.15 20.16
C VAL E 452 1.32 76.74 18.97
N PHE E 453 2.17 75.73 19.15
CA PHE E 453 3.12 75.41 18.10
C PHE E 453 3.03 73.95 17.69
N LEU E 454 2.64 73.08 18.63
CA LEU E 454 2.42 71.68 18.29
C LEU E 454 1.24 71.40 17.36
N PRO E 455 0.07 72.05 17.56
CA PRO E 455 -1.02 71.48 16.82
C PRO E 455 -0.83 71.70 15.35
N MET E 456 -0.03 72.69 15.00
CA MET E 456 0.30 72.88 13.59
C MET E 456 1.06 71.65 13.04
N ALA E 457 1.84 70.96 13.88
CA ALA E 457 2.63 69.82 13.42
C ALA E 457 1.78 68.62 12.96
N PHE E 458 0.48 68.67 13.20
CA PHE E 458 -0.39 67.55 12.89
C PHE E 458 -1.14 67.71 11.57
N PHE E 459 -0.65 68.61 10.72
CA PHE E 459 -1.17 68.72 9.36
C PHE E 459 -0.43 67.69 8.51
N GLY E 460 -1.16 66.89 7.74
CA GLY E 460 -0.52 66.01 6.76
C GLY E 460 -0.28 66.74 5.45
N GLY E 461 0.39 66.04 4.54
CA GLY E 461 0.71 66.63 3.24
C GLY E 461 1.94 67.51 3.35
N SER E 462 2.34 68.08 2.21
CA SER E 462 3.58 68.84 2.08
C SER E 462 3.58 70.02 3.02
N THR E 463 2.60 70.90 2.82
CA THR E 463 2.18 71.89 3.82
C THR E 463 2.68 71.47 5.25
N GLY E 464 2.18 70.35 5.77
CA GLY E 464 2.52 69.87 7.11
C GLY E 464 3.97 69.58 7.43
N VAL E 465 4.63 68.86 6.53
CA VAL E 465 6.08 68.64 6.59
C VAL E 465 6.77 69.93 6.96
N ILE E 466 6.39 71.02 6.29
CA ILE E 466 6.99 72.32 6.58
C ILE E 466 6.60 72.78 7.98
N TYR E 467 5.32 72.77 8.30
CA TYR E 467 4.93 73.13 9.65
C TYR E 467 5.69 72.35 10.72
N ARG E 468 5.82 71.04 10.56
CA ARG E 468 6.63 70.24 11.48
C ARG E 468 8.09 70.74 11.56
N GLN E 469 8.75 70.94 10.43
CA GLN E 469 10.10 71.47 10.51
C GLN E 469 10.14 72.65 11.46
N PHE E 470 9.12 73.47 11.45
CA PHE E 470 9.13 74.67 12.25
C PHE E 470 8.76 74.33 13.66
N SER E 471 7.56 73.77 13.81
CA SER E 471 6.99 73.41 15.10
C SER E 471 7.95 72.65 15.99
N ILE E 472 8.60 71.63 15.46
CA ILE E 472 9.49 70.76 16.25
C ILE E 472 10.81 71.42 16.64
N THR E 473 11.51 72.00 15.68
CA THR E 473 12.67 72.82 16.03
C THR E 473 12.31 73.94 17.03
N ILE E 474 11.10 74.50 16.95
CA ILE E 474 10.67 75.57 17.86
C ILE E 474 10.32 75.13 19.28
N VAL E 475 9.37 74.21 19.46
CA VAL E 475 8.98 73.80 20.82
C VAL E 475 10.14 73.10 21.51
N SER E 476 11.02 72.48 20.73
CA SER E 476 12.27 71.94 21.26
C SER E 476 13.10 73.02 21.93
N ALA E 477 13.45 74.02 21.14
CA ALA E 477 14.18 75.17 21.69
C ALA E 477 13.50 75.67 22.98
N MET E 478 12.19 75.86 22.94
CA MET E 478 11.51 76.49 24.03
C MET E 478 11.55 75.62 25.32
N ALA E 479 11.30 74.32 25.17
CA ALA E 479 11.34 73.40 26.32
C ALA E 479 12.74 73.34 26.94
N LEU E 480 13.76 73.21 26.09
CA LEU E 480 15.12 73.37 26.57
C LEU E 480 15.31 74.67 27.30
N SER E 481 14.92 75.78 26.70
CA SER E 481 14.97 77.09 27.34
C SER E 481 14.37 77.11 28.75
N VAL E 482 13.14 76.62 28.88
CA VAL E 482 12.51 76.57 30.20
C VAL E 482 13.31 75.76 31.22
N ILE E 483 13.72 74.55 30.83
CA ILE E 483 14.64 73.71 31.63
C ILE E 483 15.85 74.48 32.22
N VAL E 484 16.75 74.98 31.36
CA VAL E 484 17.88 75.77 31.83
C VAL E 484 17.49 77.05 32.59
N ALA E 485 16.37 77.68 32.20
CA ALA E 485 15.79 78.82 32.96
C ALA E 485 15.32 78.39 34.34
N LEU E 486 15.09 77.10 34.50
CA LEU E 486 14.76 76.53 35.79
C LEU E 486 15.99 76.04 36.55
N ILE E 487 16.98 75.52 35.85
CA ILE E 487 18.12 74.86 36.51
C ILE E 487 19.39 75.70 36.54
N LEU E 488 19.89 76.01 35.36
CA LEU E 488 21.15 76.75 35.18
C LEU E 488 21.10 78.26 35.54
N THR E 489 20.20 79.03 34.92
CA THR E 489 20.10 80.45 35.18
C THR E 489 19.93 80.81 36.67
N PRO E 490 18.90 80.25 37.35
CA PRO E 490 18.81 80.68 38.77
C PRO E 490 20.15 80.53 39.53
N ALA E 491 20.82 79.39 39.34
CA ALA E 491 22.13 79.18 39.90
C ALA E 491 23.09 80.29 39.47
N LEU E 492 23.35 80.45 38.16
CA LEU E 492 24.23 81.53 37.68
C LEU E 492 23.97 82.89 38.32
N CYS E 493 22.68 83.26 38.42
CA CYS E 493 22.30 84.43 39.21
C CYS E 493 22.88 84.41 40.63
N ALA E 494 22.48 83.42 41.41
CA ALA E 494 22.89 83.34 42.82
C ALA E 494 24.41 83.29 43.01
N THR E 495 25.12 82.61 42.11
CA THR E 495 26.57 82.62 42.06
C THR E 495 27.09 83.98 41.64
N MET E 496 26.98 84.28 40.36
CA MET E 496 27.75 85.36 39.73
C MET E 496 27.28 86.79 39.95
N LEU E 497 26.13 87.03 40.55
CA LEU E 497 25.70 88.42 40.64
C LEU E 497 26.25 89.08 41.89
N LYS E 498 26.34 90.42 41.85
CA LYS E 498 26.76 91.18 43.03
C LYS E 498 25.54 91.74 43.74
N PRO E 499 25.61 91.97 45.07
CA PRO E 499 24.40 92.48 45.72
C PRO E 499 24.22 93.96 45.43
N ILE E 500 23.05 94.51 45.76
CA ILE E 500 22.86 95.97 45.69
C ILE E 500 22.06 96.50 46.88
N GLU E 501 22.09 97.83 47.05
CA GLU E 501 21.45 98.54 48.16
C GLU E 501 19.95 98.47 48.07
N LYS E 502 19.27 98.36 49.21
CA LYS E 502 17.82 98.50 49.24
C LYS E 502 17.38 99.92 48.82
N GLY E 503 16.61 99.99 47.75
CA GLY E 503 16.05 101.26 47.25
C GLY E 503 16.90 102.02 46.25
N ASP E 504 18.10 101.53 45.98
CA ASP E 504 19.07 102.20 45.09
C ASP E 504 18.83 101.94 43.60
N HIS E 505 17.99 102.77 42.98
CA HIS E 505 17.70 102.65 41.56
C HIS E 505 18.65 103.48 40.71
N GLY E 506 19.73 103.95 41.35
CA GLY E 506 20.84 104.68 40.71
C GLY E 506 20.58 105.98 39.97
N GLU E 507 20.23 107.04 40.68
CA GLU E 507 20.06 108.38 40.06
C GLU E 507 21.19 109.35 40.43
N HIS E 508 21.69 109.20 41.65
CA HIS E 508 22.88 109.91 42.10
C HIS E 508 24.12 109.44 41.32
N LYS E 509 23.89 108.65 40.28
CA LYS E 509 24.95 108.12 39.44
C LYS E 509 25.59 109.24 38.62
N GLY E 510 24.78 110.17 38.12
CA GLY E 510 25.28 111.29 37.30
C GLY E 510 26.02 110.85 36.03
N GLY E 511 25.91 111.64 34.97
CA GLY E 511 26.45 111.22 33.68
C GLY E 511 25.34 110.56 32.88
N PHE E 512 25.70 109.69 31.93
CA PHE E 512 24.69 109.07 31.05
C PHE E 512 23.74 108.12 31.79
N PHE E 513 24.31 107.17 32.53
CA PHE E 513 23.50 106.22 33.29
C PHE E 513 22.60 106.98 34.24
N GLY E 514 23.21 107.87 35.04
CA GLY E 514 22.47 108.83 35.87
C GLY E 514 21.29 109.41 35.12
N TRP E 515 21.54 109.94 33.92
CA TRP E 515 20.48 110.52 33.10
C TRP E 515 19.43 109.47 32.77
N PHE E 516 19.91 108.33 32.25
CA PHE E 516 19.06 107.29 31.74
C PHE E 516 18.06 106.84 32.80
N ASN E 517 18.58 106.55 33.99
CA ASN E 517 17.73 106.02 35.07
C ASN E 517 16.66 107.03 35.49
N ARG E 518 17.06 108.27 35.77
CA ARG E 518 16.09 109.30 36.09
C ARG E 518 14.98 109.21 35.03
N MET E 519 15.40 109.35 33.77
CA MET E 519 14.53 109.29 32.60
C MET E 519 13.62 108.07 32.60
N PHE E 520 14.21 106.86 32.65
CA PHE E 520 13.43 105.60 32.62
C PHE E 520 12.43 105.46 33.77
N LEU E 521 12.87 105.85 34.97
CA LEU E 521 12.05 105.85 36.18
C LEU E 521 10.84 106.78 36.00
N SER E 522 11.13 107.95 35.43
CA SER E 522 10.13 108.94 35.12
C SER E 522 9.12 108.38 34.13
N THR E 523 9.65 107.73 33.09
CA THR E 523 8.85 106.97 32.11
C THR E 523 7.93 105.96 32.79
N THR E 524 8.50 105.12 33.65
CA THR E 524 7.68 104.18 34.37
C THR E 524 6.52 104.85 35.09
N HIS E 525 6.81 105.88 35.91
CA HIS E 525 5.72 106.59 36.63
C HIS E 525 4.67 107.04 35.65
N GLY E 526 5.16 107.62 34.54
CA GLY E 526 4.32 107.97 33.39
C GLY E 526 3.38 106.85 33.02
N TYR E 527 3.98 105.73 32.61
CA TYR E 527 3.28 104.50 32.26
C TYR E 527 2.23 104.12 33.32
N GLU E 528 2.62 104.24 34.58
CA GLU E 528 1.77 103.87 35.68
C GLU E 528 0.51 104.69 35.66
N ARG E 529 0.69 106.02 35.57
CA ARG E 529 -0.40 106.97 35.42
C ARG E 529 -1.31 106.60 34.25
N GLY E 530 -0.71 106.25 33.10
CA GLY E 530 -1.48 105.73 31.97
C GLY E 530 -2.35 104.54 32.34
N VAL E 531 -1.78 103.58 33.05
CA VAL E 531 -2.54 102.38 33.39
C VAL E 531 -3.66 102.77 34.36
N ALA E 532 -3.31 103.66 35.30
CA ALA E 532 -4.23 104.12 36.34
C ALA E 532 -5.40 104.78 35.65
N SER E 533 -5.06 105.65 34.72
CA SER E 533 -6.01 106.38 33.92
C SER E 533 -7.00 105.43 33.27
N ILE E 534 -6.49 104.52 32.42
CA ILE E 534 -7.30 103.50 31.75
C ILE E 534 -8.23 102.71 32.70
N LEU E 535 -7.74 102.37 33.89
CA LEU E 535 -8.57 101.58 34.81
C LEU E 535 -9.71 102.37 35.42
N LYS E 536 -9.58 103.72 35.40
CA LYS E 536 -10.64 104.68 35.80
C LYS E 536 -11.67 104.83 34.70
N HIS E 537 -11.26 104.59 33.45
CA HIS E 537 -12.09 104.87 32.28
C HIS E 537 -12.16 103.70 31.31
N ARG E 538 -12.88 102.66 31.74
CA ARG E 538 -12.77 101.36 31.09
C ARG E 538 -13.40 101.20 29.70
N ALA E 539 -14.72 101.44 29.61
CA ALA E 539 -15.47 101.25 28.35
C ALA E 539 -14.83 101.97 27.13
N PRO E 540 -14.44 103.26 27.30
CA PRO E 540 -13.63 103.94 26.29
C PRO E 540 -12.70 102.96 25.64
N TYR E 541 -11.96 102.25 26.49
CA TYR E 541 -10.93 101.36 26.03
C TYR E 541 -11.43 100.03 25.57
N LEU E 542 -12.21 99.33 26.40
CA LEU E 542 -12.80 98.10 25.91
C LEU E 542 -13.37 98.29 24.48
N LEU E 543 -13.93 99.47 24.18
CA LEU E 543 -14.42 99.71 22.84
C LEU E 543 -13.26 99.79 21.84
N ILE E 544 -12.31 100.70 22.07
CA ILE E 544 -11.13 100.79 21.18
C ILE E 544 -10.42 99.42 21.02
N TYR E 545 -10.70 98.49 21.93
CA TYR E 545 -10.32 97.10 21.73
C TYR E 545 -11.13 96.52 20.60
N VAL E 546 -12.44 96.31 20.82
CA VAL E 546 -13.37 95.84 19.77
C VAL E 546 -13.21 96.50 18.37
N VAL E 547 -12.88 97.80 18.32
CA VAL E 547 -12.53 98.40 17.03
C VAL E 547 -11.34 97.68 16.44
N ILE E 548 -10.23 97.65 17.20
CA ILE E 548 -8.96 97.03 16.73
C ILE E 548 -9.05 95.50 16.48
N VAL E 549 -10.02 94.86 17.13
CA VAL E 549 -10.30 93.46 16.87
C VAL E 549 -10.93 93.26 15.51
N ALA E 550 -12.05 93.94 15.27
CA ALA E 550 -12.71 93.87 13.97
C ALA E 550 -11.71 94.37 12.92
N GLY E 551 -10.97 95.41 13.28
CA GLY E 551 -9.83 95.87 12.51
C GLY E 551 -9.04 94.73 11.91
N MET E 552 -8.65 93.78 12.76
CA MET E 552 -7.89 92.59 12.35
C MET E 552 -8.72 91.63 11.50
N ILE E 553 -9.93 91.27 11.96
CA ILE E 553 -10.79 90.37 11.19
C ILE E 553 -10.87 90.81 9.73
N TRP E 554 -10.93 92.11 9.53
CA TRP E 554 -11.01 92.71 8.21
C TRP E 554 -9.68 92.56 7.47
N MET E 555 -8.65 93.19 8.03
CA MET E 555 -7.28 93.13 7.57
C MET E 555 -6.83 91.73 7.09
N PHE E 556 -7.51 90.67 7.56
CA PHE E 556 -7.23 89.29 7.10
C PHE E 556 -7.66 89.12 5.66
N THR E 557 -8.95 88.90 5.46
CA THR E 557 -9.53 88.90 4.11
C THR E 557 -9.53 90.32 3.61
N ARG E 558 -8.39 90.65 3.01
CA ARG E 558 -8.02 91.92 2.43
C ARG E 558 -6.55 91.72 2.11
N ILE E 559 -5.94 90.68 2.69
CA ILE E 559 -4.54 90.37 2.46
C ILE E 559 -4.39 89.24 1.42
N PRO E 560 -3.41 89.38 0.49
CA PRO E 560 -3.17 88.33 -0.52
C PRO E 560 -2.70 87.06 0.17
N THR E 561 -3.18 85.92 -0.30
CA THR E 561 -2.96 84.70 0.45
C THR E 561 -2.30 83.61 -0.40
N ALA E 562 -1.01 83.38 -0.16
CA ALA E 562 -0.21 82.42 -0.94
C ALA E 562 0.42 81.29 -0.10
N PHE E 563 0.65 80.14 -0.73
CA PHE E 563 1.39 78.98 -0.16
C PHE E 563 2.80 79.30 0.41
N LEU E 564 3.87 79.20 -0.39
CA LEU E 564 5.22 79.63 0.02
C LEU E 564 5.48 81.09 -0.36
N PRO E 565 6.64 81.66 0.06
CA PRO E 565 6.94 83.00 -0.46
C PRO E 565 7.58 82.91 -1.83
N ASP E 566 7.72 84.05 -2.49
CA ASP E 566 8.39 84.08 -3.77
C ASP E 566 9.89 84.27 -3.55
N GLU E 567 10.66 83.41 -4.20
CA GLU E 567 12.07 83.40 -3.94
C GLU E 567 12.85 83.44 -5.23
N ASP E 568 14.00 84.11 -5.16
CA ASP E 568 14.86 84.21 -6.30
C ASP E 568 16.04 83.26 -6.16
N GLN E 569 15.79 82.00 -6.47
CA GLN E 569 16.84 81.05 -6.84
C GLN E 569 17.33 81.52 -8.18
N GLY E 570 18.64 81.55 -8.39
CA GLY E 570 19.16 82.13 -9.64
C GLY E 570 18.75 81.40 -10.93
N VAL E 571 17.45 81.15 -11.11
CA VAL E 571 16.95 80.28 -12.17
C VAL E 571 15.64 80.79 -12.76
N LEU E 572 15.60 80.77 -14.08
CA LEU E 572 14.42 81.14 -14.82
C LEU E 572 14.17 80.06 -15.88
N PHE E 573 12.90 79.69 -16.07
CA PHE E 573 12.53 78.75 -17.11
C PHE E 573 11.98 79.47 -18.33
N ALA E 574 12.25 78.93 -19.51
CA ALA E 574 11.57 79.38 -20.70
C ALA E 574 11.23 78.19 -21.56
N GLN E 575 9.93 77.83 -21.57
CA GLN E 575 9.40 76.71 -22.35
C GLN E 575 9.03 77.13 -23.78
N VAL E 576 9.28 76.27 -24.77
CA VAL E 576 8.95 76.58 -26.19
C VAL E 576 8.03 75.54 -26.86
N GLN E 577 7.06 76.04 -27.65
CA GLN E 577 6.14 75.17 -28.38
C GLN E 577 5.90 75.66 -29.81
N THR E 578 6.69 75.18 -30.77
CA THR E 578 6.47 75.53 -32.18
C THR E 578 5.30 74.68 -32.70
N PRO E 579 4.47 75.23 -33.60
CA PRO E 579 3.19 74.63 -33.95
C PRO E 579 3.21 73.15 -34.36
N PRO E 580 2.17 72.41 -33.96
CA PRO E 580 1.83 71.06 -34.34
C PRO E 580 2.47 70.57 -35.65
N GLY E 581 3.43 69.67 -35.55
CA GLY E 581 4.04 69.08 -36.72
C GLY E 581 5.38 69.66 -37.09
N SER E 582 5.90 70.62 -36.31
CA SER E 582 7.25 71.13 -36.57
C SER E 582 8.34 70.07 -36.38
N SER E 583 9.56 70.43 -36.78
CA SER E 583 10.71 69.55 -36.64
C SER E 583 11.60 70.16 -35.57
N ALA E 584 12.50 69.34 -35.03
CA ALA E 584 13.42 69.77 -33.97
C ALA E 584 14.37 70.83 -34.49
N GLU E 585 14.64 70.76 -35.80
CA GLU E 585 15.46 71.76 -36.49
C GLU E 585 14.83 73.15 -36.43
N ARG E 586 13.48 73.19 -36.50
CA ARG E 586 12.69 74.42 -36.43
C ARG E 586 12.63 75.00 -35.03
N THR E 587 12.25 74.14 -34.07
CA THR E 587 12.23 74.51 -32.65
C THR E 587 13.64 74.93 -32.21
N GLN E 588 14.65 74.25 -32.75
CA GLN E 588 16.03 74.47 -32.36
C GLN E 588 16.48 75.89 -32.58
N VAL E 589 15.97 76.51 -33.65
CA VAL E 589 16.37 77.87 -33.97
C VAL E 589 15.68 78.88 -33.05
N VAL E 590 14.39 78.69 -32.83
CA VAL E 590 13.64 79.51 -31.86
C VAL E 590 14.35 79.56 -30.52
N VAL E 591 14.80 78.41 -30.03
CA VAL E 591 15.49 78.36 -28.74
C VAL E 591 16.87 79.06 -28.79
N ASP E 592 17.37 79.26 -30.01
CA ASP E 592 18.66 79.94 -30.20
C ASP E 592 18.51 81.45 -30.20
N SER E 593 17.42 81.94 -30.80
CA SER E 593 17.11 83.38 -30.82
C SER E 593 16.83 83.83 -29.38
N MET E 594 16.04 83.04 -28.69
CA MET E 594 15.94 83.01 -27.23
C MET E 594 17.29 83.21 -26.56
N ARG E 595 18.12 82.18 -26.60
CA ARG E 595 19.41 82.24 -25.95
C ARG E 595 20.27 83.45 -26.37
N GLU E 596 20.21 83.83 -27.65
CA GLU E 596 21.00 84.96 -28.17
C GLU E 596 20.50 86.26 -27.59
N TYR E 597 19.18 86.39 -27.49
CA TYR E 597 18.57 87.56 -26.85
C TYR E 597 19.09 87.68 -25.43
N LEU E 598 18.86 86.64 -24.64
CA LEU E 598 19.26 86.61 -23.22
C LEU E 598 20.75 86.79 -22.99
N LEU E 599 21.54 85.90 -23.57
CA LEU E 599 22.98 85.85 -23.34
C LEU E 599 23.73 87.12 -23.81
N GLU E 600 23.03 87.97 -24.58
CA GLU E 600 23.64 89.18 -25.14
C GLU E 600 22.93 90.50 -24.76
N LYS E 601 21.60 90.52 -24.80
CA LYS E 601 20.82 91.72 -24.43
C LYS E 601 20.34 91.73 -22.94
N GLU E 602 21.08 91.05 -22.07
CA GLU E 602 20.68 90.84 -20.67
C GLU E 602 21.85 90.55 -19.74
N SER E 603 23.04 90.36 -20.33
CA SER E 603 24.21 89.77 -19.65
C SER E 603 24.62 90.41 -18.31
N SER E 604 24.07 91.59 -18.01
CA SER E 604 24.13 92.19 -16.68
C SER E 604 23.61 91.23 -15.62
N SER E 605 22.58 90.47 -16.00
CA SER E 605 21.93 89.48 -15.14
C SER E 605 22.33 88.02 -15.48
N VAL E 606 22.21 87.63 -16.75
CA VAL E 606 22.30 86.23 -17.15
C VAL E 606 23.70 85.62 -17.34
N SER E 607 24.04 84.67 -16.46
CA SER E 607 25.31 83.95 -16.53
C SER E 607 25.37 82.91 -17.66
N SER E 608 24.29 82.15 -17.88
CA SER E 608 24.31 81.06 -18.86
C SER E 608 22.95 80.46 -19.20
N VAL E 609 22.89 79.72 -20.32
CA VAL E 609 21.63 79.13 -20.77
C VAL E 609 21.78 77.71 -21.33
N PHE E 610 21.14 76.75 -20.66
CA PHE E 610 21.08 75.36 -21.12
C PHE E 610 19.81 75.17 -21.95
N THR E 611 19.96 74.67 -23.18
CA THR E 611 18.90 74.69 -24.17
C THR E 611 18.57 73.33 -24.72
N VAL E 612 17.36 72.87 -24.42
CA VAL E 612 16.98 71.51 -24.73
C VAL E 612 16.02 71.55 -25.92
N THR E 613 16.18 70.58 -26.84
CA THR E 613 15.26 70.40 -27.95
C THR E 613 14.55 69.05 -27.89
N GLY E 614 13.23 69.07 -28.04
CA GLY E 614 12.45 67.85 -27.98
C GLY E 614 12.20 67.34 -26.57
N PHE E 615 12.03 68.28 -25.64
CA PHE E 615 11.75 67.99 -24.24
C PHE E 615 11.25 69.26 -23.51
N ASN E 616 10.16 69.08 -22.75
CA ASN E 616 9.40 70.18 -22.22
C ASN E 616 8.65 69.74 -20.98
N PHE E 617 8.25 70.70 -20.13
CA PHE E 617 7.36 70.40 -19.00
C PHE E 617 5.93 70.17 -19.47
N ALA E 618 5.70 70.49 -20.74
CA ALA E 618 4.42 70.24 -21.34
C ALA E 618 4.42 68.87 -22.00
N GLY E 619 5.54 68.46 -22.55
CA GLY E 619 5.61 67.13 -23.13
C GLY E 619 6.94 66.88 -23.79
N ARG E 620 6.99 65.82 -24.59
CA ARG E 620 8.19 65.44 -25.34
C ARG E 620 7.86 65.28 -26.82
N GLY E 621 8.47 66.11 -27.66
CA GLY E 621 8.19 66.15 -29.10
C GLY E 621 9.20 67.03 -29.81
N GLN E 622 9.27 66.88 -31.14
CA GLN E 622 10.23 67.66 -31.94
C GLN E 622 9.86 69.15 -31.88
N SER E 623 8.57 69.41 -31.65
CA SER E 623 8.02 70.74 -31.51
C SER E 623 8.04 71.27 -30.06
N SER E 624 9.05 70.90 -29.26
CA SER E 624 8.94 71.09 -27.80
C SER E 624 10.02 71.81 -27.02
N GLY E 625 11.31 71.63 -27.35
CA GLY E 625 12.42 72.37 -26.69
C GLY E 625 12.16 73.40 -25.58
N MET E 626 13.22 73.80 -24.89
CA MET E 626 13.08 74.78 -23.80
C MET E 626 14.44 75.28 -23.29
N ALA E 627 14.41 76.23 -22.35
CA ALA E 627 15.64 76.76 -21.76
C ALA E 627 15.69 76.99 -20.24
N PHE E 628 16.81 76.54 -19.69
CA PHE E 628 17.15 76.74 -18.31
C PHE E 628 18.05 77.97 -18.24
N ILE E 629 17.48 79.08 -17.78
CA ILE E 629 18.25 80.31 -17.61
C ILE E 629 18.93 80.36 -16.24
N MET E 630 20.26 80.37 -16.23
CA MET E 630 21.05 80.55 -15.01
C MET E 630 21.57 81.99 -14.90
N LEU E 631 21.01 82.75 -13.97
CA LEU E 631 21.47 84.14 -13.71
C LEU E 631 22.73 84.15 -12.85
N LYS E 632 23.51 85.22 -12.90
CA LYS E 632 24.77 85.25 -12.14
C LYS E 632 24.48 85.51 -10.66
N PRO E 633 25.47 85.33 -9.76
CA PRO E 633 25.22 85.45 -8.31
C PRO E 633 24.50 86.75 -7.90
N TRP E 634 23.74 86.74 -6.81
CA TRP E 634 23.06 87.96 -6.34
C TRP E 634 23.97 89.18 -6.12
N GLU E 635 25.13 88.99 -5.49
CA GLU E 635 26.02 90.12 -5.22
C GLU E 635 26.75 90.62 -6.48
N GLU E 636 26.23 90.22 -7.64
CA GLU E 636 26.79 90.59 -8.96
C GLU E 636 25.68 91.11 -9.88
N ARG E 637 24.46 91.10 -9.38
CA ARG E 637 23.35 91.58 -10.19
C ARG E 637 22.34 92.29 -9.30
N PRO E 638 22.85 93.21 -8.46
CA PRO E 638 21.95 93.92 -7.55
C PRO E 638 20.96 94.75 -8.35
N GLY E 639 19.86 95.13 -7.72
CA GLY E 639 18.85 95.91 -8.41
C GLY E 639 17.65 95.09 -8.81
N GLY E 640 16.48 95.57 -8.41
CA GLY E 640 15.20 94.85 -8.49
C GLY E 640 14.73 94.53 -9.89
N GLU E 641 15.26 95.26 -10.89
CA GLU E 641 15.03 95.00 -12.31
C GLU E 641 15.79 93.76 -12.79
N ASN E 642 16.92 93.48 -12.15
CA ASN E 642 17.70 92.27 -12.40
C ASN E 642 17.24 91.02 -11.64
N SER E 643 16.22 91.18 -10.78
CA SER E 643 15.56 90.03 -10.15
C SER E 643 15.05 89.12 -11.25
N VAL E 644 14.80 87.86 -10.90
CA VAL E 644 14.25 86.90 -11.86
C VAL E 644 12.88 87.36 -12.31
N PHE E 645 12.03 87.70 -11.37
CA PHE E 645 10.64 87.93 -11.71
C PHE E 645 10.56 89.11 -12.65
N GLU E 646 11.49 90.06 -12.48
CA GLU E 646 11.61 91.21 -13.37
C GLU E 646 12.04 90.75 -14.75
N LEU E 647 13.30 90.36 -14.90
CA LEU E 647 13.82 89.67 -16.11
C LEU E 647 12.81 88.70 -16.78
N ALA E 648 11.93 88.06 -16.00
CA ALA E 648 10.93 87.12 -16.51
C ALA E 648 9.74 87.86 -17.12
N LYS E 649 9.36 88.96 -16.50
CA LYS E 649 8.26 89.76 -17.02
C LYS E 649 8.58 90.43 -18.36
N ARG E 650 9.84 90.81 -18.53
CA ARG E 650 10.28 91.46 -19.76
C ARG E 650 10.69 90.46 -20.87
N ALA E 651 11.12 89.26 -20.51
CA ALA E 651 11.40 88.23 -21.51
C ALA E 651 10.08 87.72 -22.03
N GLN E 652 9.06 87.78 -21.17
CA GLN E 652 7.66 87.59 -21.59
C GLN E 652 7.20 88.59 -22.66
N MET E 653 7.81 89.78 -22.65
CA MET E 653 7.59 90.80 -23.69
C MET E 653 8.25 90.37 -24.99
N HIS E 654 9.58 90.48 -25.04
CA HIS E 654 10.33 90.13 -26.25
C HIS E 654 9.69 88.96 -27.01
N PHE E 655 9.35 87.89 -26.30
CA PHE E 655 8.85 86.67 -26.95
C PHE E 655 7.33 86.66 -27.19
N PHE E 656 6.65 87.74 -26.84
CA PHE E 656 5.23 87.88 -27.17
C PHE E 656 5.05 88.20 -28.66
N SER E 657 6.08 88.79 -29.26
CA SER E 657 6.08 89.15 -30.68
C SER E 657 6.04 87.92 -31.59
N PHE E 658 6.95 86.97 -31.36
CA PHE E 658 7.03 85.73 -32.14
C PHE E 658 5.66 85.24 -32.63
N LYS E 659 5.54 85.04 -33.93
CA LYS E 659 4.30 84.58 -34.56
C LYS E 659 4.45 83.14 -35.08
N ASP E 660 5.34 82.37 -34.45
CA ASP E 660 5.69 81.02 -34.93
C ASP E 660 5.93 79.98 -33.82
N ALA E 661 5.77 80.39 -32.56
CA ALA E 661 5.93 79.51 -31.41
C ALA E 661 5.46 80.21 -30.12
N MET E 662 4.59 79.54 -29.37
CA MET E 662 4.13 80.03 -28.07
C MET E 662 5.28 79.92 -27.08
N VAL E 663 5.59 81.01 -26.38
CA VAL E 663 6.76 81.08 -25.48
C VAL E 663 6.45 81.58 -24.06
N PHE E 664 6.07 80.65 -23.16
CA PHE E 664 5.97 80.88 -21.70
C PHE E 664 7.38 81.06 -21.11
N ALA E 665 7.61 82.13 -20.35
CA ALA E 665 8.85 82.25 -19.58
C ALA E 665 8.57 82.59 -18.12
N PHE E 666 8.73 81.57 -17.25
CA PHE E 666 8.36 81.63 -15.82
C PHE E 666 9.52 81.33 -14.86
N ALA E 667 9.34 81.68 -13.59
CA ALA E 667 10.34 81.37 -12.54
C ALA E 667 9.93 80.10 -11.76
N PRO E 668 10.93 79.34 -11.27
CA PRO E 668 10.67 78.15 -10.47
C PRO E 668 9.93 78.50 -9.18
N PRO E 669 9.04 77.60 -8.71
CA PRO E 669 8.11 77.88 -7.60
C PRO E 669 8.61 77.65 -6.17
N SER E 670 9.80 78.14 -5.84
CA SER E 670 10.25 78.31 -4.44
C SER E 670 10.87 77.05 -3.80
N VAL E 671 10.09 75.99 -3.66
CA VAL E 671 10.64 74.70 -3.29
C VAL E 671 10.43 73.87 -4.53
N LEU E 672 11.50 73.71 -5.31
CA LEU E 672 11.48 73.04 -6.64
C LEU E 672 10.83 71.65 -6.66
N GLU E 673 11.25 70.82 -5.71
CA GLU E 673 10.66 69.52 -5.39
C GLU E 673 9.15 69.36 -5.63
N LEU E 674 8.38 70.43 -5.42
CA LEU E 674 6.91 70.44 -5.58
C LEU E 674 6.41 70.92 -6.95
N GLY E 675 7.24 70.83 -7.99
CA GLY E 675 6.79 71.05 -9.39
C GLY E 675 6.43 72.47 -9.82
N ASN E 676 5.16 72.86 -9.59
CA ASN E 676 4.62 74.24 -9.77
C ASN E 676 3.58 74.61 -8.69
N ALA E 677 4.03 75.14 -7.55
CA ALA E 677 3.21 75.32 -6.32
C ALA E 677 2.12 76.43 -6.32
N THR E 678 1.28 76.47 -7.36
CA THR E 678 0.32 77.57 -7.56
C THR E 678 -1.13 77.16 -7.92
N GLY E 679 -2.09 77.82 -7.29
CA GLY E 679 -3.51 77.65 -7.62
C GLY E 679 -4.10 76.25 -7.48
N PHE E 680 -4.36 75.59 -8.61
CA PHE E 680 -5.04 74.30 -8.62
C PHE E 680 -4.58 73.41 -9.79
N ASP E 681 -4.91 72.11 -9.69
CA ASP E 681 -4.48 71.12 -10.65
C ASP E 681 -5.37 69.88 -10.63
N LEU E 682 -5.89 69.51 -11.79
CA LEU E 682 -6.76 68.36 -11.86
C LEU E 682 -6.65 67.56 -13.14
N PHE E 683 -7.24 66.37 -13.11
CA PHE E 683 -7.33 65.53 -14.28
C PHE E 683 -8.78 65.31 -14.70
N LEU E 684 -8.99 65.32 -16.02
CA LEU E 684 -10.27 64.97 -16.59
C LEU E 684 -10.17 63.56 -17.14
N GLN E 685 -11.12 62.71 -16.75
CA GLN E 685 -11.00 61.28 -16.99
C GLN E 685 -12.14 60.64 -17.75
N ASP E 686 -11.79 59.95 -18.84
CA ASP E 686 -12.70 59.07 -19.56
C ASP E 686 -13.03 57.86 -18.69
N GLN E 687 -14.16 57.89 -17.98
CA GLN E 687 -14.56 56.75 -17.15
C GLN E 687 -15.10 55.59 -17.98
N ALA E 688 -16.40 55.57 -18.24
CA ALA E 688 -16.97 54.45 -18.99
C ALA E 688 -16.73 54.57 -20.51
N GLY E 689 -15.45 54.43 -20.90
CA GLY E 689 -15.00 54.18 -22.26
C GLY E 689 -15.52 55.06 -23.38
N VAL E 690 -15.65 56.35 -23.13
CA VAL E 690 -16.26 57.25 -24.12
C VAL E 690 -15.32 57.64 -25.26
N GLY E 691 -14.06 57.27 -25.17
CA GLY E 691 -13.13 57.55 -26.25
C GLY E 691 -12.38 58.87 -26.15
N HIS E 692 -11.24 58.90 -26.84
CA HIS E 692 -10.33 60.04 -26.89
C HIS E 692 -10.96 61.24 -27.54
N GLU E 693 -11.84 60.96 -28.50
CA GLU E 693 -12.49 61.97 -29.32
C GLU E 693 -13.45 62.78 -28.47
N VAL E 694 -14.34 62.09 -27.75
CA VAL E 694 -15.32 62.74 -26.84
C VAL E 694 -14.62 63.51 -25.73
N LEU E 695 -13.56 62.89 -25.19
CA LEU E 695 -12.82 63.43 -24.07
C LEU E 695 -12.07 64.71 -24.43
N LEU E 696 -11.65 64.83 -25.68
CA LEU E 696 -10.91 66.02 -26.14
C LEU E 696 -11.77 67.31 -26.20
N GLN E 697 -13.04 67.13 -26.58
CA GLN E 697 -13.98 68.24 -26.61
C GLN E 697 -14.48 68.54 -25.20
N ALA E 698 -14.51 67.49 -24.37
CA ALA E 698 -14.83 67.64 -22.94
C ALA E 698 -13.81 68.55 -22.25
N ARG E 699 -12.53 68.41 -22.61
CA ARG E 699 -11.49 69.32 -22.14
C ARG E 699 -11.68 70.72 -22.72
N ASN E 700 -11.90 70.77 -24.04
CA ASN E 700 -12.08 72.03 -24.76
C ASN E 700 -13.29 72.85 -24.29
N LYS E 701 -14.38 72.16 -23.97
CA LYS E 701 -15.55 72.78 -23.32
C LYS E 701 -15.17 73.37 -21.96
N PHE E 702 -14.47 72.58 -21.14
CA PHE E 702 -14.02 73.04 -19.82
C PHE E 702 -13.16 74.28 -19.97
N LEU E 703 -12.16 74.24 -20.83
CA LEU E 703 -11.22 75.34 -20.97
C LEU E 703 -11.84 76.63 -21.45
N MET E 704 -12.59 76.55 -22.54
CA MET E 704 -13.19 77.72 -23.19
C MET E 704 -14.58 78.01 -22.56
N LEU E 705 -14.63 77.92 -21.23
CA LEU E 705 -15.83 78.13 -20.39
C LEU E 705 -15.37 78.48 -18.98
N ALA E 706 -14.15 78.05 -18.67
CA ALA E 706 -13.47 78.42 -17.43
C ALA E 706 -12.86 79.78 -17.66
N ALA E 707 -12.34 79.97 -18.88
CA ALA E 707 -11.73 81.22 -19.30
C ALA E 707 -12.75 82.38 -19.30
N GLN E 708 -14.04 82.04 -19.17
CA GLN E 708 -15.13 83.01 -19.04
C GLN E 708 -15.82 82.94 -17.68
N ASN E 709 -15.04 82.68 -16.62
CA ASN E 709 -15.57 82.57 -15.25
C ASN E 709 -15.06 83.71 -14.34
N PRO E 710 -15.96 84.33 -13.55
CA PRO E 710 -15.60 85.39 -12.58
C PRO E 710 -14.56 85.03 -11.50
N ALA E 711 -14.31 83.73 -11.30
CA ALA E 711 -13.47 83.24 -10.19
C ALA E 711 -12.13 82.62 -10.60
N LEU E 712 -11.97 82.25 -11.87
CA LEU E 712 -10.74 81.60 -12.37
C LEU E 712 -9.97 82.40 -13.43
N GLN E 713 -8.75 81.93 -13.71
CA GLN E 713 -7.78 82.64 -14.54
C GLN E 713 -6.76 81.62 -14.98
N ARG E 714 -5.85 82.04 -15.85
CA ARG E 714 -4.71 81.23 -16.30
C ARG E 714 -4.95 79.74 -16.67
N VAL E 715 -6.19 79.27 -16.50
CA VAL E 715 -6.67 77.95 -16.99
C VAL E 715 -6.06 77.54 -18.35
N ARG E 716 -5.23 76.51 -18.35
CA ARG E 716 -4.70 75.93 -19.59
C ARG E 716 -4.64 74.40 -19.51
N PRO E 717 -4.06 73.75 -20.54
CA PRO E 717 -3.79 72.34 -20.39
C PRO E 717 -2.30 72.04 -20.40
N ASN E 718 -1.93 71.04 -19.60
CA ASN E 718 -0.54 70.70 -19.38
C ASN E 718 0.11 69.91 -20.51
N GLY E 719 -0.66 69.01 -21.13
CA GLY E 719 -0.19 68.15 -22.22
C GLY E 719 -0.08 68.88 -23.55
N MET E 720 -0.23 68.15 -24.65
CA MET E 720 -0.01 68.72 -25.98
C MET E 720 -1.22 68.71 -26.89
N SER E 721 -1.15 69.53 -27.92
CA SER E 721 -2.25 69.72 -28.86
C SER E 721 -2.19 68.66 -29.95
N ASP E 722 -3.32 67.99 -30.21
CA ASP E 722 -3.39 66.94 -31.25
C ASP E 722 -2.85 67.38 -32.60
N GLU E 723 -2.14 66.50 -33.28
CA GLU E 723 -1.42 66.91 -34.49
C GLU E 723 -1.53 65.94 -35.68
N PRO E 724 -1.09 66.39 -36.87
CA PRO E 724 -1.03 65.60 -38.11
C PRO E 724 -0.16 64.32 -38.05
N GLN E 725 -0.79 63.17 -38.36
CA GLN E 725 -0.05 61.91 -38.47
C GLN E 725 -0.40 61.07 -39.69
N TYR E 726 0.65 60.61 -40.37
CA TYR E 726 0.54 59.85 -41.61
C TYR E 726 -0.01 58.42 -41.39
N LYS E 727 -1.33 58.28 -41.43
CA LYS E 727 -2.00 56.98 -41.28
C LYS E 727 -1.78 56.02 -42.47
N LEU E 728 -0.53 55.61 -42.69
CA LEU E 728 -0.15 54.57 -43.66
C LEU E 728 -1.14 53.40 -43.61
N GLU E 729 -1.35 52.72 -44.74
CA GLU E 729 -2.43 51.71 -44.83
C GLU E 729 -2.19 50.63 -45.90
N ILE E 730 -2.39 49.37 -45.52
CA ILE E 730 -1.97 48.25 -46.37
C ILE E 730 -3.14 47.44 -46.96
N ASP E 731 -2.97 47.09 -48.23
CA ASP E 731 -3.94 46.33 -49.01
C ASP E 731 -3.53 44.86 -49.02
N ASP E 732 -4.33 44.04 -48.35
CA ASP E 732 -4.15 42.59 -48.32
C ASP E 732 -4.35 41.98 -49.69
N GLU E 733 -5.54 42.20 -50.27
CA GLU E 733 -5.86 41.74 -51.62
C GLU E 733 -4.65 41.85 -52.54
N LYS E 734 -4.25 43.08 -52.85
CA LYS E 734 -3.20 43.28 -53.86
C LYS E 734 -1.75 43.16 -53.37
N ALA E 735 -1.57 43.05 -52.06
CA ALA E 735 -0.24 42.76 -51.51
C ALA E 735 0.09 41.27 -51.61
N SER E 736 -0.90 40.42 -51.30
CA SER E 736 -0.74 38.98 -51.39
C SER E 736 -0.71 38.57 -52.86
N ALA E 737 -1.45 39.31 -53.67
CA ALA E 737 -1.48 39.12 -55.12
C ALA E 737 -0.10 39.37 -55.71
N LEU E 738 0.65 40.30 -55.12
CA LEU E 738 2.05 40.50 -55.50
C LEU E 738 2.99 39.48 -54.86
N GLY E 739 2.42 38.49 -54.18
CA GLY E 739 3.17 37.36 -53.62
C GLY E 739 4.06 37.71 -52.44
N VAL E 740 3.79 38.87 -51.82
CA VAL E 740 4.65 39.41 -50.74
C VAL E 740 4.14 39.11 -49.32
N SER E 741 5.08 38.99 -48.38
CA SER E 741 4.95 38.20 -47.14
C SER E 741 4.08 38.67 -45.96
N LEU E 742 3.75 39.95 -45.87
CA LEU E 742 2.84 40.47 -44.81
C LEU E 742 3.55 40.65 -43.46
N ALA E 743 4.21 39.61 -42.97
CA ALA E 743 5.14 39.77 -41.88
C ALA E 743 6.26 40.72 -42.34
N ASP E 744 6.79 40.45 -43.53
CA ASP E 744 7.88 41.24 -44.11
C ASP E 744 7.48 42.63 -44.58
N ILE E 745 6.18 42.88 -44.72
CA ILE E 745 5.72 44.23 -45.02
C ILE E 745 6.08 45.14 -43.86
N ASN E 746 5.46 44.89 -42.70
CA ASN E 746 5.61 45.77 -41.56
C ASN E 746 6.85 45.54 -40.70
N SER E 747 7.39 44.34 -40.75
CA SER E 747 8.74 44.06 -40.24
C SER E 747 9.81 44.93 -40.95
N THR E 748 9.48 45.35 -42.16
CA THR E 748 10.35 46.23 -42.92
C THR E 748 10.10 47.69 -42.59
N VAL E 749 8.84 48.12 -42.43
CA VAL E 749 8.56 49.48 -41.88
C VAL E 749 9.17 49.66 -40.48
N SER E 750 9.11 48.61 -39.68
CA SER E 750 9.59 48.73 -38.32
C SER E 750 11.11 48.94 -38.25
N ILE E 751 11.87 48.19 -39.05
CA ILE E 751 13.32 48.35 -39.07
C ILE E 751 13.79 49.60 -39.85
N ALA E 752 13.15 49.88 -40.98
CA ALA E 752 13.61 50.99 -41.79
C ALA E 752 13.20 52.35 -41.23
N TRP E 753 11.98 52.41 -40.70
CA TRP E 753 11.34 53.66 -40.34
C TRP E 753 11.33 53.88 -38.84
N GLY E 754 11.29 52.77 -38.09
CA GLY E 754 11.17 52.80 -36.65
C GLY E 754 12.48 52.58 -35.91
N SER E 755 13.44 51.95 -36.59
CA SER E 755 14.67 51.40 -36.00
C SER E 755 14.40 50.07 -35.31
N SER E 756 15.44 49.26 -35.18
CA SER E 756 15.35 48.02 -34.42
C SER E 756 16.61 47.80 -33.60
N TYR E 757 16.40 47.41 -32.35
CA TYR E 757 17.46 46.97 -31.47
C TYR E 757 17.78 45.53 -31.87
N VAL E 758 19.05 45.27 -32.16
CA VAL E 758 19.43 44.00 -32.77
C VAL E 758 20.33 43.15 -31.88
N ASN E 759 21.38 43.75 -31.35
CA ASN E 759 22.43 43.03 -30.65
C ASN E 759 23.23 43.83 -29.70
N ASP E 760 24.03 43.10 -28.93
CA ASP E 760 25.01 43.73 -28.10
C ASP E 760 26.33 43.50 -28.77
N PHE E 761 27.30 44.33 -28.48
CA PHE E 761 28.62 44.18 -29.05
C PHE E 761 29.57 44.79 -28.04
N ILE E 762 30.75 44.19 -27.84
CA ILE E 762 31.58 44.77 -26.80
C ILE E 762 32.37 45.96 -27.33
N ASP E 763 32.42 47.02 -26.52
CA ASP E 763 33.00 48.30 -26.90
C ASP E 763 33.85 48.80 -25.76
N ARG E 764 35.16 48.61 -25.92
CA ARG E 764 36.18 49.02 -24.96
C ARG E 764 35.85 48.44 -23.62
N GLY E 765 35.26 47.24 -23.62
CA GLY E 765 34.86 46.61 -22.40
C GLY E 765 33.36 46.50 -22.38
N ARG E 766 32.70 47.53 -21.91
CA ARG E 766 31.26 47.48 -21.72
C ARG E 766 30.43 47.07 -22.98
N VAL E 767 29.37 46.33 -22.73
CA VAL E 767 28.47 45.81 -23.77
C VAL E 767 27.50 46.88 -24.26
N LYS E 768 27.62 47.26 -25.52
CA LYS E 768 26.78 48.32 -26.05
C LYS E 768 25.82 47.78 -27.08
N ARG E 769 24.82 48.57 -27.46
CA ARG E 769 23.79 48.04 -28.34
C ARG E 769 24.08 48.21 -29.85
N VAL E 770 23.21 47.71 -30.71
CA VAL E 770 23.48 47.70 -32.14
C VAL E 770 22.14 47.94 -32.78
N TYR E 771 22.00 49.07 -33.46
CA TYR E 771 20.69 49.46 -33.94
C TYR E 771 20.68 49.57 -35.46
N LEU E 772 19.62 49.04 -36.07
CA LEU E 772 19.47 49.01 -37.51
C LEU E 772 18.33 49.94 -37.85
N GLN E 773 18.55 50.81 -38.84
CA GLN E 773 17.52 51.72 -39.30
C GLN E 773 17.80 52.27 -40.70
N GLY E 774 16.75 52.70 -41.40
CA GLY E 774 16.93 53.46 -42.62
C GLY E 774 17.77 54.71 -42.40
N ARG E 775 18.69 54.98 -43.32
CA ARG E 775 19.39 56.28 -43.41
C ARG E 775 18.40 57.48 -43.37
N PRO E 776 18.90 58.68 -42.96
CA PRO E 776 18.06 59.88 -42.75
C PRO E 776 17.22 60.30 -43.97
N ASP E 777 17.87 60.61 -45.10
CA ASP E 777 17.16 61.02 -46.34
C ASP E 777 16.14 60.00 -46.90
N ALA E 778 16.32 58.74 -46.51
CA ALA E 778 15.55 57.62 -47.04
C ALA E 778 14.27 57.39 -46.28
N ARG E 779 13.97 58.29 -45.33
CA ARG E 779 12.74 58.18 -44.52
C ARG E 779 12.18 59.53 -44.06
N MET E 780 12.26 60.55 -44.92
CA MET E 780 11.86 61.91 -44.53
C MET E 780 10.45 62.32 -44.89
N ASN E 781 10.00 61.88 -46.06
CA ASN E 781 8.76 62.38 -46.64
C ASN E 781 7.97 61.23 -47.19
N PRO E 782 6.64 61.39 -47.21
CA PRO E 782 5.72 60.34 -47.66
C PRO E 782 6.22 59.52 -48.88
N ASP E 783 7.02 60.15 -49.75
CA ASP E 783 7.50 59.54 -51.00
C ASP E 783 8.62 58.57 -50.78
N ASP E 784 9.46 58.86 -49.78
CA ASP E 784 10.56 57.98 -49.41
C ASP E 784 9.99 56.60 -49.03
N LEU E 785 8.72 56.56 -48.62
CA LEU E 785 8.01 55.29 -48.49
C LEU E 785 8.30 54.37 -49.67
N SER E 786 8.18 54.91 -50.87
CA SER E 786 8.32 54.15 -52.09
C SER E 786 9.71 53.55 -52.32
N LYS E 787 10.75 54.15 -51.72
CA LYS E 787 12.13 53.70 -51.97
C LYS E 787 12.38 52.27 -51.46
N TRP E 788 11.50 51.80 -50.58
CA TRP E 788 11.77 50.58 -49.79
C TRP E 788 11.18 49.28 -50.42
N TYR E 789 12.06 48.29 -50.68
CA TYR E 789 11.69 47.08 -51.42
C TYR E 789 11.68 45.76 -50.62
N VAL E 790 10.57 45.03 -50.73
CA VAL E 790 10.37 43.70 -50.12
C VAL E 790 10.52 42.54 -51.11
N ARG E 791 10.62 41.30 -50.60
CA ARG E 791 10.67 40.09 -51.44
C ARG E 791 9.35 39.30 -51.47
N ASN E 792 9.10 38.62 -52.58
CA ASN E 792 7.93 37.75 -52.70
C ASN E 792 8.35 36.28 -52.84
N ASP E 793 7.43 35.44 -53.30
CA ASP E 793 7.69 34.01 -53.60
C ASP E 793 9.12 33.73 -54.06
N LYS E 794 9.42 34.11 -55.30
CA LYS E 794 10.79 34.10 -55.81
C LYS E 794 11.30 35.50 -55.57
N GLY E 795 12.61 35.72 -55.71
CA GLY E 795 13.23 36.99 -55.32
C GLY E 795 12.84 38.25 -56.09
N GLU E 796 11.55 38.52 -56.30
CA GLU E 796 11.16 39.76 -57.02
C GLU E 796 10.86 40.95 -56.08
N MET E 797 11.72 41.96 -56.15
CA MET E 797 11.63 43.19 -55.34
C MET E 797 10.38 44.08 -55.56
N VAL E 798 9.33 43.87 -54.77
CA VAL E 798 8.12 44.69 -54.86
C VAL E 798 8.34 46.06 -54.17
N PRO E 799 8.06 47.19 -54.88
CA PRO E 799 8.13 48.49 -54.23
C PRO E 799 6.93 48.76 -53.34
N PHE E 800 7.11 49.70 -52.41
CA PHE E 800 6.11 49.97 -51.40
C PHE E 800 4.89 50.66 -51.98
N ASN E 801 5.13 51.71 -52.76
CA ASN E 801 4.06 52.44 -53.47
C ASN E 801 2.99 51.54 -54.11
N ALA E 802 3.28 50.24 -54.21
CA ALA E 802 2.39 49.23 -54.81
C ALA E 802 1.14 48.91 -53.97
N PHE E 803 1.36 48.44 -52.74
CA PHE E 803 0.27 48.06 -51.80
C PHE E 803 0.02 49.16 -50.78
N ALA E 804 1.01 50.03 -50.59
CA ALA E 804 0.95 51.14 -49.65
C ALA E 804 -0.10 52.16 -50.04
N THR E 805 -0.52 52.96 -49.08
CA THR E 805 -1.39 54.09 -49.32
C THR E 805 -1.30 55.06 -48.13
N GLY E 806 -0.93 56.31 -48.38
CA GLY E 806 -0.91 57.34 -47.34
C GLY E 806 -2.29 57.80 -46.92
N LYS E 807 -2.36 58.63 -45.89
CA LYS E 807 -3.64 59.23 -45.49
C LYS E 807 -3.49 60.04 -44.21
N TRP E 808 -3.57 61.36 -44.35
CA TRP E 808 -3.47 62.24 -43.20
C TRP E 808 -4.70 62.18 -42.33
N GLU E 809 -4.43 61.78 -41.10
CA GLU E 809 -5.38 61.65 -40.04
C GLU E 809 -4.69 62.35 -38.89
N TYR E 810 -5.44 62.82 -37.91
CA TYR E 810 -4.77 63.51 -36.82
C TYR E 810 -5.22 63.08 -35.42
N GLY E 811 -4.26 62.50 -34.70
CA GLY E 811 -4.44 62.10 -33.31
C GLY E 811 -3.48 62.80 -32.38
N SER E 812 -3.12 62.12 -31.29
CA SER E 812 -2.41 62.75 -30.19
C SER E 812 -0.95 62.39 -30.05
N PRO E 813 -0.10 63.39 -29.72
CA PRO E 813 1.34 63.16 -29.55
C PRO E 813 1.74 62.84 -28.09
N LYS E 814 0.78 62.87 -27.18
CA LYS E 814 1.00 62.61 -25.76
C LYS E 814 -0.27 62.07 -25.09
N LEU E 815 -0.32 60.77 -24.81
CA LEU E 815 -1.46 60.18 -24.16
C LEU E 815 -1.30 60.06 -22.64
N GLU E 816 -2.04 60.91 -21.92
CA GLU E 816 -2.10 60.90 -20.46
C GLU E 816 -3.24 59.99 -19.92
N ARG E 817 -2.94 59.26 -18.85
CA ARG E 817 -3.95 58.57 -18.07
C ARG E 817 -3.74 58.95 -16.61
N TYR E 818 -4.73 58.68 -15.79
CA TYR E 818 -4.63 58.94 -14.38
C TYR E 818 -5.58 57.98 -13.74
N ASN E 819 -5.00 57.19 -12.83
CA ASN E 819 -5.68 56.12 -12.12
C ASN E 819 -6.26 55.06 -13.05
N GLY E 820 -5.47 54.69 -14.06
CA GLY E 820 -5.78 53.55 -14.93
C GLY E 820 -6.71 53.77 -16.13
N VAL E 821 -7.25 55.00 -16.24
CA VAL E 821 -8.17 55.43 -17.33
C VAL E 821 -7.65 56.71 -17.96
N PRO E 822 -7.92 56.94 -19.26
CA PRO E 822 -7.19 58.00 -19.92
C PRO E 822 -7.75 59.32 -19.47
N ALA E 823 -6.88 60.33 -19.47
CA ALA E 823 -7.21 61.61 -18.87
C ALA E 823 -6.46 62.76 -19.53
N MET E 824 -6.77 63.98 -19.07
CA MET E 824 -6.13 65.20 -19.57
C MET E 824 -5.97 66.20 -18.43
N GLU E 825 -4.72 66.57 -18.18
CA GLU E 825 -4.40 67.43 -17.05
C GLU E 825 -4.68 68.90 -17.34
N ILE E 826 -5.61 69.48 -16.58
CA ILE E 826 -5.88 70.93 -16.62
C ILE E 826 -5.19 71.65 -15.45
N LEU E 827 -4.33 72.62 -15.77
CA LEU E 827 -3.76 73.52 -14.79
C LEU E 827 -4.61 74.78 -14.68
N GLY E 828 -4.53 75.49 -13.56
CA GLY E 828 -5.30 76.71 -13.35
C GLY E 828 -4.79 77.60 -12.24
N GLU E 829 -5.66 78.51 -11.80
CA GLU E 829 -5.51 79.36 -10.58
C GLU E 829 -6.75 80.27 -10.47
N PRO E 830 -6.80 81.16 -9.46
CA PRO E 830 -8.04 81.92 -9.36
C PRO E 830 -7.96 83.42 -9.75
N ALA E 831 -9.12 84.05 -9.92
CA ALA E 831 -9.22 85.47 -10.32
C ALA E 831 -8.64 86.34 -9.22
N PRO E 832 -7.63 87.19 -9.56
CA PRO E 832 -6.75 87.77 -8.53
C PRO E 832 -7.54 88.37 -7.39
N GLY E 833 -7.14 88.07 -6.16
CA GLY E 833 -7.89 88.46 -4.97
C GLY E 833 -8.62 87.30 -4.32
N LEU E 834 -9.25 86.45 -5.15
CA LEU E 834 -9.94 85.23 -4.69
C LEU E 834 -8.93 84.16 -4.24
N SER E 835 -9.43 83.05 -3.73
CA SER E 835 -8.55 82.01 -3.23
C SER E 835 -8.77 80.68 -3.95
N SER E 836 -8.00 79.67 -3.52
CA SER E 836 -8.01 78.34 -4.11
C SER E 836 -9.22 77.54 -3.66
N GLY E 837 -9.74 77.85 -2.48
CA GLY E 837 -10.97 77.21 -1.99
C GLY E 837 -12.15 77.56 -2.87
N ASP E 838 -12.23 78.84 -3.26
CA ASP E 838 -13.27 79.38 -4.16
C ASP E 838 -13.09 78.88 -5.58
N ALA E 839 -11.89 79.10 -6.13
CA ALA E 839 -11.50 78.52 -7.42
C ALA E 839 -12.04 77.08 -7.56
N MET E 840 -11.82 76.27 -6.53
CA MET E 840 -12.23 74.88 -6.55
C MET E 840 -13.75 74.73 -6.61
N ALA E 841 -14.47 75.53 -5.81
CA ALA E 841 -15.94 75.51 -5.78
C ALA E 841 -16.55 75.91 -7.12
N ALA E 842 -15.81 76.77 -7.86
CA ALA E 842 -16.10 77.12 -9.26
C ALA E 842 -15.86 75.95 -10.22
N VAL E 843 -14.68 75.33 -10.10
CA VAL E 843 -14.32 74.15 -10.89
C VAL E 843 -15.29 73.00 -10.58
N GLU E 844 -15.68 72.86 -9.33
CA GLU E 844 -16.70 71.89 -8.94
C GLU E 844 -17.99 72.06 -9.74
N GLU E 845 -18.32 73.32 -10.04
CA GLU E 845 -19.57 73.70 -10.73
C GLU E 845 -19.52 73.47 -12.24
N ILE E 846 -18.52 74.06 -12.89
CA ILE E 846 -18.33 73.91 -14.35
C ILE E 846 -17.95 72.47 -14.73
N VAL E 847 -17.66 71.68 -13.70
CA VAL E 847 -17.43 70.26 -13.82
C VAL E 847 -18.76 69.49 -13.93
N LYS E 848 -19.86 70.17 -13.61
CA LYS E 848 -21.19 69.56 -13.74
C LYS E 848 -21.63 69.54 -15.20
N GLN E 849 -21.09 70.49 -15.98
CA GLN E 849 -21.48 70.70 -17.38
C GLN E 849 -20.51 70.01 -18.34
N LEU E 850 -20.38 68.69 -18.20
CA LEU E 850 -19.45 67.90 -19.00
C LEU E 850 -20.11 66.61 -19.46
N PRO E 851 -19.61 66.04 -20.58
CA PRO E 851 -20.16 64.81 -21.20
C PRO E 851 -20.42 63.67 -20.22
N LYS E 852 -21.68 63.34 -19.96
CA LYS E 852 -22.06 62.23 -19.06
C LYS E 852 -21.21 61.01 -19.38
N GLY E 853 -20.35 60.61 -18.46
CA GLY E 853 -19.32 59.62 -18.78
C GLY E 853 -17.92 60.12 -18.50
N VAL E 854 -17.68 61.42 -18.62
CA VAL E 854 -16.43 62.02 -18.14
C VAL E 854 -16.53 62.39 -16.68
N GLY E 855 -15.48 62.03 -15.94
CA GLY E 855 -15.35 62.43 -14.55
C GLY E 855 -14.10 63.27 -14.39
N TYR E 856 -13.81 63.60 -13.15
CA TYR E 856 -12.64 64.40 -12.85
C TYR E 856 -12.05 63.98 -11.51
N SER E 857 -10.84 64.50 -11.25
CA SER E 857 -9.98 64.10 -10.15
C SER E 857 -9.05 65.24 -9.76
N TRP E 858 -9.10 65.64 -8.49
CA TRP E 858 -8.16 66.64 -8.01
C TRP E 858 -6.82 65.99 -7.79
N THR E 859 -5.73 66.67 -8.11
CA THR E 859 -4.42 66.04 -7.98
C THR E 859 -3.36 67.00 -7.46
N GLY E 860 -2.16 66.48 -7.17
CA GLY E 860 -1.04 67.28 -6.67
C GLY E 860 -1.41 68.20 -5.52
N LEU E 861 -0.73 69.34 -5.45
CA LEU E 861 -0.94 70.27 -4.34
C LEU E 861 -2.41 70.55 -4.03
N SER E 862 -3.27 70.37 -5.01
CA SER E 862 -4.69 70.59 -4.86
C SER E 862 -5.35 69.49 -4.05
N TYR E 863 -4.97 68.25 -4.35
CA TYR E 863 -5.43 67.07 -3.60
C TYR E 863 -5.16 67.27 -2.13
N GLU E 864 -3.96 67.78 -1.84
CA GLU E 864 -3.44 67.97 -0.50
C GLU E 864 -4.21 69.01 0.28
N GLU E 865 -4.30 70.21 -0.28
CA GLU E 865 -5.00 71.30 0.37
C GLU E 865 -6.48 71.02 0.54
N ARG E 866 -7.02 70.13 -0.29
CA ARG E 866 -8.35 69.59 -0.02
C ARG E 866 -8.42 68.87 1.33
N LEU E 867 -7.33 68.19 1.70
CA LEU E 867 -7.29 67.41 2.95
C LEU E 867 -6.75 68.21 4.15
N SER E 868 -5.51 68.68 4.04
CA SER E 868 -4.89 69.51 5.06
C SER E 868 -5.83 70.63 5.43
N GLY E 869 -6.49 71.17 4.41
CA GLY E 869 -7.60 72.12 4.59
C GLY E 869 -8.72 71.72 5.56
N SER E 870 -9.23 70.50 5.47
CA SER E 870 -10.30 70.11 6.39
C SER E 870 -9.96 70.16 7.89
N GLN E 871 -8.68 70.04 8.27
CA GLN E 871 -8.33 69.81 9.68
C GLN E 871 -8.04 71.09 10.51
N ALA E 872 -7.61 72.18 9.85
CA ALA E 872 -7.30 73.45 10.57
C ALA E 872 -8.31 73.97 11.64
N PRO E 873 -9.65 73.86 11.37
CA PRO E 873 -10.64 74.11 12.40
C PRO E 873 -10.35 73.32 13.66
N ALA E 874 -10.47 71.99 13.58
CA ALA E 874 -10.24 71.17 14.78
C ALA E 874 -8.93 71.58 15.43
N LEU E 875 -7.88 71.82 14.63
CA LEU E 875 -6.59 72.13 15.24
C LEU E 875 -6.62 73.44 16.01
N TYR E 876 -6.78 74.58 15.34
CA TYR E 876 -6.96 75.85 16.05
C TYR E 876 -7.86 75.70 17.28
N ALA E 877 -9.00 75.01 17.16
CA ALA E 877 -9.87 74.78 18.32
C ALA E 877 -9.13 74.03 19.45
N LEU E 878 -8.53 72.88 19.15
CA LEU E 878 -7.78 72.10 20.15
C LEU E 878 -6.63 72.87 20.77
N SER E 879 -5.85 73.51 19.92
CA SER E 879 -4.81 74.43 20.34
C SER E 879 -5.41 75.49 21.31
N LEU E 880 -6.64 75.94 21.04
CA LEU E 880 -7.27 77.02 21.81
C LEU E 880 -7.79 76.56 23.15
N LEU E 881 -8.49 75.44 23.17
CA LEU E 881 -8.92 74.78 24.41
C LEU E 881 -7.75 74.47 25.36
N VAL E 882 -6.70 73.83 24.83
CA VAL E 882 -5.58 73.42 25.66
C VAL E 882 -4.96 74.66 26.27
N VAL E 883 -4.64 75.68 25.48
CA VAL E 883 -4.04 76.85 26.13
C VAL E 883 -4.93 77.34 27.24
N PHE E 884 -6.22 77.48 26.97
CA PHE E 884 -7.14 77.87 28.03
C PHE E 884 -6.91 77.08 29.34
N LEU E 885 -7.05 75.75 29.23
CA LEU E 885 -6.92 74.84 30.37
C LEU E 885 -5.59 75.01 31.16
N CYS E 886 -4.50 75.20 30.42
CA CYS E 886 -3.24 75.51 31.06
C CYS E 886 -3.36 76.78 31.85
N LEU E 887 -3.86 77.83 31.20
CA LEU E 887 -4.02 79.09 31.89
C LEU E 887 -4.94 78.95 33.08
N ALA E 888 -5.96 78.10 33.00
CA ALA E 888 -6.89 77.94 34.13
C ALA E 888 -6.19 77.38 35.34
N ALA E 889 -5.45 76.28 35.15
CA ALA E 889 -4.72 75.63 36.27
C ALA E 889 -3.66 76.55 36.90
N LEU E 890 -2.98 77.31 36.04
CA LEU E 890 -2.04 78.33 36.52
C LEU E 890 -2.71 79.38 37.41
N TYR E 891 -3.82 79.94 36.94
CA TYR E 891 -4.45 81.05 37.67
C TYR E 891 -5.50 80.60 38.69
N GLU E 892 -5.90 79.33 38.62
CA GLU E 892 -6.88 78.78 39.55
C GLU E 892 -8.22 79.51 39.40
N SER E 893 -8.52 79.92 38.18
CA SER E 893 -9.83 80.50 37.84
C SER E 893 -10.17 80.22 36.37
N TRP E 894 -11.48 80.09 36.12
CA TRP E 894 -11.96 79.88 34.74
C TRP E 894 -11.95 81.16 33.92
N SER E 895 -12.01 82.28 34.61
CA SER E 895 -12.11 83.55 33.95
C SER E 895 -10.77 84.22 33.65
N ILE E 896 -9.85 84.31 34.62
CA ILE E 896 -8.62 85.12 34.40
C ILE E 896 -7.87 84.76 33.12
N PRO E 897 -7.88 83.46 32.72
CA PRO E 897 -7.27 83.11 31.43
C PRO E 897 -7.68 84.08 30.27
N PHE E 898 -8.94 84.59 30.33
CA PHE E 898 -9.46 85.45 29.26
C PHE E 898 -8.72 86.77 29.19
N SER E 899 -8.32 87.33 30.34
CA SER E 899 -7.43 88.49 30.31
C SER E 899 -6.03 88.18 29.80
N VAL E 900 -5.74 86.95 29.39
CA VAL E 900 -4.42 86.71 28.77
C VAL E 900 -4.62 86.38 27.31
N MET E 901 -5.71 85.71 26.98
CA MET E 901 -5.96 85.31 25.56
C MET E 901 -6.34 86.47 24.64
N LEU E 902 -7.03 87.48 25.19
CA LEU E 902 -7.47 88.64 24.40
C LEU E 902 -6.30 89.47 23.89
N VAL E 903 -5.10 89.25 24.42
CA VAL E 903 -3.91 89.93 23.87
C VAL E 903 -3.54 89.49 22.47
N VAL E 904 -3.97 88.27 22.07
CA VAL E 904 -3.54 87.70 20.77
C VAL E 904 -3.70 88.69 19.60
N PRO E 905 -4.94 89.24 19.43
CA PRO E 905 -5.24 90.29 18.45
C PRO E 905 -4.18 91.41 18.41
N LEU E 906 -3.96 92.06 19.55
CA LEU E 906 -2.97 93.12 19.64
C LEU E 906 -1.60 92.73 19.04
N GLY E 907 -1.34 91.44 18.97
CA GLY E 907 -0.12 90.96 18.32
C GLY E 907 -0.33 91.00 16.83
N VAL E 908 -1.36 90.27 16.39
CA VAL E 908 -1.58 89.97 14.98
C VAL E 908 -1.87 91.23 14.15
N ILE E 909 -2.61 92.18 14.71
CA ILE E 909 -2.91 93.41 13.98
C ILE E 909 -1.61 94.00 13.43
N GLY E 910 -0.67 94.28 14.32
CA GLY E 910 0.63 94.80 13.90
C GLY E 910 1.30 93.88 12.91
N ALA E 911 1.08 92.59 13.09
CA ALA E 911 1.63 91.63 12.18
C ALA E 911 1.07 91.88 10.80
N LEU E 912 -0.26 91.81 10.68
CA LEU E 912 -0.98 92.09 9.42
C LEU E 912 -0.68 93.46 8.83
N LEU E 913 -0.71 94.51 9.66
CA LEU E 913 -0.40 95.84 9.16
C LEU E 913 0.92 95.91 8.42
N ALA E 914 2.04 95.79 9.11
CA ALA E 914 3.35 95.68 8.48
C ALA E 914 3.41 94.74 7.27
N THR E 915 2.82 93.55 7.35
CA THR E 915 2.87 92.60 6.21
C THR E 915 2.08 93.08 4.99
N SER E 916 0.87 93.59 5.25
CA SER E 916 0.01 94.20 4.25
C SER E 916 0.57 95.50 3.67
N MET E 917 1.29 96.31 4.46
CA MET E 917 2.04 97.48 3.95
C MET E 917 3.10 97.06 2.93
N ARG E 918 4.21 96.49 3.38
CA ARG E 918 5.24 95.91 2.49
C ARG E 918 4.67 95.07 1.29
N GLY E 919 3.34 94.87 1.28
CA GLY E 919 2.61 94.23 0.18
C GLY E 919 2.95 92.77 -0.04
N LEU E 920 3.04 92.04 1.06
CA LEU E 920 3.43 90.63 1.02
C LEU E 920 2.19 89.77 1.25
N SER E 921 2.39 88.47 1.39
CA SER E 921 1.29 87.53 1.43
C SER E 921 1.16 86.79 2.75
N ASN E 922 0.01 86.15 2.92
CA ASN E 922 -0.25 85.33 4.07
C ASN E 922 0.26 83.93 3.81
N ASP E 923 1.58 83.78 3.78
CA ASP E 923 2.18 82.47 3.57
C ASP E 923 2.55 81.74 4.89
N VAL E 924 3.30 80.62 4.78
CA VAL E 924 3.73 79.88 5.96
C VAL E 924 4.70 80.68 6.77
N PHE E 925 5.64 81.36 6.13
CA PHE E 925 6.63 82.09 6.91
C PHE E 925 6.00 83.23 7.70
N PHE E 926 4.90 83.77 7.17
CA PHE E 926 4.11 84.73 7.91
C PHE E 926 3.40 84.00 9.04
N GLN E 927 2.74 82.90 8.70
CA GLN E 927 2.03 82.06 9.67
C GLN E 927 2.89 81.67 10.90
N VAL E 928 4.07 81.13 10.65
CA VAL E 928 4.92 80.66 11.73
C VAL E 928 5.31 81.89 12.53
N GLY E 929 5.94 82.86 11.87
CA GLY E 929 6.32 84.12 12.50
C GLY E 929 5.17 84.70 13.31
N LEU E 930 3.95 84.63 12.78
CA LEU E 930 2.78 85.07 13.51
C LEU E 930 2.61 84.38 14.86
N LEU E 931 2.74 83.06 14.87
CA LEU E 931 2.66 82.26 16.11
C LEU E 931 3.77 82.59 17.11
N THR E 932 4.99 82.89 16.62
CA THR E 932 6.09 83.40 17.45
C THR E 932 5.74 84.72 18.15
N THR E 933 5.11 85.63 17.41
CA THR E 933 4.73 86.90 17.97
C THR E 933 3.63 86.67 18.99
N ILE E 934 2.55 86.00 18.58
CA ILE E 934 1.47 85.74 19.54
C ILE E 934 1.93 84.90 20.75
N GLY E 935 2.97 84.10 20.54
CA GLY E 935 3.61 83.35 21.63
C GLY E 935 4.26 84.27 22.61
N LEU E 936 5.29 85.00 22.13
CA LEU E 936 6.01 85.97 22.96
C LEU E 936 5.09 87.07 23.47
N SER E 937 4.05 87.38 22.71
CA SER E 937 2.97 88.22 23.21
C SER E 937 2.36 87.63 24.50
N ALA E 938 1.85 86.41 24.39
CA ALA E 938 1.17 85.75 25.52
C ALA E 938 2.10 85.51 26.68
N LYS E 939 3.40 85.45 26.41
CA LYS E 939 4.36 85.22 27.48
C LYS E 939 4.22 86.41 28.41
N ASN E 940 4.42 87.59 27.84
CA ASN E 940 4.41 88.85 28.57
C ASN E 940 3.15 89.06 29.38
N ALA E 941 1.98 88.84 28.76
CA ALA E 941 0.70 88.91 29.48
C ALA E 941 0.60 87.96 30.67
N ILE E 942 0.94 86.68 30.47
CA ILE E 942 1.00 85.68 31.58
C ILE E 942 1.72 86.20 32.82
N LEU E 943 2.91 86.74 32.64
CA LEU E 943 3.65 87.25 33.78
C LEU E 943 3.03 88.51 34.42
N ILE E 944 2.49 89.41 33.61
CA ILE E 944 1.72 90.54 34.16
C ILE E 944 0.60 90.00 35.03
N VAL E 945 -0.28 89.18 34.44
CA VAL E 945 -1.39 88.61 35.18
C VAL E 945 -0.90 87.84 36.41
N GLU E 946 0.06 86.95 36.23
CA GLU E 946 0.66 86.23 37.35
C GLU E 946 1.12 87.17 38.48
N PHE E 947 1.82 88.24 38.13
CA PHE E 947 2.30 89.20 39.15
C PHE E 947 1.17 89.93 39.86
N ALA E 948 0.17 90.35 39.09
CA ALA E 948 -1.05 90.90 39.62
C ALA E 948 -1.72 89.90 40.54
N LYS E 949 -1.85 88.64 40.12
CA LYS E 949 -2.54 87.68 40.98
C LYS E 949 -1.90 87.59 42.36
N GLU E 950 -0.57 87.39 42.39
CA GLU E 950 0.18 87.26 43.65
C GLU E 950 0.09 88.49 44.53
N LEU E 951 -0.08 89.68 43.93
CA LEU E 951 -0.25 90.96 44.68
C LEU E 951 -1.66 91.10 45.22
N HIS E 952 -2.64 91.00 44.35
CA HIS E 952 -4.02 90.93 44.78
C HIS E 952 -4.17 89.96 45.93
N GLU E 953 -3.33 88.93 45.95
CA GLU E 953 -3.42 87.88 46.95
C GLU E 953 -2.64 88.21 48.21
N GLN E 954 -1.46 88.78 48.06
CA GLN E 954 -0.71 89.20 49.25
C GLN E 954 -1.37 90.44 49.89
N GLY E 955 -2.58 90.75 49.41
CA GLY E 955 -3.52 91.67 50.07
C GLY E 955 -3.67 93.12 49.58
N LYS E 956 -3.91 93.34 48.29
CA LYS E 956 -4.08 94.69 47.72
C LYS E 956 -5.08 94.76 46.58
N GLY E 957 -5.57 95.97 46.32
CA GLY E 957 -6.75 96.19 45.46
C GLY E 957 -6.52 95.66 44.06
N ILE E 958 -7.59 95.26 43.39
CA ILE E 958 -7.46 94.66 42.07
C ILE E 958 -6.76 95.66 41.14
N VAL E 959 -7.30 96.87 41.09
CA VAL E 959 -6.65 97.96 40.39
C VAL E 959 -5.21 98.27 40.92
N GLU E 960 -5.01 98.12 42.22
CA GLU E 960 -3.68 98.33 42.79
C GLU E 960 -2.65 97.25 42.41
N ALA E 961 -3.10 95.98 42.42
CA ALA E 961 -2.30 94.83 41.95
C ALA E 961 -1.88 95.05 40.51
N ALA E 962 -2.88 95.23 39.63
CA ALA E 962 -2.64 95.58 38.23
C ALA E 962 -1.59 96.67 38.06
N ILE E 963 -1.82 97.84 38.63
CA ILE E 963 -0.83 98.93 38.53
C ILE E 963 0.55 98.44 38.97
N GLU E 964 0.69 97.90 40.20
CA GLU E 964 1.99 97.43 40.73
C GLU E 964 2.68 96.37 39.86
N ALA E 965 1.88 95.47 39.27
CA ALA E 965 2.36 94.38 38.42
C ALA E 965 3.04 94.90 37.15
N CYS E 966 2.29 95.56 36.25
CA CYS E 966 2.91 96.48 35.27
C CYS E 966 3.81 97.38 36.08
N ARG E 967 4.91 97.83 35.53
CA ARG E 967 5.89 98.61 36.34
C ARG E 967 6.94 97.62 36.76
N MET E 968 6.51 96.70 37.58
CA MET E 968 7.31 95.54 37.88
C MET E 968 7.77 94.83 36.56
N ARG E 969 6.84 94.68 35.62
CA ARG E 969 7.03 93.96 34.33
C ARG E 969 7.45 94.88 33.15
N LEU E 970 7.16 96.17 33.26
CA LEU E 970 7.59 97.12 32.25
C LEU E 970 9.06 96.98 31.80
N ARG E 971 10.00 96.86 32.73
CA ARG E 971 11.39 96.94 32.32
C ARG E 971 11.78 95.76 31.45
N PRO E 972 11.50 94.51 31.92
CA PRO E 972 11.82 93.32 31.11
C PRO E 972 11.01 93.23 29.84
N ILE E 973 9.76 93.71 29.82
CA ILE E 973 8.98 93.72 28.58
C ILE E 973 9.64 94.64 27.54
N VAL E 974 9.88 95.89 27.92
CA VAL E 974 10.71 96.80 27.13
C VAL E 974 12.04 96.13 26.82
N MET E 975 12.75 95.68 27.85
CA MET E 975 14.05 95.02 27.68
C MET E 975 14.10 93.96 26.56
N THR E 976 13.17 93.00 26.59
CA THR E 976 13.14 91.87 25.66
C THR E 976 12.74 92.26 24.23
N SER E 977 11.79 93.19 24.11
CA SER E 977 11.22 93.58 22.81
C SER E 977 12.14 94.49 22.03
N LEU E 978 12.91 95.27 22.76
CA LEU E 978 13.99 96.07 22.24
C LEU E 978 15.01 95.16 21.58
N ALA E 979 15.60 94.26 22.37
CA ALA E 979 16.66 93.36 21.90
C ALA E 979 16.26 92.51 20.71
N PHE E 980 14.97 92.16 20.67
CA PHE E 980 14.44 91.31 19.61
C PHE E 980 14.12 92.07 18.32
N ILE E 981 13.28 93.12 18.38
CA ILE E 981 12.99 93.84 17.14
C ILE E 981 14.29 94.15 16.41
N LEU E 982 15.31 94.68 17.10
CA LEU E 982 16.60 95.00 16.48
C LEU E 982 17.26 93.78 15.87
N GLY E 983 17.29 92.67 16.62
CA GLY E 983 17.95 91.43 16.19
C GLY E 983 17.33 90.72 15.01
N VAL E 984 16.09 91.10 14.69
CA VAL E 984 15.33 90.59 13.52
C VAL E 984 15.37 91.53 12.31
N VAL E 985 15.73 92.78 12.56
CA VAL E 985 15.76 93.81 11.51
C VAL E 985 16.64 93.43 10.30
N PRO E 986 17.87 92.93 10.54
CA PRO E 986 18.59 92.33 9.43
C PRO E 986 17.80 91.43 8.44
N LEU E 987 16.77 90.71 8.91
CA LEU E 987 15.93 89.87 8.03
C LEU E 987 14.91 90.67 7.23
N ALA E 988 14.39 91.73 7.83
CA ALA E 988 13.50 92.65 7.16
C ALA E 988 14.23 93.37 6.00
N ILE E 989 15.45 93.81 6.25
CA ILE E 989 16.34 94.37 5.23
C ILE E 989 17.06 93.29 4.41
N SER E 990 16.73 92.03 4.64
CA SER E 990 17.55 90.94 4.11
C SER E 990 17.84 91.15 2.63
N THR E 991 19.10 91.00 2.27
CA THR E 991 19.54 91.34 0.93
C THR E 991 20.07 90.13 0.13
N GLY E 992 19.30 89.73 -0.88
CA GLY E 992 19.65 88.61 -1.79
C GLY E 992 19.64 87.27 -1.08
N ALA E 993 19.75 86.17 -1.84
CA ALA E 993 19.91 84.81 -1.29
C ALA E 993 19.02 84.43 -0.06
N GLY E 994 17.80 83.97 -0.32
CA GLY E 994 16.85 83.64 0.75
C GLY E 994 16.07 84.85 1.21
N SER E 995 16.42 86.00 0.65
CA SER E 995 15.87 87.30 1.01
C SER E 995 14.35 87.36 1.09
N GLY E 996 13.68 86.60 0.22
CA GLY E 996 12.23 86.58 0.21
C GLY E 996 11.65 85.89 1.41
N SER E 997 12.39 84.93 1.96
CA SER E 997 11.95 84.18 3.15
C SER E 997 12.18 85.01 4.39
N GLN E 998 13.40 85.55 4.48
CA GLN E 998 13.76 86.44 5.56
C GLN E 998 12.85 87.67 5.58
N HIS E 999 12.39 88.07 4.42
CA HIS E 999 11.50 89.22 4.36
C HIS E 999 10.17 88.86 4.96
N ALA E 1000 9.70 87.67 4.67
CA ALA E 1000 8.38 87.26 5.12
C ALA E 1000 8.26 87.26 6.65
N ILE E 1001 9.39 87.00 7.34
CA ILE E 1001 9.42 86.91 8.81
C ILE E 1001 10.05 88.10 9.54
N GLY E 1002 10.90 88.84 8.86
CA GLY E 1002 11.32 90.17 9.33
C GLY E 1002 10.14 91.14 9.37
N THR E 1003 9.22 90.99 8.42
CA THR E 1003 8.07 91.87 8.29
C THR E 1003 6.97 91.54 9.29
N GLY E 1004 6.58 90.26 9.34
CA GLY E 1004 5.46 89.79 10.20
C GLY E 1004 5.66 89.89 11.71
N VAL E 1005 6.78 89.35 12.19
CA VAL E 1005 7.22 89.64 13.54
C VAL E 1005 7.68 91.07 13.44
N ILE E 1006 7.65 91.81 14.54
CA ILE E 1006 8.05 93.24 14.56
C ILE E 1006 7.06 94.20 13.96
N GLY E 1007 6.15 93.70 13.14
CA GLY E 1007 4.89 94.39 12.97
C GLY E 1007 4.12 94.05 14.22
N GLY E 1008 4.01 92.74 14.46
CA GLY E 1008 3.34 92.20 15.63
C GLY E 1008 4.10 92.44 16.90
N MET E 1009 5.44 92.46 16.82
CA MET E 1009 6.26 92.82 17.98
C MET E 1009 6.02 94.26 18.40
N VAL E 1010 5.99 95.16 17.42
CA VAL E 1010 5.76 96.57 17.73
C VAL E 1010 4.39 96.78 18.35
N THR E 1011 3.35 96.20 17.77
CA THR E 1011 2.01 96.48 18.26
C THR E 1011 1.79 95.89 19.65
N ALA E 1012 2.21 94.65 19.85
CA ALA E 1012 1.90 93.95 21.09
C ALA E 1012 2.67 94.50 22.32
N THR E 1013 3.87 95.05 22.11
CA THR E 1013 4.61 95.66 23.20
C THR E 1013 3.88 96.94 23.66
N VAL E 1014 3.81 97.93 22.77
CA VAL E 1014 3.10 99.15 23.10
C VAL E 1014 1.56 98.96 23.01
N LEU E 1015 1.05 97.77 23.28
CA LEU E 1015 -0.39 97.59 23.39
C LEU E 1015 -0.86 96.70 24.54
N ALA E 1016 -0.05 95.72 24.92
CA ALA E 1016 -0.46 94.86 26.01
C ALA E 1016 -0.06 95.48 27.34
N ILE E 1017 0.94 96.38 27.34
CA ILE E 1017 1.27 97.03 28.61
C ILE E 1017 0.10 97.88 29.09
N PHE E 1018 -0.79 98.23 28.17
CA PHE E 1018 -1.95 98.99 28.54
C PHE E 1018 -3.19 98.16 28.68
N TRP E 1019 -3.41 97.24 27.74
CA TRP E 1019 -4.69 96.54 27.73
C TRP E 1019 -4.82 95.32 28.65
N VAL E 1020 -3.70 94.60 28.87
CA VAL E 1020 -3.62 93.46 29.82
C VAL E 1020 -4.11 93.82 31.23
N PRO E 1021 -3.51 94.87 31.86
CA PRO E 1021 -4.08 95.31 33.14
C PRO E 1021 -5.59 95.61 33.01
N LEU E 1022 -6.00 96.37 31.98
CA LEU E 1022 -7.42 96.59 31.67
C LEU E 1022 -8.22 95.28 31.73
N PHE E 1023 -7.86 94.34 30.87
CA PHE E 1023 -8.43 92.99 30.86
C PHE E 1023 -8.43 92.30 32.20
N TYR E 1024 -7.34 92.44 32.92
CA TYR E 1024 -7.23 91.76 34.17
C TYR E 1024 -8.33 92.28 35.09
N VAL E 1025 -8.28 93.58 35.35
CA VAL E 1025 -9.28 94.29 36.14
C VAL E 1025 -10.68 94.08 35.59
N ALA E 1026 -10.83 94.16 34.26
CA ALA E 1026 -12.14 93.93 33.64
C ALA E 1026 -12.77 92.58 34.04
N VAL E 1027 -12.09 91.46 33.76
CA VAL E 1027 -12.65 90.14 34.07
C VAL E 1027 -12.82 90.03 35.57
N SER E 1028 -11.88 90.61 36.31
CA SER E 1028 -11.87 90.47 37.76
C SER E 1028 -13.07 91.17 38.39
N THR E 1029 -13.40 92.37 37.90
CA THR E 1029 -14.55 93.18 38.36
C THR E 1029 -15.88 92.57 37.91
N LEU E 1030 -15.97 92.20 36.63
CA LEU E 1030 -17.14 91.54 36.04
C LEU E 1030 -17.57 90.36 36.91
N MET F 1 14.70 56.33 53.64
CA MET F 1 14.08 55.08 53.12
C MET F 1 14.63 53.86 53.83
N SER F 2 15.96 53.76 53.90
CA SER F 2 16.64 52.64 54.59
C SER F 2 16.06 52.33 55.98
N LYS F 3 15.96 53.36 56.80
CA LYS F 3 15.45 53.25 58.15
C LYS F 3 14.05 52.64 58.16
N PHE F 4 13.30 52.92 57.09
CA PHE F 4 11.93 52.42 56.88
C PHE F 4 11.91 50.90 56.75
N PHE F 5 12.80 50.38 55.91
CA PHE F 5 12.91 48.95 55.72
C PHE F 5 13.55 48.24 56.92
N ILE F 6 14.53 48.85 57.58
CA ILE F 6 15.08 48.26 58.79
C ILE F 6 13.97 47.73 59.72
N ASP F 7 12.80 48.38 59.69
CA ASP F 7 11.68 48.01 60.56
C ASP F 7 10.60 47.22 59.84
N ARG F 8 10.65 47.22 58.52
CA ARG F 8 9.79 46.39 57.75
C ARG F 8 10.66 45.44 56.93
N PRO F 9 11.29 44.44 57.58
CA PRO F 9 12.15 43.52 56.84
C PRO F 9 11.42 42.44 56.00
N ILE F 10 10.12 42.21 56.23
CA ILE F 10 9.32 41.35 55.33
C ILE F 10 9.16 42.08 53.98
N PHE F 11 8.79 43.35 54.06
CA PHE F 11 8.70 44.23 52.89
C PHE F 11 10.02 44.20 52.06
N ALA F 12 11.17 44.38 52.72
CA ALA F 12 12.44 44.33 51.99
C ALA F 12 12.71 42.96 51.35
N TRP F 13 12.36 41.87 52.05
CA TRP F 13 12.46 40.51 51.48
C TRP F 13 11.56 40.35 50.26
N VAL F 14 10.45 41.09 50.22
CA VAL F 14 9.50 40.94 49.14
C VAL F 14 10.02 41.57 47.86
N ILE F 15 10.44 42.83 47.94
CA ILE F 15 10.94 43.51 46.74
C ILE F 15 12.12 42.71 46.15
N ALA F 16 13.00 42.19 47.04
CA ALA F 16 14.07 41.27 46.64
C ALA F 16 13.55 40.02 45.94
N LEU F 17 12.62 39.31 46.58
CA LEU F 17 11.95 38.13 45.98
C LEU F 17 11.29 38.43 44.65
N VAL F 18 10.36 39.38 44.61
CA VAL F 18 9.70 39.74 43.35
C VAL F 18 10.77 39.93 42.28
N ILE F 19 11.77 40.78 42.57
CA ILE F 19 12.85 41.02 41.60
C ILE F 19 13.43 39.68 41.17
N MET F 20 13.85 38.85 42.12
CA MET F 20 14.48 37.56 41.82
C MET F 20 13.57 36.63 41.04
N LEU F 21 12.29 36.57 41.44
CA LEU F 21 11.22 35.90 40.70
C LEU F 21 11.11 36.40 39.26
N ALA F 22 11.02 37.72 39.07
CA ALA F 22 11.08 38.31 37.72
C ALA F 22 12.22 37.81 36.81
N GLY F 23 13.47 37.96 37.25
CA GLY F 23 14.63 37.57 36.43
C GLY F 23 14.88 36.09 36.39
N GLY F 24 14.53 35.43 37.49
CA GLY F 24 14.49 33.98 37.52
C GLY F 24 13.69 33.41 36.38
N LEU F 25 12.39 33.72 36.34
CA LEU F 25 11.49 33.30 35.25
C LEU F 25 11.95 33.72 33.85
N SER F 26 12.89 34.67 33.78
CA SER F 26 13.47 35.10 32.51
C SER F 26 14.50 34.13 31.98
N ILE F 27 15.41 33.67 32.81
CA ILE F 27 16.44 32.75 32.31
C ILE F 27 15.76 31.64 31.53
N LEU F 28 14.57 31.27 31.98
CA LEU F 28 13.76 30.26 31.29
C LEU F 28 13.27 30.56 29.86
N SER F 29 13.43 31.79 29.37
CA SER F 29 13.14 32.07 27.94
C SER F 29 14.18 32.95 27.18
N LEU F 30 15.36 33.12 27.76
CA LEU F 30 16.41 33.86 27.11
C LEU F 30 17.10 33.01 26.04
N PRO F 31 17.28 33.58 24.83
CA PRO F 31 18.05 32.86 23.82
C PRO F 31 19.47 32.68 24.32
N VAL F 32 20.09 31.54 23.99
CA VAL F 32 21.50 31.31 24.34
C VAL F 32 22.41 31.13 23.14
N ASN F 33 23.51 31.86 23.16
CA ASN F 33 24.49 31.69 22.11
C ASN F 33 25.87 32.10 22.53
N GLN F 34 26.89 31.70 21.78
CA GLN F 34 28.25 31.93 22.23
C GLN F 34 28.51 33.45 22.25
N TYR F 35 28.16 34.10 21.15
CA TYR F 35 28.38 35.51 21.00
C TYR F 35 27.14 36.19 20.44
N PRO F 36 26.99 37.51 20.67
CA PRO F 36 25.84 38.26 20.14
C PRO F 36 26.07 38.46 18.65
N ALA F 37 25.15 39.13 17.94
CA ALA F 37 25.39 39.36 16.51
C ALA F 37 26.46 40.45 16.27
N ILE F 38 27.69 40.05 15.98
CA ILE F 38 28.76 41.05 15.92
C ILE F 38 29.27 41.21 14.51
N ALA F 39 28.65 40.57 13.53
CA ALA F 39 29.23 40.69 12.18
C ALA F 39 28.45 41.62 11.22
N PRO F 40 29.20 42.47 10.48
CA PRO F 40 28.54 43.42 9.56
C PRO F 40 27.64 42.69 8.57
N PRO F 41 26.37 43.11 8.46
CA PRO F 41 25.46 42.50 7.46
C PRO F 41 26.01 42.69 6.07
N ALA F 42 25.98 41.65 5.24
CA ALA F 42 26.52 41.74 3.88
C ALA F 42 25.55 41.06 2.97
N ILE F 43 25.42 41.56 1.74
CA ILE F 43 24.54 40.96 0.75
C ILE F 43 25.36 40.47 -0.44
N ALA F 44 24.98 39.30 -0.97
CA ALA F 44 25.67 38.69 -2.10
C ALA F 44 24.77 38.66 -3.32
N VAL F 45 25.31 39.11 -4.46
CA VAL F 45 24.59 39.05 -5.74
C VAL F 45 25.33 38.08 -6.66
N GLN F 46 24.64 37.05 -7.18
CA GLN F 46 25.29 36.22 -8.22
C GLN F 46 24.51 35.63 -9.41
N VAL F 47 25.10 35.76 -10.59
CA VAL F 47 24.73 35.01 -11.79
C VAL F 47 25.97 34.42 -12.45
N SER F 48 25.71 33.35 -13.19
CA SER F 48 26.65 32.86 -14.17
C SER F 48 26.27 33.41 -15.53
N TYR F 49 27.29 33.70 -16.33
CA TYR F 49 27.14 34.05 -17.73
C TYR F 49 27.70 32.87 -18.58
N PRO F 50 26.83 31.89 -18.93
CA PRO F 50 27.25 30.57 -19.42
C PRO F 50 28.47 30.54 -20.35
N GLY F 51 29.56 30.05 -19.78
CA GLY F 51 30.82 29.90 -20.49
C GLY F 51 31.34 31.17 -21.12
N ALA F 52 31.36 32.27 -20.36
CA ALA F 52 32.15 33.44 -20.76
C ALA F 52 33.53 33.28 -20.12
N SER F 53 34.49 34.04 -20.62
CA SER F 53 35.80 34.09 -19.99
C SER F 53 35.69 34.76 -18.61
N ALA F 54 36.78 34.73 -17.84
CA ALA F 54 36.81 35.49 -16.58
C ALA F 54 36.78 36.99 -16.86
N GLU F 55 37.63 37.46 -17.77
CA GLU F 55 37.79 38.90 -18.00
C GLU F 55 36.64 39.45 -18.80
N THR F 56 35.92 38.56 -19.50
CA THR F 56 34.60 38.88 -20.06
C THR F 56 33.71 39.13 -18.87
N VAL F 57 33.31 38.04 -18.19
CA VAL F 57 32.45 38.09 -17.00
C VAL F 57 32.66 39.38 -16.20
N GLN F 58 33.91 39.63 -15.83
CA GLN F 58 34.32 40.85 -15.15
C GLN F 58 33.80 42.14 -15.80
N ASP F 59 33.91 42.27 -17.12
CA ASP F 59 33.57 43.55 -17.82
C ASP F 59 32.16 43.67 -18.38
N THR F 60 31.56 42.54 -18.79
CA THR F 60 30.15 42.50 -19.18
C THR F 60 29.19 42.69 -18.00
N VAL F 61 29.48 42.02 -16.87
CA VAL F 61 28.57 41.99 -15.69
C VAL F 61 29.09 42.68 -14.40
N VAL F 62 30.11 42.11 -13.77
CA VAL F 62 30.72 42.64 -12.53
C VAL F 62 30.88 44.19 -12.53
N GLN F 63 31.67 44.68 -13.47
CA GLN F 63 32.01 46.10 -13.57
C GLN F 63 30.75 47.00 -13.57
N VAL F 64 29.68 46.52 -14.20
CA VAL F 64 28.43 47.27 -14.30
C VAL F 64 27.62 47.23 -13.02
N ILE F 65 27.34 46.05 -12.51
CA ILE F 65 26.49 45.97 -11.31
C ILE F 65 27.24 46.59 -10.12
N GLU F 66 28.57 46.46 -10.09
CA GLU F 66 29.40 46.95 -8.98
C GLU F 66 29.26 48.45 -8.87
N GLN F 67 29.28 49.09 -10.01
CA GLN F 67 29.24 50.53 -10.08
C GLN F 67 27.89 51.02 -9.59
N GLN F 68 26.84 50.23 -9.81
CA GLN F 68 25.50 50.61 -9.41
C GLN F 68 25.35 50.59 -7.91
N MET F 69 26.07 49.64 -7.33
CA MET F 69 26.08 49.37 -5.91
C MET F 69 26.74 50.49 -5.14
N ASN F 70 27.61 51.26 -5.80
CA ASN F 70 28.15 52.47 -5.16
C ASN F 70 27.02 53.36 -4.67
N GLY F 71 27.25 54.00 -3.53
CA GLY F 71 26.30 54.97 -3.00
C GLY F 71 25.10 54.46 -2.23
N ILE F 72 25.02 53.15 -1.98
CA ILE F 72 24.00 52.55 -1.09
C ILE F 72 24.24 52.87 0.40
N ASP F 73 23.18 53.26 1.12
CA ASP F 73 23.26 53.58 2.57
C ASP F 73 24.02 52.54 3.36
N ASN F 74 24.95 53.04 4.19
CA ASN F 74 25.76 52.26 5.17
C ASN F 74 26.78 51.28 4.62
N LEU F 75 27.10 51.43 3.34
CA LEU F 75 28.10 50.61 2.67
C LEU F 75 29.41 50.73 3.42
N ARG F 76 30.11 49.63 3.57
CA ARG F 76 31.41 49.65 4.19
C ARG F 76 32.45 49.32 3.10
N TYR F 77 32.17 48.29 2.34
CA TYR F 77 32.99 47.95 1.19
C TYR F 77 32.29 46.92 0.28
N ILE F 78 32.83 46.80 -0.93
CA ILE F 78 32.34 45.88 -1.92
C ILE F 78 33.53 45.10 -2.39
N SER F 79 33.35 43.79 -2.54
CA SER F 79 34.32 42.98 -3.19
C SER F 79 33.56 42.04 -4.09
N SER F 80 33.99 42.00 -5.34
CA SER F 80 33.47 41.06 -6.32
C SER F 80 34.57 40.11 -6.78
N GLU F 81 34.16 38.96 -7.34
CA GLU F 81 35.06 38.00 -7.96
C GLU F 81 34.44 37.47 -9.25
N SER F 82 35.28 37.23 -10.26
CA SER F 82 34.84 36.80 -11.60
C SER F 82 35.67 35.60 -12.07
N ASN F 83 35.02 34.59 -12.65
CA ASN F 83 35.58 33.24 -12.82
C ASN F 83 35.56 32.59 -14.20
N SER F 84 36.48 31.64 -14.43
CA SER F 84 36.54 30.85 -15.69
C SER F 84 35.21 30.27 -16.10
N ASP F 85 34.49 29.67 -15.15
CA ASP F 85 33.24 28.95 -15.43
C ASP F 85 32.00 29.81 -15.77
N GLY F 86 32.17 31.13 -15.87
CA GLY F 86 31.05 32.03 -16.20
C GLY F 86 30.46 32.73 -15.00
N SER F 87 30.55 32.10 -13.84
CA SER F 87 30.05 32.63 -12.57
C SER F 87 30.82 33.84 -12.02
N MET F 88 30.12 34.65 -11.23
CA MET F 88 30.68 35.82 -10.54
C MET F 88 29.84 36.15 -9.30
N THR F 89 30.42 36.90 -8.37
CA THR F 89 29.73 37.27 -7.16
C THR F 89 30.20 38.59 -6.56
N ILE F 90 29.26 39.47 -6.26
CA ILE F 90 29.59 40.76 -5.67
C ILE F 90 29.08 40.68 -4.26
N THR F 91 29.94 40.94 -3.28
CA THR F 91 29.56 40.97 -1.87
C THR F 91 29.63 42.33 -1.21
N VAL F 92 28.48 43.01 -1.20
CA VAL F 92 28.32 44.34 -0.60
C VAL F 92 28.20 44.26 0.93
N THR F 93 29.21 44.70 1.66
CA THR F 93 29.17 44.65 3.13
C THR F 93 28.76 45.98 3.79
N PHE F 94 27.84 45.94 4.72
CA PHE F 94 27.35 47.17 5.34
C PHE F 94 27.91 47.38 6.73
N GLU F 95 27.68 48.56 7.30
CA GLU F 95 28.15 48.84 8.64
C GLU F 95 27.20 48.15 9.66
N GLN F 96 27.72 47.58 10.76
CA GLN F 96 26.82 46.85 11.68
C GLN F 96 25.78 47.74 12.28
N GLY F 97 24.53 47.31 12.21
CA GLY F 97 23.42 48.13 12.68
C GLY F 97 22.49 48.49 11.54
N THR F 98 22.93 48.23 10.32
CA THR F 98 22.06 48.28 9.18
C THR F 98 21.14 47.10 9.27
N ASP F 99 19.85 47.37 9.06
CA ASP F 99 18.85 46.34 9.08
C ASP F 99 19.07 45.51 7.82
N PRO F 100 19.36 44.18 7.95
CA PRO F 100 19.63 43.40 6.76
C PRO F 100 18.55 43.40 5.68
N ASP F 101 17.28 43.52 6.03
CA ASP F 101 16.23 43.60 5.00
C ASP F 101 16.19 44.90 4.21
N ILE F 102 16.42 46.04 4.86
CA ILE F 102 16.55 47.25 4.06
C ILE F 102 17.84 47.26 3.22
N ALA F 103 18.90 46.61 3.69
CA ALA F 103 20.10 46.41 2.86
C ALA F 103 19.80 45.60 1.62
N GLN F 104 19.12 44.47 1.80
CA GLN F 104 18.87 43.63 0.66
C GLN F 104 17.92 44.33 -0.26
N VAL F 105 16.89 45.01 0.26
CA VAL F 105 16.00 45.79 -0.63
C VAL F 105 16.80 46.84 -1.40
N GLN F 106 17.53 47.70 -0.68
CA GLN F 106 18.44 48.62 -1.37
C GLN F 106 19.36 47.98 -2.40
N VAL F 107 19.95 46.82 -2.12
CA VAL F 107 20.70 46.15 -3.19
C VAL F 107 19.82 45.88 -4.42
N GLN F 108 18.79 45.06 -4.26
CA GLN F 108 17.79 44.84 -5.29
C GLN F 108 17.39 46.10 -6.09
N ASN F 109 17.05 47.21 -5.42
CA ASN F 109 16.66 48.48 -6.09
C ASN F 109 17.72 49.04 -7.03
N LYS F 110 18.98 48.99 -6.65
CA LYS F 110 20.09 49.40 -7.48
C LYS F 110 20.33 48.41 -8.61
N LEU F 111 20.32 47.12 -8.31
CA LEU F 111 20.63 46.07 -9.28
C LEU F 111 19.70 46.16 -10.50
N GLN F 112 18.46 46.52 -10.25
CA GLN F 112 17.44 46.63 -11.29
C GLN F 112 17.81 47.72 -12.27
N LEU F 113 18.51 48.75 -11.78
CA LEU F 113 19.04 49.84 -12.64
C LEU F 113 20.09 49.34 -13.58
N ALA F 114 21.06 48.57 -13.07
CA ALA F 114 22.12 48.02 -13.90
C ALA F 114 21.62 46.93 -14.85
N THR F 115 20.49 46.30 -14.52
CA THR F 115 20.01 45.18 -15.33
C THR F 115 20.15 45.44 -16.84
N PRO F 116 19.37 46.41 -17.41
CA PRO F 116 19.42 46.80 -18.84
C PRO F 116 20.82 46.86 -19.53
N LEU F 117 21.89 47.09 -18.79
CA LEU F 117 23.24 47.11 -19.39
C LEU F 117 23.96 45.72 -19.37
N LEU F 118 23.20 44.65 -19.23
CA LEU F 118 23.76 43.32 -19.14
C LEU F 118 23.51 42.44 -20.36
N PRO F 119 24.55 41.74 -20.84
CA PRO F 119 24.43 40.74 -21.91
C PRO F 119 23.11 40.01 -21.80
N GLN F 120 22.45 39.76 -22.93
CA GLN F 120 21.10 39.19 -22.90
C GLN F 120 20.98 37.79 -22.31
N GLU F 121 22.09 37.02 -22.34
CA GLU F 121 22.15 35.68 -21.76
C GLU F 121 22.05 35.76 -20.26
N VAL F 122 22.83 36.68 -19.69
CA VAL F 122 22.74 37.08 -18.29
C VAL F 122 21.36 37.64 -17.92
N GLN F 123 20.87 38.59 -18.69
CA GLN F 123 19.65 39.32 -18.36
C GLN F 123 18.41 38.45 -18.22
N ARG F 124 18.31 37.45 -19.10
CA ARG F 124 17.21 36.49 -19.09
C ARG F 124 17.43 35.45 -17.99
N GLN F 125 18.70 35.24 -17.64
CA GLN F 125 19.07 34.31 -16.58
C GLN F 125 18.45 34.64 -15.19
N GLY F 126 18.48 35.90 -14.77
CA GLY F 126 17.94 36.28 -13.45
C GLY F 126 18.92 36.12 -12.29
N ILE F 127 19.38 37.26 -11.77
CA ILE F 127 20.44 37.26 -10.77
C ILE F 127 19.93 36.94 -9.37
N ARG F 128 20.59 35.99 -8.72
CA ARG F 128 20.30 35.62 -7.36
C ARG F 128 20.79 36.72 -6.40
N VAL F 129 19.91 37.18 -5.52
CA VAL F 129 20.35 38.07 -4.46
C VAL F 129 19.90 37.56 -3.10
N THR F 130 20.85 37.40 -2.18
CA THR F 130 20.56 36.87 -0.84
C THR F 130 21.58 37.33 0.17
N LYS F 131 21.16 37.33 1.45
CA LYS F 131 22.00 37.59 2.64
C LYS F 131 23.23 36.68 2.75
N ALA F 132 24.41 37.26 2.94
CA ALA F 132 25.63 36.49 2.88
C ALA F 132 26.23 36.14 4.24
N VAL F 133 26.00 34.94 4.76
CA VAL F 133 26.78 34.46 5.93
C VAL F 133 28.11 33.78 5.51
N LYS F 134 29.20 33.99 6.29
CA LYS F 134 30.53 33.42 5.93
C LYS F 134 30.71 31.96 6.35
N ASN F 135 30.24 31.64 7.55
CA ASN F 135 30.55 30.36 8.18
C ASN F 135 29.42 29.33 8.12
N PHE F 136 29.79 28.05 8.06
CA PHE F 136 28.82 26.94 8.14
C PHE F 136 28.53 26.52 9.57
N LEU F 137 27.26 26.32 9.85
CA LEU F 137 26.84 25.95 11.17
C LEU F 137 27.23 24.50 11.41
N MET F 138 27.20 23.73 10.33
CA MET F 138 27.35 22.29 10.38
C MET F 138 27.14 21.63 9.02
N VAL F 139 27.67 20.43 8.88
CA VAL F 139 27.44 19.65 7.67
C VAL F 139 26.65 18.43 8.11
N VAL F 140 25.45 18.28 7.57
CA VAL F 140 24.62 17.08 7.82
C VAL F 140 24.97 16.06 6.76
N GLY F 141 25.84 15.13 7.13
CA GLY F 141 26.28 14.09 6.21
C GLY F 141 25.27 12.98 5.97
N VAL F 142 25.65 12.09 5.08
CA VAL F 142 25.01 10.80 4.92
C VAL F 142 25.95 9.80 4.24
N VAL F 143 26.01 8.60 4.79
CA VAL F 143 26.95 7.60 4.33
C VAL F 143 26.28 6.21 4.38
N SER F 144 26.57 5.35 3.39
CA SER F 144 25.92 4.03 3.32
C SER F 144 26.63 2.96 4.12
N THR F 145 25.93 2.42 5.12
CA THR F 145 26.45 1.37 5.99
C THR F 145 27.05 0.15 5.26
N ASP F 146 26.39 -0.34 4.20
CA ASP F 146 26.90 -1.47 3.41
C ASP F 146 27.83 -1.07 2.24
N GLY F 147 27.25 -0.59 1.13
CA GLY F 147 28.01 -0.17 -0.05
C GLY F 147 27.13 -0.15 -1.27
N SER F 148 25.83 -0.36 -1.03
CA SER F 148 24.82 -0.51 -2.09
C SER F 148 24.32 0.83 -2.58
N MET F 149 24.89 1.90 -2.03
CA MET F 149 24.62 3.27 -2.46
C MET F 149 25.96 3.86 -2.92
N THR F 150 25.96 4.52 -4.08
CA THR F 150 27.16 5.22 -4.56
C THR F 150 27.14 6.67 -4.06
N LYS F 151 28.23 7.42 -4.26
CA LYS F 151 28.21 8.87 -3.98
C LYS F 151 26.91 9.44 -4.48
N GLU F 152 26.67 9.27 -5.78
CA GLU F 152 25.53 9.86 -6.49
C GLU F 152 24.17 9.27 -6.12
N ASP F 153 24.15 8.02 -5.67
CA ASP F 153 22.93 7.41 -5.10
C ASP F 153 22.52 8.11 -3.79
N LEU F 154 23.53 8.53 -3.05
CA LEU F 154 23.36 9.23 -1.77
C LEU F 154 22.99 10.69 -1.98
N SER F 155 23.88 11.43 -2.64
CA SER F 155 23.62 12.81 -3.08
C SER F 155 22.20 12.97 -3.60
N ASN F 156 21.74 11.98 -4.35
CA ASN F 156 20.41 12.08 -4.84
C ASN F 156 19.35 11.95 -3.75
N TYR F 157 19.61 11.09 -2.76
CA TYR F 157 18.61 10.93 -1.71
C TYR F 157 18.50 12.26 -0.95
N ILE F 158 19.66 12.79 -0.53
CA ILE F 158 19.76 14.11 0.05
C ILE F 158 18.87 15.09 -0.73
N VAL F 159 19.30 15.53 -1.91
CA VAL F 159 18.56 16.54 -2.64
C VAL F 159 17.09 16.21 -2.89
N SER F 160 16.78 14.95 -3.16
CA SER F 160 15.39 14.63 -3.43
C SER F 160 14.48 14.57 -2.20
N ASN F 161 15.01 14.10 -1.05
CA ASN F 161 14.18 13.95 0.18
C ASN F 161 14.54 14.84 1.39
N ILE F 162 15.83 14.95 1.71
CA ILE F 162 16.25 15.71 2.87
C ILE F 162 16.25 17.20 2.61
N GLN F 163 16.67 17.60 1.40
CA GLN F 163 17.02 19.01 1.13
C GLN F 163 15.91 20.02 1.30
N ASP F 164 14.74 19.72 0.73
CA ASP F 164 13.62 20.66 0.78
C ASP F 164 12.99 20.87 2.18
N PRO F 165 13.00 19.84 3.07
CA PRO F 165 12.56 20.06 4.47
C PRO F 165 13.59 20.75 5.37
N LEU F 166 14.87 20.45 5.18
CA LEU F 166 15.94 21.12 5.91
C LEU F 166 16.09 22.59 5.53
N SER F 167 15.90 22.89 4.24
CA SER F 167 16.00 24.25 3.70
C SER F 167 14.91 25.16 4.26
N ARG F 168 13.91 24.52 4.85
CA ARG F 168 12.79 25.22 5.37
C ARG F 168 12.65 25.10 6.90
N THR F 169 13.57 24.36 7.52
CA THR F 169 13.62 24.20 8.99
C THR F 169 13.86 25.55 9.66
N LYS F 170 13.09 25.86 10.69
CA LYS F 170 13.30 27.10 11.41
C LYS F 170 14.79 27.28 11.66
N GLY F 171 15.32 28.43 11.24
CA GLY F 171 16.66 28.81 11.59
C GLY F 171 17.61 28.80 10.42
N VAL F 172 17.37 27.85 9.50
CA VAL F 172 18.25 27.58 8.35
C VAL F 172 18.20 28.69 7.31
N GLY F 173 19.40 29.11 6.90
CA GLY F 173 19.55 30.14 5.89
C GLY F 173 19.96 29.47 4.61
N ASP F 174 21.05 29.98 4.03
CA ASP F 174 21.59 29.44 2.80
C ASP F 174 22.13 28.06 3.05
N PHE F 175 22.14 27.22 2.03
CA PHE F 175 22.78 25.92 2.18
C PHE F 175 23.69 25.60 1.01
N GLN F 176 24.34 24.43 1.05
CA GLN F 176 25.20 23.97 -0.03
C GLN F 176 25.32 22.44 -0.02
N VAL F 177 24.77 21.79 -1.05
CA VAL F 177 24.86 20.33 -1.19
C VAL F 177 26.22 20.01 -1.77
N PHE F 178 26.88 18.97 -1.27
CA PHE F 178 28.04 18.42 -1.96
C PHE F 178 27.60 17.19 -2.75
N GLY F 179 27.28 17.40 -4.01
CA GLY F 179 26.73 16.35 -4.85
C GLY F 179 25.65 16.98 -5.68
N SER F 180 24.71 16.18 -6.16
CA SER F 180 23.54 16.73 -6.84
C SER F 180 22.53 15.64 -7.04
N GLN F 181 21.29 16.07 -7.30
CA GLN F 181 20.22 15.15 -7.64
C GLN F 181 20.49 14.53 -9.00
N TYR F 182 19.80 13.44 -9.31
CA TYR F 182 19.97 12.80 -10.59
C TYR F 182 19.41 13.71 -11.68
N SER F 183 20.06 13.67 -12.83
CA SER F 183 19.50 14.20 -14.04
C SER F 183 19.41 13.05 -15.05
N MET F 184 18.50 13.15 -16.00
CA MET F 184 18.52 12.25 -17.16
C MET F 184 19.73 12.58 -18.03
N ARG F 185 20.67 11.64 -18.10
CA ARG F 185 21.89 11.86 -18.85
C ARG F 185 21.89 11.25 -20.27
N ILE F 186 22.05 12.10 -21.27
CA ILE F 186 22.16 11.66 -22.66
C ILE F 186 23.54 12.02 -23.21
N TRP F 187 24.38 10.98 -23.30
CA TRP F 187 25.76 11.11 -23.77
C TRP F 187 25.92 10.84 -25.27
N LEU F 188 26.28 11.88 -26.03
CA LEU F 188 26.37 11.78 -27.48
C LEU F 188 27.68 11.17 -27.99
N ASP F 189 27.58 10.06 -28.73
CA ASP F 189 28.73 9.45 -29.44
C ASP F 189 28.82 9.96 -30.89
N PRO F 190 29.87 10.75 -31.20
CA PRO F 190 29.96 11.55 -32.44
C PRO F 190 30.22 10.71 -33.68
N ALA F 191 30.97 9.62 -33.51
CA ALA F 191 31.16 8.62 -34.54
C ALA F 191 29.78 8.08 -34.97
N LYS F 192 29.00 7.63 -33.98
CA LYS F 192 27.63 7.10 -34.19
C LYS F 192 26.67 8.18 -34.71
N LEU F 193 27.16 9.40 -34.86
CA LEU F 193 26.32 10.55 -35.13
C LEU F 193 26.22 10.76 -36.62
N ASN F 194 27.30 11.27 -37.20
CA ASN F 194 27.46 11.43 -38.67
C ASN F 194 27.10 10.20 -39.50
N SER F 195 27.41 9.02 -38.93
CA SER F 195 27.01 7.73 -39.47
C SER F 195 25.48 7.63 -39.55
N TYR F 196 24.82 8.79 -39.51
CA TYR F 196 23.37 8.91 -39.67
C TYR F 196 22.98 10.30 -40.20
N GLN F 197 23.96 11.16 -40.47
CA GLN F 197 23.74 12.57 -40.85
C GLN F 197 22.97 13.36 -39.78
N LEU F 198 23.28 13.07 -38.51
CA LEU F 198 22.60 13.70 -37.38
C LEU F 198 23.58 14.60 -36.62
N THR F 199 23.10 15.79 -36.27
CA THR F 199 23.88 16.73 -35.47
C THR F 199 23.33 16.71 -34.03
N PRO F 200 24.13 17.20 -33.06
CA PRO F 200 23.63 17.26 -31.69
C PRO F 200 22.30 18.01 -31.60
N GLY F 201 22.19 19.12 -32.33
CA GLY F 201 20.98 19.94 -32.31
C GLY F 201 19.68 19.26 -32.73
N ASP F 202 19.80 18.18 -33.51
CA ASP F 202 18.62 17.41 -33.94
C ASP F 202 17.99 16.75 -32.73
N VAL F 203 18.83 16.06 -31.94
CA VAL F 203 18.44 15.42 -30.68
C VAL F 203 17.73 16.42 -29.75
N SER F 204 18.47 17.44 -29.33
CA SER F 204 17.93 18.59 -28.61
C SER F 204 16.48 18.81 -29.00
N SER F 205 16.27 19.25 -30.24
CA SER F 205 14.93 19.55 -30.73
C SER F 205 13.95 18.35 -30.68
N ALA F 206 14.49 17.15 -30.92
CA ALA F 206 13.68 15.93 -30.85
C ALA F 206 13.22 15.64 -29.41
N ILE F 207 14.06 16.03 -28.45
CA ILE F 207 13.72 15.84 -27.06
C ILE F 207 12.67 16.86 -26.67
N GLN F 208 12.83 18.07 -27.18
CA GLN F 208 11.93 19.15 -26.88
C GLN F 208 10.56 18.96 -27.52
N ALA F 209 10.44 17.95 -28.36
CA ALA F 209 9.18 17.70 -29.03
C ALA F 209 8.50 16.42 -28.55
N GLN F 210 9.22 15.61 -27.78
CA GLN F 210 8.71 14.28 -27.46
C GLN F 210 8.56 14.04 -25.96
N ASN F 211 9.58 14.48 -25.22
CA ASN F 211 9.47 14.59 -23.79
C ASN F 211 8.91 15.95 -23.51
N VAL F 212 7.58 16.06 -23.57
CA VAL F 212 6.88 17.28 -23.21
C VAL F 212 5.45 17.03 -22.75
N GLN F 213 4.96 17.95 -21.91
CA GLN F 213 3.63 17.93 -21.30
C GLN F 213 2.73 19.07 -21.82
N ILE F 214 1.68 18.75 -22.59
CA ILE F 214 0.92 19.80 -23.28
C ILE F 214 -0.51 20.03 -22.74
N SER F 215 -0.99 21.27 -22.77
CA SER F 215 -2.39 21.56 -22.41
C SER F 215 -3.31 20.81 -23.34
N SER F 216 -4.18 20.00 -22.77
CA SER F 216 -4.94 19.11 -23.63
C SER F 216 -6.44 19.31 -23.63
N GLY F 217 -6.88 20.41 -23.03
CA GLY F 217 -8.31 20.75 -22.91
C GLY F 217 -9.27 19.79 -22.22
N GLN F 218 -10.56 20.03 -22.45
CA GLN F 218 -11.57 19.36 -21.70
C GLN F 218 -12.76 18.87 -22.55
N LEU F 219 -13.06 17.58 -22.39
CA LEU F 219 -14.30 17.04 -22.86
C LEU F 219 -15.34 17.69 -22.03
N GLY F 220 -16.23 18.43 -22.67
CA GLY F 220 -17.33 19.02 -21.93
C GLY F 220 -16.96 20.30 -21.23
N GLY F 221 -15.81 20.88 -21.59
CA GLY F 221 -15.37 22.14 -20.99
C GLY F 221 -16.29 23.28 -21.37
N LEU F 222 -16.40 24.26 -20.47
CA LEU F 222 -17.14 25.50 -20.76
C LEU F 222 -16.55 26.26 -21.95
N PRO F 223 -17.41 26.84 -22.80
CA PRO F 223 -18.86 26.76 -22.75
C PRO F 223 -19.34 25.48 -23.41
N ALA F 224 -20.15 24.71 -22.70
CA ALA F 224 -20.65 23.44 -23.24
C ALA F 224 -21.87 23.67 -24.16
N VAL F 225 -22.32 22.63 -24.85
CA VAL F 225 -23.57 22.69 -25.62
C VAL F 225 -24.76 22.34 -24.72
N LYS F 226 -25.93 22.91 -25.02
CA LYS F 226 -27.14 22.74 -24.19
C LYS F 226 -27.33 21.30 -23.73
N GLY F 227 -27.64 21.14 -22.45
CA GLY F 227 -27.91 19.82 -21.86
C GLY F 227 -26.77 18.83 -21.81
N GLN F 228 -25.55 19.28 -22.10
CA GLN F 228 -24.35 18.44 -22.02
C GLN F 228 -24.18 17.89 -20.60
N GLN F 229 -23.87 16.61 -20.51
CA GLN F 229 -23.90 15.93 -19.23
C GLN F 229 -22.52 15.48 -18.74
N LEU F 230 -21.61 15.22 -19.69
CA LEU F 230 -20.25 14.77 -19.36
C LEU F 230 -19.16 15.86 -19.36
N ASN F 231 -18.39 15.86 -18.26
CA ASN F 231 -17.21 16.71 -18.10
C ASN F 231 -15.97 15.87 -17.76
N ALA F 232 -14.89 16.03 -18.52
CA ALA F 232 -13.62 15.27 -18.28
C ALA F 232 -12.30 15.82 -18.89
N THR F 233 -11.24 15.71 -18.09
CA THR F 233 -9.91 16.17 -18.47
C THR F 233 -9.24 15.27 -19.50
N ILE F 234 -8.91 15.82 -20.66
CA ILE F 234 -8.16 15.09 -21.65
C ILE F 234 -6.64 15.15 -21.35
N ILE F 235 -6.00 14.00 -21.12
CA ILE F 235 -4.55 13.99 -20.76
C ILE F 235 -3.60 13.64 -21.93
N GLY F 236 -3.15 14.68 -22.64
CA GLY F 236 -2.41 14.55 -23.89
C GLY F 236 -1.02 13.96 -23.77
N LYS F 237 -0.05 14.59 -24.44
CA LYS F 237 1.32 14.06 -24.56
C LYS F 237 1.97 13.54 -23.25
N THR F 238 2.18 14.42 -22.28
CA THR F 238 2.89 14.11 -20.99
C THR F 238 4.41 13.77 -21.02
N ARG F 239 5.11 14.27 -20.00
CA ARG F 239 6.56 14.12 -19.86
C ARG F 239 6.97 12.68 -19.68
N LEU F 240 8.01 12.28 -20.41
CA LEU F 240 8.66 10.98 -20.24
C LEU F 240 9.16 10.80 -18.80
N GLN F 241 9.77 9.67 -18.51
CA GLN F 241 10.03 9.40 -17.10
C GLN F 241 11.17 8.40 -16.80
N THR F 242 11.36 7.40 -17.65
CA THR F 242 12.35 6.33 -17.37
C THR F 242 13.50 6.29 -18.34
N ALA F 243 14.63 5.81 -17.82
CA ALA F 243 15.84 5.70 -18.63
C ALA F 243 15.54 5.24 -20.08
N GLU F 244 14.91 4.09 -20.26
CA GLU F 244 14.69 3.52 -21.61
C GLU F 244 13.77 4.35 -22.49
N GLN F 245 12.74 4.93 -21.88
CA GLN F 245 11.78 5.75 -22.60
C GLN F 245 12.44 6.85 -23.40
N PHE F 246 13.66 7.22 -23.00
CA PHE F 246 14.35 8.30 -23.69
C PHE F 246 15.08 7.83 -24.96
N GLU F 247 15.27 6.52 -25.09
CA GLU F 247 15.77 5.94 -26.34
C GLU F 247 14.77 6.16 -27.48
N ASN F 248 13.56 5.60 -27.33
CA ASN F 248 12.56 5.61 -28.40
C ASN F 248 12.25 6.97 -28.98
N ILE F 249 12.88 8.01 -28.46
CA ILE F 249 12.83 9.30 -29.09
C ILE F 249 13.29 9.12 -30.55
N LEU F 250 12.33 9.06 -31.47
CA LEU F 250 12.66 8.94 -32.89
C LEU F 250 13.21 10.26 -33.42
N LEU F 251 14.49 10.22 -33.80
CA LEU F 251 15.19 11.39 -34.31
C LEU F 251 14.68 11.74 -35.71
N LYS F 252 15.38 11.25 -36.73
CA LYS F 252 15.03 11.53 -38.11
C LYS F 252 14.76 10.26 -38.91
N VAL F 253 13.86 10.41 -39.89
CA VAL F 253 13.39 9.32 -40.76
C VAL F 253 14.06 9.36 -42.14
N ASN F 254 14.81 8.30 -42.47
CA ASN F 254 15.63 8.24 -43.70
C ASN F 254 14.92 7.58 -44.91
N PRO F 255 15.18 8.09 -46.17
CA PRO F 255 14.40 7.70 -47.35
C PRO F 255 13.75 6.30 -47.35
N ASP F 256 14.55 5.25 -47.12
CA ASP F 256 14.04 3.87 -47.14
C ASP F 256 14.65 2.94 -46.06
N GLY F 257 13.86 1.94 -45.65
CA GLY F 257 14.20 1.13 -44.48
C GLY F 257 13.21 1.47 -43.37
N SER F 258 13.57 2.43 -42.52
CA SER F 258 12.65 3.07 -41.54
C SER F 258 13.23 4.30 -40.80
N GLN F 259 13.52 4.14 -39.50
CA GLN F 259 13.80 5.30 -38.61
C GLN F 259 14.83 5.08 -37.47
N VAL F 260 15.42 6.17 -36.97
CA VAL F 260 16.46 6.10 -35.93
C VAL F 260 15.96 6.55 -34.55
N ARG F 261 16.22 5.72 -33.54
CA ARG F 261 15.88 6.01 -32.14
C ARG F 261 17.13 6.48 -31.40
N LEU F 262 16.97 7.28 -30.34
CA LEU F 262 18.11 7.88 -29.62
C LEU F 262 19.15 6.85 -29.14
N LYS F 263 18.71 5.65 -28.81
CA LYS F 263 19.63 4.61 -28.31
C LYS F 263 20.85 4.38 -29.18
N ASP F 264 20.75 4.71 -30.46
CA ASP F 264 21.87 4.47 -31.40
C ASP F 264 22.70 5.72 -31.81
N VAL F 265 22.33 6.87 -31.28
CA VAL F 265 23.17 8.06 -31.45
C VAL F 265 23.91 8.41 -30.15
N ALA F 266 23.34 7.98 -29.02
CA ALA F 266 23.88 8.30 -27.71
C ALA F 266 23.62 7.20 -26.69
N ASP F 267 24.29 7.29 -25.55
CA ASP F 267 23.95 6.51 -24.37
C ASP F 267 22.93 7.31 -23.57
N VAL F 268 22.10 6.60 -22.81
CA VAL F 268 21.04 7.23 -22.05
C VAL F 268 20.90 6.54 -20.68
N GLY F 269 21.68 7.05 -19.72
CA GLY F 269 21.59 6.59 -18.35
C GLY F 269 21.16 7.73 -17.45
N LEU F 270 20.34 7.43 -16.44
CA LEU F 270 20.04 8.36 -15.36
C LEU F 270 21.35 8.59 -14.61
N GLY F 271 21.78 9.84 -14.54
CA GLY F 271 23.08 10.20 -14.02
C GLY F 271 23.04 11.51 -13.27
N GLY F 272 24.17 12.19 -13.22
CA GLY F 272 24.27 13.38 -12.39
C GLY F 272 23.93 14.69 -13.07
N GLN F 273 23.11 15.49 -12.39
CA GLN F 273 22.88 16.90 -12.71
C GLN F 273 24.16 17.72 -12.64
N ASP F 274 25.06 17.34 -11.73
CA ASP F 274 26.45 17.82 -11.75
C ASP F 274 27.43 16.83 -11.14
N TYR F 275 28.59 16.73 -11.78
CA TYR F 275 29.66 15.82 -11.37
C TYR F 275 30.78 16.54 -10.63
N SER F 276 30.74 17.86 -10.59
CA SER F 276 31.90 18.64 -10.18
C SER F 276 32.15 18.75 -8.67
N ILE F 277 31.10 18.74 -7.85
CA ILE F 277 31.29 18.79 -6.39
C ILE F 277 31.12 17.40 -5.80
N ASN F 278 32.17 16.85 -5.21
CA ASN F 278 32.07 15.52 -4.61
C ASN F 278 32.76 15.36 -3.26
N ALA F 279 32.15 14.56 -2.38
CA ALA F 279 32.60 14.49 -0.99
C ALA F 279 32.76 13.08 -0.41
N GLN F 280 33.51 12.98 0.69
CA GLN F 280 33.64 11.71 1.43
C GLN F 280 33.95 11.82 2.94
N PHE F 281 33.29 10.97 3.74
CA PHE F 281 33.45 10.90 5.19
C PHE F 281 34.49 9.88 5.63
N ASN F 282 35.58 10.37 6.20
CA ASN F 282 36.56 9.50 6.84
C ASN F 282 37.41 8.67 5.90
N GLY F 283 36.87 8.41 4.71
CA GLY F 283 37.55 7.58 3.75
C GLY F 283 36.46 7.14 2.81
N SER F 284 35.48 6.45 3.38
CA SER F 284 34.33 5.95 2.65
C SER F 284 33.59 7.08 1.92
N PRO F 285 32.92 6.75 0.81
CA PRO F 285 32.19 7.79 0.08
C PRO F 285 30.96 8.27 0.84
N ALA F 286 30.78 9.59 0.84
CA ALA F 286 29.65 10.17 1.51
C ALA F 286 29.13 11.37 0.74
N SER F 287 27.87 11.70 0.98
CA SER F 287 27.30 12.97 0.55
C SER F 287 26.82 13.74 1.76
N GLY F 288 26.44 15.00 1.57
CA GLY F 288 26.03 15.84 2.69
C GLY F 288 25.85 17.29 2.32
N ILE F 289 24.86 17.91 2.94
CA ILE F 289 24.51 19.32 2.73
C ILE F 289 24.99 20.16 3.93
N ALA F 290 25.64 21.27 3.64
CA ALA F 290 26.20 22.11 4.73
C ALA F 290 25.32 23.34 4.98
N ILE F 291 24.93 23.57 6.23
CA ILE F 291 23.93 24.60 6.48
C ILE F 291 24.48 25.87 7.10
N LYS F 292 24.01 26.99 6.56
CA LYS F 292 24.26 28.26 7.17
C LYS F 292 23.01 28.66 7.93
N LEU F 293 23.20 29.61 8.80
CA LEU F 293 22.24 29.92 9.81
C LEU F 293 21.71 31.30 9.50
N ALA F 294 20.41 31.40 9.22
CA ALA F 294 19.78 32.65 8.76
C ALA F 294 20.02 33.85 9.68
N THR F 295 20.61 34.92 9.15
CA THR F 295 20.91 36.12 9.94
C THR F 295 19.64 36.48 10.70
N GLY F 296 19.72 36.35 12.02
CA GLY F 296 18.55 36.37 12.89
C GLY F 296 18.61 35.24 13.93
N ALA F 297 18.43 34.00 13.47
CA ALA F 297 18.10 32.89 14.37
C ALA F 297 19.23 32.40 15.26
N ASN F 298 18.86 31.56 16.23
CA ASN F 298 19.73 31.04 17.28
C ASN F 298 20.61 29.85 16.85
N ALA F 299 21.91 29.99 17.05
CA ALA F 299 22.86 28.88 16.82
C ALA F 299 22.29 27.55 17.31
N LEU F 300 22.03 27.47 18.62
CA LEU F 300 21.72 26.23 19.33
C LEU F 300 20.36 25.62 19.10
N ASP F 301 19.36 26.47 18.96
CA ASP F 301 17.99 26.08 18.70
C ASP F 301 17.83 25.57 17.30
N THR F 302 18.56 26.18 16.38
CA THR F 302 18.52 25.80 14.98
C THR F 302 19.04 24.37 14.84
N ALA F 303 20.14 24.07 15.53
CA ALA F 303 20.72 22.72 15.55
C ALA F 303 19.76 21.65 16.14
N LYS F 304 19.10 21.95 17.26
CA LYS F 304 18.00 21.10 17.72
C LYS F 304 16.90 20.93 16.66
N ALA F 305 16.36 22.03 16.15
CA ALA F 305 15.30 21.98 15.16
C ALA F 305 15.68 21.14 13.93
N ILE F 306 16.94 21.19 13.50
CA ILE F 306 17.29 20.41 12.32
C ILE F 306 17.34 18.93 12.65
N ARG F 307 17.77 18.60 13.88
CA ARG F 307 17.81 17.21 14.32
C ARG F 307 16.42 16.61 14.52
N GLN F 308 15.50 17.50 14.83
CA GLN F 308 14.09 17.20 14.81
C GLN F 308 13.68 16.83 13.40
N THR F 309 14.23 17.56 12.44
CA THR F 309 13.81 17.38 11.06
C THR F 309 14.31 16.08 10.46
N ILE F 310 15.53 15.63 10.81
CA ILE F 310 16.00 14.33 10.31
C ILE F 310 15.17 13.21 10.90
N ALA F 311 14.81 13.35 12.19
CA ALA F 311 13.97 12.39 12.92
C ALA F 311 12.66 12.03 12.22
N ASN F 312 12.10 12.97 11.44
CA ASN F 312 10.88 12.71 10.68
C ASN F 312 11.11 12.02 9.35
N LEU F 313 12.38 11.73 9.03
CA LEU F 313 12.75 11.22 7.70
C LEU F 313 13.79 10.09 7.77
N GLU F 314 14.14 9.68 8.99
CA GLU F 314 14.84 8.42 9.23
C GLU F 314 13.85 7.27 9.07
N PRO F 315 12.61 7.43 9.60
CA PRO F 315 11.49 6.50 9.33
C PRO F 315 11.21 6.20 7.85
N PHE F 316 11.77 6.97 6.92
CA PHE F 316 11.53 6.73 5.50
C PHE F 316 12.80 6.45 4.69
N MET F 317 13.91 6.13 5.34
CA MET F 317 15.16 6.01 4.60
C MET F 317 15.38 4.63 3.98
N PRO F 318 16.02 4.58 2.78
CA PRO F 318 16.54 3.32 2.25
C PRO F 318 17.46 2.65 3.25
N GLN F 319 17.64 1.34 3.10
CA GLN F 319 18.29 0.52 4.13
C GLN F 319 19.77 0.78 4.31
N GLY F 320 20.47 1.05 3.21
CA GLY F 320 21.92 1.22 3.23
C GLY F 320 22.43 2.44 3.98
N MET F 321 21.63 3.52 4.03
CA MET F 321 22.11 4.83 4.49
C MET F 321 22.00 5.09 5.99
N LYS F 322 23.04 5.74 6.51
CA LYS F 322 23.12 6.20 7.91
C LYS F 322 23.34 7.72 7.93
N VAL F 323 22.45 8.45 8.60
CA VAL F 323 22.55 9.93 8.63
C VAL F 323 23.57 10.38 9.67
N VAL F 324 24.56 11.16 9.25
CA VAL F 324 25.71 11.40 10.12
C VAL F 324 26.08 12.90 10.24
N TYR F 325 26.99 13.27 11.15
CA TYR F 325 27.22 14.70 11.46
C TYR F 325 28.69 15.19 11.44
N PRO F 326 29.29 15.18 10.23
CA PRO F 326 30.70 15.40 9.93
C PRO F 326 31.31 16.72 10.39
N TYR F 327 30.48 17.75 10.45
CA TYR F 327 30.89 19.05 10.95
C TYR F 327 29.76 19.68 11.76
N ASP F 328 30.15 20.37 12.83
CA ASP F 328 29.22 20.99 13.75
C ASP F 328 29.95 22.00 14.66
N THR F 329 29.31 23.16 14.85
CA THR F 329 29.87 24.18 15.71
C THR F 329 29.13 24.22 17.04
N THR F 330 27.92 23.69 17.05
CA THR F 330 27.06 23.69 18.22
C THR F 330 27.70 23.25 19.57
N PRO F 331 28.30 22.03 19.66
CA PRO F 331 28.90 21.63 20.95
C PRO F 331 29.69 22.76 21.63
N VAL F 332 30.52 23.45 20.84
CA VAL F 332 31.41 24.54 21.29
C VAL F 332 30.67 25.68 22.00
N VAL F 333 29.46 25.96 21.55
CA VAL F 333 28.65 26.93 22.23
C VAL F 333 28.35 26.43 23.64
N SER F 334 27.65 25.30 23.74
CA SER F 334 27.27 24.69 25.02
C SER F 334 28.48 24.43 25.91
N ALA F 335 29.55 23.91 25.31
CA ALA F 335 30.80 23.72 26.02
C ALA F 335 31.32 25.03 26.55
N SER F 336 31.22 26.06 25.71
CA SER F 336 31.86 27.34 25.94
C SER F 336 31.20 28.04 27.10
N ILE F 337 29.89 27.84 27.22
CA ILE F 337 29.15 28.50 28.26
C ILE F 337 29.09 27.68 29.55
N HIS F 338 28.94 26.34 29.46
CA HIS F 338 29.14 25.50 30.66
C HIS F 338 30.38 26.00 31.43
N GLU F 339 31.53 26.10 30.74
CA GLU F 339 32.75 26.65 31.36
C GLU F 339 32.48 27.93 32.12
N VAL F 340 32.03 28.96 31.41
CA VAL F 340 31.72 30.26 32.03
C VAL F 340 30.70 30.19 33.18
N VAL F 341 29.64 29.40 33.01
CA VAL F 341 28.74 29.15 34.13
C VAL F 341 29.47 28.55 35.33
N LYS F 342 30.28 27.52 35.07
CA LYS F 342 31.06 26.89 36.10
C LYS F 342 31.97 27.88 36.78
N THR F 343 32.73 28.65 36.01
CA THR F 343 33.53 29.72 36.62
C THR F 343 32.65 30.76 37.38
N LEU F 344 31.42 30.98 36.91
CA LEU F 344 30.46 31.87 37.59
C LEU F 344 30.27 31.37 39.01
N GLY F 345 29.83 30.13 39.14
CA GLY F 345 29.81 29.46 40.44
C GLY F 345 31.13 29.43 41.20
N GLU F 346 32.24 29.14 40.51
CA GLU F 346 33.54 29.13 41.18
C GLU F 346 33.81 30.44 41.85
N ALA F 347 33.26 31.50 41.27
CA ALA F 347 33.48 32.85 41.76
C ALA F 347 32.57 33.18 42.93
N ILE F 348 31.27 32.88 42.84
CA ILE F 348 30.40 33.16 43.99
C ILE F 348 31.09 32.52 45.21
N LEU F 349 31.78 31.42 44.98
CA LEU F 349 32.37 30.65 46.05
C LEU F 349 33.55 31.34 46.70
N LEU F 350 34.52 31.73 45.88
CA LEU F 350 35.71 32.44 46.38
C LEU F 350 35.34 33.75 47.05
N VAL F 351 34.32 34.41 46.52
CA VAL F 351 33.84 35.66 47.09
C VAL F 351 33.23 35.38 48.45
N PHE F 352 32.35 34.39 48.50
CA PHE F 352 31.79 34.02 49.78
C PHE F 352 32.89 33.86 50.83
N LEU F 353 33.94 33.10 50.48
CA LEU F 353 35.03 32.82 51.42
C LEU F 353 35.78 34.06 51.86
N VAL F 354 36.30 34.82 50.90
CA VAL F 354 36.96 36.09 51.22
C VAL F 354 36.16 37.07 52.11
N MET F 355 34.84 36.96 52.10
CA MET F 355 34.06 37.74 53.06
C MET F 355 34.15 37.04 54.39
N TYR F 356 33.97 35.72 54.35
CA TYR F 356 34.01 34.94 55.57
C TYR F 356 35.32 35.21 56.32
N LEU F 357 36.42 35.33 55.59
CA LEU F 357 37.67 35.73 56.18
C LEU F 357 37.51 36.97 57.10
N PHE F 358 37.06 38.09 56.55
CA PHE F 358 37.01 39.34 57.36
C PHE F 358 35.83 39.44 58.29
N LEU F 359 34.72 38.81 57.93
CA LEU F 359 33.52 38.97 58.72
C LEU F 359 33.61 37.98 59.87
N GLN F 360 34.01 36.76 59.53
CA GLN F 360 34.34 35.67 60.46
C GLN F 360 33.22 34.79 60.95
N ASN F 361 31.98 35.06 60.56
CA ASN F 361 30.90 34.12 60.86
C ASN F 361 29.75 34.04 59.87
N PHE F 362 29.48 32.81 59.42
CA PHE F 362 28.33 32.49 58.59
C PHE F 362 27.10 33.40 58.78
N ARG F 363 26.41 33.35 59.91
CA ARG F 363 25.18 34.16 60.09
C ARG F 363 25.45 35.68 60.05
N ALA F 364 26.11 36.14 59.00
CA ALA F 364 26.58 37.52 58.87
C ALA F 364 27.30 37.68 57.55
N THR F 365 28.38 36.93 57.39
CA THR F 365 29.03 36.77 56.09
C THR F 365 27.97 36.36 55.07
N LEU F 366 26.90 35.75 55.56
CA LEU F 366 25.83 35.27 54.71
C LEU F 366 25.04 36.42 54.11
N ILE F 367 25.14 37.62 54.68
CA ILE F 367 24.37 38.79 54.23
C ILE F 367 24.79 39.33 52.83
N PRO F 368 26.08 39.70 52.65
CA PRO F 368 26.56 40.06 51.31
C PRO F 368 26.35 38.98 50.25
N THR F 369 26.48 37.72 50.63
CA THR F 369 26.18 36.64 49.71
C THR F 369 24.76 36.73 49.12
N ILE F 370 23.80 37.19 49.93
CA ILE F 370 22.38 37.26 49.54
C ILE F 370 22.18 38.18 48.34
N ALA F 371 23.06 39.17 48.18
CA ALA F 371 22.96 40.07 47.04
C ALA F 371 23.25 39.35 45.70
N VAL F 372 24.13 38.35 45.73
CA VAL F 372 24.48 37.62 44.52
C VAL F 372 23.23 37.12 43.76
N PRO F 373 22.34 36.34 44.41
CA PRO F 373 21.20 35.90 43.60
C PRO F 373 20.26 37.07 43.23
N VAL F 374 20.05 37.95 44.19
CA VAL F 374 19.09 39.02 44.02
C VAL F 374 19.50 40.08 42.98
N VAL F 375 20.81 40.19 42.71
CA VAL F 375 21.35 41.13 41.70
C VAL F 375 21.47 40.33 40.42
N LEU F 376 22.06 39.14 40.50
CA LEU F 376 22.19 38.29 39.30
C LEU F 376 20.87 38.04 38.56
N LEU F 377 19.96 37.30 39.20
CA LEU F 377 18.70 36.99 38.55
C LEU F 377 17.99 38.24 38.14
N GLY F 378 18.06 39.26 38.99
CA GLY F 378 17.62 40.61 38.64
C GLY F 378 18.16 41.11 37.30
N THR F 379 19.48 41.12 37.10
CA THR F 379 19.99 41.66 35.83
C THR F 379 19.52 40.76 34.66
N PHE F 380 19.35 39.46 34.90
CA PHE F 380 18.80 38.58 33.87
C PHE F 380 17.51 39.13 33.31
N GLY F 381 16.59 39.53 34.20
CA GLY F 381 15.36 40.22 33.82
C GLY F 381 15.63 41.46 32.98
N VAL F 382 16.62 42.27 33.36
CA VAL F 382 16.95 43.43 32.53
C VAL F 382 17.42 43.03 31.15
N LEU F 383 18.32 42.03 31.05
CA LEU F 383 18.76 41.54 29.73
C LEU F 383 17.53 41.18 28.94
N ALA F 384 16.64 40.46 29.61
CA ALA F 384 15.44 39.91 29.01
C ALA F 384 14.63 41.05 28.49
N ALA F 385 14.38 42.04 29.35
CA ALA F 385 13.60 43.26 28.98
C ALA F 385 14.16 43.99 27.76
N PHE F 386 15.45 44.30 27.77
CA PHE F 386 16.09 45.02 26.67
C PHE F 386 16.48 44.10 25.52
N GLY F 387 15.98 42.87 25.52
CA GLY F 387 16.19 41.93 24.41
C GLY F 387 17.58 41.36 24.14
N PHE F 388 18.46 41.33 25.14
CA PHE F 388 19.77 40.74 24.98
C PHE F 388 19.70 39.24 25.15
N SER F 389 20.84 38.57 25.00
CA SER F 389 20.84 37.12 25.13
C SER F 389 21.81 36.64 26.19
N ILE F 390 21.62 35.43 26.71
CA ILE F 390 22.67 34.81 27.50
C ILE F 390 23.75 34.39 26.51
N ASN F 391 24.99 34.83 26.75
CA ASN F 391 26.18 34.40 26.01
C ASN F 391 27.50 34.65 26.72
N THR F 392 28.60 34.28 26.06
CA THR F 392 29.98 34.46 26.58
C THR F 392 30.21 35.86 27.18
N LEU F 393 30.05 36.93 26.41
CA LEU F 393 30.36 38.24 27.00
C LEU F 393 29.40 38.68 28.09
N THR F 394 28.11 38.45 27.90
CA THR F 394 27.15 38.82 28.93
C THR F 394 27.47 38.04 30.25
N MET F 395 27.76 36.73 30.15
CA MET F 395 28.29 35.97 31.28
C MET F 395 29.63 36.49 31.85
N PHE F 396 30.52 37.00 31.01
CA PHE F 396 31.70 37.64 31.55
C PHE F 396 31.23 38.85 32.32
N GLY F 397 30.28 39.59 31.77
CA GLY F 397 29.72 40.73 32.48
C GLY F 397 29.35 40.32 33.90
N MET F 398 28.64 39.20 34.01
CA MET F 398 28.16 38.79 35.31
C MET F 398 29.29 38.41 36.26
N VAL F 399 30.25 37.62 35.77
CA VAL F 399 31.39 37.21 36.59
C VAL F 399 32.13 38.40 37.21
N LEU F 400 32.36 39.45 36.45
CA LEU F 400 32.92 40.70 37.02
C LEU F 400 32.01 41.26 38.10
N ALA F 401 30.73 41.35 37.80
CA ALA F 401 29.78 41.87 38.76
C ALA F 401 29.95 41.20 40.13
N ILE F 402 30.02 39.86 40.22
CA ILE F 402 30.02 39.21 41.55
C ILE F 402 31.05 39.83 42.49
N GLY F 403 32.23 40.14 41.96
CA GLY F 403 33.23 40.92 42.68
C GLY F 403 32.80 42.33 43.12
N LEU F 404 31.99 43.00 42.29
CA LEU F 404 31.60 44.41 42.48
C LEU F 404 30.24 44.57 43.15
N LEU F 405 29.31 43.66 42.90
CA LEU F 405 27.94 43.90 43.37
C LEU F 405 27.82 43.79 44.89
N VAL F 406 28.64 42.91 45.48
CA VAL F 406 28.65 42.69 46.93
C VAL F 406 29.19 43.91 47.67
N ASP F 407 29.91 44.78 46.97
CA ASP F 407 30.59 45.89 47.64
C ASP F 407 29.72 46.68 48.59
N ASP F 408 28.77 47.44 48.09
CA ASP F 408 27.90 48.20 48.95
C ASP F 408 27.45 47.36 50.12
N ALA F 409 26.90 46.16 49.82
CA ALA F 409 26.49 45.20 50.87
C ALA F 409 27.57 45.08 51.94
N ILE F 410 28.80 44.70 51.57
CA ILE F 410 29.86 44.56 52.60
C ILE F 410 30.08 45.90 53.30
N VAL F 411 30.05 47.01 52.55
CA VAL F 411 30.29 48.33 53.13
C VAL F 411 29.29 48.66 54.23
N VAL F 412 28.09 48.09 54.10
CA VAL F 412 27.04 48.23 55.11
C VAL F 412 27.34 47.37 56.33
N VAL F 413 27.55 46.06 56.15
CA VAL F 413 27.82 45.17 57.31
C VAL F 413 29.13 45.53 58.04
N GLU F 414 30.20 45.80 57.30
CA GLU F 414 31.49 46.14 57.91
C GLU F 414 31.35 47.39 58.78
N ASN F 415 30.58 48.38 58.30
CA ASN F 415 30.31 49.62 59.03
C ASN F 415 29.32 49.43 60.19
N VAL F 416 28.54 48.36 60.15
CA VAL F 416 27.66 48.04 61.28
C VAL F 416 28.37 47.20 62.35
N GLU F 417 29.64 46.83 62.11
CA GLU F 417 30.51 46.23 63.14
C GLU F 417 31.28 47.35 63.79
N ARG F 418 32.05 48.05 62.98
CA ARG F 418 32.71 49.30 63.34
C ARG F 418 31.82 50.25 64.17
N VAL F 419 30.52 49.96 64.24
CA VAL F 419 29.61 50.81 65.00
C VAL F 419 29.00 50.01 66.16
N MET F 420 29.06 48.69 66.04
CA MET F 420 28.50 47.83 67.05
C MET F 420 29.62 47.38 67.97
N ALA F 421 30.86 47.57 67.51
CA ALA F 421 32.03 47.23 68.30
C ALA F 421 32.70 48.49 68.78
N GLU F 422 32.99 49.41 67.86
CA GLU F 422 33.77 50.62 68.17
C GLU F 422 33.07 51.43 69.27
N GLU F 423 31.78 51.19 69.48
CA GLU F 423 31.03 51.88 70.52
C GLU F 423 29.74 51.16 70.86
N GLY F 424 29.77 49.83 70.79
CA GLY F 424 28.73 48.96 71.33
C GLY F 424 27.29 49.46 71.31
N LEU F 425 26.70 49.52 70.13
CA LEU F 425 25.28 49.82 70.04
C LEU F 425 24.49 48.55 69.77
N SER F 426 23.16 48.67 69.73
CA SER F 426 22.26 47.55 69.43
C SER F 426 22.42 47.20 67.94
N PRO F 427 22.33 45.90 67.56
CA PRO F 427 22.47 45.56 66.13
C PRO F 427 21.52 46.37 65.24
N ARG F 428 20.30 46.63 65.71
CA ARG F 428 19.41 47.55 65.01
C ARG F 428 19.92 48.99 65.03
N GLU F 429 19.92 49.62 66.20
CA GLU F 429 20.50 50.96 66.39
C GLU F 429 21.80 51.25 65.61
N ALA F 430 22.57 50.20 65.35
CA ALA F 430 23.87 50.32 64.67
C ALA F 430 23.69 50.47 63.15
N ALA F 431 22.66 49.81 62.64
CA ALA F 431 22.29 49.89 61.25
C ALA F 431 21.71 51.27 60.94
N ARG F 432 20.67 51.64 61.68
CA ARG F 432 20.12 52.98 61.62
C ARG F 432 21.19 54.08 61.69
N LYS F 433 22.19 53.92 62.54
CA LYS F 433 23.24 54.92 62.63
C LYS F 433 24.16 54.82 61.42
N SER F 434 24.44 53.60 61.01
CA SER F 434 25.41 53.34 59.98
C SER F 434 24.96 53.97 58.69
N MET F 435 23.65 53.89 58.41
CA MET F 435 23.07 54.41 57.15
C MET F 435 23.48 55.83 56.90
N GLY F 436 23.15 56.70 57.84
CA GLY F 436 23.61 58.07 57.85
C GLY F 436 25.02 58.19 57.31
N GLN F 437 25.96 57.49 57.95
CA GLN F 437 27.36 57.75 57.67
C GLN F 437 27.90 57.22 56.37
N ILE F 438 27.19 56.26 55.77
CA ILE F 438 27.71 55.59 54.58
C ILE F 438 26.99 55.84 53.27
N GLN F 439 25.78 56.39 53.33
CA GLN F 439 24.99 56.67 52.11
C GLN F 439 25.85 57.21 50.97
N GLY F 440 26.65 58.24 51.27
CA GLY F 440 27.57 58.86 50.32
C GLY F 440 28.37 57.86 49.48
N ALA F 441 29.03 56.93 50.16
CA ALA F 441 29.85 55.90 49.52
C ALA F 441 29.04 54.92 48.69
N LEU F 442 28.00 54.33 49.28
CA LEU F 442 27.11 53.42 48.55
C LEU F 442 26.77 53.94 47.18
N VAL F 443 26.11 55.09 47.15
CA VAL F 443 25.72 55.74 45.93
C VAL F 443 26.97 55.89 45.06
N GLY F 444 27.97 56.56 45.63
CA GLY F 444 29.25 56.78 44.97
C GLY F 444 29.79 55.61 44.17
N ILE F 445 30.19 54.53 44.83
CA ILE F 445 30.80 53.41 44.13
C ILE F 445 29.89 52.90 43.04
N ALA F 446 28.62 52.67 43.38
CA ALA F 446 27.64 52.22 42.41
C ALA F 446 27.67 53.12 41.16
N MET F 447 27.65 54.42 41.38
CA MET F 447 27.55 55.36 40.28
C MET F 447 28.80 55.46 39.34
N VAL F 448 30.01 55.48 39.91
CA VAL F 448 31.27 55.51 39.10
C VAL F 448 31.44 54.21 38.32
N LEU F 449 31.12 53.07 38.91
CA LEU F 449 31.20 51.86 38.12
C LEU F 449 30.18 51.89 36.99
N SER F 450 29.05 52.58 37.21
CA SER F 450 28.01 52.74 36.18
C SER F 450 28.37 53.73 35.08
N ALA F 451 28.91 54.87 35.50
CA ALA F 451 29.37 55.91 34.60
C ALA F 451 30.39 55.42 33.58
N VAL F 452 31.36 54.60 33.99
CA VAL F 452 32.43 54.17 33.10
C VAL F 452 31.88 53.35 31.94
N PHE F 453 30.80 52.63 32.20
CA PHE F 453 30.23 51.73 31.21
C PHE F 453 29.03 52.30 30.44
N LEU F 454 28.80 53.60 30.47
CA LEU F 454 27.75 54.11 29.61
C LEU F 454 28.27 54.48 28.25
N PRO F 455 29.29 55.37 28.15
CA PRO F 455 29.61 55.82 26.80
C PRO F 455 29.95 54.66 25.88
N MET F 456 30.50 53.57 26.41
CA MET F 456 30.92 52.46 25.55
C MET F 456 29.73 51.87 24.78
N ALA F 457 28.54 51.96 25.38
CA ALA F 457 27.31 51.44 24.74
C ALA F 457 27.05 52.14 23.44
N PHE F 458 27.36 53.44 23.41
CA PHE F 458 27.14 54.29 22.26
C PHE F 458 28.24 54.24 21.19
N PHE F 459 28.92 53.12 21.01
CA PHE F 459 29.98 53.01 19.98
C PHE F 459 29.50 52.04 18.90
N GLY F 460 30.14 51.99 17.74
CA GLY F 460 29.68 51.01 16.75
C GLY F 460 30.67 49.96 16.27
N GLY F 461 30.25 49.18 15.29
CA GLY F 461 31.18 48.39 14.49
C GLY F 461 31.74 47.17 15.18
N SER F 462 30.88 46.49 15.94
CA SER F 462 31.20 45.18 16.54
C SER F 462 31.91 45.34 17.86
N THR F 463 32.93 46.16 17.86
CA THR F 463 33.49 46.58 19.11
C THR F 463 32.28 47.06 19.92
N GLY F 464 31.51 47.97 19.31
CA GLY F 464 30.39 48.57 19.97
C GLY F 464 29.43 47.49 20.44
N VAL F 465 29.14 46.55 19.54
CA VAL F 465 28.29 45.39 19.89
C VAL F 465 28.84 44.63 21.11
N ILE F 466 30.14 44.28 21.12
CA ILE F 466 30.67 43.57 22.30
C ILE F 466 30.61 44.48 23.54
N TYR F 467 31.31 45.61 23.53
CA TYR F 467 31.09 46.59 24.61
C TYR F 467 29.64 46.59 25.18
N ARG F 468 28.62 46.59 24.32
CA ARG F 468 27.25 46.68 24.86
C ARG F 468 26.85 45.51 25.74
N GLN F 469 27.40 44.33 25.46
CA GLN F 469 27.17 43.20 26.33
C GLN F 469 27.62 43.51 27.76
N PHE F 470 28.73 44.24 27.90
CA PHE F 470 29.26 44.49 29.23
C PHE F 470 28.49 45.59 29.91
N SER F 471 28.17 46.60 29.12
CA SER F 471 27.34 47.70 29.54
C SER F 471 26.03 47.33 30.22
N ILE F 472 25.09 46.61 29.56
CA ILE F 472 23.76 46.39 30.21
C ILE F 472 23.95 45.54 31.42
N THR F 473 24.66 44.44 31.25
CA THR F 473 24.89 43.53 32.38
C THR F 473 25.46 44.32 33.60
N ILE F 474 26.49 45.15 33.37
CA ILE F 474 27.16 45.83 34.47
C ILE F 474 26.46 47.05 35.09
N VAL F 475 26.01 48.02 34.29
CA VAL F 475 25.33 49.16 34.92
C VAL F 475 24.03 48.70 35.59
N SER F 476 23.40 47.66 35.06
CA SER F 476 22.22 47.16 35.73
C SER F 476 22.59 46.51 37.06
N ALA F 477 23.66 45.70 37.04
CA ALA F 477 24.09 44.94 38.23
C ALA F 477 24.51 45.88 39.34
N MET F 478 25.25 46.93 38.96
CA MET F 478 25.70 47.97 39.89
C MET F 478 24.51 48.71 40.46
N ALA F 479 23.55 49.00 39.58
CA ALA F 479 22.33 49.70 39.95
C ALA F 479 21.54 48.83 40.91
N LEU F 480 21.24 47.58 40.51
CA LEU F 480 20.54 46.66 41.40
C LEU F 480 21.27 46.53 42.75
N SER F 481 22.60 46.66 42.71
CA SER F 481 23.44 46.45 43.88
C SER F 481 23.29 47.57 44.90
N VAL F 482 23.20 48.82 44.45
CA VAL F 482 22.89 49.93 45.37
C VAL F 482 21.46 49.83 45.92
N ILE F 483 20.53 49.31 45.09
CA ILE F 483 19.16 49.13 45.56
C ILE F 483 19.15 48.20 46.75
N VAL F 484 19.75 47.01 46.61
CA VAL F 484 19.66 46.03 47.70
C VAL F 484 20.39 46.50 48.97
N ALA F 485 21.50 47.20 48.80
CA ALA F 485 22.23 47.78 49.93
C ALA F 485 21.43 48.85 50.66
N LEU F 486 20.53 49.52 49.96
CA LEU F 486 19.65 50.48 50.63
C LEU F 486 18.39 49.87 51.25
N ILE F 487 17.87 48.80 50.66
CA ILE F 487 16.56 48.30 51.04
C ILE F 487 16.63 47.01 51.85
N LEU F 488 17.42 46.05 51.38
CA LEU F 488 17.45 44.71 51.98
C LEU F 488 18.67 44.46 52.88
N THR F 489 19.80 45.10 52.58
CA THR F 489 21.02 44.78 53.28
C THR F 489 20.99 45.30 54.72
N PRO F 490 20.50 46.54 54.93
CA PRO F 490 20.40 47.04 56.31
C PRO F 490 19.34 46.30 57.17
N ALA F 491 18.22 45.91 56.57
CA ALA F 491 17.18 45.18 57.29
C ALA F 491 17.72 43.87 57.86
N LEU F 492 18.56 43.19 57.09
CA LEU F 492 19.22 41.97 57.57
C LEU F 492 20.16 42.20 58.75
N CYS F 493 20.93 43.28 58.71
CA CYS F 493 21.79 43.64 59.84
C CYS F 493 21.04 43.74 61.17
N ALA F 494 19.82 44.29 61.15
CA ALA F 494 19.01 44.36 62.35
C ALA F 494 18.56 42.98 62.79
N THR F 495 18.06 42.20 61.83
CA THR F 495 17.66 40.79 62.01
C THR F 495 18.85 39.88 62.33
N MET F 496 19.44 39.29 61.29
CA MET F 496 20.54 38.32 61.40
C MET F 496 21.59 38.63 62.47
N LEU F 497 22.28 39.76 62.29
CA LEU F 497 23.50 40.11 63.05
C LEU F 497 23.41 40.02 64.57
N LYS F 498 24.44 39.43 65.18
CA LYS F 498 24.47 39.16 66.62
C LYS F 498 25.30 40.15 67.42
N PRO F 499 24.73 40.69 68.55
CA PRO F 499 25.28 41.84 69.25
C PRO F 499 26.71 41.59 69.68
N ILE F 500 27.54 42.62 69.59
CA ILE F 500 28.93 42.48 69.95
C ILE F 500 29.22 43.52 71.04
N GLU F 501 29.90 43.08 72.11
CA GLU F 501 30.22 43.96 73.23
C GLU F 501 31.21 45.04 72.80
N LYS F 502 30.98 46.26 73.29
CA LYS F 502 31.92 47.40 73.13
C LYS F 502 33.38 46.97 73.41
N GLY F 503 34.34 47.64 72.77
CA GLY F 503 35.76 47.30 72.92
C GLY F 503 36.26 46.03 72.21
N ASP F 504 35.35 45.23 71.65
CA ASP F 504 35.65 43.94 71.01
C ASP F 504 36.40 44.05 69.67
N HIS F 505 36.97 45.23 69.44
CA HIS F 505 37.93 45.49 68.37
C HIS F 505 38.69 44.24 67.95
N GLY F 506 38.04 43.35 67.19
CA GLY F 506 38.68 42.12 66.72
C GLY F 506 39.11 41.11 67.79
N GLU F 507 39.59 41.61 68.93
CA GLU F 507 39.98 40.81 70.11
C GLU F 507 41.19 39.86 69.90
N HIS F 508 41.98 39.69 70.96
CA HIS F 508 43.05 38.69 71.00
C HIS F 508 42.43 37.29 71.09
N LYS F 509 41.33 37.06 70.36
CA LYS F 509 40.52 35.85 70.56
C LYS F 509 40.36 35.03 69.29
N GLY F 510 40.29 33.71 69.44
CA GLY F 510 40.27 32.77 68.31
C GLY F 510 41.67 32.26 67.92
N GLY F 511 41.70 31.25 67.05
CA GLY F 511 42.94 30.53 66.70
C GLY F 511 43.62 30.97 65.41
N PHE F 512 43.35 30.25 64.32
CA PHE F 512 43.81 30.63 62.98
C PHE F 512 43.06 31.87 62.42
N PHE F 513 42.13 32.36 63.24
CA PHE F 513 41.31 33.53 62.94
C PHE F 513 41.75 34.76 63.73
N GLY F 514 41.98 34.56 65.02
CA GLY F 514 42.52 35.60 65.90
C GLY F 514 43.88 36.08 65.42
N TRP F 515 44.69 35.15 64.91
CA TRP F 515 45.96 35.44 64.21
C TRP F 515 45.76 36.71 63.41
N PHE F 516 44.70 36.69 62.61
CA PHE F 516 44.38 37.65 61.58
C PHE F 516 43.98 39.05 62.12
N ASN F 517 42.85 39.15 62.82
CA ASN F 517 42.36 40.43 63.33
C ASN F 517 43.46 41.22 63.98
N ARG F 518 44.07 40.59 64.98
CA ARG F 518 45.24 41.06 65.71
C ARG F 518 46.25 41.66 64.74
N MET F 519 46.69 40.84 63.79
CA MET F 519 47.72 41.27 62.84
C MET F 519 47.24 42.39 61.91
N PHE F 520 46.01 42.26 61.39
CA PHE F 520 45.46 43.19 60.41
C PHE F 520 45.35 44.60 60.99
N LEU F 521 44.85 44.64 62.22
CA LEU F 521 44.89 45.82 63.08
C LEU F 521 46.31 46.39 63.27
N SER F 522 47.34 45.53 63.25
CA SER F 522 48.68 46.08 63.34
C SER F 522 49.02 46.80 62.06
N THR F 523 48.63 46.20 60.94
CA THR F 523 48.92 46.78 59.64
C THR F 523 48.06 48.01 59.37
N THR F 524 46.79 47.99 59.79
CA THR F 524 46.03 49.25 59.71
C THR F 524 46.88 50.31 60.43
N HIS F 525 47.40 49.96 61.61
CA HIS F 525 48.20 50.90 62.42
C HIS F 525 49.43 51.37 61.68
N GLY F 526 50.04 50.43 60.96
CA GLY F 526 51.20 50.71 60.13
C GLY F 526 50.88 51.65 58.99
N TYR F 527 49.70 51.46 58.40
CA TYR F 527 49.21 52.22 57.23
C TYR F 527 48.85 53.64 57.62
N GLU F 528 48.23 53.77 58.80
CA GLU F 528 47.87 55.06 59.40
C GLU F 528 49.05 56.02 59.43
N ARG F 529 50.15 55.57 60.03
CA ARG F 529 51.46 56.24 59.95
C ARG F 529 52.01 55.91 58.60
N GLY F 530 52.67 56.86 57.97
CA GLY F 530 53.11 56.59 56.62
C GLY F 530 52.17 57.19 55.61
N VAL F 531 50.86 57.09 55.87
CA VAL F 531 49.92 57.99 55.21
C VAL F 531 50.19 59.34 55.84
N ALA F 532 50.14 59.34 57.18
CA ALA F 532 50.40 60.53 58.02
C ALA F 532 51.77 61.12 57.68
N SER F 533 52.70 60.23 57.36
CA SER F 533 54.05 60.59 57.01
C SER F 533 54.16 61.15 55.58
N ILE F 534 53.58 60.45 54.60
CA ILE F 534 53.58 60.92 53.21
C ILE F 534 53.13 62.38 53.17
N LEU F 535 52.00 62.66 53.84
CA LEU F 535 51.43 64.01 54.00
C LEU F 535 52.33 65.03 54.73
N LYS F 536 53.27 64.53 55.54
CA LYS F 536 54.33 65.35 56.17
C LYS F 536 55.35 65.79 55.13
N HIS F 537 55.89 64.86 54.35
CA HIS F 537 56.99 65.19 53.40
C HIS F 537 56.51 64.96 51.96
N ARG F 538 55.55 65.77 51.55
CA ARG F 538 54.73 65.50 50.38
C ARG F 538 55.54 65.13 49.13
N ALA F 539 55.82 66.07 48.24
CA ALA F 539 56.51 65.72 46.99
C ALA F 539 58.01 65.89 47.18
N PRO F 540 58.79 64.81 47.39
CA PRO F 540 58.87 63.37 47.20
C PRO F 540 57.79 62.64 46.41
N TYR F 541 56.74 62.22 47.12
CA TYR F 541 55.71 61.36 46.56
C TYR F 541 55.04 61.81 45.27
N LEU F 542 54.83 63.11 45.13
CA LEU F 542 54.25 63.63 43.91
C LEU F 542 55.23 63.47 42.75
N LEU F 543 56.52 63.37 43.04
CA LEU F 543 57.52 63.17 41.97
C LEU F 543 57.74 61.71 41.59
N ILE F 544 57.75 60.83 42.60
CA ILE F 544 57.81 59.40 42.33
C ILE F 544 56.59 58.97 41.50
N TYR F 545 55.50 59.71 41.70
CA TYR F 545 54.24 59.52 40.97
C TYR F 545 54.32 59.91 39.49
N VAL F 546 54.88 61.09 39.20
CA VAL F 546 55.08 61.53 37.82
C VAL F 546 55.92 60.52 37.04
N VAL F 547 56.73 59.77 37.78
CA VAL F 547 57.47 58.67 37.20
C VAL F 547 56.54 57.50 36.82
N ILE F 548 55.73 57.04 37.77
CA ILE F 548 54.69 56.03 37.52
C ILE F 548 53.82 56.38 36.28
N VAL F 549 53.36 57.63 36.21
CA VAL F 549 52.56 58.07 35.07
C VAL F 549 53.38 57.94 33.80
N ALA F 550 54.62 58.42 33.84
CA ALA F 550 55.57 58.28 32.73
C ALA F 550 55.76 56.81 32.35
N GLY F 551 56.05 56.00 33.37
CA GLY F 551 56.13 54.55 33.23
C GLY F 551 54.92 54.02 32.50
N MET F 552 53.74 54.27 33.07
CA MET F 552 52.47 53.82 32.47
C MET F 552 52.32 54.13 30.97
N ILE F 553 52.64 55.35 30.56
CA ILE F 553 52.53 55.72 29.14
C ILE F 553 53.52 54.95 28.31
N TRP F 554 54.80 54.97 28.69
CA TRP F 554 55.81 54.14 28.02
C TRP F 554 55.31 52.69 27.83
N MET F 555 54.87 52.08 28.93
CA MET F 555 54.36 50.72 28.96
C MET F 555 53.27 50.46 27.96
N PHE F 556 52.31 51.38 27.92
CA PHE F 556 51.10 51.23 27.14
C PHE F 556 51.43 50.87 25.70
N THR F 557 52.33 51.64 25.11
CA THR F 557 52.73 51.41 23.74
C THR F 557 53.66 50.21 23.54
N ARG F 558 54.42 49.83 24.55
CA ARG F 558 55.21 48.60 24.42
C ARG F 558 54.33 47.33 24.26
N ILE F 559 53.11 47.33 24.81
CA ILE F 559 52.14 46.18 24.69
C ILE F 559 51.59 45.94 23.25
N PRO F 560 51.62 44.65 22.80
CA PRO F 560 51.19 44.32 21.43
C PRO F 560 49.69 44.50 21.32
N THR F 561 49.14 44.58 20.12
CA THR F 561 47.66 44.72 19.96
C THR F 561 47.02 43.69 19.05
N ALA F 562 45.94 43.08 19.50
CA ALA F 562 45.18 42.18 18.67
C ALA F 562 43.74 42.69 18.62
N PHE F 563 42.81 41.80 18.31
CA PHE F 563 41.40 42.10 18.37
C PHE F 563 40.69 41.06 19.27
N LEU F 564 40.52 39.86 18.77
CA LEU F 564 39.84 38.82 19.51
C LEU F 564 40.74 37.61 19.74
N PRO F 565 40.99 37.26 21.01
CA PRO F 565 41.94 36.23 21.39
C PRO F 565 41.69 34.90 20.65
N ASP F 566 42.78 34.16 20.39
CA ASP F 566 42.75 32.87 19.66
C ASP F 566 42.11 31.77 20.47
N GLU F 567 41.38 30.86 19.82
CA GLU F 567 40.54 29.94 20.57
C GLU F 567 40.39 28.53 19.98
N ASP F 568 40.73 27.51 20.77
CA ASP F 568 40.59 26.15 20.31
C ASP F 568 39.10 25.90 20.38
N GLN F 569 38.52 25.86 19.19
CA GLN F 569 37.07 25.75 19.01
C GLN F 569 36.62 24.32 18.72
N GLY F 570 37.53 23.36 18.92
CA GLY F 570 37.29 21.96 18.59
C GLY F 570 37.17 21.65 17.10
N VAL F 571 37.58 22.59 16.24
CA VAL F 571 37.50 22.41 14.77
C VAL F 571 38.72 22.97 14.07
N LEU F 572 39.04 22.39 12.93
CA LEU F 572 40.16 22.87 12.14
C LEU F 572 39.85 22.67 10.66
N PHE F 573 40.48 23.48 9.81
CA PHE F 573 40.28 23.36 8.38
C PHE F 573 41.54 23.02 7.62
N ALA F 574 41.35 22.37 6.47
CA ALA F 574 42.42 22.21 5.49
C ALA F 574 41.98 22.56 4.05
N GLN F 575 42.71 23.49 3.42
CA GLN F 575 42.49 23.94 2.06
C GLN F 575 43.45 23.18 1.13
N VAL F 576 43.00 22.78 -0.05
CA VAL F 576 43.88 22.11 -1.03
C VAL F 576 43.79 22.75 -2.41
N GLN F 577 44.93 23.17 -2.98
CA GLN F 577 44.90 23.93 -4.24
C GLN F 577 45.82 23.41 -5.38
N THR F 578 45.65 22.15 -5.78
CA THR F 578 46.43 21.47 -6.84
C THR F 578 46.70 22.28 -8.12
N PRO F 579 47.97 22.32 -8.60
CA PRO F 579 48.47 23.32 -9.56
C PRO F 579 47.46 23.68 -10.64
N PRO F 580 47.38 24.97 -10.99
CA PRO F 580 46.33 25.50 -11.90
C PRO F 580 46.26 24.77 -13.25
N GLY F 581 45.18 24.02 -13.47
CA GLY F 581 45.05 23.18 -14.64
C GLY F 581 45.05 21.70 -14.30
N SER F 582 45.00 21.39 -13.00
CA SER F 582 44.97 20.00 -12.53
C SER F 582 43.67 19.27 -12.83
N SER F 583 43.76 17.95 -12.83
CA SER F 583 42.59 17.12 -13.01
C SER F 583 42.05 16.85 -11.62
N ALA F 584 40.87 16.25 -11.56
CA ALA F 584 40.22 15.99 -10.30
C ALA F 584 40.90 14.84 -9.55
N GLU F 585 41.41 13.86 -10.30
CA GLU F 585 42.16 12.76 -9.70
C GLU F 585 43.54 13.16 -9.19
N ARG F 586 44.08 14.29 -9.68
CA ARG F 586 45.26 14.89 -9.03
C ARG F 586 44.84 15.26 -7.62
N THR F 587 43.92 16.20 -7.53
CA THR F 587 43.41 16.76 -6.26
C THR F 587 42.94 15.65 -5.31
N GLN F 588 42.02 14.81 -5.79
CA GLN F 588 41.64 13.58 -5.10
C GLN F 588 42.74 12.77 -4.42
N VAL F 589 43.83 12.54 -5.14
CA VAL F 589 44.98 11.80 -4.59
C VAL F 589 45.63 12.57 -3.45
N VAL F 590 45.69 13.89 -3.60
CA VAL F 590 46.23 14.78 -2.56
C VAL F 590 45.29 14.84 -1.37
N VAL F 591 43.99 14.99 -1.63
CA VAL F 591 43.01 15.09 -0.56
C VAL F 591 42.98 13.81 0.23
N ASP F 592 43.43 12.73 -0.39
CA ASP F 592 43.47 11.43 0.26
C ASP F 592 44.72 11.22 1.13
N SER F 593 45.88 11.66 0.65
CA SER F 593 47.10 11.54 1.44
C SER F 593 47.05 12.39 2.70
N MET F 594 46.40 13.54 2.61
CA MET F 594 46.25 14.42 3.76
C MET F 594 45.13 14.00 4.71
N ARG F 595 44.11 13.32 4.21
CA ARG F 595 43.04 12.80 5.08
C ARG F 595 43.55 11.63 5.90
N GLU F 596 44.65 11.02 5.43
CA GLU F 596 45.22 9.86 6.09
C GLU F 596 46.23 10.30 7.14
N TYR F 597 47.23 11.06 6.71
CA TYR F 597 48.36 11.35 7.60
C TYR F 597 47.91 12.43 8.58
N LEU F 598 46.69 12.20 9.06
CA LEU F 598 45.79 13.10 9.82
C LEU F 598 44.86 12.25 10.68
N LEU F 599 44.09 11.38 10.01
CA LEU F 599 43.18 10.40 10.67
C LEU F 599 43.96 9.25 11.30
N GLU F 600 45.07 8.88 10.68
CA GLU F 600 46.00 7.87 11.18
C GLU F 600 47.00 8.46 12.20
N LYS F 601 47.77 9.47 11.76
CA LYS F 601 48.91 9.96 12.55
C LYS F 601 48.64 11.13 13.54
N GLU F 602 47.38 11.61 13.59
CA GLU F 602 46.94 12.57 14.62
C GLU F 602 45.60 12.20 15.27
N SER F 603 45.34 10.90 15.33
CA SER F 603 44.18 10.31 16.02
C SER F 603 44.16 10.64 17.53
N SER F 604 45.21 11.31 18.00
CA SER F 604 45.32 11.81 19.37
C SER F 604 44.22 12.84 19.60
N SER F 605 44.24 13.90 18.78
CA SER F 605 43.21 14.95 18.78
C SER F 605 42.05 14.66 17.82
N VAL F 606 42.38 14.40 16.54
CA VAL F 606 41.39 14.18 15.48
C VAL F 606 40.32 13.09 15.72
N SER F 607 39.20 13.19 15.04
CA SER F 607 38.01 12.44 15.41
C SER F 607 37.12 12.16 14.21
N SER F 608 37.35 12.89 13.12
CA SER F 608 36.65 12.73 11.82
C SER F 608 37.26 13.66 10.80
N VAL F 609 37.20 13.28 9.54
CA VAL F 609 37.63 14.17 8.47
C VAL F 609 36.71 14.00 7.29
N PHE F 610 35.87 15.02 7.08
CA PHE F 610 34.92 15.08 5.96
C PHE F 610 35.57 15.94 4.89
N THR F 611 35.88 15.31 3.76
CA THR F 611 36.68 15.94 2.69
C THR F 611 35.86 16.09 1.41
N VAL F 612 35.96 17.26 0.79
CA VAL F 612 35.29 17.54 -0.49
C VAL F 612 36.27 17.97 -1.56
N THR F 613 36.02 17.54 -2.80
CA THR F 613 36.74 18.08 -3.97
C THR F 613 35.79 18.72 -4.98
N GLY F 614 36.29 19.80 -5.55
CA GLY F 614 35.53 20.62 -6.47
C GLY F 614 35.18 21.94 -5.83
N PHE F 615 34.86 21.90 -4.54
CA PHE F 615 34.55 23.09 -3.76
C PHE F 615 35.59 23.29 -2.68
N ASN F 616 35.96 24.54 -2.44
CA ASN F 616 36.70 24.92 -1.23
C ASN F 616 36.23 26.31 -0.81
N PHE F 617 36.86 26.90 0.20
CA PHE F 617 36.46 28.24 0.63
C PHE F 617 36.81 29.30 -0.39
N ALA F 618 38.04 29.23 -0.90
CA ALA F 618 38.51 30.14 -1.94
C ALA F 618 37.70 29.97 -3.23
N GLY F 619 38.11 29.02 -4.09
CA GLY F 619 37.49 28.86 -5.40
C GLY F 619 36.59 27.63 -5.59
N ARG F 620 36.34 27.32 -6.85
CA ARG F 620 35.65 26.09 -7.27
C ARG F 620 36.38 25.38 -8.42
N GLY F 621 36.00 24.14 -8.68
CA GLY F 621 36.58 23.37 -9.77
C GLY F 621 37.62 22.36 -9.33
N GLN F 622 38.03 21.51 -10.27
CA GLN F 622 38.81 20.29 -10.02
C GLN F 622 40.16 20.46 -9.35
N SER F 623 40.68 21.67 -9.34
CA SER F 623 42.00 21.92 -8.75
C SER F 623 41.84 22.47 -7.35
N SER F 624 40.69 22.20 -6.74
CA SER F 624 40.42 22.61 -5.38
C SER F 624 39.57 21.62 -4.60
N GLY F 625 39.90 21.52 -3.32
CA GLY F 625 39.20 20.68 -2.37
C GLY F 625 39.41 21.37 -1.05
N MET F 626 39.03 20.68 0.04
CA MET F 626 39.26 21.11 1.43
C MET F 626 38.87 20.01 2.41
N ALA F 627 38.97 20.28 3.71
CA ALA F 627 38.51 19.31 4.72
C ALA F 627 37.99 19.89 6.02
N PHE F 628 36.86 19.33 6.43
CA PHE F 628 36.18 19.68 7.65
C PHE F 628 36.64 18.74 8.75
N ILE F 629 37.79 19.07 9.33
CA ILE F 629 38.36 18.34 10.44
C ILE F 629 37.64 18.64 11.77
N MET F 630 37.10 17.60 12.36
CA MET F 630 36.49 17.66 13.69
C MET F 630 37.46 17.13 14.77
N LEU F 631 37.45 17.68 15.98
CA LEU F 631 38.30 17.14 17.06
C LEU F 631 37.54 16.42 18.15
N LYS F 632 38.27 15.75 19.03
CA LYS F 632 37.67 15.06 20.14
C LYS F 632 37.34 16.09 21.18
N PRO F 633 36.14 15.99 21.78
CA PRO F 633 35.75 16.86 22.89
C PRO F 633 36.99 17.25 23.72
N TRP F 634 37.29 18.54 23.82
CA TRP F 634 38.63 18.98 24.27
C TRP F 634 39.10 18.56 25.68
N GLU F 635 38.20 17.91 26.44
CA GLU F 635 38.59 17.20 27.65
C GLU F 635 39.49 15.99 27.30
N GLU F 636 38.95 15.10 26.45
CA GLU F 636 39.70 13.98 25.89
C GLU F 636 40.97 14.37 25.17
N ARG F 637 41.26 15.67 25.11
CA ARG F 637 42.53 16.10 24.59
C ARG F 637 43.37 16.67 25.73
N PRO F 638 44.49 15.99 26.04
CA PRO F 638 45.51 16.34 27.00
C PRO F 638 45.70 17.84 27.20
N GLY F 639 46.85 18.34 26.76
CA GLY F 639 47.19 19.74 26.91
C GLY F 639 47.94 20.20 25.67
N GLY F 640 48.45 21.43 25.72
CA GLY F 640 49.20 22.10 24.64
C GLY F 640 49.46 21.33 23.35
N GLU F 641 50.29 20.30 23.45
CA GLU F 641 50.68 19.46 22.30
C GLU F 641 49.53 18.68 21.62
N ASN F 642 48.32 18.77 22.18
CA ASN F 642 47.16 18.07 21.64
C ASN F 642 45.98 19.05 21.54
N SER F 643 46.28 20.23 21.03
CA SER F 643 45.33 21.31 21.04
C SER F 643 45.43 22.07 19.73
N VAL F 644 44.27 22.30 19.11
CA VAL F 644 44.17 22.65 17.69
C VAL F 644 45.21 23.63 17.14
N PHE F 645 45.74 24.50 17.99
CA PHE F 645 46.74 25.46 17.57
C PHE F 645 48.04 24.69 17.28
N GLU F 646 48.15 23.52 17.92
CA GLU F 646 49.35 22.66 17.84
C GLU F 646 49.24 21.62 16.73
N LEU F 647 48.08 20.99 16.66
CA LEU F 647 47.73 20.17 15.51
C LEU F 647 47.95 20.98 14.23
N ALA F 648 47.48 22.22 14.22
CA ALA F 648 47.67 23.11 13.08
C ALA F 648 49.14 23.09 12.67
N LYS F 649 50.04 23.29 13.63
CA LYS F 649 51.47 23.61 13.39
C LYS F 649 52.27 22.51 12.69
N ARG F 650 52.07 21.28 13.13
CA ARG F 650 52.79 20.16 12.53
C ARG F 650 52.13 19.60 11.26
N ALA F 651 50.81 19.39 11.25
CA ALA F 651 50.09 19.09 10.01
C ALA F 651 50.44 20.14 8.94
N GLN F 652 50.54 21.40 9.32
CA GLN F 652 50.99 22.46 8.41
C GLN F 652 52.42 22.19 7.97
N MET F 653 53.19 21.54 8.85
CA MET F 653 54.59 21.18 8.57
C MET F 653 54.64 20.02 7.58
N HIS F 654 53.98 18.92 7.92
CA HIS F 654 53.88 17.75 7.05
C HIS F 654 53.24 18.08 5.66
N PHE F 655 52.67 19.29 5.53
CA PHE F 655 52.08 19.76 4.27
C PHE F 655 53.11 20.46 3.39
N PHE F 656 54.31 20.61 3.91
CA PHE F 656 55.42 21.13 3.14
C PHE F 656 56.05 19.96 2.33
N SER F 657 55.53 18.76 2.55
CA SER F 657 55.93 17.59 1.78
C SER F 657 55.36 17.65 0.38
N PHE F 658 54.15 18.19 0.28
CA PHE F 658 53.34 18.00 -0.91
C PHE F 658 53.86 18.75 -2.14
N LYS F 659 53.40 18.30 -3.31
CA LYS F 659 54.00 18.61 -4.61
C LYS F 659 54.05 20.08 -4.97
N ASP F 660 53.02 20.55 -5.66
CA ASP F 660 52.84 21.97 -5.99
C ASP F 660 51.40 22.34 -5.64
N ALA F 661 50.93 21.79 -4.54
CA ALA F 661 49.52 21.76 -4.20
C ALA F 661 49.08 22.85 -3.22
N MET F 662 50.01 23.69 -2.76
CA MET F 662 49.73 24.66 -1.71
C MET F 662 49.41 23.89 -0.43
N VAL F 663 48.11 23.68 -0.15
CA VAL F 663 47.61 22.89 1.00
C VAL F 663 47.97 23.46 2.38
N PHE F 664 46.96 24.01 3.06
CA PHE F 664 47.17 24.64 4.35
C PHE F 664 46.27 24.10 5.45
N ALA F 665 46.72 24.32 6.69
CA ALA F 665 45.93 24.03 7.85
C ALA F 665 45.69 25.37 8.51
N PHE F 666 44.43 25.72 8.67
CA PHE F 666 44.11 26.91 9.45
C PHE F 666 42.93 26.68 10.38
N ALA F 667 42.96 27.35 11.52
CA ALA F 667 41.81 27.40 12.45
C ALA F 667 41.06 28.74 12.36
N PRO F 668 39.77 28.75 12.73
CA PRO F 668 38.93 29.92 12.59
C PRO F 668 38.99 30.84 13.83
N PRO F 669 38.45 32.08 13.73
CA PRO F 669 38.39 33.05 14.83
C PRO F 669 37.44 32.72 15.99
N SER F 670 37.78 33.19 17.18
CA SER F 670 36.89 33.32 18.31
C SER F 670 35.43 33.32 17.81
N VAL F 671 35.09 34.33 17.00
CA VAL F 671 33.73 34.50 16.45
C VAL F 671 33.63 33.95 15.05
N LEU F 672 32.87 32.88 14.91
CA LEU F 672 32.80 32.16 13.63
C LEU F 672 32.22 32.95 12.45
N GLU F 673 31.32 33.89 12.74
CA GLU F 673 30.66 34.76 11.76
C GLU F 673 31.66 35.62 11.03
N LEU F 674 32.79 35.91 11.67
CA LEU F 674 33.76 36.85 11.15
C LEU F 674 34.73 36.28 10.14
N GLY F 675 34.64 34.98 9.85
CA GLY F 675 35.58 34.36 8.93
C GLY F 675 35.75 32.90 9.25
N ASN F 676 36.47 32.19 8.38
CA ASN F 676 36.77 30.80 8.66
C ASN F 676 38.23 30.57 9.01
N ALA F 677 39.04 31.62 8.95
CA ALA F 677 40.45 31.47 9.09
C ALA F 677 40.99 32.71 9.78
N THR F 678 41.65 32.50 10.92
CA THR F 678 42.20 33.58 11.73
C THR F 678 43.37 34.26 11.04
N GLY F 679 43.67 35.47 11.44
CA GLY F 679 44.92 36.12 11.05
C GLY F 679 44.69 37.48 10.47
N PHE F 680 45.01 37.63 9.19
CA PHE F 680 44.83 38.89 8.53
C PHE F 680 44.35 38.73 7.11
N ASP F 681 43.79 39.82 6.59
CA ASP F 681 43.11 39.83 5.31
C ASP F 681 43.40 41.13 4.62
N LEU F 682 43.89 41.03 3.40
CA LEU F 682 44.48 42.16 2.72
C LEU F 682 44.06 42.18 1.28
N PHE F 683 43.86 43.38 0.75
CA PHE F 683 43.64 43.51 -0.67
C PHE F 683 44.67 44.40 -1.35
N LEU F 684 45.47 43.76 -2.20
CA LEU F 684 46.38 44.44 -3.08
C LEU F 684 45.54 44.92 -4.23
N GLN F 685 45.61 46.21 -4.51
CA GLN F 685 44.81 46.77 -5.57
C GLN F 685 45.62 47.80 -6.37
N ASP F 686 45.27 48.00 -7.65
CA ASP F 686 45.94 49.03 -8.47
C ASP F 686 45.12 50.30 -8.65
N GLN F 687 45.44 51.33 -7.88
CA GLN F 687 44.70 52.59 -7.94
C GLN F 687 45.07 53.35 -9.20
N ALA F 688 46.37 53.64 -9.35
CA ALA F 688 46.92 54.31 -10.54
C ALA F 688 46.52 53.60 -11.83
N GLY F 689 45.91 52.44 -11.66
CA GLY F 689 45.26 51.76 -12.75
C GLY F 689 46.28 51.19 -13.70
N VAL F 690 47.34 50.60 -13.15
CA VAL F 690 48.33 49.87 -13.95
C VAL F 690 47.68 48.64 -14.61
N GLY F 691 48.23 47.42 -14.52
CA GLY F 691 47.58 46.28 -15.18
C GLY F 691 47.62 44.99 -14.39
N HIS F 692 46.96 43.95 -14.90
CA HIS F 692 46.91 42.64 -14.22
C HIS F 692 48.29 41.97 -14.09
N GLU F 693 49.14 42.19 -15.08
CA GLU F 693 50.46 41.55 -15.09
C GLU F 693 51.40 42.20 -14.07
N VAL F 694 51.36 43.52 -14.01
CA VAL F 694 52.07 44.29 -12.98
C VAL F 694 51.68 43.72 -11.62
N LEU F 695 50.38 43.52 -11.45
CA LEU F 695 49.79 43.14 -10.19
C LEU F 695 50.10 41.68 -9.84
N LEU F 696 49.95 40.77 -10.81
CA LEU F 696 50.29 39.35 -10.57
C LEU F 696 51.74 39.23 -10.11
N GLN F 697 52.62 40.03 -10.72
CA GLN F 697 53.97 40.24 -10.24
C GLN F 697 53.91 40.72 -8.79
N ALA F 698 53.41 41.95 -8.60
CA ALA F 698 53.36 42.63 -7.29
C ALA F 698 52.90 41.79 -6.12
N ARG F 699 52.10 40.75 -6.38
CA ARG F 699 51.62 39.88 -5.32
C ARG F 699 52.45 38.59 -5.18
N ASN F 700 53.31 38.31 -6.15
CA ASN F 700 54.27 37.24 -5.97
C ASN F 700 55.46 37.74 -5.18
N LYS F 701 55.86 39.00 -5.42
CA LYS F 701 56.90 39.68 -4.63
C LYS F 701 56.55 39.70 -3.13
N PHE F 702 55.36 40.23 -2.85
CA PHE F 702 54.77 40.20 -1.51
C PHE F 702 54.90 38.80 -0.92
N LEU F 703 54.49 37.79 -1.67
CA LEU F 703 54.48 36.44 -1.15
C LEU F 703 55.87 35.87 -0.83
N MET F 704 56.86 36.20 -1.67
CA MET F 704 58.27 35.88 -1.41
C MET F 704 58.72 36.63 -0.16
N LEU F 705 58.53 37.95 -0.16
CA LEU F 705 58.89 38.82 0.96
C LEU F 705 58.28 38.39 2.29
N ALA F 706 57.23 37.58 2.22
CA ALA F 706 56.51 37.12 3.41
C ALA F 706 57.01 35.79 3.92
N ALA F 707 57.49 34.93 3.01
CA ALA F 707 58.19 33.71 3.39
C ALA F 707 59.51 34.12 4.05
N GLN F 708 60.05 35.26 3.62
CA GLN F 708 61.29 35.78 4.19
C GLN F 708 61.05 36.31 5.59
N ASN F 709 59.95 37.04 5.76
CA ASN F 709 59.68 37.75 7.00
C ASN F 709 59.48 36.83 8.21
N PRO F 710 60.19 37.12 9.30
CA PRO F 710 60.14 36.24 10.47
C PRO F 710 58.91 36.41 11.37
N ALA F 711 58.15 37.49 11.21
CA ALA F 711 56.91 37.72 11.99
C ALA F 711 55.67 37.00 11.42
N LEU F 712 55.74 36.67 10.13
CA LEU F 712 54.60 36.10 9.39
C LEU F 712 54.68 34.58 9.30
N GLN F 713 53.52 33.96 9.12
CA GLN F 713 53.37 32.52 9.07
C GLN F 713 52.17 32.27 8.20
N ARG F 714 52.28 31.27 7.33
CA ARG F 714 51.13 30.71 6.65
C ARG F 714 50.56 31.57 5.50
N VAL F 715 51.25 32.66 5.17
CA VAL F 715 50.78 33.67 4.19
C VAL F 715 50.47 33.15 2.77
N ARG F 716 49.18 33.09 2.42
CA ARG F 716 48.72 32.56 1.12
C ARG F 716 47.92 33.59 0.27
N PRO F 717 47.60 33.26 -1.00
CA PRO F 717 46.74 34.18 -1.74
C PRO F 717 45.33 33.63 -1.74
N ASN F 718 44.44 34.26 -2.50
CA ASN F 718 43.12 33.69 -2.71
C ASN F 718 42.75 33.50 -4.18
N GLY F 719 43.29 34.37 -5.05
CA GLY F 719 43.24 34.22 -6.51
C GLY F 719 44.31 33.25 -7.02
N MET F 720 43.89 32.25 -7.80
CA MET F 720 44.62 30.99 -8.03
C MET F 720 45.72 30.96 -9.11
N SER F 721 46.24 32.13 -9.51
CA SER F 721 47.26 32.30 -10.60
C SER F 721 46.67 32.36 -12.02
N ASP F 722 47.45 31.90 -13.01
CA ASP F 722 46.94 31.76 -14.40
C ASP F 722 46.88 30.30 -14.82
N GLU F 723 45.82 29.95 -15.54
CA GLU F 723 45.57 28.58 -15.91
C GLU F 723 45.70 28.47 -17.42
N PRO F 724 45.93 27.23 -17.95
CA PRO F 724 45.91 27.11 -19.40
C PRO F 724 44.49 27.25 -19.93
N GLN F 725 44.34 27.79 -21.12
CA GLN F 725 43.04 27.82 -21.77
C GLN F 725 43.13 27.30 -23.20
N TYR F 726 41.98 27.15 -23.84
CA TYR F 726 41.96 26.72 -25.23
C TYR F 726 41.23 27.72 -26.10
N LYS F 727 42.01 28.52 -26.82
CA LYS F 727 41.49 29.43 -27.81
C LYS F 727 41.00 28.56 -28.93
N LEU F 728 39.69 28.57 -29.13
CA LEU F 728 39.10 27.96 -30.29
C LEU F 728 39.04 29.01 -31.36
N GLU F 729 39.34 28.59 -32.60
CA GLU F 729 39.26 29.48 -33.75
C GLU F 729 38.22 28.98 -34.74
N ILE F 730 37.60 29.92 -35.45
CA ILE F 730 36.68 29.62 -36.54
C ILE F 730 36.89 30.75 -37.54
N ASP F 731 36.65 30.47 -38.83
CA ASP F 731 36.58 31.53 -39.84
C ASP F 731 35.32 31.36 -40.69
N ASP F 732 34.26 32.04 -40.24
CA ASP F 732 32.93 32.01 -40.87
C ASP F 732 33.01 31.81 -42.40
N GLU F 733 33.91 32.54 -43.05
CA GLU F 733 34.12 32.47 -44.50
C GLU F 733 34.39 31.04 -45.00
N LYS F 734 35.39 30.38 -44.44
CA LYS F 734 35.76 29.00 -44.82
C LYS F 734 34.70 27.98 -44.38
N ALA F 735 33.92 28.35 -43.37
CA ALA F 735 32.76 27.57 -42.96
C ALA F 735 31.60 27.79 -43.93
N SER F 736 31.48 29.01 -44.45
CA SER F 736 30.46 29.35 -45.44
C SER F 736 30.87 28.79 -46.79
N ALA F 737 32.17 28.57 -46.94
CA ALA F 737 32.73 27.93 -48.14
C ALA F 737 32.28 26.47 -48.23
N LEU F 738 32.62 25.67 -47.23
CA LEU F 738 32.28 24.24 -47.22
C LEU F 738 30.79 23.97 -47.04
N GLY F 739 30.11 24.77 -46.22
CA GLY F 739 28.67 24.59 -46.03
C GLY F 739 27.98 25.54 -45.08
N VAL F 740 27.93 25.16 -43.80
CA VAL F 740 27.19 25.91 -42.77
C VAL F 740 27.47 27.43 -42.80
N SER F 741 26.77 28.13 -43.69
CA SER F 741 26.87 29.58 -43.81
C SER F 741 26.15 30.20 -42.61
N LEU F 742 26.72 31.27 -42.09
CA LEU F 742 26.30 31.89 -40.82
C LEU F 742 26.63 30.95 -39.63
N ALA F 743 27.17 31.55 -38.56
CA ALA F 743 27.78 30.80 -37.46
C ALA F 743 26.81 29.95 -36.62
N ASP F 744 26.16 28.96 -37.26
CA ASP F 744 25.31 27.99 -36.54
C ASP F 744 26.10 27.09 -35.60
N ILE F 745 27.41 27.03 -35.81
CA ILE F 745 28.29 26.13 -35.09
C ILE F 745 28.01 26.08 -33.59
N ASN F 746 27.64 27.22 -32.99
CA ASN F 746 27.36 27.30 -31.54
C ASN F 746 26.49 26.17 -31.01
N SER F 747 25.57 25.73 -31.86
CA SER F 747 24.63 24.67 -31.56
C SER F 747 25.28 23.28 -31.39
N THR F 748 26.61 23.24 -31.42
CA THR F 748 27.38 21.98 -31.32
C THR F 748 28.45 22.11 -30.24
N VAL F 749 29.20 23.20 -30.32
CA VAL F 749 30.31 23.46 -29.39
C VAL F 749 29.86 23.54 -27.94
N SER F 750 28.74 24.24 -27.72
CA SER F 750 28.19 24.42 -26.40
C SER F 750 27.45 23.16 -25.93
N ILE F 751 26.76 22.49 -26.87
CA ILE F 751 25.97 21.31 -26.54
C ILE F 751 26.83 20.09 -26.23
N ALA F 752 27.94 19.93 -26.94
CA ALA F 752 28.62 18.66 -26.89
C ALA F 752 29.83 18.69 -25.99
N TRP F 753 30.47 19.86 -25.85
CA TRP F 753 31.63 20.03 -24.94
C TRP F 753 31.27 20.58 -23.55
N GLY F 754 30.04 21.06 -23.43
CA GLY F 754 29.48 21.40 -22.14
C GLY F 754 28.22 20.58 -21.97
N SER F 755 27.37 21.00 -21.05
CA SER F 755 26.09 20.35 -20.92
C SER F 755 25.13 20.96 -21.93
N SER F 756 23.87 20.55 -21.83
CA SER F 756 22.80 21.43 -22.24
C SER F 756 21.49 21.03 -21.63
N TYR F 757 20.94 21.96 -20.86
CA TYR F 757 19.64 21.82 -20.23
C TYR F 757 18.57 21.84 -21.30
N VAL F 758 18.23 20.65 -21.80
CA VAL F 758 17.22 20.54 -22.87
C VAL F 758 15.79 20.77 -22.36
N ASN F 759 15.46 20.21 -21.19
CA ASN F 759 14.16 20.36 -20.51
C ASN F 759 14.01 19.45 -19.29
N ASP F 760 12.78 19.23 -18.83
CA ASP F 760 12.56 18.51 -17.59
C ASP F 760 11.89 17.16 -17.74
N PHE F 761 12.03 16.35 -16.71
CA PHE F 761 11.35 15.07 -16.64
C PHE F 761 11.19 14.76 -15.18
N ILE F 762 9.97 14.42 -14.82
CA ILE F 762 9.64 14.04 -13.46
C ILE F 762 10.15 12.62 -13.22
N ASP F 763 10.42 12.30 -11.96
CA ASP F 763 11.21 11.13 -11.56
C ASP F 763 10.99 10.86 -10.07
N ARG F 764 10.32 9.76 -9.78
CA ARG F 764 9.85 9.44 -8.44
C ARG F 764 9.04 10.58 -7.77
N GLY F 765 8.49 11.49 -8.59
CA GLY F 765 7.73 12.61 -8.10
C GLY F 765 8.41 13.97 -8.30
N ARG F 766 9.72 14.00 -8.04
CA ARG F 766 10.53 15.22 -8.17
C ARG F 766 10.72 15.67 -9.64
N VAL F 767 10.69 16.97 -9.93
CA VAL F 767 11.03 17.37 -11.29
C VAL F 767 12.54 17.61 -11.45
N LYS F 768 13.21 16.75 -12.22
CA LYS F 768 14.66 16.91 -12.43
C LYS F 768 14.97 17.32 -13.85
N ARG F 769 16.25 17.30 -14.19
CA ARG F 769 16.70 17.85 -15.47
C ARG F 769 17.08 16.81 -16.53
N VAL F 770 16.97 17.20 -17.80
CA VAL F 770 17.46 16.38 -18.92
C VAL F 770 18.67 17.07 -19.56
N TYR F 771 19.78 16.32 -19.66
CA TYR F 771 21.10 16.88 -20.00
C TYR F 771 21.89 16.21 -21.13
N LEU F 772 22.27 17.02 -22.12
CA LEU F 772 22.89 16.56 -23.35
C LEU F 772 24.37 16.82 -23.32
N GLN F 773 25.16 15.78 -23.47
CA GLN F 773 26.60 15.97 -23.59
C GLN F 773 27.29 14.92 -24.46
N GLY F 774 28.44 15.29 -25.02
CA GLY F 774 29.28 14.31 -25.67
C GLY F 774 29.77 13.31 -24.64
N ARG F 775 30.03 12.09 -25.09
CA ARG F 775 30.71 11.07 -24.28
C ARG F 775 31.92 11.71 -23.59
N PRO F 776 32.33 11.13 -22.44
CA PRO F 776 33.54 11.59 -21.76
C PRO F 776 34.81 11.49 -22.61
N ASP F 777 35.00 10.34 -23.28
CA ASP F 777 36.14 10.10 -24.16
C ASP F 777 36.15 10.94 -25.46
N ALA F 778 35.03 11.61 -25.73
CA ALA F 778 34.89 12.42 -26.93
C ALA F 778 35.10 13.93 -26.69
N ARG F 779 35.42 14.32 -25.46
CA ARG F 779 35.70 15.72 -25.09
C ARG F 779 36.82 15.85 -24.04
N MET F 780 37.94 15.21 -24.32
CA MET F 780 39.01 15.07 -23.36
C MET F 780 40.29 15.75 -23.78
N ASN F 781 40.40 16.09 -25.08
CA ASN F 781 41.62 16.64 -25.68
C ASN F 781 41.39 17.53 -26.91
N PRO F 782 42.41 18.35 -27.30
CA PRO F 782 42.25 19.20 -28.49
C PRO F 782 41.91 18.37 -29.72
N ASP F 783 42.45 17.15 -29.79
CA ASP F 783 42.25 16.24 -30.91
C ASP F 783 40.87 15.62 -30.96
N ASP F 784 40.24 15.47 -29.80
CA ASP F 784 38.88 14.97 -29.73
C ASP F 784 37.95 15.93 -30.45
N LEU F 785 38.22 17.22 -30.34
CA LEU F 785 37.42 18.23 -31.04
C LEU F 785 37.22 17.85 -32.51
N SER F 786 38.27 17.31 -33.13
CA SER F 786 38.23 16.85 -34.53
C SER F 786 37.06 15.94 -34.83
N LYS F 787 36.80 15.01 -33.92
CA LYS F 787 35.76 13.98 -34.07
C LYS F 787 34.32 14.45 -34.37
N TRP F 788 34.10 15.77 -34.35
CA TRP F 788 32.73 16.31 -34.36
C TRP F 788 32.30 16.90 -35.70
N TYR F 789 31.39 16.20 -36.37
CA TYR F 789 30.95 16.62 -37.70
C TYR F 789 29.69 17.48 -37.64
N VAL F 790 29.73 18.63 -38.31
CA VAL F 790 28.51 19.42 -38.54
C VAL F 790 27.87 18.97 -39.86
N ARG F 791 26.54 19.01 -39.92
CA ARG F 791 25.81 18.67 -41.14
C ARG F 791 25.89 19.85 -42.10
N ASN F 792 25.59 19.59 -43.38
CA ASN F 792 25.70 20.62 -44.41
C ASN F 792 24.39 21.09 -45.03
N ASP F 793 24.42 22.31 -45.56
CA ASP F 793 23.27 22.93 -46.24
C ASP F 793 22.80 22.10 -47.42
N LYS F 794 23.70 21.28 -47.97
CA LYS F 794 23.36 20.25 -48.94
C LYS F 794 22.92 18.98 -48.19
N GLY F 795 23.74 18.52 -47.25
CA GLY F 795 23.37 17.43 -46.36
C GLY F 795 24.51 16.53 -45.94
N GLU F 796 25.74 16.98 -46.20
CA GLU F 796 26.94 16.18 -45.95
C GLU F 796 27.72 16.60 -44.70
N MET F 797 28.50 15.68 -44.15
CA MET F 797 29.22 15.90 -42.88
C MET F 797 30.53 16.66 -43.07
N VAL F 798 30.60 17.88 -42.54
CA VAL F 798 31.85 18.64 -42.49
C VAL F 798 32.58 18.48 -41.15
N PRO F 799 33.77 17.85 -41.18
CA PRO F 799 34.60 17.72 -39.99
C PRO F 799 35.03 19.07 -39.44
N PHE F 800 35.52 19.06 -38.20
CA PHE F 800 35.85 20.29 -37.51
C PHE F 800 37.30 20.79 -37.74
N ASN F 801 37.94 20.27 -38.79
CA ASN F 801 39.29 20.71 -39.17
C ASN F 801 39.18 21.41 -40.51
N ALA F 802 37.96 21.82 -40.84
CA ALA F 802 37.69 22.72 -41.95
C ALA F 802 37.68 24.17 -41.44
N PHE F 803 37.55 24.34 -40.12
CA PHE F 803 37.46 25.64 -39.47
C PHE F 803 37.92 25.61 -38.02
N ALA F 804 38.85 24.70 -37.69
CA ALA F 804 39.35 24.51 -36.32
C ALA F 804 40.38 25.55 -35.89
N THR F 805 41.55 25.05 -35.44
CA THR F 805 42.60 25.85 -34.82
C THR F 805 42.31 26.05 -33.35
N GLY F 806 43.02 25.29 -32.54
CA GLY F 806 43.09 25.58 -31.15
C GLY F 806 44.44 26.18 -30.95
N LYS F 807 44.49 27.31 -30.27
CA LYS F 807 45.74 27.83 -29.77
C LYS F 807 45.67 27.68 -28.27
N TRP F 808 46.60 26.90 -27.72
CA TRP F 808 46.85 26.88 -26.29
C TRP F 808 47.14 28.33 -25.84
N GLU F 809 46.21 28.94 -25.10
CA GLU F 809 46.30 30.33 -24.63
C GLU F 809 46.11 30.34 -23.11
N TYR F 810 45.93 31.51 -22.50
CA TYR F 810 45.48 31.55 -21.09
C TYR F 810 45.33 32.89 -20.36
N GLY F 811 44.26 32.99 -19.58
CA GLY F 811 44.04 34.05 -18.61
C GLY F 811 43.98 33.47 -17.20
N SER F 812 43.16 34.10 -16.34
CA SER F 812 43.04 33.73 -14.92
C SER F 812 41.76 32.94 -14.68
N PRO F 813 41.78 32.04 -13.68
CA PRO F 813 40.56 31.32 -13.32
C PRO F 813 39.69 32.12 -12.37
N LYS F 814 40.24 33.22 -11.86
CA LYS F 814 39.53 34.06 -10.92
C LYS F 814 40.10 35.47 -10.87
N LEU F 815 39.42 36.43 -11.47
CA LEU F 815 39.77 37.84 -11.28
C LEU F 815 39.02 38.38 -10.09
N GLU F 816 39.74 39.02 -9.18
CA GLU F 816 39.15 39.58 -7.99
C GLU F 816 39.10 41.07 -8.19
N ARG F 817 38.19 41.75 -7.49
CA ARG F 817 38.06 43.19 -7.59
C ARG F 817 37.57 43.70 -6.24
N TYR F 818 38.21 44.73 -5.70
CA TYR F 818 37.82 45.24 -4.39
C TYR F 818 37.70 46.76 -4.42
N ASN F 819 36.49 47.24 -4.17
CA ASN F 819 36.21 48.67 -4.06
C ASN F 819 36.28 49.49 -5.34
N GLY F 820 36.12 48.81 -6.47
CA GLY F 820 35.96 49.49 -7.76
C GLY F 820 37.25 49.55 -8.55
N VAL F 821 38.21 48.77 -8.08
CA VAL F 821 39.49 48.59 -8.72
C VAL F 821 39.87 47.11 -8.57
N PRO F 822 40.65 46.56 -9.53
CA PRO F 822 40.97 45.12 -9.44
C PRO F 822 42.00 44.80 -8.34
N ALA F 823 42.09 43.54 -7.96
CA ALA F 823 42.74 43.24 -6.71
C ALA F 823 43.15 41.79 -6.58
N MET F 824 44.04 41.56 -5.63
CA MET F 824 44.36 40.24 -5.14
C MET F 824 44.20 40.21 -3.63
N GLU F 825 43.64 39.12 -3.11
CA GLU F 825 43.40 39.01 -1.70
C GLU F 825 44.34 37.99 -1.15
N ILE F 826 45.11 38.38 -0.15
CA ILE F 826 46.04 37.47 0.48
C ILE F 826 45.77 37.37 1.98
N LEU F 827 46.24 36.27 2.57
CA LEU F 827 45.91 35.91 3.95
C LEU F 827 47.16 35.75 4.81
N GLY F 828 47.09 34.91 5.84
CA GLY F 828 48.21 34.72 6.77
C GLY F 828 47.89 34.89 8.25
N GLU F 829 48.67 34.23 9.10
CA GLU F 829 48.54 34.37 10.55
C GLU F 829 49.83 34.99 11.05
N PRO F 830 49.89 35.37 12.34
CA PRO F 830 51.21 35.77 12.80
C PRO F 830 52.03 34.56 13.28
N ALA F 831 53.35 34.64 13.12
CA ALA F 831 54.32 33.66 13.68
C ALA F 831 54.11 33.47 15.16
N PRO F 832 54.19 32.22 15.64
CA PRO F 832 53.80 31.90 17.01
C PRO F 832 54.40 32.85 18.05
N GLY F 833 53.62 33.13 19.10
CA GLY F 833 54.03 34.02 20.18
C GLY F 833 54.01 35.50 19.84
N LEU F 834 53.40 35.85 18.72
CA LEU F 834 53.18 37.24 18.33
C LEU F 834 51.69 37.47 18.11
N SER F 835 51.29 38.75 18.07
CA SER F 835 49.88 39.19 17.88
C SER F 835 49.59 39.51 16.43
N SER F 836 48.31 39.53 16.06
CA SER F 836 47.92 39.91 14.69
C SER F 836 48.24 41.39 14.41
N GLY F 837 48.44 42.13 15.48
CA GLY F 837 48.82 43.52 15.40
C GLY F 837 50.26 43.63 15.00
N ASP F 838 51.08 42.72 15.54
CA ASP F 838 52.48 42.60 15.14
C ASP F 838 52.56 42.31 13.66
N ALA F 839 51.84 41.24 13.27
CA ALA F 839 51.71 40.78 11.88
C ALA F 839 51.24 41.92 11.00
N MET F 840 50.14 42.54 11.42
CA MET F 840 49.66 43.69 10.71
C MET F 840 50.85 44.62 10.42
N ALA F 841 51.52 45.09 11.48
CA ALA F 841 52.61 46.09 11.36
C ALA F 841 53.76 45.67 10.45
N ALA F 842 54.10 44.38 10.45
CA ALA F 842 55.04 43.81 9.47
C ALA F 842 54.51 44.06 8.04
N VAL F 843 53.42 43.40 7.66
CA VAL F 843 52.65 43.72 6.43
C VAL F 843 52.73 45.19 5.97
N GLU F 844 52.47 46.16 6.85
CA GLU F 844 52.60 47.55 6.41
C GLU F 844 54.02 48.04 6.15
N GLU F 845 55.01 47.22 6.51
CA GLU F 845 56.38 47.43 6.04
C GLU F 845 56.64 46.70 4.71
N ILE F 846 56.26 45.43 4.65
CA ILE F 846 56.52 44.56 3.50
C ILE F 846 55.72 44.98 2.27
N VAL F 847 55.02 46.11 2.42
CA VAL F 847 54.05 46.57 1.42
C VAL F 847 54.54 47.88 0.83
N LYS F 848 55.57 48.47 1.46
CA LYS F 848 56.20 49.69 0.97
C LYS F 848 56.99 49.40 -0.31
N GLN F 849 57.49 48.17 -0.40
CA GLN F 849 58.27 47.74 -1.55
C GLN F 849 57.38 47.24 -2.70
N LEU F 850 56.54 48.14 -3.22
CA LEU F 850 55.48 47.77 -4.14
C LEU F 850 55.34 48.80 -5.27
N PRO F 851 55.44 48.34 -6.52
CA PRO F 851 55.50 49.17 -7.74
C PRO F 851 54.55 50.35 -7.68
N LYS F 852 55.08 51.54 -7.50
CA LYS F 852 54.25 52.72 -7.24
C LYS F 852 52.98 52.69 -8.10
N GLY F 853 51.83 52.69 -7.44
CA GLY F 853 50.53 52.62 -8.12
C GLY F 853 49.76 51.35 -7.84
N VAL F 854 50.38 50.44 -7.08
CA VAL F 854 49.72 49.25 -6.51
C VAL F 854 49.60 49.44 -5.00
N GLY F 855 48.36 49.53 -4.52
CA GLY F 855 48.07 49.79 -3.11
C GLY F 855 47.49 48.61 -2.33
N TYR F 856 47.15 48.87 -1.07
CA TYR F 856 46.64 47.83 -0.22
C TYR F 856 45.48 48.38 0.60
N SER F 857 44.47 47.54 0.80
CA SER F 857 43.38 47.78 1.77
C SER F 857 43.27 46.58 2.72
N TRP F 858 42.95 46.86 3.98
CA TRP F 858 42.60 45.80 4.92
C TRP F 858 41.12 45.42 4.75
N THR F 859 40.79 44.18 5.08
CA THR F 859 39.40 43.74 4.95
C THR F 859 39.04 42.77 6.07
N GLY F 860 37.77 42.36 6.14
CA GLY F 860 37.29 41.39 7.13
C GLY F 860 37.86 41.63 8.52
N LEU F 861 38.34 40.55 9.16
CA LEU F 861 38.92 40.62 10.50
C LEU F 861 39.90 41.76 10.65
N SER F 862 40.69 42.03 9.63
CA SER F 862 41.69 43.06 9.74
C SER F 862 41.15 44.49 9.75
N TYR F 863 40.16 44.77 8.89
CA TYR F 863 39.40 46.02 8.96
C TYR F 863 38.79 46.14 10.36
N GLU F 864 38.17 45.07 10.83
CA GLU F 864 37.56 45.07 12.15
C GLU F 864 38.52 45.49 13.27
N GLU F 865 39.75 44.99 13.20
CA GLU F 865 40.81 45.24 14.19
C GLU F 865 41.35 46.65 14.07
N ARG F 866 41.77 47.02 12.87
CA ARG F 866 42.05 48.40 12.50
C ARG F 866 41.04 49.35 13.17
N LEU F 867 39.77 49.03 13.00
CA LEU F 867 38.65 49.88 13.36
C LEU F 867 38.43 49.88 14.87
N SER F 868 38.47 48.70 15.47
CA SER F 868 38.47 48.58 16.93
C SER F 868 39.59 49.37 17.61
N GLY F 869 40.76 49.37 16.99
CA GLY F 869 41.93 50.01 17.57
C GLY F 869 41.81 51.49 17.57
N SER F 870 41.13 52.03 16.56
CA SER F 870 40.91 53.48 16.40
C SER F 870 39.80 54.12 17.27
N GLN F 871 38.96 53.31 17.89
CA GLN F 871 38.05 53.90 18.86
C GLN F 871 38.81 54.22 20.12
N ALA F 872 39.64 53.26 20.55
CA ALA F 872 40.33 53.22 21.85
C ALA F 872 40.49 54.55 22.56
N PRO F 873 41.21 55.52 21.94
CA PRO F 873 41.39 56.83 22.59
C PRO F 873 40.08 57.46 23.03
N ALA F 874 39.22 57.80 22.06
CA ALA F 874 37.93 58.48 22.30
C ALA F 874 37.07 57.75 23.33
N LEU F 875 36.98 56.41 23.19
CA LEU F 875 36.50 55.56 24.27
C LEU F 875 37.00 56.00 25.65
N TYR F 876 38.33 55.98 25.86
CA TYR F 876 38.92 56.22 27.18
C TYR F 876 38.66 57.61 27.71
N ALA F 877 38.76 58.59 26.82
CA ALA F 877 38.56 59.99 27.21
C ALA F 877 37.11 60.21 27.64
N LEU F 878 36.15 59.87 26.79
CA LEU F 878 34.74 60.05 27.14
C LEU F 878 34.38 59.31 28.43
N SER F 879 34.92 58.11 28.63
CA SER F 879 34.71 57.39 29.90
C SER F 879 35.27 58.13 31.13
N LEU F 880 36.57 58.47 31.13
CA LEU F 880 37.09 59.45 32.08
C LEU F 880 36.16 60.68 32.25
N LEU F 881 35.80 61.34 31.15
CA LEU F 881 35.03 62.58 31.22
C LEU F 881 33.70 62.39 31.91
N VAL F 882 32.91 61.41 31.49
CA VAL F 882 31.65 61.06 32.15
C VAL F 882 31.89 60.81 33.64
N VAL F 883 32.80 59.89 33.98
CA VAL F 883 33.12 59.59 35.38
C VAL F 883 33.34 60.88 36.15
N PHE F 884 34.14 61.78 35.58
CA PHE F 884 34.42 63.07 36.22
C PHE F 884 33.16 63.89 36.53
N LEU F 885 32.33 64.14 35.49
CA LEU F 885 31.09 64.94 35.59
C LEU F 885 30.16 64.38 36.60
N CYS F 886 29.93 63.08 36.52
CA CYS F 886 29.12 62.39 37.52
C CYS F 886 29.57 62.73 38.91
N LEU F 887 30.88 62.70 39.13
CA LEU F 887 31.42 62.88 40.45
C LEU F 887 31.16 64.29 40.90
N ALA F 888 31.41 65.24 40.00
CA ALA F 888 31.21 66.65 40.29
C ALA F 888 29.77 66.89 40.74
N ALA F 889 28.84 66.36 39.94
CA ALA F 889 27.41 66.52 40.17
C ALA F 889 27.05 65.94 41.51
N LEU F 890 27.42 64.69 41.70
CA LEU F 890 26.99 63.94 42.86
C LEU F 890 27.61 64.47 44.17
N TYR F 891 28.80 65.06 44.11
CA TYR F 891 29.52 65.45 45.33
C TYR F 891 29.70 66.95 45.48
N GLU F 892 28.96 67.72 44.70
CA GLU F 892 29.11 69.17 44.64
C GLU F 892 30.58 69.71 44.63
N SER F 893 31.51 68.94 44.09
CA SER F 893 32.91 69.29 44.16
C SER F 893 33.61 69.27 42.81
N TRP F 894 34.54 70.21 42.59
CA TRP F 894 35.46 70.09 41.46
C TRP F 894 36.74 69.39 41.88
N SER F 895 37.14 69.61 43.13
CA SER F 895 38.34 69.02 43.69
C SER F 895 38.25 67.49 43.70
N ILE F 896 37.24 66.94 44.40
CA ILE F 896 37.05 65.46 44.48
C ILE F 896 37.16 64.72 43.13
N PRO F 897 36.56 65.25 42.04
CA PRO F 897 36.79 64.50 40.81
C PRO F 897 38.25 64.54 40.33
N PHE F 898 38.98 65.64 40.57
CA PHE F 898 40.42 65.68 40.27
C PHE F 898 41.20 64.66 41.12
N SER F 899 40.87 64.61 42.41
CA SER F 899 41.43 63.61 43.33
C SER F 899 41.25 62.16 42.86
N VAL F 900 40.34 61.91 41.94
CA VAL F 900 40.13 60.55 41.48
C VAL F 900 40.65 60.37 40.05
N MET F 901 40.53 61.38 39.20
CA MET F 901 41.16 61.28 37.87
C MET F 901 42.60 60.85 38.06
N LEU F 902 43.37 61.73 38.72
CA LEU F 902 44.76 61.49 39.16
C LEU F 902 45.09 60.12 39.69
N VAL F 903 44.10 59.42 40.27
CA VAL F 903 44.25 58.05 40.79
C VAL F 903 44.20 56.96 39.72
N VAL F 904 43.60 57.27 38.56
CA VAL F 904 43.38 56.30 37.44
C VAL F 904 44.67 55.67 36.86
N PRO F 905 45.74 56.46 36.71
CA PRO F 905 46.99 55.86 36.20
C PRO F 905 47.58 54.79 37.13
N LEU F 906 47.33 54.92 38.43
CA LEU F 906 47.72 53.94 39.44
C LEU F 906 47.07 52.57 39.25
N GLY F 907 45.85 52.53 38.72
CA GLY F 907 45.21 51.24 38.42
C GLY F 907 45.74 50.69 37.10
N VAL F 908 46.03 51.59 36.17
CA VAL F 908 46.37 51.19 34.83
C VAL F 908 47.74 50.45 34.71
N ILE F 909 48.81 50.96 35.34
CA ILE F 909 50.09 50.19 35.34
C ILE F 909 49.86 48.77 35.84
N GLY F 910 49.17 48.61 36.95
CA GLY F 910 48.74 47.28 37.34
C GLY F 910 48.15 46.44 36.20
N ALA F 911 47.18 47.01 35.49
CA ALA F 911 46.48 46.30 34.42
C ALA F 911 47.44 45.99 33.28
N LEU F 912 48.35 46.94 33.01
CA LEU F 912 49.31 46.87 31.91
C LEU F 912 50.44 45.85 32.14
N LEU F 913 50.92 45.76 33.39
CA LEU F 913 51.87 44.74 33.83
C LEU F 913 51.21 43.39 33.74
N ALA F 914 50.18 43.10 34.53
CA ALA F 914 49.62 41.75 34.41
C ALA F 914 49.44 41.31 32.94
N THR F 915 49.16 42.25 32.04
CA THR F 915 48.89 41.88 30.66
C THR F 915 50.19 41.46 29.95
N SER F 916 51.20 42.30 30.05
CA SER F 916 52.53 42.02 29.50
C SER F 916 53.15 40.78 30.16
N MET F 917 53.09 40.75 31.49
CA MET F 917 53.65 39.71 32.36
C MET F 917 53.17 38.31 32.02
N ARG F 918 51.98 38.22 31.45
CA ARG F 918 51.39 36.95 31.06
C ARG F 918 51.32 36.86 29.52
N GLY F 919 51.89 37.87 28.84
CA GLY F 919 52.01 37.86 27.37
C GLY F 919 50.71 38.01 26.61
N LEU F 920 49.76 38.71 27.21
CA LEU F 920 48.54 39.09 26.54
C LEU F 920 48.77 40.36 25.69
N SER F 921 47.78 40.73 24.89
CA SER F 921 47.88 41.90 24.01
C SER F 921 46.73 42.89 24.18
N ASN F 922 46.98 44.14 23.81
CA ASN F 922 45.94 45.16 23.84
C ASN F 922 44.88 44.83 22.80
N ASP F 923 43.84 44.11 23.23
CA ASP F 923 42.72 43.71 22.38
C ASP F 923 41.42 44.15 23.04
N VAL F 924 40.26 43.72 22.51
CA VAL F 924 39.00 44.25 23.06
C VAL F 924 38.76 43.94 24.53
N PHE F 925 39.04 42.70 24.96
CA PHE F 925 38.88 42.42 26.39
C PHE F 925 39.90 43.22 27.24
N PHE F 926 41.04 43.58 26.68
CA PHE F 926 41.95 44.40 27.45
C PHE F 926 41.43 45.84 27.51
N GLN F 927 40.66 46.25 26.51
CA GLN F 927 39.98 47.56 26.57
C GLN F 927 38.82 47.47 27.57
N VAL F 928 37.91 46.51 27.35
CA VAL F 928 36.84 46.36 28.32
C VAL F 928 37.46 46.37 29.70
N GLY F 929 38.58 45.65 29.84
CA GLY F 929 39.29 45.50 31.09
C GLY F 929 39.93 46.78 31.57
N LEU F 930 40.56 47.51 30.65
CA LEU F 930 41.29 48.72 31.00
C LEU F 930 40.32 49.67 31.60
N LEU F 931 39.11 49.71 31.01
CA LEU F 931 38.10 50.63 31.50
C LEU F 931 37.35 50.15 32.72
N THR F 932 37.04 48.87 32.82
CA THR F 932 36.62 48.39 34.14
C THR F 932 37.65 48.76 35.23
N THR F 933 38.92 48.81 34.85
CA THR F 933 39.96 49.14 35.81
C THR F 933 39.75 50.56 36.26
N ILE F 934 39.45 51.44 35.31
CA ILE F 934 39.38 52.84 35.67
C ILE F 934 38.24 52.98 36.69
N GLY F 935 37.25 52.12 36.61
CA GLY F 935 36.12 52.16 37.52
C GLY F 935 36.53 51.76 38.92
N LEU F 936 37.27 50.66 38.99
CA LEU F 936 37.77 50.11 40.25
C LEU F 936 38.69 51.10 40.95
N SER F 937 39.47 51.83 40.16
CA SER F 937 40.38 52.83 40.72
C SER F 937 39.58 53.91 41.45
N ALA F 938 38.59 54.50 40.76
CA ALA F 938 37.59 55.45 41.35
C ALA F 938 36.87 54.91 42.59
N LYS F 939 36.47 53.64 42.55
CA LYS F 939 35.76 53.06 43.67
C LYS F 939 36.64 53.13 44.91
N ASN F 940 37.84 52.55 44.84
CA ASN F 940 38.78 52.65 45.95
C ASN F 940 38.98 54.11 46.33
N ALA F 941 39.11 54.97 45.33
CA ALA F 941 39.39 56.39 45.52
C ALA F 941 38.32 57.14 46.28
N ILE F 942 37.07 57.01 45.85
CA ILE F 942 35.95 57.70 46.52
C ILE F 942 35.73 57.20 47.94
N LEU F 943 36.05 55.93 48.16
CA LEU F 943 35.81 55.33 49.47
C LEU F 943 36.54 56.09 50.59
N ILE F 944 37.76 56.56 50.30
CA ILE F 944 38.54 57.31 51.28
C ILE F 944 38.47 58.81 51.08
N VAL F 945 38.29 59.23 49.82
CA VAL F 945 38.21 60.67 49.49
C VAL F 945 36.82 61.31 49.67
N GLU F 946 35.76 60.55 49.87
CA GLU F 946 34.50 61.23 50.24
C GLU F 946 34.36 61.30 51.75
N PHE F 947 34.74 60.22 52.46
CA PHE F 947 34.65 60.18 53.93
C PHE F 947 35.54 61.24 54.54
N ALA F 948 36.67 61.50 53.88
CA ALA F 948 37.57 62.53 54.33
C ALA F 948 36.95 63.91 54.19
N LYS F 949 36.11 64.08 53.17
CA LYS F 949 35.37 65.34 52.99
C LYS F 949 34.28 65.50 54.06
N GLU F 950 33.52 64.42 54.29
CA GLU F 950 32.52 64.30 55.37
C GLU F 950 33.09 64.58 56.75
N LEU F 951 34.38 64.28 56.96
CA LEU F 951 35.06 64.56 58.21
C LEU F 951 35.61 66.00 58.28
N HIS F 952 36.08 66.49 57.14
CA HIS F 952 36.53 67.84 57.13
C HIS F 952 35.37 68.79 57.37
N GLU F 953 34.21 68.44 56.84
CA GLU F 953 33.04 69.30 56.99
C GLU F 953 32.35 69.13 58.34
N GLN F 954 32.96 68.34 59.22
CA GLN F 954 32.53 68.29 60.62
C GLN F 954 33.73 68.33 61.59
N GLY F 955 34.53 69.39 61.50
CA GLY F 955 35.58 69.66 62.49
C GLY F 955 36.97 69.53 61.95
N LYS F 956 37.33 68.29 61.64
CA LYS F 956 38.71 67.90 61.34
C LYS F 956 39.35 68.67 60.22
N GLY F 957 40.61 69.02 60.41
CA GLY F 957 41.37 69.81 59.44
C GLY F 957 41.51 69.05 58.15
N ILE F 958 41.83 69.74 57.06
CA ILE F 958 41.94 69.12 55.75
C ILE F 958 42.93 67.92 55.71
N VAL F 959 43.89 67.88 56.63
CA VAL F 959 44.78 66.69 56.80
C VAL F 959 44.28 65.70 57.83
N GLU F 960 43.96 66.19 59.04
CA GLU F 960 43.57 65.37 60.17
C GLU F 960 42.47 64.39 59.73
N ALA F 961 41.69 64.83 58.71
CA ALA F 961 40.51 64.14 58.17
C ALA F 961 40.88 63.01 57.22
N ALA F 962 41.82 63.26 56.32
CA ALA F 962 42.38 62.21 55.46
C ALA F 962 42.98 61.04 56.26
N ILE F 963 43.73 61.34 57.31
CA ILE F 963 44.28 60.26 58.13
C ILE F 963 43.16 59.38 58.63
N GLU F 964 42.17 60.01 59.26
CA GLU F 964 41.09 59.33 59.95
C GLU F 964 40.25 58.55 58.95
N ALA F 965 39.92 59.18 57.83
CA ALA F 965 39.24 58.51 56.72
C ALA F 965 39.95 57.21 56.33
N CYS F 966 41.26 57.29 56.09
CA CYS F 966 42.08 56.12 55.75
C CYS F 966 41.94 54.98 56.74
N ARG F 967 42.27 55.24 58.00
CA ARG F 967 42.18 54.26 59.05
C ARG F 967 40.84 53.55 59.04
N MET F 968 39.77 54.35 58.96
CA MET F 968 38.38 53.88 59.10
C MET F 968 37.78 53.12 57.92
N ARG F 969 38.45 53.20 56.77
CA ARG F 969 37.91 52.68 55.54
C ARG F 969 38.82 51.64 54.94
N LEU F 970 39.97 51.43 55.59
CA LEU F 970 40.99 50.58 55.02
C LEU F 970 40.50 49.15 55.09
N ARG F 971 39.89 48.79 56.20
CA ARG F 971 39.28 47.47 56.33
C ARG F 971 38.45 47.16 55.07
N PRO F 972 37.33 47.90 54.84
CA PRO F 972 36.44 47.51 53.73
C PRO F 972 37.01 47.79 52.34
N ILE F 973 38.11 48.56 52.25
CA ILE F 973 38.76 48.78 50.96
C ILE F 973 39.43 47.49 50.50
N VAL F 974 40.29 46.93 51.35
CA VAL F 974 41.03 45.73 50.95
C VAL F 974 40.05 44.55 50.95
N MET F 975 39.09 44.59 51.85
CA MET F 975 38.04 43.58 51.87
C MET F 975 37.33 43.48 50.50
N THR F 976 36.81 44.61 50.00
CA THR F 976 36.11 44.65 48.70
C THR F 976 37.01 44.37 47.49
N SER F 977 38.25 44.86 47.52
CA SER F 977 39.20 44.64 46.40
C SER F 977 39.70 43.18 46.33
N LEU F 978 39.75 42.50 47.48
CA LEU F 978 40.08 41.08 47.52
C LEU F 978 38.94 40.22 46.98
N ALA F 979 37.71 40.63 47.32
CA ALA F 979 36.50 40.02 46.77
C ALA F 979 36.40 40.26 45.28
N PHE F 980 36.90 41.41 44.82
CA PHE F 980 37.05 41.56 43.38
C PHE F 980 38.10 40.63 42.70
N ILE F 981 39.38 40.78 43.07
CA ILE F 981 40.49 39.89 42.65
C ILE F 981 40.11 38.41 42.76
N LEU F 982 39.55 38.02 43.90
CA LEU F 982 39.22 36.62 44.10
C LEU F 982 38.01 36.15 43.29
N GLY F 983 37.11 37.05 42.95
CA GLY F 983 35.99 36.64 42.10
C GLY F 983 36.42 36.44 40.66
N VAL F 984 37.56 37.03 40.30
CA VAL F 984 38.11 37.02 38.92
C VAL F 984 39.08 35.86 38.55
N VAL F 985 39.89 35.39 39.51
CA VAL F 985 40.89 34.32 39.24
C VAL F 985 40.29 33.10 38.53
N PRO F 986 39.03 32.73 38.85
CA PRO F 986 38.44 31.68 38.02
C PRO F 986 38.50 31.94 36.51
N LEU F 987 38.51 33.19 36.08
CA LEU F 987 38.67 33.48 34.66
C LEU F 987 40.15 33.40 34.31
N ALA F 988 40.98 33.99 35.18
CA ALA F 988 42.43 34.03 34.97
C ALA F 988 43.08 32.64 34.82
N ILE F 989 42.46 31.65 35.44
CA ILE F 989 43.01 30.30 35.46
C ILE F 989 41.97 29.30 35.00
N SER F 990 41.16 29.66 34.01
CA SER F 990 40.16 28.71 33.51
C SER F 990 40.82 27.84 32.46
N THR F 991 40.10 26.82 32.00
CA THR F 991 40.67 25.85 31.07
C THR F 991 39.62 25.00 30.35
N GLY F 992 39.45 25.25 29.05
CA GLY F 992 38.46 24.50 28.25
C GLY F 992 37.93 25.34 27.12
N ALA F 993 36.62 25.28 26.91
CA ALA F 993 35.89 26.17 25.97
C ALA F 993 35.83 27.65 26.38
N GLY F 994 36.42 28.48 25.53
CA GLY F 994 36.37 29.93 25.69
C GLY F 994 37.39 30.42 26.68
N SER F 995 38.28 29.51 27.10
CA SER F 995 39.31 29.82 28.10
C SER F 995 40.20 30.95 27.66
N GLY F 996 40.61 30.93 26.40
CA GLY F 996 41.36 32.02 25.81
C GLY F 996 40.72 33.36 26.09
N SER F 997 39.43 33.50 25.74
CA SER F 997 38.67 34.74 25.97
C SER F 997 38.50 35.08 27.48
N GLN F 998 38.13 34.08 28.27
CA GLN F 998 38.18 34.16 29.73
C GLN F 998 39.51 34.69 30.30
N HIS F 999 40.66 34.21 29.78
CA HIS F 999 41.97 34.71 30.25
C HIS F 999 42.19 36.17 29.89
N ALA F 1000 41.67 36.57 28.73
CA ALA F 1000 41.91 37.90 28.16
C ALA F 1000 41.22 38.94 29.01
N ILE F 1001 39.99 38.66 29.39
CA ILE F 1001 39.23 39.59 30.21
C ILE F 1001 39.75 39.65 31.66
N GLY F 1002 39.93 38.46 32.24
CA GLY F 1002 40.34 38.29 33.64
C GLY F 1002 41.70 38.78 34.13
N THR F 1003 42.76 38.56 33.37
CA THR F 1003 44.08 39.01 33.83
C THR F 1003 44.19 40.52 34.14
N GLY F 1004 44.04 41.38 33.14
CA GLY F 1004 44.29 42.82 33.29
C GLY F 1004 43.69 43.42 34.55
N VAL F 1005 42.43 43.06 34.79
CA VAL F 1005 41.69 43.57 35.93
C VAL F 1005 42.19 43.04 37.30
N ILE F 1006 42.84 41.88 37.34
CA ILE F 1006 43.54 41.47 38.57
C ILE F 1006 44.71 42.40 38.78
N GLY F 1007 45.38 42.76 37.67
CA GLY F 1007 46.44 43.77 37.70
C GLY F 1007 45.96 45.05 38.35
N GLY F 1008 45.16 45.80 37.58
CA GLY F 1008 44.44 46.99 38.05
C GLY F 1008 43.98 46.94 39.49
N MET F 1009 43.21 45.92 39.86
CA MET F 1009 42.75 45.86 41.24
C MET F 1009 43.90 45.80 42.25
N VAL F 1010 44.85 44.91 42.02
CA VAL F 1010 45.97 44.82 42.94
C VAL F 1010 46.54 46.21 43.08
N THR F 1011 47.00 46.73 41.97
CA THR F 1011 47.86 47.87 41.99
C THR F 1011 47.14 49.13 42.48
N ALA F 1012 45.84 49.24 42.19
CA ALA F 1012 45.00 50.34 42.69
C ALA F 1012 44.40 50.11 44.07
N THR F 1013 44.95 49.15 44.82
CA THR F 1013 44.64 49.05 46.25
C THR F 1013 45.93 49.36 47.00
N VAL F 1014 47.02 48.71 46.61
CA VAL F 1014 48.28 48.85 47.32
C VAL F 1014 48.99 50.16 46.97
N LEU F 1015 48.71 50.72 45.79
CA LEU F 1015 49.26 52.04 45.46
C LEU F 1015 48.31 53.12 45.92
N ALA F 1016 47.07 53.05 45.44
CA ALA F 1016 46.02 54.04 45.70
C ALA F 1016 45.96 54.51 47.14
N ILE F 1017 45.67 53.58 48.04
CA ILE F 1017 45.48 53.95 49.43
C ILE F 1017 46.58 54.84 50.02
N PHE F 1018 47.79 54.85 49.45
CA PHE F 1018 48.81 55.78 49.96
C PHE F 1018 48.67 57.10 49.26
N TRP F 1019 48.72 57.03 47.94
CA TRP F 1019 48.57 58.21 47.11
C TRP F 1019 47.19 58.89 47.10
N VAL F 1020 46.08 58.20 47.41
CA VAL F 1020 44.78 58.91 47.38
C VAL F 1020 44.77 60.05 48.41
N PRO F 1021 44.92 59.72 49.70
CA PRO F 1021 44.93 60.73 50.76
C PRO F 1021 45.89 61.81 50.39
N LEU F 1022 47.00 61.42 49.78
CA LEU F 1022 47.96 62.39 49.35
C LEU F 1022 47.27 63.39 48.41
N PHE F 1023 46.63 62.88 47.35
CA PHE F 1023 46.00 63.71 46.31
C PHE F 1023 44.95 64.65 46.84
N TYR F 1024 44.10 64.15 47.75
CA TYR F 1024 42.99 64.93 48.32
C TYR F 1024 43.49 66.16 49.04
N VAL F 1025 44.41 65.96 49.97
CA VAL F 1025 45.06 67.07 50.66
C VAL F 1025 45.84 68.01 49.73
N ALA F 1026 46.51 67.45 48.73
CA ALA F 1026 47.21 68.21 47.71
C ALA F 1026 46.24 69.15 46.97
N VAL F 1027 45.18 68.59 46.40
CA VAL F 1027 44.27 69.39 45.56
C VAL F 1027 43.40 70.38 46.37
N SER F 1028 42.98 70.01 47.58
CA SER F 1028 42.14 70.88 48.42
C SER F 1028 42.88 72.14 48.84
N THR F 1029 43.99 71.96 49.56
CA THR F 1029 44.87 73.06 49.98
C THR F 1029 45.59 73.63 48.75
N LEU F 1030 44.82 74.35 47.94
CA LEU F 1030 45.22 74.90 46.65
C LEU F 1030 43.97 75.57 46.07
N PHE F 1031 42.92 74.77 45.81
CA PHE F 1031 41.60 75.25 45.33
C PHE F 1031 40.96 76.32 46.25
N LYS F 1032 41.27 76.33 47.56
CA LYS F 1032 40.90 77.46 48.44
C LYS F 1032 41.96 77.84 49.51
N ASP F 1033 42.62 78.98 49.27
CA ASP F 1033 43.70 79.54 50.12
C ASP F 1033 43.31 80.87 50.79
C1B LMT G . 2.14 -36.09 -27.75
C2B LMT G . 2.29 -34.70 -28.41
C3B LMT G . 1.86 -33.56 -27.50
C4B LMT G . 0.97 -33.96 -26.32
C5B LMT G . 1.25 -35.35 -25.72
C6B LMT G . 0.04 -36.26 -25.86
O1B LMT G . 2.97 -37.09 -28.37
O2B LMT G . 3.63 -34.45 -28.83
O3B LMT G . 1.17 -32.63 -28.35
O4' LMT G . 1.13 -32.98 -25.30
O5B LMT G . 2.37 -35.98 -26.34
O6B LMT G . -0.62 -36.42 -24.61
C1' LMT G . 2.02 -39.86 -31.48
C2' LMT G . 1.45 -38.43 -31.56
C3' LMT G . 2.25 -37.48 -30.68
C4' LMT G . 2.21 -37.96 -29.23
C5' LMT G . 2.77 -39.37 -29.15
C6' LMT G . 2.54 -39.96 -27.77
O1' LMT G . 1.20 -40.82 -32.18
O2' LMT G . 1.44 -37.90 -32.90
O3' LMT G . 1.65 -36.19 -30.78
O5' LMT G . 2.12 -40.24 -30.09
O6' LMT G . 1.62 -39.14 -27.01
C1 LMT G . 1.37 -40.90 -33.62
C2 LMT G . 0.18 -41.59 -34.26
C3 LMT G . -0.09 -41.08 -35.68
C4 LMT G . -1.25 -41.80 -36.37
C5 LMT G . -0.87 -42.61 -37.61
C6 LMT G . -2.10 -42.98 -38.48
C7 LMT G . -2.05 -44.26 -39.34
C8 LMT G . -2.63 -44.09 -40.75
C9 LMT G . -2.85 -45.40 -41.52
C10 LMT G . -2.31 -45.47 -42.99
C11 LMT G . -1.56 -46.76 -43.40
C12 LMT G . -1.32 -46.98 -44.90
C1B LMT H . -35.04 -42.68 -21.80
C2B LMT H . -35.16 -43.54 -20.54
C3B LMT H . -35.05 -45.03 -20.87
C4B LMT H . -35.90 -45.50 -22.07
C5B LMT H . -36.12 -44.45 -23.19
C6B LMT H . -37.39 -44.79 -24.02
O1B LMT H . -33.68 -42.84 -22.21
O2B LMT H . -34.10 -43.17 -19.64
O3B LMT H . -35.41 -45.82 -19.72
O4' LMT H . -35.27 -46.67 -22.61
O5B LMT H . -36.07 -43.06 -22.76
O6B LMT H . -38.48 -43.87 -23.91
C1' LMT H . -32.00 -39.78 -24.71
C2' LMT H . -32.88 -40.91 -25.18
C3' LMT H . -33.87 -41.20 -24.10
C4' LMT H . -33.00 -41.94 -23.11
C5' LMT H . -31.98 -40.97 -22.46
C6' LMT H . -30.76 -41.76 -21.95
O1' LMT H . -30.97 -39.53 -25.70
O2' LMT H . -33.68 -40.52 -26.29
O3' LMT H . -34.87 -42.01 -24.70
O5' LMT H . -31.53 -39.90 -23.33
O6' LMT H . -29.83 -42.09 -23.00
C1 LMT H . -31.22 -38.38 -26.54
C2 LMT H . -30.09 -38.11 -27.53
C3 LMT H . -30.24 -38.98 -28.77
C4 LMT H . -30.48 -38.14 -30.02
C5 LMT H . -29.73 -38.64 -31.27
C6 LMT H . -30.61 -39.30 -32.33
C7 LMT H . -29.78 -40.01 -33.40
C8 LMT H . -30.47 -40.16 -34.75
C9 LMT H . -29.52 -40.76 -35.79
C10 LMT H . -30.20 -41.80 -36.69
C11 LMT H . -30.10 -41.48 -38.19
C12 LMT H . -31.40 -40.95 -38.78
C1B LMT I . -38.52 -55.06 -53.57
C2B LMT I . -38.24 -55.20 -55.08
C3B LMT I . -38.27 -53.79 -55.65
C4B LMT I . -39.74 -53.41 -55.67
C5B LMT I . -40.40 -53.57 -54.31
C6B LMT I . -41.89 -53.78 -54.54
O1B LMT I . -37.68 -54.15 -52.84
O2B LMT I . -37.09 -56.03 -55.39
O3B LMT I . -37.73 -53.68 -56.97
O4' LMT I . -39.85 -52.04 -56.02
O5B LMT I . -39.90 -54.65 -53.49
O6B LMT I . -42.19 -55.16 -54.28
C1' LMT I . -36.39 -54.35 -48.74
C2' LMT I . -35.44 -54.78 -49.85
C3' LMT I . -35.87 -54.21 -51.20
C4' LMT I . -37.28 -54.68 -51.56
C5' LMT I . -38.19 -54.30 -50.37
C6' LMT I . -39.66 -54.71 -50.51
O1' LMT I . -36.05 -54.87 -47.44
O2' LMT I . -34.11 -54.33 -49.60
O3' LMT I . -34.95 -54.61 -52.21
O5' LMT I . -37.65 -54.87 -49.15
O6' LMT I . -39.87 -56.08 -50.15
C1 LMT I . -36.27 -53.95 -46.35
C2 LMT I . -35.80 -54.55 -45.02
C3 LMT I . -36.40 -53.94 -43.75
C4 LMT I . -35.42 -53.00 -43.04
C5 LMT I . -36.00 -52.35 -41.78
C6 LMT I . -35.37 -51.00 -41.40
C7 LMT I . -35.84 -50.48 -40.03
C8 LMT I . -34.79 -49.66 -39.23
C9 LMT I . -35.14 -49.50 -37.73
C10 LMT I . -33.95 -49.49 -36.73
C11 LMT I . -34.03 -48.40 -35.64
C12 LMT I . -33.40 -48.78 -34.31
C1 P9D J . -28.05 -68.83 10.07
C2 P9D J . -26.73 -69.56 10.09
C3 P9D J . -26.87 -70.78 9.20
C4 P9D J . -26.43 -69.95 11.54
C5 P9D J . -25.65 -68.65 9.49
N6 P9D J . -25.83 -69.06 12.40
C7 P9D J . -25.68 -69.69 13.61
S8 P9D J . -26.26 -71.20 13.59
C9 P9D J . -26.76 -71.22 12.03
N10 P9D J . -25.13 -69.14 14.71
C11 P9D J . -25.82 -69.14 15.83
C12 P9D J . -25.61 -68.08 16.88
O13 P9D J . -26.67 -69.99 16.04
C14 P9D J . -25.58 -66.73 16.55
C15 P9D J . -25.40 -65.75 17.53
N16 P9D J . -25.24 -66.17 18.90
C17 P9D J . -25.29 -67.57 19.22
C18 P9D J . -25.47 -68.49 18.19
N19 P9D J . -25.39 -64.42 17.21
C20 P9D J . -25.06 -65.20 19.91
C21 P9D J . -25.21 -63.43 18.13
C22 P9D J . -25.03 -63.80 19.54
O23 P9D J . -24.93 -65.49 21.09
N24 P9D J . -25.19 -62.05 17.79
C25 P9D J . -24.84 -62.79 20.58
C26 P9D J . -23.66 -62.24 20.58
C27 P9D J . -23.30 -61.19 21.56
N28 P9D J . -23.41 -61.37 22.87
N29 P9D J . -22.97 -60.14 23.39
N30 P9D J . -22.62 -59.29 22.31
N31 P9D J . -22.85 -59.99 21.13
C32 P9D J . -24.90 -61.73 16.38
C33 P9D J . -25.13 -60.23 16.03
O34 P9D J . -23.95 -59.40 15.92
C35 P9D J . -26.20 -59.50 16.89
C36 P9D J . -26.21 -59.96 18.33
C37 P9D J . -26.42 -61.46 18.33
C38 P9D J . -22.83 -59.70 16.78
N39 P9D J . -21.63 -59.47 16.31
C40 P9D J . -20.46 -59.71 17.13
C41 P9D J . -19.71 -58.39 17.35
N42 P9D J . -19.68 -57.93 18.74
C43 P9D J . -19.43 -56.49 18.69
O44 P9D J . -23.00 -60.14 17.90
C45 P9D J . -18.63 -55.99 19.86
O46 P9D J . -17.39 -55.88 19.71
O47 P9D J . -19.22 -55.71 20.93
C48 P9D J . -20.96 -58.11 19.46
C49 P9D J . -18.58 -58.62 19.42
C1B LMT K . -25.57 -72.29 -48.66
C2B LMT K . -25.51 -73.77 -48.23
C3B LMT K . -26.74 -74.48 -48.74
C4B LMT K . -26.98 -74.26 -50.25
C5B LMT K . -26.14 -73.14 -50.94
C6B LMT K . -26.90 -72.49 -52.11
O1B LMT K . -24.59 -71.46 -48.00
O2B LMT K . -24.37 -74.48 -48.73
O3B LMT K . -27.89 -74.10 -47.95
O4' LMT K . -26.74 -75.51 -50.92
O5B LMT K . -25.54 -72.13 -50.09
O6B LMT K . -27.19 -71.10 -51.87
C1' LMT K . -23.73 -69.19 -44.73
C2' LMT K . -23.49 -70.70 -44.74
C3' LMT K . -24.43 -71.56 -45.61
C4' LMT K . -25.13 -70.89 -46.79
C5' LMT K . -25.19 -69.33 -46.80
C6' LMT K . -26.58 -68.86 -46.35
O1' LMT K . -24.56 -68.82 -43.62
O2' LMT K . -22.12 -70.95 -45.10
O3' LMT K . -25.48 -72.14 -44.83
O5' LMT K . -24.17 -68.67 -46.02
O6' LMT K . -26.96 -67.59 -46.92
C1 LMT K . -23.87 -68.29 -42.49
C2 LMT K . -24.88 -67.76 -41.46
C3 LMT K . -24.33 -67.46 -40.06
C4 LMT K . -25.29 -66.59 -39.24
C5 LMT K . -25.09 -65.09 -39.51
C6 LMT K . -25.38 -64.24 -38.26
C7 LMT K . -25.29 -62.73 -38.53
C8 LMT K . -24.90 -61.96 -37.26
C9 LMT K . -23.60 -61.15 -37.49
C10 LMT K . -23.50 -59.89 -36.60
C11 LMT K . -22.28 -59.02 -36.94
C12 LMT K . -22.37 -57.59 -36.42
C1B LMT L . -29.22 -51.89 -14.79
C2B LMT L . -30.25 -51.35 -13.77
C3B LMT L . -31.66 -51.62 -14.26
C4B LMT L . -31.89 -50.65 -15.43
C5B LMT L . -30.84 -50.85 -16.53
C6B LMT L . -30.49 -49.49 -17.18
O1B LMT L . -29.02 -53.33 -14.75
O2B LMT L . -30.07 -51.88 -12.45
O3B LMT L . -32.60 -51.42 -13.20
O4' LMT L . -33.21 -50.77 -15.96
O5B LMT L . -29.58 -51.50 -16.15
O6B LMT L . -31.07 -49.34 -18.49
C1' LMT L . -25.74 -55.56 -16.45
C2' LMT L . -25.52 -54.85 -15.10
C3' LMT L . -26.86 -54.55 -14.41
C4' LMT L . -27.76 -53.72 -15.34
C5' LMT L . -27.90 -54.55 -16.62
C6' LMT L . -28.91 -54.02 -17.63
O1' LMT L . -24.50 -55.88 -17.12
O2' LMT L . -24.65 -55.65 -14.26
O3' LMT L . -26.65 -53.88 -13.15
O5' LMT L . -26.59 -54.70 -17.21
O6' LMT L . -28.39 -52.90 -18.35
C1 LMT L . -24.59 -56.67 -18.33
C2 LMT L . -23.52 -57.76 -18.43
C3 LMT L . -23.44 -58.41 -19.84
C4 LMT L . -22.73 -59.78 -19.88
C5 LMT L . -22.40 -60.30 -21.29
C6 LMT L . -21.18 -61.23 -21.31
C7 LMT L . -21.16 -62.33 -22.41
C8 LMT L . -20.07 -63.41 -22.18
C9 LMT L . -20.03 -64.58 -23.18
C10 LMT L . -18.77 -64.57 -24.05
C11 LMT L . -18.29 -65.97 -24.52
C12 LMT L . -16.95 -65.96 -25.24
C1B LMT M . -35.46 -50.21 -20.98
C2B LMT M . -36.49 -50.29 -19.87
C3B LMT M . -37.65 -51.08 -20.44
C4B LMT M . -38.25 -50.26 -21.60
C5B LMT M . -37.18 -50.09 -22.67
C6B LMT M . -37.69 -49.28 -23.85
O1B LMT M . -35.18 -51.55 -21.39
O2B LMT M . -35.96 -51.01 -18.76
O3B LMT M . -38.56 -51.43 -19.40
O4' LMT M . -39.44 -50.83 -22.18
O5B LMT M . -36.01 -49.48 -22.09
O6B LMT M . -38.07 -47.98 -23.40
C1' LMT M . -31.66 -53.69 -22.08
C2' LMT M . -31.89 -53.25 -20.64
C3' LMT M . -33.36 -52.92 -20.50
C4' LMT M . -33.78 -51.85 -21.51
C5' LMT M . -33.47 -52.37 -22.90
C6' LMT M . -33.81 -51.40 -24.02
O1' LMT M . -30.29 -53.98 -22.33
O2' LMT M . -31.58 -54.33 -19.75
O3' LMT M . -33.64 -52.52 -19.15
O5' LMT M . -32.08 -52.62 -22.92
O6' LMT M . -33.12 -50.14 -23.86
C1 LMT M . -30.06 -54.47 -23.67
C2 LMT M . -29.50 -55.90 -23.71
C3 LMT M . -30.45 -56.79 -24.52
C4 LMT M . -29.76 -57.36 -25.76
C5 LMT M . -29.68 -58.89 -25.80
C6 LMT M . -28.26 -59.33 -26.19
C7 LMT M . -28.25 -60.07 -27.52
C8 LMT M . -26.89 -60.72 -27.76
C9 LMT M . -27.00 -61.94 -28.68
C10 LMT M . -26.51 -61.59 -30.09
C11 LMT M . -25.11 -62.15 -30.38
C12 LMT M . -24.90 -62.30 -31.87
C1B LMT N . 5.29 -67.03 -49.55
C2B LMT N . 5.32 -66.81 -51.09
C3B LMT N . 4.48 -67.85 -51.85
C4B LMT N . 4.65 -69.28 -51.33
C5B LMT N . 4.47 -69.38 -49.81
C6B LMT N . 5.54 -70.25 -49.15
O1B LMT N . 5.07 -65.81 -48.80
O2B LMT N . 4.87 -65.49 -51.45
O3B LMT N . 4.87 -67.81 -53.23
O4' LMT N . 3.68 -70.13 -51.96
O5B LMT N . 4.37 -68.09 -49.18
O6B LMT N . 6.72 -70.29 -49.95
C1' LMT N . 3.01 -64.26 -45.74
C2' LMT N . 2.48 -65.64 -46.07
C3' LMT N . 3.24 -66.32 -47.21
C4' LMT N . 3.75 -65.42 -48.36
C5' LMT N . 3.89 -63.94 -47.95
C6' LMT N . 3.73 -63.03 -49.15
O1' LMT N . 2.24 -63.62 -44.71
O2' LMT N . 2.67 -66.51 -44.95
O3' LMT N . 2.44 -67.43 -47.67
O5' LMT N . 2.93 -63.53 -46.96
O6' LMT N . 4.88 -63.07 -50.00
C1 LMT N . 2.96 -63.43 -43.48
C2 LMT N . 2.15 -62.79 -42.35
C3 LMT N . 2.81 -63.08 -41.01
C4 LMT N . 3.07 -61.82 -40.17
C5 LMT N . 2.70 -61.97 -38.68
C6 LMT N . 2.20 -60.64 -38.07
C7 LMT N . 1.40 -60.81 -36.77
C8 LMT N . 1.91 -59.92 -35.63
C9 LMT N . 1.07 -60.12 -34.37
C10 LMT N . 1.81 -60.94 -33.30
C11 LMT N . 1.10 -60.83 -31.95
C12 LMT N . 1.74 -61.69 -30.87
C1B LMT O . 8.04 31.86 29.58
C2B LMT O . 7.01 31.96 28.43
C3B LMT O . 5.56 31.74 28.88
C4B LMT O . 5.41 30.41 29.62
C5B LMT O . 6.49 30.15 30.67
C6B LMT O . 7.17 28.78 30.47
O1B LMT O . 8.83 33.07 29.87
O2B LMT O . 7.13 33.19 27.71
O3B LMT O . 4.73 31.75 27.72
O4' LMT O . 4.15 30.34 30.29
O5B LMT O . 7.46 31.24 30.78
O6B LMT O . 6.79 27.81 31.47
C1' LMT O . 8.77 36.07 32.57
C2' LMT O . 7.38 35.54 32.26
C3' LMT O . 7.45 34.22 31.52
C4' LMT O . 8.19 34.33 30.19
C5' LMT O . 9.18 35.52 30.13
C6' LMT O . 8.56 36.70 29.33
O1' LMT O . 8.59 37.41 33.10
O2' LMT O . 6.71 35.28 33.48
O3' LMT O . 6.10 33.82 31.26
O5' LMT O . 9.68 35.93 31.44
O6' LMT O . 9.23 37.05 28.09
C1 LMT O . 8.42 37.51 34.53
C2 LMT O . 7.30 38.48 34.92
C3 LMT O . 7.54 39.19 36.24
C4 LMT O . 6.21 39.45 36.95
C5 LMT O . 5.98 40.94 37.30
C6 LMT O . 4.86 41.24 38.31
C7 LMT O . 5.32 42.33 39.29
C8 LMT O . 4.30 42.67 40.39
C9 LMT O . 4.58 44.01 41.08
C10 LMT O . 3.35 44.93 41.05
C11 LMT O . 3.57 46.37 41.56
C12 LMT O . 3.94 47.37 40.48
C1B LMT P . -14.19 58.94 12.49
C2B LMT P . -12.91 59.45 11.80
C3B LMT P . -12.25 60.64 12.52
C4B LMT P . -13.24 61.74 12.92
C5B LMT P . -14.55 61.22 13.51
C6B LMT P . -15.78 61.80 12.82
O1B LMT P . -14.09 57.53 12.84
O2B LMT P . -11.94 58.40 11.68
O3B LMT P . -11.22 61.18 11.69
O4' LMT P . -12.61 62.54 13.93
O5B LMT P . -14.60 59.77 13.60
O6B LMT P . -16.96 61.28 13.46
C1' LMT P . -15.29 55.36 16.31
C2' LMT P . -15.47 56.87 16.25
C3' LMT P . -15.58 57.25 14.79
C4' LMT P . -14.18 57.10 14.22
C5' LMT P . -13.73 55.62 14.39
C6' LMT P . -12.21 55.52 14.31
O1' LMT P . -15.33 55.00 17.69
O2' LMT P . -16.63 57.28 16.96
O3' LMT P . -16.12 58.58 14.66
O5' LMT P . -14.09 54.96 15.62
O6' LMT P . -11.84 55.87 12.98
C1 LMT P . -15.41 53.58 17.91
C2 LMT P . -16.29 53.25 19.10
C3 LMT P . -15.50 53.19 20.41
C4 LMT P . -15.91 54.31 21.36
C5 LMT P . -16.23 53.84 22.78
C6 LMT P . -16.75 55.01 23.62
C7 LMT P . -16.65 54.74 25.12
C8 LMT P . -16.99 55.99 25.93
C9 LMT P . -16.45 55.88 27.34
C10 LMT P . -16.92 57.04 28.23
C11 LMT P . -18.16 56.70 29.05
C12 LMT P . -18.84 57.92 29.65
C1B LMT Q . -20.58 74.17 42.45
C2B LMT Q . -20.97 73.66 43.85
C3B LMT Q . -22.47 73.69 44.11
C4B LMT Q . -23.11 75.03 43.75
C5B LMT Q . -22.45 75.80 42.60
C6B LMT Q . -21.70 77.07 43.02
O1B LMT Q . -20.27 73.07 41.56
O2B LMT Q . -20.53 72.30 44.02
O3B LMT Q . -22.71 73.38 45.49
O4' LMT Q . -24.45 74.71 43.35
O5B LMT Q . -21.60 74.95 41.80
O6B LMT Q . -21.21 77.72 41.85
C1' LMT Q . -17.45 72.12 38.57
C2' LMT Q . -16.97 72.05 40.05
C3' LMT Q . -18.16 72.06 41.01
C4' LMT Q . -19.09 73.26 40.77
C5' LMT Q . -19.47 73.28 39.28
C6' LMT Q . -20.49 74.36 38.83
O1' LMT Q . -16.38 72.09 37.58
O2' LMT Q . -16.22 70.86 40.34
O3' LMT Q . -17.73 71.97 42.38
O5' LMT Q . -18.25 73.32 38.47
O6' LMT Q . -20.34 75.62 39.49
C1 LMT Q . -16.77 71.93 36.20
C2 LMT Q . -16.14 70.70 35.55
C3 LMT Q . -16.49 70.58 34.06
C4 LMT Q . -16.07 69.22 33.45
C5 LMT Q . -17.24 68.45 32.78
C6 LMT Q . -16.85 67.12 32.09
C7 LMT Q . -17.05 67.16 30.56
C8 LMT Q . -16.15 66.18 29.77
C9 LMT Q . -15.67 66.65 28.38
C10 LMT Q . -14.45 65.90 27.84
C11 LMT Q . -14.19 66.03 26.33
C12 LMT Q . -14.23 64.69 25.63
C1 P9D R . 17.42 73.55 -10.71
C2 P9D R . 16.80 72.68 -11.79
C3 P9D R . 16.67 71.23 -11.29
C4 P9D R . 17.63 72.74 -13.05
C5 P9D R . 15.42 73.23 -12.10
N6 P9D R . 17.52 71.73 -13.96
C7 P9D R . 18.36 72.05 -14.98
S8 P9D R . 19.18 73.45 -14.77
C9 P9D R . 18.51 73.81 -13.30
N10 P9D R . 18.45 71.23 -16.04
C11 P9D R . 19.18 71.45 -17.13
C12 P9D R . 19.14 70.36 -18.16
O13 P9D R . 19.92 72.42 -17.27
C14 P9D R . 18.14 69.40 -18.08
C15 P9D R . 18.08 68.35 -18.99
N16 P9D R . 19.09 68.26 -20.02
C17 P9D R . 20.14 69.27 -20.07
C18 P9D R . 20.14 70.30 -19.12
N19 P9D R . 17.09 67.43 -18.91
C20 P9D R . 19.05 67.18 -20.97
C21 P9D R . 16.96 66.38 -19.77
C22 P9D R . 17.96 66.19 -20.85
O23 P9D R . 19.90 67.09 -21.87
N24 P9D R . 15.87 65.49 -19.56
C25 P9D R . 17.88 65.07 -21.80
C26 P9D R . 18.56 63.97 -21.60
C27 P9D R . 18.50 62.85 -22.56
N28 P9D R . 18.82 63.01 -23.86
N29 P9D R . 18.63 61.74 -24.43
N30 P9D R . 18.22 60.87 -23.41
N31 P9D R . 18.12 61.61 -22.22
C32 P9D R . 16.19 64.75 -18.35
C33 P9D R . 14.97 63.95 -17.89
O34 P9D R . 15.45 62.79 -17.19
C35 P9D R . 14.00 63.61 -19.03
C36 P9D R . 14.67 63.46 -20.38
C37 P9D R . 15.56 64.65 -20.74
C38 P9D R . 16.27 61.86 -17.98
N39 P9D R . 15.70 60.67 -18.16
C40 P9D R . 15.45 59.78 -17.04
C41 P9D R . 16.71 59.49 -16.20
N42 P9D R . 17.78 58.74 -16.93
C43 P9D R . 17.28 58.11 -18.17
O44 P9D R . 17.39 62.16 -18.39
C45 P9D R . 18.10 58.35 -19.42
O46 P9D R . 19.14 57.70 -19.59
O47 P9D R . 17.69 59.20 -20.23
C48 P9D R . 18.95 59.62 -17.16
C49 P9D R . 18.21 57.67 -16.01
C1B LMT S . 0.86 80.79 44.09
C2B LMT S . 2.26 81.46 44.17
C3B LMT S . 2.41 82.38 45.40
C4B LMT S . 1.29 83.41 45.34
C5B LMT S . -0.09 82.69 45.34
C6B LMT S . -1.01 83.28 44.26
O1B LMT S . 0.86 79.33 43.95
O2B LMT S . 3.30 80.49 44.11
O3B LMT S . 3.71 83.02 45.45
O4' LMT S . 1.42 84.46 46.36
O5B LMT S . 0.01 81.26 45.19
O6B LMT S . -0.60 82.95 42.92
C1' LMT S . 1.13 76.53 40.78
C2' LMT S . 1.54 77.98 40.52
C3' LMT S . 1.81 78.69 41.82
C4' LMT S . 0.54 78.88 42.62
C5' LMT S . -0.39 77.64 42.53
C6' LMT S . -1.72 78.07 41.84
O1' LMT S . 0.58 75.90 39.59
O2' LMT S . 2.68 78.03 39.68
O3' LMT S . 2.21 80.00 41.49
O5' LMT S . 0.22 76.45 41.93
O6' LMT S . -2.52 77.00 41.30
C1 LMT S . 1.46 75.73 38.46
C2 LMT S . 0.68 75.56 37.16
C3 LMT S . 1.62 75.27 35.99
C4 LMT S . 0.88 74.79 34.74
C5 LMT S . 0.35 73.39 34.90
C6 LMT S . -0.96 73.16 34.16
C7 LMT S . -0.91 71.92 33.26
C8 LMT S . -1.29 70.62 33.97
C9 LMT S . -1.38 69.40 33.04
C10 LMT S . -0.15 68.47 33.13
C11 LMT S . -0.39 67.08 33.74
C12 LMT S . 0.55 66.82 34.91
C1B LMT T . -2.84 62.23 8.53
C2B LMT T . -3.59 62.65 7.26
C3B LMT T . -4.78 63.58 7.58
C4B LMT T . -5.73 62.98 8.63
C5B LMT T . -5.09 62.13 9.75
C6B LMT T . -6.07 60.99 10.15
O1B LMT T . -2.10 63.35 9.11
O2B LMT T . -2.68 63.23 6.32
O3B LMT T . -5.55 63.81 6.39
O4' LMT T . -6.46 64.02 9.29
O5B LMT T . -3.76 61.61 9.44
O6B LMT T . -6.35 60.91 11.56
C1' LMT T . 1.15 63.49 11.91
C2' LMT T . 1.33 62.71 10.61
C3' LMT T . 0.39 63.30 9.57
C4' LMT T . -1.06 62.97 10.03
C5' LMT T . -1.29 63.60 11.41
C6' LMT T . -2.57 63.05 12.05
O1' LMT T . 2.06 63.04 12.92
O2' LMT T . 2.71 62.72 10.19
O3' LMT T . 0.74 62.84 8.27
O5' LMT T . -0.22 63.32 12.33
O6' LMT T . -3.33 64.09 12.66
C1 LMT T . 2.92 64.07 13.43
C2 LMT T . 2.83 64.25 14.96
C3 LMT T . 4.14 64.78 15.53
C4 LMT T . 3.98 65.70 16.75
C5 LMT T . 4.76 65.20 17.97
C6 LMT T . 6.05 65.95 18.29
C7 LMT T . 6.47 65.92 19.77
C8 LMT T . 7.55 66.97 20.07
C9 LMT T . 8.06 66.97 21.52
C10 LMT T . 9.28 67.87 21.73
C11 LMT T . 10.31 67.28 22.72
C12 LMT T . 10.68 68.19 23.87
C1B LMT U . -10.37 65.37 12.36
C2B LMT U . -10.67 66.02 11.02
C3B LMT U . -11.53 67.25 11.23
C4B LMT U . -12.77 67.01 12.10
C5B LMT U . -12.38 66.28 13.38
C6B LMT U . -13.60 65.97 14.26
O1B LMT U . -9.54 66.27 13.11
O2B LMT U . -9.46 66.47 10.41
O3B LMT U . -11.85 67.65 9.90
O4' LMT U . -13.28 68.27 12.55
O5B LMT U . -11.63 65.12 13.01
O6B LMT U . -14.23 64.72 13.88
C1' LMT U . -5.89 65.93 15.20
C2' LMT U . -5.81 65.75 13.68
C3' LMT U . -7.12 66.20 12.98
C4' LMT U . -8.38 65.67 13.67
C5' LMT U . -8.32 66.01 15.13
C6' LMT U . -9.49 65.40 15.89
O1' LMT U . -4.81 65.24 15.88
O2' LMT U . -4.69 66.45 13.13
O3' LMT U . -7.13 65.77 11.62
O5' LMT U . -7.14 65.40 15.65
O6' LMT U . -9.57 64.00 15.59
C1 LMT U . -4.72 65.59 17.27
C2 LMT U . -3.75 66.75 17.53
C3 LMT U . -4.24 67.66 18.67
C4 LMT U . -3.28 68.80 19.02
C5 LMT U . -2.44 68.51 20.27
C6 LMT U . -2.14 69.75 21.09
C7 LMT U . -0.79 69.66 21.80
C8 LMT U . -0.75 70.25 23.22
C9 LMT U . 0.40 69.67 24.05
C10 LMT U . 0.46 70.31 25.44
C11 LMT U . 0.21 69.28 26.54
C12 LMT U . -0.82 69.78 27.53
C1B LMT V . 19.39 59.74 54.37
C2B LMT V . 20.44 60.36 53.42
C3B LMT V . 21.84 60.26 54.03
C4B LMT V . 21.94 60.95 55.38
C5B LMT V . 20.67 60.83 56.22
C6B LMT V . 20.00 62.21 56.28
O1B LMT V . 18.90 58.43 53.99
O2B LMT V . 20.30 59.85 52.08
O3B LMT V . 22.83 60.85 53.19
O4' LMT V . 23.00 60.36 56.13
O5B LMT V . 19.86 59.74 55.75
O6B LMT V . 18.73 62.16 56.91
C1' LMT V . 17.68 57.01 50.07
C2' LMT V . 18.26 56.03 51.13
C3' LMT V . 18.47 56.55 52.57
C4' LMT V . 18.74 58.04 52.62
C5' LMT V . 17.52 58.55 51.83
C6' LMT V . 16.91 59.94 52.08
O1' LMT V . 18.27 56.81 48.76
O2' LMT V . 17.38 54.91 51.30
O3' LMT V . 19.45 55.77 53.27
O5' LMT V . 17.94 58.36 50.48
O6' LMT V . 15.47 59.85 52.12
C1 LMT V . 17.45 56.50 47.61
C2 LMT V . 18.36 56.64 46.37
C3 LMT V . 17.91 55.97 45.06
C4 LMT V . 19.01 55.07 44.46
C5 LMT V . 19.08 54.91 42.92
C6 LMT V . 17.84 54.33 42.20
C7 LMT V . 18.20 53.54 40.92
C8 LMT V . 17.57 54.04 39.60
C9 LMT V . 18.15 53.36 38.34
C10 LMT V . 17.56 53.94 37.04
C11 LMT V . 18.26 53.47 35.76
C12 LMT V . 17.41 53.71 34.52
C1B LMT W . 34.46 58.32 16.13
C2B LMT W . 35.80 57.65 15.78
C3B LMT W . 36.96 58.27 16.56
C4B LMT W . 36.96 59.80 16.52
C5B LMT W . 35.58 60.40 16.82
C6B LMT W . 35.07 61.31 15.70
O1B LMT W . 33.41 57.35 16.41
O2B LMT W . 35.76 56.22 15.99
O3B LMT W . 38.21 57.78 16.02
O4' LMT W . 37.92 60.32 17.45
O5B LMT W . 34.62 59.38 17.12
O6B LMT W . 35.87 62.49 15.61
C1' LMT W . 30.77 58.25 19.71
C2' LMT W . 32.22 58.80 19.73
C3' LMT W . 33.27 58.10 18.82
C4' LMT W . 32.78 57.15 17.72
C5' LMT W . 31.24 57.11 17.58
C6' LMT W . 30.76 55.91 16.74
O1' LMT W . 30.29 57.97 21.04
O2' LMT W . 32.29 60.18 19.37
O3' LMT W . 34.25 57.42 19.65
O5' LMT W . 30.62 57.07 18.87
O6' LMT W . 29.85 56.35 15.71
C1 LMT W . 29.42 58.94 21.62
C2 LMT W . 28.84 58.50 22.98
C3 LMT W . 28.57 59.66 23.96
C4 LMT W . 28.40 59.20 25.42
C5 LMT W . 27.03 59.57 26.03
C6 LMT W . 26.86 59.20 27.52
C7 LMT W . 25.71 59.99 28.17
C8 LMT W . 25.69 59.94 29.71
C9 LMT W . 24.54 59.09 30.28
C10 LMT W . 23.10 59.56 29.95
C11 LMT W . 22.30 58.53 29.13
C12 LMT W . 21.24 57.83 29.93
#